data_9NU2
#
_entry.id   9NU2
#
_cell.length_a   1.00
_cell.length_b   1.00
_cell.length_c   1.00
_cell.angle_alpha   90.00
_cell.angle_beta   90.00
_cell.angle_gamma   90.00
#
_symmetry.space_group_name_H-M   'P 1'
#
loop_
_entity.id
_entity.type
_entity.pdbx_description
1 polymer Uromodulin
2 branched 2-acetamido-2-deoxy-beta-D-glucopyranose-(1-4)-2-acetamido-2-deoxy-beta-D-glucopyranose
3 branched alpha-D-mannopyranose-(1-3)-beta-D-mannopyranose-(1-4)-2-acetamido-2-deoxy-beta-D-glucopyranose-(1-4)-2-acetamido-2-deoxy-beta-D-glucopyranose
4 non-polymer 2-acetamido-2-deoxy-beta-D-glucopyranose
#
_entity_poly.entity_id   1
_entity_poly.type   'polypeptide(L)'
_entity_poly.pdbx_seq_one_letter_code
;MGQPSLTWMLMVVVASWFITTAATDTSEARWCSECHSNATCTEDEAVTTCTCQEGFTGDGLTCVDLDECAIPGAHNCSAN
SSCVNTPGSFSCVCPEGFRLSPGLGCTDVDECAEPGLSHCHALATCVNVVGSYLCVCPAGYRGDGWHCECSPGSCGPGLD
CVPEGDALVCADPCQAHRTLDEYWRSTEYGEGYACDTDLRGWYRFVGQGGARMAETCVPVLRCNTAAPMWLNGTHPSSDE
GIVSRKACAHWSGHCCLWDASVQVKACAGGYYVYNLTAPPECHLAYCTDPSSVEGTCEECSIDEDCKSNNGRWHCQCKQD
FNITDISLLEHRLECGANDMKVSLGKCQLKSLGFDKVFMYLSDSRCSGFNDRDNRDWVSVVTPARDGPCGTVLTRNETHA
TYSNTLYLADEIIIRDLNIKINFACSYPLDMKVSLKTALQPMVSALNIRVGGTGMFTVRMALFQTPSYTQPYQGSSVTLS
TEAFLYVGTMLDGGDLSRFALLMTNCYATPSSNATDPLKYFIIQDRCPHTRDSTIQVVENGESSQGRFSVQMFRFAGNYD
LVYLHCEVYLCDTMNEKCKPTCSGTRFRSGSVIDQSRVLNLGPITRKGVQATVSRAFSSLGLLKVWLPLLLSATLTLTFQ
;
_entity_poly.pdbx_strand_id   C,A,B,D,E,F,K,G,I,M,O,Q,L,H,J,N,P,R
#
loop_
_chem_comp.id
_chem_comp.type
_chem_comp.name
_chem_comp.formula
BMA D-saccharide, beta linking beta-D-mannopyranose 'C6 H12 O6'
MAN D-saccharide, alpha linking alpha-D-mannopyranose 'C6 H12 O6'
NAG D-saccharide, beta linking 2-acetamido-2-deoxy-beta-D-glucopyranose 'C8 H15 N O6'
#
# COMPACT_ATOMS: atom_id res chain seq x y z
N PRO A 173 10.43 54.15 -1.41
CA PRO A 173 11.15 53.61 -0.25
C PRO A 173 12.01 52.41 -0.58
N CYS A 174 11.50 51.21 -0.31
CA CYS A 174 12.27 49.99 -0.54
C CYS A 174 12.65 49.81 -2.00
N GLN A 175 11.94 50.45 -2.91
CA GLN A 175 12.26 50.39 -4.33
C GLN A 175 13.14 51.55 -4.78
N ALA A 176 13.00 52.72 -4.16
CA ALA A 176 13.75 53.92 -4.54
C ALA A 176 14.85 54.15 -3.51
N HIS A 177 16.09 53.88 -3.91
CA HIS A 177 17.21 53.98 -2.99
C HIS A 177 18.50 54.04 -3.79
N ARG A 178 19.56 54.48 -3.11
CA ARG A 178 20.89 54.54 -3.68
C ARG A 178 21.81 53.63 -2.91
N THR A 179 22.36 52.62 -3.59
CA THR A 179 23.26 51.70 -2.93
C THR A 179 24.55 52.41 -2.54
N LEU A 180 25.18 51.90 -1.49
CA LEU A 180 26.46 52.41 -1.00
C LEU A 180 27.39 51.22 -0.81
N ASP A 181 28.38 51.09 -1.70
CA ASP A 181 29.30 49.96 -1.68
C ASP A 181 30.69 50.50 -1.35
N GLU A 182 30.98 50.62 -0.06
CA GLU A 182 32.24 51.15 0.41
C GLU A 182 32.78 50.25 1.50
N TYR A 183 33.91 49.61 1.23
CA TYR A 183 34.53 48.70 2.19
C TYR A 183 35.05 49.40 3.42
N TRP A 184 35.46 50.65 3.32
CA TRP A 184 36.14 51.35 4.40
C TRP A 184 35.18 51.77 5.52
N ARG A 185 33.88 51.73 5.30
CA ARG A 185 32.92 52.15 6.31
C ARG A 185 32.70 51.09 7.38
N SER A 186 33.34 49.93 7.26
CA SER A 186 33.17 48.87 8.23
C SER A 186 33.69 49.31 9.60
N THR A 187 33.16 48.68 10.63
CA THR A 187 33.63 48.95 11.98
C THR A 187 35.07 48.55 12.19
N GLU A 188 35.58 47.64 11.36
CA GLU A 188 36.97 47.22 11.41
C GLU A 188 37.95 48.32 11.02
N TYR A 189 37.62 49.12 10.01
CA TYR A 189 38.59 50.04 9.43
C TYR A 189 39.14 51.00 10.48
N GLY A 190 40.45 51.22 10.43
CA GLY A 190 41.15 51.93 11.47
C GLY A 190 40.78 53.40 11.64
N GLU A 191 41.13 54.23 10.67
CA GLU A 191 41.00 55.67 10.87
C GLU A 191 41.19 56.43 9.57
N GLY A 192 40.40 57.48 9.40
CA GLY A 192 40.49 58.40 8.28
C GLY A 192 39.79 59.68 8.63
N TYR A 193 39.24 60.38 7.64
CA TYR A 193 38.66 61.69 7.91
C TYR A 193 37.41 62.00 7.09
N ALA A 194 36.73 60.99 6.53
CA ALA A 194 35.59 61.27 5.68
C ALA A 194 34.49 61.98 6.45
N CYS A 195 33.79 62.87 5.75
CA CYS A 195 32.75 63.70 6.35
C CYS A 195 31.52 63.63 5.46
N ASP A 196 30.47 62.97 5.96
CA ASP A 196 29.26 62.71 5.18
C ASP A 196 28.32 63.91 5.27
N THR A 197 28.73 65.00 4.65
CA THR A 197 27.89 66.19 4.56
C THR A 197 26.81 66.07 3.49
N ASP A 198 27.04 65.30 2.43
CA ASP A 198 26.24 65.35 1.23
C ASP A 198 25.36 64.13 1.00
N LEU A 199 25.38 63.15 1.89
CA LEU A 199 24.58 61.96 1.71
C LEU A 199 23.11 62.30 1.93
N ARG A 200 22.34 62.36 0.84
CA ARG A 200 20.95 62.81 0.90
C ARG A 200 20.03 61.67 0.47
N GLY A 201 19.15 61.25 1.37
CA GLY A 201 18.06 60.36 0.97
C GLY A 201 18.09 58.98 1.58
N TRP A 202 17.46 58.04 0.89
CA TRP A 202 17.39 56.65 1.28
C TRP A 202 18.53 55.88 0.63
N TYR A 203 19.28 55.11 1.42
CA TYR A 203 20.42 54.38 0.92
C TYR A 203 20.38 52.93 1.36
N ARG A 204 20.89 52.05 0.51
CA ARG A 204 20.93 50.61 0.74
C ARG A 204 22.40 50.23 0.92
N PHE A 205 22.74 49.69 2.08
CA PHE A 205 24.13 49.32 2.33
C PHE A 205 24.43 47.94 1.79
N VAL A 206 25.42 47.88 0.90
CA VAL A 206 25.86 46.62 0.31
C VAL A 206 27.38 46.62 0.28
N GLY A 207 27.98 45.50 0.65
CA GLY A 207 29.42 45.34 0.61
C GLY A 207 29.91 44.49 1.74
N GLN A 208 31.21 44.20 1.72
CA GLN A 208 31.82 43.38 2.76
C GLN A 208 31.79 44.07 4.12
N GLY A 209 31.59 45.40 4.15
CA GLY A 209 31.46 46.08 5.42
C GLY A 209 30.24 45.62 6.20
N GLY A 210 29.27 45.03 5.51
CA GLY A 210 28.08 44.50 6.14
C GLY A 210 26.82 44.99 5.47
N ALA A 211 25.69 44.59 6.05
CA ALA A 211 24.38 44.99 5.56
C ALA A 211 23.73 46.07 6.43
N ARG A 212 24.10 46.15 7.70
CA ARG A 212 23.53 47.13 8.61
C ARG A 212 24.64 47.95 9.25
N MET A 213 24.25 49.09 9.81
CA MET A 213 25.21 49.98 10.44
C MET A 213 25.37 49.62 11.93
N ALA A 214 26.05 50.50 12.65
CA ALA A 214 26.39 50.23 14.04
C ALA A 214 25.15 50.29 14.94
N GLU A 215 25.15 49.45 15.96
CA GLU A 215 24.08 49.38 16.93
C GLU A 215 24.49 49.84 18.32
N THR A 216 25.78 49.74 18.66
CA THR A 216 26.32 50.26 19.90
C THR A 216 27.35 51.31 19.54
N CYS A 217 27.71 52.15 20.51
CA CYS A 217 28.74 53.15 20.26
C CYS A 217 30.08 52.46 20.11
N VAL A 218 30.53 52.32 18.87
CA VAL A 218 31.83 51.70 18.58
C VAL A 218 32.92 52.54 19.23
N PRO A 219 34.03 51.94 19.69
CA PRO A 219 35.11 52.75 20.26
C PRO A 219 35.58 53.83 19.29
N VAL A 220 36.06 54.91 19.88
CA VAL A 220 36.36 56.13 19.13
C VAL A 220 37.51 55.86 18.15
N LEU A 221 37.63 56.73 17.15
CA LEU A 221 38.67 56.67 16.13
C LEU A 221 38.53 55.44 15.24
N ARG A 222 37.37 55.26 14.60
CA ARG A 222 37.11 54.13 13.72
C ARG A 222 36.30 54.59 12.50
N CYS A 223 36.25 53.71 11.49
CA CYS A 223 35.39 53.90 10.32
C CYS A 223 35.76 55.17 9.56
N ASN A 224 37.06 55.39 9.39
CA ASN A 224 37.58 56.50 8.59
C ASN A 224 37.13 57.86 9.15
N THR A 225 36.90 57.91 10.46
CA THR A 225 36.55 59.15 11.13
C THR A 225 36.89 59.03 12.61
N ALA A 226 37.60 60.04 13.11
CA ALA A 226 37.93 60.04 14.55
C ALA A 226 36.67 60.13 15.39
N ALA A 227 35.60 60.69 14.84
CA ALA A 227 34.33 60.84 15.55
C ALA A 227 33.23 60.21 14.70
N PRO A 228 33.07 58.89 14.77
CA PRO A 228 31.91 58.26 14.14
C PRO A 228 30.69 58.33 15.04
N MET A 229 29.52 58.19 14.41
CA MET A 229 28.29 58.06 15.15
C MET A 229 27.68 56.68 14.89
N TRP A 230 26.56 56.43 15.57
CA TRP A 230 25.92 55.13 15.58
C TRP A 230 24.45 55.32 15.89
N LEU A 231 23.67 54.29 15.59
CA LEU A 231 22.24 54.29 15.91
C LEU A 231 22.00 53.54 17.20
N ASN A 232 21.37 54.22 18.16
CA ASN A 232 20.95 53.62 19.40
C ASN A 232 19.60 52.94 19.21
N GLY A 233 19.30 51.97 20.06
CA GLY A 233 18.11 51.17 19.88
C GLY A 233 18.34 50.00 18.95
N THR A 234 17.24 49.44 18.47
CA THR A 234 17.26 48.22 17.67
C THR A 234 16.82 48.51 16.24
N HIS A 235 17.23 47.65 15.32
CA HIS A 235 16.67 47.67 13.99
C HIS A 235 15.21 47.25 14.05
N PRO A 236 14.33 47.94 13.33
CA PRO A 236 12.92 47.54 13.30
C PRO A 236 12.75 46.15 12.73
N SER A 237 11.79 45.41 13.28
CA SER A 237 11.44 44.09 12.76
C SER A 237 10.69 44.27 11.45
N SER A 238 10.49 43.18 10.72
CA SER A 238 9.82 43.29 9.43
C SER A 238 8.40 43.80 9.61
N ASP A 239 7.91 44.48 8.57
CA ASP A 239 6.55 45.02 8.55
C ASP A 239 6.30 45.90 9.77
N GLU A 240 7.13 46.93 9.88
CA GLU A 240 7.09 47.85 11.01
C GLU A 240 6.74 49.24 10.52
N GLY A 241 7.05 49.53 9.27
CA GLY A 241 6.80 50.82 8.69
C GLY A 241 7.98 51.77 8.87
N ILE A 242 7.67 53.06 8.83
CA ILE A 242 8.68 54.09 9.03
C ILE A 242 8.97 54.20 10.51
N VAL A 243 10.24 54.16 10.88
CA VAL A 243 10.66 54.20 12.27
C VAL A 243 11.57 55.41 12.48
N SER A 244 11.27 56.18 13.51
CA SER A 244 12.03 57.37 13.86
C SER A 244 13.07 57.01 14.91
N ARG A 245 14.33 57.33 14.62
CA ARG A 245 15.44 57.07 15.54
C ARG A 245 16.38 58.26 15.51
N LYS A 246 17.37 58.24 16.41
CA LYS A 246 18.32 59.32 16.54
C LYS A 246 19.74 58.74 16.56
N ALA A 247 20.58 59.24 15.66
CA ALA A 247 21.96 58.76 15.54
C ALA A 247 22.82 59.43 16.61
N CYS A 248 23.09 58.71 17.69
CA CYS A 248 23.99 59.20 18.71
C CYS A 248 25.43 59.17 18.20
N ALA A 249 26.23 60.14 18.65
CA ALA A 249 27.56 60.36 18.09
C ALA A 249 28.62 60.25 19.18
N HIS A 250 29.32 59.13 19.22
CA HIS A 250 30.38 58.91 20.19
C HIS A 250 31.59 59.76 19.84
N TRP A 251 32.04 60.56 20.80
CA TRP A 251 33.24 61.39 20.63
C TRP A 251 33.66 61.92 22.00
N SER A 252 34.95 62.22 22.13
CA SER A 252 35.54 62.86 23.29
C SER A 252 35.31 62.06 24.57
N GLY A 253 35.30 60.73 24.51
CA GLY A 253 35.05 59.90 25.67
C GLY A 253 33.60 59.82 26.06
N HIS A 254 32.71 60.54 25.39
CA HIS A 254 31.28 60.55 25.67
C HIS A 254 30.54 60.01 24.46
N CYS A 255 30.07 58.77 24.56
CA CYS A 255 29.19 58.25 23.52
C CYS A 255 27.92 59.08 23.46
N CYS A 256 27.42 59.29 22.25
CA CYS A 256 26.20 60.08 22.01
C CYS A 256 26.37 61.52 22.51
N LEU A 257 27.43 62.16 22.00
CA LEU A 257 27.72 63.55 22.34
C LEU A 257 27.04 64.53 21.40
N TRP A 258 26.86 64.18 20.14
CA TRP A 258 26.02 64.93 19.21
C TRP A 258 24.89 64.04 18.71
N ASP A 259 23.85 64.68 18.18
CA ASP A 259 22.62 63.99 17.84
C ASP A 259 22.12 64.41 16.46
N ALA A 260 21.53 63.45 15.76
CA ALA A 260 20.91 63.69 14.46
C ALA A 260 19.68 62.80 14.33
N SER A 261 18.77 63.20 13.43
CA SER A 261 17.50 62.50 13.25
C SER A 261 17.58 61.60 12.02
N VAL A 262 17.09 60.37 12.15
CA VAL A 262 17.14 59.38 11.08
C VAL A 262 15.80 58.65 11.03
N GLN A 263 15.47 58.13 9.86
CA GLN A 263 14.25 57.35 9.64
C GLN A 263 14.62 56.05 8.94
N VAL A 264 14.45 54.93 9.65
CA VAL A 264 14.76 53.60 9.14
C VAL A 264 13.48 52.86 8.80
N LYS A 265 13.52 52.11 7.70
CA LYS A 265 12.42 51.23 7.32
C LYS A 265 12.98 49.87 6.94
N ALA A 266 12.35 48.81 7.44
CA ALA A 266 12.67 47.48 6.97
C ALA A 266 12.14 47.30 5.55
N CYS A 267 12.70 46.31 4.86
CA CYS A 267 12.40 46.11 3.45
C CYS A 267 12.23 44.63 3.14
N ALA A 268 11.45 44.36 2.10
CA ALA A 268 11.26 42.99 1.62
C ALA A 268 12.58 42.46 1.11
N GLY A 269 13.19 41.55 1.86
CA GLY A 269 14.53 41.08 1.60
C GLY A 269 15.48 41.46 2.72
N GLY A 270 16.64 40.81 2.70
CA GLY A 270 17.63 41.01 3.74
C GLY A 270 18.40 42.31 3.61
N TYR A 271 17.71 43.43 3.79
CA TYR A 271 18.33 44.74 3.66
C TYR A 271 17.39 45.78 4.25
N TYR A 272 17.95 46.94 4.58
CA TYR A 272 17.22 48.03 5.20
C TYR A 272 17.52 49.33 4.46
N VAL A 273 16.75 50.36 4.80
CA VAL A 273 16.91 51.69 4.24
C VAL A 273 16.86 52.70 5.38
N TYR A 274 17.40 53.90 5.09
CA TYR A 274 17.69 54.86 6.15
C TYR A 274 17.49 56.27 5.61
N ASN A 275 17.42 57.25 6.51
CA ASN A 275 17.38 58.66 6.13
C ASN A 275 18.64 59.33 6.64
N LEU A 276 19.67 59.33 5.80
CA LEU A 276 20.98 59.85 6.16
C LEU A 276 20.94 61.37 6.14
N THR A 277 20.87 61.98 7.32
CA THR A 277 20.94 63.42 7.43
C THR A 277 22.38 63.87 7.59
N ALA A 278 22.63 65.13 7.27
CA ALA A 278 23.95 65.68 7.46
C ALA A 278 24.22 65.87 8.94
N PRO A 279 25.28 65.28 9.48
CA PRO A 279 25.57 65.46 10.90
C PRO A 279 25.79 66.93 11.22
N PRO A 280 25.42 67.38 12.43
CA PRO A 280 25.50 68.82 12.74
C PRO A 280 26.91 69.39 12.61
N GLU A 281 27.93 68.62 12.98
CA GLU A 281 29.31 69.06 12.89
C GLU A 281 30.05 68.16 11.92
N CYS A 282 31.07 68.69 11.26
CA CYS A 282 31.78 67.87 10.30
C CYS A 282 32.74 66.94 11.05
N HIS A 283 33.47 66.14 10.27
CA HIS A 283 34.23 65.00 10.78
C HIS A 283 33.35 64.04 11.56
N LEU A 284 32.17 63.75 11.01
CA LEU A 284 31.28 62.74 11.55
C LEU A 284 30.85 61.83 10.40
N ALA A 285 30.97 60.52 10.60
CA ALA A 285 30.64 59.56 9.56
C ALA A 285 30.16 58.26 10.19
N TYR A 286 29.54 57.43 9.35
CA TYR A 286 28.80 56.26 9.82
C TYR A 286 29.64 54.99 9.67
N CYS A 287 29.37 54.04 10.57
CA CYS A 287 30.02 52.74 10.56
C CYS A 287 29.07 51.69 10.01
N THR A 288 29.62 50.52 9.71
CA THR A 288 28.84 49.37 9.25
C THR A 288 29.45 48.12 9.85
N ASP A 289 28.75 47.53 10.81
CA ASP A 289 29.20 46.27 11.38
C ASP A 289 28.95 45.13 10.39
N PRO A 290 29.62 43.98 10.58
CA PRO A 290 29.37 42.83 9.69
C PRO A 290 27.91 42.40 9.71
N SER A 291 27.21 42.74 10.78
CA SER A 291 25.76 42.57 10.90
C SER A 291 25.44 41.08 10.72
N SER A 292 24.40 40.71 9.97
CA SER A 292 23.96 39.33 9.89
C SER A 292 23.90 38.85 8.45
N VAL A 293 25.00 39.04 7.71
CA VAL A 293 25.08 38.49 6.36
C VAL A 293 24.90 36.98 6.40
N GLU A 294 25.29 36.33 7.51
CA GLU A 294 24.95 34.93 7.69
C GLU A 294 23.44 34.73 7.81
N GLY A 295 22.77 35.60 8.56
CA GLY A 295 21.33 35.57 8.66
C GLY A 295 20.67 35.82 7.32
N THR A 296 20.10 34.77 6.74
CA THR A 296 19.58 34.81 5.39
C THR A 296 18.09 34.48 5.40
N CYS A 297 17.52 34.38 4.20
CA CYS A 297 16.09 34.13 4.03
C CYS A 297 15.77 32.93 3.16
N GLU A 298 16.69 32.49 2.32
CA GLU A 298 16.41 31.38 1.40
C GLU A 298 16.10 30.09 2.15
N GLU A 299 16.69 29.91 3.33
CA GLU A 299 16.41 28.72 4.13
C GLU A 299 14.94 28.61 4.52
N CYS A 300 14.21 29.72 4.51
CA CYS A 300 12.75 29.67 4.66
C CYS A 300 12.11 29.06 3.41
N SER A 301 11.24 28.09 3.62
CA SER A 301 10.60 27.38 2.52
C SER A 301 9.57 28.28 1.85
N ILE A 302 9.00 27.78 0.74
CA ILE A 302 8.13 28.58 -0.12
C ILE A 302 6.90 29.12 0.59
N ASP A 303 6.38 28.41 1.59
CA ASP A 303 5.21 28.88 2.33
C ASP A 303 5.57 29.74 3.52
N GLU A 304 6.84 30.10 3.67
CA GLU A 304 7.34 30.74 4.88
C GLU A 304 7.68 32.19 4.57
N ASP A 305 6.87 33.10 5.11
CA ASP A 305 7.12 34.53 4.93
C ASP A 305 8.45 34.91 5.57
N CYS A 306 9.12 35.87 4.92
CA CYS A 306 10.43 36.34 5.37
C CYS A 306 10.24 37.40 6.47
N LYS A 307 9.63 36.96 7.57
CA LYS A 307 9.39 37.86 8.68
C LYS A 307 10.65 38.06 9.51
N SER A 308 10.67 39.17 10.24
CA SER A 308 11.74 39.49 11.16
C SER A 308 11.15 39.88 12.50
N ASN A 309 11.81 39.46 13.58
CA ASN A 309 11.48 39.88 14.93
C ASN A 309 12.71 40.56 15.51
N ASN A 310 12.53 41.79 16.01
CA ASN A 310 13.62 42.63 16.52
C ASN A 310 14.86 42.57 15.64
N GLY A 311 14.65 42.61 14.32
CA GLY A 311 15.74 42.64 13.37
C GLY A 311 16.31 41.29 12.98
N ARG A 312 15.84 40.19 13.59
CA ARG A 312 16.32 38.86 13.27
C ARG A 312 15.27 38.15 12.42
N TRP A 313 15.72 37.58 11.30
CA TRP A 313 14.82 37.01 10.30
C TRP A 313 14.44 35.58 10.68
N HIS A 314 13.19 35.22 10.41
CA HIS A 314 12.66 33.90 10.73
C HIS A 314 11.60 33.52 9.70
N CYS A 315 11.25 32.24 9.69
CA CYS A 315 10.31 31.70 8.70
C CYS A 315 8.94 31.55 9.34
N GLN A 316 8.19 32.65 9.33
CA GLN A 316 6.80 32.63 9.77
C GLN A 316 5.91 32.23 8.60
N CYS A 317 5.22 31.11 8.75
CA CYS A 317 4.47 30.54 7.63
C CYS A 317 3.19 31.34 7.41
N LYS A 318 2.31 30.81 6.56
CA LYS A 318 1.08 31.51 6.22
C LYS A 318 0.23 31.74 7.47
N GLN A 319 -0.20 32.98 7.67
CA GLN A 319 -1.17 33.24 8.73
C GLN A 319 -2.52 32.60 8.42
N ASP A 320 -2.86 32.48 7.14
CA ASP A 320 -4.05 31.74 6.74
C ASP A 320 -3.96 30.29 7.20
N PHE A 321 -2.75 29.76 7.33
CA PHE A 321 -2.57 28.43 7.92
C PHE A 321 -2.81 28.54 9.42
N ASN A 322 -4.08 28.41 9.82
CA ASN A 322 -4.45 28.64 11.22
C ASN A 322 -5.61 27.68 11.53
N ILE A 323 -5.30 26.53 12.11
CA ILE A 323 -6.28 25.50 12.46
C ILE A 323 -6.39 25.44 13.97
N THR A 324 -7.62 25.50 14.47
CA THR A 324 -7.85 25.47 15.92
C THR A 324 -7.85 24.04 16.46
N ASP A 325 -8.75 23.20 15.95
CA ASP A 325 -8.91 21.84 16.43
C ASP A 325 -7.76 20.96 15.93
N ILE A 326 -7.84 19.67 16.26
CA ILE A 326 -6.87 18.69 15.80
C ILE A 326 -7.45 17.69 14.82
N SER A 327 -8.78 17.55 14.76
CA SER A 327 -9.39 16.66 13.78
C SER A 327 -9.26 17.21 12.37
N LEU A 328 -9.20 18.54 12.22
CA LEU A 328 -9.03 19.16 10.92
C LEU A 328 -7.60 19.10 10.41
N LEU A 329 -6.65 18.72 11.27
CA LEU A 329 -5.26 18.63 10.86
C LEU A 329 -5.10 17.70 9.67
N GLU A 330 -4.41 18.19 8.64
CA GLU A 330 -4.20 17.43 7.43
C GLU A 330 -3.30 16.23 7.69
N HIS A 331 -3.67 15.10 7.08
CA HIS A 331 -2.86 13.88 7.18
C HIS A 331 -2.72 13.33 5.76
N ARG A 332 -1.48 13.05 5.36
CA ARG A 332 -1.22 12.49 4.04
C ARG A 332 -0.51 11.15 4.24
N LEU A 333 -1.12 10.08 3.73
CA LEU A 333 -0.53 8.76 3.82
C LEU A 333 -0.35 8.20 2.41
N GLU A 334 0.80 7.62 2.16
CA GLU A 334 1.07 6.94 0.89
C GLU A 334 1.48 5.51 1.24
N CYS A 335 0.59 4.57 0.96
CA CYS A 335 0.85 3.17 1.25
C CYS A 335 1.67 2.61 0.08
N GLY A 336 2.92 3.02 0.02
CA GLY A 336 3.80 2.60 -1.05
C GLY A 336 4.05 1.11 -1.02
N ALA A 337 4.59 0.62 -2.14
CA ALA A 337 4.69 -0.82 -2.35
C ALA A 337 5.49 -1.52 -1.26
N ASN A 338 6.77 -1.23 -1.17
CA ASN A 338 7.62 -1.95 -0.22
C ASN A 338 7.48 -1.44 1.20
N ASP A 339 6.86 -0.28 1.38
CA ASP A 339 6.64 0.30 2.70
C ASP A 339 5.65 1.44 2.59
N MET A 340 5.07 1.80 3.72
CA MET A 340 4.16 2.95 3.79
C MET A 340 4.75 4.02 4.68
N LYS A 341 4.52 5.27 4.30
CA LYS A 341 4.93 6.40 5.12
C LYS A 341 3.77 7.37 5.22
N VAL A 342 3.73 8.13 6.31
CA VAL A 342 2.67 9.11 6.54
C VAL A 342 3.34 10.45 6.81
N SER A 343 2.69 11.52 6.36
CA SER A 343 3.28 12.85 6.36
C SER A 343 2.28 13.84 6.94
N LEU A 344 2.81 14.89 7.56
CA LEU A 344 1.99 15.92 8.18
C LEU A 344 2.61 17.29 7.90
N GLY A 345 1.77 18.27 7.61
CA GLY A 345 2.25 19.60 7.32
C GLY A 345 2.93 20.26 8.50
N LYS A 346 4.20 20.63 8.32
CA LYS A 346 4.96 21.25 9.41
C LYS A 346 4.37 22.61 9.77
N CYS A 347 3.98 23.40 8.76
CA CYS A 347 3.38 24.70 9.05
C CYS A 347 2.06 24.56 9.80
N GLN A 348 1.26 23.57 9.43
CA GLN A 348 -0.04 23.40 10.08
C GLN A 348 0.14 23.07 11.56
N LEU A 349 0.99 22.09 11.86
CA LEU A 349 1.24 21.74 13.26
C LEU A 349 1.93 22.86 14.00
N LYS A 350 2.75 23.65 13.31
CA LYS A 350 3.32 24.85 13.93
C LYS A 350 2.21 25.78 14.38
N SER A 351 1.24 26.05 13.50
CA SER A 351 0.11 26.87 13.87
C SER A 351 -0.71 26.22 14.98
N LEU A 352 -0.70 24.88 15.05
CA LEU A 352 -1.44 24.19 16.11
C LEU A 352 -0.83 24.41 17.48
N GLY A 353 0.38 24.94 17.56
CA GLY A 353 0.97 25.29 18.84
C GLY A 353 2.00 24.30 19.35
N PHE A 354 2.47 23.41 18.48
CA PHE A 354 3.49 22.43 18.83
C PHE A 354 4.79 22.84 18.16
N ASP A 355 5.67 23.49 18.93
CA ASP A 355 6.92 24.01 18.39
C ASP A 355 7.76 22.89 17.78
N LYS A 356 8.00 21.82 18.55
CA LYS A 356 8.69 20.65 18.05
C LYS A 356 7.84 19.44 18.36
N VAL A 357 7.45 18.71 17.33
CA VAL A 357 6.58 17.56 17.46
C VAL A 357 7.42 16.31 17.66
N PHE A 358 6.81 15.31 18.27
CA PHE A 358 7.49 14.08 18.64
C PHE A 358 6.72 12.91 18.01
N MET A 359 7.43 12.16 17.18
CA MET A 359 6.83 11.16 16.32
C MET A 359 7.17 9.78 16.88
N TYR A 360 6.15 9.02 17.26
CA TYR A 360 6.39 7.76 17.93
C TYR A 360 5.36 6.72 17.53
N LEU A 361 5.84 5.60 17.06
CA LEU A 361 5.00 4.46 16.70
C LEU A 361 4.77 3.62 17.95
N SER A 362 4.30 2.39 17.76
CA SER A 362 4.31 1.43 18.86
C SER A 362 5.70 1.32 19.47
N ASP A 363 6.74 1.57 18.68
CA ASP A 363 8.12 1.61 19.15
C ASP A 363 8.68 3.01 19.01
N SER A 364 9.46 3.44 20.00
CA SER A 364 10.04 4.78 19.97
C SER A 364 11.19 4.90 18.98
N ARG A 365 11.85 3.79 18.64
CA ARG A 365 12.95 3.87 17.68
C ARG A 365 12.50 4.40 16.33
N CYS A 366 11.21 4.33 16.02
CA CYS A 366 10.68 4.95 14.82
C CYS A 366 10.38 6.43 15.05
N SER A 367 11.40 7.19 15.43
CA SER A 367 11.22 8.63 15.54
C SER A 367 11.14 9.23 14.14
N GLY A 368 10.22 10.17 13.97
CA GLY A 368 10.00 10.75 12.67
C GLY A 368 11.09 11.72 12.27
N PHE A 369 11.04 12.15 11.01
CA PHE A 369 12.01 13.09 10.46
C PHE A 369 11.30 14.13 9.62
N ASN A 370 12.06 15.00 8.97
CA ASN A 370 11.52 16.02 8.09
C ASN A 370 11.94 15.75 6.66
N ASP A 371 11.11 16.20 5.72
CA ASP A 371 11.37 16.01 4.30
C ASP A 371 10.57 17.06 3.54
N ARG A 372 11.09 17.48 2.38
CA ARG A 372 10.47 18.51 1.57
C ARG A 372 10.30 17.99 0.15
N ASP A 373 9.06 17.88 -0.30
CA ASP A 373 8.75 17.60 -1.70
C ASP A 373 8.00 18.74 -2.35
N ASN A 374 6.92 19.22 -1.74
CA ASN A 374 6.26 20.46 -2.15
C ASN A 374 6.08 21.45 -1.02
N ARG A 375 6.32 21.05 0.23
CA ARG A 375 6.32 21.95 1.37
C ARG A 375 7.12 21.28 2.49
N ASP A 376 7.18 21.94 3.63
CA ASP A 376 7.85 21.37 4.80
C ASP A 376 6.96 20.29 5.38
N TRP A 377 7.39 19.04 5.28
CA TRP A 377 6.68 17.91 5.83
C TRP A 377 7.48 17.24 6.92
N VAL A 378 6.78 16.75 7.94
CA VAL A 378 7.33 15.83 8.91
C VAL A 378 6.69 14.46 8.67
N SER A 379 7.52 13.41 8.66
CA SER A 379 7.04 12.14 8.19
C SER A 379 7.74 11.01 8.92
N VAL A 380 7.13 9.82 8.86
CA VAL A 380 7.69 8.61 9.42
C VAL A 380 7.63 7.52 8.36
N VAL A 381 8.62 6.65 8.37
CA VAL A 381 8.75 5.57 7.38
C VAL A 381 8.96 4.27 8.12
N THR A 382 8.15 3.26 7.80
CA THR A 382 8.30 1.93 8.37
C THR A 382 7.97 0.89 7.31
N PRO A 383 8.62 -0.28 7.34
CA PRO A 383 8.40 -1.27 6.29
C PRO A 383 6.99 -1.85 6.36
N ALA A 384 6.63 -2.57 5.29
CA ALA A 384 5.33 -3.25 5.22
C ALA A 384 5.52 -4.72 5.59
N ARG A 385 5.69 -4.95 6.89
CA ARG A 385 5.86 -6.30 7.41
C ARG A 385 5.30 -6.34 8.83
N ASP A 386 5.31 -7.53 9.41
CA ASP A 386 4.65 -7.77 10.70
C ASP A 386 5.64 -7.53 11.82
N GLY A 387 5.61 -6.32 12.38
CA GLY A 387 6.34 -6.03 13.60
C GLY A 387 7.73 -5.42 13.54
N PRO A 388 8.30 -5.09 12.37
CA PRO A 388 9.62 -4.45 12.40
C PRO A 388 9.61 -3.14 13.17
N CYS A 389 8.52 -2.40 13.09
CA CYS A 389 8.26 -1.27 13.97
C CYS A 389 6.97 -1.53 14.73
N GLY A 390 6.78 -2.80 15.11
CA GLY A 390 5.57 -3.19 15.80
C GLY A 390 4.30 -3.01 15.01
N THR A 391 4.29 -3.37 13.73
CA THR A 391 3.08 -3.22 12.94
C THR A 391 2.32 -4.54 12.90
N VAL A 392 1.04 -4.50 13.24
CA VAL A 392 0.22 -5.70 13.28
C VAL A 392 -0.30 -6.00 11.90
N LEU A 393 -0.28 -7.28 11.53
CA LEU A 393 -0.84 -7.76 10.29
C LEU A 393 -2.10 -8.55 10.58
N THR A 394 -3.23 -8.07 10.07
CA THR A 394 -4.52 -8.76 10.22
C THR A 394 -5.03 -9.06 8.82
N ARG A 395 -5.00 -10.32 8.44
CA ARG A 395 -5.30 -10.75 7.08
C ARG A 395 -6.62 -11.50 7.06
N ASN A 396 -7.57 -11.02 6.27
CA ASN A 396 -8.77 -11.79 6.02
C ASN A 396 -8.67 -12.42 4.64
N GLU A 397 -9.72 -13.13 4.22
CA GLU A 397 -9.67 -13.91 2.99
C GLU A 397 -9.39 -13.05 1.76
N THR A 398 -9.68 -11.76 1.81
CA THR A 398 -9.58 -10.90 0.65
C THR A 398 -8.39 -9.96 0.69
N HIS A 399 -8.17 -9.28 1.82
CA HIS A 399 -7.14 -8.28 1.94
C HIS A 399 -6.21 -8.62 3.10
N ALA A 400 -5.06 -7.94 3.11
CA ALA A 400 -4.14 -7.94 4.24
C ALA A 400 -3.77 -6.50 4.53
N THR A 401 -4.04 -6.05 5.75
CA THR A 401 -3.79 -4.67 6.14
C THR A 401 -2.66 -4.61 7.16
N TYR A 402 -1.97 -3.49 7.19
CA TYR A 402 -0.89 -3.24 8.14
C TYR A 402 -1.36 -2.14 9.07
N SER A 403 -1.44 -2.46 10.35
CA SER A 403 -2.01 -1.56 11.34
C SER A 403 -0.94 -1.17 12.36
N ASN A 404 -0.74 0.14 12.51
CA ASN A 404 0.12 0.67 13.56
C ASN A 404 -0.44 2.03 13.95
N THR A 405 -0.04 2.52 15.11
CA THR A 405 -0.55 3.79 15.59
C THR A 405 0.59 4.77 15.81
N LEU A 406 0.36 6.02 15.41
CA LEU A 406 1.31 7.09 15.56
C LEU A 406 0.94 7.93 16.77
N TYR A 407 1.93 8.56 17.38
CA TYR A 407 1.75 9.36 18.58
C TYR A 407 2.27 10.76 18.34
N LEU A 408 1.45 11.75 18.66
CA LEU A 408 1.82 13.16 18.50
C LEU A 408 1.95 13.81 19.87
N ALA A 409 3.01 14.60 20.03
CA ALA A 409 3.19 15.41 21.21
C ALA A 409 4.19 16.51 20.89
N ASP A 410 4.16 17.59 21.67
CA ASP A 410 5.16 18.64 21.52
C ASP A 410 6.29 18.52 22.52
N GLU A 411 6.21 17.56 23.45
CA GLU A 411 7.22 17.40 24.48
C GLU A 411 7.44 15.90 24.70
N ILE A 412 8.55 15.57 25.35
CA ILE A 412 8.82 14.16 25.64
C ILE A 412 7.77 13.60 26.58
N ILE A 413 7.27 14.41 27.49
CA ILE A 413 6.19 14.02 28.38
C ILE A 413 4.92 14.72 27.92
N ILE A 414 3.78 14.09 28.18
CA ILE A 414 2.48 14.66 27.83
C ILE A 414 1.69 14.87 29.11
N ARG A 415 0.95 15.99 29.16
CA ARG A 415 0.11 16.30 30.30
C ARG A 415 -1.35 16.47 29.96
N ASP A 416 -1.71 16.69 28.70
CA ASP A 416 -3.11 16.81 28.34
C ASP A 416 -3.27 16.59 26.84
N LEU A 417 -4.44 16.08 26.46
CA LEU A 417 -4.82 15.89 25.06
C LEU A 417 -3.84 14.98 24.34
N ASN A 418 -3.81 13.72 24.78
CA ASN A 418 -3.04 12.70 24.10
C ASN A 418 -3.56 12.50 22.69
N ILE A 419 -2.65 12.26 21.75
CA ILE A 419 -2.99 12.09 20.33
C ILE A 419 -2.63 10.68 19.91
N LYS A 420 -3.57 10.00 19.26
CA LYS A 420 -3.38 8.65 18.75
C LYS A 420 -3.83 8.59 17.31
N ILE A 421 -2.88 8.45 16.39
CA ILE A 421 -3.17 8.38 14.97
C ILE A 421 -3.28 6.90 14.62
N ASN A 422 -4.50 6.38 14.66
CA ASN A 422 -4.75 4.97 14.39
C ASN A 422 -4.84 4.80 12.88
N PHE A 423 -3.71 4.52 12.25
CA PHE A 423 -3.62 4.42 10.80
C PHE A 423 -3.45 2.98 10.37
N ALA A 424 -3.95 2.65 9.19
CA ALA A 424 -3.76 1.33 8.61
C ALA A 424 -4.14 1.36 7.14
N CYS A 425 -3.31 0.78 6.29
CA CYS A 425 -3.60 0.67 4.87
C CYS A 425 -3.50 -0.79 4.45
N SER A 426 -4.40 -1.21 3.58
CA SER A 426 -4.56 -2.61 3.22
C SER A 426 -4.18 -2.84 1.77
N TYR A 427 -3.98 -4.10 1.42
CA TYR A 427 -3.65 -4.59 0.10
C TYR A 427 -4.53 -5.77 -0.26
N PRO A 428 -4.99 -5.88 -1.50
CA PRO A 428 -5.70 -7.09 -1.91
C PRO A 428 -4.72 -8.25 -2.10
N LEU A 429 -5.28 -9.42 -2.33
CA LEU A 429 -4.48 -10.61 -2.54
C LEU A 429 -4.60 -11.19 -3.94
N ASP A 430 -5.46 -10.61 -4.78
CA ASP A 430 -5.65 -11.07 -6.15
C ASP A 430 -5.37 -9.91 -7.10
N MET A 431 -4.80 -10.22 -8.26
CA MET A 431 -4.42 -9.20 -9.22
C MET A 431 -4.16 -9.82 -10.58
N LYS A 432 -4.13 -8.97 -11.59
CA LYS A 432 -4.03 -9.38 -12.99
C LYS A 432 -2.79 -8.77 -13.60
N VAL A 433 -1.95 -9.61 -14.22
CA VAL A 433 -0.71 -9.15 -14.82
C VAL A 433 -0.55 -9.78 -16.20
N SER A 434 0.30 -9.15 -17.01
CA SER A 434 0.47 -9.54 -18.41
C SER A 434 1.85 -9.08 -18.88
N LEU A 435 2.42 -9.83 -19.80
CA LEU A 435 3.63 -9.35 -20.47
C LEU A 435 3.29 -8.12 -21.29
N LYS A 436 4.28 -7.27 -21.49
CA LYS A 436 4.12 -6.11 -22.35
C LYS A 436 4.77 -6.29 -23.70
N THR A 437 5.24 -7.49 -24.01
CA THR A 437 5.85 -7.78 -25.30
C THR A 437 4.90 -8.64 -26.13
N ALA A 438 4.68 -8.23 -27.37
CA ALA A 438 3.86 -9.00 -28.28
C ALA A 438 4.60 -10.26 -28.70
N LEU A 439 3.87 -11.34 -28.87
CA LEU A 439 4.42 -12.59 -29.34
C LEU A 439 3.79 -12.94 -30.69
N GLN A 440 4.58 -13.54 -31.57
CA GLN A 440 4.17 -13.75 -32.96
C GLN A 440 4.73 -15.09 -33.43
N PRO A 441 3.95 -16.16 -33.32
CA PRO A 441 4.47 -17.48 -33.66
C PRO A 441 4.50 -17.74 -35.15
N MET A 442 5.55 -18.44 -35.57
CA MET A 442 5.74 -18.86 -36.97
C MET A 442 5.56 -20.36 -37.03
N VAL A 443 4.66 -20.82 -37.91
CA VAL A 443 4.38 -22.24 -38.07
C VAL A 443 4.45 -22.57 -39.55
N SER A 444 4.74 -23.84 -39.86
CA SER A 444 4.64 -24.31 -41.23
C SER A 444 3.19 -24.22 -41.70
N ALA A 445 3.01 -23.72 -42.92
CA ALA A 445 1.69 -23.51 -43.47
C ALA A 445 1.60 -24.07 -44.88
N LEU A 446 0.43 -24.62 -45.21
CA LEU A 446 0.15 -25.15 -46.53
C LEU A 446 -1.07 -24.45 -47.09
N ASN A 447 -1.06 -24.19 -48.39
CA ASN A 447 -2.12 -23.46 -49.07
C ASN A 447 -2.78 -24.38 -50.08
N ILE A 448 -4.10 -24.47 -50.02
CA ILE A 448 -4.89 -25.16 -51.03
C ILE A 448 -5.80 -24.14 -51.69
N ARG A 449 -5.57 -23.89 -52.97
CA ARG A 449 -6.30 -22.88 -53.73
C ARG A 449 -7.38 -23.55 -54.54
N VAL A 450 -8.63 -23.12 -54.32
CA VAL A 450 -9.77 -23.65 -55.05
C VAL A 450 -10.61 -22.48 -55.55
N GLY A 451 -11.37 -22.74 -56.61
CA GLY A 451 -12.20 -21.72 -57.20
C GLY A 451 -13.40 -22.35 -57.88
N GLY A 452 -14.27 -21.49 -58.39
CA GLY A 452 -15.46 -21.96 -59.06
C GLY A 452 -16.15 -20.81 -59.76
N THR A 453 -17.36 -21.09 -60.25
CA THR A 453 -18.15 -20.07 -60.92
C THR A 453 -19.62 -20.28 -60.61
N GLY A 454 -20.30 -19.17 -60.30
CA GLY A 454 -21.73 -19.19 -60.09
C GLY A 454 -22.41 -18.36 -61.14
N MET A 455 -23.74 -18.29 -61.04
CA MET A 455 -24.57 -17.53 -61.95
C MET A 455 -25.67 -16.83 -61.18
N PHE A 456 -25.70 -15.50 -61.23
CA PHE A 456 -26.77 -14.76 -60.56
C PHE A 456 -28.13 -15.09 -61.17
N THR A 457 -29.15 -14.52 -60.56
CA THR A 457 -30.53 -14.70 -60.97
C THR A 457 -31.13 -13.35 -61.28
N VAL A 458 -31.50 -13.14 -62.54
CA VAL A 458 -32.25 -11.98 -62.97
C VAL A 458 -33.40 -12.48 -63.83
N ARG A 459 -34.57 -11.87 -63.66
CA ARG A 459 -35.79 -12.35 -64.28
C ARG A 459 -36.49 -11.21 -65.01
N MET A 460 -37.57 -11.58 -65.68
CA MET A 460 -38.45 -10.64 -66.36
C MET A 460 -39.89 -10.90 -65.92
N ALA A 461 -40.75 -9.94 -66.20
CA ALA A 461 -42.17 -10.13 -65.94
C ALA A 461 -42.97 -9.14 -66.78
N LEU A 462 -44.11 -9.61 -67.25
CA LEU A 462 -45.12 -8.75 -67.88
C LEU A 462 -46.03 -8.22 -66.78
N PHE A 463 -45.99 -6.91 -66.56
CA PHE A 463 -46.88 -6.26 -65.62
C PHE A 463 -48.23 -6.03 -66.30
N GLN A 464 -49.26 -6.74 -65.83
CA GLN A 464 -50.56 -6.68 -66.46
C GLN A 464 -51.16 -5.29 -66.45
N THR A 465 -50.70 -4.43 -65.55
CA THR A 465 -51.23 -3.09 -65.37
C THR A 465 -50.10 -2.08 -65.43
N PRO A 466 -50.40 -0.81 -65.71
CA PRO A 466 -49.38 0.24 -65.56
C PRO A 466 -48.93 0.36 -64.12
N SER A 467 -47.92 1.22 -63.92
CA SER A 467 -47.28 1.48 -62.65
C SER A 467 -46.52 0.26 -62.11
N TYR A 468 -46.55 -0.86 -62.84
CA TYR A 468 -45.73 -2.03 -62.57
C TYR A 468 -46.02 -2.58 -61.17
N THR A 469 -47.31 -2.89 -60.97
CA THR A 469 -47.82 -3.31 -59.68
C THR A 469 -47.89 -4.82 -59.52
N GLN A 470 -48.44 -5.53 -60.49
CA GLN A 470 -48.51 -6.98 -60.38
C GLN A 470 -48.13 -7.63 -61.71
N PRO A 471 -47.52 -8.80 -61.66
CA PRO A 471 -47.04 -9.45 -62.88
C PRO A 471 -48.11 -10.29 -63.56
N TYR A 472 -47.69 -10.98 -64.61
CA TYR A 472 -48.54 -11.82 -65.43
C TYR A 472 -48.06 -13.25 -65.31
N GLN A 473 -48.99 -14.17 -65.09
CA GLN A 473 -48.66 -15.54 -64.73
C GLN A 473 -49.03 -16.55 -65.80
N GLY A 474 -49.68 -16.12 -66.88
CA GLY A 474 -50.05 -17.01 -67.95
C GLY A 474 -48.88 -17.32 -68.88
N SER A 475 -49.11 -18.30 -69.75
CA SER A 475 -48.11 -18.71 -70.73
C SER A 475 -48.21 -17.95 -72.04
N SER A 476 -49.39 -17.46 -72.41
CA SER A 476 -49.55 -16.63 -73.60
C SER A 476 -50.61 -15.59 -73.33
N VAL A 477 -50.38 -14.37 -73.79
CA VAL A 477 -51.32 -13.27 -73.63
C VAL A 477 -51.57 -12.67 -75.01
N THR A 478 -52.82 -12.27 -75.25
CA THR A 478 -53.22 -11.69 -76.52
C THR A 478 -53.85 -10.33 -76.26
N LEU A 479 -53.25 -9.28 -76.82
CA LEU A 479 -53.72 -7.92 -76.65
C LEU A 479 -53.98 -7.27 -78.01
N SER A 480 -54.73 -6.19 -77.98
CA SER A 480 -54.87 -5.31 -79.14
C SER A 480 -53.59 -4.52 -79.31
N THR A 481 -53.24 -4.24 -80.58
CA THR A 481 -52.00 -3.54 -80.87
C THR A 481 -51.97 -2.14 -80.26
N GLU A 482 -53.12 -1.47 -80.15
CA GLU A 482 -53.16 -0.17 -79.50
C GLU A 482 -52.97 -0.26 -77.98
N ALA A 483 -53.13 -1.43 -77.39
CA ALA A 483 -52.87 -1.62 -75.98
C ALA A 483 -51.38 -1.57 -75.72
N PHE A 484 -51.00 -0.85 -74.66
CA PHE A 484 -49.59 -0.64 -74.36
C PHE A 484 -49.00 -1.88 -73.67
N LEU A 485 -47.68 -1.85 -73.50
CA LEU A 485 -46.92 -2.93 -72.88
C LEU A 485 -46.28 -2.40 -71.61
N TYR A 486 -46.35 -3.19 -70.55
CA TYR A 486 -45.87 -2.80 -69.23
C TYR A 486 -45.06 -3.97 -68.68
N VAL A 487 -43.74 -3.82 -68.61
CA VAL A 487 -42.86 -4.92 -68.21
C VAL A 487 -41.81 -4.39 -67.24
N GLY A 488 -41.17 -5.33 -66.54
CA GLY A 488 -40.09 -5.02 -65.63
C GLY A 488 -39.15 -6.20 -65.49
N THR A 489 -37.96 -5.92 -64.95
CA THR A 489 -36.94 -6.92 -64.76
C THR A 489 -36.50 -6.92 -63.30
N MET A 490 -36.33 -8.12 -62.75
CA MET A 490 -36.04 -8.29 -61.33
C MET A 490 -34.65 -8.88 -61.16
N LEU A 491 -33.95 -8.41 -60.12
CA LEU A 491 -32.65 -8.99 -59.79
C LEU A 491 -32.76 -9.61 -58.41
N ASP A 492 -32.43 -10.89 -58.31
CA ASP A 492 -32.55 -11.63 -57.06
C ASP A 492 -31.25 -12.31 -56.66
N GLY A 493 -30.16 -12.09 -57.40
CA GLY A 493 -28.92 -12.77 -57.09
C GLY A 493 -28.40 -12.42 -55.71
N GLY A 494 -27.97 -11.19 -55.52
CA GLY A 494 -27.43 -10.74 -54.25
C GLY A 494 -26.54 -9.52 -54.42
N ASP A 495 -26.08 -9.01 -53.27
CA ASP A 495 -25.31 -7.78 -53.19
C ASP A 495 -26.03 -6.64 -53.91
N LEU A 496 -27.32 -6.52 -53.63
CA LEU A 496 -28.12 -5.45 -54.21
C LEU A 496 -27.58 -4.08 -53.84
N SER A 497 -26.84 -3.98 -52.74
CA SER A 497 -26.26 -2.69 -52.34
C SER A 497 -25.21 -2.21 -53.33
N ARG A 498 -24.31 -3.10 -53.74
CA ARG A 498 -23.13 -2.68 -54.49
C ARG A 498 -23.31 -2.68 -56.00
N PHE A 499 -24.44 -3.17 -56.51
CA PHE A 499 -24.66 -3.29 -57.94
C PHE A 499 -26.01 -2.70 -58.32
N ALA A 500 -26.09 -2.17 -59.55
CA ALA A 500 -27.32 -1.63 -60.09
C ALA A 500 -27.67 -2.40 -61.36
N LEU A 501 -28.91 -2.86 -61.44
CA LEU A 501 -29.41 -3.47 -62.67
C LEU A 501 -29.38 -2.44 -63.78
N LEU A 502 -28.55 -2.70 -64.80
CA LEU A 502 -28.38 -1.75 -65.88
C LEU A 502 -28.64 -2.45 -67.20
N MET A 503 -29.53 -1.86 -68.00
CA MET A 503 -29.97 -2.45 -69.26
C MET A 503 -29.08 -1.93 -70.37
N THR A 504 -28.43 -2.84 -71.10
CA THR A 504 -27.55 -2.44 -72.19
C THR A 504 -28.28 -2.46 -73.53
N ASN A 505 -28.96 -3.56 -73.83
CA ASN A 505 -29.63 -3.71 -75.11
C ASN A 505 -30.78 -4.69 -74.97
N CYS A 506 -31.87 -4.40 -75.66
CA CYS A 506 -33.02 -5.28 -75.69
C CYS A 506 -33.73 -5.13 -77.02
N TYR A 507 -34.50 -6.16 -77.38
CA TYR A 507 -35.13 -6.22 -78.68
C TYR A 507 -36.30 -7.19 -78.64
N ALA A 508 -36.98 -7.29 -79.79
CA ALA A 508 -38.08 -8.22 -79.97
C ALA A 508 -37.83 -9.05 -81.22
N THR A 509 -38.17 -10.33 -81.14
CA THR A 509 -38.04 -11.25 -82.26
C THR A 509 -39.33 -12.04 -82.41
N PRO A 510 -39.67 -12.47 -83.63
CA PRO A 510 -40.92 -13.20 -83.82
C PRO A 510 -40.90 -14.59 -83.21
N SER A 511 -39.71 -15.11 -82.89
CA SER A 511 -39.57 -16.47 -82.42
C SER A 511 -38.96 -16.45 -81.02
N SER A 512 -39.21 -17.53 -80.28
CA SER A 512 -38.59 -17.71 -78.98
C SER A 512 -37.07 -17.67 -79.09
N ASN A 513 -36.52 -18.18 -80.18
CA ASN A 513 -35.11 -18.02 -80.48
C ASN A 513 -34.71 -16.55 -80.38
N ALA A 514 -33.77 -16.26 -79.47
CA ALA A 514 -33.33 -14.89 -79.23
C ALA A 514 -32.31 -14.42 -80.26
N THR A 515 -31.61 -15.33 -80.93
CA THR A 515 -30.64 -14.97 -81.95
C THR A 515 -31.25 -14.89 -83.35
N ASP A 516 -32.54 -14.63 -83.44
CA ASP A 516 -33.19 -14.52 -84.75
C ASP A 516 -32.61 -13.33 -85.50
N PRO A 517 -32.26 -13.50 -86.78
CA PRO A 517 -31.70 -12.38 -87.54
C PRO A 517 -32.60 -11.16 -87.57
N LEU A 518 -33.90 -11.33 -87.69
CA LEU A 518 -34.85 -10.23 -87.55
C LEU A 518 -34.79 -9.73 -86.11
N LYS A 519 -34.56 -8.44 -85.95
CA LYS A 519 -34.48 -7.83 -84.64
C LYS A 519 -35.08 -6.43 -84.68
N TYR A 520 -35.82 -6.07 -83.62
CA TYR A 520 -36.29 -4.71 -83.42
C TYR A 520 -35.85 -4.27 -82.04
N PHE A 521 -34.79 -3.47 -81.98
CA PHE A 521 -34.14 -3.10 -80.74
C PHE A 521 -35.05 -2.14 -79.96
N ILE A 522 -35.73 -2.67 -78.95
CA ILE A 522 -36.54 -1.81 -78.10
C ILE A 522 -35.67 -0.87 -77.28
N ILE A 523 -34.52 -1.35 -76.83
CA ILE A 523 -33.50 -0.52 -76.21
C ILE A 523 -32.22 -0.68 -77.01
N GLN A 524 -31.60 0.44 -77.39
CA GLN A 524 -30.42 0.45 -78.26
C GLN A 524 -29.28 1.17 -77.56
N ASP A 525 -28.24 0.43 -77.18
CA ASP A 525 -27.01 1.01 -76.67
C ASP A 525 -27.28 1.89 -75.46
N ARG A 526 -27.72 1.23 -74.38
CA ARG A 526 -27.96 1.79 -73.06
C ARG A 526 -28.92 2.98 -73.10
N CYS A 527 -29.68 3.11 -74.19
CA CYS A 527 -30.69 4.14 -74.33
C CYS A 527 -31.82 3.67 -75.25
N PRO A 528 -33.06 4.05 -74.97
CA PRO A 528 -34.16 3.67 -75.85
C PRO A 528 -34.11 4.46 -77.16
N HIS A 529 -34.83 3.97 -78.16
CA HIS A 529 -34.94 4.70 -79.41
C HIS A 529 -35.68 6.01 -79.23
N THR A 530 -35.28 7.02 -80.00
CA THR A 530 -36.03 8.26 -80.13
C THR A 530 -36.94 8.25 -81.34
N ARG A 531 -36.68 7.37 -82.32
CA ARG A 531 -37.50 7.31 -83.52
C ARG A 531 -38.93 6.94 -83.21
N ASP A 532 -39.16 6.00 -82.29
CA ASP A 532 -40.50 5.61 -81.89
C ASP A 532 -40.83 6.33 -80.58
N SER A 533 -41.76 7.28 -80.66
CA SER A 533 -42.08 8.11 -79.51
C SER A 533 -42.73 7.30 -78.39
N THR A 534 -43.43 6.23 -78.72
CA THR A 534 -44.16 5.46 -77.73
C THR A 534 -43.25 4.62 -76.85
N ILE A 535 -41.94 4.70 -77.04
CA ILE A 535 -40.96 4.00 -76.22
C ILE A 535 -40.57 4.92 -75.08
N GLN A 536 -40.66 4.41 -73.84
CA GLN A 536 -40.28 5.21 -72.69
C GLN A 536 -39.84 4.29 -71.56
N VAL A 537 -38.81 4.72 -70.84
CA VAL A 537 -38.31 4.01 -69.68
C VAL A 537 -38.62 4.82 -68.44
N VAL A 538 -38.71 4.13 -67.30
CA VAL A 538 -38.93 4.76 -66.01
C VAL A 538 -37.64 4.83 -65.21
N GLU A 539 -36.86 3.75 -65.19
CA GLU A 539 -35.62 3.67 -64.45
C GLU A 539 -34.69 2.68 -65.15
N ASN A 540 -33.41 3.01 -65.22
CA ASN A 540 -32.41 2.16 -65.85
C ASN A 540 -31.06 2.46 -65.20
N GLY A 541 -30.47 1.44 -64.59
CA GLY A 541 -29.25 1.64 -63.82
C GLY A 541 -29.43 2.35 -62.51
N GLU A 542 -30.67 2.74 -62.18
CA GLU A 542 -30.92 3.49 -60.96
C GLU A 542 -30.90 2.59 -59.73
N SER A 543 -31.41 1.36 -59.88
CA SER A 543 -31.54 0.44 -58.76
C SER A 543 -31.41 -0.98 -59.31
N SER A 544 -31.82 -1.95 -58.50
CA SER A 544 -31.75 -3.36 -58.87
C SER A 544 -32.94 -3.82 -59.68
N GLN A 545 -33.82 -2.90 -60.09
CA GLN A 545 -34.98 -3.25 -60.90
C GLN A 545 -35.13 -2.24 -62.03
N GLY A 546 -35.17 -2.73 -63.25
CA GLY A 546 -35.33 -1.89 -64.43
C GLY A 546 -36.64 -2.17 -65.14
N ARG A 547 -37.33 -1.11 -65.52
CA ARG A 547 -38.66 -1.22 -66.10
C ARG A 547 -38.82 -0.21 -67.23
N PHE A 548 -39.78 -0.48 -68.11
CA PHE A 548 -39.99 0.34 -69.29
C PHE A 548 -41.31 -0.06 -69.95
N SER A 549 -41.88 0.87 -70.70
CA SER A 549 -43.18 0.68 -71.34
C SER A 549 -43.10 1.12 -72.80
N VAL A 550 -43.98 0.55 -73.62
CA VAL A 550 -44.02 0.83 -75.05
C VAL A 550 -45.34 0.31 -75.61
N GLN A 551 -45.87 1.00 -76.62
CA GLN A 551 -47.04 0.49 -77.33
C GLN A 551 -46.70 -0.84 -77.98
N MET A 552 -47.61 -1.80 -77.89
CA MET A 552 -47.37 -3.11 -78.49
C MET A 552 -47.47 -2.99 -80.00
N PHE A 553 -46.83 -3.92 -80.71
CA PHE A 553 -46.81 -3.93 -82.15
C PHE A 553 -46.96 -5.37 -82.65
N ARG A 554 -46.82 -5.53 -83.97
CA ARG A 554 -46.77 -6.84 -84.60
C ARG A 554 -45.68 -6.81 -85.66
N PHE A 555 -44.88 -7.87 -85.74
CA PHE A 555 -43.92 -7.98 -86.83
C PHE A 555 -44.65 -8.09 -88.16
N ALA A 556 -44.50 -7.07 -88.99
CA ALA A 556 -45.08 -7.12 -90.32
C ALA A 556 -44.49 -8.30 -91.09
N GLY A 557 -45.36 -9.08 -91.73
CA GLY A 557 -44.94 -10.30 -92.37
C GLY A 557 -45.79 -11.48 -91.93
N ASN A 558 -45.34 -12.70 -92.20
CA ASN A 558 -46.09 -13.90 -91.83
C ASN A 558 -45.75 -14.29 -90.39
N TYR A 559 -46.02 -13.36 -89.48
CA TYR A 559 -45.59 -13.47 -88.10
C TYR A 559 -46.77 -13.12 -87.18
N ASP A 560 -46.99 -13.95 -86.17
CA ASP A 560 -48.13 -13.77 -85.27
C ASP A 560 -47.74 -13.79 -83.81
N LEU A 561 -46.46 -14.01 -83.49
CA LEU A 561 -46.01 -14.08 -82.12
C LEU A 561 -44.82 -13.17 -81.94
N VAL A 562 -44.74 -12.54 -80.77
CA VAL A 562 -43.69 -11.59 -80.44
C VAL A 562 -42.99 -12.05 -79.17
N TYR A 563 -41.68 -12.05 -79.20
CA TYR A 563 -40.85 -12.47 -78.07
C TYR A 563 -39.89 -11.35 -77.71
N LEU A 564 -39.51 -11.30 -76.44
CA LEU A 564 -38.66 -10.22 -75.95
C LEU A 564 -37.39 -10.81 -75.34
N HIS A 565 -36.26 -10.19 -75.65
CA HIS A 565 -34.98 -10.61 -75.10
C HIS A 565 -34.14 -9.39 -74.78
N CYS A 566 -33.79 -9.23 -73.51
CA CYS A 566 -32.93 -8.15 -73.04
C CYS A 566 -31.63 -8.74 -72.50
N GLU A 567 -30.56 -7.97 -72.62
CA GLU A 567 -29.26 -8.34 -72.05
C GLU A 567 -28.85 -7.28 -71.03
N VAL A 568 -28.47 -7.73 -69.84
CA VAL A 568 -28.27 -6.86 -68.70
C VAL A 568 -26.79 -6.87 -68.32
N TYR A 569 -26.31 -5.72 -67.85
CA TYR A 569 -24.95 -5.61 -67.32
C TYR A 569 -25.03 -4.96 -65.94
N LEU A 570 -24.44 -5.60 -64.95
CA LEU A 570 -24.40 -5.04 -63.61
C LEU A 570 -23.21 -4.10 -63.48
N CYS A 571 -23.37 -3.06 -62.67
CA CYS A 571 -22.33 -2.07 -62.49
C CYS A 571 -22.15 -1.76 -61.00
N ASP A 572 -20.96 -1.29 -60.64
CA ASP A 572 -20.71 -0.83 -59.29
C ASP A 572 -21.32 0.55 -59.12
N THR A 573 -22.21 0.68 -58.12
CA THR A 573 -22.90 1.94 -57.92
C THR A 573 -21.95 3.06 -57.52
N MET A 574 -20.79 2.72 -56.96
CA MET A 574 -19.84 3.74 -56.51
C MET A 574 -18.61 3.85 -57.38
N ASN A 575 -18.14 2.74 -57.97
CA ASN A 575 -16.85 2.76 -58.65
C ASN A 575 -16.93 3.48 -59.99
N GLU A 576 -18.11 3.50 -60.61
CA GLU A 576 -18.29 4.17 -61.89
C GLU A 576 -19.70 4.73 -61.96
N LYS A 577 -19.91 5.62 -62.92
CA LYS A 577 -21.20 6.24 -63.15
C LYS A 577 -22.04 5.32 -64.04
N CYS A 578 -23.26 5.03 -63.61
CA CYS A 578 -24.10 4.07 -64.29
C CYS A 578 -25.31 4.68 -64.99
N LYS A 579 -25.79 5.84 -64.54
CA LYS A 579 -27.01 6.40 -65.10
C LYS A 579 -26.81 6.75 -66.57
N PRO A 580 -27.70 6.33 -67.47
CA PRO A 580 -27.56 6.71 -68.88
C PRO A 580 -28.31 7.99 -69.22
N THR A 581 -27.71 8.82 -70.07
CA THR A 581 -28.33 10.07 -70.50
C THR A 581 -28.07 10.25 -71.99
N CYS A 582 -29.12 10.15 -72.80
CA CYS A 582 -29.02 10.30 -74.24
C CYS A 582 -29.95 11.42 -74.72
N SER A 583 -29.46 12.16 -75.71
CA SER A 583 -30.24 13.21 -76.35
C SER A 583 -30.03 13.11 -77.86
N GLY A 584 -30.99 13.62 -78.61
CA GLY A 584 -30.94 13.57 -80.06
C GLY A 584 -29.74 14.28 -80.66
N PRO B 173 58.46 72.35 115.35
CA PRO B 173 59.23 71.76 116.45
C PRO B 173 60.08 70.57 116.01
N CYS B 174 59.56 69.35 116.22
CA CYS B 174 60.30 68.15 115.89
C CYS B 174 60.60 68.03 114.40
N GLN B 175 59.89 68.77 113.56
CA GLN B 175 60.18 68.83 112.14
C GLN B 175 60.84 70.14 111.72
N ALA B 176 60.64 71.21 112.47
CA ALA B 176 61.19 72.53 112.16
C ALA B 176 62.36 72.78 113.10
N HIS B 177 63.56 72.48 112.62
CA HIS B 177 64.77 72.61 113.44
C HIS B 177 65.99 72.41 112.54
N ARG B 178 67.12 72.85 113.05
CA ARG B 178 68.42 72.63 112.41
C ARG B 178 69.39 72.01 113.41
N THR B 179 70.32 71.21 112.89
CA THR B 179 71.19 70.43 113.75
C THR B 179 72.48 71.18 114.08
N LEU B 180 73.20 70.67 115.08
CA LEU B 180 74.51 71.17 115.46
C LEU B 180 75.46 69.98 115.53
N ASP B 181 76.30 69.83 114.51
CA ASP B 181 77.28 68.74 114.45
C ASP B 181 78.63 69.31 114.89
N GLU B 182 78.77 69.50 116.21
CA GLU B 182 80.00 70.02 116.78
C GLU B 182 80.51 69.07 117.84
N TYR B 183 81.74 68.58 117.67
CA TYR B 183 82.36 67.66 118.61
C TYR B 183 82.93 68.36 119.84
N TRP B 184 83.15 69.67 119.77
CA TRP B 184 83.76 70.40 120.87
C TRP B 184 82.77 70.87 121.91
N ARG B 185 81.47 70.71 121.66
CA ARG B 185 80.45 71.07 122.62
C ARG B 185 80.36 70.08 123.78
N SER B 186 81.06 68.96 123.70
CA SER B 186 81.00 67.96 124.74
C SER B 186 81.59 68.48 126.04
N THR B 187 81.15 67.89 127.15
CA THR B 187 81.70 68.22 128.45
C THR B 187 83.14 67.79 128.59
N GLU B 188 83.61 66.93 127.68
CA GLU B 188 84.96 66.40 127.73
C GLU B 188 85.98 67.27 127.02
N TYR B 189 85.54 68.31 126.32
CA TYR B 189 86.49 69.24 125.72
C TYR B 189 87.21 70.04 126.79
N GLY B 190 88.49 70.33 126.54
CA GLY B 190 89.33 70.96 127.54
C GLY B 190 88.93 72.36 127.95
N GLU B 191 89.06 73.33 127.04
CA GLU B 191 88.80 74.72 127.37
C GLU B 191 88.84 75.56 126.10
N GLY B 192 87.98 76.57 126.05
CA GLY B 192 87.98 77.51 124.94
C GLY B 192 87.35 78.83 125.31
N TYR B 193 86.92 79.60 124.31
CA TYR B 193 86.39 80.94 124.57
C TYR B 193 85.06 81.19 123.89
N ALA B 194 84.60 80.30 123.02
CA ALA B 194 83.46 80.59 122.17
C ALA B 194 82.21 80.87 123.00
N CYS B 195 81.46 81.89 122.59
CA CYS B 195 80.22 82.23 123.26
C CYS B 195 79.10 82.31 122.23
N ASP B 196 77.98 81.65 122.54
CA ASP B 196 76.85 81.54 121.63
C ASP B 196 75.92 82.73 121.82
N THR B 197 75.99 83.67 120.88
CA THR B 197 75.10 84.82 120.86
C THR B 197 74.18 84.83 119.64
N ASP B 198 74.45 83.98 118.65
CA ASP B 198 73.72 83.97 117.39
C ASP B 198 72.68 82.86 117.30
N LEU B 199 72.47 82.10 118.37
CA LEU B 199 71.62 80.92 118.31
C LEU B 199 70.17 81.31 118.59
N ARG B 200 69.32 81.19 117.57
CA ARG B 200 67.95 81.71 117.65
C ARG B 200 66.98 80.63 117.19
N GLY B 201 66.55 79.77 118.11
CA GLY B 201 65.49 78.83 117.76
C GLY B 201 65.68 77.40 118.23
N TRP B 202 65.03 76.48 117.55
CA TRP B 202 65.05 75.06 117.89
C TRP B 202 66.28 74.41 117.27
N TYR B 203 67.05 73.69 118.08
CA TYR B 203 68.23 73.00 117.61
C TYR B 203 68.08 71.49 117.82
N ARG B 204 68.99 70.74 117.21
CA ARG B 204 69.05 69.28 117.35
C ARG B 204 70.53 68.91 117.47
N PHE B 205 70.93 68.50 118.68
CA PHE B 205 72.33 68.18 118.91
C PHE B 205 72.66 66.80 118.34
N VAL B 206 73.63 66.77 117.44
CA VAL B 206 74.04 65.54 116.76
C VAL B 206 75.56 65.51 116.68
N GLY B 207 76.14 64.35 116.95
CA GLY B 207 77.56 64.16 116.79
C GLY B 207 78.15 63.42 117.97
N GLN B 208 79.48 63.40 118.02
CA GLN B 208 80.19 62.69 119.08
C GLN B 208 79.94 63.29 120.46
N GLY B 209 79.62 64.58 120.53
CA GLY B 209 79.36 65.19 121.82
C GLY B 209 78.15 64.59 122.51
N GLY B 210 77.10 64.31 121.76
CA GLY B 210 75.88 63.74 122.30
C GLY B 210 74.64 64.39 121.72
N ALA B 211 73.50 63.82 122.09
CA ALA B 211 72.21 64.31 121.60
C ALA B 211 71.44 65.11 122.64
N ARG B 212 71.96 65.23 123.86
CA ARG B 212 71.29 65.97 124.92
C ARG B 212 72.28 66.87 125.63
N MET B 213 71.73 67.79 126.43
CA MET B 213 72.54 68.74 127.18
C MET B 213 73.05 68.11 128.46
N ALA B 214 73.80 68.90 129.23
CA ALA B 214 74.26 68.45 130.53
C ALA B 214 73.14 68.50 131.56
N GLU B 215 73.01 67.42 132.33
CA GLU B 215 72.02 67.33 133.39
C GLU B 215 72.52 67.88 134.71
N THR B 216 73.84 67.95 134.90
CA THR B 216 74.43 68.53 136.10
C THR B 216 75.36 69.65 135.68
N CYS B 217 75.64 70.56 136.61
CA CYS B 217 76.57 71.64 136.31
C CYS B 217 77.98 71.07 136.16
N VAL B 218 78.44 71.00 134.93
CA VAL B 218 79.79 70.48 134.64
C VAL B 218 80.82 71.40 135.28
N PRO B 219 81.95 70.89 135.75
CA PRO B 219 82.99 71.77 136.31
C PRO B 219 83.39 72.85 135.33
N VAL B 220 83.75 74.00 135.88
CA VAL B 220 83.98 75.20 135.09
C VAL B 220 85.16 74.99 134.13
N LEU B 221 85.24 75.87 133.14
CA LEU B 221 86.31 75.86 132.14
C LEU B 221 86.27 74.62 131.26
N ARG B 222 85.10 74.29 130.72
CA ARG B 222 84.92 73.17 129.82
C ARG B 222 84.10 73.60 128.61
N CYS B 223 83.86 72.64 127.71
CA CYS B 223 82.96 72.83 126.56
C CYS B 223 83.41 74.00 125.68
N ASN B 224 84.72 74.16 125.53
CA ASN B 224 85.30 75.26 124.74
C ASN B 224 84.78 76.62 125.22
N THR B 225 84.66 76.75 126.54
CA THR B 225 84.11 77.97 127.12
C THR B 225 84.67 78.15 128.52
N ALA B 226 84.94 79.41 128.87
CA ALA B 226 85.39 79.71 130.22
C ALA B 226 84.32 79.36 131.25
N ALA B 227 83.05 79.68 130.95
CA ALA B 227 81.94 79.43 131.85
C ALA B 227 80.84 78.67 131.09
N PRO B 228 80.83 77.34 131.20
CA PRO B 228 79.75 76.57 130.57
C PRO B 228 78.49 76.59 131.41
N MET B 229 77.35 76.38 130.74
CA MET B 229 76.07 76.21 131.42
C MET B 229 75.67 74.74 131.44
N TRP B 230 74.45 74.52 131.89
CA TRP B 230 73.84 73.20 131.95
C TRP B 230 72.34 73.38 132.08
N LEU B 231 71.58 72.42 131.57
CA LEU B 231 70.15 72.39 131.76
C LEU B 231 69.85 71.81 133.14
N ASN B 232 69.15 72.56 133.97
CA ASN B 232 68.76 72.08 135.28
C ASN B 232 67.44 71.32 135.18
N GLY B 233 67.19 70.44 136.14
CA GLY B 233 66.07 69.54 136.04
C GLY B 233 66.42 68.32 135.21
N THR B 234 65.38 67.71 134.64
CA THR B 234 65.52 66.49 133.87
C THR B 234 64.92 66.67 132.48
N HIS B 235 65.39 65.86 131.53
CA HIS B 235 64.80 65.84 130.22
C HIS B 235 63.38 65.28 130.28
N PRO B 236 62.43 65.95 129.64
CA PRO B 236 61.05 65.44 129.64
C PRO B 236 60.93 64.11 128.92
N SER B 237 60.00 63.29 129.38
CA SER B 237 59.75 61.99 128.76
C SER B 237 59.00 62.19 127.45
N SER B 238 58.78 61.11 126.72
CA SER B 238 58.05 61.21 125.46
C SER B 238 56.60 61.61 125.74
N ASP B 239 56.00 62.28 124.75
CA ASP B 239 54.62 62.76 124.84
C ASP B 239 54.44 63.62 126.09
N GLU B 240 55.24 64.68 126.14
CA GLU B 240 55.25 65.57 127.29
C GLU B 240 54.82 66.97 126.87
N GLY B 241 55.05 67.32 125.62
CA GLY B 241 54.68 68.63 125.12
C GLY B 241 55.77 69.66 125.34
N ILE B 242 55.34 70.92 125.38
CA ILE B 242 56.24 72.03 125.61
C ILE B 242 56.59 72.09 127.09
N VAL B 243 57.88 72.10 127.40
CA VAL B 243 58.36 72.11 128.78
C VAL B 243 59.18 73.37 129.00
N SER B 244 58.84 74.10 130.05
CA SER B 244 59.53 75.33 130.41
C SER B 244 60.62 75.00 131.44
N ARG B 245 61.86 75.35 131.10
CA ARG B 245 62.99 75.12 131.98
C ARG B 245 63.88 76.36 131.96
N LYS B 246 64.76 76.44 132.96
CA LYS B 246 65.68 77.58 133.08
C LYS B 246 67.09 77.01 133.19
N ALA B 247 67.83 77.05 132.09
CA ALA B 247 69.19 76.54 132.05
C ALA B 247 70.07 77.36 132.99
N CYS B 248 70.77 76.67 133.88
CA CYS B 248 71.66 77.32 134.84
C CYS B 248 73.07 77.39 134.29
N ALA B 249 73.84 78.35 134.79
CA ALA B 249 75.20 78.60 134.31
C ALA B 249 76.17 78.54 135.47
N HIS B 250 77.11 77.60 135.43
CA HIS B 250 78.13 77.45 136.45
C HIS B 250 79.30 78.38 136.16
N TRP B 251 79.63 79.23 137.13
CA TRP B 251 80.78 80.11 137.01
C TRP B 251 81.23 80.54 138.39
N SER B 252 82.54 80.81 138.52
CA SER B 252 83.20 81.35 139.70
C SER B 252 82.96 80.52 140.95
N GLY B 253 82.72 79.21 140.83
CA GLY B 253 82.49 78.36 141.96
C GLY B 253 81.04 78.22 142.38
N HIS B 254 80.15 79.04 141.82
CA HIS B 254 78.71 78.97 142.10
C HIS B 254 78.01 78.45 140.86
N CYS B 255 77.58 77.20 140.90
CA CYS B 255 76.74 76.67 139.84
C CYS B 255 75.43 77.43 139.79
N CYS B 256 74.94 77.68 138.57
CA CYS B 256 73.67 78.36 138.36
C CYS B 256 73.70 79.79 138.91
N LEU B 257 74.78 80.49 138.61
CA LEU B 257 74.92 81.90 138.99
C LEU B 257 74.14 82.82 138.07
N TRP B 258 74.09 82.53 136.77
CA TRP B 258 73.20 83.19 135.83
C TRP B 258 72.20 82.19 135.30
N ASP B 259 71.09 82.70 134.76
CA ASP B 259 70.00 81.86 134.28
C ASP B 259 69.53 82.34 132.92
N ALA B 260 69.09 81.38 132.10
CA ALA B 260 68.47 81.66 130.82
C ALA B 260 67.25 80.78 130.66
N SER B 261 66.29 81.24 129.87
CA SER B 261 65.03 80.55 129.68
C SER B 261 65.13 79.64 128.46
N VAL B 262 64.81 78.36 128.65
CA VAL B 262 64.88 77.37 127.58
C VAL B 262 63.57 76.59 127.56
N GLN B 263 63.19 76.12 126.38
CA GLN B 263 61.96 75.35 126.20
C GLN B 263 62.30 74.05 125.48
N VAL B 264 62.32 72.96 126.22
CA VAL B 264 62.65 71.64 125.66
C VAL B 264 61.36 70.90 125.35
N LYS B 265 61.35 70.24 124.19
CA LYS B 265 60.21 69.43 123.76
C LYS B 265 60.72 68.06 123.37
N ALA B 266 60.02 67.03 123.83
CA ALA B 266 60.34 65.67 123.40
C ALA B 266 59.98 65.48 121.93
N CYS B 267 60.64 64.51 121.30
CA CYS B 267 60.49 64.29 119.88
C CYS B 267 60.41 62.80 119.57
N ALA B 268 59.66 62.48 118.51
CA ALA B 268 59.55 61.11 118.04
C ALA B 268 60.89 60.65 117.51
N GLY B 269 61.56 59.78 118.25
CA GLY B 269 62.92 59.38 117.98
C GLY B 269 63.84 59.75 119.12
N GLY B 270 65.05 59.20 119.04
CA GLY B 270 66.04 59.41 120.09
C GLY B 270 66.72 60.77 120.01
N TYR B 271 65.95 61.83 120.20
CA TYR B 271 66.49 63.19 120.12
C TYR B 271 65.48 64.15 120.75
N TYR B 272 65.98 65.34 121.07
CA TYR B 272 65.17 66.39 121.67
C TYR B 272 65.42 67.70 120.92
N VAL B 273 64.59 68.70 121.25
CA VAL B 273 64.68 70.03 120.67
C VAL B 273 64.53 71.07 121.78
N TYR B 274 65.23 72.19 121.62
CA TYR B 274 65.36 73.18 122.69
C TYR B 274 65.19 74.58 122.13
N ASN B 275 64.65 75.48 122.96
CA ASN B 275 64.59 76.91 122.63
C ASN B 275 65.81 77.58 123.22
N LEU B 276 66.81 77.78 122.39
CA LEU B 276 68.12 78.25 122.84
C LEU B 276 68.19 79.76 122.74
N THR B 277 68.10 80.43 123.88
CA THR B 277 68.24 81.88 123.94
C THR B 277 69.69 82.26 124.18
N ALA B 278 69.99 83.52 123.93
CA ALA B 278 71.33 84.03 124.17
C ALA B 278 71.55 84.22 125.66
N PRO B 279 72.68 83.76 126.21
CA PRO B 279 72.98 84.06 127.61
C PRO B 279 73.11 85.56 127.81
N PRO B 280 72.79 86.07 129.00
CA PRO B 280 72.80 87.53 129.20
C PRO B 280 74.15 88.17 128.88
N GLU B 281 75.25 87.52 129.25
CA GLU B 281 76.59 87.93 128.87
C GLU B 281 77.35 86.69 128.44
N CYS B 282 78.07 86.77 127.34
CA CYS B 282 78.67 85.52 126.89
C CYS B 282 80.04 85.33 127.52
N HIS B 283 80.81 84.41 126.93
CA HIS B 283 81.71 83.50 127.63
C HIS B 283 80.90 82.45 128.38
N LEU B 284 79.64 82.32 127.96
CA LEU B 284 78.71 81.29 128.38
C LEU B 284 78.28 80.51 127.16
N ALA B 285 78.44 79.19 127.20
CA ALA B 285 78.00 78.34 126.10
C ALA B 285 77.51 77.02 126.65
N TYR B 286 76.76 76.31 125.82
CA TYR B 286 76.10 75.08 126.23
C TYR B 286 77.04 73.88 126.12
N CYS B 287 76.64 72.79 126.75
CA CYS B 287 77.37 71.53 126.73
C CYS B 287 76.47 70.40 126.28
N THR B 288 77.09 69.35 125.76
CA THR B 288 76.39 68.15 125.34
C THR B 288 77.12 66.94 125.90
N ASP B 289 76.56 66.32 126.92
CA ASP B 289 77.11 65.11 127.47
C ASP B 289 76.89 63.95 126.50
N PRO B 290 77.61 62.84 126.66
CA PRO B 290 77.37 61.67 125.79
C PRO B 290 75.94 61.17 125.88
N SER B 291 75.27 61.49 126.99
CA SER B 291 73.83 61.25 127.18
C SER B 291 73.57 59.75 127.03
N SER B 292 72.50 59.33 126.37
CA SER B 292 72.17 57.91 126.27
C SER B 292 72.01 57.49 124.81
N VAL B 293 73.00 57.83 123.98
CA VAL B 293 73.00 57.37 122.60
C VAL B 293 72.98 55.84 122.54
N GLU B 294 73.55 55.19 123.56
CA GLU B 294 73.42 53.74 123.66
C GLU B 294 71.97 53.32 123.84
N GLY B 295 71.22 54.04 124.68
CA GLY B 295 69.80 53.81 124.81
C GLY B 295 69.08 54.11 123.51
N THR B 296 68.65 53.07 122.82
CA THR B 296 68.11 53.17 121.47
C THR B 296 66.61 52.85 121.49
N CYS B 297 66.02 52.84 120.30
CA CYS B 297 64.61 52.53 120.13
C CYS B 297 64.36 51.33 119.23
N GLU B 298 65.33 50.93 118.42
CA GLU B 298 65.13 49.80 117.52
C GLU B 298 64.83 48.51 118.28
N GLU B 299 65.39 48.36 119.48
CA GLU B 299 65.16 47.15 120.26
C GLU B 299 63.68 46.95 120.62
N CYS B 300 62.90 48.03 120.62
CA CYS B 300 61.45 47.89 120.75
C CYS B 300 60.86 47.25 119.49
N SER B 301 60.01 46.25 119.68
CA SER B 301 59.40 45.54 118.57
C SER B 301 58.34 46.42 117.89
N ILE B 302 57.81 45.92 116.78
CA ILE B 302 56.94 46.71 115.91
C ILE B 302 55.68 47.21 116.60
N ASP B 303 55.11 46.44 117.51
CA ASP B 303 53.92 46.88 118.24
C ASP B 303 54.26 47.66 119.50
N GLU B 304 55.53 47.99 119.70
CA GLU B 304 56.00 48.58 120.94
C GLU B 304 56.32 50.05 120.71
N ASP B 305 55.50 50.93 121.25
CA ASP B 305 55.70 52.36 121.09
C ASP B 305 56.99 52.82 121.74
N CYS B 306 57.59 53.86 121.16
CA CYS B 306 58.86 54.39 121.64
C CYS B 306 58.60 55.41 122.76
N LYS B 307 57.96 54.92 123.82
CA LYS B 307 57.66 55.76 124.96
C LYS B 307 58.92 56.00 125.79
N SER B 308 58.86 57.05 126.60
CA SER B 308 59.94 57.39 127.52
C SER B 308 59.35 57.74 128.88
N ASN B 309 60.14 57.50 129.93
CA ASN B 309 59.78 57.88 131.28
C ASN B 309 60.96 58.62 131.90
N ASN B 310 60.79 59.92 132.13
CA ASN B 310 61.83 60.78 132.67
C ASN B 310 63.10 60.72 131.82
N GLY B 311 62.91 60.64 130.50
CA GLY B 311 64.01 60.65 129.57
C GLY B 311 64.57 59.29 129.19
N ARG B 312 64.11 58.22 129.81
CA ARG B 312 64.58 56.88 129.51
C ARG B 312 63.58 56.17 128.62
N TRP B 313 64.06 55.59 127.52
CA TRP B 313 63.19 55.03 126.49
C TRP B 313 62.85 53.58 126.81
N HIS B 314 61.56 53.25 126.72
CA HIS B 314 61.08 51.89 126.93
C HIS B 314 60.08 51.54 125.84
N CYS B 315 59.72 50.25 125.79
CA CYS B 315 58.82 49.73 124.77
C CYS B 315 57.43 49.52 125.37
N GLN B 316 56.65 50.60 125.38
CA GLN B 316 55.27 50.52 125.83
C GLN B 316 54.40 50.03 124.69
N CYS B 317 53.77 48.87 124.86
CA CYS B 317 53.03 48.24 123.79
C CYS B 317 51.72 48.99 123.58
N LYS B 318 50.85 48.43 122.73
CA LYS B 318 49.59 49.09 122.40
C LYS B 318 48.73 49.26 123.65
N GLN B 319 48.32 50.50 123.91
CA GLN B 319 47.33 50.74 124.95
C GLN B 319 46.01 50.07 124.60
N ASP B 320 45.74 49.90 123.30
CA ASP B 320 44.59 49.10 122.88
C ASP B 320 44.71 47.66 123.38
N PHE B 321 45.92 47.14 123.47
CA PHE B 321 46.14 45.82 124.04
C PHE B 321 45.92 45.89 125.55
N ASN B 322 44.67 45.74 125.99
CA ASN B 322 44.32 45.96 127.39
C ASN B 322 43.14 45.04 127.71
N ILE B 323 43.44 43.90 128.33
CA ILE B 323 42.44 42.88 128.67
C ILE B 323 42.44 42.71 130.18
N THR B 324 41.24 42.75 130.78
CA THR B 324 41.13 42.66 132.22
C THR B 324 41.11 41.21 132.70
N ASP B 325 40.16 40.42 132.21
CA ASP B 325 40.02 39.04 132.63
C ASP B 325 41.15 38.19 132.05
N ILE B 326 41.17 36.92 132.43
CA ILE B 326 42.16 35.98 131.93
C ILE B 326 41.59 34.98 130.94
N SER B 327 40.27 34.84 130.88
CA SER B 327 39.67 33.94 129.89
C SER B 327 39.76 34.50 128.47
N LEU B 328 40.02 35.80 128.34
CA LEU B 328 40.17 36.41 127.02
C LEU B 328 41.62 36.39 126.54
N LEU B 329 42.54 35.84 127.33
CA LEU B 329 43.92 35.71 126.93
C LEU B 329 44.04 34.93 125.62
N GLU B 330 44.82 35.47 124.69
CA GLU B 330 45.00 34.82 123.40
C GLU B 330 46.03 33.70 123.50
N HIS B 331 45.71 32.58 122.87
CA HIS B 331 46.60 31.42 122.86
C HIS B 331 46.62 30.88 121.44
N ARG B 332 47.81 30.58 120.94
CA ARG B 332 47.94 29.87 119.66
C ARG B 332 48.61 28.53 119.91
N LEU B 333 47.95 27.46 119.47
CA LEU B 333 48.44 26.10 119.61
C LEU B 333 48.82 25.57 118.25
N GLU B 334 50.07 25.10 118.14
CA GLU B 334 50.56 24.50 116.91
C GLU B 334 50.93 23.05 117.22
N CYS B 335 50.08 22.13 116.79
CA CYS B 335 50.32 20.71 117.00
C CYS B 335 51.26 20.24 115.90
N GLY B 336 52.52 20.66 116.01
CA GLY B 336 53.52 20.38 115.01
C GLY B 336 53.78 18.90 114.87
N ALA B 337 54.30 18.54 113.69
CA ALA B 337 54.38 17.14 113.31
C ALA B 337 55.23 16.33 114.29
N ASN B 338 56.35 16.89 114.73
CA ASN B 338 57.24 16.14 115.60
C ASN B 338 57.24 16.69 117.03
N ASP B 339 56.75 17.90 117.24
CA ASP B 339 56.74 18.51 118.56
C ASP B 339 55.56 19.46 118.68
N MET B 340 55.25 19.84 119.91
CA MET B 340 54.20 20.78 120.22
C MET B 340 54.80 22.13 120.58
N LYS B 341 54.03 23.19 120.37
CA LYS B 341 54.38 24.49 120.93
C LYS B 341 53.12 25.28 121.23
N VAL B 342 53.18 26.04 122.32
CA VAL B 342 52.10 26.93 122.74
C VAL B 342 52.72 28.31 122.92
N SER B 343 52.05 29.33 122.38
CA SER B 343 52.59 30.68 122.40
C SER B 343 51.55 31.64 122.97
N LEU B 344 52.05 32.66 123.66
CA LEU B 344 51.21 33.69 124.26
C LEU B 344 51.76 35.05 123.89
N GLY B 345 50.87 35.99 123.61
CA GLY B 345 51.29 37.34 123.30
C GLY B 345 51.96 38.01 124.49
N LYS B 346 53.24 38.38 124.32
CA LYS B 346 53.98 38.97 125.43
C LYS B 346 53.37 40.32 125.83
N CYS B 347 52.94 41.11 124.85
CA CYS B 347 52.23 42.34 125.16
C CYS B 347 50.93 42.07 125.91
N GLN B 348 50.23 41.00 125.52
CA GLN B 348 48.97 40.67 126.16
C GLN B 348 49.16 40.35 127.63
N LEU B 349 50.12 39.47 127.93
CA LEU B 349 50.40 39.14 129.32
C LEU B 349 50.97 40.33 130.09
N LYS B 350 51.76 41.17 129.42
CA LYS B 350 52.24 42.39 130.06
C LYS B 350 51.07 43.26 130.51
N SER B 351 50.12 43.51 129.61
CA SER B 351 48.94 44.27 129.99
C SER B 351 48.08 43.52 131.00
N LEU B 352 48.22 42.20 131.06
CA LEU B 352 47.46 41.42 132.03
C LEU B 352 47.97 41.61 133.45
N GLY B 353 49.11 42.28 133.62
CA GLY B 353 49.61 42.57 134.95
C GLY B 353 50.75 41.68 135.37
N PHE B 354 51.36 40.98 134.42
CA PHE B 354 52.49 40.09 134.68
C PHE B 354 53.74 40.71 134.07
N ASP B 355 54.59 41.29 134.92
CA ASP B 355 55.83 41.88 134.44
C ASP B 355 56.73 40.82 133.83
N LYS B 356 57.00 39.75 134.56
CA LYS B 356 57.73 38.60 134.06
C LYS B 356 56.92 37.36 134.36
N VAL B 357 56.85 36.45 133.39
CA VAL B 357 55.99 35.28 133.49
C VAL B 357 56.85 34.03 133.64
N PHE B 358 56.27 33.02 134.26
CA PHE B 358 56.93 31.74 134.50
C PHE B 358 56.12 30.65 133.81
N MET B 359 56.69 30.03 132.79
CA MET B 359 56.04 28.93 132.08
C MET B 359 56.50 27.62 132.70
N TYR B 360 55.55 26.76 133.06
CA TYR B 360 55.87 25.50 133.68
C TYR B 360 54.91 24.42 133.21
N LEU B 361 55.46 23.36 132.63
CA LEU B 361 54.69 22.21 132.22
C LEU B 361 54.39 21.34 133.44
N SER B 362 53.98 20.09 133.19
CA SER B 362 53.95 19.13 134.28
C SER B 362 55.31 19.00 134.94
N ASP B 363 56.37 19.25 134.19
CA ASP B 363 57.73 19.30 134.71
C ASP B 363 58.25 20.73 134.65
N SER B 364 58.86 21.18 135.74
CA SER B 364 59.39 22.54 135.80
C SER B 364 60.57 22.77 134.86
N ARG B 365 61.27 21.70 134.47
CA ARG B 365 62.40 21.85 133.55
C ARG B 365 61.99 22.44 132.22
N CYS B 366 60.74 22.26 131.81
CA CYS B 366 60.23 22.85 130.57
C CYS B 366 59.83 24.31 130.80
N SER B 367 60.76 25.13 131.23
CA SER B 367 60.49 26.55 131.38
C SER B 367 60.38 27.21 130.01
N GLY B 368 59.52 28.22 129.92
CA GLY B 368 59.29 28.86 128.65
C GLY B 368 60.43 29.75 128.24
N PHE B 369 60.43 30.11 126.95
CA PHE B 369 61.42 31.01 126.39
C PHE B 369 60.74 32.07 125.55
N ASN B 370 61.50 32.93 124.90
CA ASN B 370 60.95 33.97 124.05
C ASN B 370 61.31 33.69 122.60
N ASP B 371 60.44 34.13 121.69
CA ASP B 371 60.59 33.88 120.27
C ASP B 371 59.72 34.88 119.52
N ARG B 372 60.18 35.30 118.35
CA ARG B 372 59.49 36.31 117.56
C ARG B 372 59.31 35.81 116.14
N ASP B 373 58.07 35.66 115.71
CA ASP B 373 57.74 35.39 114.31
C ASP B 373 57.03 36.57 113.66
N ASN B 374 56.03 37.15 114.32
CA ASN B 374 55.45 38.42 113.93
C ASN B 374 55.36 39.42 115.06
N ARG B 375 55.56 39.00 116.31
CA ARG B 375 55.57 39.88 117.46
C ARG B 375 56.31 39.18 118.60
N ASP B 376 56.27 39.79 119.78
CA ASP B 376 56.91 39.19 120.95
C ASP B 376 56.04 38.06 121.49
N TRP B 377 56.61 36.86 121.55
CA TRP B 377 55.90 35.69 122.05
C TRP B 377 56.75 34.99 123.10
N VAL B 378 56.09 34.51 124.15
CA VAL B 378 56.67 33.53 125.06
C VAL B 378 56.08 32.18 124.69
N SER B 379 56.93 31.17 124.61
CA SER B 379 56.48 29.89 124.08
C SER B 379 57.17 28.73 124.78
N VAL B 380 56.54 27.57 124.70
CA VAL B 380 57.06 26.33 125.25
C VAL B 380 57.03 25.28 124.15
N VAL B 381 57.94 24.33 124.20
CA VAL B 381 58.05 23.27 123.21
C VAL B 381 58.13 21.94 123.94
N THR B 382 57.37 20.95 123.47
CA THR B 382 57.37 19.63 124.08
C THR B 382 57.36 18.58 122.98
N PRO B 383 58.27 17.61 123.02
CA PRO B 383 58.28 16.55 121.99
C PRO B 383 56.99 15.74 122.02
N ALA B 384 56.60 15.25 120.86
CA ALA B 384 55.33 14.52 120.70
C ALA B 384 55.52 13.06 121.09
N ARG B 385 55.61 12.83 122.40
CA ARG B 385 55.76 11.49 122.93
C ARG B 385 55.09 11.42 124.30
N ASP B 386 55.18 10.25 124.92
CA ASP B 386 54.50 9.97 126.18
C ASP B 386 55.49 10.17 127.32
N GLY B 387 55.50 11.37 127.90
CA GLY B 387 56.28 11.64 129.09
C GLY B 387 57.65 12.30 128.98
N PRO B 388 58.14 12.68 127.78
CA PRO B 388 59.43 13.38 127.78
C PRO B 388 59.42 14.65 128.61
N CYS B 389 58.32 15.37 128.61
CA CYS B 389 58.07 16.45 129.58
C CYS B 389 56.77 16.17 130.31
N GLY B 390 56.58 14.92 130.72
CA GLY B 390 55.36 14.52 131.37
C GLY B 390 54.13 14.63 130.52
N THR B 391 54.22 14.28 129.24
CA THR B 391 53.07 14.38 128.35
C THR B 391 52.26 13.10 128.40
N VAL B 392 50.97 13.23 128.63
CA VAL B 392 50.08 12.07 128.73
C VAL B 392 49.58 11.70 127.34
N LEU B 393 49.64 10.41 127.03
CA LEU B 393 49.09 9.88 125.79
C LEU B 393 47.95 8.93 126.12
N THR B 394 46.76 9.23 125.59
CA THR B 394 45.58 8.41 125.78
C THR B 394 45.00 8.16 124.40
N ARG B 395 45.25 6.98 123.86
CA ARG B 395 44.92 6.64 122.49
C ARG B 395 43.65 5.81 122.46
N ASN B 396 42.61 6.32 121.81
CA ASN B 396 41.41 5.52 121.60
C ASN B 396 41.48 4.91 120.20
N GLU B 397 40.41 4.22 119.81
CA GLU B 397 40.41 3.48 118.55
C GLU B 397 40.69 4.36 117.35
N THR B 398 40.41 5.66 117.43
CA THR B 398 40.47 6.54 116.27
C THR B 398 41.62 7.53 116.31
N HIS B 399 41.82 8.23 117.43
CA HIS B 399 42.84 9.24 117.55
C HIS B 399 43.81 8.91 118.68
N ALA B 400 44.95 9.59 118.65
CA ALA B 400 45.92 9.57 119.73
C ALA B 400 46.23 10.99 120.12
N THR B 401 46.02 11.34 121.39
CA THR B 401 46.15 12.72 121.85
C THR B 401 47.28 12.84 122.86
N TYR B 402 47.94 13.98 122.83
CA TYR B 402 49.02 14.31 123.76
C TYR B 402 48.52 15.43 124.67
N SER B 403 48.34 15.10 125.94
CA SER B 403 47.74 16.01 126.91
C SER B 403 48.77 16.41 127.95
N ASN B 404 48.95 17.72 128.13
CA ASN B 404 49.83 18.26 129.15
C ASN B 404 49.24 19.56 129.62
N THR B 405 49.66 20.02 130.80
CA THR B 405 49.13 21.24 131.38
C THR B 405 50.25 22.26 131.56
N LEU B 406 49.89 23.53 131.42
CA LEU B 406 50.80 24.65 131.56
C LEU B 406 50.46 25.44 132.81
N TYR B 407 51.47 26.07 133.40
CA TYR B 407 51.30 26.89 134.59
C TYR B 407 51.67 28.33 134.25
N LEU B 408 50.78 29.26 134.58
CA LEU B 408 51.00 30.68 134.38
C LEU B 408 51.03 31.40 135.71
N ALA B 409 52.08 32.20 135.91
CA ALA B 409 52.22 33.04 137.09
C ALA B 409 53.27 34.09 136.80
N ASP B 410 53.19 35.19 137.53
CA ASP B 410 54.18 36.26 137.41
C ASP B 410 55.31 36.13 138.42
N GLU B 411 55.28 35.12 139.28
CA GLU B 411 56.30 34.92 140.30
C GLU B 411 56.45 33.43 140.57
N ILE B 412 57.51 33.07 141.28
CA ILE B 412 57.80 31.66 141.54
C ILE B 412 56.71 31.05 142.42
N ILE B 413 56.35 31.71 143.51
CA ILE B 413 55.33 31.24 144.43
C ILE B 413 54.00 31.86 144.04
N ILE B 414 52.92 31.11 144.26
CA ILE B 414 51.58 31.59 143.94
C ILE B 414 50.81 31.80 145.23
N ARG B 415 50.01 32.86 145.27
CA ARG B 415 49.17 33.15 146.42
C ARG B 415 47.70 33.36 146.08
N ASP B 416 47.36 33.68 144.83
CA ASP B 416 45.98 33.90 144.45
C ASP B 416 45.86 33.71 142.95
N LEU B 417 44.71 33.20 142.52
CA LEU B 417 44.37 33.02 141.11
C LEU B 417 45.42 32.15 140.42
N ASN B 418 45.48 30.89 140.86
CA ASN B 418 46.29 29.90 140.18
C ASN B 418 45.81 29.72 138.74
N ILE B 419 46.74 29.60 137.81
CA ILE B 419 46.40 29.52 136.39
C ILE B 419 46.93 28.21 135.84
N LYS B 420 46.04 27.45 135.20
CA LYS B 420 46.35 26.15 134.61
C LYS B 420 45.84 26.13 133.19
N ILE B 421 46.72 25.82 132.24
CA ILE B 421 46.36 25.78 130.83
C ILE B 421 46.30 24.31 130.43
N ASN B 422 45.09 23.78 130.38
CA ASN B 422 44.88 22.37 130.04
C ASN B 422 44.83 22.26 128.52
N PHE B 423 45.94 21.85 127.92
CA PHE B 423 46.06 21.82 126.46
C PHE B 423 46.33 20.39 125.99
N ALA B 424 45.85 20.10 124.78
CA ALA B 424 46.07 18.79 124.18
C ALA B 424 45.69 18.83 122.71
N CYS B 425 46.43 18.10 121.87
CA CYS B 425 46.07 17.94 120.47
C CYS B 425 46.18 16.47 120.11
N SER B 426 45.35 16.05 119.16
CA SER B 426 45.25 14.65 118.78
C SER B 426 45.65 14.47 117.32
N TYR B 427 45.81 13.22 116.92
CA TYR B 427 46.18 12.75 115.59
C TYR B 427 45.32 11.56 115.20
N PRO B 428 44.78 11.55 113.98
CA PRO B 428 44.10 10.35 113.50
C PRO B 428 45.09 9.22 113.27
N LEU B 429 44.59 8.01 113.40
CA LEU B 429 45.45 6.84 113.23
C LEU B 429 45.45 6.29 111.82
N ASP B 430 44.68 6.89 110.91
CA ASP B 430 44.55 6.41 109.54
C ASP B 430 44.94 7.56 108.60
N MET B 431 45.56 7.24 107.48
CA MET B 431 46.14 8.29 106.67
C MET B 431 46.12 7.89 105.20
N LYS B 432 46.03 8.88 104.32
CA LYS B 432 45.96 8.64 102.89
C LYS B 432 47.14 9.29 102.18
N VAL B 433 47.91 8.48 101.46
CA VAL B 433 49.13 8.95 100.82
C VAL B 433 49.30 8.33 99.43
N SER B 434 50.10 8.99 98.60
CA SER B 434 50.27 8.57 97.22
C SER B 434 51.62 9.04 96.69
N LEU B 435 52.18 8.28 95.76
CA LEU B 435 53.37 8.74 95.04
C LEU B 435 53.08 10.03 94.30
N LYS B 436 54.05 10.92 94.29
CA LYS B 436 53.97 12.16 93.52
C LYS B 436 54.61 12.04 92.16
N THR B 437 55.11 10.86 91.80
CA THR B 437 55.71 10.63 90.49
C THR B 437 54.80 9.74 89.65
N ALA B 438 54.69 10.07 88.36
CA ALA B 438 53.88 9.28 87.44
C ALA B 438 54.63 8.02 87.04
N LEU B 439 53.88 6.93 86.84
CA LEU B 439 54.43 5.68 86.37
C LEU B 439 53.84 5.33 85.01
N GLN B 440 54.69 4.85 84.12
CA GLN B 440 54.29 4.60 82.73
C GLN B 440 54.89 3.26 82.29
N PRO B 441 54.07 2.21 82.21
CA PRO B 441 54.59 0.89 81.84
C PRO B 441 54.84 0.79 80.35
N MET B 442 55.55 -0.27 79.98
CA MET B 442 55.85 -0.57 78.57
C MET B 442 55.93 -2.07 78.39
N VAL B 443 55.04 -2.61 77.54
CA VAL B 443 54.93 -4.03 77.29
C VAL B 443 54.90 -4.24 75.79
N SER B 444 55.22 -5.47 75.35
CA SER B 444 55.04 -5.84 73.96
C SER B 444 53.56 -5.73 73.59
N ALA B 445 53.29 -5.09 72.45
CA ALA B 445 51.93 -4.88 71.99
C ALA B 445 51.79 -5.37 70.55
N LEU B 446 50.76 -6.17 70.31
CA LEU B 446 50.45 -6.70 69.00
C LEU B 446 49.14 -6.09 68.51
N ASN B 447 49.09 -5.75 67.23
CA ASN B 447 47.92 -5.14 66.62
C ASN B 447 47.48 -6.01 65.45
N ILE B 448 46.19 -6.31 65.38
CA ILE B 448 45.59 -6.97 64.23
C ILE B 448 44.61 -5.99 63.60
N ARG B 449 44.85 -5.64 62.34
CA ARG B 449 44.07 -4.63 61.64
C ARG B 449 42.99 -5.32 60.81
N VAL B 450 41.74 -4.96 61.06
CA VAL B 450 40.61 -5.51 60.34
C VAL B 450 39.71 -4.35 59.91
N GLY B 451 38.93 -4.59 58.87
CA GLY B 451 38.05 -3.58 58.34
C GLY B 451 36.85 -4.19 57.65
N GLY B 452 35.96 -3.33 57.19
CA GLY B 452 34.75 -3.80 56.53
C GLY B 452 34.02 -2.64 55.90
N THR B 453 32.81 -2.92 55.44
CA THR B 453 31.97 -1.92 54.80
C THR B 453 30.51 -2.29 55.03
N GLY B 454 29.69 -1.25 55.23
CA GLY B 454 28.26 -1.46 55.35
C GLY B 454 27.54 -0.47 54.47
N MET B 455 26.23 -0.66 54.36
CA MET B 455 25.35 0.24 53.62
C MET B 455 24.42 0.94 54.60
N PHE B 456 24.34 2.26 54.49
CA PHE B 456 23.28 2.97 55.20
C PHE B 456 21.92 2.60 54.64
N THR B 457 20.88 3.09 55.30
CA THR B 457 19.51 2.85 54.87
C THR B 457 18.87 4.18 54.50
N VAL B 458 18.39 4.27 53.26
CA VAL B 458 17.70 5.45 52.75
C VAL B 458 16.49 4.96 51.96
N ARG B 459 15.35 5.62 52.18
CA ARG B 459 14.10 5.17 51.61
C ARG B 459 13.33 6.34 51.02
N MET B 460 12.22 6.01 50.36
CA MET B 460 11.29 6.97 49.78
C MET B 460 9.86 6.57 50.11
N ALA B 461 8.93 7.52 49.99
CA ALA B 461 7.53 7.19 50.17
C ALA B 461 6.66 8.16 49.38
N LEU B 462 5.67 7.60 48.68
CA LEU B 462 4.58 8.35 48.09
C LEU B 462 3.61 8.78 49.18
N PHE B 463 3.24 10.04 49.15
CA PHE B 463 2.30 10.61 50.10
C PHE B 463 0.96 10.83 49.40
N GLN B 464 -0.10 10.24 49.94
CA GLN B 464 -1.43 10.43 49.36
C GLN B 464 -1.83 11.91 49.32
N THR B 465 -1.32 12.71 50.23
CA THR B 465 -1.80 14.07 50.47
C THR B 465 -0.64 15.04 50.40
N PRO B 466 -0.92 16.34 50.26
CA PRO B 466 0.12 17.35 50.46
C PRO B 466 0.59 17.35 51.90
N SER B 467 1.62 18.17 52.15
CA SER B 467 2.27 18.33 53.44
C SER B 467 3.00 17.07 53.87
N TYR B 468 2.97 16.00 53.07
CA TYR B 468 3.82 14.83 53.24
C TYR B 468 3.53 14.16 54.58
N THR B 469 2.26 13.80 54.76
CA THR B 469 1.76 13.36 56.05
C THR B 469 1.66 11.85 56.19
N GLN B 470 1.02 11.14 55.26
CA GLN B 470 1.07 9.70 55.46
C GLN B 470 1.57 9.01 54.20
N PRO B 471 2.30 7.90 54.35
CA PRO B 471 2.89 7.25 53.19
C PRO B 471 1.90 6.34 52.47
N TYR B 472 2.36 5.79 51.36
CA TYR B 472 1.57 4.93 50.49
C TYR B 472 2.12 3.51 50.58
N GLN B 473 1.21 2.54 50.67
CA GLN B 473 1.57 1.17 50.98
C GLN B 473 1.27 0.20 49.85
N GLY B 474 0.55 0.63 48.82
CA GLY B 474 0.19 -0.24 47.72
C GLY B 474 1.38 -0.51 46.80
N SER B 475 1.13 -1.37 45.82
CA SER B 475 2.15 -1.74 44.83
C SER B 475 1.99 -1.01 43.51
N SER B 476 0.80 -0.52 43.20
CA SER B 476 0.56 0.27 42.00
C SER B 476 -0.58 1.22 42.26
N VAL B 477 -0.43 2.47 41.81
CA VAL B 477 -1.41 3.51 42.05
C VAL B 477 -1.72 4.19 40.73
N THR B 478 -2.98 4.58 40.54
CA THR B 478 -3.43 5.25 39.33
C THR B 478 -3.92 6.65 39.70
N LEU B 479 -3.47 7.64 38.94
CA LEU B 479 -3.85 9.03 39.16
C LEU B 479 -4.19 9.69 37.83
N SER B 480 -5.02 10.72 37.92
CA SER B 480 -5.28 11.61 36.81
C SER B 480 -4.02 12.42 36.54
N THR B 481 -3.86 12.84 35.29
CA THR B 481 -2.71 13.67 34.95
C THR B 481 -2.73 15.02 35.66
N GLU B 482 -3.92 15.56 35.93
CA GLU B 482 -4.03 16.79 36.70
C GLU B 482 -3.71 16.59 38.18
N ALA B 483 -3.82 15.36 38.69
CA ALA B 483 -3.49 15.08 40.08
C ALA B 483 -2.00 15.30 40.31
N PHE B 484 -1.67 15.85 41.47
CA PHE B 484 -0.27 16.14 41.77
C PHE B 484 0.40 14.96 42.48
N LEU B 485 1.72 15.04 42.57
CA LEU B 485 2.54 14.02 43.20
C LEU B 485 3.15 14.59 44.48
N TYR B 486 3.12 13.79 45.54
CA TYR B 486 3.64 14.19 46.84
C TYR B 486 4.54 13.05 47.30
N VAL B 487 5.84 13.28 47.34
CA VAL B 487 6.80 12.25 47.64
C VAL B 487 7.83 12.78 48.64
N GLY B 488 8.45 11.87 49.37
CA GLY B 488 9.50 12.22 50.30
C GLY B 488 10.53 11.12 50.34
N THR B 489 11.69 11.46 50.90
CA THR B 489 12.80 10.53 51.05
C THR B 489 13.28 10.58 52.48
N MET B 490 13.40 9.41 53.11
CA MET B 490 13.82 9.32 54.49
C MET B 490 15.28 8.90 54.58
N LEU B 491 15.80 8.92 55.79
CA LEU B 491 17.17 8.49 56.05
C LEU B 491 17.20 7.84 57.42
N ASP B 492 17.50 6.55 57.46
CA ASP B 492 17.41 5.76 58.68
C ASP B 492 18.75 5.15 59.09
N GLY B 493 19.82 5.42 58.33
CA GLY B 493 21.08 4.77 58.61
C GLY B 493 21.63 5.13 59.98
N GLY B 494 22.05 6.37 60.16
CA GLY B 494 22.62 6.83 61.41
C GLY B 494 23.38 8.12 61.25
N ASP B 495 23.91 8.59 62.38
CA ASP B 495 24.60 9.88 62.47
C ASP B 495 23.74 10.99 61.89
N LEU B 496 22.46 10.98 62.25
CA LEU B 496 21.53 11.98 61.75
C LEU B 496 21.93 13.39 62.16
N SER B 497 22.75 13.53 63.20
CA SER B 497 23.19 14.86 63.62
C SER B 497 24.20 15.45 62.63
N ARG B 498 25.20 14.66 62.23
CA ARG B 498 26.32 15.18 61.47
C ARG B 498 26.13 15.14 59.96
N PHE B 499 25.08 14.49 59.47
CA PHE B 499 24.90 14.28 58.04
C PHE B 499 23.54 14.82 57.62
N ALA B 500 23.48 15.40 56.43
CA ALA B 500 22.25 15.95 55.87
C ALA B 500 21.91 15.20 54.59
N LEU B 501 20.68 14.70 54.52
CA LEU B 501 20.19 14.13 53.28
C LEU B 501 20.18 15.18 52.17
N LEU B 502 20.86 14.89 51.08
CA LEU B 502 20.96 15.83 49.98
C LEU B 502 20.75 15.08 48.67
N MET B 503 19.98 15.69 47.77
CA MET B 503 19.57 15.07 46.53
C MET B 503 20.40 15.68 45.41
N THR B 504 21.09 14.84 44.64
CA THR B 504 21.87 15.35 43.53
C THR B 504 21.09 15.30 42.23
N ASN B 505 20.53 14.14 41.90
CA ASN B 505 19.80 14.00 40.65
C ASN B 505 18.75 12.92 40.81
N CYS B 506 17.64 13.11 40.11
CA CYS B 506 16.52 12.19 40.14
C CYS B 506 15.72 12.37 38.84
N TYR B 507 15.06 11.30 38.41
CA TYR B 507 14.42 11.30 37.12
C TYR B 507 13.27 10.32 37.12
N ALA B 508 12.62 10.21 35.97
CA ALA B 508 11.53 9.28 35.75
C ALA B 508 11.79 8.50 34.46
N THR B 509 11.42 7.23 34.46
CA THR B 509 11.55 6.37 33.30
C THR B 509 10.38 5.41 33.25
N PRO B 510 9.97 4.98 32.05
CA PRO B 510 8.77 4.16 31.94
C PRO B 510 8.96 2.72 32.39
N SER B 511 10.15 2.37 32.87
CA SER B 511 10.44 1.00 33.25
C SER B 511 10.96 0.98 34.68
N SER B 512 10.72 -0.14 35.36
CA SER B 512 11.31 -0.34 36.68
C SER B 512 12.83 -0.22 36.62
N ASN B 513 13.42 -0.66 35.52
CA ASN B 513 14.84 -0.42 35.26
C ASN B 513 15.14 1.07 35.36
N ALA B 514 16.19 1.40 36.12
CA ALA B 514 16.54 2.79 36.34
C ALA B 514 17.49 3.35 35.30
N THR B 515 18.32 2.50 34.68
CA THR B 515 19.31 2.94 33.71
C THR B 515 18.75 3.04 32.30
N ASP B 516 17.44 3.17 32.15
CA ASP B 516 16.85 3.28 30.83
C ASP B 516 17.30 4.59 30.16
N PRO B 517 17.68 4.54 28.89
CA PRO B 517 18.15 5.77 28.22
C PRO B 517 17.16 6.90 28.25
N LEU B 518 15.88 6.63 28.07
CA LEU B 518 14.84 7.66 28.19
C LEU B 518 14.82 8.14 29.64
N LYS B 519 15.17 9.41 29.84
CA LYS B 519 15.22 9.98 31.18
C LYS B 519 14.59 11.36 31.16
N TYR B 520 13.74 11.62 32.16
CA TYR B 520 13.20 12.96 32.39
C TYR B 520 13.56 13.36 33.81
N PHE B 521 14.61 14.18 33.92
CA PHE B 521 15.16 14.55 35.22
C PHE B 521 14.16 15.42 35.97
N ILE B 522 13.62 14.90 37.06
CA ILE B 522 12.75 15.72 37.89
C ILE B 522 13.56 16.79 38.63
N ILE B 523 14.75 16.43 39.11
CA ILE B 523 15.68 17.37 39.71
C ILE B 523 16.96 17.30 38.88
N GLN B 524 17.58 18.44 38.65
CA GLN B 524 18.72 18.53 37.72
C GLN B 524 19.89 19.21 38.42
N ASP B 525 20.94 18.43 38.70
CA ASP B 525 22.17 18.93 39.29
C ASP B 525 21.89 19.81 40.49
N ARG B 526 21.29 19.20 41.50
CA ARG B 526 21.06 19.82 42.80
C ARG B 526 20.05 20.95 42.72
N CYS B 527 19.42 21.14 41.55
CA CYS B 527 18.52 22.27 41.43
C CYS B 527 17.32 21.92 40.56
N PRO B 528 16.16 22.52 40.82
CA PRO B 528 14.95 22.15 40.08
C PRO B 528 14.98 22.63 38.64
N HIS B 529 14.25 21.91 37.79
CA HIS B 529 14.01 22.38 36.43
C HIS B 529 13.24 23.69 36.47
N THR B 530 13.68 24.65 35.65
CA THR B 530 13.06 25.97 35.62
C THR B 530 11.94 26.09 34.60
N ARG B 531 12.16 25.58 33.39
CA ARG B 531 11.15 25.71 32.34
C ARG B 531 9.88 24.91 32.64
N ASP B 532 9.91 24.01 33.61
CA ASP B 532 8.70 23.34 34.08
C ASP B 532 8.30 23.98 35.41
N SER B 533 7.22 24.77 35.39
CA SER B 533 6.84 25.53 36.56
C SER B 533 6.28 24.65 37.68
N THR B 534 5.65 23.54 37.32
CA THR B 534 4.95 22.72 38.29
C THR B 534 5.90 21.88 39.16
N ILE B 535 7.20 21.98 38.93
CA ILE B 535 8.20 21.29 39.74
C ILE B 535 8.53 22.19 40.92
N GLN B 536 8.49 21.63 42.12
CA GLN B 536 8.79 22.41 43.31
C GLN B 536 9.40 21.49 44.37
N VAL B 537 10.30 22.04 45.17
CA VAL B 537 10.95 21.31 46.25
C VAL B 537 10.69 22.07 47.54
N VAL B 538 10.70 21.34 48.65
CA VAL B 538 10.50 21.92 49.98
C VAL B 538 11.82 21.99 50.75
N GLU B 539 12.63 20.94 50.68
CA GLU B 539 13.89 20.87 51.43
C GLU B 539 14.85 19.96 50.69
N ASN B 540 16.11 20.39 50.60
CA ASN B 540 17.17 19.55 50.04
C ASN B 540 18.49 19.98 50.67
N GLY B 541 19.14 19.03 51.36
CA GLY B 541 20.35 19.34 52.10
C GLY B 541 20.13 20.05 53.40
N GLU B 542 18.88 20.42 53.72
CA GLU B 542 18.61 21.14 54.96
C GLU B 542 18.61 20.20 56.15
N SER B 543 18.05 19.00 55.99
CA SER B 543 17.86 18.08 57.09
C SER B 543 18.14 16.67 56.60
N SER B 544 17.74 15.68 57.40
CA SER B 544 17.89 14.27 57.04
C SER B 544 16.74 13.74 56.22
N GLN B 545 15.83 14.61 55.77
CA GLN B 545 14.70 14.21 54.94
C GLN B 545 14.57 15.20 53.79
N GLY B 546 14.29 14.69 52.60
CA GLY B 546 14.14 15.53 51.42
C GLY B 546 12.85 15.17 50.68
N ARG B 547 12.09 16.20 50.32
CA ARG B 547 10.77 16.01 49.72
C ARG B 547 10.56 17.02 48.61
N PHE B 548 9.69 16.67 47.66
CA PHE B 548 9.36 17.55 46.55
C PHE B 548 8.07 17.06 45.90
N SER B 549 7.39 17.98 45.22
CA SER B 549 6.10 17.72 44.61
C SER B 549 6.08 18.22 43.18
N VAL B 550 5.29 17.57 42.33
CA VAL B 550 5.26 17.84 40.90
C VAL B 550 3.94 17.37 40.32
N GLN B 551 3.46 18.06 39.29
CA GLN B 551 2.27 17.62 38.59
C GLN B 551 2.53 16.28 37.89
N MET B 552 1.49 15.46 37.78
CA MET B 552 1.62 14.16 37.14
C MET B 552 1.77 14.34 35.64
N PHE B 553 2.62 13.52 35.03
CA PHE B 553 2.80 13.54 33.59
C PHE B 553 2.66 12.12 33.04
N ARG B 554 2.88 11.98 31.73
CA ARG B 554 2.91 10.67 31.11
C ARG B 554 3.98 10.70 30.02
N PHE B 555 4.79 9.65 29.96
CA PHE B 555 5.76 9.54 28.88
C PHE B 555 5.04 9.43 27.55
N ALA B 556 5.16 10.47 26.74
CA ALA B 556 4.52 10.46 25.43
C ALA B 556 5.08 9.31 24.59
N GLY B 557 4.18 8.47 24.10
CA GLY B 557 4.60 7.26 23.42
C GLY B 557 3.80 6.05 23.88
N ASN B 558 4.24 4.86 23.47
CA ASN B 558 3.54 3.63 23.82
C ASN B 558 3.98 3.16 25.20
N TYR B 559 3.76 4.03 26.19
CA TYR B 559 4.23 3.83 27.54
C TYR B 559 3.13 4.20 28.52
N ASP B 560 2.85 3.31 29.47
CA ASP B 560 1.71 3.49 30.37
C ASP B 560 2.09 3.49 31.84
N LEU B 561 3.36 3.28 32.16
CA LEU B 561 3.80 3.26 33.55
C LEU B 561 4.98 4.18 33.72
N VAL B 562 5.08 4.80 34.89
CA VAL B 562 6.13 5.75 35.19
C VAL B 562 6.81 5.33 36.50
N TYR B 563 8.13 5.40 36.52
CA TYR B 563 8.94 5.03 37.67
C TYR B 563 9.78 6.23 38.09
N LEU B 564 10.36 6.13 39.29
CA LEU B 564 11.15 7.23 39.82
C LEU B 564 12.43 6.69 40.43
N HIS B 565 13.55 7.36 40.15
CA HIS B 565 14.84 6.94 40.63
C HIS B 565 15.67 8.15 41.02
N CYS B 566 15.95 8.28 42.31
CA CYS B 566 16.77 9.35 42.85
C CYS B 566 18.12 8.81 43.30
N GLU B 567 19.14 9.65 43.17
CA GLU B 567 20.47 9.32 43.68
C GLU B 567 20.88 10.36 44.71
N VAL B 568 21.27 9.90 45.89
CA VAL B 568 21.45 10.74 47.06
C VAL B 568 22.93 10.92 47.32
N TYR B 569 23.30 12.07 47.88
CA TYR B 569 24.67 12.31 48.35
C TYR B 569 24.58 12.96 49.72
N LEU B 570 25.07 12.26 50.74
CA LEU B 570 25.11 12.83 52.08
C LEU B 570 26.21 13.87 52.17
N CYS B 571 26.13 14.73 53.18
CA CYS B 571 27.09 15.80 53.35
C CYS B 571 27.29 16.09 54.84
N ASP B 572 28.43 16.72 55.13
CA ASP B 572 28.72 17.19 56.48
C ASP B 572 28.00 18.51 56.71
N THR B 573 27.22 18.58 57.80
CA THR B 573 26.49 19.80 58.09
C THR B 573 27.42 20.95 58.46
N MET B 574 28.67 20.63 58.82
CA MET B 574 29.61 21.66 59.24
C MET B 574 30.81 21.81 58.30
N ASN B 575 31.29 20.71 57.70
CA ASN B 575 32.57 20.78 57.00
C ASN B 575 32.43 21.50 55.67
N GLU B 576 31.23 21.55 55.10
CA GLU B 576 30.99 22.28 53.87
C GLU B 576 29.57 22.81 53.89
N LYS B 577 29.27 23.67 52.91
CA LYS B 577 27.94 24.24 52.75
C LYS B 577 27.09 23.28 51.93
N CYS B 578 25.97 22.84 52.49
CA CYS B 578 25.14 21.85 51.84
C CYS B 578 23.92 22.44 51.12
N LYS B 579 23.44 23.60 51.55
CA LYS B 579 22.26 24.17 50.91
C LYS B 579 22.61 24.63 49.50
N PRO B 580 21.96 24.10 48.47
CA PRO B 580 22.23 24.59 47.11
C PRO B 580 21.22 25.66 46.69
N THR B 581 21.69 26.68 45.99
CA THR B 581 20.83 27.75 45.50
C THR B 581 21.12 27.98 44.03
N CYS B 582 20.07 27.97 43.21
CA CYS B 582 20.20 28.20 41.78
C CYS B 582 19.22 29.28 41.33
N SER B 583 19.59 29.97 40.26
CA SER B 583 18.73 30.95 39.61
C SER B 583 18.89 30.79 38.11
N GLY B 584 17.89 31.27 37.37
CA GLY B 584 17.90 31.18 35.92
C GLY B 584 19.06 31.91 35.26
N PRO C 173 -37.41 35.97 -117.84
CA PRO C 173 -36.70 35.39 -116.69
C PRO C 173 -35.81 34.21 -117.06
N CYS C 174 -36.28 33.00 -116.78
CA CYS C 174 -35.47 31.80 -116.97
C CYS C 174 -35.17 31.51 -118.43
N GLN C 175 -35.87 32.18 -119.35
CA GLN C 175 -35.57 32.10 -120.77
C GLN C 175 -34.83 33.33 -121.27
N ALA C 176 -34.96 34.47 -120.60
CA ALA C 176 -34.34 35.73 -121.01
C ALA C 176 -33.16 35.98 -120.07
N HIS C 177 -31.97 35.56 -120.50
CA HIS C 177 -30.77 35.66 -119.69
C HIS C 177 -29.56 35.36 -120.56
N ARG C 178 -28.39 35.76 -120.07
CA ARG C 178 -27.11 35.43 -120.69
C ARG C 178 -26.22 34.75 -119.66
N THR C 179 -25.43 33.79 -120.12
CA THR C 179 -24.64 32.96 -119.22
C THR C 179 -23.30 33.62 -118.90
N LEU C 180 -22.67 33.11 -117.84
CA LEU C 180 -21.31 33.49 -117.46
C LEU C 180 -20.50 32.20 -117.35
N ASP C 181 -19.54 32.01 -118.25
CA ASP C 181 -18.63 30.87 -118.20
C ASP C 181 -17.25 31.44 -117.82
N GLU C 182 -17.02 31.59 -116.52
CA GLU C 182 -15.77 32.13 -116.02
C GLU C 182 -15.26 31.21 -114.91
N TYR C 183 -14.11 30.59 -115.13
CA TYR C 183 -13.53 29.67 -114.16
C TYR C 183 -12.98 30.38 -112.92
N TRP C 184 -12.60 31.65 -113.04
CA TRP C 184 -11.94 32.36 -111.96
C TRP C 184 -12.90 32.84 -110.89
N ARG C 185 -14.20 32.82 -111.13
CA ARG C 185 -15.18 33.22 -110.14
C ARG C 185 -15.34 32.21 -109.02
N SER C 186 -14.72 31.05 -109.13
CA SER C 186 -14.85 30.01 -108.12
C SER C 186 -14.27 30.49 -106.78
N THR C 187 -14.83 29.96 -105.70
CA THR C 187 -14.35 30.28 -104.36
C THR C 187 -12.94 29.79 -104.13
N GLU C 188 -12.49 28.83 -104.93
CA GLU C 188 -11.13 28.31 -104.87
C GLU C 188 -10.08 29.31 -105.33
N TYR C 189 -10.43 30.20 -106.26
CA TYR C 189 -9.45 31.09 -106.87
C TYR C 189 -8.75 31.92 -105.81
N GLY C 190 -7.44 32.06 -105.97
CA GLY C 190 -6.60 32.69 -104.97
C GLY C 190 -6.91 34.14 -104.69
N GLU C 191 -6.64 35.02 -105.66
CA GLU C 191 -6.83 36.45 -105.45
C GLU C 191 -6.64 37.20 -106.76
N GLY C 192 -7.41 38.27 -106.93
CA GLY C 192 -7.25 39.19 -108.03
C GLY C 192 -7.92 40.51 -107.72
N TYR C 193 -8.34 41.24 -108.75
CA TYR C 193 -8.96 42.54 -108.51
C TYR C 193 -10.14 42.81 -109.44
N ALA C 194 -10.73 41.79 -110.04
CA ALA C 194 -11.85 42.00 -110.96
C ALA C 194 -12.99 42.71 -110.24
N CYS C 195 -13.63 43.63 -110.97
CA CYS C 195 -14.63 44.52 -110.38
C CYS C 195 -15.88 44.49 -111.25
N ASP C 196 -16.99 44.04 -110.67
CA ASP C 196 -18.25 43.89 -111.39
C ASP C 196 -19.06 45.17 -111.23
N THR C 197 -18.97 46.03 -112.24
CA THR C 197 -19.76 47.25 -112.29
C THR C 197 -20.70 47.31 -113.49
N ASP C 198 -20.40 46.56 -114.56
CA ASP C 198 -21.16 46.61 -115.80
C ASP C 198 -22.14 45.48 -115.95
N LEU C 199 -22.49 44.79 -114.87
CA LEU C 199 -23.38 43.63 -114.93
C LEU C 199 -24.82 44.07 -114.71
N ARG C 200 -25.66 43.90 -115.74
CA ARG C 200 -26.98 44.51 -115.80
C ARG C 200 -28.02 43.47 -116.17
N GLY C 201 -28.58 42.79 -115.18
CA GLY C 201 -29.70 41.91 -115.46
C GLY C 201 -29.60 40.52 -114.88
N TRP C 202 -30.22 39.55 -115.55
CA TRP C 202 -30.25 38.16 -115.11
C TRP C 202 -29.07 37.41 -115.72
N TYR C 203 -28.39 36.61 -114.91
CA TYR C 203 -27.27 35.82 -115.36
C TYR C 203 -27.54 34.33 -115.10
N ARG C 204 -26.86 33.48 -115.85
CA ARG C 204 -26.91 32.03 -115.66
C ARG C 204 -25.48 31.56 -115.44
N PHE C 205 -25.22 30.99 -114.27
CA PHE C 205 -23.86 30.64 -113.90
C PHE C 205 -23.51 29.24 -114.41
N VAL C 206 -22.52 29.17 -115.29
CA VAL C 206 -22.15 27.93 -115.97
C VAL C 206 -20.64 27.82 -116.02
N GLY C 207 -20.13 26.62 -115.78
CA GLY C 207 -18.72 26.35 -115.96
C GLY C 207 -18.14 25.61 -114.79
N GLN C 208 -16.81 25.53 -114.77
CA GLN C 208 -16.11 24.81 -113.71
C GLN C 208 -16.35 25.44 -112.33
N GLY C 209 -16.59 26.74 -112.28
CA GLY C 209 -16.83 27.38 -110.99
C GLY C 209 -18.08 26.85 -110.29
N GLY C 210 -19.10 26.52 -111.06
CA GLY C 210 -20.35 26.02 -110.52
C GLY C 210 -21.55 26.76 -111.09
N ALA C 211 -22.73 26.35 -110.63
CA ALA C 211 -23.97 26.92 -111.09
C ALA C 211 -24.57 27.94 -110.12
N ARG C 212 -24.06 28.02 -108.90
CA ARG C 212 -24.63 28.87 -107.87
C ARG C 212 -23.52 29.66 -107.18
N MET C 213 -23.91 30.78 -106.59
CA MET C 213 -22.95 31.61 -105.85
C MET C 213 -22.82 31.12 -104.41
N ALA C 214 -22.10 31.90 -103.61
CA ALA C 214 -21.81 31.50 -102.23
C ALA C 214 -23.04 31.66 -101.34
N GLU C 215 -23.17 30.76 -100.38
CA GLU C 215 -24.22 30.83 -99.37
C GLU C 215 -23.72 31.34 -98.03
N THR C 216 -22.43 31.17 -97.74
CA THR C 216 -21.81 31.70 -96.52
C THR C 216 -20.71 32.67 -96.93
N CYS C 217 -20.34 33.54 -96.00
CA CYS C 217 -19.31 34.53 -96.30
C CYS C 217 -17.97 33.83 -96.44
N VAL C 218 -17.48 33.76 -97.68
CA VAL C 218 -16.20 33.12 -97.98
C VAL C 218 -15.08 33.93 -97.34
N PRO C 219 -13.97 33.31 -96.91
CA PRO C 219 -12.85 34.08 -96.39
C PRO C 219 -12.37 35.11 -97.41
N VAL C 220 -11.97 36.26 -96.88
CA VAL C 220 -11.71 37.43 -97.69
C VAL C 220 -10.50 37.21 -98.59
N LEU C 221 -10.34 38.09 -99.59
CA LEU C 221 -9.24 38.06 -100.54
C LEU C 221 -9.29 36.83 -101.44
N ARG C 222 -10.46 36.54 -102.03
CA ARG C 222 -10.66 35.39 -102.88
C ARG C 222 -11.45 35.79 -104.12
N CYS C 223 -11.69 34.80 -104.99
CA CYS C 223 -12.55 34.95 -106.16
C CYS C 223 -12.07 36.07 -107.09
N ASN C 224 -10.75 36.16 -107.23
CA ASN C 224 -10.11 37.20 -108.05
C ASN C 224 -10.55 38.59 -107.62
N THR C 225 -10.70 38.78 -106.30
CA THR C 225 -11.14 40.06 -105.77
C THR C 225 -10.61 40.20 -104.36
N ALA C 226 -10.25 41.45 -104.01
CA ALA C 226 -9.81 41.73 -102.65
C ALA C 226 -10.94 41.51 -101.66
N ALA C 227 -12.16 41.91 -102.01
CA ALA C 227 -13.32 41.80 -101.13
C ALA C 227 -14.41 41.02 -101.83
N PRO C 228 -14.40 39.70 -101.75
CA PRO C 228 -15.48 38.90 -102.33
C PRO C 228 -16.78 39.06 -101.56
N MET C 229 -17.89 38.87 -102.26
CA MET C 229 -19.21 38.95 -101.67
C MET C 229 -19.87 37.58 -101.69
N TRP C 230 -21.08 37.52 -101.13
CA TRP C 230 -21.80 36.27 -100.97
C TRP C 230 -23.28 36.58 -100.79
N LEU C 231 -24.12 35.65 -101.26
CA LEU C 231 -25.55 35.74 -101.04
C LEU C 231 -25.87 35.14 -99.68
N ASN C 232 -26.58 35.89 -98.84
CA ASN C 232 -26.95 35.40 -97.52
C ASN C 232 -28.31 34.72 -97.60
N GLY C 233 -28.51 33.73 -96.75
CA GLY C 233 -29.71 32.92 -96.82
C GLY C 233 -29.50 31.69 -97.68
N THR C 234 -30.63 31.12 -98.10
CA THR C 234 -30.63 29.89 -98.88
C THR C 234 -31.22 30.13 -100.26
N HIS C 235 -30.84 29.29 -101.21
CA HIS C 235 -31.44 29.34 -102.53
C HIS C 235 -32.92 28.98 -102.44
N PRO C 236 -33.78 29.76 -103.08
CA PRO C 236 -35.19 29.39 -103.15
C PRO C 236 -35.36 28.06 -103.87
N SER C 237 -36.30 27.27 -103.38
CA SER C 237 -36.57 25.94 -103.94
C SER C 237 -37.32 26.10 -105.26
N SER C 238 -37.70 24.97 -105.87
CA SER C 238 -38.48 25.04 -107.09
C SER C 238 -39.85 25.62 -106.81
N ASP C 239 -40.43 26.26 -107.82
CA ASP C 239 -41.78 26.82 -107.74
C ASP C 239 -41.88 27.77 -106.55
N GLU C 240 -41.05 28.81 -106.61
CA GLU C 240 -40.97 29.79 -105.54
C GLU C 240 -41.18 31.19 -106.10
N GLY C 241 -40.84 31.37 -107.37
CA GLY C 241 -41.01 32.67 -108.01
C GLY C 241 -39.85 33.61 -107.74
N ILE C 242 -40.17 34.90 -107.81
CA ILE C 242 -39.18 35.94 -107.57
C ILE C 242 -38.94 36.04 -106.06
N VAL C 243 -37.67 36.02 -105.66
CA VAL C 243 -37.29 36.08 -104.26
C VAL C 243 -36.33 37.24 -104.08
N SER C 244 -36.61 38.07 -103.07
CA SER C 244 -35.81 39.24 -102.76
C SER C 244 -34.78 38.87 -101.71
N ARG C 245 -33.51 39.15 -102.00
CA ARG C 245 -32.42 38.86 -101.10
C ARG C 245 -31.45 40.03 -101.12
N LYS C 246 -30.59 40.07 -100.10
CA LYS C 246 -29.56 41.10 -99.98
C LYS C 246 -28.22 40.40 -99.80
N ALA C 247 -27.50 40.20 -100.91
CA ALA C 247 -26.20 39.54 -100.87
C ALA C 247 -25.21 40.38 -100.09
N CYS C 248 -24.71 39.81 -98.99
CA CYS C 248 -23.76 40.52 -98.13
C CYS C 248 -22.36 40.46 -98.72
N ALA C 249 -21.47 41.28 -98.16
CA ALA C 249 -20.09 41.38 -98.64
C ALA C 249 -19.13 41.32 -97.47
N HIS C 250 -18.26 40.31 -97.47
CA HIS C 250 -17.26 40.15 -96.42
C HIS C 250 -16.03 40.98 -96.74
N TRP C 251 -15.65 41.85 -95.81
CA TRP C 251 -14.43 42.63 -95.95
C TRP C 251 -13.97 43.11 -94.58
N SER C 252 -12.66 43.28 -94.43
CA SER C 252 -12.00 43.88 -93.28
C SER C 252 -12.31 43.15 -91.98
N GLY C 253 -12.48 41.83 -92.00
CA GLY C 253 -12.75 41.07 -90.81
C GLY C 253 -14.21 41.06 -90.39
N HIS C 254 -15.07 41.80 -91.07
CA HIS C 254 -16.50 41.84 -90.79
C HIS C 254 -17.25 41.31 -92.01
N CYS C 255 -17.77 40.09 -91.91
CA CYS C 255 -18.64 39.58 -92.96
C CYS C 255 -19.89 40.46 -93.05
N CYS C 256 -20.36 40.67 -94.27
CA CYS C 256 -21.56 41.47 -94.53
C CYS C 256 -21.37 42.91 -94.03
N LEU C 257 -20.25 43.50 -94.42
CA LEU C 257 -19.96 44.89 -94.10
C LEU C 257 -20.58 45.86 -95.09
N TRP C 258 -20.79 45.42 -96.33
CA TRP C 258 -21.57 46.15 -97.31
C TRP C 258 -22.64 45.24 -97.89
N ASP C 259 -23.69 45.85 -98.43
CA ASP C 259 -24.87 45.11 -98.88
C ASP C 259 -25.28 45.54 -100.27
N ALA C 260 -25.81 44.58 -101.03
CA ALA C 260 -26.37 44.82 -102.35
C ALA C 260 -27.68 44.07 -102.48
N SER C 261 -28.57 44.59 -103.32
CA SER C 261 -29.91 44.04 -103.47
C SER C 261 -29.94 43.12 -104.69
N VAL C 262 -30.40 41.88 -104.49
CA VAL C 262 -30.46 40.88 -105.55
C VAL C 262 -31.84 40.23 -105.54
N GLN C 263 -32.25 39.76 -106.71
CA GLN C 263 -33.53 39.06 -106.87
C GLN C 263 -33.25 37.71 -107.53
N VAL C 264 -33.33 36.65 -106.74
CA VAL C 264 -33.06 35.29 -107.20
C VAL C 264 -34.36 34.60 -107.59
N LYS C 265 -34.32 33.90 -108.72
CA LYS C 265 -35.45 33.10 -109.18
C LYS C 265 -34.95 31.72 -109.59
N ALA C 266 -35.60 30.68 -109.09
CA ALA C 266 -35.29 29.33 -109.54
C ALA C 266 -35.83 29.12 -110.95
N CYS C 267 -35.33 28.07 -111.60
CA CYS C 267 -35.67 27.78 -112.98
C CYS C 267 -35.91 26.29 -113.16
N ALA C 268 -36.65 25.94 -114.21
CA ALA C 268 -36.87 24.56 -114.57
C ALA C 268 -35.55 23.93 -114.97
N GLY C 269 -35.06 23.01 -114.14
CA GLY C 269 -33.76 22.43 -114.29
C GLY C 269 -32.80 22.92 -113.22
N GLY C 270 -31.62 22.32 -113.22
CA GLY C 270 -30.62 22.63 -112.20
C GLY C 270 -29.83 23.89 -112.48
N TYR C 271 -30.50 25.03 -112.53
CA TYR C 271 -29.82 26.31 -112.72
C TYR C 271 -30.69 27.42 -112.15
N TYR C 272 -30.03 28.54 -111.86
CA TYR C 272 -30.66 29.70 -111.21
C TYR C 272 -30.33 30.96 -111.98
N VAL C 273 -31.11 32.01 -111.71
CA VAL C 273 -30.88 33.34 -112.27
C VAL C 273 -31.01 34.36 -111.16
N TYR C 274 -30.43 35.53 -111.39
CA TYR C 274 -30.20 36.50 -110.32
C TYR C 274 -30.39 37.91 -110.85
N ASN C 275 -30.58 38.86 -109.94
CA ASN C 275 -30.55 40.28 -110.30
C ASN C 275 -29.29 40.89 -109.70
N LEU C 276 -28.22 40.84 -110.47
CA LEU C 276 -26.89 41.22 -110.00
C LEU C 276 -26.72 42.72 -110.15
N THR C 277 -26.91 43.45 -109.07
CA THR C 277 -26.78 44.89 -109.07
C THR C 277 -25.30 45.30 -108.93
N ALA C 278 -25.04 46.56 -109.20
CA ALA C 278 -23.68 47.08 -109.05
C ALA C 278 -23.39 47.31 -107.57
N PRO C 279 -22.30 46.77 -107.05
CA PRO C 279 -21.94 47.05 -105.66
C PRO C 279 -21.69 48.54 -105.46
N PRO C 280 -21.93 49.05 -104.25
CA PRO C 280 -21.78 50.50 -104.03
C PRO C 280 -20.38 51.01 -104.33
N GLU C 281 -19.35 50.19 -104.12
CA GLU C 281 -17.97 50.55 -104.36
C GLU C 281 -17.25 49.42 -105.07
N CYS C 282 -16.14 49.75 -105.72
CA CYS C 282 -15.42 48.79 -106.54
C CYS C 282 -14.63 47.82 -105.66
N HIS C 283 -13.90 46.92 -106.31
CA HIS C 283 -13.21 45.80 -105.65
C HIS C 283 -14.17 44.90 -104.90
N LEU C 284 -15.40 44.82 -105.40
CA LEU C 284 -16.41 43.91 -104.89
C LEU C 284 -16.92 43.05 -106.04
N ALA C 285 -16.87 41.73 -105.85
CA ALA C 285 -17.28 40.82 -106.91
C ALA C 285 -17.83 39.54 -106.30
N TYR C 286 -18.58 38.81 -107.12
CA TYR C 286 -19.29 37.63 -106.68
C TYR C 286 -18.39 36.39 -106.76
N CYS C 287 -18.80 35.35 -106.04
CA CYS C 287 -18.13 34.06 -106.05
C CYS C 287 -19.09 32.99 -106.54
N THR C 288 -18.52 31.82 -106.83
CA THR C 288 -19.30 30.66 -107.26
C THR C 288 -18.70 29.42 -106.63
N ASP C 289 -19.41 28.85 -105.67
CA ASP C 289 -19.01 27.57 -105.12
C ASP C 289 -19.31 26.46 -106.11
N PRO C 290 -18.68 25.28 -105.96
CA PRO C 290 -18.98 24.17 -106.87
C PRO C 290 -20.44 23.78 -106.87
N SER C 291 -21.15 24.16 -105.80
CA SER C 291 -22.61 24.03 -105.68
C SER C 291 -22.97 22.55 -105.78
N SER C 292 -24.02 22.18 -106.50
CA SER C 292 -24.48 20.79 -106.52
C SER C 292 -24.58 20.26 -107.95
N VAL C 293 -23.52 20.43 -108.75
CA VAL C 293 -23.50 19.85 -110.08
C VAL C 293 -23.70 18.34 -110.01
N GLU C 294 -23.26 17.71 -108.92
CA GLU C 294 -23.58 16.30 -108.70
C GLU C 294 -25.07 16.10 -108.50
N GLY C 295 -25.71 16.97 -107.71
CA GLY C 295 -27.14 16.93 -107.55
C GLY C 295 -27.84 17.20 -108.86
N THR C 296 -28.41 16.16 -109.44
CA THR C 296 -28.93 16.20 -110.79
C THR C 296 -30.45 16.03 -110.78
N CYS C 297 -31.02 16.00 -111.98
CA CYS C 297 -32.46 15.85 -112.17
C CYS C 297 -32.85 14.64 -113.00
N GLU C 298 -31.98 14.15 -113.87
CA GLU C 298 -32.35 13.08 -114.79
C GLU C 298 -32.60 11.77 -114.06
N GLU C 299 -32.04 11.61 -112.87
CA GLU C 299 -32.29 10.41 -112.08
C GLU C 299 -33.76 10.25 -111.72
N CYS C 300 -34.53 11.35 -111.74
CA CYS C 300 -35.98 11.24 -111.59
C CYS C 300 -36.60 10.60 -112.82
N SER C 301 -37.56 9.70 -112.58
CA SER C 301 -38.27 9.07 -113.68
C SER C 301 -39.22 10.06 -114.34
N ILE C 302 -39.78 9.64 -115.49
CA ILE C 302 -40.54 10.55 -116.35
C ILE C 302 -41.76 11.15 -115.65
N ASP C 303 -42.40 10.42 -114.74
CA ASP C 303 -43.54 10.95 -114.01
C ASP C 303 -43.14 11.75 -112.79
N GLU C 304 -41.84 11.89 -112.53
CA GLU C 304 -41.35 12.53 -111.32
C GLU C 304 -40.89 13.94 -111.66
N ASP C 305 -41.64 14.93 -111.16
CA ASP C 305 -41.32 16.32 -111.44
C ASP C 305 -40.01 16.72 -110.79
N CYS C 306 -39.35 17.70 -111.39
CA CYS C 306 -38.02 18.14 -110.96
C CYS C 306 -38.18 19.23 -109.89
N LYS C 307 -38.95 18.90 -108.86
CA LYS C 307 -39.15 19.84 -107.77
C LYS C 307 -37.92 19.88 -106.87
N SER C 308 -37.83 20.95 -106.09
CA SER C 308 -36.72 21.16 -105.16
C SER C 308 -37.28 21.65 -103.83
N ASN C 309 -36.55 21.33 -102.76
CA ASN C 309 -36.82 21.87 -101.43
C ASN C 309 -35.54 22.45 -100.86
N ASN C 310 -35.63 23.70 -100.36
CA ASN C 310 -34.49 24.45 -99.82
C ASN C 310 -33.23 24.32 -100.70
N GLY C 311 -33.43 24.30 -102.02
CA GLY C 311 -32.33 24.22 -102.95
C GLY C 311 -31.85 22.82 -103.27
N ARG C 312 -32.53 21.78 -102.80
CA ARG C 312 -32.17 20.40 -103.07
C ARG C 312 -33.22 19.77 -103.97
N TRP C 313 -32.77 19.24 -105.11
CA TRP C 313 -33.67 18.70 -106.13
C TRP C 313 -34.13 17.31 -105.73
N HIS C 314 -35.42 17.03 -105.90
CA HIS C 314 -36.00 15.74 -105.57
C HIS C 314 -37.07 15.39 -106.59
N CYS C 315 -37.48 14.13 -106.58
CA CYS C 315 -38.43 13.59 -107.56
C CYS C 315 -39.82 13.49 -106.92
N GLN C 316 -40.55 14.59 -106.98
CA GLN C 316 -41.94 14.60 -106.52
C GLN C 316 -42.86 14.27 -107.69
N CYS C 317 -43.66 13.22 -107.52
CA CYS C 317 -44.46 12.70 -108.62
C CYS C 317 -45.70 13.58 -108.83
N LYS C 318 -46.62 13.10 -109.66
CA LYS C 318 -47.83 13.85 -109.95
C LYS C 318 -48.65 14.08 -108.69
N GLN C 319 -49.05 15.33 -108.47
CA GLN C 319 -50.01 15.60 -107.40
C GLN C 319 -51.37 15.01 -107.74
N ASP C 320 -51.69 14.89 -109.03
CA ASP C 320 -52.91 14.20 -109.43
C ASP C 320 -52.88 12.74 -108.99
N PHE C 321 -51.68 12.14 -108.93
CA PHE C 321 -51.55 10.81 -108.35
C PHE C 321 -51.69 10.91 -106.84
N ASN C 322 -52.94 10.97 -106.36
CA ASN C 322 -53.20 11.19 -104.94
C ASN C 322 -54.42 10.36 -104.57
N ILE C 323 -54.19 9.16 -104.04
CA ILE C 323 -55.25 8.23 -103.68
C ILE C 323 -55.31 8.14 -102.17
N THR C 324 -56.52 8.26 -101.61
CA THR C 324 -56.69 8.22 -100.17
C THR C 324 -56.90 6.80 -99.66
N ASP C 325 -57.87 6.08 -100.22
CA ASP C 325 -58.18 4.73 -99.81
C ASP C 325 -57.08 3.77 -100.28
N ILE C 326 -57.25 2.49 -99.95
CA ILE C 326 -56.30 1.46 -100.34
C ILE C 326 -56.91 0.40 -101.24
N SER C 327 -58.23 0.25 -101.23
CA SER C 327 -58.86 -0.69 -102.16
C SER C 327 -58.74 -0.23 -103.60
N LEU C 328 -58.53 1.07 -103.82
CA LEU C 328 -58.36 1.62 -105.15
C LEU C 328 -56.94 1.45 -105.68
N LEU C 329 -55.99 1.02 -104.84
CA LEU C 329 -54.60 0.94 -105.23
C LEU C 329 -54.42 0.03 -106.44
N GLU C 330 -53.65 0.51 -107.41
CA GLU C 330 -53.40 -0.23 -108.64
C GLU C 330 -52.52 -1.45 -108.37
N HIS C 331 -52.80 -2.52 -109.12
CA HIS C 331 -51.99 -3.74 -109.03
C HIS C 331 -51.95 -4.33 -110.44
N ARG C 332 -50.79 -4.82 -110.84
CA ARG C 332 -50.68 -5.58 -112.08
C ARG C 332 -50.06 -6.93 -111.78
N LEU C 333 -50.66 -7.99 -112.32
CA LEU C 333 -50.17 -9.35 -112.18
C LEU C 333 -49.91 -9.92 -113.57
N GLU C 334 -48.71 -10.45 -113.77
CA GLU C 334 -48.36 -11.10 -115.02
C GLU C 334 -47.95 -12.54 -114.70
N CYS C 335 -48.88 -13.47 -114.92
CA CYS C 335 -48.66 -14.88 -114.62
C CYS C 335 -47.89 -15.49 -115.78
N GLY C 336 -46.58 -15.29 -115.77
CA GLY C 336 -45.73 -15.79 -116.83
C GLY C 336 -45.69 -17.31 -116.87
N ALA C 337 -45.20 -17.83 -117.99
CA ALA C 337 -45.26 -19.26 -118.25
C ALA C 337 -44.48 -20.05 -117.21
N ASN C 338 -43.28 -19.60 -116.86
CA ASN C 338 -42.44 -20.33 -115.91
C ASN C 338 -42.55 -19.80 -114.50
N ASP C 339 -42.86 -18.51 -114.34
CA ASP C 339 -43.01 -17.90 -113.02
C ASP C 339 -43.96 -16.72 -113.12
N MET C 340 -44.42 -16.26 -111.96
CA MET C 340 -45.38 -15.19 -111.87
C MET C 340 -44.79 -14.00 -111.11
N LYS C 341 -45.35 -12.82 -111.34
CA LYS C 341 -44.92 -11.64 -110.62
C LYS C 341 -46.12 -10.74 -110.35
N VAL C 342 -45.99 -9.91 -109.32
CA VAL C 342 -46.98 -8.88 -109.00
C VAL C 342 -46.24 -7.56 -108.82
N SER C 343 -46.77 -6.49 -109.39
CA SER C 343 -46.10 -5.21 -109.36
C SER C 343 -47.08 -4.13 -108.93
N LEU C 344 -46.56 -3.12 -108.23
CA LEU C 344 -47.35 -2.00 -107.75
C LEU C 344 -46.63 -0.71 -108.07
N GLY C 345 -47.38 0.30 -108.50
CA GLY C 345 -46.80 1.59 -108.85
C GLY C 345 -46.15 2.28 -107.68
N LYS C 346 -44.85 2.59 -107.81
CA LYS C 346 -44.13 3.21 -106.71
C LYS C 346 -44.69 4.59 -106.40
N CYS C 347 -45.04 5.37 -107.42
CA CYS C 347 -45.61 6.69 -107.18
C CYS C 347 -46.93 6.58 -106.43
N GLN C 348 -47.74 5.58 -106.77
CA GLN C 348 -49.03 5.42 -106.11
C GLN C 348 -48.87 5.14 -104.63
N LEU C 349 -47.96 4.23 -104.28
CA LEU C 349 -47.74 3.92 -102.87
C LEU C 349 -47.06 5.07 -102.13
N LYS C 350 -46.16 5.79 -102.80
CA LYS C 350 -45.57 6.96 -102.17
C LYS C 350 -46.63 7.99 -101.85
N SER C 351 -47.57 8.21 -102.77
CA SER C 351 -48.73 9.06 -102.47
C SER C 351 -49.58 8.47 -101.36
N LEU C 352 -49.64 7.14 -101.26
CA LEU C 352 -50.44 6.50 -100.23
C LEU C 352 -49.87 6.73 -98.84
N GLY C 353 -48.65 7.24 -98.73
CA GLY C 353 -48.08 7.59 -97.44
C GLY C 353 -46.99 6.66 -96.97
N PHE C 354 -46.56 5.74 -97.83
CA PHE C 354 -45.49 4.79 -97.50
C PHE C 354 -44.20 5.29 -98.13
N ASP C 355 -43.31 5.84 -97.31
CA ASP C 355 -42.03 6.32 -97.81
C ASP C 355 -41.16 5.17 -98.35
N LYS C 356 -41.14 4.04 -97.66
CA LYS C 356 -40.50 2.83 -98.13
C LYS C 356 -41.42 1.65 -97.82
N VAL C 357 -41.52 0.71 -98.74
CA VAL C 357 -42.43 -0.41 -98.60
C VAL C 357 -41.64 -1.68 -98.35
N PHE C 358 -42.28 -2.61 -97.65
CA PHE C 358 -41.67 -3.88 -97.25
C PHE C 358 -42.52 -4.97 -97.87
N MET C 359 -42.03 -5.57 -98.96
CA MET C 359 -42.77 -6.58 -99.68
C MET C 359 -42.37 -7.96 -99.16
N TYR C 360 -43.36 -8.76 -98.80
CA TYR C 360 -43.10 -10.06 -98.18
C TYR C 360 -44.15 -11.06 -98.62
N LEU C 361 -43.68 -12.20 -99.12
CA LEU C 361 -44.55 -13.33 -99.42
C LEU C 361 -44.86 -14.07 -98.12
N SER C 362 -45.38 -15.30 -98.24
CA SER C 362 -45.45 -16.16 -97.08
C SER C 362 -44.06 -16.36 -96.47
N ASP C 363 -43.02 -16.22 -97.27
CA ASP C 363 -41.63 -16.25 -96.80
C ASP C 363 -41.05 -14.86 -96.89
N SER C 364 -40.41 -14.41 -95.80
CA SER C 364 -39.81 -13.08 -95.78
C SER C 364 -38.58 -12.98 -96.68
N ARG C 365 -37.95 -14.10 -97.02
CA ARG C 365 -36.83 -14.06 -97.94
C ARG C 365 -37.21 -13.53 -99.31
N CYS C 366 -38.49 -13.60 -99.67
CA CYS C 366 -38.97 -13.06 -100.93
C CYS C 366 -39.26 -11.56 -100.82
N SER C 367 -38.25 -10.79 -100.41
CA SER C 367 -38.43 -9.35 -100.33
C SER C 367 -38.52 -8.75 -101.72
N GLY C 368 -39.40 -7.78 -101.88
CA GLY C 368 -39.60 -7.16 -103.17
C GLY C 368 -38.46 -6.23 -103.53
N PHE C 369 -38.32 -5.97 -104.84
CA PHE C 369 -37.31 -5.04 -105.32
C PHE C 369 -37.94 -4.07 -106.30
N ASN C 370 -37.14 -3.23 -106.94
CA ASN C 370 -37.64 -2.22 -107.86
C ASN C 370 -37.24 -2.57 -109.29
N ASP C 371 -38.08 -2.13 -110.23
CA ASP C 371 -37.85 -2.35 -111.64
C ASP C 371 -38.66 -1.32 -112.41
N ARG C 372 -38.20 -0.98 -113.61
CA ARG C 372 -38.84 0.06 -114.41
C ARG C 372 -39.01 -0.45 -115.84
N ASP C 373 -40.24 -0.43 -116.32
CA ASP C 373 -40.54 -0.66 -117.73
C ASP C 373 -41.20 0.55 -118.38
N ASN C 374 -42.17 1.16 -117.70
CA ASN C 374 -42.72 2.44 -118.12
C ASN C 374 -42.77 3.47 -117.01
N ARG C 375 -42.53 3.07 -115.76
CA ARG C 375 -42.48 3.97 -114.63
C ARG C 375 -41.77 3.25 -113.48
N ASP C 376 -41.74 3.90 -112.31
CA ASP C 376 -41.15 3.28 -111.13
C ASP C 376 -42.09 2.22 -110.57
N TRP C 377 -41.61 0.99 -110.49
CA TRP C 377 -42.38 -0.13 -109.97
C TRP C 377 -41.59 -0.83 -108.87
N VAL C 378 -42.28 -1.24 -107.81
CA VAL C 378 -41.77 -2.21 -106.86
C VAL C 378 -42.50 -3.52 -107.14
N SER C 379 -41.76 -4.62 -107.16
CA SER C 379 -42.31 -5.86 -107.68
C SER C 379 -41.81 -7.04 -106.87
N VAL C 380 -42.55 -8.14 -106.99
CA VAL C 380 -42.19 -9.41 -106.37
C VAL C 380 -42.33 -10.50 -107.43
N VAL C 381 -41.40 -11.45 -107.42
CA VAL C 381 -41.38 -12.54 -108.39
C VAL C 381 -41.34 -13.85 -107.63
N THR C 382 -42.22 -14.78 -108.01
CA THR C 382 -42.29 -16.08 -107.37
C THR C 382 -42.41 -17.15 -108.44
N PRO C 383 -41.62 -18.21 -108.38
CA PRO C 383 -41.75 -19.29 -109.36
C PRO C 383 -43.12 -19.93 -109.29
N ALA C 384 -43.60 -20.37 -110.45
CA ALA C 384 -44.91 -21.01 -110.55
C ALA C 384 -44.78 -22.49 -110.23
N ARG C 385 -44.63 -22.77 -108.94
CA ARG C 385 -44.54 -24.13 -108.44
C ARG C 385 -45.14 -24.19 -107.04
N ASP C 386 -45.10 -25.37 -106.44
CA ASP C 386 -45.70 -25.60 -105.13
C ASP C 386 -44.63 -25.48 -104.06
N GLY C 387 -44.61 -24.35 -103.35
CA GLY C 387 -43.75 -24.19 -102.20
C GLY C 387 -42.46 -23.39 -102.31
N PRO C 388 -42.02 -22.95 -103.50
CA PRO C 388 -40.71 -22.26 -103.56
C PRO C 388 -40.65 -21.04 -102.66
N CYS C 389 -41.76 -20.32 -102.52
CA CYS C 389 -41.87 -19.24 -101.56
C CYS C 389 -43.18 -19.38 -100.79
N GLY C 390 -43.51 -20.62 -100.44
CA GLY C 390 -44.78 -20.90 -99.80
C GLY C 390 -45.98 -20.84 -100.72
N THR C 391 -45.78 -21.05 -102.02
CA THR C 391 -46.90 -20.98 -102.96
C THR C 391 -47.74 -22.25 -102.85
N VAL C 392 -49.04 -22.07 -102.73
CA VAL C 392 -49.96 -23.20 -102.59
C VAL C 392 -50.50 -23.59 -103.96
N LEU C 393 -50.38 -24.87 -104.29
CA LEU C 393 -50.94 -25.43 -105.50
C LEU C 393 -52.21 -26.18 -105.15
N THR C 394 -53.33 -25.72 -105.71
CA THR C 394 -54.63 -26.38 -105.53
C THR C 394 -55.21 -26.60 -106.92
N ARG C 395 -55.02 -27.80 -107.44
CA ARG C 395 -55.49 -28.16 -108.78
C ARG C 395 -56.82 -28.90 -108.66
N ASN C 396 -57.80 -28.44 -109.43
CA ASN C 396 -59.05 -29.16 -109.59
C ASN C 396 -59.04 -29.85 -110.95
N GLU C 397 -60.17 -30.45 -111.32
CA GLU C 397 -60.24 -31.23 -112.55
C GLU C 397 -59.92 -30.39 -113.78
N THR C 398 -60.33 -29.14 -113.81
CA THR C 398 -60.14 -28.29 -114.99
C THR C 398 -58.85 -27.50 -114.98
N HIS C 399 -58.57 -26.78 -113.90
CA HIS C 399 -57.42 -25.90 -113.82
C HIS C 399 -56.47 -26.32 -112.71
N ALA C 400 -55.37 -25.58 -112.62
CA ALA C 400 -54.41 -25.68 -111.52
C ALA C 400 -53.90 -24.28 -111.23
N THR C 401 -54.10 -23.82 -109.99
CA THR C 401 -53.79 -22.46 -109.62
C THR C 401 -52.66 -22.41 -108.61
N TYR C 402 -51.95 -21.29 -108.59
CA TYR C 402 -50.84 -21.04 -107.67
C TYR C 402 -51.22 -19.84 -106.81
N SER C 403 -51.32 -20.05 -105.51
CA SER C 403 -51.87 -19.06 -104.59
C SER C 403 -50.82 -18.70 -103.55
N ASN C 404 -50.64 -17.40 -103.32
CA ASN C 404 -49.77 -16.91 -102.27
C ASN C 404 -50.28 -15.55 -101.83
N THR C 405 -49.89 -15.13 -100.64
CA THR C 405 -50.32 -13.85 -100.10
C THR C 405 -49.14 -12.91 -99.95
N LEU C 406 -49.38 -11.64 -100.27
CA LEU C 406 -48.36 -10.60 -100.20
C LEU C 406 -48.64 -9.71 -99.00
N TYR C 407 -47.56 -9.20 -98.40
CA TYR C 407 -47.63 -8.39 -97.20
C TYR C 407 -47.02 -7.03 -97.48
N LEU C 408 -47.78 -5.97 -97.20
CA LEU C 408 -47.38 -4.61 -97.47
C LEU C 408 -47.31 -3.82 -96.17
N ALA C 409 -46.24 -3.05 -96.02
CA ALA C 409 -46.06 -2.21 -94.84
C ALA C 409 -45.02 -1.15 -95.15
N ASP C 410 -45.09 -0.04 -94.42
CA ASP C 410 -44.07 1.00 -94.53
C ASP C 410 -43.00 0.88 -93.47
N GLU C 411 -43.06 -0.14 -92.62
CA GLU C 411 -42.12 -0.29 -91.52
C GLU C 411 -41.90 -1.78 -91.26
N ILE C 412 -40.85 -2.08 -90.50
CA ILE C 412 -40.58 -3.47 -90.13
C ILE C 412 -41.73 -4.03 -89.31
N ILE C 413 -42.31 -3.21 -88.45
CA ILE C 413 -43.40 -3.63 -87.58
C ILE C 413 -44.68 -2.92 -88.01
N ILE C 414 -45.80 -3.60 -87.85
CA ILE C 414 -47.11 -3.04 -88.18
C ILE C 414 -47.84 -2.71 -86.88
N ARG C 415 -48.51 -1.56 -86.86
CA ARG C 415 -49.29 -1.16 -85.70
C ARG C 415 -50.75 -0.85 -86.02
N ASP C 416 -51.10 -0.63 -87.29
CA ASP C 416 -52.49 -0.42 -87.67
C ASP C 416 -52.64 -0.66 -89.16
N LEU C 417 -53.82 -1.16 -89.55
CA LEU C 417 -54.16 -1.39 -90.94
C LEU C 417 -53.16 -2.34 -91.62
N ASN C 418 -53.13 -3.58 -91.12
CA ASN C 418 -52.28 -4.59 -91.72
C ASN C 418 -52.83 -4.96 -93.10
N ILE C 419 -51.94 -5.28 -94.03
CA ILE C 419 -52.28 -5.40 -95.44
C ILE C 419 -52.05 -6.83 -95.89
N LYS C 420 -53.06 -7.41 -96.53
CA LYS C 420 -52.96 -8.72 -97.17
C LYS C 420 -53.32 -8.56 -98.64
N ILE C 421 -52.48 -9.12 -99.51
CA ILE C 421 -52.75 -9.13 -100.95
C ILE C 421 -52.93 -10.60 -101.32
N ASN C 422 -54.19 -11.03 -101.42
CA ASN C 422 -54.51 -12.42 -101.70
C ASN C 422 -54.58 -12.59 -103.21
N PHE C 423 -53.53 -13.17 -103.78
CA PHE C 423 -53.38 -13.28 -105.23
C PHE C 423 -53.23 -14.74 -105.64
N ALA C 424 -53.68 -15.05 -106.86
CA ALA C 424 -53.55 -16.38 -107.43
C ALA C 424 -53.82 -16.35 -108.92
N CYS C 425 -53.03 -17.10 -109.69
CA CYS C 425 -53.27 -17.26 -111.12
C CYS C 425 -53.25 -18.75 -111.45
N SER C 426 -54.08 -19.14 -112.42
CA SER C 426 -54.29 -20.54 -112.76
C SER C 426 -53.96 -20.79 -114.22
N TYR C 427 -53.78 -22.06 -114.56
CA TYR C 427 -53.50 -22.70 -115.84
C TYR C 427 -54.52 -23.79 -116.11
N PRO C 428 -54.84 -24.08 -117.38
CA PRO C 428 -55.85 -25.11 -117.67
C PRO C 428 -55.37 -26.52 -117.34
N PRO D 173 -25.47 -69.12 -36.96
CA PRO D 173 -25.21 -68.17 -35.88
C PRO D 173 -26.26 -67.09 -35.77
N CYS D 174 -25.92 -65.88 -36.22
CA CYS D 174 -26.80 -64.73 -36.05
C CYS D 174 -28.13 -64.89 -36.78
N GLN D 175 -28.22 -65.82 -37.74
CA GLN D 175 -29.46 -66.10 -38.43
C GLN D 175 -30.26 -67.23 -37.80
N ALA D 176 -29.60 -68.16 -37.12
CA ALA D 176 -30.25 -69.32 -36.52
C ALA D 176 -30.26 -69.13 -35.00
N HIS D 177 -31.41 -68.75 -34.47
CA HIS D 177 -31.54 -68.50 -33.04
C HIS D 177 -33.01 -68.50 -32.67
N ARG D 178 -33.27 -68.66 -31.38
CA ARG D 178 -34.62 -68.56 -30.82
C ARG D 178 -34.69 -67.34 -29.94
N THR D 179 -35.58 -66.41 -30.27
CA THR D 179 -35.74 -65.25 -29.42
C THR D 179 -36.38 -65.65 -28.10
N LEU D 180 -36.08 -64.87 -27.07
CA LEU D 180 -36.62 -65.09 -25.72
C LEU D 180 -37.16 -63.75 -25.24
N ASP D 181 -38.48 -63.64 -25.15
CA ASP D 181 -39.12 -62.42 -24.70
C ASP D 181 -39.79 -62.74 -23.36
N GLU D 182 -39.01 -62.65 -22.29
CA GLU D 182 -39.50 -62.88 -20.94
C GLU D 182 -39.16 -61.67 -20.09
N TYR D 183 -40.16 -60.84 -19.81
CA TYR D 183 -39.97 -59.64 -19.02
C TYR D 183 -39.56 -59.93 -17.58
N TRP D 184 -39.71 -61.16 -17.11
CA TRP D 184 -39.40 -61.50 -15.74
C TRP D 184 -37.93 -61.86 -15.53
N ARG D 185 -37.16 -62.03 -16.60
CA ARG D 185 -35.76 -62.36 -16.46
C ARG D 185 -34.90 -61.15 -16.09
N SER D 186 -35.51 -59.99 -15.87
CA SER D 186 -34.77 -58.78 -15.57
C SER D 186 -34.05 -58.90 -14.24
N THR D 187 -32.96 -58.14 -14.12
CA THR D 187 -32.26 -58.05 -12.85
C THR D 187 -33.10 -57.44 -11.76
N GLU D 188 -34.13 -56.70 -12.17
CA GLU D 188 -35.07 -56.06 -11.25
C GLU D 188 -36.05 -57.05 -10.63
N TYR D 189 -36.37 -58.14 -11.30
CA TYR D 189 -37.43 -59.03 -10.86
C TYR D 189 -37.14 -59.58 -9.46
N GLY D 190 -38.19 -59.63 -8.64
CA GLY D 190 -38.02 -59.86 -7.22
C GLY D 190 -37.47 -61.21 -6.83
N GLU D 191 -38.27 -62.27 -6.99
CA GLU D 191 -37.83 -63.58 -6.57
C GLU D 191 -38.79 -64.66 -7.05
N GLY D 192 -38.20 -65.78 -7.47
CA GLY D 192 -38.93 -66.94 -7.91
C GLY D 192 -38.03 -68.16 -7.84
N TYR D 193 -38.30 -69.17 -8.66
CA TYR D 193 -37.56 -70.41 -8.56
C TYR D 193 -37.30 -71.10 -9.89
N ALA D 194 -37.63 -70.47 -11.01
CA ALA D 194 -37.49 -71.11 -12.31
C ALA D 194 -36.03 -71.46 -12.56
N CYS D 195 -35.80 -72.64 -13.14
CA CYS D 195 -34.45 -73.10 -13.41
C CYS D 195 -34.36 -73.63 -14.83
N ASP D 196 -33.35 -73.16 -15.56
CA ASP D 196 -33.24 -73.38 -17.00
C ASP D 196 -32.47 -74.68 -17.25
N THR D 197 -33.14 -75.80 -16.99
CA THR D 197 -32.61 -77.11 -17.34
C THR D 197 -32.79 -77.44 -18.82
N ASP D 198 -33.66 -76.71 -19.52
CA ASP D 198 -34.08 -77.09 -20.86
C ASP D 198 -33.68 -76.10 -21.94
N LEU D 199 -32.92 -75.05 -21.61
CA LEU D 199 -32.54 -74.06 -22.61
C LEU D 199 -31.34 -74.59 -23.40
N ARG D 200 -31.57 -74.96 -24.66
CA ARG D 200 -30.54 -75.59 -25.48
C ARG D 200 -30.31 -74.73 -26.72
N GLY D 201 -29.14 -74.09 -26.79
CA GLY D 201 -28.71 -73.49 -28.04
C GLY D 201 -28.44 -72.00 -28.02
N TRP D 202 -28.47 -71.39 -29.20
CA TRP D 202 -28.30 -69.95 -29.38
C TRP D 202 -29.65 -69.27 -29.19
N TYR D 203 -29.66 -68.16 -28.45
CA TYR D 203 -30.89 -67.45 -28.17
C TYR D 203 -30.68 -65.95 -28.27
N ARG D 204 -31.76 -65.24 -28.59
CA ARG D 204 -31.75 -63.80 -28.81
C ARG D 204 -32.57 -63.14 -27.70
N PHE D 205 -31.94 -62.25 -26.95
CA PHE D 205 -32.62 -61.61 -25.84
C PHE D 205 -33.36 -60.37 -26.30
N VAL D 206 -34.70 -60.41 -26.21
CA VAL D 206 -35.55 -59.34 -26.71
C VAL D 206 -36.66 -59.11 -25.70
N GLY D 207 -36.99 -57.84 -25.47
CA GLY D 207 -38.13 -57.48 -24.65
C GLY D 207 -37.79 -56.37 -23.70
N GLN D 208 -38.70 -56.12 -22.76
CA GLN D 208 -38.50 -55.09 -21.75
C GLN D 208 -37.26 -55.35 -20.90
N GLY D 209 -36.89 -56.62 -20.70
CA GLY D 209 -35.72 -56.92 -19.90
C GLY D 209 -34.45 -56.33 -20.49
N GLY D 210 -34.39 -56.21 -21.81
CA GLY D 210 -33.24 -55.65 -22.49
C GLY D 210 -32.75 -56.55 -23.60
N ALA D 211 -31.55 -56.23 -24.07
CA ALA D 211 -30.91 -56.98 -25.14
C ALA D 211 -29.70 -57.77 -24.69
N ARG D 212 -29.09 -57.39 -23.57
CA ARG D 212 -27.93 -58.08 -23.05
C ARG D 212 -28.20 -58.54 -21.63
N MET D 213 -27.54 -59.63 -21.25
CA MET D 213 -27.72 -60.17 -19.91
C MET D 213 -26.66 -59.60 -18.97
N ALA D 214 -26.59 -60.15 -17.76
CA ALA D 214 -25.84 -59.54 -16.69
C ALA D 214 -24.34 -59.52 -16.94
N GLU D 215 -23.66 -58.51 -16.39
CA GLU D 215 -22.22 -58.37 -16.54
C GLU D 215 -21.47 -58.46 -15.22
N THR D 216 -22.09 -58.04 -14.11
CA THR D 216 -21.52 -58.18 -12.78
C THR D 216 -22.42 -59.12 -11.99
N CYS D 217 -21.90 -59.64 -10.88
CA CYS D 217 -22.70 -60.54 -10.07
C CYS D 217 -23.82 -59.75 -9.41
N VAL D 218 -25.02 -59.88 -9.96
CA VAL D 218 -26.20 -59.26 -9.34
C VAL D 218 -26.41 -59.88 -7.97
N PRO D 219 -26.86 -59.12 -6.97
CA PRO D 219 -27.09 -59.72 -5.64
C PRO D 219 -28.02 -60.93 -5.72
N VAL D 220 -27.99 -61.71 -4.64
CA VAL D 220 -28.66 -63.00 -4.63
C VAL D 220 -30.17 -62.80 -4.67
N LEU D 221 -30.89 -63.90 -4.90
CA LEU D 221 -32.34 -63.96 -4.86
C LEU D 221 -33.00 -62.94 -5.78
N ARG D 222 -32.48 -62.77 -6.99
CA ARG D 222 -33.08 -61.90 -7.98
C ARG D 222 -33.49 -62.72 -9.21
N CYS D 223 -34.11 -62.02 -10.17
CA CYS D 223 -34.39 -62.59 -11.49
C CYS D 223 -35.25 -63.84 -11.40
N ASN D 224 -36.20 -63.84 -10.46
CA ASN D 224 -37.13 -64.95 -10.28
C ASN D 224 -36.40 -66.27 -10.04
N THR D 225 -35.27 -66.19 -9.35
CA THR D 225 -34.48 -67.38 -9.06
C THR D 225 -33.67 -67.13 -7.80
N ALA D 226 -33.54 -68.19 -6.99
CA ALA D 226 -32.78 -68.09 -5.75
C ALA D 226 -31.32 -67.78 -6.01
N ALA D 227 -30.71 -68.47 -6.98
CA ALA D 227 -29.28 -68.32 -7.28
C ALA D 227 -29.12 -67.96 -8.75
N PRO D 228 -29.09 -66.68 -9.07
CA PRO D 228 -28.86 -66.27 -10.46
C PRO D 228 -27.39 -66.38 -10.84
N MET D 229 -27.14 -66.45 -12.14
CA MET D 229 -25.79 -66.36 -12.68
C MET D 229 -25.61 -65.06 -13.45
N TRP D 230 -24.45 -64.95 -14.08
CA TRP D 230 -24.01 -63.76 -14.77
C TRP D 230 -22.73 -64.06 -15.52
N LEU D 231 -22.56 -63.42 -16.67
CA LEU D 231 -21.29 -63.47 -17.38
C LEU D 231 -20.29 -62.54 -16.74
N ASN D 232 -19.18 -63.12 -16.29
CA ASN D 232 -18.01 -62.35 -15.90
C ASN D 232 -17.28 -61.92 -17.16
N GLY D 233 -16.48 -60.87 -17.04
CA GLY D 233 -15.86 -60.28 -18.21
C GLY D 233 -16.81 -59.33 -18.93
N THR D 234 -16.45 -59.00 -20.16
CA THR D 234 -17.17 -58.01 -20.94
C THR D 234 -17.74 -58.63 -22.21
N HIS D 235 -18.74 -57.97 -22.77
CA HIS D 235 -19.22 -58.35 -24.09
C HIS D 235 -18.12 -58.10 -25.12
N PRO D 236 -17.85 -59.07 -25.98
CA PRO D 236 -16.95 -58.82 -27.12
C PRO D 236 -17.53 -57.76 -28.05
N SER D 237 -16.65 -56.99 -28.66
CA SER D 237 -17.04 -55.92 -29.55
C SER D 237 -17.63 -56.51 -30.84
N SER D 238 -18.03 -55.64 -31.77
CA SER D 238 -18.44 -56.12 -33.08
C SER D 238 -17.26 -56.76 -33.80
N ASP D 239 -17.57 -57.74 -34.63
CA ASP D 239 -16.58 -58.44 -35.46
C ASP D 239 -15.44 -58.98 -34.58
N GLU D 240 -15.82 -59.88 -33.69
CA GLU D 240 -14.85 -60.56 -32.83
C GLU D 240 -14.96 -62.07 -33.02
N GLY D 241 -16.11 -62.53 -33.49
CA GLY D 241 -16.29 -63.94 -33.75
C GLY D 241 -16.86 -64.67 -32.54
N ILE D 242 -16.55 -65.96 -32.48
CA ILE D 242 -17.00 -66.81 -31.38
C ILE D 242 -16.08 -66.60 -30.18
N VAL D 243 -16.66 -66.30 -29.03
CA VAL D 243 -15.92 -66.00 -27.82
C VAL D 243 -16.34 -66.97 -26.73
N SER D 244 -15.36 -67.51 -26.02
CA SER D 244 -15.59 -68.45 -24.93
C SER D 244 -15.57 -67.70 -23.61
N ARG D 245 -16.61 -67.89 -22.82
CA ARG D 245 -16.72 -67.26 -21.50
C ARG D 245 -17.27 -68.28 -20.51
N LYS D 246 -17.11 -67.98 -19.23
CA LYS D 246 -17.58 -68.85 -18.16
C LYS D 246 -18.54 -68.06 -17.29
N ALA D 247 -19.83 -68.31 -17.46
CA ALA D 247 -20.87 -67.59 -16.72
C ALA D 247 -20.79 -67.95 -15.25
N CYS D 248 -20.32 -67.01 -14.43
CA CYS D 248 -20.26 -67.19 -13.00
C CYS D 248 -21.66 -67.14 -12.40
N ALA D 249 -21.82 -67.74 -11.22
CA ALA D 249 -23.12 -67.85 -10.57
C ALA D 249 -23.01 -67.44 -9.11
N HIS D 250 -23.56 -66.28 -8.77
CA HIS D 250 -23.54 -65.77 -7.41
C HIS D 250 -24.52 -66.54 -6.54
N TRP D 251 -24.04 -67.04 -5.40
CA TRP D 251 -24.88 -67.72 -4.43
C TRP D 251 -24.18 -67.74 -3.08
N SER D 252 -24.98 -67.77 -2.02
CA SER D 252 -24.55 -68.02 -0.64
C SER D 252 -23.56 -66.98 -0.14
N GLY D 253 -23.60 -65.76 -0.67
CA GLY D 253 -22.66 -64.73 -0.28
C GLY D 253 -21.34 -64.78 -1.02
N HIS D 254 -21.14 -65.79 -1.87
CA HIS D 254 -19.94 -65.90 -2.70
C HIS D 254 -20.37 -65.78 -4.16
N CYS D 255 -20.11 -64.61 -4.75
CA CYS D 255 -20.33 -64.45 -6.17
C CYS D 255 -19.47 -65.43 -6.95
N CYS D 256 -20.01 -65.95 -8.05
CA CYS D 256 -19.31 -66.92 -8.89
C CYS D 256 -18.93 -68.16 -8.09
N LEU D 257 -19.93 -68.73 -7.42
CA LEU D 257 -19.74 -69.94 -6.63
C LEU D 257 -19.78 -71.20 -7.48
N TRP D 258 -20.60 -71.22 -8.52
CA TRP D 258 -20.60 -72.27 -9.52
C TRP D 258 -20.29 -71.68 -10.89
N ASP D 259 -19.88 -72.55 -11.82
CA ASP D 259 -19.37 -72.12 -13.11
C ASP D 259 -19.99 -72.94 -14.23
N ALA D 260 -20.33 -72.25 -15.32
CA ALA D 260 -20.92 -72.88 -16.50
C ALA D 260 -20.32 -72.29 -17.76
N SER D 261 -20.19 -73.11 -18.79
CA SER D 261 -19.55 -72.73 -20.05
C SER D 261 -20.56 -72.05 -20.95
N VAL D 262 -20.13 -71.01 -21.65
CA VAL D 262 -20.99 -70.26 -22.56
C VAL D 262 -20.14 -69.71 -23.71
N GLN D 263 -20.79 -69.52 -24.85
CA GLN D 263 -20.14 -69.02 -26.06
C GLN D 263 -20.98 -67.86 -26.61
N VAL D 264 -20.41 -66.66 -26.61
CA VAL D 264 -21.11 -65.47 -27.06
C VAL D 264 -20.54 -65.02 -28.40
N LYS D 265 -21.42 -64.60 -29.30
CA LYS D 265 -21.04 -64.00 -30.58
C LYS D 265 -21.81 -62.72 -30.78
N ALA D 266 -21.10 -61.66 -31.15
CA ALA D 266 -21.78 -60.44 -31.55
C ALA D 266 -22.48 -60.66 -32.89
N CYS D 267 -23.43 -59.78 -33.20
CA CYS D 267 -24.27 -59.93 -34.37
C CYS D 267 -24.37 -58.61 -35.12
N ALA D 268 -24.71 -58.71 -36.41
CA ALA D 268 -24.93 -57.53 -37.23
C ALA D 268 -26.14 -56.78 -36.68
N GLY D 269 -25.89 -55.66 -36.04
CA GLY D 269 -26.91 -54.91 -35.33
C GLY D 269 -26.73 -55.05 -33.83
N GLY D 270 -27.55 -54.29 -33.10
CA GLY D 270 -27.44 -54.23 -31.66
C GLY D 270 -28.09 -55.40 -30.95
N TYR D 271 -27.54 -56.60 -31.12
CA TYR D 271 -28.03 -57.78 -30.42
C TYR D 271 -26.95 -58.84 -30.42
N TYR D 272 -27.02 -59.73 -29.44
CA TYR D 272 -26.03 -60.77 -29.22
C TYR D 272 -26.68 -62.13 -29.16
N VAL D 273 -25.85 -63.17 -29.26
CA VAL D 273 -26.28 -64.55 -29.15
C VAL D 273 -25.33 -65.30 -28.22
N TYR D 274 -25.85 -66.33 -27.57
CA TYR D 274 -25.14 -67.00 -26.49
C TYR D 274 -25.27 -68.51 -26.66
N ASN D 275 -24.49 -69.26 -25.88
CA ASN D 275 -24.65 -70.72 -25.84
C ASN D 275 -25.14 -71.10 -24.46
N LEU D 276 -26.46 -71.27 -24.36
CA LEU D 276 -27.13 -71.47 -23.08
C LEU D 276 -26.93 -72.91 -22.64
N THR D 277 -25.98 -73.14 -21.75
CA THR D 277 -25.77 -74.47 -21.20
C THR D 277 -26.70 -74.69 -20.01
N ALA D 278 -26.87 -75.95 -19.65
CA ALA D 278 -27.62 -76.27 -18.44
C ALA D 278 -26.74 -76.03 -17.22
N PRO D 279 -27.20 -75.25 -16.24
CA PRO D 279 -26.43 -75.09 -15.02
C PRO D 279 -26.20 -76.44 -14.36
N PRO D 280 -25.08 -76.63 -13.66
CA PRO D 280 -24.79 -77.96 -13.10
C PRO D 280 -25.90 -78.45 -12.20
N GLU D 281 -26.54 -77.55 -11.48
CA GLU D 281 -27.78 -77.80 -10.76
C GLU D 281 -28.68 -76.60 -10.99
N CYS D 282 -29.99 -76.81 -10.89
CA CYS D 282 -30.83 -75.65 -11.09
C CYS D 282 -31.21 -75.05 -9.73
N HIS D 283 -32.33 -74.30 -9.74
CA HIS D 283 -32.52 -73.03 -9.03
C HIS D 283 -31.36 -72.10 -9.32
N LEU D 284 -30.81 -72.25 -10.52
CA LEU D 284 -29.88 -71.34 -11.14
C LEU D 284 -30.47 -70.87 -12.47
N ALA D 285 -30.48 -69.56 -12.69
CA ALA D 285 -31.03 -69.02 -13.91
C ALA D 285 -30.29 -67.74 -14.28
N TYR D 286 -30.54 -67.26 -15.49
CA TYR D 286 -29.86 -66.10 -16.02
C TYR D 286 -30.68 -64.83 -15.78
N CYS D 287 -29.98 -63.71 -15.69
CA CYS D 287 -30.58 -62.40 -15.53
C CYS D 287 -30.43 -61.61 -16.83
N THR D 288 -31.09 -60.46 -16.87
CA THR D 288 -30.96 -59.53 -17.97
C THR D 288 -31.05 -58.10 -17.43
N ASP D 289 -29.98 -57.35 -17.57
CA ASP D 289 -30.02 -55.94 -17.22
C ASP D 289 -30.67 -55.16 -18.35
N PRO D 290 -31.11 -53.92 -18.09
CA PRO D 290 -31.69 -53.10 -19.17
C PRO D 290 -30.72 -52.89 -20.32
N SER D 291 -29.43 -53.08 -20.06
CA SER D 291 -28.35 -53.04 -21.07
C SER D 291 -28.37 -51.67 -21.72
N SER D 292 -28.18 -51.56 -23.03
CA SER D 292 -28.09 -50.27 -23.70
C SER D 292 -29.07 -50.19 -24.86
N VAL D 293 -30.35 -50.50 -24.60
CA VAL D 293 -31.37 -50.35 -25.64
C VAL D 293 -31.39 -48.92 -26.17
N GLU D 294 -31.04 -47.94 -25.32
CA GLU D 294 -30.87 -46.58 -25.82
C GLU D 294 -29.69 -46.48 -26.78
N GLY D 295 -28.58 -47.14 -26.45
CA GLY D 295 -27.47 -47.24 -27.39
C GLY D 295 -27.91 -47.96 -28.64
N THR D 296 -28.07 -47.23 -29.73
CA THR D 296 -28.75 -47.72 -30.91
C THR D 296 -27.81 -47.64 -32.12
N CYS D 297 -28.37 -47.93 -33.30
CA CYS D 297 -27.58 -48.11 -34.50
C CYS D 297 -27.98 -47.21 -35.67
N GLU D 298 -29.24 -46.80 -35.76
CA GLU D 298 -29.68 -46.00 -36.90
C GLU D 298 -29.00 -44.64 -36.93
N GLU D 299 -28.53 -44.15 -35.79
CA GLU D 299 -27.87 -42.84 -35.76
C GLU D 299 -26.58 -42.83 -36.57
N CYS D 300 -26.02 -44.00 -36.90
CA CYS D 300 -24.97 -44.06 -37.91
C CYS D 300 -25.54 -43.68 -39.28
N SER D 301 -24.81 -42.84 -40.00
CA SER D 301 -25.20 -42.49 -41.36
C SER D 301 -24.84 -43.65 -42.29
N ILE D 302 -25.29 -43.55 -43.54
CA ILE D 302 -25.23 -44.67 -44.47
C ILE D 302 -23.82 -45.18 -44.74
N ASP D 303 -22.81 -44.32 -44.66
CA ASP D 303 -21.43 -44.75 -44.87
C ASP D 303 -20.74 -45.14 -43.58
N GLU D 304 -21.46 -45.13 -42.45
CA GLU D 304 -20.86 -45.35 -41.15
C GLU D 304 -21.26 -46.74 -40.65
N ASP D 305 -20.34 -47.68 -40.78
CA ASP D 305 -20.56 -49.03 -40.28
C ASP D 305 -20.86 -49.02 -38.79
N CYS D 306 -21.80 -49.87 -38.39
CA CYS D 306 -22.36 -49.84 -37.05
C CYS D 306 -21.52 -50.74 -36.13
N LYS D 307 -20.26 -50.33 -35.99
CA LYS D 307 -19.28 -51.12 -35.26
C LYS D 307 -19.52 -51.02 -33.75
N SER D 308 -18.80 -51.85 -33.01
CA SER D 308 -18.81 -51.82 -31.56
C SER D 308 -17.39 -51.94 -31.03
N ASN D 309 -17.14 -51.31 -29.88
CA ASN D 309 -15.86 -51.41 -29.18
C ASN D 309 -16.11 -51.79 -27.73
N ASN D 310 -15.76 -53.02 -27.37
CA ASN D 310 -16.01 -53.56 -26.03
C ASN D 310 -17.49 -53.45 -25.66
N GLY D 311 -18.35 -53.70 -26.65
CA GLY D 311 -19.79 -53.68 -26.43
C GLY D 311 -20.48 -52.36 -26.70
N ARG D 312 -19.74 -51.30 -26.99
CA ARG D 312 -20.32 -49.98 -27.20
C ARG D 312 -20.36 -49.67 -28.69
N TRP D 313 -21.57 -49.39 -29.20
CA TRP D 313 -21.78 -49.20 -30.63
C TRP D 313 -21.33 -47.81 -31.03
N HIS D 314 -20.61 -47.72 -32.15
CA HIS D 314 -20.11 -46.46 -32.69
C HIS D 314 -20.18 -46.50 -34.21
N CYS D 315 -19.98 -45.34 -34.83
CA CYS D 315 -20.15 -45.20 -36.28
C CYS D 315 -18.79 -44.91 -36.91
N GLN D 316 -18.12 -45.99 -37.31
CA GLN D 316 -16.87 -45.84 -38.05
C GLN D 316 -17.15 -45.97 -39.53
N CYS D 317 -16.55 -45.09 -40.33
CA CYS D 317 -16.85 -45.01 -41.76
C CYS D 317 -16.09 -46.10 -42.50
N LYS D 318 -16.07 -46.01 -43.83
CA LYS D 318 -15.37 -46.99 -44.65
C LYS D 318 -13.89 -47.00 -44.34
N GLN D 319 -13.33 -48.21 -44.17
CA GLN D 319 -11.89 -48.36 -44.14
C GLN D 319 -11.27 -47.98 -45.48
N ASP D 320 -12.02 -48.16 -46.57
CA ASP D 320 -11.60 -47.64 -47.87
C ASP D 320 -11.38 -46.14 -47.80
N PHE D 321 -12.17 -45.44 -47.00
CA PHE D 321 -11.97 -44.01 -46.78
C PHE D 321 -10.76 -43.82 -45.87
N ASN D 322 -9.56 -43.98 -46.43
CA ASN D 322 -8.32 -43.91 -45.64
C ASN D 322 -7.27 -43.28 -46.54
N ILE D 323 -7.08 -41.98 -46.39
CA ILE D 323 -6.25 -41.18 -47.29
C ILE D 323 -5.23 -40.40 -46.46
N THR D 324 -3.98 -40.42 -46.90
CA THR D 324 -2.88 -39.92 -46.07
C THR D 324 -2.69 -38.41 -46.23
N ASP D 325 -2.48 -37.95 -47.47
CA ASP D 325 -2.13 -36.56 -47.71
C ASP D 325 -3.30 -35.64 -47.39
N ILE D 326 -3.03 -34.33 -47.40
CA ILE D 326 -4.07 -33.33 -47.23
C ILE D 326 -4.43 -32.65 -48.54
N SER D 327 -3.63 -32.81 -49.60
CA SER D 327 -3.94 -32.20 -50.87
C SER D 327 -5.06 -32.94 -51.61
N LEU D 328 -5.18 -34.25 -51.40
CA LEU D 328 -6.20 -35.04 -52.08
C LEU D 328 -7.59 -34.80 -51.52
N LEU D 329 -7.70 -34.26 -50.30
CA LEU D 329 -8.96 -34.06 -49.62
C LEU D 329 -10.02 -33.49 -50.55
N GLU D 330 -11.12 -34.21 -50.70
CA GLU D 330 -12.21 -33.78 -51.55
C GLU D 330 -12.86 -32.53 -50.99
N HIS D 331 -13.15 -31.59 -51.88
CA HIS D 331 -13.82 -30.35 -51.50
C HIS D 331 -14.90 -30.09 -52.54
N ARG D 332 -16.13 -29.88 -52.09
CA ARG D 332 -17.19 -29.45 -52.97
C ARG D 332 -17.60 -28.04 -52.58
N LEU D 333 -17.63 -27.15 -53.58
CA LEU D 333 -18.01 -25.76 -53.36
C LEU D 333 -19.22 -25.47 -54.23
N GLU D 334 -20.22 -24.83 -53.64
CA GLU D 334 -21.45 -24.49 -54.34
C GLU D 334 -21.57 -22.98 -54.37
N CYS D 335 -21.36 -22.39 -55.53
CA CYS D 335 -21.41 -20.93 -55.70
C CYS D 335 -22.88 -20.55 -55.83
N GLY D 336 -23.59 -20.59 -54.71
CA GLY D 336 -25.01 -20.33 -54.69
C GLY D 336 -25.34 -18.89 -55.04
N ALA D 337 -26.57 -18.70 -55.52
CA ALA D 337 -26.97 -17.42 -56.06
C ALA D 337 -26.86 -16.31 -55.03
N ASN D 338 -27.43 -16.52 -53.84
CA ASN D 338 -27.45 -15.45 -52.85
C ASN D 338 -26.34 -15.58 -51.82
N ASP D 339 -25.61 -16.70 -51.82
CA ASP D 339 -24.59 -16.93 -50.82
C ASP D 339 -23.62 -17.99 -51.30
N MET D 340 -22.50 -18.11 -50.59
CA MET D 340 -21.52 -19.14 -50.82
C MET D 340 -21.54 -20.17 -49.70
N LYS D 341 -21.39 -21.45 -50.07
CA LYS D 341 -21.24 -22.51 -49.11
C LYS D 341 -20.24 -23.53 -49.63
N VAL D 342 -19.36 -23.98 -48.75
CA VAL D 342 -18.32 -24.94 -49.09
C VAL D 342 -18.42 -26.10 -48.10
N SER D 343 -18.30 -27.32 -48.61
CA SER D 343 -18.49 -28.51 -47.80
C SER D 343 -17.26 -29.39 -47.87
N LEU D 344 -17.02 -30.13 -46.78
CA LEU D 344 -15.93 -31.09 -46.70
C LEU D 344 -16.47 -32.38 -46.11
N GLY D 345 -16.03 -33.51 -46.66
CA GLY D 345 -16.49 -34.80 -46.19
C GLY D 345 -16.08 -35.08 -44.76
N LYS D 346 -17.07 -35.28 -43.89
CA LYS D 346 -16.76 -35.54 -42.48
C LYS D 346 -16.00 -36.84 -42.33
N CYS D 347 -16.37 -37.87 -43.09
CA CYS D 347 -15.64 -39.14 -43.02
C CYS D 347 -14.20 -38.97 -43.45
N GLN D 348 -13.96 -38.20 -44.50
CA GLN D 348 -12.60 -38.05 -45.01
C GLN D 348 -11.72 -37.32 -44.00
N LEU D 349 -12.21 -36.21 -43.47
CA LEU D 349 -11.44 -35.48 -42.46
C LEU D 349 -11.25 -36.30 -41.19
N LYS D 350 -12.25 -37.10 -40.82
CA LYS D 350 -12.09 -38.02 -39.70
C LYS D 350 -10.94 -38.98 -39.96
N SER D 351 -10.91 -39.59 -41.14
CA SER D 351 -9.81 -40.48 -41.48
C SER D 351 -8.49 -39.73 -41.56
N LEU D 352 -8.53 -38.43 -41.82
CA LEU D 352 -7.30 -37.65 -41.90
C LEU D 352 -6.66 -37.46 -40.53
N GLY D 353 -7.35 -37.82 -39.45
CA GLY D 353 -6.76 -37.77 -38.13
C GLY D 353 -7.30 -36.66 -37.26
N PHE D 354 -8.42 -36.07 -37.64
CA PHE D 354 -9.04 -34.98 -36.88
C PHE D 354 -10.38 -35.47 -36.34
N ASP D 355 -10.39 -35.82 -35.05
CA ASP D 355 -11.63 -36.29 -34.43
C ASP D 355 -12.69 -35.19 -34.42
N LYS D 356 -12.27 -33.94 -34.32
CA LYS D 356 -13.16 -32.79 -34.38
C LYS D 356 -12.45 -31.71 -35.17
N VAL D 357 -13.21 -30.91 -35.90
CA VAL D 357 -12.63 -29.89 -36.76
C VAL D 357 -13.17 -28.53 -36.36
N PHE D 358 -12.41 -27.49 -36.69
CA PHE D 358 -12.76 -26.13 -36.35
C PHE D 358 -12.69 -25.29 -37.63
N MET D 359 -13.78 -24.62 -37.92
CA MET D 359 -14.01 -24.01 -39.22
C MET D 359 -14.02 -22.50 -39.05
N TYR D 360 -13.13 -21.82 -39.76
CA TYR D 360 -12.95 -20.40 -39.50
C TYR D 360 -12.66 -19.65 -40.78
N LEU D 361 -13.48 -18.65 -41.06
CA LEU D 361 -13.26 -17.73 -42.16
C LEU D 361 -12.24 -16.70 -41.73
N SER D 362 -12.16 -15.60 -42.46
CA SER D 362 -11.43 -14.43 -41.95
C SER D 362 -11.93 -14.03 -40.58
N ASP D 363 -13.16 -14.40 -40.24
CA ASP D 363 -13.78 -14.08 -38.97
C ASP D 363 -14.08 -15.38 -38.21
N SER D 364 -13.93 -15.33 -36.89
CA SER D 364 -14.24 -16.49 -36.06
C SER D 364 -15.73 -16.71 -35.89
N ARG D 365 -16.54 -15.65 -36.00
CA ARG D 365 -17.98 -15.80 -35.83
C ARG D 365 -18.59 -16.76 -36.84
N CYS D 366 -17.95 -16.94 -38.00
CA CYS D 366 -18.44 -17.87 -39.02
C CYS D 366 -17.95 -19.28 -38.76
N SER D 367 -18.28 -19.83 -37.58
CA SER D 367 -17.93 -21.21 -37.31
C SER D 367 -18.77 -22.13 -38.18
N GLY D 368 -18.15 -23.21 -38.65
CA GLY D 368 -18.85 -24.15 -39.50
C GLY D 368 -19.83 -25.00 -38.70
N PHE D 369 -20.68 -25.72 -39.44
CA PHE D 369 -21.66 -26.59 -38.83
C PHE D 369 -21.83 -27.85 -39.67
N ASN D 370 -22.68 -28.77 -39.22
CA ASN D 370 -22.89 -30.04 -39.91
C ASN D 370 -24.24 -30.03 -40.61
N ASP D 371 -24.34 -30.86 -41.65
CA ASP D 371 -25.52 -30.95 -42.49
C ASP D 371 -25.39 -32.21 -43.33
N ARG D 372 -26.53 -32.80 -43.67
CA ARG D 372 -26.55 -34.08 -44.38
C ARG D 372 -27.49 -33.97 -45.57
N ASP D 373 -26.96 -34.14 -46.77
CA ASP D 373 -27.76 -34.25 -47.98
C ASP D 373 -27.64 -35.63 -48.62
N ASN D 374 -26.42 -36.15 -48.76
CA ASN D 374 -26.20 -37.54 -49.11
C ASN D 374 -25.25 -38.27 -48.17
N ARG D 375 -24.58 -37.55 -47.28
CA ARG D 375 -23.70 -38.14 -46.28
C ARG D 375 -23.45 -37.10 -45.20
N ASP D 376 -22.64 -37.46 -44.22
CA ASP D 376 -22.25 -36.52 -43.16
C ASP D 376 -21.33 -35.45 -43.76
N TRP D 377 -21.82 -34.23 -43.84
CA TRP D 377 -21.04 -33.09 -44.32
C TRP D 377 -20.91 -32.06 -43.22
N VAL D 378 -19.76 -31.42 -43.17
CA VAL D 378 -19.54 -30.23 -42.37
C VAL D 378 -19.19 -29.08 -43.30
N SER D 379 -19.84 -27.94 -43.12
CA SER D 379 -19.81 -26.92 -44.14
C SER D 379 -19.81 -25.54 -43.51
N VAL D 380 -19.52 -24.55 -44.33
CA VAL D 380 -19.49 -23.15 -43.93
C VAL D 380 -20.32 -22.35 -44.91
N VAL D 381 -21.02 -21.34 -44.40
CA VAL D 381 -21.93 -20.53 -45.21
C VAL D 381 -21.58 -19.07 -45.00
N THR D 382 -21.44 -18.33 -46.10
CA THR D 382 -21.18 -16.91 -46.05
C THR D 382 -22.07 -16.20 -47.07
N PRO D 383 -22.54 -14.99 -46.78
CA PRO D 383 -23.27 -14.22 -47.79
C PRO D 383 -22.35 -13.85 -48.93
N ALA D 384 -22.93 -13.66 -50.11
CA ALA D 384 -22.18 -13.25 -51.29
C ALA D 384 -22.13 -11.73 -51.36
N ARG D 385 -21.33 -11.16 -50.46
CA ARG D 385 -21.17 -9.71 -50.38
C ARG D 385 -19.77 -9.39 -49.88
N ASP D 386 -19.48 -8.10 -49.82
CA ASP D 386 -18.13 -7.61 -49.49
C ASP D 386 -18.06 -7.34 -47.99
N GLY D 387 -17.58 -8.33 -47.25
CA GLY D 387 -17.28 -8.13 -45.84
C GLY D 387 -18.24 -8.63 -44.76
N PRO D 388 -19.42 -9.19 -45.09
CA PRO D 388 -20.28 -9.67 -44.00
C PRO D 388 -19.60 -10.73 -43.15
N CYS D 389 -18.79 -11.57 -43.76
CA CYS D 389 -17.87 -12.44 -43.04
C CYS D 389 -16.45 -12.16 -43.50
N GLY D 390 -16.15 -10.88 -43.68
CA GLY D 390 -14.84 -10.48 -44.14
C GLY D 390 -14.47 -10.98 -45.51
N THR D 391 -15.39 -10.99 -46.46
CA THR D 391 -15.09 -11.49 -47.79
C THR D 391 -14.74 -10.33 -48.70
N VAL D 392 -13.60 -10.41 -49.37
CA VAL D 392 -13.13 -9.33 -50.22
C VAL D 392 -13.70 -9.50 -51.62
N LEU D 393 -14.10 -8.38 -52.22
CA LEU D 393 -14.61 -8.36 -53.58
C LEU D 393 -13.61 -7.64 -54.48
N THR D 394 -13.14 -8.35 -55.50
CA THR D 394 -12.23 -7.77 -56.50
C THR D 394 -12.92 -7.91 -57.85
N ARG D 395 -13.39 -6.79 -58.38
CA ARG D 395 -14.20 -6.78 -59.59
C ARG D 395 -13.37 -6.20 -60.73
N ASN D 396 -13.21 -6.97 -61.80
CA ASN D 396 -12.56 -6.44 -62.98
C ASN D 396 -13.63 -6.15 -64.03
N GLU D 397 -13.19 -5.85 -65.25
CA GLU D 397 -14.09 -5.36 -66.29
C GLU D 397 -15.25 -6.31 -66.58
N THR D 398 -15.08 -7.61 -66.36
CA THR D 398 -16.08 -8.59 -66.78
C THR D 398 -16.65 -9.40 -65.63
N HIS D 399 -15.86 -9.68 -64.60
CA HIS D 399 -16.28 -10.57 -63.53
C HIS D 399 -16.05 -9.92 -62.17
N ALA D 400 -16.84 -10.38 -61.20
CA ALA D 400 -16.70 -10.00 -59.80
C ALA D 400 -16.61 -11.25 -58.96
N THR D 401 -15.53 -11.40 -58.21
CA THR D 401 -15.29 -12.60 -57.42
C THR D 401 -15.36 -12.28 -55.94
N TYR D 402 -15.76 -13.26 -55.15
CA TYR D 402 -15.87 -13.13 -53.70
C TYR D 402 -14.80 -14.02 -53.09
N SER D 403 -13.81 -13.40 -52.47
CA SER D 403 -12.61 -14.07 -52.02
C SER D 403 -12.56 -14.09 -50.50
N ASN D 404 -12.33 -15.27 -49.94
CA ASN D 404 -12.13 -15.44 -48.52
C ASN D 404 -11.32 -16.71 -48.31
N THR D 405 -10.80 -16.90 -47.10
CA THR D 405 -9.98 -18.05 -46.82
C THR D 405 -10.59 -18.87 -45.68
N LEU D 406 -10.45 -20.18 -45.79
CA LEU D 406 -10.95 -21.12 -44.81
C LEU D 406 -9.81 -21.59 -43.92
N TYR D 407 -10.10 -21.85 -42.66
CA TYR D 407 -9.13 -22.32 -41.70
C TYR D 407 -9.65 -23.61 -41.06
N LEU D 408 -8.86 -24.67 -41.18
CA LEU D 408 -9.22 -25.98 -40.64
C LEU D 408 -8.19 -26.42 -39.64
N ALA D 409 -8.66 -26.88 -38.48
CA ALA D 409 -7.78 -27.40 -37.45
C ALA D 409 -8.58 -28.35 -36.57
N ASP D 410 -7.85 -29.21 -35.84
CA ASP D 410 -8.51 -30.19 -34.99
C ASP D 410 -8.56 -29.78 -33.52
N GLU D 411 -8.00 -28.63 -33.16
CA GLU D 411 -8.16 -28.09 -31.81
C GLU D 411 -8.32 -26.59 -31.90
N ILE D 412 -8.33 -25.94 -30.73
CA ILE D 412 -8.37 -24.47 -30.69
C ILE D 412 -7.06 -23.90 -31.23
N ILE D 413 -5.96 -24.56 -30.93
CA ILE D 413 -4.63 -24.04 -31.24
C ILE D 413 -3.98 -24.96 -32.25
N ILE D 414 -3.15 -24.38 -33.12
CA ILE D 414 -2.37 -25.15 -34.08
C ILE D 414 -0.92 -25.12 -33.65
N ARG D 415 -0.24 -26.25 -33.82
CA ARG D 415 1.19 -26.34 -33.52
C ARG D 415 2.03 -26.76 -34.70
N ASP D 416 1.43 -27.27 -35.77
CA ASP D 416 2.18 -27.70 -36.95
C ASP D 416 1.20 -27.95 -38.09
N LEU D 417 1.67 -27.74 -39.31
CA LEU D 417 0.90 -28.01 -40.52
C LEU D 417 -0.37 -27.15 -40.57
N ASN D 418 -0.17 -25.83 -40.58
CA ASN D 418 -1.28 -24.91 -40.72
C ASN D 418 -2.02 -25.17 -42.02
N ILE D 419 -3.35 -25.10 -41.96
CA ILE D 419 -4.21 -25.41 -43.10
C ILE D 419 -5.03 -24.18 -43.43
N LYS D 420 -4.92 -23.72 -44.67
CA LYS D 420 -5.75 -22.62 -45.18
C LYS D 420 -6.29 -23.01 -46.55
N ILE D 421 -7.52 -22.60 -46.83
CA ILE D 421 -8.17 -22.89 -48.10
C ILE D 421 -8.48 -21.55 -48.75
N ASN D 422 -7.71 -21.20 -49.77
CA ASN D 422 -7.89 -19.95 -50.50
C ASN D 422 -8.96 -20.18 -51.55
N PHE D 423 -10.20 -19.82 -51.24
CA PHE D 423 -11.33 -20.12 -52.09
C PHE D 423 -11.98 -18.83 -52.58
N ALA D 424 -12.51 -18.88 -53.81
CA ALA D 424 -13.27 -17.79 -54.37
C ALA D 424 -13.97 -18.24 -55.64
N CYS D 425 -15.23 -17.87 -55.81
CA CYS D 425 -15.93 -18.06 -57.08
C CYS D 425 -16.42 -16.72 -57.55
N SER D 426 -16.45 -16.55 -58.88
CA SER D 426 -16.72 -15.26 -59.49
C SER D 426 -18.01 -15.31 -60.28
N TYR D 427 -18.45 -14.15 -60.73
CA TYR D 427 -19.63 -14.11 -61.56
C TYR D 427 -19.40 -13.16 -62.72
N PRO D 428 -19.89 -13.45 -63.92
CA PRO D 428 -19.85 -12.45 -64.98
C PRO D 428 -20.81 -11.32 -64.69
N LEU D 429 -20.68 -10.26 -65.47
CA LEU D 429 -21.52 -9.08 -65.26
C LEU D 429 -22.55 -8.90 -66.37
N ASP D 430 -22.61 -9.81 -67.33
CA ASP D 430 -23.56 -9.73 -68.43
C ASP D 430 -24.44 -10.96 -68.42
N MET D 431 -25.74 -10.77 -68.63
CA MET D 431 -26.71 -11.85 -68.55
C MET D 431 -27.69 -11.75 -69.71
N LYS D 432 -28.24 -12.90 -70.09
CA LYS D 432 -29.20 -13.00 -71.18
C LYS D 432 -30.50 -13.58 -70.65
N VAL D 433 -31.58 -12.81 -70.74
CA VAL D 433 -32.86 -13.21 -70.18
C VAL D 433 -33.99 -12.84 -71.14
N SER D 434 -35.15 -13.46 -70.89
CA SER D 434 -36.32 -13.32 -71.75
C SER D 434 -37.55 -13.69 -70.94
N LEU D 435 -38.69 -13.09 -71.28
CA LEU D 435 -39.94 -13.55 -70.69
C LEU D 435 -40.22 -14.97 -71.13
N LYS D 436 -40.91 -15.72 -70.27
CA LYS D 436 -41.30 -17.07 -70.61
C LYS D 436 -42.73 -17.16 -71.11
N THR D 437 -43.38 -16.03 -71.36
CA THR D 437 -44.71 -15.99 -71.93
C THR D 437 -44.63 -15.49 -73.36
N ALA D 438 -45.34 -16.16 -74.26
CA ALA D 438 -45.41 -15.73 -75.65
C ALA D 438 -46.45 -14.62 -75.78
N LEU D 439 -46.14 -13.63 -76.60
CA LEU D 439 -47.05 -12.52 -76.85
C LEU D 439 -47.67 -12.67 -78.23
N GLN D 440 -48.98 -12.41 -78.30
CA GLN D 440 -49.72 -12.54 -79.54
C GLN D 440 -50.50 -11.26 -79.77
N PRO D 441 -50.09 -10.44 -80.73
CA PRO D 441 -50.82 -9.20 -81.01
C PRO D 441 -51.95 -9.44 -82.00
N MET D 442 -52.91 -8.52 -81.96
CA MET D 442 -54.00 -8.48 -82.94
C MET D 442 -54.24 -7.04 -83.31
N VAL D 443 -54.45 -6.78 -84.60
CA VAL D 443 -54.51 -5.43 -85.14
C VAL D 443 -55.64 -5.35 -86.16
N SER D 444 -56.08 -4.13 -86.46
CA SER D 444 -57.00 -3.93 -87.56
C SER D 444 -56.39 -4.43 -88.86
N ALA D 445 -57.17 -5.21 -89.60
CA ALA D 445 -56.67 -5.91 -90.78
C ALA D 445 -57.61 -5.68 -91.96
N LEU D 446 -57.02 -5.39 -93.12
CA LEU D 446 -57.77 -5.24 -94.36
C LEU D 446 -57.15 -6.16 -95.41
N ASN D 447 -58.01 -6.81 -96.19
CA ASN D 447 -57.58 -7.75 -97.22
C ASN D 447 -57.99 -7.19 -98.58
N ILE D 448 -57.05 -7.20 -99.53
CA ILE D 448 -57.35 -6.90 -100.92
C ILE D 448 -57.22 -8.19 -101.72
N ARG D 449 -58.26 -8.52 -102.47
CA ARG D 449 -58.33 -9.77 -103.20
C ARG D 449 -58.13 -9.50 -104.68
N VAL D 450 -57.14 -10.18 -105.28
CA VAL D 450 -56.84 -10.05 -106.69
C VAL D 450 -56.65 -11.45 -107.26
N GLY D 451 -56.82 -11.55 -108.59
CA GLY D 451 -56.70 -12.81 -109.27
C GLY D 451 -56.08 -12.62 -110.63
N GLY D 452 -55.81 -13.73 -111.31
CA GLY D 452 -55.17 -13.68 -112.61
C GLY D 452 -55.26 -15.03 -113.29
N THR D 453 -54.77 -15.04 -114.53
CA THR D 453 -54.78 -16.25 -115.35
C THR D 453 -53.51 -16.29 -116.19
N GLY D 454 -52.97 -17.50 -116.36
CA GLY D 454 -51.77 -17.69 -117.15
C GLY D 454 -51.88 -18.94 -118.00
N MET D 455 -50.93 -19.06 -118.93
CA MET D 455 -50.89 -20.21 -119.82
C MET D 455 -49.61 -20.99 -119.54
N PRO E 173 26.59 -51.82 78.27
CA PRO E 173 26.76 -50.87 79.38
C PRO E 173 25.71 -49.77 79.37
N CYS E 174 26.09 -48.57 78.90
CA CYS E 174 25.21 -47.42 78.95
C CYS E 174 23.93 -47.62 78.15
N GLN E 175 23.95 -48.51 77.17
CA GLN E 175 22.74 -48.83 76.41
C GLN E 175 21.94 -49.97 76.99
N ALA E 176 22.59 -50.90 77.70
CA ALA E 176 21.94 -52.08 78.26
C ALA E 176 21.96 -51.95 79.78
N HIS E 177 20.81 -51.60 80.35
CA HIS E 177 20.71 -51.39 81.79
C HIS E 177 19.26 -51.51 82.20
N ARG E 178 19.05 -51.75 83.50
CA ARG E 178 17.73 -51.80 84.09
C ARG E 178 17.57 -50.61 85.02
N THR E 179 16.65 -49.71 84.68
CA THR E 179 16.44 -48.54 85.52
C THR E 179 15.84 -48.96 86.85
N LEU E 180 16.09 -48.14 87.87
CA LEU E 180 15.59 -48.37 89.23
C LEU E 180 14.92 -47.08 89.70
N ASP E 181 13.59 -47.13 89.86
CA ASP E 181 12.81 -45.96 90.26
C ASP E 181 12.20 -46.27 91.62
N GLU E 182 12.96 -46.01 92.68
CA GLU E 182 12.51 -46.29 94.04
C GLU E 182 12.81 -45.08 94.91
N TYR E 183 11.77 -44.35 95.28
CA TYR E 183 11.91 -43.16 96.12
C TYR E 183 12.49 -43.47 97.48
N TRP E 184 12.32 -44.69 97.99
CA TRP E 184 12.72 -45.02 99.34
C TRP E 184 14.21 -45.30 99.47
N ARG E 185 14.91 -45.48 98.36
CA ARG E 185 16.34 -45.75 98.40
C ARG E 185 17.16 -44.52 98.77
N SER E 186 16.51 -43.39 98.98
CA SER E 186 17.22 -42.16 99.29
C SER E 186 17.91 -42.26 100.65
N THR E 187 18.96 -41.46 100.80
CA THR E 187 19.62 -41.34 102.09
C THR E 187 18.71 -40.74 103.14
N GLU E 188 17.67 -40.06 102.66
CA GLU E 188 16.68 -39.42 103.50
C GLU E 188 15.77 -40.40 104.23
N TYR E 189 15.40 -41.51 103.62
CA TYR E 189 14.37 -42.37 104.17
C TYR E 189 14.79 -42.93 105.53
N GLY E 190 13.80 -43.05 106.41
CA GLY E 190 14.06 -43.35 107.81
C GLY E 190 14.73 -44.68 108.09
N GLU E 191 14.01 -45.79 107.90
CA GLU E 191 14.54 -47.07 108.32
C GLU E 191 13.67 -48.19 107.78
N GLY E 192 14.31 -49.32 107.50
CA GLY E 192 13.61 -50.53 107.10
C GLY E 192 14.55 -51.71 107.19
N TYR E 193 14.29 -52.77 106.41
CA TYR E 193 15.09 -53.98 106.52
C TYR E 193 15.36 -54.64 105.17
N ALA E 194 15.02 -54.01 104.06
CA ALA E 194 15.20 -54.63 102.76
C ALA E 194 16.68 -54.83 102.45
N CYS E 195 17.00 -55.98 101.84
CA CYS E 195 18.35 -56.28 101.42
C CYS E 195 18.32 -56.79 99.98
N ASP E 196 19.28 -56.32 99.18
CA ASP E 196 19.27 -56.55 97.73
C ASP E 196 20.11 -57.79 97.40
N THR E 197 19.54 -58.95 97.68
CA THR E 197 20.18 -60.21 97.34
C THR E 197 20.02 -60.58 95.87
N ASP E 198 19.17 -59.86 95.14
CA ASP E 198 18.76 -60.28 93.81
C ASP E 198 19.04 -59.26 92.71
N LEU E 199 19.66 -58.13 93.04
CA LEU E 199 19.91 -57.10 92.03
C LEU E 199 21.09 -57.53 91.18
N ARG E 200 20.82 -57.92 89.93
CA ARG E 200 21.83 -58.55 89.07
C ARG E 200 22.07 -57.66 87.86
N GLY E 201 23.28 -57.12 87.75
CA GLY E 201 23.71 -56.49 86.51
C GLY E 201 23.93 -55.00 86.58
N TRP E 202 23.76 -54.34 85.44
CA TRP E 202 23.91 -52.89 85.31
C TRP E 202 22.56 -52.24 85.55
N TYR E 203 22.56 -51.16 86.34
CA TYR E 203 21.33 -50.48 86.69
C TYR E 203 21.52 -48.96 86.61
N ARG E 204 20.41 -48.27 86.38
CA ARG E 204 20.38 -46.81 86.22
C ARG E 204 19.43 -46.24 87.28
N PHE E 205 19.99 -45.58 88.29
CA PHE E 205 19.16 -44.99 89.33
C PHE E 205 18.46 -43.75 88.81
N VAL E 206 17.13 -43.73 88.90
CA VAL E 206 16.32 -42.62 88.43
C VAL E 206 15.19 -42.40 89.42
N GLY E 207 14.91 -41.14 89.73
CA GLY E 207 13.78 -40.78 90.56
C GLY E 207 14.12 -39.66 91.51
N GLN E 208 13.21 -39.44 92.47
CA GLN E 208 13.40 -38.40 93.47
C GLN E 208 14.64 -38.63 94.33
N GLY E 209 14.99 -39.89 94.60
CA GLY E 209 16.11 -40.17 95.49
C GLY E 209 17.42 -39.61 94.97
N GLY E 210 17.55 -39.48 93.66
CA GLY E 210 18.75 -38.94 93.05
C GLY E 210 19.20 -39.78 91.88
N ALA E 211 20.34 -39.37 91.32
CA ALA E 211 20.92 -40.04 90.17
C ALA E 211 22.17 -40.85 90.50
N ARG E 212 22.71 -40.71 91.72
CA ARG E 212 23.95 -41.36 92.09
C ARG E 212 23.83 -41.95 93.50
N MET E 213 24.75 -42.86 93.82
CA MET E 213 24.74 -43.51 95.11
C MET E 213 25.33 -42.58 96.17
N ALA E 214 25.58 -43.15 97.35
CA ALA E 214 26.19 -42.39 98.43
C ALA E 214 27.70 -42.32 98.24
N GLU E 215 28.26 -41.14 98.54
CA GLU E 215 29.70 -40.94 98.47
C GLU E 215 30.38 -40.93 99.82
N THR E 216 29.64 -40.68 100.90
CA THR E 216 30.15 -40.79 102.26
C THR E 216 29.29 -41.80 103.01
N CYS E 217 29.87 -42.41 104.03
CA CYS E 217 29.12 -43.39 104.81
C CYS E 217 28.01 -42.68 105.57
N VAL E 218 26.77 -42.87 105.13
CA VAL E 218 25.62 -42.28 105.81
C VAL E 218 25.50 -42.91 107.19
N PRO E 219 25.03 -42.18 108.21
CA PRO E 219 24.80 -42.81 109.52
C PRO E 219 23.91 -44.04 109.42
N VAL E 220 23.99 -44.86 110.47
CA VAL E 220 23.34 -46.16 110.45
C VAL E 220 21.83 -46.00 110.41
N LEU E 221 21.15 -47.08 110.04
CA LEU E 221 19.68 -47.20 110.11
C LEU E 221 18.98 -46.21 109.17
N ARG E 222 19.31 -46.26 107.89
CA ARG E 222 18.70 -45.38 106.90
C ARG E 222 18.38 -46.16 105.63
N CYS E 223 17.76 -45.48 104.67
CA CYS E 223 17.52 -46.01 103.33
C CYS E 223 16.70 -47.31 103.38
N ASN E 224 15.75 -47.37 104.30
CA ASN E 224 14.91 -48.56 104.49
C ASN E 224 15.76 -49.79 104.74
N THR E 225 16.84 -49.63 105.50
CA THR E 225 17.72 -50.75 105.80
C THR E 225 18.41 -50.48 107.13
N ALA E 226 18.57 -51.55 107.91
CA ALA E 226 19.25 -51.43 109.19
C ALA E 226 20.72 -51.04 109.00
N ALA E 227 21.39 -51.63 108.02
CA ALA E 227 22.80 -51.38 107.75
C ALA E 227 22.95 -50.93 106.31
N PRO E 228 22.78 -49.64 106.04
CA PRO E 228 23.01 -49.14 104.69
C PRO E 228 24.48 -49.19 104.32
N MET E 229 24.74 -49.35 103.03
CA MET E 229 26.10 -49.29 102.51
C MET E 229 26.23 -48.13 101.53
N TRP E 230 27.47 -47.74 101.30
CA TRP E 230 27.80 -46.56 100.52
C TRP E 230 28.96 -46.89 99.58
N LEU E 231 29.04 -46.15 98.49
CA LEU E 231 30.18 -46.25 97.59
C LEU E 231 31.30 -45.37 98.12
N ASN E 232 32.44 -45.99 98.41
CA ASN E 232 33.62 -45.23 98.79
C ASN E 232 34.34 -44.77 97.54
N GLY E 233 35.23 -43.80 97.69
CA GLY E 233 35.86 -43.19 96.54
C GLY E 233 34.93 -42.22 95.85
N THR E 234 35.31 -41.85 94.63
CA THR E 234 34.61 -40.82 93.87
C THR E 234 33.96 -41.42 92.63
N HIS E 235 32.92 -40.74 92.15
CA HIS E 235 32.37 -41.07 90.84
C HIS E 235 33.40 -40.74 89.76
N PRO E 236 33.61 -41.67 88.82
CA PRO E 236 34.50 -41.38 87.70
C PRO E 236 33.96 -40.25 86.84
N SER E 237 34.88 -39.49 86.25
CA SER E 237 34.50 -38.38 85.37
C SER E 237 34.00 -38.94 84.05
N SER E 238 33.71 -38.05 83.10
CA SER E 238 33.35 -38.51 81.77
C SER E 238 34.56 -39.17 81.11
N ASP E 239 34.27 -40.11 80.22
CA ASP E 239 35.29 -40.83 79.45
C ASP E 239 36.38 -41.38 80.37
N GLU E 240 35.93 -42.24 81.28
CA GLU E 240 36.84 -42.92 82.21
C GLU E 240 36.79 -44.42 81.97
N GLY E 241 35.73 -44.89 81.33
CA GLY E 241 35.60 -46.31 81.04
C GLY E 241 35.14 -47.10 82.25
N ILE E 242 35.61 -48.34 82.29
CA ILE E 242 35.25 -49.25 83.39
C ILE E 242 36.12 -48.92 84.59
N VAL E 243 35.48 -48.71 85.74
CA VAL E 243 36.16 -48.36 86.97
C VAL E 243 35.83 -49.40 88.04
N SER E 244 36.87 -49.91 88.69
CA SER E 244 36.71 -50.90 89.75
C SER E 244 36.72 -50.19 91.09
N ARG E 245 35.66 -50.41 91.87
CA ARG E 245 35.54 -49.83 93.20
C ARG E 245 35.00 -50.89 94.15
N LYS E 246 34.98 -50.56 95.44
CA LYS E 246 34.49 -51.46 96.48
C LYS E 246 33.61 -50.65 97.44
N ALA E 247 32.31 -50.69 97.22
CA ALA E 247 31.36 -49.94 98.03
C ALA E 247 31.40 -50.46 99.46
N CYS E 248 31.76 -49.58 100.39
CA CYS E 248 31.86 -49.93 101.80
C CYS E 248 30.47 -50.00 102.43
N ALA E 249 30.41 -50.58 103.64
CA ALA E 249 29.15 -50.82 104.32
C ALA E 249 29.26 -50.39 105.78
N HIS E 250 28.53 -49.34 106.14
CA HIS E 250 28.53 -48.85 107.52
C HIS E 250 27.58 -49.67 108.37
N TRP E 251 28.09 -50.18 109.50
CA TRP E 251 27.26 -50.86 110.49
C TRP E 251 28.01 -50.92 111.81
N SER E 252 27.23 -50.98 112.89
CA SER E 252 27.71 -51.20 114.26
C SER E 252 28.66 -50.11 114.73
N GLY E 253 28.53 -48.88 114.22
CA GLY E 253 29.42 -47.80 114.58
C GLY E 253 30.70 -47.74 113.77
N HIS E 254 30.97 -48.77 112.96
CA HIS E 254 32.16 -48.81 112.11
C HIS E 254 31.71 -48.72 110.65
N CYS E 255 31.96 -47.57 110.04
CA CYS E 255 31.74 -47.44 108.61
C CYS E 255 32.67 -48.39 107.87
N CYS E 256 32.18 -48.94 106.76
CA CYS E 256 32.96 -49.83 105.90
C CYS E 256 33.44 -51.07 106.67
N LEU E 257 32.47 -51.76 107.25
CA LEU E 257 32.75 -52.96 108.03
C LEU E 257 32.69 -54.23 107.20
N TRP E 258 31.88 -54.24 106.14
CA TRP E 258 31.87 -55.31 105.15
C TRP E 258 32.09 -54.73 103.77
N ASP E 259 32.66 -55.55 102.88
CA ASP E 259 33.13 -55.07 101.59
C ASP E 259 32.52 -55.91 100.47
N ALA E 260 32.21 -55.24 99.36
CA ALA E 260 31.72 -55.87 98.14
C ALA E 260 32.33 -55.18 96.94
N SER E 261 32.39 -55.89 95.82
CA SER E 261 33.05 -55.40 94.62
C SER E 261 32.01 -54.80 93.68
N VAL E 262 32.28 -53.61 93.17
CA VAL E 262 31.37 -52.90 92.26
C VAL E 262 32.18 -52.34 91.10
N GLN E 263 31.51 -52.20 89.96
CA GLN E 263 32.12 -51.66 88.74
C GLN E 263 31.24 -50.53 88.21
N VAL E 264 31.74 -49.31 88.27
CA VAL E 264 31.02 -48.12 87.82
C VAL E 264 31.57 -47.67 86.47
N LYS E 265 30.67 -47.25 85.59
CA LYS E 265 31.04 -46.68 84.31
C LYS E 265 30.26 -45.40 84.08
N ALA E 266 30.94 -44.36 83.63
CA ALA E 266 30.27 -43.14 83.24
C ALA E 266 29.49 -43.36 81.95
N CYS E 267 28.51 -42.50 81.71
CA CYS E 267 27.61 -42.67 80.58
C CYS E 267 27.42 -41.34 79.85
N ALA E 268 27.13 -41.46 78.56
CA ALA E 268 26.84 -40.29 77.74
C ALA E 268 25.56 -39.65 78.23
N GLY E 269 25.67 -38.50 78.88
CA GLY E 269 24.57 -37.86 79.56
C GLY E 269 24.75 -37.91 81.06
N GLY E 270 23.86 -37.18 81.75
CA GLY E 270 23.94 -37.07 83.20
C GLY E 270 23.44 -38.28 83.94
N TYR E 271 24.14 -39.41 83.81
CA TYR E 271 23.75 -40.63 84.51
C TYR E 271 24.92 -41.60 84.46
N TYR E 272 24.86 -42.61 85.32
CA TYR E 272 25.92 -43.59 85.47
C TYR E 272 25.33 -44.99 85.52
N VAL E 273 26.21 -45.99 85.50
CA VAL E 273 25.83 -47.40 85.61
C VAL E 273 26.81 -48.10 86.54
N TYR E 274 26.32 -49.15 87.20
CA TYR E 274 27.07 -49.82 88.25
C TYR E 274 26.88 -51.33 88.15
N ASN E 275 27.74 -52.06 88.85
CA ASN E 275 27.65 -53.53 88.94
C ASN E 275 27.24 -53.89 90.35
N LEU E 276 25.94 -54.05 90.55
CA LEU E 276 25.38 -54.30 91.86
C LEU E 276 25.53 -55.77 92.20
N THR E 277 26.53 -56.09 93.02
CA THR E 277 26.70 -57.46 93.46
C THR E 277 25.90 -57.70 94.74
N ALA E 278 25.67 -58.96 95.04
CA ALA E 278 24.94 -59.32 96.25
C ALA E 278 25.79 -58.99 97.47
N PRO E 279 25.22 -58.30 98.46
CA PRO E 279 25.98 -58.05 99.69
C PRO E 279 26.30 -59.37 100.38
N PRO E 280 27.36 -59.42 101.19
CA PRO E 280 27.72 -60.68 101.85
C PRO E 280 26.60 -61.25 102.70
N GLU E 281 25.72 -60.41 103.24
CA GLU E 281 24.64 -60.83 104.10
C GLU E 281 23.49 -59.85 104.01
N CYS E 282 22.33 -60.25 104.51
CA CYS E 282 21.13 -59.44 104.39
C CYS E 282 21.21 -58.24 105.33
N HIS E 283 20.16 -57.40 105.29
CA HIS E 283 20.11 -56.12 105.96
C HIS E 283 21.20 -55.18 105.45
N LEU E 284 21.58 -55.34 104.19
CA LEU E 284 22.53 -54.47 103.52
C LEU E 284 21.93 -53.98 102.22
N ALA E 285 21.87 -52.66 102.06
CA ALA E 285 21.28 -52.08 100.86
C ALA E 285 21.93 -50.74 100.57
N TYR E 286 21.80 -50.30 99.33
CA TYR E 286 22.44 -49.08 98.87
C TYR E 286 21.60 -47.87 99.20
N CYS E 287 22.19 -46.69 99.03
CA CYS E 287 21.53 -45.41 99.24
C CYS E 287 21.73 -44.51 98.03
N THR E 288 20.87 -43.50 97.93
CA THR E 288 20.92 -42.55 96.83
C THR E 288 20.72 -41.16 97.38
N ASP E 289 21.79 -40.37 97.38
CA ASP E 289 21.69 -38.97 97.75
C ASP E 289 21.05 -38.18 96.61
N PRO E 290 20.54 -36.97 96.89
CA PRO E 290 19.96 -36.15 95.82
C PRO E 290 20.95 -35.88 94.69
N SER E 291 22.24 -36.02 94.98
CA SER E 291 23.32 -35.99 93.99
C SER E 291 23.26 -34.64 93.27
N SER E 292 23.41 -34.60 91.95
CA SER E 292 23.43 -33.34 91.22
C SER E 292 22.38 -33.32 90.11
N VAL E 293 21.14 -33.65 90.46
CA VAL E 293 20.04 -33.52 89.50
C VAL E 293 19.95 -32.08 89.00
N GLU E 294 20.29 -31.12 89.86
CA GLU E 294 20.40 -29.73 89.40
C GLU E 294 21.52 -29.58 88.38
N GLY E 295 22.65 -30.25 88.61
CA GLY E 295 23.71 -30.26 87.64
C GLY E 295 23.28 -30.91 86.34
N THR E 296 23.12 -30.09 85.30
CA THR E 296 22.54 -30.51 84.04
C THR E 296 23.59 -30.43 82.94
N CYS E 297 23.16 -30.78 81.73
CA CYS E 297 24.00 -30.69 80.54
C CYS E 297 23.40 -29.81 79.45
N GLU E 298 22.13 -29.43 79.57
CA GLU E 298 21.50 -28.62 78.53
C GLU E 298 22.17 -27.25 78.39
N GLU E 299 22.67 -26.69 79.49
CA GLU E 299 23.32 -25.38 79.42
C GLU E 299 24.55 -25.40 78.55
N CYS E 300 25.14 -26.57 78.32
CA CYS E 300 26.23 -26.68 77.36
C CYS E 300 25.71 -26.43 75.95
N SER E 301 26.34 -25.48 75.26
CA SER E 301 25.92 -25.12 73.91
C SER E 301 26.27 -26.24 72.93
N ILE E 302 25.85 -26.06 71.68
CA ILE E 302 25.92 -27.12 70.68
C ILE E 302 27.33 -27.63 70.42
N ASP E 303 28.34 -26.77 70.49
CA ASP E 303 29.72 -27.21 70.29
C ASP E 303 30.39 -27.65 71.58
N GLU E 304 29.64 -27.72 72.67
CA GLU E 304 30.21 -27.93 74.00
C GLU E 304 29.94 -29.37 74.43
N ASP E 305 30.97 -30.20 74.42
CA ASP E 305 30.85 -31.59 74.81
C ASP E 305 30.43 -31.70 76.27
N CYS E 306 29.70 -32.77 76.57
CA CYS E 306 29.19 -33.00 77.92
C CYS E 306 30.25 -33.72 78.75
N LYS E 307 31.41 -33.09 78.85
CA LYS E 307 32.50 -33.64 79.63
C LYS E 307 32.22 -33.50 81.13
N SER E 308 32.93 -34.29 81.92
CA SER E 308 32.88 -34.22 83.36
C SER E 308 34.29 -34.32 83.93
N ASN E 309 34.49 -33.69 85.07
CA ASN E 309 35.74 -33.80 85.84
C ASN E 309 35.36 -34.26 87.24
N ASN E 310 35.95 -35.38 87.67
CA ASN E 310 35.65 -36.03 88.96
C ASN E 310 34.15 -36.03 89.26
N GLY E 311 33.35 -36.33 88.25
CA GLY E 311 31.92 -36.43 88.42
C GLY E 311 31.15 -35.14 88.27
N ARG E 312 31.82 -34.01 88.09
CA ARG E 312 31.18 -32.73 87.93
C ARG E 312 31.18 -32.36 86.45
N TRP E 313 29.99 -32.11 85.90
CA TRP E 313 29.80 -31.96 84.47
C TRP E 313 30.07 -30.52 84.04
N HIS E 314 30.82 -30.37 82.96
CA HIS E 314 31.19 -29.08 82.41
C HIS E 314 31.11 -29.13 80.89
N CYS E 315 31.11 -27.95 80.28
CA CYS E 315 30.97 -27.82 78.84
C CYS E 315 32.34 -27.60 78.20
N GLN E 316 33.02 -28.71 77.93
CA GLN E 316 34.31 -28.67 77.24
C GLN E 316 34.06 -28.60 75.74
N CYS E 317 34.53 -27.53 75.11
CA CYS E 317 34.26 -27.30 73.70
C CYS E 317 35.11 -28.25 72.85
N LYS E 318 35.09 -28.03 71.53
CA LYS E 318 35.79 -28.91 70.61
C LYS E 318 37.29 -28.92 70.89
N GLN E 319 37.84 -30.11 71.07
CA GLN E 319 39.30 -30.25 71.08
C GLN E 319 39.87 -29.87 69.72
N ASP E 320 39.11 -30.08 68.65
CA ASP E 320 39.51 -29.59 67.34
C ASP E 320 39.69 -28.08 67.34
N PHE E 321 38.93 -27.38 68.17
CA PHE E 321 39.17 -25.96 68.39
C PHE E 321 40.42 -25.83 69.26
N ASN E 322 41.60 -25.91 68.63
CA ASN E 322 42.85 -25.86 69.37
C ASN E 322 43.86 -25.12 68.48
N ILE E 323 44.01 -23.82 68.73
CA ILE E 323 44.76 -22.92 67.86
C ILE E 323 45.78 -22.16 68.71
N THR E 324 47.02 -22.11 68.22
CA THR E 324 48.11 -21.60 69.04
C THR E 324 48.24 -20.08 68.95
N ASP E 325 48.42 -19.55 67.73
CA ASP E 325 48.69 -18.13 67.55
C ASP E 325 47.46 -17.29 67.88
N ILE E 326 47.67 -15.97 67.90
CA ILE E 326 46.58 -15.02 68.06
C ILE E 326 46.21 -14.32 66.76
N SER E 327 47.10 -14.35 65.75
CA SER E 327 46.80 -13.72 64.47
C SER E 327 45.73 -14.48 63.70
N LEU E 328 45.54 -15.77 63.99
CA LEU E 328 44.55 -16.57 63.30
C LEU E 328 43.14 -16.37 63.85
N LEU E 329 43.00 -15.78 65.02
CA LEU E 329 41.71 -15.65 65.69
C LEU E 329 40.64 -15.11 64.74
N GLU E 330 39.59 -15.91 64.56
CA GLU E 330 38.49 -15.50 63.71
C GLU E 330 37.74 -14.34 64.35
N HIS E 331 37.34 -13.39 63.51
CA HIS E 331 36.62 -12.21 63.99
C HIS E 331 35.45 -11.98 63.01
N ARG E 332 34.25 -11.79 63.55
CA ARG E 332 33.11 -11.41 62.74
C ARG E 332 32.79 -9.95 63.02
N LEU E 333 32.87 -9.12 61.99
CA LEU E 333 32.50 -7.72 62.10
C LEU E 333 31.29 -7.48 61.20
N GLU E 334 30.25 -6.87 61.75
CA GLU E 334 29.05 -6.55 61.01
C GLU E 334 28.85 -5.05 61.08
N CYS E 335 29.01 -4.37 59.95
CA CYS E 335 28.83 -2.92 59.90
C CYS E 335 27.34 -2.67 59.76
N GLY E 336 26.61 -2.88 60.85
CA GLY E 336 25.18 -2.69 60.86
C GLY E 336 24.81 -1.27 60.52
N ALA E 337 23.62 -1.12 59.94
CA ALA E 337 23.21 0.15 59.39
C ALA E 337 23.20 1.25 60.44
N ASN E 338 22.74 0.94 61.65
CA ASN E 338 22.61 1.96 62.68
C ASN E 338 23.70 1.87 63.73
N ASP E 339 24.49 0.80 63.73
CA ASP E 339 25.53 0.62 64.72
C ASP E 339 26.51 -0.45 64.26
N MET E 340 27.61 -0.56 64.99
CA MET E 340 28.64 -1.55 64.71
C MET E 340 28.64 -2.62 65.79
N LYS E 341 28.78 -3.88 65.36
CA LYS E 341 29.04 -4.95 66.30
C LYS E 341 30.18 -5.82 65.77
N VAL E 342 31.04 -6.24 66.68
CA VAL E 342 32.12 -7.17 66.37
C VAL E 342 32.03 -8.32 67.35
N SER E 343 32.24 -9.53 66.86
CA SER E 343 32.00 -10.74 67.62
C SER E 343 33.25 -11.59 67.64
N LEU E 344 33.44 -12.32 68.74
CA LEU E 344 34.57 -13.21 68.91
C LEU E 344 34.07 -14.55 69.44
N GLY E 345 34.57 -15.63 68.86
CA GLY E 345 34.18 -16.95 69.28
C GLY E 345 34.62 -17.28 70.69
N LYS E 346 33.65 -17.49 71.58
CA LYS E 346 33.98 -17.76 72.98
C LYS E 346 34.79 -19.04 73.12
N CYS E 347 34.42 -20.09 72.37
CA CYS E 347 35.20 -21.32 72.40
C CYS E 347 36.62 -21.08 71.88
N GLN E 348 36.76 -20.25 70.85
CA GLN E 348 38.08 -19.98 70.29
C GLN E 348 38.98 -19.31 71.32
N LEU E 349 38.49 -18.24 71.95
CA LEU E 349 39.28 -17.56 72.96
C LEU E 349 39.53 -18.45 74.17
N LYS E 350 38.57 -19.32 74.51
CA LYS E 350 38.79 -20.27 75.60
C LYS E 350 39.95 -21.18 75.27
N SER E 351 39.99 -21.71 74.05
CA SER E 351 41.13 -22.51 73.62
C SER E 351 42.40 -21.69 73.61
N LEU E 352 42.30 -20.39 73.35
CA LEU E 352 43.50 -19.55 73.31
C LEU E 352 44.09 -19.32 74.69
N GLY E 353 43.39 -19.71 75.76
CA GLY E 353 43.96 -19.64 77.08
C GLY E 353 43.42 -18.53 77.96
N PHE E 354 42.42 -17.81 77.47
CA PHE E 354 41.77 -16.75 78.25
C PHE E 354 40.53 -17.34 78.91
N ASP E 355 40.60 -17.49 80.24
CA ASP E 355 39.46 -18.02 80.99
C ASP E 355 38.26 -17.10 80.87
N LYS E 356 38.45 -15.81 81.15
CA LYS E 356 37.41 -14.81 81.03
C LYS E 356 37.99 -13.57 80.39
N VAL E 357 37.34 -13.08 79.34
CA VAL E 357 37.88 -11.99 78.54
C VAL E 357 37.30 -10.67 79.03
N PHE E 358 37.96 -9.59 78.64
CA PHE E 358 37.59 -8.24 79.05
C PHE E 358 37.56 -7.41 77.76
N MET E 359 36.37 -6.93 77.40
CA MET E 359 36.21 -6.17 76.18
C MET E 359 36.26 -4.69 76.52
N TYR E 360 37.06 -3.93 75.77
CA TYR E 360 37.25 -2.52 76.06
C TYR E 360 37.52 -1.75 74.78
N LEU E 361 36.67 -0.77 74.50
CA LEU E 361 36.87 0.15 73.40
C LEU E 361 37.82 1.26 73.85
N SER E 362 37.84 2.37 73.11
CA SER E 362 38.52 3.56 73.59
C SER E 362 38.07 3.93 75.00
N ASP E 363 36.84 3.59 75.36
CA ASP E 363 36.30 3.81 76.69
C ASP E 363 35.99 2.47 77.34
N SER E 364 36.23 2.38 78.65
CA SER E 364 35.95 1.15 79.38
C SER E 364 34.46 0.93 79.59
N ARG E 365 33.64 1.97 79.52
CA ARG E 365 32.20 1.80 79.70
C ARG E 365 31.58 0.90 78.65
N CYS E 366 32.22 0.75 77.49
CA CYS E 366 31.76 -0.18 76.47
C CYS E 366 32.25 -1.59 76.74
N SER E 367 31.90 -2.13 77.90
CA SER E 367 32.26 -3.52 78.20
C SER E 367 31.48 -4.46 77.30
N GLY E 368 32.14 -5.53 76.88
CA GLY E 368 31.49 -6.50 76.03
C GLY E 368 30.58 -7.42 76.82
N PHE E 369 29.76 -8.18 76.08
CA PHE E 369 28.81 -9.10 76.68
C PHE E 369 28.71 -10.37 75.85
N ASN E 370 27.89 -11.31 76.28
CA ASN E 370 27.75 -12.59 75.60
C ASN E 370 26.44 -12.61 74.82
N ASP E 371 26.44 -13.38 73.73
CA ASP E 371 25.29 -13.51 72.86
C ASP E 371 25.46 -14.77 72.03
N ARG E 372 24.35 -15.41 71.71
CA ARG E 372 24.36 -16.68 70.98
C ARG E 372 23.44 -16.57 69.78
N ASP E 373 24.01 -16.73 68.59
CA ASP E 373 23.24 -16.83 67.36
C ASP E 373 23.37 -18.19 66.71
N ASN E 374 24.60 -18.68 66.53
CA ASN E 374 24.86 -20.06 66.13
C ASN E 374 25.85 -20.77 67.05
N ARG E 375 26.50 -20.04 67.95
CA ARG E 375 27.38 -20.61 68.96
C ARG E 375 27.59 -19.56 70.03
N ASP E 376 28.49 -19.85 70.98
CA ASP E 376 28.80 -18.89 72.03
C ASP E 376 29.69 -17.78 71.47
N TRP E 377 29.23 -16.55 71.59
CA TRP E 377 29.97 -15.38 71.12
C TRP E 377 30.02 -14.33 72.23
N VAL E 378 31.14 -13.63 72.32
CA VAL E 378 31.24 -12.40 73.09
C VAL E 378 31.39 -11.25 72.10
N SER E 379 30.60 -10.20 72.30
CA SER E 379 30.48 -9.17 71.27
C SER E 379 30.40 -7.80 71.91
N VAL E 380 30.62 -6.78 71.09
CA VAL E 380 30.60 -5.39 71.51
C VAL E 380 29.68 -4.62 70.57
N VAL E 381 29.09 -3.55 71.07
CA VAL E 381 28.16 -2.72 70.31
C VAL E 381 28.60 -1.27 70.43
N THR E 382 28.68 -0.57 69.30
CA THR E 382 29.06 0.83 69.29
C THR E 382 28.22 1.58 68.26
N PRO E 383 27.52 2.63 68.65
CA PRO E 383 26.71 3.38 67.69
C PRO E 383 27.56 3.97 66.58
N ALA E 384 26.95 4.10 65.40
CA ALA E 384 27.63 4.64 64.23
C ALA E 384 27.62 6.17 64.27
N ARG E 385 28.47 6.70 65.15
CA ARG E 385 28.59 8.14 65.33
C ARG E 385 30.01 8.46 65.81
N ASP E 386 30.28 9.76 65.92
CA ASP E 386 31.62 10.25 66.25
C ASP E 386 31.70 10.52 67.74
N GLY E 387 32.25 9.57 68.49
CA GLY E 387 32.51 9.79 69.89
C GLY E 387 31.64 9.16 70.97
N PRO E 388 30.47 8.60 70.65
CA PRO E 388 29.67 8.02 71.74
C PRO E 388 30.41 6.93 72.51
N CYS E 389 31.25 6.16 71.83
CA CYS E 389 32.18 5.26 72.50
C CYS E 389 33.59 5.57 72.02
N GLY E 390 33.85 6.86 71.79
CA GLY E 390 35.15 7.27 71.31
C GLY E 390 35.51 6.78 69.93
N THR E 391 34.54 6.72 69.01
CA THR E 391 34.85 6.32 67.65
C THR E 391 35.11 7.56 66.80
N VAL E 392 36.21 7.56 66.09
CA VAL E 392 36.61 8.72 65.31
C VAL E 392 36.05 8.60 63.89
N LEU E 393 35.54 9.72 63.38
CA LEU E 393 35.03 9.81 62.02
C LEU E 393 36.06 10.51 61.15
N THR E 394 36.56 9.80 60.15
CA THR E 394 37.51 10.37 59.19
C THR E 394 36.95 10.09 57.80
N ARG E 395 36.33 11.10 57.21
CA ARG E 395 35.71 10.96 55.90
C ARG E 395 36.53 11.70 54.85
N ASN E 396 36.80 11.03 53.75
CA ASN E 396 37.32 11.67 52.56
C ASN E 396 36.13 12.02 51.65
N GLU E 397 36.44 12.41 50.41
CA GLU E 397 35.39 12.86 49.51
C GLU E 397 34.37 11.78 49.20
N THR E 398 34.79 10.53 49.11
CA THR E 398 33.91 9.45 48.68
C THR E 398 33.28 8.69 49.82
N HIS E 399 34.03 8.35 50.86
CA HIS E 399 33.56 7.50 51.93
C HIS E 399 33.72 8.19 53.28
N ALA E 400 32.94 7.70 54.24
CA ALA E 400 33.07 8.06 55.65
C ALA E 400 33.22 6.78 56.45
N THR E 401 34.22 6.73 57.32
CA THR E 401 34.50 5.53 58.09
C THR E 401 34.43 5.83 59.58
N TYR E 402 34.15 4.79 60.36
CA TYR E 402 34.08 4.90 61.82
C TYR E 402 35.19 4.02 62.39
N SER E 403 36.12 4.65 63.10
CA SER E 403 37.34 3.98 63.54
C SER E 403 37.39 3.92 65.06
N ASN E 404 37.63 2.73 65.58
CA ASN E 404 37.80 2.51 67.00
C ASN E 404 38.65 1.26 67.19
N THR E 405 39.20 1.09 68.38
CA THR E 405 40.07 -0.04 68.66
C THR E 405 39.51 -0.87 69.81
N LEU E 406 39.66 -2.18 69.68
CA LEU E 406 39.18 -3.14 70.67
C LEU E 406 40.36 -3.64 71.50
N TYR E 407 40.07 -3.98 72.75
CA TYR E 407 41.09 -4.43 73.69
C TYR E 407 40.72 -5.80 74.23
N LEU E 408 41.66 -6.73 74.13
CA LEU E 408 41.49 -8.10 74.61
C LEU E 408 42.45 -8.37 75.76
N ALA E 409 41.92 -8.92 76.83
CA ALA E 409 42.74 -9.36 77.95
C ALA E 409 41.94 -10.36 78.78
N ASP E 410 42.64 -11.34 79.35
CA ASP E 410 42.01 -12.29 80.25
C ASP E 410 41.92 -11.78 81.67
N GLU E 411 42.48 -10.61 81.97
CA GLU E 411 42.55 -10.09 83.32
C GLU E 411 42.36 -8.59 83.28
N ILE E 412 42.16 -8.00 84.46
CA ILE E 412 42.00 -6.56 84.55
C ILE E 412 43.32 -5.87 84.19
N ILE E 413 44.45 -6.46 84.58
CA ILE E 413 45.76 -5.90 84.30
C ILE E 413 46.45 -6.78 83.27
N ILE E 414 47.26 -6.17 82.42
CA ILE E 414 48.03 -6.89 81.42
C ILE E 414 49.50 -6.87 81.80
N ARG E 415 50.20 -7.98 81.56
CA ARG E 415 51.63 -8.07 81.80
C ARG E 415 52.42 -8.49 80.58
N ASP E 416 51.79 -9.08 79.57
CA ASP E 416 52.51 -9.48 78.37
C ASP E 416 51.54 -9.66 77.23
N LEU E 417 52.03 -9.44 76.01
CA LEU E 417 51.26 -9.67 74.79
C LEU E 417 49.99 -8.82 74.77
N ASN E 418 50.19 -7.51 74.83
CA ASN E 418 49.07 -6.57 74.71
C ASN E 418 48.35 -6.79 73.39
N ILE E 419 47.02 -6.70 73.43
CA ILE E 419 46.19 -7.03 72.29
C ILE E 419 45.43 -5.79 71.85
N LYS E 420 45.55 -5.44 70.57
CA LYS E 420 44.88 -4.29 70.00
C LYS E 420 44.23 -4.72 68.69
N ILE E 421 42.92 -4.50 68.59
CA ILE E 421 42.17 -4.83 67.38
C ILE E 421 41.76 -3.50 66.76
N ASN E 422 42.48 -3.09 65.73
CA ASN E 422 42.21 -1.82 65.06
C ASN E 422 41.18 -2.08 63.97
N PHE E 423 39.93 -1.76 64.26
CA PHE E 423 38.83 -2.06 63.36
C PHE E 423 38.18 -0.77 62.88
N ALA E 424 37.67 -0.80 61.65
CA ALA E 424 36.90 0.31 61.11
C ALA E 424 36.16 -0.13 59.86
N CYS E 425 34.87 0.16 59.79
CA CYS E 425 34.10 -0.06 58.57
C CYS E 425 33.60 1.29 58.08
N SER E 426 33.39 1.39 56.78
CA SER E 426 33.03 2.66 56.16
C SER E 426 31.70 2.52 55.42
N TYR E 427 31.28 3.62 54.82
CA TYR E 427 30.10 3.87 54.02
C TYR E 427 30.41 4.85 52.90
N PRO E 428 29.94 4.62 51.69
CA PRO E 428 30.01 5.66 50.66
C PRO E 428 29.02 6.76 50.98
N LEU E 429 29.10 7.83 50.19
CA LEU E 429 28.22 8.96 50.40
C LEU E 429 27.12 9.06 49.35
N ASP E 430 27.07 8.12 48.41
CA ASP E 430 26.07 8.14 47.34
C ASP E 430 25.29 6.82 47.35
N MET E 431 24.01 6.90 47.01
CA MET E 431 23.16 5.73 46.98
C MET E 431 22.07 5.91 45.93
N LYS E 432 21.54 4.77 45.49
CA LYS E 432 20.53 4.71 44.44
C LYS E 432 19.25 4.13 45.02
N VAL E 433 18.14 4.82 44.79
CA VAL E 433 16.85 4.41 45.33
C VAL E 433 15.79 4.44 44.24
N SER E 434 14.84 3.51 44.35
CA SER E 434 13.80 3.35 43.36
C SER E 434 12.54 2.89 44.09
N LEU E 435 11.46 3.67 43.95
CA LEU E 435 10.20 3.29 44.59
C LEU E 435 9.75 1.94 44.07
N LYS E 436 9.25 1.11 44.98
CA LYS E 436 8.72 -0.18 44.58
C LYS E 436 7.26 -0.08 44.19
N THR E 437 6.73 1.14 44.11
CA THR E 437 5.35 1.38 43.75
C THR E 437 5.25 1.80 42.29
N ALA E 438 4.52 1.01 41.49
CA ALA E 438 4.27 1.36 40.10
C ALA E 438 3.32 2.55 40.03
N LEU E 439 3.57 3.44 39.09
CA LEU E 439 2.72 4.60 38.86
C LEU E 439 2.11 4.53 37.46
N GLN E 440 0.86 4.92 37.36
CA GLN E 440 0.11 4.80 36.10
C GLN E 440 -0.69 6.08 35.90
N PRO E 441 -0.33 6.91 34.93
CA PRO E 441 -1.08 8.13 34.68
C PRO E 441 -2.31 7.89 33.85
N MET E 442 -3.23 8.85 33.90
CA MET E 442 -4.45 8.81 33.11
C MET E 442 -4.74 10.21 32.56
N VAL E 443 -4.73 10.32 31.24
CA VAL E 443 -4.87 11.60 30.55
C VAL E 443 -5.99 11.47 29.52
N SER E 444 -6.60 12.60 29.17
CA SER E 444 -7.53 12.63 28.06
C SER E 444 -6.82 12.24 26.77
N ALA E 445 -7.45 11.36 25.99
CA ALA E 445 -6.87 10.87 24.76
C ALA E 445 -7.87 10.99 23.62
N LEU E 446 -7.42 11.55 22.51
CA LEU E 446 -8.19 11.66 21.28
C LEU E 446 -7.55 10.79 20.21
N ASN E 447 -8.37 10.05 19.47
CA ASN E 447 -7.89 9.13 18.45
C ASN E 447 -8.43 9.60 17.09
N ILE E 448 -7.53 9.79 16.14
CA ILE E 448 -7.91 10.08 14.76
C ILE E 448 -7.62 8.84 13.93
N ARG E 449 -8.66 8.29 13.31
CA ARG E 449 -8.57 7.06 12.55
C ARG E 449 -8.52 7.38 11.07
N VAL E 450 -7.48 6.89 10.40
CA VAL E 450 -7.31 7.09 8.96
C VAL E 450 -6.96 5.75 8.34
N GLY E 451 -7.18 5.66 7.03
CA GLY E 451 -6.96 4.42 6.32
C GLY E 451 -6.48 4.69 4.91
N GLY E 452 -6.10 3.61 4.23
CA GLY E 452 -5.62 3.73 2.87
C GLY E 452 -5.57 2.37 2.22
N THR E 453 -5.09 2.37 0.98
CA THR E 453 -4.97 1.14 0.19
C THR E 453 -3.81 1.26 -0.77
N GLY E 454 -3.03 0.19 -0.87
CA GLY E 454 -1.90 0.15 -1.77
C GLY E 454 -1.89 -1.13 -2.57
N MET E 455 -1.09 -1.12 -3.63
CA MET E 455 -0.97 -2.24 -4.55
C MET E 455 0.45 -2.77 -4.56
N PHE E 456 0.61 -4.09 -4.38
CA PHE E 456 1.94 -4.65 -4.48
C PHE E 456 2.44 -4.55 -5.92
N THR E 457 3.74 -4.75 -6.08
CA THR E 457 4.37 -4.76 -7.38
C THR E 457 4.70 -6.21 -7.74
N VAL E 458 4.10 -6.70 -8.82
CA VAL E 458 4.33 -8.05 -9.30
C VAL E 458 4.44 -8.00 -10.82
N ARG E 459 5.34 -8.81 -11.37
CA ARG E 459 5.73 -8.72 -12.76
C ARG E 459 5.83 -10.11 -13.38
N MET E 460 5.83 -10.12 -14.70
CA MET E 460 6.30 -11.27 -15.48
C MET E 460 7.62 -10.91 -16.16
N ALA E 461 8.26 -11.92 -16.72
CA ALA E 461 9.44 -11.71 -17.54
C ALA E 461 9.64 -12.95 -18.40
N LEU E 462 9.75 -12.73 -19.70
CA LEU E 462 10.02 -13.79 -20.65
C LEU E 462 11.50 -14.11 -20.63
N PHE E 463 11.83 -15.33 -20.21
CA PHE E 463 13.22 -15.78 -20.14
C PHE E 463 13.65 -16.26 -21.52
N GLN E 464 14.67 -15.62 -22.08
CA GLN E 464 15.17 -16.00 -23.40
C GLN E 464 15.75 -17.40 -23.42
N THR E 465 16.08 -17.95 -22.26
CA THR E 465 16.85 -19.17 -22.14
C THR E 465 16.14 -20.14 -21.19
N PRO E 466 16.46 -21.43 -21.28
CA PRO E 466 16.01 -22.38 -20.26
C PRO E 466 16.60 -22.03 -18.89
N SER E 467 16.12 -22.75 -17.88
CA SER E 467 16.51 -22.59 -16.49
C SER E 467 16.15 -21.23 -15.93
N TYR E 468 15.47 -20.38 -16.71
CA TYR E 468 14.91 -19.12 -16.25
C TYR E 468 16.00 -18.19 -15.72
N THR E 469 17.05 -18.05 -16.53
CA THR E 469 18.24 -17.32 -16.14
C THR E 469 18.22 -15.87 -16.60
N GLN E 470 17.89 -15.62 -17.86
CA GLN E 470 18.02 -14.27 -18.39
C GLN E 470 16.71 -13.81 -19.02
N PRO E 471 16.27 -12.59 -18.72
CA PRO E 471 15.01 -12.09 -19.24
C PRO E 471 15.14 -11.58 -20.68
N TYR E 472 14.01 -11.15 -21.21
CA TYR E 472 13.90 -10.64 -22.57
C TYR E 472 13.37 -9.21 -22.52
N GLN E 473 14.08 -8.30 -23.17
CA GLN E 473 13.79 -6.88 -23.05
C GLN E 473 13.08 -6.30 -24.27
N GLY E 474 12.84 -7.12 -25.30
CA GLY E 474 12.22 -6.63 -26.51
C GLY E 474 10.74 -6.36 -26.34
N SER E 475 10.17 -5.68 -27.35
CA SER E 475 8.75 -5.37 -27.38
C SER E 475 7.96 -6.34 -28.24
N SER E 476 8.61 -7.07 -29.13
CA SER E 476 7.95 -8.10 -29.93
C SER E 476 9.00 -9.11 -30.37
N VAL E 477 8.78 -10.38 -30.04
CA VAL E 477 9.71 -11.45 -30.35
C VAL E 477 9.01 -12.45 -31.24
N THR E 478 9.73 -12.99 -32.22
CA THR E 478 9.19 -13.95 -33.16
C THR E 478 9.89 -15.28 -32.95
N LEU E 479 9.10 -16.35 -32.83
CA LEU E 479 9.61 -17.68 -32.56
C LEU E 479 8.97 -18.69 -33.51
N SER E 480 9.60 -19.85 -33.61
CA SER E 480 9.02 -21.00 -34.27
C SER E 480 8.06 -21.69 -33.32
N THR E 481 7.07 -22.36 -33.89
CA THR E 481 6.08 -23.03 -33.06
C THR E 481 6.67 -24.21 -32.28
N GLU E 482 7.76 -24.80 -32.76
CA GLU E 482 8.44 -25.86 -32.03
C GLU E 482 9.34 -25.32 -30.93
N ALA E 483 9.58 -24.01 -30.88
CA ALA E 483 10.41 -23.40 -29.85
C ALA E 483 9.66 -23.37 -28.53
N PHE E 484 10.33 -23.81 -27.46
CA PHE E 484 9.70 -23.84 -26.15
C PHE E 484 9.71 -22.47 -25.51
N LEU E 485 8.90 -22.33 -24.46
CA LEU E 485 8.65 -21.06 -23.79
C LEU E 485 9.25 -21.10 -22.41
N TYR E 486 10.04 -20.09 -22.08
CA TYR E 486 10.69 -20.01 -20.78
C TYR E 486 10.28 -18.66 -20.21
N VAL E 487 9.42 -18.67 -19.19
CA VAL E 487 8.85 -17.46 -18.65
C VAL E 487 8.71 -17.62 -17.14
N GLY E 488 8.62 -16.48 -16.45
CA GLY E 488 8.46 -16.50 -15.01
C GLY E 488 7.72 -15.27 -14.54
N THR E 489 7.33 -15.32 -13.26
CA THR E 489 6.64 -14.23 -12.60
C THR E 489 7.32 -13.93 -11.28
N MET E 490 7.61 -12.66 -11.04
CA MET E 490 8.32 -12.25 -9.84
C MET E 490 7.45 -11.30 -9.02
N LEU E 491 7.56 -11.44 -7.70
CA LEU E 491 6.87 -10.56 -6.78
C LEU E 491 7.91 -9.65 -6.15
N ASP E 492 7.67 -8.34 -6.19
CA ASP E 492 8.62 -7.36 -5.68
C ASP E 492 7.98 -6.41 -4.69
N GLY E 493 6.74 -6.64 -4.29
CA GLY E 493 6.09 -5.75 -3.34
C GLY E 493 6.78 -5.72 -2.00
N GLY E 494 6.71 -6.81 -1.26
CA GLY E 494 7.29 -6.90 0.07
C GLY E 494 6.70 -8.03 0.88
N ASP E 495 7.19 -8.13 2.11
CA ASP E 495 6.84 -9.22 3.02
C ASP E 495 7.03 -10.57 2.35
N LEU E 496 8.16 -10.71 1.65
CA LEU E 496 8.47 -11.97 0.99
C LEU E 496 8.62 -13.12 1.97
N SER E 497 8.91 -12.83 3.24
CA SER E 497 9.06 -13.89 4.23
C SER E 497 7.75 -14.60 4.50
N ARG E 498 6.66 -13.85 4.66
CA ARG E 498 5.40 -14.40 5.13
C ARG E 498 4.43 -14.76 4.01
N PHE E 499 4.67 -14.28 2.79
CA PHE E 499 3.75 -14.45 1.68
C PHE E 499 4.41 -15.28 0.59
N ALA E 500 3.62 -16.06 -0.13
CA ALA E 500 4.11 -16.89 -1.22
C ALA E 500 3.36 -16.53 -2.49
N LEU E 501 4.10 -16.25 -3.56
CA LEU E 501 3.49 -16.09 -4.88
C LEU E 501 2.82 -17.39 -5.30
N LEU E 502 1.55 -17.30 -5.66
CA LEU E 502 0.79 -18.49 -6.01
C LEU E 502 -0.08 -18.20 -7.22
N MET E 503 -0.08 -19.12 -8.17
CA MET E 503 -0.74 -18.95 -9.46
C MET E 503 -2.06 -19.70 -9.40
N THR E 504 -3.16 -19.00 -9.65
CA THR E 504 -4.47 -19.63 -9.63
C THR E 504 -4.94 -19.99 -11.03
N ASN E 505 -4.78 -19.07 -11.98
CA ASN E 505 -5.25 -19.31 -13.33
C ASN E 505 -4.48 -18.41 -14.29
N CYS E 506 -4.13 -18.97 -15.44
CA CYS E 506 -3.45 -18.23 -16.48
C CYS E 506 -3.86 -18.77 -17.83
N TYR E 507 -3.74 -17.93 -18.85
CA TYR E 507 -4.24 -18.28 -20.18
C TYR E 507 -3.52 -17.45 -21.22
N ALA E 508 -3.91 -17.66 -22.47
CA ALA E 508 -3.42 -16.90 -23.60
C ALA E 508 -4.60 -16.50 -24.48
N THR E 509 -4.52 -15.30 -25.05
CA THR E 509 -5.51 -14.79 -25.97
C THR E 509 -4.81 -14.06 -27.11
N PRO E 510 -5.40 -14.07 -28.31
CA PRO E 510 -4.73 -13.44 -29.45
C PRO E 510 -4.71 -11.92 -29.41
N SER E 511 -5.35 -11.33 -28.40
CA SER E 511 -5.43 -9.88 -28.31
C SER E 511 -4.75 -9.40 -27.05
N SER E 512 -4.26 -8.16 -27.09
CA SER E 512 -3.72 -7.54 -25.90
C SER E 512 -4.76 -7.50 -24.79
N ASN E 513 -6.01 -7.24 -25.15
CA ASN E 513 -7.12 -7.37 -24.22
C ASN E 513 -7.09 -8.73 -23.54
N ALA E 514 -7.17 -8.74 -22.21
CA ALA E 514 -7.08 -9.98 -21.46
C ALA E 514 -8.43 -10.65 -21.27
N THR E 515 -9.53 -9.91 -21.37
CA THR E 515 -10.87 -10.46 -21.19
C THR E 515 -11.50 -10.89 -22.50
N ASP E 516 -10.70 -11.24 -23.50
CA ASP E 516 -11.25 -11.74 -24.75
C ASP E 516 -11.93 -13.09 -24.51
N PRO E 517 -13.11 -13.31 -25.10
CA PRO E 517 -13.81 -14.59 -24.87
C PRO E 517 -12.99 -15.81 -25.24
N LEU E 518 -12.26 -15.78 -26.34
CA LEU E 518 -11.36 -16.87 -26.70
C LEU E 518 -10.25 -16.94 -25.67
N LYS E 519 -10.14 -18.08 -25.00
CA LYS E 519 -9.12 -18.27 -23.98
C LYS E 519 -8.55 -19.67 -24.10
N TYR E 520 -7.22 -19.77 -24.04
CA TYR E 520 -6.54 -21.06 -23.91
C TYR E 520 -5.84 -21.07 -22.55
N PHE E 521 -6.47 -21.71 -21.58
CA PHE E 521 -5.96 -21.74 -20.22
C PHE E 521 -4.65 -22.52 -20.19
N ILE E 522 -3.55 -21.81 -19.95
CA ILE E 522 -2.29 -22.51 -19.74
C ILE E 522 -2.26 -23.15 -18.37
N ILE E 523 -2.83 -22.48 -17.36
CA ILE E 523 -2.92 -23.00 -16.00
C ILE E 523 -4.39 -22.94 -15.59
N GLN E 524 -4.91 -24.05 -15.08
CA GLN E 524 -6.33 -24.18 -14.75
C GLN E 524 -6.50 -24.54 -13.29
N ASP E 525 -7.12 -23.66 -12.52
CA ASP E 525 -7.49 -23.92 -11.13
C ASP E 525 -6.32 -24.49 -10.35
N ARG E 526 -5.25 -23.68 -10.27
CA ARG E 526 -4.09 -23.96 -9.43
C ARG E 526 -3.32 -25.18 -9.94
N CYS E 527 -3.66 -25.67 -11.13
CA CYS E 527 -3.03 -26.87 -11.64
C CYS E 527 -2.89 -26.82 -13.15
N PRO E 528 -1.83 -27.42 -13.70
CA PRO E 528 -1.67 -27.42 -15.17
C PRO E 528 -2.66 -28.36 -15.84
N HIS E 529 -2.95 -28.07 -17.10
CA HIS E 529 -3.74 -28.99 -17.91
C HIS E 529 -2.97 -30.28 -18.16
N THR E 530 -3.60 -31.41 -17.86
CA THR E 530 -3.06 -32.72 -18.18
C THR E 530 -3.20 -33.07 -19.65
N ARG E 531 -4.20 -32.50 -20.33
CA ARG E 531 -4.45 -32.83 -21.73
C ARG E 531 -3.27 -32.49 -22.62
N ASP E 532 -2.48 -31.48 -22.28
CA ASP E 532 -1.32 -31.10 -23.07
C ASP E 532 -0.07 -31.47 -22.29
N SER E 533 0.74 -32.37 -22.85
CA SER E 533 1.91 -32.86 -22.15
C SER E 533 3.04 -31.85 -22.12
N THR E 534 3.09 -30.95 -23.09
CA THR E 534 4.20 -30.01 -23.19
C THR E 534 4.08 -28.86 -22.19
N ILE E 535 3.14 -28.95 -21.25
CA ILE E 535 2.97 -27.95 -20.20
C ILE E 535 3.63 -28.48 -18.94
N GLN E 536 4.47 -27.67 -18.31
CA GLN E 536 5.09 -28.05 -17.06
C GLN E 536 5.37 -26.81 -16.22
N VAL E 537 5.19 -26.94 -14.93
CA VAL E 537 5.53 -25.89 -13.97
C VAL E 537 6.73 -26.36 -13.16
N VAL E 538 7.58 -25.40 -12.79
CA VAL E 538 8.75 -25.67 -11.97
C VAL E 538 8.45 -25.37 -10.51
N GLU E 539 7.63 -24.37 -10.24
CA GLU E 539 7.30 -23.94 -8.88
C GLU E 539 6.02 -23.12 -8.90
N ASN E 540 5.15 -23.37 -7.94
CA ASN E 540 3.94 -22.57 -7.75
C ASN E 540 3.53 -22.62 -6.29
N GLY E 541 3.44 -21.46 -5.65
CA GLY E 541 3.13 -21.38 -4.25
C GLY E 541 4.28 -21.76 -3.34
N GLU E 542 5.41 -22.15 -3.91
CA GLU E 542 6.53 -22.62 -3.10
C GLU E 542 7.37 -21.46 -2.60
N SER E 543 7.46 -20.39 -3.39
CA SER E 543 8.29 -19.24 -3.05
C SER E 543 7.58 -17.98 -3.54
N SER E 544 8.33 -16.88 -3.57
CA SER E 544 7.81 -15.60 -4.04
C SER E 544 7.98 -15.42 -5.54
N GLN E 545 8.47 -16.44 -6.25
CA GLN E 545 8.63 -16.38 -7.69
C GLN E 545 8.09 -17.69 -8.28
N GLY E 546 7.21 -17.57 -9.26
CA GLY E 546 6.61 -18.74 -9.91
C GLY E 546 6.92 -18.74 -11.39
N ARG E 547 7.29 -19.90 -11.91
CA ARG E 547 7.70 -20.03 -13.30
C ARG E 547 7.14 -21.31 -13.90
N PHE E 548 7.01 -21.31 -15.23
CA PHE E 548 6.49 -22.46 -15.96
C PHE E 548 6.88 -22.35 -17.42
N SER E 549 6.82 -23.48 -18.11
CA SER E 549 7.26 -23.58 -19.49
C SER E 549 6.25 -24.39 -20.30
N VAL E 550 6.23 -24.15 -21.62
CA VAL E 550 5.27 -24.75 -22.52
C VAL E 550 5.79 -24.59 -23.95
N GLN E 551 5.39 -25.49 -24.84
CA GLN E 551 5.75 -25.36 -26.25
C GLN E 551 4.94 -24.23 -26.89
N MET E 552 5.55 -23.56 -27.86
CA MET E 552 4.86 -22.49 -28.57
C MET E 552 3.67 -23.04 -29.35
N PHE E 553 2.59 -22.26 -29.39
CA PHE E 553 1.40 -22.59 -30.13
C PHE E 553 1.00 -21.40 -30.99
N ARG E 554 -0.01 -21.60 -31.82
CA ARG E 554 -0.61 -20.49 -32.54
C ARG E 554 -2.12 -20.64 -32.48
N PHE E 555 -2.82 -19.55 -32.19
CA PHE E 555 -4.27 -19.59 -32.18
C PHE E 555 -4.78 -19.86 -33.59
N ALA E 556 -5.34 -21.06 -33.78
CA ALA E 556 -5.85 -21.43 -35.09
C ALA E 556 -6.92 -20.44 -35.53
N GLY E 557 -6.78 -19.94 -36.75
CA GLY E 557 -7.67 -18.89 -37.23
C GLY E 557 -6.90 -17.73 -37.81
N ASN E 558 -7.59 -16.63 -38.08
CA ASN E 558 -6.97 -15.45 -38.66
C ASN E 558 -6.30 -14.61 -37.58
N TYR E 559 -5.35 -15.25 -36.90
CA TYR E 559 -4.70 -14.69 -35.71
C TYR E 559 -3.22 -14.95 -35.78
N ASP E 560 -2.42 -13.92 -35.52
CA ASP E 560 -0.96 -14.01 -35.66
C ASP E 560 -0.21 -13.54 -34.42
N LEU E 561 -0.91 -13.11 -33.38
CA LEU E 561 -0.27 -12.60 -32.18
C LEU E 561 -0.81 -13.32 -30.97
N VAL E 562 0.04 -13.49 -29.95
CA VAL E 562 -0.30 -14.23 -28.75
C VAL E 562 0.04 -13.37 -27.54
N TYR E 563 -0.86 -13.33 -26.57
CA TYR E 563 -0.68 -12.59 -25.34
C TYR E 563 -0.88 -13.51 -24.14
N LEU E 564 -0.25 -13.17 -23.03
CA LEU E 564 -0.31 -13.98 -21.83
C LEU E 564 -0.89 -13.19 -20.68
N HIS E 565 -1.74 -13.84 -19.89
CA HIS E 565 -2.41 -13.16 -18.78
C HIS E 565 -2.59 -14.14 -17.64
N CYS E 566 -1.86 -13.93 -16.56
CA CYS E 566 -1.94 -14.74 -15.36
C CYS E 566 -2.56 -13.92 -14.23
N GLU E 567 -3.37 -14.57 -13.40
CA GLU E 567 -3.94 -13.95 -12.22
C GLU E 567 -3.39 -14.64 -10.97
N VAL E 568 -2.88 -13.84 -10.04
CA VAL E 568 -2.09 -14.34 -8.93
C VAL E 568 -2.85 -14.13 -7.63
N TYR E 569 -2.69 -15.07 -6.70
CA TYR E 569 -3.24 -14.95 -5.36
C TYR E 569 -2.11 -15.20 -4.37
N LEU E 570 -1.94 -14.29 -3.42
CA LEU E 570 -0.92 -14.47 -2.40
C LEU E 570 -1.49 -15.29 -1.24
N CYS E 571 -0.62 -16.04 -0.58
CA CYS E 571 -1.04 -16.90 0.52
C CYS E 571 -0.10 -16.75 1.69
N ASP E 572 -0.62 -17.08 2.88
CA ASP E 572 0.21 -17.15 4.08
C ASP E 572 0.90 -18.50 4.13
N THR E 573 2.24 -18.47 4.22
CA THR E 573 3.00 -19.72 4.20
C THR E 573 2.69 -20.59 5.41
N MET E 574 2.27 -19.97 6.52
CA MET E 574 2.01 -20.73 7.74
C MET E 574 0.52 -20.90 8.05
N ASN E 575 -0.32 -19.94 7.66
CA ASN E 575 -1.72 -19.99 8.09
C ASN E 575 -2.50 -21.04 7.32
N GLU E 576 -2.06 -21.39 6.12
CA GLU E 576 -2.72 -22.41 5.32
C GLU E 576 -1.69 -23.11 4.46
N LYS E 577 -2.09 -24.24 3.89
CA LYS E 577 -1.25 -25.00 2.99
C LYS E 577 -1.34 -24.38 1.60
N CYS E 578 -0.19 -24.00 1.03
CA CYS E 578 -0.17 -23.30 -0.24
C CYS E 578 0.19 -24.17 -1.42
N LYS E 579 0.98 -25.23 -1.23
CA LYS E 579 1.37 -26.06 -2.36
C LYS E 579 0.16 -26.81 -2.90
N PRO E 580 -0.20 -26.64 -4.17
CA PRO E 580 -1.30 -27.42 -4.74
C PRO E 580 -0.82 -28.72 -5.35
N THR E 581 -1.61 -29.77 -5.22
CA THR E 581 -1.27 -31.09 -5.75
C THR E 581 -2.47 -31.66 -6.48
N CYS E 582 -2.35 -31.82 -7.79
CA CYS E 582 -3.41 -32.37 -8.62
C CYS E 582 -2.96 -33.69 -9.23
N SER E 583 -3.94 -34.53 -9.54
CA SER E 583 -3.72 -35.76 -10.27
C SER E 583 -4.86 -35.96 -11.24
N GLY E 584 -4.60 -36.75 -12.29
CA GLY E 584 -5.60 -37.02 -13.30
C GLY E 584 -6.84 -37.71 -12.77
N ALA F 445 41.89 28.66 142.01
CA ALA F 445 42.56 28.08 140.85
C ALA F 445 41.63 28.03 139.64
N LEU F 446 42.05 28.67 138.56
CA LEU F 446 41.30 28.73 137.31
C LEU F 446 42.01 27.90 136.26
N ASN F 447 41.25 27.13 135.49
CA ASN F 447 41.79 26.29 134.43
C ASN F 447 41.22 26.75 133.10
N ILE F 448 42.09 26.99 132.12
CA ILE F 448 41.69 27.32 130.77
C ILE F 448 41.93 26.11 129.90
N ARG F 449 40.86 25.49 129.43
CA ARG F 449 40.93 24.28 128.63
C ARG F 449 40.99 24.66 127.16
N VAL F 450 42.08 24.28 126.50
CA VAL F 450 42.26 24.55 125.08
C VAL F 450 42.68 23.24 124.41
N GLY F 451 42.47 23.19 123.10
CA GLY F 451 42.75 21.99 122.34
C GLY F 451 43.23 22.33 120.94
N GLY F 452 43.50 21.28 120.18
CA GLY F 452 43.95 21.43 118.81
C GLY F 452 44.01 20.08 118.15
N THR F 453 44.50 20.08 116.91
CA THR F 453 44.62 18.86 116.13
C THR F 453 45.85 18.99 115.23
N GLY F 454 46.58 17.89 115.07
CA GLY F 454 47.76 17.89 114.24
C GLY F 454 47.68 16.82 113.18
N MET F 455 48.68 16.80 112.30
CA MET F 455 48.73 15.87 111.19
C MET F 455 50.13 15.29 111.09
N PHE F 456 50.30 14.02 111.43
CA PHE F 456 51.59 13.38 111.30
C PHE F 456 52.05 13.35 109.85
N THR F 457 53.29 12.94 109.67
CA THR F 457 53.91 12.90 108.37
C THR F 457 54.34 11.48 108.06
N VAL F 458 53.74 10.92 107.02
CA VAL F 458 54.15 9.63 106.47
C VAL F 458 54.34 9.84 104.98
N ARG F 459 55.40 9.25 104.44
CA ARG F 459 55.78 9.40 103.05
C ARG F 459 55.93 8.02 102.44
N MET F 460 55.97 8.00 101.12
CA MET F 460 56.41 6.84 100.36
C MET F 460 57.39 7.29 99.29
N ALA F 461 58.19 6.34 98.81
CA ALA F 461 59.24 6.67 97.84
C ALA F 461 59.60 5.41 97.07
N LEU F 462 59.72 5.57 95.76
CA LEU F 462 60.07 4.48 94.86
C LEU F 462 61.58 4.29 94.91
N PHE F 463 62.00 3.17 95.52
CA PHE F 463 63.41 2.79 95.56
C PHE F 463 63.81 2.29 94.19
N GLN F 464 64.78 2.97 93.58
CA GLN F 464 65.18 2.63 92.21
C GLN F 464 65.83 1.26 92.11
N THR F 465 66.30 0.71 93.23
CA THR F 465 67.04 -0.54 93.25
C THR F 465 66.43 -1.46 94.31
N PRO F 466 66.69 -2.76 94.20
CA PRO F 466 66.31 -3.67 95.28
C PRO F 466 67.02 -3.33 96.58
N SER F 467 66.64 -4.04 97.63
CA SER F 467 67.12 -3.84 99.00
C SER F 467 66.70 -2.49 99.58
N TYR F 468 65.96 -1.68 98.80
CA TYR F 468 65.35 -0.45 99.28
C TYR F 468 66.40 0.50 99.84
N THR F 469 67.40 0.75 98.99
CA THR F 469 68.57 1.53 99.37
C THR F 469 68.45 3.00 99.06
N GLN F 470 68.15 3.37 97.81
CA GLN F 470 68.08 4.78 97.50
C GLN F 470 66.78 5.10 96.77
N PRO F 471 66.21 6.28 96.98
CA PRO F 471 64.91 6.62 96.40
C PRO F 471 65.03 7.17 94.99
N TYR F 472 63.89 7.60 94.47
CA TYR F 472 63.76 8.15 93.13
C TYR F 472 63.19 9.56 93.25
N GLN F 473 63.76 10.50 92.50
CA GLN F 473 63.49 11.92 92.71
C GLN F 473 62.80 12.60 91.54
N GLY F 474 62.58 11.89 90.44
CA GLY F 474 61.96 12.49 89.27
C GLY F 474 60.45 12.63 89.42
N SER F 475 59.82 13.11 88.36
CA SER F 475 58.39 13.31 88.32
C SER F 475 57.64 12.28 87.50
N SER F 476 58.33 11.58 86.60
CA SER F 476 57.72 10.51 85.82
C SER F 476 58.81 9.53 85.42
N VAL F 477 58.52 8.24 85.56
CA VAL F 477 59.49 7.18 85.29
C VAL F 477 58.85 6.15 84.36
N THR F 478 59.65 5.64 83.42
CA THR F 478 59.20 4.65 82.46
C THR F 478 59.94 3.35 82.73
N LEU F 479 59.22 2.23 82.75
CA LEU F 479 59.80 0.93 83.04
C LEU F 479 59.23 -0.12 82.08
N SER F 480 60.00 -1.19 81.89
CA SER F 480 59.53 -2.38 81.21
C SER F 480 58.59 -3.13 82.14
N THR F 481 57.67 -3.90 81.54
CA THR F 481 56.70 -4.62 82.34
C THR F 481 57.33 -5.73 83.17
N GLU F 482 58.34 -6.40 82.65
CA GLU F 482 59.04 -7.44 83.40
C GLU F 482 59.93 -6.88 84.51
N ALA F 483 60.26 -5.59 84.45
CA ALA F 483 61.01 -4.94 85.51
C ALA F 483 60.19 -4.93 86.79
N PHE F 484 60.84 -5.20 87.91
CA PHE F 484 60.13 -5.22 89.18
C PHE F 484 60.02 -3.82 89.78
N LEU F 485 59.17 -3.71 90.79
CA LEU F 485 58.87 -2.44 91.44
C LEU F 485 59.33 -2.53 92.89
N TYR F 486 60.06 -1.52 93.34
CA TYR F 486 60.68 -1.52 94.67
C TYR F 486 60.28 -0.21 95.35
N VAL F 487 59.32 -0.27 96.27
CA VAL F 487 58.80 0.93 96.91
C VAL F 487 58.68 0.67 98.41
N GLY F 488 58.67 1.75 99.18
CA GLY F 488 58.50 1.66 100.61
C GLY F 488 57.81 2.89 101.14
N THR F 489 57.48 2.84 102.43
CA THR F 489 56.82 3.93 103.13
C THR F 489 57.59 4.25 104.41
N MET F 490 57.80 5.54 104.64
CA MET F 490 58.53 6.00 105.81
C MET F 490 57.63 6.86 106.69
N LEU F 491 57.84 6.76 107.99
CA LEU F 491 57.07 7.53 108.96
C LEU F 491 58.02 8.53 109.60
N ASP F 492 57.63 9.81 109.60
CA ASP F 492 58.49 10.88 110.08
C ASP F 492 57.81 11.74 111.13
N GLY F 493 56.55 11.43 111.49
CA GLY F 493 55.84 12.25 112.45
C GLY F 493 56.52 12.28 113.81
N GLY F 494 56.56 11.14 114.48
CA GLY F 494 57.16 11.03 115.79
C GLY F 494 56.63 9.84 116.57
N ASP F 495 57.14 9.71 117.79
CA ASP F 495 56.83 8.60 118.68
C ASP F 495 57.07 7.26 117.99
N LEU F 496 58.20 7.17 117.30
CA LEU F 496 58.59 5.93 116.65
C LEU F 496 58.77 4.80 117.66
N SER F 497 59.04 5.13 118.92
CA SER F 497 59.21 4.11 119.94
C SER F 497 57.90 3.36 120.22
N ARG F 498 56.79 4.09 120.33
CA ARG F 498 55.54 3.50 120.78
C ARG F 498 54.63 3.04 119.65
N PHE F 499 54.80 3.58 118.45
CA PHE F 499 53.93 3.26 117.32
C PHE F 499 54.71 2.50 116.28
N ALA F 500 54.03 1.61 115.57
CA ALA F 500 54.60 0.86 114.46
C ALA F 500 53.82 1.18 113.21
N LEU F 501 54.52 1.64 112.16
CA LEU F 501 53.87 1.88 110.88
C LEU F 501 53.26 0.59 110.36
N LEU F 502 51.96 0.63 110.05
CA LEU F 502 51.25 -0.55 109.60
C LEU F 502 50.42 -0.19 108.38
N MET F 503 50.41 -1.09 107.40
CA MET F 503 49.74 -0.87 106.13
C MET F 503 48.48 -1.73 106.12
N THR F 504 47.32 -1.09 105.92
CA THR F 504 46.07 -1.85 105.88
C THR F 504 45.68 -2.22 104.46
N ASN F 505 45.76 -1.26 103.54
CA ASN F 505 45.30 -1.49 102.18
C ASN F 505 46.01 -0.54 101.24
N CYS F 506 46.41 -1.07 100.10
CA CYS F 506 47.01 -0.28 99.04
C CYS F 506 46.58 -0.84 97.70
N TYR F 507 46.62 0.01 96.68
CA TYR F 507 46.07 -0.36 95.38
C TYR F 507 46.72 0.48 94.30
N ALA F 508 46.25 0.27 93.07
CA ALA F 508 46.68 1.02 91.91
C ALA F 508 45.48 1.43 91.08
N THR F 509 45.55 2.64 90.51
CA THR F 509 44.55 3.14 89.59
C THR F 509 45.23 3.92 88.47
N PRO F 510 44.66 3.91 87.27
CA PRO F 510 45.34 4.54 86.14
C PRO F 510 45.36 6.06 86.19
N SER F 511 44.71 6.65 87.19
CA SER F 511 44.61 8.10 87.28
C SER F 511 45.24 8.57 88.59
N SER F 512 45.73 9.80 88.57
CA SER F 512 46.21 10.41 89.81
C SER F 512 45.14 10.44 90.88
N ASN F 513 43.89 10.63 90.46
CA ASN F 513 42.75 10.46 91.35
C ASN F 513 42.80 9.11 92.04
N ALA F 514 42.78 9.11 93.36
CA ALA F 514 42.88 7.88 94.13
C ALA F 514 41.54 7.17 94.31
N THR F 515 40.43 7.90 94.27
CA THR F 515 39.10 7.32 94.46
C THR F 515 38.50 6.81 93.17
N ASP F 516 39.32 6.51 92.17
CA ASP F 516 38.79 5.99 90.91
C ASP F 516 38.17 4.62 91.13
N PRO F 517 36.98 4.36 90.57
CA PRO F 517 36.33 3.06 90.78
C PRO F 517 37.18 1.87 90.39
N LEU F 518 37.92 1.96 89.29
CA LEU F 518 38.86 0.91 88.91
C LEU F 518 39.98 0.87 89.94
N LYS F 519 40.12 -0.24 90.63
CA LYS F 519 41.18 -0.42 91.62
C LYS F 519 41.76 -1.82 91.49
N TYR F 520 43.07 -1.92 91.70
CA TYR F 520 43.76 -3.21 91.79
C TYR F 520 44.51 -3.23 93.11
N PHE F 521 43.92 -3.87 94.11
CA PHE F 521 44.46 -3.86 95.47
C PHE F 521 45.79 -4.62 95.49
N ILE F 522 46.89 -3.88 95.59
CA ILE F 522 48.18 -4.53 95.73
C ILE F 522 48.31 -5.19 97.10
N ILE F 523 47.76 -4.56 98.15
CA ILE F 523 47.63 -5.17 99.46
C ILE F 523 46.16 -5.15 99.83
N GLN F 524 45.63 -6.31 100.22
CA GLN F 524 44.23 -6.46 100.59
C GLN F 524 44.13 -6.92 102.04
N ASP F 525 43.54 -6.08 102.89
CA ASP F 525 43.17 -6.44 104.25
C ASP F 525 44.36 -7.01 105.02
N ARG F 526 45.38 -6.16 105.14
CA ARG F 526 46.58 -6.48 105.93
C ARG F 526 47.28 -7.71 105.38
N CYS F 527 47.05 -8.02 104.10
CA CYS F 527 47.62 -9.20 103.50
C CYS F 527 47.93 -8.96 102.03
N PRO F 528 49.10 -9.37 101.57
CA PRO F 528 49.36 -9.34 100.12
C PRO F 528 48.46 -10.33 99.40
N HIS F 529 48.14 -10.02 98.15
CA HIS F 529 47.31 -10.92 97.35
C HIS F 529 48.03 -12.24 97.15
N THR F 530 47.27 -13.33 97.21
CA THR F 530 47.82 -14.67 97.14
C THR F 530 47.86 -15.22 95.72
N ARG F 531 46.80 -15.01 94.93
CA ARG F 531 46.78 -15.54 93.57
C ARG F 531 47.73 -14.81 92.64
N ASP F 532 48.33 -13.71 93.07
CA ASP F 532 49.40 -13.06 92.32
C ASP F 532 50.71 -13.32 93.04
N SER F 533 51.54 -14.20 92.47
CA SER F 533 52.72 -14.67 93.17
C SER F 533 53.82 -13.61 93.21
N THR F 534 53.83 -12.70 92.25
CA THR F 534 54.91 -11.72 92.15
C THR F 534 54.80 -10.62 93.19
N ILE F 535 53.86 -10.72 94.13
CA ILE F 535 53.66 -9.74 95.19
C ILE F 535 54.34 -10.27 96.44
N GLN F 536 55.13 -9.42 97.09
CA GLN F 536 55.74 -9.78 98.36
C GLN F 536 55.93 -8.54 99.22
N VAL F 537 55.93 -8.75 100.52
CA VAL F 537 56.23 -7.70 101.48
C VAL F 537 57.44 -8.14 102.30
N VAL F 538 58.23 -7.16 102.73
CA VAL F 538 59.38 -7.40 103.60
C VAL F 538 59.02 -7.15 105.06
N GLU F 539 58.26 -6.09 105.33
CA GLU F 539 57.89 -5.72 106.69
C GLU F 539 56.59 -4.94 106.66
N ASN F 540 55.67 -5.29 107.57
CA ASN F 540 54.44 -4.54 107.78
C ASN F 540 54.11 -4.57 109.26
N GLY F 541 54.17 -3.41 109.91
CA GLY F 541 53.99 -3.32 111.34
C GLY F 541 55.23 -3.63 112.14
N GLU F 542 56.33 -4.01 111.49
CA GLU F 542 57.54 -4.39 112.21
C GLU F 542 58.30 -3.17 112.71
N SER F 543 58.19 -2.04 112.01
CA SER F 543 58.93 -0.85 112.36
C SER F 543 58.13 0.37 111.91
N SER F 544 58.78 1.53 111.91
CA SER F 544 58.20 2.76 111.40
C SER F 544 58.32 2.87 109.89
N GLN F 545 58.83 1.84 109.22
CA GLN F 545 58.98 1.83 107.78
C GLN F 545 58.46 0.51 107.25
N GLY F 546 57.63 0.57 106.22
CA GLY F 546 57.03 -0.62 105.61
C GLY F 546 57.23 -0.61 104.11
N ARG F 547 57.73 -1.73 103.59
CA ARG F 547 58.15 -1.81 102.19
C ARG F 547 57.62 -3.10 101.58
N PHE F 548 57.47 -3.08 100.25
CA PHE F 548 56.99 -4.24 99.52
C PHE F 548 57.35 -4.07 98.05
N SER F 549 57.35 -5.20 97.33
CA SER F 549 57.75 -5.22 95.93
C SER F 549 56.78 -6.07 95.11
N VAL F 550 56.72 -5.79 93.82
CA VAL F 550 55.78 -6.44 92.91
C VAL F 550 56.27 -6.23 91.49
N GLN F 551 55.93 -7.17 90.60
CA GLN F 551 56.22 -7.00 89.18
C GLN F 551 55.43 -5.81 88.63
N MET F 552 56.01 -5.10 87.67
CA MET F 552 55.32 -4.01 87.01
C MET F 552 54.20 -4.56 86.15
N PHE F 553 53.07 -3.87 86.12
CA PHE F 553 51.93 -4.28 85.32
C PHE F 553 51.42 -3.08 84.52
N ARG F 554 50.40 -3.31 83.71
CA ARG F 554 49.72 -2.23 83.00
C ARG F 554 48.22 -2.45 83.09
N PHE F 555 47.49 -1.38 83.36
CA PHE F 555 46.03 -1.47 83.35
C PHE F 555 45.56 -1.76 81.92
N ALA F 556 45.01 -2.95 81.72
CA ALA F 556 44.51 -3.31 80.40
C ALA F 556 43.42 -2.33 79.99
N GLY F 557 43.55 -1.80 78.77
CA GLY F 557 42.64 -0.77 78.31
C GLY F 557 43.35 0.41 77.73
N ASN F 558 42.63 1.51 77.50
CA ASN F 558 43.20 2.71 76.92
C ASN F 558 43.84 3.57 78.01
N TYR F 559 44.79 2.95 78.71
CA TYR F 559 45.40 3.53 79.90
C TYR F 559 46.90 3.33 79.85
N ASP F 560 47.65 4.40 80.06
CA ASP F 560 49.11 4.37 79.93
C ASP F 560 49.83 4.84 81.18
N LEU F 561 49.10 5.15 82.26
CA LEU F 561 49.72 5.60 83.49
C LEU F 561 49.15 4.80 84.64
N VAL F 562 49.94 4.66 85.71
CA VAL F 562 49.56 3.89 86.88
C VAL F 562 49.93 4.70 88.11
N TYR F 563 49.04 4.72 89.10
CA TYR F 563 49.21 5.50 90.31
C TYR F 563 48.97 4.63 91.54
N LEU F 564 49.81 4.79 92.54
CA LEU F 564 49.78 3.93 93.71
C LEU F 564 49.27 4.73 94.91
N HIS F 565 48.40 4.10 95.70
CA HIS F 565 47.77 4.78 96.83
C HIS F 565 47.57 3.79 97.96
N CYS F 566 48.25 4.04 99.08
CA CYS F 566 48.18 3.21 100.27
C CYS F 566 47.55 3.98 101.42
N GLU F 567 46.83 3.26 102.28
CA GLU F 567 46.23 3.86 103.46
C GLU F 567 46.83 3.23 104.72
N VAL F 568 47.36 4.07 105.59
CA VAL F 568 48.19 3.64 106.72
C VAL F 568 47.35 3.67 107.99
N TYR F 569 47.58 2.70 108.87
CA TYR F 569 47.01 2.71 110.21
C TYR F 569 48.14 2.54 111.21
N LEU F 570 48.29 3.51 112.11
CA LEU F 570 49.29 3.42 113.17
C LEU F 570 48.75 2.58 114.31
N CYS F 571 49.63 1.84 114.98
CA CYS F 571 49.23 0.95 116.06
C CYS F 571 50.23 1.03 117.20
N ASP F 572 49.72 0.81 118.41
CA ASP F 572 50.56 0.73 119.60
C ASP F 572 51.27 -0.62 119.62
N THR F 573 52.60 -0.59 119.77
CA THR F 573 53.37 -1.83 119.69
C THR F 573 53.19 -2.68 120.94
N MET F 574 52.86 -2.07 122.08
CA MET F 574 52.65 -2.84 123.29
C MET F 574 51.18 -3.04 123.64
N ASN F 575 50.30 -2.11 123.27
CA ASN F 575 48.91 -2.21 123.68
C ASN F 575 48.18 -3.31 122.92
N GLU F 576 48.60 -3.58 121.68
CA GLU F 576 47.96 -4.62 120.88
C GLU F 576 49.01 -5.32 120.03
N LYS F 577 48.65 -6.51 119.55
CA LYS F 577 49.50 -7.33 118.71
C LYS F 577 49.26 -6.94 117.26
N CYS F 578 50.22 -6.21 116.68
CA CYS F 578 50.05 -5.62 115.35
C CYS F 578 50.47 -6.53 114.21
N LYS F 579 50.92 -7.74 114.49
CA LYS F 579 51.48 -8.56 113.42
C LYS F 579 50.36 -9.09 112.53
N PRO F 580 50.33 -8.73 111.24
CA PRO F 580 49.40 -9.39 110.33
C PRO F 580 49.99 -10.67 109.76
N THR F 581 49.37 -11.80 110.05
CA THR F 581 49.85 -13.10 109.58
C THR F 581 48.65 -13.90 109.10
N CYS F 582 48.58 -14.13 107.80
CA CYS F 582 47.46 -14.82 107.18
C CYS F 582 47.97 -15.84 106.18
N SER F 583 47.15 -16.87 105.95
CA SER F 583 47.46 -17.91 104.99
C SER F 583 46.21 -18.19 104.15
N GLY F 584 46.44 -18.69 102.94
CA GLY F 584 45.36 -18.99 102.02
C GLY F 584 44.44 -20.10 102.52
N PRO G 173 16.80 124.73 -30.62
CA PRO G 173 16.64 123.70 -31.64
C PRO G 173 16.38 122.31 -31.06
N CYS G 174 17.46 121.58 -30.76
CA CYS G 174 17.33 120.23 -30.22
C CYS G 174 16.90 120.22 -28.77
N GLN G 175 17.19 121.29 -28.01
CA GLN G 175 16.78 121.37 -26.62
C GLN G 175 15.64 122.33 -26.38
N ALA G 176 15.40 123.28 -27.28
CA ALA G 176 14.33 124.27 -27.15
C ALA G 176 13.26 123.93 -28.18
N HIS G 177 12.33 123.06 -27.79
CA HIS G 177 11.23 122.66 -28.65
C HIS G 177 10.09 122.16 -27.80
N ARG G 178 8.90 122.13 -28.38
CA ARG G 178 7.69 121.68 -27.71
C ARG G 178 7.20 120.39 -28.37
N THR G 179 7.06 119.34 -27.57
CA THR G 179 6.58 118.07 -28.10
C THR G 179 5.08 118.14 -28.36
N LEU G 180 4.62 117.27 -29.26
CA LEU G 180 3.21 117.16 -29.61
C LEU G 180 2.79 115.69 -29.46
N ASP G 181 2.03 115.40 -28.42
CA ASP G 181 1.51 114.06 -28.16
C ASP G 181 0.12 113.99 -28.78
N GLU G 182 0.08 113.79 -30.10
CA GLU G 182 -1.18 113.75 -30.85
C GLU G 182 -1.15 112.55 -31.77
N TYR G 183 -2.15 111.68 -31.65
CA TYR G 183 -2.23 110.45 -32.41
C TYR G 183 -3.09 110.58 -33.67
N TRP G 184 -3.66 111.75 -33.94
CA TRP G 184 -4.52 111.93 -35.11
C TRP G 184 -3.81 112.57 -36.28
N ARG G 185 -2.50 112.79 -36.19
CA ARG G 185 -1.74 113.37 -37.29
C ARG G 185 -1.22 112.33 -38.28
N SER G 186 -1.45 111.05 -38.03
CA SER G 186 -0.93 110.01 -38.89
C SER G 186 -1.63 110.04 -40.25
N THR G 187 -0.99 109.39 -41.22
CA THR G 187 -1.50 109.29 -42.59
C THR G 187 -2.57 108.22 -42.75
N GLU G 188 -3.08 107.66 -41.65
CA GLU G 188 -4.08 106.60 -41.70
C GLU G 188 -5.46 107.06 -41.25
N TYR G 189 -5.56 108.21 -40.60
CA TYR G 189 -6.84 108.72 -40.12
C TYR G 189 -7.76 109.04 -41.30
N GLY G 190 -9.07 108.92 -41.05
CA GLY G 190 -10.05 109.07 -42.10
C GLY G 190 -10.19 110.46 -42.69
N GLU G 191 -10.68 111.41 -41.90
CA GLU G 191 -10.90 112.77 -42.38
C GLU G 191 -11.27 113.67 -41.22
N GLY G 192 -10.79 114.91 -41.25
CA GLY G 192 -11.13 115.90 -40.25
C GLY G 192 -11.24 117.29 -40.82
N TYR G 193 -11.21 118.31 -39.94
CA TYR G 193 -11.33 119.69 -40.39
C TYR G 193 -10.34 120.62 -39.71
N ALA G 194 -9.53 120.13 -38.78
CA ALA G 194 -8.63 120.99 -38.03
C ALA G 194 -7.53 121.53 -38.93
N CYS G 195 -7.19 122.81 -38.73
CA CYS G 195 -6.09 123.44 -39.45
C CYS G 195 -5.15 124.06 -38.43
N ASP G 196 -3.85 124.06 -38.76
CA ASP G 196 -2.82 124.56 -37.86
C ASP G 196 -2.48 125.99 -38.27
N THR G 197 -2.95 126.95 -37.47
CA THR G 197 -2.56 128.34 -37.61
C THR G 197 -1.90 128.89 -36.35
N ASP G 198 -2.13 128.28 -35.20
CA ASP G 198 -1.53 128.71 -33.94
C ASP G 198 -0.22 128.01 -33.63
N LEU G 199 0.31 127.23 -34.58
CA LEU G 199 1.54 126.48 -34.36
C LEU G 199 2.73 127.43 -34.53
N ARG G 200 3.55 127.56 -33.48
CA ARG G 200 4.67 128.49 -33.47
C ARG G 200 5.81 127.87 -32.71
N GLY G 201 6.98 127.77 -33.34
CA GLY G 201 8.17 127.27 -32.66
C GLY G 201 8.69 125.98 -33.25
N TRP G 202 9.60 125.34 -32.53
CA TRP G 202 10.22 124.08 -32.94
C TRP G 202 9.48 122.95 -32.23
N TYR G 203 9.22 121.86 -32.95
CA TYR G 203 8.39 120.78 -32.42
C TYR G 203 9.06 119.43 -32.60
N ARG G 204 8.84 118.56 -31.62
CA ARG G 204 9.31 117.17 -31.62
C ARG G 204 8.08 116.27 -31.58
N PHE G 205 7.72 115.69 -32.72
CA PHE G 205 6.53 114.85 -32.78
C PHE G 205 6.78 113.52 -32.08
N VAL G 206 5.96 113.24 -31.07
CA VAL G 206 6.12 112.07 -30.22
C VAL G 206 4.76 111.37 -30.07
N GLY G 207 4.75 110.06 -30.25
CA GLY G 207 3.57 109.25 -30.04
C GLY G 207 3.30 108.34 -31.21
N GLN G 208 2.06 107.84 -31.26
CA GLN G 208 1.67 106.91 -32.31
C GLN G 208 1.61 107.57 -33.69
N GLY G 209 1.48 108.90 -33.74
CA GLY G 209 1.41 109.56 -35.02
C GLY G 209 2.67 109.43 -35.84
N GLY G 210 3.82 109.64 -35.21
CA GLY G 210 5.10 109.55 -35.89
C GLY G 210 6.08 110.59 -35.38
N ALA G 211 7.31 110.47 -35.88
CA ALA G 211 8.39 111.38 -35.50
C ALA G 211 8.87 112.25 -36.66
N ARG G 212 8.46 111.95 -37.89
CA ARG G 212 8.90 112.69 -39.06
C ARG G 212 7.71 113.01 -39.96
N MET G 213 7.94 113.95 -40.88
CA MET G 213 6.94 114.23 -41.92
C MET G 213 6.90 113.10 -42.93
N ALA G 214 5.81 113.03 -43.69
CA ALA G 214 5.75 112.17 -44.85
C ALA G 214 6.69 112.70 -45.93
N GLU G 215 7.27 111.79 -46.70
CA GLU G 215 8.26 112.15 -47.70
C GLU G 215 7.69 112.26 -49.11
N THR G 216 6.43 111.89 -49.31
CA THR G 216 5.73 112.06 -50.57
C THR G 216 4.37 112.69 -50.29
N CYS G 217 3.77 113.26 -51.33
CA CYS G 217 2.47 113.90 -51.18
C CYS G 217 1.41 112.85 -50.89
N VAL G 218 0.96 112.80 -49.64
CA VAL G 218 -0.05 111.82 -49.22
C VAL G 218 -1.36 112.10 -49.94
N PRO G 219 -2.11 111.08 -50.35
CA PRO G 219 -3.36 111.31 -51.08
C PRO G 219 -4.34 112.19 -50.32
N VAL G 220 -5.35 112.65 -51.05
CA VAL G 220 -6.30 113.62 -50.52
C VAL G 220 -7.11 112.99 -49.38
N LEU G 221 -7.68 113.86 -48.54
CA LEU G 221 -8.60 113.48 -47.47
C LEU G 221 -7.93 112.61 -46.40
N ARG G 222 -6.81 113.06 -45.85
CA ARG G 222 -6.07 112.33 -44.84
C ARG G 222 -5.46 113.29 -43.82
N CYS G 223 -5.08 112.73 -42.67
CA CYS G 223 -4.42 113.48 -41.58
C CYS G 223 -5.36 114.49 -40.94
N ASN G 224 -6.62 114.09 -40.73
CA ASN G 224 -7.62 114.93 -40.08
C ASN G 224 -7.82 116.25 -40.85
N THR G 225 -7.58 116.21 -42.16
CA THR G 225 -7.74 117.37 -43.01
C THR G 225 -8.02 116.88 -44.43
N ALA G 226 -8.92 117.57 -45.12
CA ALA G 226 -9.18 117.21 -46.52
C ALA G 226 -8.02 117.64 -47.41
N ALA G 227 -7.19 118.57 -46.95
CA ALA G 227 -6.04 119.05 -47.69
C ALA G 227 -4.79 118.92 -46.83
N PRO G 228 -4.16 117.76 -46.81
CA PRO G 228 -2.95 117.57 -46.00
C PRO G 228 -1.72 118.19 -46.64
N MET G 229 -0.65 118.27 -45.85
CA MET G 229 0.61 118.84 -46.29
C MET G 229 1.74 117.84 -46.05
N TRP G 230 2.84 118.04 -46.78
CA TRP G 230 3.99 117.16 -46.74
C TRP G 230 5.25 117.98 -46.94
N LEU G 231 6.36 117.49 -46.38
CA LEU G 231 7.66 118.10 -46.58
C LEU G 231 8.34 117.43 -47.76
N ASN G 232 8.55 118.18 -48.84
CA ASN G 232 9.13 117.62 -50.06
C ASN G 232 10.62 117.38 -49.87
N GLY G 233 11.14 116.44 -50.64
CA GLY G 233 12.54 116.06 -50.50
C GLY G 233 12.76 115.06 -49.38
N THR G 234 14.02 114.93 -49.00
CA THR G 234 14.43 113.98 -47.97
C THR G 234 14.84 114.71 -46.70
N HIS G 235 14.59 114.06 -45.57
CA HIS G 235 15.03 114.62 -44.29
C HIS G 235 16.55 114.67 -44.24
N PRO G 236 17.11 115.77 -43.71
CA PRO G 236 18.56 115.85 -43.54
C PRO G 236 19.06 114.80 -42.55
N SER G 237 20.27 114.31 -42.80
CA SER G 237 20.85 113.29 -41.94
C SER G 237 21.47 113.96 -40.71
N SER G 238 22.07 113.15 -39.83
CA SER G 238 22.73 113.70 -38.65
C SER G 238 23.93 114.54 -39.07
N ASP G 239 24.21 115.59 -38.28
CA ASP G 239 25.29 116.54 -38.55
C ASP G 239 25.10 117.19 -39.93
N GLU G 240 23.98 117.92 -40.04
CA GLU G 240 23.66 118.63 -41.26
C GLU G 240 23.37 120.09 -40.97
N GLY G 241 22.88 120.37 -39.77
CA GLY G 241 22.55 121.73 -39.37
C GLY G 241 21.19 122.17 -39.87
N ILE G 242 21.05 123.47 -40.02
CA ILE G 242 19.79 124.06 -40.48
C ILE G 242 19.67 123.89 -41.99
N VAL G 243 18.56 123.33 -42.44
CA VAL G 243 18.29 123.10 -43.85
C VAL G 243 16.95 123.73 -44.19
N SER G 244 16.92 124.46 -45.32
CA SER G 244 15.74 125.16 -45.77
C SER G 244 14.96 124.27 -46.73
N ARG G 245 13.69 124.03 -46.40
CA ARG G 245 12.80 123.25 -47.24
C ARG G 245 11.48 123.97 -47.38
N LYS G 246 10.71 123.59 -48.39
CA LYS G 246 9.40 124.19 -48.65
C LYS G 246 8.36 123.07 -48.63
N ALA G 247 7.64 122.95 -47.51
CA ALA G 247 6.62 121.93 -47.35
C ALA G 247 5.47 122.20 -48.32
N CYS G 248 5.26 121.28 -49.26
CA CYS G 248 4.21 121.42 -50.25
C CYS G 248 2.87 120.93 -49.66
N ALA G 249 1.79 121.27 -50.36
CA ALA G 249 0.43 120.94 -49.91
C ALA G 249 -0.33 120.32 -51.07
N HIS G 250 -0.99 119.19 -50.82
CA HIS G 250 -1.75 118.50 -51.85
C HIS G 250 -3.25 118.76 -51.66
N TRP G 251 -3.90 119.18 -52.74
CA TRP G 251 -5.34 119.42 -52.74
C TRP G 251 -5.84 119.48 -54.17
N SER G 252 -7.10 119.10 -54.37
CA SER G 252 -7.84 119.23 -55.62
C SER G 252 -7.27 118.36 -56.74
N GLY G 253 -6.29 117.51 -56.45
CA GLY G 253 -5.68 116.66 -57.46
C GLY G 253 -4.34 117.14 -57.98
N HIS G 254 -3.79 118.21 -57.40
CA HIS G 254 -2.48 118.73 -57.79
C HIS G 254 -1.59 118.76 -56.56
N CYS G 255 -0.67 117.80 -56.46
CA CYS G 255 0.27 117.79 -55.36
C CYS G 255 1.14 119.05 -55.41
N CYS G 256 1.39 119.63 -54.24
CA CYS G 256 2.19 120.85 -54.09
C CYS G 256 1.55 122.02 -54.85
N LEU G 257 0.33 122.35 -54.44
CA LEU G 257 -0.40 123.49 -54.99
C LEU G 257 -0.24 124.76 -54.16
N TRP G 258 -0.08 124.63 -52.84
CA TRP G 258 0.31 125.71 -51.97
C TRP G 258 1.62 125.37 -51.28
N ASP G 259 2.41 126.40 -50.99
CA ASP G 259 3.76 126.22 -50.48
C ASP G 259 3.92 126.96 -49.15
N ALA G 260 4.61 126.31 -48.21
CA ALA G 260 4.94 126.92 -46.92
C ALA G 260 6.42 126.68 -46.63
N SER G 261 7.02 127.62 -45.92
CA SER G 261 8.45 127.59 -45.63
C SER G 261 8.68 126.85 -44.30
N VAL G 262 9.52 125.83 -44.33
CA VAL G 262 9.85 125.03 -43.16
C VAL G 262 11.36 124.95 -43.03
N GLN G 263 11.84 124.84 -41.79
CA GLN G 263 13.27 124.75 -41.51
C GLN G 263 13.49 123.55 -40.57
N VAL G 264 13.90 122.43 -41.14
CA VAL G 264 14.13 121.20 -40.40
C VAL G 264 15.60 121.10 -40.00
N LYS G 265 15.85 120.63 -38.78
CA LYS G 265 17.21 120.42 -38.29
C LYS G 265 17.29 119.03 -37.66
N ALA G 266 18.38 118.33 -37.94
CA ALA G 266 18.61 117.03 -37.31
C ALA G 266 18.99 117.22 -35.84
N CYS G 267 18.93 116.13 -35.09
CA CYS G 267 19.19 116.16 -33.66
C CYS G 267 19.86 114.87 -33.21
N ALA G 268 20.59 114.96 -32.10
CA ALA G 268 21.25 113.80 -31.52
C ALA G 268 20.20 112.86 -30.94
N GLY G 269 20.03 111.71 -31.57
CA GLY G 269 18.98 110.77 -31.21
C GLY G 269 17.99 110.60 -32.35
N GLY G 270 17.06 109.67 -32.15
CA GLY G 270 16.09 109.34 -33.18
C GLY G 270 14.91 110.29 -33.23
N TYR G 271 15.17 111.56 -33.51
CA TYR G 271 14.10 112.55 -33.61
C TYR G 271 14.61 113.76 -34.40
N TYR G 272 13.68 114.59 -34.84
CA TYR G 272 13.97 115.77 -35.61
C TYR G 272 13.14 116.94 -35.08
N VAL G 273 13.50 118.14 -35.52
CA VAL G 273 12.80 119.37 -35.15
C VAL G 273 12.46 120.14 -36.42
N TYR G 274 11.39 120.93 -36.36
CA TYR G 274 10.89 121.64 -37.52
C TYR G 274 10.46 123.05 -37.13
N ASN G 275 10.75 124.01 -38.00
CA ASN G 275 10.26 125.38 -37.84
C ASN G 275 8.91 125.47 -38.55
N LEU G 276 7.86 125.06 -37.83
CA LEU G 276 6.53 124.91 -38.41
C LEU G 276 5.84 126.27 -38.47
N THR G 277 5.69 126.80 -39.67
CA THR G 277 4.98 128.06 -39.86
C THR G 277 3.53 127.81 -40.24
N ALA G 278 2.72 128.84 -40.10
CA ALA G 278 1.31 128.75 -40.47
C ALA G 278 1.18 128.71 -41.99
N PRO G 279 0.39 127.80 -42.54
CA PRO G 279 0.15 127.82 -43.99
C PRO G 279 -0.57 129.09 -44.40
N PRO G 280 -0.51 129.47 -45.68
CA PRO G 280 -1.10 130.75 -46.09
C PRO G 280 -2.58 130.88 -45.75
N GLU G 281 -3.34 129.78 -45.81
CA GLU G 281 -4.75 129.80 -45.44
C GLU G 281 -5.07 128.55 -44.64
N CYS G 282 -6.16 128.63 -43.86
CA CYS G 282 -6.62 127.51 -43.04
C CYS G 282 -7.05 126.36 -43.94
N HIS G 283 -7.45 125.25 -43.31
CA HIS G 283 -7.78 123.99 -43.95
C HIS G 283 -6.50 123.32 -44.48
N LEU G 284 -5.38 123.57 -43.80
CA LEU G 284 -4.10 122.98 -44.13
C LEU G 284 -3.37 122.57 -42.87
N ALA G 285 -2.90 121.33 -42.82
CA ALA G 285 -2.17 120.82 -41.67
C ALA G 285 -1.19 119.74 -42.15
N TYR G 286 -0.15 119.52 -41.34
CA TYR G 286 0.88 118.56 -41.68
C TYR G 286 0.41 117.13 -41.41
N CYS G 287 1.33 116.19 -41.65
CA CYS G 287 1.15 114.79 -41.33
C CYS G 287 2.37 114.26 -40.60
N THR G 288 2.21 113.08 -39.99
CA THR G 288 3.31 112.36 -39.37
C THR G 288 3.23 110.91 -39.82
N ASP G 289 4.20 110.48 -40.62
CA ASP G 289 4.25 109.11 -41.08
C ASP G 289 4.91 108.23 -40.00
N PRO G 290 4.71 106.91 -40.08
CA PRO G 290 5.35 106.01 -39.11
C PRO G 290 6.86 106.13 -39.08
N SER G 291 7.43 106.55 -40.21
CA SER G 291 8.87 106.88 -40.33
C SER G 291 9.67 105.63 -39.97
N SER G 292 10.72 105.75 -39.16
CA SER G 292 11.60 104.62 -38.88
C SER G 292 11.72 104.36 -37.39
N VAL G 293 10.58 104.27 -36.69
CA VAL G 293 10.61 103.88 -35.28
C VAL G 293 11.25 102.52 -35.12
N GLU G 294 11.12 101.66 -36.13
CA GLU G 294 11.85 100.39 -36.13
C GLU G 294 13.36 100.64 -36.23
N GLY G 295 13.77 101.57 -37.09
CA GLY G 295 15.17 101.92 -37.22
C GLY G 295 15.69 102.63 -35.99
N THR G 296 16.54 101.96 -35.23
CA THR G 296 17.01 102.44 -33.93
C THR G 296 18.52 102.65 -33.96
N CYS G 297 19.03 103.25 -32.89
CA CYS G 297 20.45 103.53 -32.76
C CYS G 297 21.10 102.78 -31.60
N GLU G 298 20.32 102.19 -30.71
CA GLU G 298 20.89 101.44 -29.59
C GLU G 298 21.68 100.23 -30.07
N GLU G 299 21.33 99.69 -31.24
CA GLU G 299 22.11 98.59 -31.82
C GLU G 299 23.54 99.02 -32.13
N CYS G 300 23.78 100.31 -32.35
CA CYS G 300 25.15 100.80 -32.46
C CYS G 300 25.84 100.73 -31.11
N SER G 301 27.04 100.15 -31.11
CA SER G 301 27.81 100.00 -29.88
C SER G 301 28.26 101.37 -29.37
N ILE G 302 28.80 101.39 -28.16
CA ILE G 302 29.15 102.64 -27.47
C ILE G 302 30.16 103.48 -28.24
N ASP G 303 31.15 102.87 -28.88
CA ASP G 303 32.12 103.61 -29.67
C ASP G 303 31.57 104.08 -31.01
N GLU G 304 30.47 103.49 -31.48
CA GLU G 304 29.91 103.82 -32.78
C GLU G 304 29.03 105.05 -32.63
N ASP G 305 29.41 106.13 -33.31
CA ASP G 305 28.62 107.35 -33.28
C ASP G 305 27.28 107.14 -33.96
N CYS G 306 26.28 107.90 -33.51
CA CYS G 306 24.92 107.81 -34.03
C CYS G 306 24.79 108.71 -35.26
N LYS G 307 25.60 108.40 -36.27
CA LYS G 307 25.57 109.13 -37.52
C LYS G 307 24.41 108.66 -38.39
N SER G 308 24.16 109.40 -39.48
CA SER G 308 23.09 109.09 -40.41
C SER G 308 23.49 109.48 -41.82
N ASN G 309 22.90 108.81 -42.80
CA ASN G 309 23.11 109.09 -44.21
C ASN G 309 21.75 109.18 -44.88
N ASN G 310 21.35 110.40 -45.28
CA ASN G 310 20.06 110.65 -45.93
C ASN G 310 18.91 110.15 -45.08
N GLY G 311 18.99 110.37 -43.77
CA GLY G 311 17.92 110.03 -42.86
C GLY G 311 17.95 108.61 -42.32
N ARG G 312 18.91 107.79 -42.74
CA ARG G 312 19.05 106.43 -42.23
C ARG G 312 20.20 106.38 -41.24
N TRP G 313 19.88 105.99 -40.00
CA TRP G 313 20.87 105.95 -38.92
C TRP G 313 21.80 104.77 -39.13
N HIS G 314 23.09 105.00 -38.96
CA HIS G 314 24.09 103.96 -39.10
C HIS G 314 25.20 104.17 -38.07
N CYS G 315 25.96 103.10 -37.83
CA CYS G 315 26.98 103.08 -36.78
C CYS G 315 28.34 103.44 -37.38
N GLN G 316 28.56 104.73 -37.54
CA GLN G 316 29.87 105.24 -37.95
C GLN G 316 30.78 105.30 -36.73
N CYS G 317 31.86 104.52 -36.76
CA CYS G 317 32.77 104.43 -35.62
C CYS G 317 33.56 105.72 -35.49
N LYS G 318 34.51 105.74 -34.56
CA LYS G 318 35.36 106.91 -34.38
C LYS G 318 36.07 107.25 -35.68
N GLN G 319 35.94 108.51 -36.12
CA GLN G 319 36.77 108.99 -37.21
C GLN G 319 38.23 109.02 -36.80
N ASP G 320 38.50 109.21 -35.51
CA ASP G 320 39.86 109.11 -35.00
C ASP G 320 40.42 107.70 -35.18
N PHE G 321 39.54 106.70 -35.23
CA PHE G 321 39.96 105.34 -35.55
C PHE G 321 40.30 105.27 -37.03
N ASN G 322 41.55 105.59 -37.37
CA ASN G 322 41.95 105.65 -38.78
C ASN G 322 43.42 105.26 -38.87
N ILE G 323 43.68 104.06 -39.39
CA ILE G 323 45.03 103.58 -39.64
C ILE G 323 45.14 103.22 -41.11
N THR G 324 46.19 103.71 -41.77
CA THR G 324 46.33 103.52 -43.21
C THR G 324 46.95 102.16 -43.53
N ASP G 325 48.14 101.89 -43.00
CA ASP G 325 48.84 100.64 -43.28
C ASP G 325 48.19 99.50 -42.49
N ILE G 326 48.62 98.27 -42.80
CA ILE G 326 48.11 97.09 -42.12
C ILE G 326 49.04 96.58 -41.04
N SER G 327 50.31 97.00 -41.03
CA SER G 327 51.23 96.57 -39.99
C SER G 327 50.82 97.09 -38.62
N LEU G 328 50.11 98.21 -38.56
CA LEU G 328 49.66 98.77 -37.29
C LEU G 328 48.36 98.13 -36.79
N LEU G 329 47.83 97.13 -37.50
CA LEU G 329 46.59 96.49 -37.08
C LEU G 329 46.74 95.86 -35.71
N GLU G 330 45.78 96.12 -34.84
CA GLU G 330 45.76 95.55 -33.51
C GLU G 330 45.43 94.06 -33.58
N HIS G 331 46.09 93.29 -32.72
CA HIS G 331 45.86 91.84 -32.66
C HIS G 331 45.81 91.43 -31.19
N ARG G 332 44.68 90.90 -30.75
CA ARG G 332 44.50 90.46 -29.39
C ARG G 332 44.76 88.96 -29.31
N LEU G 333 45.99 88.59 -28.97
CA LEU G 333 46.40 87.20 -28.90
C LEU G 333 46.28 86.73 -27.47
N GLU G 334 45.19 86.03 -27.17
CA GLU G 334 44.95 85.46 -25.84
C GLU G 334 45.25 83.97 -25.90
N CYS G 335 46.35 83.55 -25.29
CA CYS G 335 46.75 82.15 -25.30
C CYS G 335 46.10 81.45 -24.12
N GLY G 336 44.81 81.15 -24.25
CA GLY G 336 44.07 80.52 -23.19
C GLY G 336 44.56 79.10 -22.92
N ALA G 337 44.29 78.64 -21.69
CA ALA G 337 44.81 77.36 -21.25
C ALA G 337 44.26 76.21 -22.08
N ASN G 338 42.96 76.23 -22.36
CA ASN G 338 42.31 75.12 -23.04
C ASN G 338 42.35 75.23 -24.56
N ASP G 339 41.96 76.38 -25.10
CA ASP G 339 41.92 76.59 -26.53
C ASP G 339 42.69 77.86 -26.88
N MET G 340 42.57 78.28 -28.13
CA MET G 340 43.26 79.45 -28.63
C MET G 340 42.30 80.35 -29.38
N LYS G 341 42.56 81.66 -29.33
CA LYS G 341 41.78 82.63 -30.09
C LYS G 341 42.66 83.78 -30.51
N VAL G 342 42.37 84.31 -31.70
CA VAL G 342 42.97 85.54 -32.21
C VAL G 342 41.84 86.53 -32.43
N SER G 343 41.95 87.70 -31.80
CA SER G 343 40.86 88.66 -31.76
C SER G 343 41.28 89.94 -32.46
N LEU G 344 40.37 90.49 -33.26
CA LEU G 344 40.63 91.70 -34.03
C LEU G 344 39.49 92.68 -33.83
N GLY G 345 39.83 93.96 -33.69
CA GLY G 345 38.83 95.00 -33.55
C GLY G 345 38.11 95.29 -34.84
N LYS G 346 36.77 95.36 -34.78
CA LYS G 346 36.00 95.62 -36.00
C LYS G 346 36.29 97.01 -36.55
N CYS G 347 36.41 98.00 -35.68
CA CYS G 347 36.65 99.37 -36.15
C CYS G 347 37.99 99.49 -36.87
N GLN G 348 39.02 98.82 -36.34
CA GLN G 348 40.35 98.89 -36.96
C GLN G 348 40.31 98.42 -38.39
N LEU G 349 39.75 97.22 -38.62
CA LEU G 349 39.67 96.68 -39.97
C LEU G 349 38.69 97.44 -40.85
N LYS G 350 37.60 97.95 -40.26
CA LYS G 350 36.64 98.70 -41.05
C LYS G 350 37.26 99.99 -41.58
N SER G 351 38.01 100.70 -40.74
CA SER G 351 38.75 101.86 -41.21
C SER G 351 39.89 101.45 -42.14
N LEU G 352 40.41 100.24 -41.98
CA LEU G 352 41.41 99.73 -42.90
C LEU G 352 40.87 99.56 -44.31
N GLY G 353 39.54 99.48 -44.47
CA GLY G 353 38.94 99.46 -45.79
C GLY G 353 38.19 98.18 -46.10
N PHE G 354 37.80 97.42 -45.08
CA PHE G 354 37.15 96.13 -45.26
C PHE G 354 35.76 96.19 -44.66
N ASP G 355 34.73 96.21 -45.51
CA ASP G 355 33.36 96.16 -45.02
C ASP G 355 33.05 94.82 -44.38
N LYS G 356 33.36 93.72 -45.08
CA LYS G 356 33.19 92.38 -44.55
C LYS G 356 34.52 91.65 -44.66
N VAL G 357 34.94 91.03 -43.57
CA VAL G 357 36.24 90.37 -43.50
C VAL G 357 36.03 88.86 -43.52
N PHE G 358 37.10 88.15 -43.87
CA PHE G 358 37.09 86.70 -44.04
C PHE G 358 38.20 86.13 -43.18
N MET G 359 37.83 85.51 -42.07
CA MET G 359 38.78 84.85 -41.19
C MET G 359 38.90 83.39 -41.61
N TYR G 360 40.09 82.98 -42.04
CA TYR G 360 40.32 81.62 -42.48
C TYR G 360 41.60 81.09 -41.85
N LEU G 361 41.50 79.95 -41.18
CA LEU G 361 42.64 79.32 -40.54
C LEU G 361 43.36 78.44 -41.56
N SER G 362 44.26 77.57 -41.06
CA SER G 362 44.83 76.55 -41.92
C SER G 362 43.74 75.71 -42.59
N ASP G 363 42.59 75.59 -41.94
CA ASP G 363 41.41 75.00 -42.53
C ASP G 363 40.31 76.06 -42.60
N SER G 364 39.68 76.17 -43.76
CA SER G 364 38.69 77.22 -43.97
C SER G 364 37.41 76.99 -43.17
N ARG G 365 37.19 75.79 -42.64
CA ARG G 365 36.04 75.56 -41.78
C ARG G 365 36.09 76.41 -40.52
N CYS G 366 37.26 76.84 -40.09
CA CYS G 366 37.41 77.71 -38.93
C CYS G 366 37.19 79.17 -39.29
N SER G 367 35.95 79.50 -39.67
CA SER G 367 35.62 80.86 -40.03
C SER G 367 35.48 81.72 -38.77
N GLY G 368 35.76 83.02 -38.92
CA GLY G 368 35.64 83.92 -37.80
C GLY G 368 34.19 84.21 -37.45
N PHE G 369 34.00 84.74 -36.24
CA PHE G 369 32.66 85.09 -35.75
C PHE G 369 32.69 86.46 -35.10
N ASN G 370 31.59 86.84 -34.44
CA ASN G 370 31.49 88.10 -33.74
C ASN G 370 31.35 87.85 -32.24
N ASP G 371 32.06 88.67 -31.46
CA ASP G 371 32.00 88.57 -30.00
C ASP G 371 32.37 89.93 -29.43
N ARG G 372 31.70 90.30 -28.34
CA ARG G 372 31.89 91.61 -27.72
C ARG G 372 32.24 91.41 -26.25
N ASP G 373 33.42 91.86 -25.84
CA ASP G 373 33.79 91.94 -24.44
C ASP G 373 33.92 93.37 -23.96
N ASN G 374 34.68 94.21 -24.66
CA ASN G 374 34.68 95.65 -24.44
C ASN G 374 34.34 96.46 -25.68
N ARG G 375 34.35 95.84 -26.86
CA ARG G 375 33.98 96.50 -28.11
C ARG G 375 33.61 95.41 -29.11
N ASP G 376 33.37 95.83 -30.36
CA ASP G 376 33.09 94.88 -31.43
C ASP G 376 34.37 94.15 -31.83
N TRP G 377 34.39 92.84 -31.65
CA TRP G 377 35.54 92.01 -31.99
C TRP G 377 35.13 90.91 -32.96
N VAL G 378 35.96 90.66 -33.96
CA VAL G 378 35.88 89.47 -34.78
C VAL G 378 37.02 88.55 -34.36
N SER G 379 36.71 87.27 -34.17
CA SER G 379 37.68 86.36 -33.58
C SER G 379 37.49 84.96 -34.15
N VAL G 380 38.52 84.14 -33.96
CA VAL G 380 38.51 82.74 -34.36
C VAL G 380 38.86 81.91 -33.14
N VAL G 381 38.21 80.76 -33.00
CA VAL G 381 38.51 79.82 -31.93
C VAL G 381 39.12 78.57 -32.54
N THR G 382 40.28 78.19 -32.04
CA THR G 382 41.00 77.02 -32.51
C THR G 382 41.45 76.21 -31.31
N PRO G 383 41.16 74.91 -31.27
CA PRO G 383 41.59 74.09 -30.13
C PRO G 383 43.11 74.07 -30.02
N ALA G 384 43.59 74.06 -28.78
CA ALA G 384 45.01 73.96 -28.51
C ALA G 384 45.45 72.50 -28.58
N ARG G 385 45.53 72.02 -29.82
CA ARG G 385 45.92 70.64 -30.09
C ARG G 385 46.59 70.58 -31.45
N ASP G 386 47.12 69.41 -31.79
CA ASP G 386 47.80 69.19 -33.06
C ASP G 386 46.81 68.54 -34.03
N GLY G 387 46.38 69.30 -35.03
CA GLY G 387 45.50 68.77 -36.05
C GLY G 387 44.03 69.19 -36.07
N PRO G 388 43.46 69.75 -35.00
CA PRO G 388 42.01 70.05 -35.06
C PRO G 388 41.61 70.99 -36.18
N CYS G 389 42.42 72.01 -36.44
CA CYS G 389 42.15 72.94 -37.54
C CYS G 389 43.45 73.27 -38.26
N GLY G 390 44.26 72.24 -38.51
CA GLY G 390 45.55 72.45 -39.13
C GLY G 390 46.60 73.04 -38.23
N THR G 391 46.39 73.00 -36.92
CA THR G 391 47.37 73.53 -35.98
C THR G 391 48.56 72.58 -35.90
N VAL G 392 49.76 73.14 -35.87
CA VAL G 392 50.97 72.32 -35.80
C VAL G 392 51.67 72.52 -34.47
N LEU G 393 52.02 71.41 -33.81
CA LEU G 393 52.74 71.45 -32.56
C LEU G 393 54.22 71.21 -32.81
N THR G 394 55.04 72.10 -32.27
CA THR G 394 56.50 71.95 -32.32
C THR G 394 56.99 72.02 -30.88
N ARG G 395 57.31 70.86 -30.32
CA ARG G 395 57.68 70.74 -28.92
C ARG G 395 59.19 70.52 -28.83
N ASN G 396 59.91 71.51 -28.31
CA ASN G 396 61.31 71.33 -27.98
C ASN G 396 61.40 70.93 -26.51
N GLU G 397 62.62 70.76 -26.01
CA GLU G 397 62.79 70.29 -24.64
C GLU G 397 62.19 71.25 -23.62
N THR G 398 62.11 72.54 -23.93
CA THR G 398 61.66 73.53 -22.98
C THR G 398 60.17 73.82 -23.03
N HIS G 399 59.65 74.24 -24.18
CA HIS G 399 58.25 74.61 -24.34
C HIS G 399 57.61 73.76 -25.42
N ALA G 400 56.32 73.98 -25.61
CA ALA G 400 55.56 73.41 -26.72
C ALA G 400 54.63 74.49 -27.28
N THR G 401 54.77 74.79 -28.56
CA THR G 401 54.02 75.86 -29.18
C THR G 401 53.06 75.32 -30.23
N TYR G 402 51.94 76.00 -30.40
CA TYR G 402 50.94 75.65 -31.40
C TYR G 402 50.95 76.74 -32.47
N SER G 403 51.26 76.35 -33.70
CA SER G 403 51.44 77.29 -34.80
C SER G 403 50.33 77.11 -35.82
N ASN G 404 49.54 78.15 -36.02
CA ASN G 404 48.50 78.17 -37.04
C ASN G 404 48.49 79.55 -37.67
N THR G 405 48.11 79.62 -38.94
CA THR G 405 48.12 80.88 -39.67
C THR G 405 46.70 81.36 -39.91
N LEU G 406 46.50 82.67 -39.76
CA LEU G 406 45.24 83.33 -40.01
C LEU G 406 45.29 84.01 -41.36
N TYR G 407 44.15 84.02 -42.06
CA TYR G 407 44.06 84.59 -43.40
C TYR G 407 42.98 85.66 -43.39
N LEU G 408 43.33 86.85 -43.90
CA LEU G 408 42.42 87.98 -43.93
C LEU G 408 42.17 88.41 -45.37
N ALA G 409 40.89 88.59 -45.69
CA ALA G 409 40.49 89.09 -46.99
C ALA G 409 39.15 89.78 -46.85
N ASP G 410 38.98 90.88 -47.58
CA ASP G 410 37.72 91.60 -47.59
C ASP G 410 36.70 90.98 -48.54
N GLU G 411 37.09 89.98 -49.33
CA GLU G 411 36.18 89.34 -50.26
C GLU G 411 36.56 87.86 -50.36
N ILE G 412 35.69 87.10 -51.04
CA ILE G 412 35.92 85.66 -51.20
C ILE G 412 37.21 85.43 -51.98
N ILE G 413 37.43 86.21 -53.03
CA ILE G 413 38.63 86.08 -53.85
C ILE G 413 39.60 87.19 -53.48
N ILE G 414 40.87 86.97 -53.73
CA ILE G 414 41.91 87.94 -53.42
C ILE G 414 42.65 88.29 -54.71
N ARG G 415 42.99 89.57 -54.87
CA ARG G 415 43.66 90.04 -56.06
C ARG G 415 44.90 90.88 -55.77
N ASP G 416 45.06 91.38 -54.54
CA ASP G 416 46.24 92.16 -54.17
C ASP G 416 46.35 92.19 -52.66
N LEU G 417 47.59 92.36 -52.18
CA LEU G 417 47.88 92.53 -50.76
C LEU G 417 47.37 91.34 -49.93
N ASN G 418 47.98 90.18 -50.18
CA ASN G 418 47.72 89.00 -49.36
C ASN G 418 48.07 89.30 -47.91
N ILE G 419 47.15 88.95 -47.01
CA ILE G 419 47.33 89.18 -45.58
C ILE G 419 47.41 87.84 -44.88
N LYS G 420 48.53 87.57 -44.22
CA LYS G 420 48.79 86.31 -43.55
C LYS G 420 49.31 86.59 -42.15
N ILE G 421 48.53 86.26 -41.14
CA ILE G 421 48.88 86.52 -39.74
C ILE G 421 49.38 85.21 -39.16
N ASN G 422 50.69 85.11 -38.99
CA ASN G 422 51.30 83.92 -38.40
C ASN G 422 51.31 84.09 -36.89
N PHE G 423 50.38 83.44 -36.21
CA PHE G 423 50.24 83.52 -34.76
C PHE G 423 50.61 82.18 -34.14
N ALA G 424 51.32 82.23 -33.01
CA ALA G 424 51.70 81.03 -32.28
C ALA G 424 52.10 81.37 -30.86
N CYS G 425 51.58 80.61 -29.89
CA CYS G 425 51.96 80.77 -28.50
C CYS G 425 52.38 79.43 -27.94
N SER G 426 53.25 79.46 -26.94
CA SER G 426 53.81 78.25 -26.36
C SER G 426 53.46 78.17 -24.88
N TYR G 427 53.48 76.95 -24.36
CA TYR G 427 53.24 76.62 -22.97
C TYR G 427 54.48 75.97 -22.37
N PRO G 428 54.76 76.24 -21.10
CA PRO G 428 55.86 75.55 -20.42
C PRO G 428 55.50 74.09 -20.17
N LEU G 429 56.56 73.27 -20.05
CA LEU G 429 56.38 71.88 -19.70
C LEU G 429 56.61 71.61 -18.21
N ASP G 430 56.99 72.62 -17.44
CA ASP G 430 57.27 72.47 -16.02
C ASP G 430 56.41 73.46 -15.25
N MET G 431 55.70 72.98 -14.24
CA MET G 431 54.83 73.81 -13.43
C MET G 431 55.02 73.48 -11.95
N LYS G 432 54.48 74.35 -11.10
CA LYS G 432 54.57 74.23 -9.66
C LYS G 432 53.18 74.24 -9.05
N VAL G 433 52.94 73.34 -8.10
CA VAL G 433 51.65 73.23 -7.44
C VAL G 433 51.84 73.09 -5.94
N SER G 434 50.77 73.40 -5.21
CA SER G 434 50.76 73.29 -3.76
C SER G 434 49.32 73.15 -3.31
N LEU G 435 49.11 72.37 -2.25
CA LEU G 435 47.78 72.24 -1.69
C LEU G 435 47.28 73.58 -1.17
N LYS G 436 46.01 73.88 -1.45
CA LYS G 436 45.36 75.05 -0.89
C LYS G 436 44.69 74.73 0.44
N THR G 437 44.84 73.51 0.94
CA THR G 437 44.23 73.09 2.19
C THR G 437 45.32 72.80 3.22
N ALA G 438 45.21 73.44 4.38
CA ALA G 438 46.17 73.25 5.45
C ALA G 438 46.02 71.86 6.04
N LEU G 439 47.13 71.31 6.54
CA LEU G 439 47.15 70.03 7.22
C LEU G 439 47.83 70.20 8.57
N GLN G 440 47.19 69.67 9.62
CA GLN G 440 47.65 69.86 10.99
C GLN G 440 47.67 68.52 11.70
N PRO G 441 48.84 67.92 11.87
CA PRO G 441 48.92 66.63 12.56
C PRO G 441 48.85 66.78 14.07
N MET G 442 48.48 65.68 14.72
CA MET G 442 48.62 65.53 16.17
C MET G 442 49.31 64.22 16.44
N VAL G 443 50.13 64.18 17.47
CA VAL G 443 50.78 62.95 17.91
C VAL G 443 50.82 62.98 19.44
N SER G 444 50.82 61.79 20.05
CA SER G 444 51.03 61.71 21.49
C SER G 444 52.37 62.35 21.85
N ALA G 445 52.34 63.25 22.81
CA ALA G 445 53.51 64.03 23.18
C ALA G 445 53.89 63.73 24.62
N LEU G 446 55.20 63.71 24.87
CA LEU G 446 55.76 63.44 26.19
C LEU G 446 56.56 64.64 26.64
N ASN G 447 56.26 65.15 27.83
CA ASN G 447 56.93 66.31 28.39
C ASN G 447 57.72 65.87 29.61
N ILE G 448 59.03 66.09 29.56
CA ILE G 448 59.90 65.91 30.71
C ILE G 448 60.26 67.30 31.22
N ARG G 449 60.02 67.54 32.51
CA ARG G 449 60.19 68.86 33.11
C ARG G 449 61.40 68.83 34.02
N VAL G 450 62.47 69.50 33.58
CA VAL G 450 63.71 69.57 34.34
C VAL G 450 64.06 71.04 34.52
N GLY G 451 64.95 71.31 35.47
CA GLY G 451 65.32 72.68 35.77
C GLY G 451 66.72 72.76 36.33
N GLY G 452 67.03 73.93 36.88
CA GLY G 452 68.32 74.15 37.50
C GLY G 452 68.37 75.52 38.14
N THR G 453 69.50 75.81 38.75
CA THR G 453 69.74 77.11 39.36
C THR G 453 71.11 77.61 38.92
N GLY G 454 71.17 78.90 38.59
CA GLY G 454 72.41 79.49 38.14
C GLY G 454 72.77 80.69 38.98
N MET G 455 74.02 81.12 38.86
CA MET G 455 74.55 82.26 39.58
C MET G 455 75.15 83.26 38.61
N PHE G 456 75.02 84.54 38.92
CA PHE G 456 75.65 85.57 38.11
C PHE G 456 76.94 86.05 38.77
N THR G 457 77.88 86.47 37.92
CA THR G 457 79.20 86.87 38.37
C THR G 457 79.23 88.39 38.52
N VAL G 458 79.42 88.85 39.75
CA VAL G 458 79.57 90.27 40.06
C VAL G 458 80.88 90.42 40.84
N ARG G 459 81.67 91.41 40.46
CA ARG G 459 83.00 91.58 41.03
C ARG G 459 83.14 92.95 41.65
N MET G 460 84.16 93.10 42.50
CA MET G 460 84.47 94.33 43.19
C MET G 460 85.97 94.53 43.23
N ALA G 461 86.43 95.69 42.79
CA ALA G 461 87.85 95.95 42.71
C ALA G 461 88.17 97.32 43.27
N LEU G 462 89.39 97.46 43.76
CA LEU G 462 89.92 98.74 44.23
C LEU G 462 90.60 99.45 43.07
N PHE G 463 90.29 100.72 42.89
CA PHE G 463 90.85 101.51 41.80
C PHE G 463 92.06 102.28 42.32
N GLN G 464 93.21 102.04 41.69
CA GLN G 464 94.46 102.68 42.10
C GLN G 464 94.42 104.19 41.93
N THR G 465 93.53 104.70 41.10
CA THR G 465 93.45 106.12 40.75
C THR G 465 92.02 106.59 40.86
N PRO G 466 91.81 107.90 41.00
CA PRO G 466 90.47 108.46 40.83
C PRO G 466 90.01 108.27 39.40
N SER G 467 88.72 108.56 39.18
CA SER G 467 88.01 108.36 37.92
C SER G 467 87.98 106.90 37.48
N TYR G 468 88.45 105.99 38.33
CA TYR G 468 88.17 104.56 38.24
C TYR G 468 88.71 103.97 36.93
N THR G 469 90.03 104.05 36.78
CA THR G 469 90.67 103.57 35.56
C THR G 469 91.40 102.24 35.74
N GLN G 470 92.25 102.12 36.76
CA GLN G 470 93.04 100.91 36.91
C GLN G 470 92.64 100.14 38.16
N PRO G 471 92.62 98.81 38.10
CA PRO G 471 92.29 98.01 39.27
C PRO G 471 93.53 97.74 40.13
N TYR G 472 93.28 97.10 41.27
CA TYR G 472 94.31 96.80 42.25
C TYR G 472 94.45 95.29 42.39
N GLN G 473 95.68 94.80 42.32
CA GLN G 473 95.96 93.37 42.37
C GLN G 473 96.51 92.92 43.72
N GLY G 474 97.13 93.81 44.48
CA GLY G 474 97.80 93.44 45.71
C GLY G 474 96.85 92.89 46.75
N SER G 475 97.43 92.20 47.73
CA SER G 475 96.67 91.54 48.79
C SER G 475 96.40 92.42 49.98
N SER G 476 97.23 93.44 50.21
CA SER G 476 96.99 94.40 51.29
C SER G 476 97.52 95.76 50.84
N VAL G 477 96.67 96.78 50.93
CA VAL G 477 97.00 98.11 50.46
C VAL G 477 97.20 99.01 51.67
N THR G 478 98.23 99.85 51.61
CA THR G 478 98.67 100.64 52.75
C THR G 478 98.58 102.13 52.40
N LEU G 479 97.54 102.79 52.87
CA LEU G 479 97.32 104.20 52.60
C LEU G 479 97.26 104.99 53.90
N SER G 480 97.15 106.31 53.76
CA SER G 480 96.90 107.21 54.87
C SER G 480 95.39 107.46 54.98
N THR G 481 94.94 107.77 56.20
CA THR G 481 93.53 108.02 56.44
C THR G 481 92.99 109.22 55.66
N GLU G 482 93.77 110.29 55.55
CA GLU G 482 93.34 111.47 54.80
C GLU G 482 93.11 111.19 53.31
N ALA G 483 93.73 110.15 52.77
CA ALA G 483 93.58 109.80 51.36
C ALA G 483 92.17 109.29 51.10
N PHE G 484 91.72 109.42 49.85
CA PHE G 484 90.40 108.94 49.49
C PHE G 484 90.46 107.49 49.01
N LEU G 485 89.28 106.94 48.73
CA LEU G 485 89.12 105.56 48.30
C LEU G 485 88.33 105.54 47.00
N TYR G 486 88.84 104.79 46.03
CA TYR G 486 88.22 104.67 44.70
C TYR G 486 87.84 103.22 44.51
N VAL G 487 86.54 102.94 44.48
CA VAL G 487 86.05 101.57 44.36
C VAL G 487 84.96 101.52 43.29
N GLY G 488 84.82 100.35 42.69
CA GLY G 488 83.78 100.10 41.70
C GLY G 488 83.42 98.63 41.70
N THR G 489 82.23 98.35 41.17
CA THR G 489 81.70 97.00 41.11
C THR G 489 81.32 96.66 39.67
N MET G 490 81.82 95.54 39.19
CA MET G 490 81.62 95.09 37.82
C MET G 490 80.49 94.07 37.76
N LEU G 491 79.95 93.89 36.56
CA LEU G 491 78.93 92.88 36.33
C LEU G 491 79.33 92.10 35.09
N ASP G 492 79.52 90.78 35.25
CA ASP G 492 80.00 89.92 34.19
C ASP G 492 79.06 88.76 33.90
N GLY G 493 77.89 88.73 34.53
CA GLY G 493 77.00 87.60 34.34
C GLY G 493 76.45 87.50 32.93
N GLY G 494 75.58 88.44 32.56
CA GLY G 494 74.96 88.46 31.25
C GLY G 494 73.67 89.25 31.25
N ASP G 495 73.12 89.41 30.04
CA ASP G 495 71.94 90.22 29.79
C ASP G 495 72.10 91.60 30.41
N LEU G 496 73.24 92.22 30.14
CA LEU G 496 73.48 93.58 30.62
C LEU G 496 72.51 94.58 30.02
N SER G 497 71.88 94.24 28.90
CA SER G 497 70.91 95.14 28.29
C SER G 497 69.66 95.27 29.15
N ARG G 498 69.09 94.15 29.59
CA ARG G 498 67.85 94.17 30.34
C ARG G 498 68.04 94.46 31.82
N PHE G 499 69.28 94.51 32.30
CA PHE G 499 69.56 94.59 33.73
C PHE G 499 70.49 95.76 34.00
N ALA G 500 70.37 96.34 35.19
CA ALA G 500 71.23 97.42 35.64
C ALA G 500 71.76 97.08 37.03
N LEU G 501 73.08 97.12 37.19
CA LEU G 501 73.69 96.93 38.50
C LEU G 501 73.24 98.04 39.43
N LEU G 502 72.67 97.66 40.57
CA LEU G 502 72.13 98.64 41.50
C LEU G 502 72.53 98.25 42.92
N MET G 503 72.97 99.24 43.68
CA MET G 503 73.53 99.04 45.02
C MET G 503 72.44 99.35 46.03
N THR G 504 72.09 98.36 46.85
CA THR G 504 71.07 98.59 47.87
C THR G 504 71.69 99.04 49.19
N ASN G 505 72.72 98.35 49.65
CA ASN G 505 73.34 98.68 50.92
C ASN G 505 74.77 98.19 50.91
N CYS G 506 75.67 98.97 51.50
CA CYS G 506 77.06 98.59 51.64
C CYS G 506 77.59 99.16 52.95
N TYR G 507 78.66 98.54 53.45
CA TYR G 507 79.16 98.87 54.78
C TYR G 507 80.62 98.46 54.89
N ALA G 508 81.22 98.86 56.00
CA ALA G 508 82.58 98.49 56.35
C ALA G 508 82.59 97.78 57.70
N THR G 509 83.34 96.70 57.78
CA THR G 509 83.55 95.99 59.04
C THR G 509 85.04 95.80 59.26
N PRO G 510 85.49 95.71 60.51
CA PRO G 510 86.93 95.58 60.75
C PRO G 510 87.48 94.20 60.40
N SER G 511 86.61 93.25 60.10
CA SER G 511 87.02 91.88 59.85
C SER G 511 86.49 91.41 58.50
N SER G 512 87.11 90.35 57.99
CA SER G 512 86.64 89.75 56.75
C SER G 512 85.21 89.25 56.87
N ASN G 513 84.79 88.88 58.08
CA ASN G 513 83.41 88.52 58.34
C ASN G 513 82.49 89.66 57.94
N ALA G 514 81.46 89.34 57.16
CA ALA G 514 80.53 90.36 56.67
C ALA G 514 79.43 90.68 57.67
N THR G 515 79.03 89.72 58.50
CA THR G 515 77.96 89.92 59.48
C THR G 515 78.48 90.47 60.80
N ASP G 516 79.60 91.16 60.79
CA ASP G 516 80.11 91.77 62.00
C ASP G 516 79.11 92.79 62.53
N PRO G 517 78.77 92.76 63.82
CA PRO G 517 77.83 93.74 64.36
C PRO G 517 78.29 95.17 64.20
N LEU G 518 79.60 95.41 64.22
CA LEU G 518 80.15 96.74 63.96
C LEU G 518 80.18 96.95 62.45
N LYS G 519 79.24 97.74 61.96
CA LYS G 519 79.16 98.08 60.54
C LYS G 519 79.13 99.59 60.39
N TYR G 520 79.99 100.11 59.52
CA TYR G 520 79.92 101.51 59.10
C TYR G 520 79.33 101.52 57.70
N PHE G 521 78.01 101.67 57.63
CA PHE G 521 77.30 101.70 56.36
C PHE G 521 77.87 102.84 55.51
N ILE G 522 78.21 102.53 54.26
CA ILE G 522 78.67 103.57 53.35
C ILE G 522 77.54 104.02 52.43
N ILE G 523 76.56 103.14 52.20
CA ILE G 523 75.35 103.47 51.47
C ILE G 523 74.17 102.91 52.25
N GLN G 524 73.25 103.79 52.66
CA GLN G 524 72.12 103.43 53.50
C GLN G 524 70.84 103.52 52.68
N ASP G 525 70.15 102.39 52.52
CA ASP G 525 68.87 102.31 51.85
C ASP G 525 68.93 102.96 50.47
N ARG G 526 69.88 102.49 49.67
CA ARG G 526 70.07 102.90 48.28
C ARG G 526 70.51 104.35 48.21
N CYS G 527 70.95 104.92 49.34
CA CYS G 527 71.30 106.32 49.41
C CYS G 527 72.74 106.49 49.90
N PRO G 528 73.51 107.38 49.26
CA PRO G 528 74.76 107.82 49.90
C PRO G 528 74.44 108.52 51.21
N HIS G 529 75.29 108.26 52.22
CA HIS G 529 75.03 108.78 53.55
C HIS G 529 75.13 110.30 53.58
N THR G 530 74.15 110.93 54.24
CA THR G 530 74.05 112.37 54.31
C THR G 530 74.88 112.99 55.43
N ARG G 531 74.90 112.36 56.60
CA ARG G 531 75.61 112.91 57.74
C ARG G 531 77.11 113.03 57.51
N ASP G 532 77.67 112.27 56.58
CA ASP G 532 79.08 112.38 56.22
C ASP G 532 79.18 112.98 54.82
N SER G 533 79.81 114.15 54.73
CA SER G 533 79.86 114.86 53.45
C SER G 533 80.85 114.24 52.48
N THR G 534 81.87 113.56 52.98
CA THR G 534 82.92 113.00 52.13
C THR G 534 82.47 111.76 51.36
N ILE G 535 81.18 111.44 51.39
CA ILE G 535 80.63 110.29 50.69
C ILE G 535 79.96 110.78 49.42
N GLN G 536 80.32 110.19 48.29
CA GLN G 536 79.74 110.57 47.00
C GLN G 536 79.57 109.34 46.14
N VAL G 537 78.54 109.37 45.29
CA VAL G 537 78.26 108.29 44.35
C VAL G 537 78.21 108.87 42.94
N VAL G 538 78.76 108.11 42.00
CA VAL G 538 78.85 108.54 40.60
C VAL G 538 77.76 107.89 39.76
N GLU G 539 77.47 106.61 40.01
CA GLU G 539 76.43 105.89 39.28
C GLU G 539 75.88 104.78 40.15
N ASN G 540 74.55 104.68 40.22
CA ASN G 540 73.85 103.67 41.00
C ASN G 540 72.58 103.31 40.22
N GLY G 541 72.45 102.04 39.84
CA GLY G 541 71.34 101.62 39.02
C GLY G 541 71.33 102.21 37.62
N GLU G 542 72.24 103.13 37.33
CA GLU G 542 72.27 103.78 36.02
C GLU G 542 72.73 102.82 34.93
N SER G 543 73.73 102.01 35.23
CA SER G 543 74.32 101.11 34.24
C SER G 543 74.65 99.79 34.92
N SER G 544 75.42 98.95 34.23
CA SER G 544 75.84 97.66 34.76
C SER G 544 77.04 97.76 35.69
N GLN G 545 77.50 98.96 36.00
CA GLN G 545 78.61 99.15 36.92
C GLN G 545 78.23 100.19 37.96
N GLY G 546 78.55 99.92 39.21
CA GLY G 546 78.28 100.83 40.30
C GLY G 546 79.56 101.23 41.01
N ARG G 547 79.78 102.54 41.11
CA ARG G 547 81.03 103.07 41.64
C ARG G 547 80.73 104.23 42.59
N PHE G 548 81.68 104.48 43.49
CA PHE G 548 81.54 105.54 44.48
C PHE G 548 82.88 105.73 45.19
N SER G 549 83.09 106.93 45.71
CA SER G 549 84.34 107.29 46.37
C SER G 549 84.05 107.96 47.70
N VAL G 550 84.98 107.81 48.64
CA VAL G 550 84.82 108.32 50.01
C VAL G 550 86.20 108.40 50.64
N GLN G 551 86.35 109.32 51.60
CA GLN G 551 87.61 109.43 52.33
C GLN G 551 87.86 108.20 53.18
N MET G 552 89.13 107.82 53.29
CA MET G 552 89.52 106.67 54.10
C MET G 552 89.36 106.99 55.57
N PHE G 553 89.18 105.95 56.38
CA PHE G 553 89.00 106.11 57.82
C PHE G 553 89.59 104.90 58.54
N ARG G 554 89.48 104.94 59.87
CA ARG G 554 89.91 103.83 60.72
C ARG G 554 88.83 103.58 61.77
N PHE G 555 88.48 102.33 61.97
CA PHE G 555 87.53 102.00 63.03
C PHE G 555 88.13 102.34 64.38
N ALA G 556 87.36 103.05 65.20
CA ALA G 556 87.79 103.34 66.56
C ALA G 556 87.84 102.05 67.37
N GLY G 557 88.88 101.91 68.20
CA GLY G 557 89.07 100.68 68.94
C GLY G 557 90.40 100.04 68.60
N ASN G 558 90.61 98.81 69.07
CA ASN G 558 91.85 98.09 68.80
C ASN G 558 91.77 97.39 67.45
N TYR G 559 91.45 98.18 66.43
CA TYR G 559 91.16 97.69 65.09
C TYR G 559 92.05 98.42 64.09
N ASP G 560 92.83 97.65 63.32
CA ASP G 560 93.78 98.24 62.38
C ASP G 560 93.51 97.83 60.94
N LEU G 561 92.41 97.12 60.68
CA LEU G 561 92.07 96.71 59.33
C LEU G 561 90.62 97.06 59.04
N VAL G 562 90.34 97.42 57.80
CA VAL G 562 89.00 97.80 57.36
C VAL G 562 88.63 96.96 56.15
N TYR G 563 87.46 96.35 56.19
CA TYR G 563 86.93 95.53 55.11
C TYR G 563 85.67 96.19 54.56
N LEU G 564 85.42 96.00 53.26
CA LEU G 564 84.27 96.59 52.63
C LEU G 564 83.37 95.50 52.07
N HIS G 565 82.08 95.58 52.40
CA HIS G 565 81.12 94.58 51.96
C HIS G 565 79.84 95.27 51.50
N CYS G 566 79.47 95.02 50.25
CA CYS G 566 78.28 95.58 49.64
C CYS G 566 77.34 94.45 49.21
N GLU G 567 76.07 94.79 49.02
CA GLU G 567 75.07 93.86 48.53
C GLU G 567 74.29 94.48 47.38
N VAL G 568 74.25 93.77 46.25
CA VAL G 568 73.73 94.30 44.99
C VAL G 568 72.36 93.67 44.72
N TYR G 569 71.49 94.42 44.04
CA TYR G 569 70.20 93.93 43.58
C TYR G 569 70.03 94.36 42.12
N LEU G 570 69.95 93.38 41.22
CA LEU G 570 69.72 93.69 39.82
C LEU G 570 68.27 94.13 39.60
N CYS G 571 68.03 94.85 38.52
CA CYS G 571 66.71 95.37 38.21
C CYS G 571 66.48 95.34 36.71
N ASP G 572 65.20 95.41 36.32
CA ASP G 572 64.83 95.50 34.92
C ASP G 572 64.82 96.97 34.50
N THR G 573 65.61 97.29 33.47
CA THR G 573 65.77 98.69 33.09
C THR G 573 64.52 99.22 32.38
N MET G 574 63.63 98.33 31.94
CA MET G 574 62.36 98.76 31.37
C MET G 574 61.18 98.57 32.31
N ASN G 575 61.15 97.47 33.07
CA ASN G 575 59.96 97.15 33.84
C ASN G 575 59.77 98.10 35.02
N GLU G 576 60.86 98.47 35.69
CA GLU G 576 60.79 99.36 36.84
C GLU G 576 61.85 100.43 36.73
N LYS G 577 61.59 101.56 37.37
CA LYS G 577 62.48 102.71 37.35
C LYS G 577 63.60 102.48 38.35
N CYS G 578 64.83 102.33 37.85
CA CYS G 578 65.97 101.95 38.68
C CYS G 578 66.78 103.13 39.18
N LYS G 579 66.43 104.35 38.82
CA LYS G 579 67.22 105.49 39.29
C LYS G 579 66.94 105.78 40.75
N PRO G 580 67.94 105.71 41.63
CA PRO G 580 67.73 106.10 43.02
C PRO G 580 68.00 107.59 43.23
N THR G 581 66.97 108.33 43.61
CA THR G 581 67.10 109.75 43.92
C THR G 581 66.76 109.93 45.39
N CYS G 582 67.74 110.34 46.19
CA CYS G 582 67.59 110.40 47.63
C CYS G 582 67.82 111.82 48.13
N SER G 583 66.93 112.25 49.02
CA SER G 583 67.03 113.56 49.64
C SER G 583 66.50 113.47 51.07
N GLY G 584 67.12 114.24 51.96
CA GLY G 584 66.72 114.25 53.37
C GLY G 584 65.45 115.04 53.63
N PRO H 173 -28.36 106.13 -147.68
CA PRO H 173 -28.63 105.15 -148.73
C PRO H 173 -28.91 103.76 -148.17
N CYS H 174 -27.87 102.93 -148.03
CA CYS H 174 -28.05 101.58 -147.51
C CYS H 174 -28.46 101.57 -146.05
N GLN H 175 -28.16 102.63 -145.30
CA GLN H 175 -28.50 102.69 -143.89
C GLN H 175 -29.61 103.69 -143.57
N ALA H 176 -29.91 104.61 -144.49
CA ALA H 176 -30.95 105.61 -144.29
C ALA H 176 -32.03 105.39 -145.35
N HIS H 177 -33.01 104.56 -145.01
CA HIS H 177 -34.11 104.24 -145.93
C HIS H 177 -35.31 103.82 -145.12
N ARG H 178 -36.47 103.84 -145.78
CA ARG H 178 -37.75 103.47 -145.18
C ARG H 178 -38.23 102.17 -145.82
N THR H 179 -38.46 101.15 -144.99
CA THR H 179 -38.93 99.88 -145.49
C THR H 179 -40.41 99.94 -145.87
N LEU H 180 -40.81 99.03 -146.74
CA LEU H 180 -42.21 98.92 -147.19
C LEU H 180 -42.63 97.46 -147.07
N ASP H 181 -43.43 97.16 -146.06
CA ASP H 181 -43.94 95.80 -145.83
C ASP H 181 -45.37 95.76 -146.36
N GLU H 182 -45.49 95.54 -147.67
CA GLU H 182 -46.78 95.50 -148.35
C GLU H 182 -46.80 94.31 -149.28
N TYR H 183 -47.80 93.44 -149.11
CA TYR H 183 -47.90 92.21 -149.89
C TYR H 183 -48.72 92.37 -151.16
N TRP H 184 -49.30 93.54 -151.39
CA TRP H 184 -50.14 93.77 -152.57
C TRP H 184 -49.39 94.42 -153.72
N ARG H 185 -48.08 94.61 -153.60
CA ARG H 185 -47.29 95.17 -154.68
C ARG H 185 -46.83 94.11 -155.68
N SER H 186 -47.09 92.84 -155.42
CA SER H 186 -46.65 91.78 -156.31
C SER H 186 -47.40 91.81 -157.64
N THR H 187 -46.78 91.24 -158.66
CA THR H 187 -47.35 91.17 -160.00
C THR H 187 -48.46 90.12 -160.12
N GLU H 188 -48.86 89.51 -159.00
CA GLU H 188 -49.90 88.50 -159.00
C GLU H 188 -51.26 89.05 -158.59
N TYR H 189 -51.31 90.22 -157.97
CA TYR H 189 -52.55 90.79 -157.50
C TYR H 189 -53.47 91.14 -158.66
N GLY H 190 -54.77 91.06 -158.41
CA GLY H 190 -55.76 91.24 -159.46
C GLY H 190 -55.82 92.63 -160.08
N GLU H 191 -56.27 93.63 -159.31
CA GLU H 191 -56.46 94.97 -159.83
C GLU H 191 -56.78 95.92 -158.69
N GLY H 192 -56.26 97.14 -158.77
CA GLY H 192 -56.54 98.17 -157.79
C GLY H 192 -56.57 99.56 -158.38
N TYR H 193 -56.47 100.59 -157.52
CA TYR H 193 -56.51 101.96 -157.99
C TYR H 193 -55.52 102.87 -157.29
N ALA H 194 -54.64 102.34 -156.44
CA ALA H 194 -53.74 103.18 -155.67
C ALA H 194 -52.61 103.71 -156.55
N CYS H 195 -52.21 104.96 -156.29
CA CYS H 195 -51.08 105.58 -156.95
C CYS H 195 -50.19 106.23 -155.90
N ASP H 196 -48.88 106.22 -156.15
CA ASP H 196 -47.89 106.64 -155.15
C ASP H 196 -47.42 108.05 -155.49
N THR H 197 -48.18 109.05 -155.03
CA THR H 197 -47.79 110.44 -155.16
C THR H 197 -47.07 110.98 -153.92
N ASP H 198 -47.22 110.31 -152.78
CA ASP H 198 -46.52 110.69 -151.55
C ASP H 198 -45.24 109.90 -151.34
N LEU H 199 -44.85 109.08 -152.31
CA LEU H 199 -43.67 108.23 -152.18
C LEU H 199 -42.42 109.06 -152.41
N ARG H 200 -41.71 109.38 -151.33
CA ARG H 200 -40.54 110.26 -151.39
C ARG H 200 -39.42 109.64 -150.57
N GLY H 201 -38.30 109.32 -151.24
CA GLY H 201 -37.12 108.86 -150.53
C GLY H 201 -36.56 107.54 -151.03
N TRP H 202 -35.67 106.94 -150.24
CA TRP H 202 -35.07 105.65 -150.56
C TRP H 202 -35.82 104.57 -149.79
N TYR H 203 -36.18 103.49 -150.48
CA TYR H 203 -37.04 102.46 -149.92
C TYR H 203 -36.44 101.08 -150.12
N ARG H 204 -36.77 100.18 -149.19
CA ARG H 204 -36.31 98.79 -149.19
C ARG H 204 -37.53 97.89 -149.21
N PHE H 205 -37.82 97.30 -150.37
CA PHE H 205 -38.99 96.44 -150.51
C PHE H 205 -38.79 95.15 -149.71
N VAL H 206 -39.71 94.89 -148.78
CA VAL H 206 -39.64 93.74 -147.89
C VAL H 206 -41.02 93.14 -147.74
N GLY H 207 -41.10 91.81 -147.81
CA GLY H 207 -42.33 91.08 -147.59
C GLY H 207 -42.56 90.05 -148.66
N GLN H 208 -43.79 89.53 -148.70
CA GLN H 208 -44.15 88.51 -149.69
C GLN H 208 -44.21 89.08 -151.10
N GLY H 209 -44.31 90.40 -151.25
CA GLY H 209 -44.33 90.99 -152.57
C GLY H 209 -43.03 90.79 -153.32
N GLY H 210 -41.91 90.99 -152.64
CA GLY H 210 -40.59 90.80 -153.23
C GLY H 210 -39.61 91.84 -152.76
N ALA H 211 -38.33 91.54 -153.03
CA ALA H 211 -37.24 92.44 -152.67
C ALA H 211 -36.77 93.31 -153.83
N ARG H 212 -37.18 93.01 -155.06
CA ARG H 212 -36.76 93.76 -156.23
C ARG H 212 -37.98 94.19 -157.03
N MET H 213 -37.79 95.26 -157.80
CA MET H 213 -38.88 95.78 -158.61
C MET H 213 -38.72 95.28 -160.06
N ALA H 214 -39.86 95.17 -160.74
CA ALA H 214 -39.97 94.37 -161.96
C ALA H 214 -38.95 94.78 -163.01
N GLU H 215 -38.50 93.79 -163.79
CA GLU H 215 -37.49 94.00 -164.82
C GLU H 215 -38.09 94.05 -166.23
N THR H 216 -39.26 93.47 -166.44
CA THR H 216 -39.95 93.52 -167.73
C THR H 216 -41.31 94.15 -167.52
N CYS H 217 -41.85 94.74 -168.60
CA CYS H 217 -43.12 95.45 -168.48
C CYS H 217 -44.24 94.46 -168.21
N VAL H 218 -44.71 94.44 -166.97
CA VAL H 218 -45.79 93.54 -166.55
C VAL H 218 -47.07 93.93 -167.28
N PRO H 219 -47.92 92.98 -167.68
CA PRO H 219 -49.15 93.33 -168.40
C PRO H 219 -50.03 94.30 -167.62
N VAL H 220 -50.98 94.90 -168.35
CA VAL H 220 -51.80 95.96 -167.79
C VAL H 220 -52.73 95.42 -166.71
N LEU H 221 -53.21 96.32 -165.86
CA LEU H 221 -54.16 96.02 -164.80
C LEU H 221 -53.61 95.04 -163.77
N ARG H 222 -52.42 95.31 -163.26
CA ARG H 222 -51.78 94.50 -162.23
C ARG H 222 -51.18 95.40 -161.14
N CYS H 223 -50.67 94.76 -160.10
CA CYS H 223 -49.96 95.44 -159.00
C CYS H 223 -50.85 96.46 -158.31
N ASN H 224 -52.14 96.14 -158.19
CA ASN H 224 -53.13 97.01 -157.54
C ASN H 224 -53.16 98.39 -158.21
N THR H 225 -53.00 98.39 -159.53
CA THR H 225 -52.95 99.64 -160.28
C THR H 225 -53.43 99.37 -161.71
N ALA H 226 -54.13 100.36 -162.27
CA ALA H 226 -54.57 100.24 -163.66
C ALA H 226 -53.38 100.20 -164.62
N ALA H 227 -52.37 101.03 -164.37
CA ALA H 227 -51.18 101.10 -165.21
C ALA H 227 -49.94 100.93 -164.35
N PRO H 228 -49.44 99.70 -164.21
CA PRO H 228 -48.24 99.48 -163.40
C PRO H 228 -46.98 99.91 -164.14
N MET H 229 -45.90 100.04 -163.37
CA MET H 229 -44.61 100.47 -163.88
C MET H 229 -43.57 99.38 -163.68
N TRP H 230 -42.38 99.62 -164.23
CA TRP H 230 -41.28 98.66 -164.20
C TRP H 230 -39.97 99.37 -164.45
N LEU H 231 -38.86 98.69 -164.14
CA LEU H 231 -37.53 99.18 -164.46
C LEU H 231 -37.06 98.50 -165.74
N ASN H 232 -36.59 99.30 -166.70
CA ASN H 232 -36.09 98.76 -167.95
C ASN H 232 -34.58 98.52 -167.83
N GLY H 233 -34.12 97.41 -168.39
CA GLY H 233 -32.74 97.01 -168.23
C GLY H 233 -32.57 95.98 -167.11
N THR H 234 -31.36 95.94 -166.57
CA THR H 234 -31.01 95.02 -165.51
C THR H 234 -30.58 95.76 -164.25
N HIS H 235 -30.84 95.15 -163.11
CA HIS H 235 -30.43 95.75 -161.84
C HIS H 235 -28.91 95.76 -161.73
N PRO H 236 -28.34 96.82 -161.16
CA PRO H 236 -26.88 96.86 -160.96
C PRO H 236 -26.42 95.79 -159.98
N SER H 237 -25.21 95.29 -160.21
CA SER H 237 -24.63 94.27 -159.36
C SER H 237 -23.97 94.93 -158.15
N SER H 238 -23.34 94.12 -157.31
CA SER H 238 -22.66 94.64 -156.13
C SER H 238 -21.46 95.48 -156.55
N ASP H 239 -21.16 96.50 -155.74
CA ASP H 239 -20.06 97.44 -155.98
C ASP H 239 -20.24 98.12 -157.35
N GLU H 240 -21.35 98.86 -157.45
CA GLU H 240 -21.68 99.58 -158.67
C GLU H 240 -21.95 101.05 -158.37
N GLY H 241 -22.41 101.35 -157.17
CA GLY H 241 -22.70 102.71 -156.79
C GLY H 241 -24.02 103.20 -157.30
N ILE H 242 -24.11 104.51 -157.48
CA ILE H 242 -25.33 105.15 -157.95
C ILE H 242 -25.50 104.88 -159.44
N VAL H 243 -26.66 104.36 -159.82
CA VAL H 243 -26.97 104.05 -161.21
C VAL H 243 -28.25 104.77 -161.60
N SER H 244 -28.22 105.44 -162.75
CA SER H 244 -29.34 106.21 -163.25
C SER H 244 -30.15 105.36 -164.21
N ARG H 245 -31.45 105.19 -163.90
CA ARG H 245 -32.35 104.43 -164.73
C ARG H 245 -33.65 105.22 -164.89
N LYS H 246 -34.40 104.86 -165.93
CA LYS H 246 -35.67 105.53 -166.23
C LYS H 246 -36.78 104.48 -166.20
N ALA H 247 -37.52 104.46 -165.09
CA ALA H 247 -38.60 103.48 -164.90
C ALA H 247 -39.73 103.78 -165.89
N CYS H 248 -40.06 102.79 -166.71
CA CYS H 248 -41.11 102.95 -167.71
C CYS H 248 -42.47 102.54 -167.14
N ALA H 249 -43.53 102.97 -167.83
CA ALA H 249 -44.90 102.70 -167.41
C ALA H 249 -45.65 102.06 -168.57
N HIS H 250 -46.35 100.97 -168.29
CA HIS H 250 -47.10 100.25 -169.32
C HIS H 250 -48.58 100.61 -169.21
N TRP H 251 -49.16 101.07 -170.33
CA TRP H 251 -50.57 101.42 -170.37
C TRP H 251 -51.01 101.47 -171.83
N SER H 252 -52.29 101.18 -172.06
CA SER H 252 -52.97 101.28 -173.34
C SER H 252 -52.44 100.29 -174.38
N GLY H 253 -51.57 99.36 -173.98
CA GLY H 253 -51.00 98.39 -174.91
C GLY H 253 -49.62 98.73 -175.41
N HIS H 254 -49.05 99.86 -174.99
CA HIS H 254 -47.70 100.27 -175.40
C HIS H 254 -46.83 100.31 -174.14
N CYS H 255 -45.95 99.33 -174.00
CA CYS H 255 -45.02 99.33 -172.88
C CYS H 255 -44.11 100.54 -172.93
N CYS H 256 -43.88 101.14 -171.77
CA CYS H 256 -43.04 102.34 -171.64
C CYS H 256 -43.61 103.51 -172.45
N LEU H 257 -44.82 103.92 -172.06
CA LEU H 257 -45.47 105.08 -172.66
C LEU H 257 -45.21 106.36 -171.88
N TRP H 258 -45.16 106.28 -170.55
CA TRP H 258 -44.71 107.38 -169.70
C TRP H 258 -43.42 106.99 -169.00
N ASP H 259 -42.63 108.00 -168.64
CA ASP H 259 -41.29 107.78 -168.10
C ASP H 259 -41.12 108.52 -166.78
N ALA H 260 -40.41 107.89 -165.85
CA ALA H 260 -40.08 108.46 -164.56
C ALA H 260 -38.60 108.22 -164.27
N SER H 261 -38.03 109.04 -163.40
CA SER H 261 -36.61 109.00 -163.08
C SER H 261 -36.41 108.28 -161.75
N VAL H 262 -35.57 107.24 -161.77
CA VAL H 262 -35.25 106.48 -160.57
C VAL H 262 -33.74 106.30 -160.49
N GLN H 263 -33.22 106.21 -159.27
CA GLN H 263 -31.79 106.02 -159.03
C GLN H 263 -31.63 104.81 -158.12
N VAL H 264 -31.28 103.67 -158.70
CA VAL H 264 -31.10 102.43 -157.97
C VAL H 264 -29.64 102.29 -157.55
N LYS H 265 -29.43 101.84 -156.31
CA LYS H 265 -28.09 101.64 -155.78
C LYS H 265 -28.01 100.27 -155.13
N ALA H 266 -26.93 99.54 -155.39
CA ALA H 266 -26.70 98.28 -154.73
C ALA H 266 -26.30 98.49 -153.27
N CYS H 267 -26.42 97.43 -152.47
CA CYS H 267 -26.13 97.48 -151.06
C CYS H 267 -25.45 96.20 -150.62
N ALA H 268 -24.72 96.30 -149.50
CA ALA H 268 -24.05 95.14 -148.92
C ALA H 268 -25.09 94.19 -148.36
N GLY H 269 -25.32 93.08 -149.05
CA GLY H 269 -26.34 92.12 -148.69
C GLY H 269 -27.33 91.91 -149.81
N GLY H 270 -28.34 91.09 -149.51
CA GLY H 270 -29.35 90.76 -150.50
C GLY H 270 -30.54 91.69 -150.52
N TYR H 271 -30.30 92.97 -150.78
CA TYR H 271 -31.37 93.96 -150.86
C TYR H 271 -30.89 95.14 -151.69
N TYR H 272 -31.85 95.94 -152.15
CA TYR H 272 -31.59 97.08 -153.01
C TYR H 272 -32.35 98.29 -152.48
N VAL H 273 -31.95 99.47 -152.98
CA VAL H 273 -32.63 100.72 -152.67
C VAL H 273 -32.92 101.46 -153.98
N TYR H 274 -33.95 102.30 -153.95
CA TYR H 274 -34.40 103.01 -155.14
C TYR H 274 -34.77 104.44 -154.78
N ASN H 275 -34.47 105.37 -155.69
CA ASN H 275 -34.91 106.76 -155.56
C ASN H 275 -36.27 106.87 -156.25
N LEU H 276 -37.32 106.50 -155.51
CA LEU H 276 -38.67 106.40 -156.07
C LEU H 276 -39.30 107.79 -156.10
N THR H 277 -39.54 108.30 -157.30
CA THR H 277 -40.13 109.62 -157.48
C THR H 277 -41.62 109.51 -157.77
N ALA H 278 -42.29 110.66 -157.74
CA ALA H 278 -43.71 110.72 -158.04
C ALA H 278 -43.93 110.56 -159.54
N PRO H 279 -44.88 109.72 -159.96
CA PRO H 279 -45.17 109.61 -161.40
C PRO H 279 -45.77 110.89 -161.92
N PRO H 280 -45.71 111.13 -163.23
CA PRO H 280 -46.29 112.37 -163.78
C PRO H 280 -47.77 112.53 -163.47
N GLU H 281 -48.52 111.44 -163.38
CA GLU H 281 -49.94 111.48 -163.04
C GLU H 281 -50.31 110.23 -162.25
N CYS H 282 -51.45 110.29 -161.58
CA CYS H 282 -51.91 109.20 -160.73
C CYS H 282 -52.28 107.99 -161.59
N HIS H 283 -52.72 106.92 -160.92
CA HIS H 283 -52.97 105.61 -161.52
C HIS H 283 -51.70 104.98 -162.06
N LEU H 284 -50.57 105.30 -161.43
CA LEU H 284 -49.28 104.69 -161.73
C LEU H 284 -48.61 104.28 -160.43
N ALA H 285 -48.13 103.04 -160.37
CA ALA H 285 -47.47 102.52 -159.18
C ALA H 285 -46.49 101.43 -159.56
N TYR H 286 -45.57 101.15 -158.65
CA TYR H 286 -44.51 100.17 -158.91
C TYR H 286 -44.95 98.78 -158.49
N CYS H 287 -44.18 97.78 -158.92
CA CYS H 287 -44.42 96.38 -158.64
C CYS H 287 -43.25 95.77 -157.89
N THR H 288 -43.45 94.53 -157.46
CA THR H 288 -42.40 93.73 -156.84
C THR H 288 -42.53 92.30 -157.34
N ASP H 289 -41.57 91.85 -158.14
CA ASP H 289 -41.54 90.47 -158.57
C ASP H 289 -40.97 89.59 -157.46
N PRO H 290 -41.21 88.27 -157.52
CA PRO H 290 -40.64 87.37 -156.51
C PRO H 290 -39.11 87.42 -156.47
N SER H 291 -38.51 87.80 -157.59
CA SER H 291 -37.06 88.08 -157.71
C SER H 291 -36.29 86.82 -157.31
N SER H 292 -35.26 86.92 -156.48
CA SER H 292 -34.40 85.77 -156.18
C SER H 292 -34.32 85.51 -154.68
N VAL H 293 -35.47 85.44 -154.00
CA VAL H 293 -35.48 85.11 -152.58
C VAL H 293 -34.88 83.73 -152.36
N GLU H 294 -35.00 82.83 -153.33
CA GLU H 294 -34.31 81.54 -153.24
C GLU H 294 -32.80 81.71 -153.30
N GLY H 295 -32.32 82.59 -154.17
CA GLY H 295 -30.90 82.89 -154.23
C GLY H 295 -30.41 83.61 -152.99
N THR H 296 -29.58 82.93 -152.20
CA THR H 296 -29.13 83.44 -150.92
C THR H 296 -27.62 83.68 -150.96
N CYS H 297 -27.11 84.34 -149.93
CA CYS H 297 -25.69 84.62 -149.79
C CYS H 297 -25.02 83.83 -148.66
N GLU H 298 -25.80 83.23 -147.75
CA GLU H 298 -25.21 82.47 -146.66
C GLU H 298 -24.48 81.23 -147.16
N GLU H 299 -24.81 80.77 -148.36
CA GLU H 299 -24.11 79.62 -148.93
C GLU H 299 -22.65 79.92 -149.24
N CYS H 300 -22.28 81.20 -149.35
CA CYS H 300 -20.88 81.56 -149.49
C CYS H 300 -20.18 81.45 -148.14
N SER H 301 -18.94 80.98 -148.15
CA SER H 301 -18.17 80.81 -146.93
C SER H 301 -17.74 82.18 -146.39
N ILE H 302 -17.25 82.17 -145.15
CA ILE H 302 -16.90 83.41 -144.45
C ILE H 302 -15.83 84.23 -145.16
N ASP H 303 -14.95 83.60 -145.94
CA ASP H 303 -13.92 84.32 -146.67
C ASP H 303 -14.34 84.70 -148.09
N GLU H 304 -15.57 84.39 -148.47
CA GLU H 304 -16.06 84.71 -149.82
C GLU H 304 -16.93 85.96 -149.75
N ASP H 305 -16.54 86.99 -150.50
CA ASP H 305 -17.32 88.22 -150.55
C ASP H 305 -18.65 87.98 -151.25
N CYS H 306 -19.65 88.75 -150.85
CA CYS H 306 -21.00 88.65 -151.43
C CYS H 306 -21.08 89.53 -152.66
N LYS H 307 -20.26 89.18 -153.66
CA LYS H 307 -20.23 89.92 -154.92
C LYS H 307 -21.39 89.49 -155.80
N SER H 308 -21.66 90.31 -156.82
CA SER H 308 -22.73 90.05 -157.77
C SER H 308 -22.27 90.37 -159.18
N ASN H 309 -22.89 89.71 -160.16
CA ASN H 309 -22.61 89.93 -161.57
C ASN H 309 -23.94 90.01 -162.30
N ASN H 310 -24.31 91.23 -162.72
CA ASN H 310 -25.56 91.49 -163.43
C ASN H 310 -26.77 90.99 -162.64
N GLY H 311 -26.75 91.23 -161.33
CA GLY H 311 -27.87 90.89 -160.48
C GLY H 311 -27.85 89.51 -159.87
N ARG H 312 -26.90 88.67 -160.24
CA ARG H 312 -26.78 87.32 -159.68
C ARG H 312 -25.63 87.28 -158.69
N TRP H 313 -25.92 86.84 -157.47
CA TRP H 313 -24.94 86.84 -156.39
C TRP H 313 -24.05 85.60 -156.50
N HIS H 314 -22.74 85.81 -156.44
CA HIS H 314 -21.77 84.73 -156.51
C HIS H 314 -20.72 84.92 -155.42
N CYS H 315 -20.05 83.82 -155.07
CA CYS H 315 -19.02 83.84 -154.03
C CYS H 315 -17.67 84.14 -154.68
N GLN H 316 -17.32 85.43 -154.70
CA GLN H 316 -16.01 85.86 -155.18
C GLN H 316 -15.08 86.02 -153.98
N CYS H 317 -13.98 85.28 -153.98
CA CYS H 317 -13.09 85.21 -152.83
C CYS H 317 -12.25 86.48 -152.72
N LYS H 318 -11.27 86.46 -151.81
CA LYS H 318 -10.41 87.62 -151.59
C LYS H 318 -9.62 87.95 -152.84
N GLN H 319 -9.56 89.25 -153.17
CA GLN H 319 -8.68 89.68 -154.25
C GLN H 319 -7.22 89.63 -153.83
N ASP H 320 -6.94 89.74 -152.53
CA ASP H 320 -5.58 89.61 -152.04
C ASP H 320 -5.06 88.19 -152.23
N PHE H 321 -5.95 87.19 -152.21
CA PHE H 321 -5.57 85.82 -152.49
C PHE H 321 -5.36 85.64 -153.99
N ASN H 322 -4.17 86.00 -154.48
CA ASN H 322 -3.89 85.94 -155.91
C ASN H 322 -2.43 85.54 -156.08
N ILE H 323 -2.21 84.30 -156.48
CA ILE H 323 -0.87 83.76 -156.72
C ILE H 323 -0.79 83.34 -158.19
N THR H 324 0.25 83.78 -158.88
CA THR H 324 0.38 83.51 -160.31
C THR H 324 0.97 82.13 -160.58
N ASP H 325 2.11 81.83 -159.97
CA ASP H 325 2.79 80.57 -160.21
C ASP H 325 2.17 79.45 -159.37
N ILE H 326 2.58 78.22 -159.66
CA ILE H 326 2.06 77.05 -158.95
C ILE H 326 3.01 76.54 -157.87
N SER H 327 4.24 77.07 -157.80
CA SER H 327 5.16 76.66 -156.75
C SER H 327 4.73 77.12 -155.37
N LEU H 328 4.03 78.26 -155.30
CA LEU H 328 3.54 78.78 -154.02
C LEU H 328 2.21 78.17 -153.61
N LEU H 329 1.76 77.12 -154.28
CA LEU H 329 0.49 76.48 -153.95
C LEU H 329 0.54 75.92 -152.53
N GLU H 330 -0.50 76.18 -151.76
CA GLU H 330 -0.56 75.74 -150.37
C GLU H 330 -0.99 74.27 -150.31
N HIS H 331 -0.31 73.52 -149.43
CA HIS H 331 -0.60 72.10 -149.24
C HIS H 331 -0.58 71.82 -147.74
N ARG H 332 -1.65 71.21 -147.25
CA ARG H 332 -1.74 70.80 -145.85
C ARG H 332 -1.86 69.29 -145.77
N LEU H 333 -0.81 68.64 -145.27
CA LEU H 333 -0.77 67.18 -145.16
C LEU H 333 -0.80 66.81 -143.68
N GLU H 334 -1.89 66.21 -143.25
CA GLU H 334 -2.02 65.66 -141.90
C GLU H 334 -1.80 64.17 -141.97
N CYS H 335 -0.67 63.71 -141.44
CA CYS H 335 -0.26 62.31 -141.55
C CYS H 335 -0.91 61.52 -140.43
N GLY H 336 -2.22 61.25 -140.59
CA GLY H 336 -2.97 60.51 -139.60
C GLY H 336 -2.61 59.04 -139.57
N ALA H 337 -2.64 58.48 -138.36
CA ALA H 337 -2.07 57.15 -138.13
C ALA H 337 -2.74 56.08 -138.97
N ASN H 338 -4.07 56.05 -138.99
CA ASN H 338 -4.80 55.05 -139.76
C ASN H 338 -5.01 55.46 -141.21
N ASP H 339 -5.10 56.78 -141.47
CA ASP H 339 -5.39 57.26 -142.80
C ASP H 339 -4.78 58.65 -142.99
N MET H 340 -4.18 58.86 -144.16
CA MET H 340 -3.61 60.16 -144.48
C MET H 340 -4.51 60.92 -145.45
N LYS H 341 -4.44 62.24 -145.39
CA LYS H 341 -5.16 63.10 -146.31
C LYS H 341 -4.26 64.26 -146.74
N VAL H 342 -4.46 64.73 -147.96
CA VAL H 342 -3.79 65.92 -148.48
C VAL H 342 -4.85 66.95 -148.83
N SER H 343 -4.70 68.16 -148.29
CA SER H 343 -5.72 69.19 -148.37
C SER H 343 -5.18 70.40 -149.12
N LEU H 344 -6.01 70.93 -150.02
CA LEU H 344 -5.65 72.11 -150.81
C LEU H 344 -6.76 73.14 -150.70
N GLY H 345 -6.37 74.40 -150.52
CA GLY H 345 -7.33 75.48 -150.44
C GLY H 345 -8.08 75.72 -151.73
N LYS H 346 -9.41 75.84 -151.65
CA LYS H 346 -10.20 76.05 -152.85
C LYS H 346 -10.04 77.46 -153.40
N CYS H 347 -9.88 78.45 -152.52
CA CYS H 347 -9.70 79.82 -152.99
C CYS H 347 -8.39 79.98 -153.76
N GLN H 348 -7.32 79.34 -153.26
CA GLN H 348 -6.01 79.45 -153.92
C GLN H 348 -6.07 78.85 -155.32
N LEU H 349 -6.69 77.68 -155.46
CA LEU H 349 -6.79 77.05 -156.78
C LEU H 349 -7.74 77.80 -157.69
N LYS H 350 -8.81 78.40 -157.14
CA LYS H 350 -9.70 79.21 -157.95
C LYS H 350 -8.97 80.42 -158.51
N SER H 351 -8.16 81.08 -157.68
CA SER H 351 -7.37 82.20 -158.17
C SER H 351 -6.27 81.75 -159.11
N LEU H 352 -5.80 80.50 -158.95
CA LEU H 352 -4.78 79.97 -159.84
C LEU H 352 -5.28 79.77 -161.27
N GLY H 353 -6.60 79.73 -161.46
CA GLY H 353 -7.16 79.60 -162.80
C GLY H 353 -7.96 78.32 -163.00
N PHE H 354 -8.18 77.57 -161.93
CA PHE H 354 -8.92 76.31 -161.99
C PHE H 354 -10.33 76.53 -161.45
N ASP H 355 -11.31 76.60 -162.36
CA ASP H 355 -12.71 76.71 -161.93
C ASP H 355 -13.15 75.42 -161.22
N LYS H 356 -12.83 74.28 -161.81
CA LYS H 356 -13.10 72.97 -161.20
C LYS H 356 -11.85 72.13 -161.28
N VAL H 357 -11.52 71.45 -160.18
CA VAL H 357 -10.30 70.66 -160.09
C VAL H 357 -10.65 69.18 -160.12
N PHE H 358 -9.73 68.39 -160.68
CA PHE H 358 -9.85 66.94 -160.76
C PHE H 358 -8.65 66.33 -160.03
N MET H 359 -8.84 65.96 -158.77
CA MET H 359 -7.77 65.36 -157.98
C MET H 359 -7.78 63.85 -158.19
N TYR H 360 -6.67 63.33 -158.72
CA TYR H 360 -6.55 61.90 -159.02
C TYR H 360 -5.32 61.35 -158.34
N LEU H 361 -5.49 60.23 -157.64
CA LEU H 361 -4.39 59.53 -157.00
C LEU H 361 -3.66 58.67 -158.04
N SER H 362 -2.82 57.76 -157.58
CA SER H 362 -2.22 56.78 -158.49
C SER H 362 -3.29 55.96 -159.19
N ASP H 363 -4.43 55.76 -158.53
CA ASP H 363 -5.62 55.18 -159.15
C ASP H 363 -6.71 56.23 -159.17
N SER H 364 -7.41 56.35 -160.30
CA SER H 364 -8.40 57.39 -160.49
C SER H 364 -9.61 57.24 -159.59
N ARG H 365 -9.79 56.08 -158.94
CA ARG H 365 -10.95 55.88 -158.08
C ARG H 365 -10.91 56.74 -156.82
N CYS H 366 -9.73 57.22 -156.42
CA CYS H 366 -9.60 58.08 -155.25
C CYS H 366 -9.81 59.54 -155.60
N SER H 367 -10.97 59.86 -156.16
CA SER H 367 -11.26 61.23 -156.58
C SER H 367 -11.44 62.12 -155.35
N GLY H 368 -11.03 63.38 -155.50
CA GLY H 368 -11.12 64.32 -154.40
C GLY H 368 -12.54 64.75 -154.11
N PHE H 369 -12.78 65.11 -152.86
CA PHE H 369 -14.10 65.59 -152.44
C PHE H 369 -13.96 66.90 -151.67
N ASN H 370 -15.05 67.39 -151.09
CA ASN H 370 -15.08 68.66 -150.40
C ASN H 370 -15.28 68.45 -148.90
N ASP H 371 -14.47 69.14 -148.11
CA ASP H 371 -14.58 69.09 -146.65
C ASP H 371 -14.19 70.45 -146.10
N ARG H 372 -14.85 70.86 -145.01
CA ARG H 372 -14.64 72.16 -144.41
C ARG H 372 -14.33 72.00 -142.93
N ASP H 373 -13.21 72.56 -142.49
CA ASP H 373 -12.87 72.65 -141.07
C ASP H 373 -12.71 74.09 -140.61
N ASN H 374 -12.01 74.92 -141.38
CA ASN H 374 -11.95 76.36 -141.14
C ASN H 374 -12.15 77.19 -142.40
N ARG H 375 -12.04 76.58 -143.58
CA ARG H 375 -12.33 77.25 -144.85
C ARG H 375 -12.70 76.18 -145.86
N ASP H 376 -12.86 76.58 -147.12
CA ASP H 376 -13.21 75.64 -148.18
C ASP H 376 -11.98 74.85 -148.59
N TRP H 377 -12.01 73.54 -148.35
CA TRP H 377 -10.91 72.65 -148.69
C TRP H 377 -11.39 71.55 -149.62
N VAL H 378 -10.58 71.23 -150.62
CA VAL H 378 -10.74 70.03 -151.43
C VAL H 378 -9.60 69.08 -151.07
N SER H 379 -9.94 67.82 -150.79
CA SER H 379 -8.96 66.92 -150.20
C SER H 379 -9.13 65.51 -150.74
N VAL H 380 -8.07 64.72 -150.59
CA VAL H 380 -8.05 63.31 -150.97
C VAL H 380 -7.61 62.50 -149.76
N VAL H 381 -8.26 61.35 -149.56
CA VAL H 381 -7.98 60.48 -148.42
C VAL H 381 -7.51 59.13 -148.93
N THR H 382 -6.32 58.71 -148.49
CA THR H 382 -5.70 57.50 -148.97
C THR H 382 -5.22 56.65 -147.79
N PRO H 383 -5.66 55.40 -147.68
CA PRO H 383 -5.39 54.61 -146.47
C PRO H 383 -3.90 54.38 -146.24
N ALA H 384 -3.55 54.21 -144.96
CA ALA H 384 -2.17 53.97 -144.54
C ALA H 384 -1.84 52.48 -144.62
N ARG H 385 -1.72 52.01 -145.86
CA ARG H 385 -1.39 50.61 -146.12
C ARG H 385 -0.63 50.53 -147.44
N ASP H 386 -0.28 49.31 -147.82
CA ASP H 386 0.45 49.06 -149.07
C ASP H 386 -0.53 48.52 -150.10
N GLY H 387 -0.94 49.39 -151.04
CA GLY H 387 -1.81 48.97 -152.11
C GLY H 387 -3.27 49.41 -152.12
N PRO H 388 -3.83 49.99 -151.03
CA PRO H 388 -5.26 50.34 -151.09
C PRO H 388 -5.62 51.30 -152.20
N CYS H 389 -4.79 52.30 -152.46
CA CYS H 389 -4.99 53.22 -153.58
C CYS H 389 -3.66 53.51 -154.26
N GLY H 390 -2.86 52.46 -154.48
CA GLY H 390 -1.57 52.61 -155.11
C GLY H 390 -0.47 53.19 -154.24
N THR H 391 -0.61 53.11 -152.92
CA THR H 391 0.40 53.64 -152.02
C THR H 391 1.60 52.69 -151.97
N VAL H 392 2.78 53.22 -152.30
CA VAL H 392 4.00 52.42 -152.30
C VAL H 392 4.68 52.53 -150.93
N LEU H 393 5.02 51.37 -150.37
CA LEU H 393 5.66 51.28 -149.06
C LEU H 393 7.08 50.76 -149.24
N THR H 394 8.05 51.51 -148.73
CA THR H 394 9.47 51.16 -148.81
C THR H 394 10.08 51.52 -147.45
N ARG H 395 10.28 50.50 -146.62
CA ARG H 395 10.59 50.67 -145.21
C ARG H 395 12.06 50.39 -144.99
N ASN H 396 12.81 51.36 -144.44
CA ASN H 396 14.20 51.13 -144.08
C ASN H 396 14.26 50.69 -142.61
N GLU H 397 15.47 50.49 -142.10
CA GLU H 397 15.63 49.96 -140.74
C GLU H 397 14.98 50.85 -139.69
N THR H 398 14.83 52.14 -139.95
CA THR H 398 14.29 53.06 -138.96
C THR H 398 12.83 53.40 -139.17
N HIS H 399 12.46 53.93 -140.34
CA HIS H 399 11.12 54.45 -140.58
C HIS H 399 10.39 53.67 -141.66
N ALA H 400 9.12 54.00 -141.82
CA ALA H 400 8.24 53.36 -142.78
C ALA H 400 7.42 54.43 -143.49
N THR H 401 7.70 54.65 -144.76
CA THR H 401 7.11 55.74 -145.52
C THR H 401 6.00 55.21 -146.43
N TYR H 402 4.99 56.05 -146.64
CA TYR H 402 3.88 55.75 -147.55
C TYR H 402 3.88 56.84 -148.62
N SER H 403 4.30 56.48 -149.82
CA SER H 403 4.47 57.43 -150.91
C SER H 403 3.37 57.23 -151.95
N ASN H 404 2.67 58.32 -152.28
CA ASN H 404 1.65 58.31 -153.31
C ASN H 404 1.70 59.62 -154.07
N THR H 405 1.35 59.57 -155.35
CA THR H 405 1.42 60.74 -156.21
C THR H 405 0.03 61.34 -156.42
N LEU H 406 -0.03 62.67 -156.42
CA LEU H 406 -1.28 63.41 -156.59
C LEU H 406 -1.26 64.11 -157.94
N TYR H 407 -2.41 64.10 -158.62
CA TYR H 407 -2.58 64.72 -159.92
C TYR H 407 -3.64 65.80 -159.84
N LEU H 408 -3.37 66.94 -160.48
CA LEU H 408 -4.28 68.06 -160.49
C LEU H 408 -4.46 68.56 -161.92
N ALA H 409 -5.70 68.89 -162.27
CA ALA H 409 -6.01 69.41 -163.59
C ALA H 409 -7.33 70.16 -163.53
N ASP H 410 -7.47 71.17 -164.39
CA ASP H 410 -8.70 71.94 -164.47
C ASP H 410 -9.75 71.30 -165.36
N GLU H 411 -9.40 70.23 -166.07
CA GLU H 411 -10.34 69.54 -166.95
C GLU H 411 -9.95 68.06 -166.99
N ILE H 412 -10.74 67.27 -167.70
CA ILE H 412 -10.46 65.85 -167.83
C ILE H 412 -9.15 65.63 -168.58
N ILE H 413 -8.95 66.38 -169.67
CA ILE H 413 -7.74 66.27 -170.49
C ILE H 413 -6.79 67.39 -170.12
N ILE H 414 -5.49 67.08 -170.07
CA ILE H 414 -4.47 68.07 -169.77
C ILE H 414 -3.69 68.36 -171.04
N ARG H 415 -3.47 69.65 -171.32
CA ARG H 415 -2.77 70.08 -172.52
C ARG H 415 -1.51 70.89 -172.24
N ASP H 416 -1.37 71.46 -171.05
CA ASP H 416 -0.19 72.24 -170.70
C ASP H 416 -0.11 72.34 -169.19
N LEU H 417 1.13 72.44 -168.68
CA LEU H 417 1.41 72.60 -167.25
C LEU H 417 0.81 71.45 -166.43
N ASN H 418 1.32 70.25 -166.69
CA ASN H 418 0.93 69.09 -165.89
C ASN H 418 1.46 69.26 -164.47
N ILE H 419 0.61 68.98 -163.49
CA ILE H 419 0.93 69.20 -162.08
C ILE H 419 0.96 67.86 -161.38
N LYS H 420 2.06 67.57 -160.68
CA LYS H 420 2.21 66.37 -159.87
C LYS H 420 2.66 66.77 -158.48
N ILE H 421 1.91 66.32 -157.47
CA ILE H 421 2.23 66.60 -156.07
C ILE H 421 2.65 65.27 -155.44
N ASN H 422 3.97 65.04 -155.37
CA ASN H 422 4.51 63.83 -154.78
C ASN H 422 4.55 64.00 -153.27
N PHE H 423 3.59 63.41 -152.58
CA PHE H 423 3.46 63.53 -151.13
C PHE H 423 3.80 62.21 -150.46
N ALA H 424 4.49 62.30 -149.32
CA ALA H 424 4.88 61.12 -148.56
C ALA H 424 5.30 61.49 -147.15
N CYS H 425 4.75 60.80 -146.15
CA CYS H 425 5.15 60.98 -144.77
C CYS H 425 5.50 59.62 -144.17
N SER H 426 6.64 59.57 -143.48
CA SER H 426 7.17 58.34 -142.94
C SER H 426 6.86 58.24 -141.45
N TYR H 427 6.75 57.01 -140.96
CA TYR H 427 6.38 56.72 -139.58
C TYR H 427 7.52 56.03 -138.86
N PRO H 428 7.76 56.34 -137.59
CA PRO H 428 8.79 55.61 -136.85
C PRO H 428 8.35 54.19 -136.51
N LEU H 429 9.34 53.31 -136.40
CA LEU H 429 9.10 51.92 -136.02
C LEU H 429 9.27 51.68 -134.52
N ASP H 430 9.79 52.65 -133.77
CA ASP H 430 10.06 52.49 -132.36
C ASP H 430 9.35 53.60 -131.59
N MET H 431 8.60 53.22 -130.55
CA MET H 431 7.87 54.18 -129.74
C MET H 431 7.90 53.75 -128.28
N LYS H 432 7.37 54.63 -127.43
CA LYS H 432 7.36 54.44 -125.98
C LYS H 432 5.93 54.46 -125.49
N VAL H 433 5.59 53.49 -124.63
CA VAL H 433 4.26 53.40 -124.03
C VAL H 433 4.41 53.24 -122.52
N SER H 434 3.35 53.62 -121.82
CA SER H 434 3.32 53.52 -120.37
C SER H 434 1.88 53.45 -119.92
N LEU H 435 1.66 52.86 -118.75
CA LEU H 435 0.32 52.85 -118.17
C LEU H 435 -0.10 54.25 -117.75
N LYS H 436 -1.36 54.58 -118.01
CA LYS H 436 -1.97 55.76 -117.44
C LYS H 436 -2.63 55.47 -116.10
N THR H 437 -2.54 54.23 -115.63
CA THR H 437 -3.12 53.82 -114.37
C THR H 437 -2.00 53.53 -113.37
N ALA H 438 -2.08 54.17 -112.21
CA ALA H 438 -1.07 53.99 -111.18
C ALA H 438 -1.25 52.64 -110.50
N LEU H 439 -0.12 52.04 -110.11
CA LEU H 439 -0.11 50.80 -109.35
C LEU H 439 0.62 51.02 -108.04
N GLN H 440 -0.01 50.62 -106.95
CA GLN H 440 0.60 50.73 -105.62
C GLN H 440 0.51 49.37 -104.93
N PRO H 441 1.66 48.77 -104.62
CA PRO H 441 1.65 47.48 -103.93
C PRO H 441 1.42 47.63 -102.44
N MET H 442 1.08 46.51 -101.81
CA MET H 442 1.06 46.41 -100.35
C MET H 442 1.61 45.04 -99.99
N VAL H 443 2.43 45.01 -98.94
CA VAL H 443 3.10 43.78 -98.51
C VAL H 443 3.14 43.77 -96.99
N SER H 444 3.04 42.58 -96.41
CA SER H 444 3.24 42.45 -94.98
C SER H 444 4.63 42.95 -94.61
N ALA H 445 4.70 43.78 -93.58
CA ALA H 445 5.93 44.46 -93.21
C ALA H 445 6.22 44.26 -91.74
N LEU H 446 7.50 44.21 -91.40
CA LEU H 446 7.98 44.11 -90.03
C LEU H 446 8.81 45.33 -89.71
N ASN H 447 8.62 45.87 -88.51
CA ASN H 447 9.36 47.04 -88.04
C ASN H 447 10.03 46.69 -86.73
N ILE H 448 11.34 46.83 -86.67
CA ILE H 448 12.11 46.63 -85.46
C ILE H 448 12.54 48.00 -84.94
N ARG H 449 12.31 48.25 -83.66
CA ARG H 449 12.59 49.54 -83.04
C ARG H 449 13.85 49.42 -82.20
N VAL H 450 14.94 50.02 -82.68
CA VAL H 450 16.21 50.02 -81.97
C VAL H 450 16.61 51.47 -81.71
N GLY H 451 17.15 51.70 -80.52
CA GLY H 451 17.49 53.04 -80.10
C GLY H 451 18.94 53.13 -79.67
N GLY H 452 19.32 54.31 -79.20
CA GLY H 452 20.67 54.52 -78.74
C GLY H 452 20.82 55.90 -78.15
N THR H 453 22.00 56.14 -77.60
CA THR H 453 22.32 57.42 -76.99
C THR H 453 23.72 57.83 -77.41
N GLY H 454 23.85 59.10 -77.80
CA GLY H 454 25.14 59.62 -78.23
C GLY H 454 25.51 60.84 -77.43
N MET H 455 26.82 61.09 -77.39
CA MET H 455 27.38 62.23 -76.66
C MET H 455 28.12 63.14 -77.63
N PHE H 456 27.81 64.43 -77.57
CA PHE H 456 28.53 65.41 -78.36
C PHE H 456 29.89 65.69 -77.72
N THR H 457 30.79 66.25 -78.53
CA THR H 457 32.14 66.59 -78.08
C THR H 457 32.27 68.12 -78.03
N VAL H 458 32.52 68.64 -76.84
CA VAL H 458 32.75 70.08 -76.64
C VAL H 458 33.98 70.23 -75.76
N ARG H 459 34.85 71.18 -76.12
CA ARG H 459 36.09 71.39 -75.39
C ARG H 459 36.25 72.87 -75.06
N MET H 460 36.94 73.13 -73.96
CA MET H 460 37.31 74.48 -73.58
C MET H 460 38.79 74.51 -73.23
N ALA H 461 39.49 75.50 -73.77
CA ALA H 461 40.94 75.54 -73.67
C ALA H 461 41.37 76.94 -73.27
N LEU H 462 42.62 77.05 -72.82
CA LEU H 462 43.19 78.31 -72.38
C LEU H 462 43.88 78.98 -73.56
N PHE H 463 43.58 80.24 -73.78
CA PHE H 463 44.25 81.06 -74.78
C PHE H 463 45.32 81.88 -74.09
N GLN H 464 46.59 81.52 -74.33
CA GLN H 464 47.69 82.20 -73.66
C GLN H 464 47.89 83.62 -74.15
N THR H 465 47.21 84.01 -75.21
CA THR H 465 47.31 85.34 -75.80
C THR H 465 45.93 85.95 -75.92
N PRO H 466 45.84 87.28 -75.95
CA PRO H 466 44.54 87.92 -76.20
C PRO H 466 44.03 87.60 -77.60
N SER H 467 42.79 88.02 -77.84
CA SER H 467 42.06 87.77 -79.08
C SER H 467 41.79 86.28 -79.31
N TYR H 468 42.12 85.43 -78.34
CA TYR H 468 41.75 84.01 -78.34
C TYR H 468 42.30 83.30 -79.58
N THR H 469 43.55 83.63 -79.89
CA THR H 469 44.20 83.16 -81.11
C THR H 469 44.86 81.80 -80.97
N GLN H 470 45.59 81.56 -79.88
CA GLN H 470 46.31 80.31 -79.77
C GLN H 470 45.99 79.60 -78.46
N PRO H 471 45.93 78.28 -78.47
CA PRO H 471 45.61 77.53 -77.26
C PRO H 471 46.86 77.21 -76.44
N TYR H 472 46.62 76.64 -75.26
CA TYR H 472 47.67 76.30 -74.30
C TYR H 472 47.74 74.79 -74.14
N GLN H 473 48.96 74.24 -74.24
CA GLN H 473 49.19 72.81 -74.14
C GLN H 473 49.77 72.39 -72.79
N GLY H 474 50.48 73.30 -72.11
CA GLY H 474 51.18 72.95 -70.89
C GLY H 474 50.25 72.50 -69.78
N SER H 475 50.80 71.68 -68.89
CA SER H 475 50.05 71.05 -67.82
C SER H 475 49.64 72.01 -66.71
N SER H 476 50.56 72.85 -66.24
CA SER H 476 50.25 73.81 -65.19
C SER H 476 50.69 75.18 -65.68
N VAL H 477 49.79 76.16 -65.55
CA VAL H 477 50.04 77.51 -66.03
C VAL H 477 50.34 78.39 -64.82
N THR H 478 51.35 79.24 -64.96
CA THR H 478 51.97 79.91 -63.82
C THR H 478 52.00 81.41 -64.08
N LEU H 479 50.94 82.11 -63.67
CA LEU H 479 50.77 83.53 -63.99
C LEU H 479 50.82 84.38 -62.71
N SER H 480 50.60 85.67 -62.90
CA SER H 480 50.41 86.63 -61.83
C SER H 480 48.93 86.99 -61.72
N THR H 481 48.50 87.33 -60.50
CA THR H 481 47.10 87.64 -60.26
C THR H 481 46.59 88.83 -61.07
N GLU H 482 47.37 89.90 -61.18
CA GLU H 482 46.94 91.09 -61.92
C GLU H 482 46.78 90.82 -63.41
N ALA H 483 47.41 89.78 -63.93
CA ALA H 483 47.29 89.43 -65.35
C ALA H 483 45.86 88.95 -65.64
N PHE H 484 45.41 89.21 -66.87
CA PHE H 484 44.08 88.75 -67.26
C PHE H 484 44.10 87.29 -67.68
N LEU H 485 42.91 86.72 -67.80
CA LEU H 485 42.72 85.33 -68.19
C LEU H 485 41.92 85.30 -69.48
N TYR H 486 42.40 84.54 -70.46
CA TYR H 486 41.81 84.48 -71.79
C TYR H 486 41.52 83.02 -72.11
N VAL H 487 40.24 82.64 -72.15
CA VAL H 487 39.84 81.28 -72.45
C VAL H 487 38.60 81.32 -73.34
N GLY H 488 38.23 80.15 -73.86
CA GLY H 488 37.05 80.02 -74.69
C GLY H 488 36.59 78.58 -74.77
N THR H 489 35.34 78.41 -75.19
CA THR H 489 34.72 77.11 -75.35
C THR H 489 34.35 76.89 -76.81
N MET H 490 34.86 75.81 -77.39
CA MET H 490 34.58 75.45 -78.77
C MET H 490 33.82 74.12 -78.83
N LEU H 491 33.00 73.99 -79.86
CA LEU H 491 32.10 72.84 -79.99
C LEU H 491 32.57 72.01 -81.18
N ASP H 492 32.62 70.70 -81.00
CA ASP H 492 33.04 69.77 -82.04
C ASP H 492 32.03 68.67 -82.30
N GLY H 493 30.82 68.76 -81.72
CA GLY H 493 29.88 67.66 -81.84
C GLY H 493 29.33 67.51 -83.24
N GLY H 494 28.49 68.45 -83.67
CA GLY H 494 27.87 68.39 -84.98
C GLY H 494 26.63 69.26 -85.03
N ASP H 495 26.11 69.38 -86.26
CA ASP H 495 24.96 70.23 -86.57
C ASP H 495 25.16 71.64 -86.01
N LEU H 496 26.34 72.20 -86.30
CA LEU H 496 26.63 73.55 -85.87
C LEU H 496 25.67 74.57 -86.49
N SER H 497 25.10 74.27 -87.64
CA SER H 497 24.17 75.19 -88.27
C SER H 497 22.90 75.38 -87.43
N ARG H 498 22.33 74.29 -86.94
CA ARG H 498 21.08 74.36 -86.19
C ARG H 498 21.27 74.62 -84.70
N PHE H 499 22.51 74.60 -84.22
CA PHE H 499 22.80 74.68 -82.80
C PHE H 499 23.72 75.86 -82.52
N ALA H 500 23.52 76.50 -81.36
CA ALA H 500 24.36 77.61 -80.92
C ALA H 500 24.88 77.29 -79.53
N LEU H 501 26.19 77.44 -79.34
CA LEU H 501 26.79 77.26 -78.03
C LEU H 501 26.39 78.41 -77.11
N LEU H 502 25.69 78.07 -76.03
CA LEU H 502 25.26 79.08 -75.08
C LEU H 502 25.73 78.66 -73.69
N MET H 503 26.25 79.63 -72.94
CA MET H 503 26.88 79.39 -71.65
C MET H 503 25.90 79.78 -70.55
N THR H 504 25.28 78.78 -69.92
CA THR H 504 24.33 79.07 -68.84
C THR H 504 25.04 79.52 -67.57
N ASN H 505 26.11 78.84 -67.19
CA ASN H 505 26.73 79.08 -65.90
C ASN H 505 28.12 78.48 -65.89
N CYS H 506 29.08 79.22 -65.34
CA CYS H 506 30.42 78.74 -65.12
C CYS H 506 30.94 79.32 -63.82
N TYR H 507 31.94 78.67 -63.25
CA TYR H 507 32.43 79.04 -61.93
C TYR H 507 33.88 78.60 -61.77
N ALA H 508 34.43 78.91 -60.61
CA ALA H 508 35.79 78.55 -60.25
C ALA H 508 35.80 77.89 -58.89
N THR H 509 36.53 76.78 -58.77
CA THR H 509 36.72 76.08 -57.51
C THR H 509 38.21 75.82 -57.32
N PRO H 510 38.67 75.70 -56.07
CA PRO H 510 40.11 75.51 -55.85
C PRO H 510 40.58 74.08 -56.10
N SER H 511 39.68 73.21 -56.54
CA SER H 511 40.03 71.81 -56.73
C SER H 511 39.49 71.32 -58.06
N SER H 512 40.07 70.22 -58.55
CA SER H 512 39.61 69.62 -59.80
C SER H 512 38.17 69.14 -59.68
N ASN H 513 37.75 68.77 -58.48
CA ASN H 513 36.35 68.45 -58.23
C ASN H 513 35.48 69.65 -58.58
N ALA H 514 34.43 69.42 -59.35
CA ALA H 514 33.57 70.50 -59.81
C ALA H 514 32.47 70.84 -58.84
N THR H 515 31.99 69.87 -58.06
CA THR H 515 30.90 70.09 -57.12
C THR H 515 31.38 70.61 -55.78
N ASP H 516 32.56 71.20 -55.72
CA ASP H 516 33.06 71.77 -54.48
C ASP H 516 32.14 72.90 -54.02
N PRO H 517 31.75 72.92 -52.74
CA PRO H 517 30.83 73.97 -52.27
C PRO H 517 31.38 75.38 -52.45
N LEU H 518 32.70 75.54 -52.46
CA LEU H 518 33.30 76.84 -52.71
C LEU H 518 33.36 77.08 -54.21
N LYS H 519 32.36 77.79 -54.73
CA LYS H 519 32.31 78.14 -56.14
C LYS H 519 32.29 79.65 -56.26
N TYR H 520 33.19 80.20 -57.07
CA TYR H 520 33.13 81.60 -57.45
C TYR H 520 32.59 81.64 -58.87
N PHE H 521 31.28 81.83 -58.98
CA PHE H 521 30.61 81.90 -60.26
C PHE H 521 31.25 83.01 -61.09
N ILE H 522 31.62 82.69 -62.33
CA ILE H 522 32.17 83.71 -63.21
C ILE H 522 31.12 84.17 -64.22
N ILE H 523 30.12 83.33 -64.45
CA ILE H 523 28.95 83.67 -65.27
C ILE H 523 27.72 83.16 -64.54
N GLN H 524 26.86 84.07 -64.12
CA GLN H 524 25.65 83.75 -63.35
C GLN H 524 24.44 83.88 -64.26
N ASP H 525 23.58 82.87 -64.23
CA ASP H 525 22.30 82.81 -64.95
C ASP H 525 22.36 83.48 -66.32
N ARG H 526 23.31 83.00 -67.13
CA ARG H 526 23.49 83.42 -68.52
C ARG H 526 23.86 84.89 -68.62
N CYS H 527 24.40 85.45 -67.55
CA CYS H 527 24.85 86.83 -67.47
C CYS H 527 26.31 86.88 -67.04
N PRO H 528 27.13 87.73 -67.67
CA PRO H 528 28.41 88.09 -67.04
C PRO H 528 28.15 88.80 -65.72
N HIS H 529 28.99 88.50 -64.74
CA HIS H 529 28.77 89.06 -63.40
C HIS H 529 28.97 90.57 -63.40
N THR H 530 27.98 91.27 -62.84
CA THR H 530 28.02 92.72 -62.72
C THR H 530 28.77 93.19 -61.48
N ARG H 531 28.75 92.40 -60.40
CA ARG H 531 29.40 92.81 -59.16
C ARG H 531 30.91 92.91 -59.30
N ASP H 532 31.48 92.28 -60.33
CA ASP H 532 32.89 92.43 -60.64
C ASP H 532 33.02 93.12 -61.99
N SER H 533 33.70 94.27 -62.00
CA SER H 533 33.80 95.07 -63.22
C SER H 533 34.70 94.41 -64.25
N THR H 534 35.73 93.69 -63.82
CA THR H 534 36.74 93.15 -64.71
C THR H 534 36.27 91.90 -65.46
N ILE H 535 34.98 91.58 -65.41
CA ILE H 535 34.41 90.43 -66.10
C ILE H 535 33.76 90.93 -67.39
N GLN H 536 34.10 90.28 -68.51
CA GLN H 536 33.50 90.62 -69.79
C GLN H 536 33.36 89.36 -70.63
N VAL H 537 32.33 89.34 -71.49
CA VAL H 537 32.09 88.24 -72.40
C VAL H 537 32.01 88.81 -73.82
N VAL H 538 32.63 88.11 -74.77
CA VAL H 538 32.68 88.54 -76.15
C VAL H 538 31.52 87.98 -76.97
N GLU H 539 31.17 86.71 -76.74
CA GLU H 539 30.07 86.08 -77.45
C GLU H 539 29.44 85.02 -76.56
N ASN H 540 28.12 85.00 -76.50
CA ASN H 540 27.36 84.02 -75.71
C ASN H 540 26.08 83.70 -76.49
N GLY H 541 25.94 82.45 -76.92
CA GLY H 541 24.83 82.06 -77.75
C GLY H 541 24.90 82.53 -79.18
N GLU H 542 25.95 83.27 -79.53
CA GLU H 542 26.06 83.83 -80.88
C GLU H 542 26.35 82.75 -81.91
N SER H 543 27.28 81.86 -81.61
CA SER H 543 27.69 80.82 -82.54
C SER H 543 28.06 79.58 -81.73
N SER H 544 28.69 78.62 -82.40
CA SER H 544 29.13 77.38 -81.76
C SER H 544 30.33 77.57 -80.84
N GLN H 545 30.73 78.82 -80.58
CA GLN H 545 31.86 79.10 -79.71
C GLN H 545 31.50 80.24 -78.78
N GLY H 546 31.87 80.11 -77.51
CA GLY H 546 31.65 81.16 -76.52
C GLY H 546 32.92 81.44 -75.75
N ARG H 547 33.30 82.72 -75.69
CA ARG H 547 34.55 83.12 -75.08
C ARG H 547 34.31 84.29 -74.14
N PHE H 548 35.28 84.51 -73.24
CA PHE H 548 35.12 85.47 -72.16
C PHE H 548 36.48 85.68 -71.50
N SER H 549 36.66 86.87 -70.92
CA SER H 549 37.91 87.22 -70.26
C SER H 549 37.63 87.87 -68.91
N VAL H 550 38.55 87.67 -67.97
CA VAL H 550 38.41 88.13 -66.59
C VAL H 550 39.80 88.30 -66.00
N GLN H 551 39.93 89.23 -65.06
CA GLN H 551 41.18 89.37 -64.33
C GLN H 551 41.39 88.14 -63.45
N MET H 552 42.65 87.69 -63.38
CA MET H 552 42.97 86.51 -62.59
C MET H 552 42.89 86.84 -61.10
N PHE H 553 42.63 85.81 -60.29
CA PHE H 553 42.46 85.98 -58.86
C PHE H 553 42.97 84.73 -58.14
N ARG H 554 42.73 84.69 -56.83
CA ARG H 554 43.09 83.54 -56.01
C ARG H 554 42.03 83.38 -54.93
N PHE H 555 41.69 82.13 -54.62
CA PHE H 555 40.74 81.86 -53.55
C PHE H 555 41.36 82.20 -52.20
N ALA H 556 40.62 82.97 -51.40
CA ALA H 556 41.10 83.28 -50.06
C ALA H 556 41.13 82.01 -49.22
N GLY H 557 42.21 81.84 -48.45
CA GLY H 557 42.39 80.64 -47.68
C GLY H 557 43.65 79.89 -48.06
N ASN H 558 43.82 78.68 -47.54
CA ASN H 558 44.98 77.86 -47.88
C ASN H 558 44.75 77.15 -49.22
N TYR H 559 44.65 77.97 -50.27
CA TYR H 559 44.27 77.52 -51.60
C TYR H 559 45.22 78.12 -52.62
N ASP H 560 46.08 77.28 -53.19
CA ASP H 560 47.11 77.74 -54.12
C ASP H 560 46.84 77.33 -55.56
N LEU H 561 45.69 76.72 -55.84
CA LEU H 561 45.35 76.31 -57.20
C LEU H 561 43.92 76.73 -57.51
N VAL H 562 43.67 76.97 -58.80
CA VAL H 562 42.38 77.47 -59.26
C VAL H 562 41.93 76.60 -60.43
N TYR H 563 40.66 76.20 -60.41
CA TYR H 563 40.05 75.38 -61.44
C TYR H 563 38.80 76.08 -61.97
N LEU H 564 38.46 75.79 -63.23
CA LEU H 564 37.29 76.39 -63.86
C LEU H 564 36.37 75.30 -64.39
N HIS H 565 35.09 75.42 -64.07
CA HIS H 565 34.11 74.43 -64.52
C HIS H 565 32.90 75.14 -65.09
N CYS H 566 32.65 74.94 -66.38
CA CYS H 566 31.52 75.51 -67.09
C CYS H 566 30.56 74.39 -67.51
N GLU H 567 29.32 74.77 -67.78
CA GLU H 567 28.34 73.86 -68.37
C GLU H 567 27.57 74.57 -69.47
N VAL H 568 27.45 73.88 -70.61
CA VAL H 568 26.92 74.47 -71.84
C VAL H 568 25.53 73.91 -72.10
N TYR H 569 24.68 74.72 -72.74
CA TYR H 569 23.33 74.31 -73.12
C TYR H 569 23.14 74.63 -74.59
N LEU H 570 23.04 73.59 -75.41
CA LEU H 570 22.82 73.79 -76.84
C LEU H 570 21.39 74.27 -77.07
N CYS H 571 21.19 75.01 -78.16
CA CYS H 571 19.90 75.59 -78.48
C CYS H 571 19.71 75.67 -79.98
N ASP H 572 18.45 75.72 -80.40
CA ASP H 572 18.13 75.85 -81.82
C ASP H 572 18.15 77.32 -82.21
N THR H 573 18.89 77.63 -83.27
CA THR H 573 19.06 79.03 -83.67
C THR H 573 17.79 79.60 -84.27
N MET H 574 16.88 78.75 -84.74
CA MET H 574 15.65 79.22 -85.36
C MET H 574 14.42 79.05 -84.49
N ASN H 575 14.38 78.03 -83.63
CA ASN H 575 13.19 77.78 -82.83
C ASN H 575 13.06 78.79 -81.70
N GLU H 576 14.18 79.17 -81.09
CA GLU H 576 14.15 80.07 -79.95
C GLU H 576 15.28 81.09 -80.07
N LYS H 577 15.17 82.14 -79.27
CA LYS H 577 16.16 83.22 -79.23
C LYS H 577 17.20 82.90 -78.18
N CYS H 578 18.44 82.65 -78.62
CA CYS H 578 19.51 82.22 -77.73
C CYS H 578 20.39 83.36 -77.22
N LYS H 579 20.22 84.56 -77.73
CA LYS H 579 21.03 85.69 -77.28
C LYS H 579 20.58 86.12 -75.89
N PRO H 580 21.44 86.06 -74.87
CA PRO H 580 21.06 86.58 -73.55
C PRO H 580 21.34 88.07 -73.44
N THR H 581 20.28 88.85 -73.28
CA THR H 581 20.37 90.29 -73.04
C THR H 581 20.07 90.53 -71.58
N CYS H 582 21.09 90.89 -70.81
CA CYS H 582 21.00 90.88 -69.36
C CYS H 582 21.38 92.25 -68.80
N SER H 583 20.68 92.64 -67.74
CA SER H 583 20.95 93.88 -67.04
C SER H 583 20.57 93.72 -65.57
N GLY H 584 21.17 94.56 -64.73
CA GLY H 584 20.92 94.49 -63.30
C GLY H 584 19.80 95.41 -62.86
N PRO I 173 62.18 143.54 87.19
CA PRO I 173 62.04 142.55 86.12
C PRO I 173 61.84 141.13 86.66
N CYS I 174 62.93 140.37 86.75
CA CYS I 174 62.87 139.01 87.26
C CYS I 174 62.45 138.97 88.73
N GLN I 175 62.77 140.01 89.50
CA GLN I 175 62.41 140.06 90.91
C GLN I 175 61.22 140.97 91.18
N ALA I 176 60.86 141.84 90.25
CA ALA I 176 59.77 142.79 90.41
C ALA I 176 58.69 142.47 89.37
N HIS I 177 57.77 141.58 89.75
CA HIS I 177 56.68 141.19 88.87
C HIS I 177 55.51 140.70 89.73
N ARG I 178 54.34 140.60 89.10
CA ARG I 178 53.14 140.10 89.75
C ARG I 178 52.68 138.83 89.04
N THR I 179 52.52 137.75 89.80
CA THR I 179 52.10 136.48 89.24
C THR I 179 50.60 136.49 88.96
N LEU I 180 50.19 135.60 88.05
CA LEU I 180 48.79 135.39 87.71
C LEU I 180 48.50 133.90 87.79
N ASP I 181 47.99 133.44 88.92
CA ASP I 181 47.66 132.03 89.13
C ASP I 181 46.25 131.84 88.56
N GLU I 182 46.18 131.71 87.23
CA GLU I 182 44.91 131.61 86.52
C GLU I 182 44.96 130.40 85.60
N TYR I 183 43.94 129.54 85.71
CA TYR I 183 43.86 128.32 84.91
C TYR I 183 42.95 128.47 83.69
N TRP I 184 42.31 129.63 83.50
CA TRP I 184 41.42 129.86 82.38
C TRP I 184 42.08 130.59 81.22
N ARG I 185 43.38 130.89 81.32
CA ARG I 185 44.12 131.52 80.23
C ARG I 185 44.55 130.53 79.16
N SER I 186 44.35 129.23 79.39
CA SER I 186 44.83 128.21 78.47
C SER I 186 44.06 128.24 77.15
N THR I 187 44.70 127.70 76.11
CA THR I 187 44.11 127.57 74.78
C THR I 187 43.13 126.40 74.69
N GLU I 188 42.89 125.73 75.81
CA GLU I 188 41.95 124.63 75.88
C GLU I 188 40.56 125.06 76.34
N TYR I 189 40.44 126.25 76.91
CA TYR I 189 39.15 126.74 77.40
C TYR I 189 38.19 126.95 76.24
N GLY I 190 36.90 126.78 76.53
CA GLY I 190 35.87 126.87 75.51
C GLY I 190 35.70 128.24 74.89
N GLU I 191 35.20 129.20 75.66
CA GLU I 191 34.92 130.53 75.14
C GLU I 191 34.52 131.45 76.30
N GLY I 192 34.94 132.70 76.22
CA GLY I 192 34.57 133.69 77.23
C GLY I 192 34.44 135.09 76.67
N TYR I 193 34.43 136.09 77.55
CA TYR I 193 34.30 137.48 77.11
C TYR I 193 35.27 138.42 77.84
N ALA I 194 36.20 137.90 78.64
CA ALA I 194 37.07 138.75 79.42
C ALA I 194 38.11 139.43 78.54
N CYS I 195 38.38 140.70 78.82
CA CYS I 195 39.44 141.44 78.17
C CYS I 195 40.30 142.12 79.24
N ASP I 196 41.61 142.12 79.01
CA ASP I 196 42.57 142.54 80.03
C ASP I 196 43.02 143.96 79.76
N THR I 197 42.19 144.92 80.17
CA THR I 197 42.52 146.33 80.09
C THR I 197 43.25 146.85 81.31
N ASP I 198 43.25 146.09 82.41
CA ASP I 198 43.85 146.52 83.67
C ASP I 198 45.23 145.92 83.91
N LEU I 199 45.75 145.12 82.99
CA LEU I 199 47.08 144.54 83.16
C LEU I 199 48.13 145.62 82.94
N ARG I 200 48.92 145.90 83.97
CA ARG I 200 49.96 146.92 83.90
C ARG I 200 51.19 146.40 84.66
N GLY I 201 52.29 146.20 83.93
CA GLY I 201 53.52 145.77 84.55
C GLY I 201 54.07 144.47 84.00
N TRP I 202 55.00 143.87 84.75
CA TRP I 202 55.63 142.62 84.37
C TRP I 202 54.95 141.47 85.12
N TYR I 203 54.64 140.39 84.41
CA TYR I 203 53.86 139.31 84.97
C TYR I 203 54.57 137.98 84.77
N ARG I 204 54.41 137.08 85.75
CA ARG I 204 54.96 135.73 85.73
C ARG I 204 53.80 134.75 85.76
N PHE I 205 53.52 134.11 84.62
CA PHE I 205 52.39 133.20 84.54
C PHE I 205 52.72 131.89 85.23
N VAL I 206 51.89 131.50 86.20
CA VAL I 206 52.14 130.34 87.05
C VAL I 206 50.84 129.57 87.22
N GLY I 207 50.92 128.24 87.10
CA GLY I 207 49.82 127.35 87.38
C GLY I 207 49.57 126.42 86.21
N GLN I 208 48.36 125.88 86.17
CA GLN I 208 47.97 124.97 85.09
C GLN I 208 47.87 125.67 83.75
N GLY I 209 47.69 127.00 83.74
CA GLY I 209 47.57 127.71 82.49
C GLY I 209 48.81 127.63 81.63
N GLY I 210 49.99 127.80 82.23
CA GLY I 210 51.25 127.71 81.52
C GLY I 210 52.25 128.72 82.05
N ALA I 211 53.46 128.61 81.50
CA ALA I 211 54.56 129.48 81.87
C ALA I 211 55.02 130.40 80.75
N ARG I 212 54.54 130.20 79.52
CA ARG I 212 54.94 131.01 78.39
C ARG I 212 53.72 131.41 77.57
N MET I 213 53.93 132.37 76.67
CA MET I 213 52.89 132.84 75.78
C MET I 213 52.64 131.83 74.67
N ALA I 214 51.60 132.07 73.88
CA ALA I 214 51.36 131.27 72.69
C ALA I 214 52.31 131.68 71.57
N GLU I 215 52.82 130.68 70.85
CA GLU I 215 53.77 130.92 69.77
C GLU I 215 53.14 130.89 68.38
N THR I 216 51.91 130.41 68.26
CA THR I 216 51.17 130.43 67.02
C THR I 216 49.81 131.08 67.26
N CYS I 217 49.21 131.63 66.20
CA CYS I 217 47.91 132.27 66.35
C CYS I 217 46.85 131.21 66.62
N VAL I 218 46.42 131.13 67.87
CA VAL I 218 45.43 130.13 68.29
C VAL I 218 44.11 130.42 67.58
N PRO I 219 43.34 129.40 67.20
CA PRO I 219 42.07 129.64 66.51
C PRO I 219 41.13 130.52 67.32
N VAL I 220 40.12 131.04 66.62
CA VAL I 220 39.25 132.06 67.19
C VAL I 220 38.41 131.48 68.33
N LEU I 221 37.94 132.36 69.21
CA LEU I 221 37.01 132.02 70.28
C LEU I 221 37.64 131.09 71.31
N ARG I 222 38.84 131.41 71.78
CA ARG I 222 39.55 130.62 72.77
C ARG I 222 40.10 131.52 73.87
N CYS I 223 40.69 130.88 74.89
CA CYS I 223 41.35 131.58 75.99
C CYS I 223 40.38 132.50 76.74
N ASN I 224 39.13 132.05 76.89
CA ASN I 224 38.08 132.82 77.55
C ASN I 224 37.91 134.19 76.89
N THR I 225 38.05 134.21 75.56
CA THR I 225 37.98 135.46 74.82
C THR I 225 37.49 135.16 73.40
N ALA I 226 36.67 136.07 72.88
CA ALA I 226 36.21 135.95 71.50
C ALA I 226 37.37 136.08 70.52
N ALA I 227 38.29 137.00 70.78
CA ALA I 227 39.44 137.26 69.91
C ALA I 227 40.71 137.16 70.74
N PRO I 228 41.31 135.98 70.84
CA PRO I 228 42.55 135.84 71.62
C PRO I 228 43.74 136.46 70.92
N MET I 229 44.79 136.70 71.71
CA MET I 229 46.00 137.36 71.26
C MET I 229 47.21 136.48 71.56
N TRP I 230 48.19 136.51 70.65
CA TRP I 230 49.36 135.67 70.76
C TRP I 230 50.61 136.51 70.52
N LEU I 231 51.73 136.03 71.04
CA LEU I 231 53.03 136.65 70.80
C LEU I 231 53.67 135.99 69.59
N ASN I 232 53.99 136.79 68.57
CA ASN I 232 54.53 136.26 67.33
C ASN I 232 56.05 136.13 67.42
N GLY I 233 56.59 135.15 66.70
CA GLY I 233 58.01 134.87 66.73
C GLY I 233 58.35 133.78 67.72
N THR I 234 59.57 133.88 68.26
CA THR I 234 60.07 132.92 69.23
C THR I 234 60.49 133.66 70.51
N HIS I 235 60.23 133.01 71.65
CA HIS I 235 60.62 133.58 72.92
C HIS I 235 62.14 133.62 73.05
N PRO I 236 62.69 134.69 73.61
CA PRO I 236 64.16 134.79 73.75
C PRO I 236 64.70 133.75 74.71
N SER I 237 65.93 133.32 74.44
CA SER I 237 66.61 132.35 75.30
C SER I 237 67.23 133.08 76.50
N SER I 238 67.91 132.32 77.35
CA SER I 238 68.55 132.92 78.52
C SER I 238 69.70 133.84 78.10
N ASP I 239 69.96 134.84 78.93
CA ASP I 239 71.03 135.82 78.70
C ASP I 239 70.85 136.49 77.34
N GLU I 240 69.69 137.13 77.20
CA GLU I 240 69.35 137.85 75.98
C GLU I 240 68.94 139.27 76.30
N GLY I 241 68.44 139.49 77.51
CA GLY I 241 68.03 140.81 77.95
C GLY I 241 66.64 141.16 77.47
N ILE I 242 66.41 142.47 77.35
CA ILE I 242 65.12 142.98 76.92
C ILE I 242 64.94 142.76 75.43
N VAL I 243 63.84 142.13 75.06
CA VAL I 243 63.53 141.84 73.66
C VAL I 243 62.15 142.42 73.34
N SER I 244 62.08 143.15 72.23
CA SER I 244 60.86 143.84 71.82
C SER I 244 60.10 142.98 70.81
N ARG I 245 58.84 142.71 71.09
CA ARG I 245 57.98 141.97 70.19
C ARG I 245 56.63 142.67 70.09
N LYS I 246 55.91 142.39 69.01
CA LYS I 246 54.58 142.96 68.78
C LYS I 246 53.57 141.81 68.79
N ALA I 247 52.87 141.66 69.92
CA ALA I 247 51.91 140.58 70.09
C ALA I 247 50.72 140.78 69.17
N CYS I 248 50.63 139.94 68.14
CA CYS I 248 49.54 140.00 67.18
C CYS I 248 48.27 139.38 67.75
N ALA I 249 47.13 139.81 67.24
CA ALA I 249 45.83 139.35 67.71
C ALA I 249 45.06 138.74 66.56
N HIS I 250 44.43 137.59 66.80
CA HIS I 250 43.67 136.88 65.77
C HIS I 250 42.18 137.17 65.93
N TRP I 251 41.55 137.58 64.84
CA TRP I 251 40.10 137.77 64.80
C TRP I 251 39.66 137.80 63.35
N SER I 252 38.39 137.42 63.11
CA SER I 252 37.71 137.47 61.83
C SER I 252 38.31 136.51 60.81
N GLY I 253 39.24 135.65 61.19
CA GLY I 253 39.91 134.75 60.28
C GLY I 253 41.24 135.25 59.76
N HIS I 254 41.69 136.43 60.17
CA HIS I 254 42.97 136.99 59.76
C HIS I 254 43.88 137.04 60.99
N CYS I 255 44.84 136.12 61.05
CA CYS I 255 45.80 136.14 62.15
C CYS I 255 46.62 137.42 62.08
N CYS I 256 46.81 138.05 63.25
CA CYS I 256 47.52 139.32 63.37
C CYS I 256 46.81 140.43 62.58
N LEU I 257 45.58 140.72 63.02
CA LEU I 257 44.79 141.80 62.46
C LEU I 257 44.91 143.10 63.27
N TRP I 258 44.98 143.00 64.59
CA TRP I 258 45.34 144.11 65.46
C TRP I 258 46.66 143.81 66.15
N ASP I 259 47.36 144.86 66.56
CA ASP I 259 48.72 144.73 67.07
C ASP I 259 48.84 145.41 68.43
N ALA I 260 49.65 144.81 69.29
CA ALA I 260 49.95 145.34 70.61
C ALA I 260 51.46 145.23 70.86
N SER I 261 51.96 146.06 71.77
CA SER I 261 53.39 146.13 72.06
C SER I 261 53.69 145.40 73.37
N VAL I 262 54.62 144.44 73.31
CA VAL I 262 55.05 143.68 74.47
C VAL I 262 56.57 143.69 74.52
N GLN I 263 57.12 143.61 75.74
CA GLN I 263 58.57 143.55 75.95
C GLN I 263 58.87 142.35 76.85
N VAL I 264 59.29 141.26 76.24
CA VAL I 264 59.57 140.02 76.96
C VAL I 264 61.03 140.01 77.40
N LYS I 265 61.27 139.47 78.60
CA LYS I 265 62.62 139.33 79.14
C LYS I 265 62.78 137.93 79.70
N ALA I 266 63.94 137.32 79.45
CA ALA I 266 64.27 136.03 80.02
C ALA I 266 64.72 136.21 81.47
N CYS I 267 64.76 135.10 82.20
CA CYS I 267 65.10 135.10 83.61
C CYS I 267 65.90 133.86 83.97
N ALA I 268 66.62 133.93 85.07
CA ALA I 268 67.41 132.80 85.56
C ALA I 268 66.47 131.76 86.18
N GLY I 269 66.21 130.69 85.44
CA GLY I 269 65.27 129.66 85.85
C GLY I 269 64.24 129.39 84.78
N GLY I 270 63.32 128.48 85.10
CA GLY I 270 62.31 128.07 84.15
C GLY I 270 61.07 128.93 84.16
N TYR I 271 61.21 130.21 83.83
CA TYR I 271 60.08 131.13 83.77
C TYR I 271 60.49 132.35 82.96
N TYR I 272 59.48 133.13 82.57
CA TYR I 272 59.67 134.33 81.76
C TYR I 272 58.81 135.46 82.30
N VAL I 273 59.08 136.67 81.81
CA VAL I 273 58.28 137.86 82.14
C VAL I 273 57.95 138.61 80.86
N TYR I 274 56.87 139.37 80.91
CA TYR I 274 56.39 140.11 79.75
C TYR I 274 55.92 141.50 80.17
N ASN I 275 55.97 142.44 79.23
CA ASN I 275 55.40 143.77 79.42
C ASN I 275 54.03 143.80 78.76
N LEU I 276 53.02 143.39 79.52
CA LEU I 276 51.66 143.23 79.00
C LEU I 276 50.98 144.59 78.96
N THR I 277 50.66 145.05 77.76
CA THR I 277 50.01 146.34 77.58
C THR I 277 48.50 146.17 77.36
N ALA I 278 47.78 147.27 77.50
CA ALA I 278 46.35 147.27 77.26
C ALA I 278 46.05 147.14 75.78
N PRO I 279 45.18 146.21 75.37
CA PRO I 279 44.87 146.07 73.95
C PRO I 279 44.17 147.31 73.43
N PRO I 280 44.19 147.54 72.11
CA PRO I 280 43.51 148.74 71.57
C PRO I 280 42.04 148.79 71.91
N GLU I 281 41.36 147.65 71.98
CA GLU I 281 39.95 147.59 72.34
C GLU I 281 39.68 146.30 73.09
N CYS I 282 38.55 146.24 73.78
CA CYS I 282 38.18 145.11 74.60
C CYS I 282 37.90 143.89 73.72
N HIS I 283 37.62 142.76 74.36
CA HIS I 283 37.49 141.45 73.73
C HIS I 283 38.82 140.97 73.14
N LEU I 284 39.92 141.40 73.74
CA LEU I 284 41.26 140.92 73.42
C LEU I 284 41.99 140.55 74.70
N ALA I 285 42.52 139.34 74.75
CA ALA I 285 43.23 138.87 75.94
C ALA I 285 44.30 137.87 75.53
N TYR I 286 45.27 137.69 76.42
CA TYR I 286 46.41 136.82 76.15
C TYR I 286 46.06 135.37 76.44
N CYS I 287 46.96 134.48 76.05
CA CYS I 287 46.84 133.05 76.29
C CYS I 287 48.09 132.52 76.98
N THR I 288 47.96 131.33 77.56
CA THR I 288 49.09 130.62 78.16
C THR I 288 49.06 129.18 77.65
N ASP I 289 50.07 128.81 76.88
CA ASP I 289 50.19 127.45 76.40
C ASP I 289 50.86 126.57 77.46
N PRO I 290 50.68 125.24 77.38
CA PRO I 290 51.36 124.35 78.33
C PRO I 290 52.87 124.50 78.28
N SER I 291 53.39 124.91 77.13
CA SER I 291 54.81 125.26 76.92
C SER I 291 55.65 124.03 77.26
N SER I 292 56.71 124.15 78.04
CA SER I 292 57.64 123.05 78.27
C SER I 292 57.80 122.75 79.76
N VAL I 293 56.68 122.60 80.47
CA VAL I 293 56.73 122.25 81.89
C VAL I 293 57.47 120.93 82.11
N GLU I 294 57.43 120.04 81.10
CA GLU I 294 58.20 118.80 81.20
C GLU I 294 59.68 119.06 81.07
N GLY I 295 60.08 119.95 80.17
CA GLY I 295 61.47 120.33 80.04
C GLY I 295 61.92 121.18 81.22
N THR I 296 62.75 120.59 82.08
CA THR I 296 63.17 121.22 83.32
C THR I 296 64.65 121.59 83.24
N CYS I 297 65.15 122.17 84.33
CA CYS I 297 66.56 122.53 84.41
C CYS I 297 67.29 121.82 85.55
N GLU I 298 66.58 121.16 86.46
CA GLU I 298 67.25 120.41 87.51
C GLU I 298 68.10 119.28 86.94
N GLU I 299 67.72 118.73 85.79
CA GLU I 299 68.51 117.67 85.18
C GLU I 299 69.93 118.12 84.85
N CYS I 300 70.14 119.42 84.70
CA CYS I 300 71.50 119.94 84.57
C CYS I 300 72.22 119.86 85.91
N SER I 301 73.46 119.39 85.88
CA SER I 301 74.25 119.23 87.08
C SER I 301 74.67 120.60 87.62
N ILE I 302 75.26 120.59 88.82
CA ILE I 302 75.59 121.83 89.52
C ILE I 302 76.57 122.73 88.78
N ASP I 303 77.56 122.16 88.09
CA ASP I 303 78.50 122.95 87.32
C ASP I 303 77.95 123.39 85.97
N GLU I 304 76.76 122.93 85.60
CA GLU I 304 76.19 123.25 84.30
C GLU I 304 75.25 124.44 84.46
N ASP I 305 75.59 125.55 83.81
CA ASP I 305 74.73 126.73 83.84
C ASP I 305 73.41 126.42 83.16
N CYS I 306 72.37 127.13 83.60
CA CYS I 306 71.00 126.81 83.19
C CYS I 306 70.66 127.65 81.96
N LYS I 307 71.46 127.45 80.91
CA LYS I 307 71.37 128.26 79.71
C LYS I 307 70.21 127.77 78.82
N SER I 308 69.96 128.52 77.76
CA SER I 308 68.92 128.18 76.79
C SER I 308 69.34 128.61 75.39
N ASN I 309 68.81 127.89 74.40
CA ASN I 309 69.04 128.21 73.00
C ASN I 309 67.69 128.28 72.29
N ASN I 310 67.27 129.50 71.96
CA ASN I 310 65.98 129.75 71.32
C ASN I 310 64.82 129.17 72.14
N GLY I 311 64.93 129.28 73.46
CA GLY I 311 63.84 128.92 74.35
C GLY I 311 63.92 127.53 74.97
N ARG I 312 64.87 126.70 74.59
CA ARG I 312 64.98 125.34 75.09
C ARG I 312 66.24 125.24 75.94
N TRP I 313 66.07 124.85 77.21
CA TRP I 313 67.13 124.96 78.21
C TRP I 313 68.12 123.81 78.05
N HIS I 314 69.41 124.12 78.12
CA HIS I 314 70.48 123.14 78.01
C HIS I 314 71.47 123.31 79.15
N CYS I 315 72.28 122.27 79.35
CA CYS I 315 73.25 122.25 80.45
C CYS I 315 74.61 122.68 79.91
N GLN I 316 74.72 123.98 79.64
CA GLN I 316 75.97 124.57 79.17
C GLN I 316 76.90 124.76 80.37
N CYS I 317 78.06 124.11 80.34
CA CYS I 317 78.95 124.07 81.49
C CYS I 317 79.68 125.40 81.64
N LYS I 318 80.66 125.45 82.54
CA LYS I 318 81.45 126.64 82.74
C LYS I 318 82.17 127.04 81.46
N GLN I 319 82.10 128.33 81.11
CA GLN I 319 82.94 128.83 80.04
C GLN I 319 84.41 128.75 80.39
N ASP I 320 84.73 128.87 81.69
CA ASP I 320 86.11 128.70 82.13
C ASP I 320 86.62 127.29 81.88
N PHE I 321 85.70 126.31 81.85
CA PHE I 321 86.08 124.95 81.49
C PHE I 321 86.32 124.87 79.99
N ASN I 322 87.50 125.30 79.56
CA ASN I 322 87.80 125.40 78.13
C ASN I 322 89.29 125.14 77.94
N ILE I 323 89.62 123.93 77.49
CA ILE I 323 91.00 123.52 77.26
C ILE I 323 91.14 123.12 75.79
N THR I 324 92.16 123.66 75.14
CA THR I 324 92.34 123.43 73.71
C THR I 324 92.99 122.08 73.43
N ASP I 325 94.18 121.85 73.96
CA ASP I 325 94.93 120.63 73.68
C ASP I 325 94.33 119.45 74.44
N ILE I 326 94.74 118.24 74.06
CA ILE I 326 94.29 117.03 74.72
C ILE I 326 95.28 116.51 75.76
N SER I 327 96.50 117.03 75.79
CA SER I 327 97.46 116.63 76.81
C SER I 327 97.05 117.14 78.20
N LEU I 328 96.32 118.26 78.25
CA LEU I 328 95.86 118.81 79.52
C LEU I 328 94.55 118.21 79.98
N LEU I 329 94.01 117.23 79.27
CA LEU I 329 92.77 116.58 79.67
C LEU I 329 92.92 115.93 81.05
N GLU I 330 91.92 116.14 81.90
CA GLU I 330 91.93 115.58 83.23
C GLU I 330 91.69 114.07 83.18
N HIS I 331 92.40 113.35 84.06
CA HIS I 331 92.26 111.89 84.12
C HIS I 331 92.31 111.48 85.59
N ARG I 332 91.30 110.75 86.03
CA ARG I 332 91.24 110.24 87.40
C ARG I 332 91.41 108.73 87.40
N LEU I 333 92.59 108.27 87.82
CA LEU I 333 92.88 106.83 87.87
C LEU I 333 92.83 106.39 89.32
N GLU I 334 91.86 105.54 89.64
CA GLU I 334 91.71 104.97 90.98
C GLU I 334 92.09 103.50 90.91
N CYS I 335 93.18 103.13 91.59
CA CYS I 335 93.66 101.76 91.59
C CYS I 335 93.13 101.07 92.84
N GLY I 336 91.91 100.56 92.73
CA GLY I 336 91.25 99.91 93.85
C GLY I 336 91.84 98.55 94.16
N ALA I 337 91.44 98.04 95.32
CA ALA I 337 91.96 96.74 95.77
C ALA I 337 91.54 95.62 94.84
N ASN I 338 90.30 95.66 94.36
CA ASN I 338 89.77 94.58 93.53
C ASN I 338 89.70 94.93 92.05
N ASP I 339 89.29 96.14 91.70
CA ASP I 339 89.02 96.48 90.31
C ASP I 339 89.71 97.79 89.95
N MET I 340 89.70 98.07 88.64
CA MET I 340 90.29 99.26 88.06
C MET I 340 89.20 100.12 87.44
N LYS I 341 89.41 101.43 87.49
CA LYS I 341 88.59 102.36 86.73
C LYS I 341 89.40 103.59 86.37
N VAL I 342 89.14 104.13 85.18
CA VAL I 342 89.70 105.40 84.72
C VAL I 342 88.52 106.33 84.47
N SER I 343 88.54 107.48 85.13
CA SER I 343 87.41 108.40 85.14
C SER I 343 87.81 109.70 84.44
N LEU I 344 86.92 110.20 83.59
CA LEU I 344 87.15 111.42 82.85
C LEU I 344 85.96 112.35 83.02
N GLY I 345 86.24 113.61 83.33
CA GLY I 345 85.19 114.61 83.49
C GLY I 345 84.45 114.88 82.19
N LYS I 346 83.12 114.91 82.27
CA LYS I 346 82.31 115.14 81.07
C LYS I 346 82.53 116.56 80.53
N CYS I 347 82.67 117.54 81.42
CA CYS I 347 82.84 118.91 80.97
C CYS I 347 84.15 119.09 80.18
N GLN I 348 85.22 118.48 80.67
CA GLN I 348 86.53 118.64 80.01
C GLN I 348 86.49 118.11 78.58
N LEU I 349 85.99 116.89 78.41
CA LEU I 349 85.92 116.30 77.08
C LEU I 349 84.89 117.02 76.21
N LYS I 350 83.79 117.48 76.79
CA LYS I 350 82.80 118.21 76.01
C LYS I 350 83.38 119.50 75.46
N SER I 351 84.17 120.21 76.27
CA SER I 351 84.85 121.40 75.78
C SER I 351 85.99 121.03 74.84
N LEU I 352 86.52 119.82 74.95
CA LEU I 352 87.58 119.38 74.05
C LEU I 352 87.07 119.17 72.63
N GLY I 353 85.76 119.07 72.44
CA GLY I 353 85.19 118.94 71.10
C GLY I 353 84.48 117.62 70.87
N PHE I 354 84.23 116.87 71.94
CA PHE I 354 83.61 115.55 71.85
C PHE I 354 82.20 115.61 72.42
N ASP I 355 81.20 115.67 71.55
CA ASP I 355 79.81 115.61 72.00
C ASP I 355 79.48 114.25 72.60
N LYS I 356 79.80 113.18 71.88
CA LYS I 356 79.60 111.82 72.34
C LYS I 356 80.92 111.07 72.26
N VAL I 357 81.26 110.35 73.31
CA VAL I 357 82.57 109.73 73.45
C VAL I 357 82.42 108.22 73.41
N PHE I 358 83.50 107.55 73.02
CA PHE I 358 83.55 106.10 72.90
C PHE I 358 84.77 105.62 73.68
N MET I 359 84.53 105.10 74.89
CA MET I 359 85.60 104.62 75.74
C MET I 359 85.80 103.13 75.50
N TYR I 360 86.87 102.77 74.80
CA TYR I 360 87.12 101.40 74.38
C TYR I 360 88.41 100.91 75.01
N LEU I 361 88.33 99.75 75.67
CA LEU I 361 89.49 99.13 76.28
C LEU I 361 90.24 98.33 75.21
N SER I 362 91.16 97.47 75.64
CA SER I 362 91.76 96.53 74.70
C SER I 362 90.69 95.67 74.03
N ASP I 363 89.54 95.50 74.68
CA ASP I 363 88.37 94.89 74.08
C ASP I 363 87.23 95.91 74.13
N SER I 364 86.58 96.11 72.98
CA SER I 364 85.54 97.13 72.87
C SER I 364 84.31 96.80 73.71
N ARG I 365 84.16 95.56 74.18
CA ARG I 365 83.06 95.21 75.06
C ARG I 365 83.09 95.99 76.36
N CYS I 366 84.25 96.49 76.77
CA CYS I 366 84.36 97.34 77.95
C CYS I 366 84.03 98.79 77.61
N SER I 367 82.81 99.01 77.14
CA SER I 367 82.39 100.35 76.75
C SER I 367 82.27 101.25 77.97
N GLY I 368 82.56 102.54 77.77
CA GLY I 368 82.43 103.49 78.84
C GLY I 368 80.99 103.72 79.23
N PHE I 369 80.80 104.07 80.51
CA PHE I 369 79.47 104.38 81.02
C PHE I 369 79.50 105.72 81.75
N ASN I 370 78.40 106.08 82.40
CA ASN I 370 78.30 107.34 83.12
C ASN I 370 78.08 107.08 84.60
N ASP I 371 78.83 107.82 85.42
CA ASP I 371 78.73 107.70 86.87
C ASP I 371 79.05 109.06 87.48
N ARG I 372 78.33 109.40 88.56
CA ARG I 372 78.45 110.70 89.20
C ARG I 372 78.85 110.51 90.65
N ASP I 373 79.99 111.08 91.04
CA ASP I 373 80.40 111.12 92.44
C ASP I 373 80.49 112.55 92.96
N ASN I 374 81.19 113.43 92.26
CA ASN I 374 81.16 114.86 92.54
C ASN I 374 80.81 115.71 91.33
N ARG I 375 80.82 115.13 90.12
CA ARG I 375 80.38 115.79 88.91
C ARG I 375 80.03 114.71 87.89
N ASP I 376 79.76 115.12 86.66
CA ASP I 376 79.49 114.17 85.58
C ASP I 376 80.79 113.53 85.14
N TRP I 377 80.87 112.21 85.26
CA TRP I 377 82.05 111.45 84.88
C TRP I 377 81.67 110.32 83.93
N VAL I 378 82.48 110.13 82.90
CA VAL I 378 82.46 108.92 82.09
C VAL I 378 83.61 108.03 82.52
N SER I 379 83.32 106.76 82.75
CA SER I 379 84.33 105.88 83.33
C SER I 379 84.22 104.49 82.74
N VAL I 380 85.34 103.76 82.81
CA VAL I 380 85.40 102.35 82.43
C VAL I 380 85.89 101.58 83.63
N VAL I 381 85.32 100.40 83.86
CA VAL I 381 85.72 99.54 84.96
C VAL I 381 86.24 98.23 84.39
N THR I 382 87.47 97.87 84.78
CA THR I 382 88.09 96.63 84.35
C THR I 382 88.67 95.95 85.59
N PRO I 383 88.34 94.69 85.84
CA PRO I 383 88.86 94.02 87.04
C PRO I 383 90.37 93.93 87.01
N ALA I 384 90.97 93.94 88.20
CA ALA I 384 92.42 93.86 88.34
C ALA I 384 92.84 92.38 88.24
N ARG I 385 92.84 91.89 87.01
CA ARG I 385 93.27 90.53 86.72
C ARG I 385 93.91 90.50 85.33
N ASP I 386 94.46 89.35 84.98
CA ASP I 386 95.12 89.16 83.68
C ASP I 386 94.12 88.54 82.73
N GLY I 387 93.61 89.35 81.80
CA GLY I 387 92.73 88.85 80.77
C GLY I 387 91.23 89.13 80.82
N PRO I 388 90.68 89.67 81.94
CA PRO I 388 89.22 89.91 81.93
C PRO I 388 88.76 90.84 80.82
N CYS I 389 89.55 91.86 80.50
CA CYS I 389 89.27 92.74 79.38
C CYS I 389 90.56 93.05 78.63
N GLY I 390 91.38 92.02 78.43
CA GLY I 390 92.66 92.20 77.79
C GLY I 390 93.72 92.86 78.65
N THR I 391 93.52 92.91 79.96
CA THR I 391 94.50 93.53 80.85
C THR I 391 95.74 92.64 80.92
N VAL I 392 96.91 93.25 80.88
CA VAL I 392 98.17 92.52 80.89
C VAL I 392 98.80 92.57 82.27
N LEU I 393 99.15 91.40 82.80
CA LEU I 393 99.86 91.28 84.06
C LEU I 393 101.34 91.06 83.80
N THR I 394 102.18 91.90 84.41
CA THR I 394 103.62 91.74 84.31
C THR I 394 104.18 92.02 85.70
N ARG I 395 104.37 90.96 86.48
CA ARG I 395 104.89 91.08 87.84
C ARG I 395 106.39 90.87 87.83
N ASN I 396 107.12 91.81 88.40
CA ASN I 396 108.55 91.67 88.62
C ASN I 396 108.78 91.18 90.05
N GLU I 397 110.03 91.21 90.49
CA GLU I 397 110.36 90.69 91.80
C GLU I 397 109.77 91.52 92.93
N THR I 398 109.26 92.70 92.64
CA THR I 398 108.77 93.61 93.68
C THR I 398 107.27 93.85 93.62
N HIS I 399 106.75 94.25 92.46
CA HIS I 399 105.35 94.61 92.31
C HIS I 399 104.68 93.68 91.30
N ALA I 400 103.41 93.98 91.03
CA ALA I 400 102.65 93.33 89.98
C ALA I 400 101.76 94.39 89.33
N THR I 401 101.95 94.62 88.04
CA THR I 401 101.26 95.69 87.33
C THR I 401 100.17 95.12 86.44
N TYR I 402 99.13 95.93 86.22
CA TYR I 402 98.02 95.60 85.33
C TYR I 402 97.91 96.73 84.30
N SER I 403 98.27 96.44 83.07
CA SER I 403 98.36 97.44 82.01
C SER I 403 97.27 97.19 80.98
N ASN I 404 96.47 98.23 80.70
CA ASN I 404 95.49 98.19 79.65
C ASN I 404 95.46 99.53 78.95
N THR I 405 95.05 99.53 77.68
CA THR I 405 95.00 100.74 76.89
C THR I 405 93.56 101.19 76.69
N LEU I 406 93.35 102.50 76.85
CA LEU I 406 92.03 103.11 76.68
C LEU I 406 92.00 103.89 75.37
N TYR I 407 90.84 103.91 74.73
CA TYR I 407 90.65 104.54 73.44
C TYR I 407 89.55 105.57 73.54
N LEU I 408 89.83 106.79 73.09
CA LEU I 408 88.85 107.87 73.08
C LEU I 408 88.52 108.23 71.65
N ALA I 409 87.23 108.42 71.37
CA ALA I 409 86.80 108.79 70.03
C ALA I 409 85.47 109.53 70.12
N ASP I 410 85.35 110.58 69.32
CA ASP I 410 84.09 111.31 69.21
C ASP I 410 83.10 110.63 68.28
N GLU I 411 83.55 109.66 67.48
CA GLU I 411 82.67 108.96 66.56
C GLU I 411 83.15 107.52 66.43
N ILE I 412 82.30 106.69 65.83
CA ILE I 412 82.61 105.27 65.68
C ILE I 412 83.83 105.07 64.81
N ILE I 413 83.99 105.92 63.79
CA ILE I 413 85.15 105.89 62.92
C ILE I 413 86.00 107.11 63.23
N ILE I 414 87.32 106.96 63.15
CA ILE I 414 88.26 108.03 63.43
C ILE I 414 89.02 108.38 62.16
N ARG I 415 89.23 109.68 61.93
CA ARG I 415 89.90 110.17 60.74
C ARG I 415 91.08 111.08 61.04
N ASP I 416 91.25 111.52 62.28
CA ASP I 416 92.39 112.34 62.68
C ASP I 416 92.51 112.33 64.19
N LEU I 417 93.73 112.53 64.69
CA LEU I 417 94.02 112.68 66.11
C LEU I 417 93.56 111.45 66.91
N ASN I 418 94.22 110.32 66.64
CA ASN I 418 94.00 109.13 67.43
C ASN I 418 94.39 109.38 68.88
N ILE I 419 93.54 108.96 69.81
CA ILE I 419 93.74 109.20 71.22
C ILE I 419 93.86 107.86 71.93
N LYS I 420 94.99 107.65 72.62
CA LYS I 420 95.27 106.41 73.33
C LYS I 420 95.74 106.74 74.73
N ILE I 421 95.09 106.16 75.73
CA ILE I 421 95.40 106.40 77.13
C ILE I 421 96.01 105.12 77.69
N ASN I 422 97.34 105.08 77.75
CA ASN I 422 98.05 103.92 78.27
C ASN I 422 98.13 104.04 79.78
N PHE I 423 97.24 103.35 80.48
CA PHE I 423 97.13 103.44 81.94
C PHE I 423 97.51 102.12 82.59
N ALA I 424 98.18 102.21 83.74
CA ALA I 424 98.60 101.04 84.49
C ALA I 424 98.99 101.39 85.91
N CYS I 425 98.60 100.56 86.87
CA CYS I 425 99.01 100.70 88.26
C CYS I 425 99.50 99.34 88.75
N SER I 426 100.37 99.38 89.75
CA SER I 426 100.93 98.17 90.33
C SER I 426 100.60 98.09 91.81
N TYR I 427 100.52 96.86 92.33
CA TYR I 427 100.28 96.45 93.70
C TYR I 427 101.54 95.84 94.29
N PRO I 428 101.74 95.97 95.61
CA PRO I 428 102.95 95.39 96.24
C PRO I 428 102.89 93.87 96.31
N PRO J 173 96.97 32.49 22.37
CA PRO J 173 96.35 33.16 21.22
C PRO J 173 96.74 34.64 21.14
N CYS J 174 96.12 35.47 21.99
CA CYS J 174 96.40 36.90 21.98
C CYS J 174 97.72 37.24 22.64
N GLN J 175 98.29 36.32 23.42
CA GLN J 175 99.51 36.59 24.17
C GLN J 175 100.67 35.69 23.77
N ALA J 176 100.41 34.49 23.24
CA ALA J 176 101.45 33.53 22.90
C ALA J 176 101.47 33.36 21.38
N HIS J 177 102.26 34.19 20.71
CA HIS J 177 102.40 34.11 19.27
C HIS J 177 103.74 34.70 18.87
N ARG J 178 104.15 34.41 17.64
CA ARG J 178 105.41 34.90 17.09
C ARG J 178 105.13 35.93 16.00
N THR J 179 105.71 37.11 16.15
CA THR J 179 105.48 38.19 15.21
C THR J 179 106.16 37.89 13.87
N LEU J 180 105.71 38.60 12.83
CA LEU J 180 106.25 38.47 11.49
C LEU J 180 106.40 39.87 10.90
N ASP J 181 107.64 40.35 10.80
CA ASP J 181 107.93 41.68 10.26
C ASP J 181 108.63 41.50 8.91
N GLU J 182 107.85 41.46 7.85
CA GLU J 182 108.37 41.32 6.49
C GLU J 182 107.54 42.20 5.56
N TYR J 183 108.22 42.87 4.64
CA TYR J 183 107.57 43.79 3.71
C TYR J 183 107.34 43.19 2.33
N TRP J 184 107.71 41.93 2.12
CA TRP J 184 107.56 41.29 0.82
C TRP J 184 106.30 40.43 0.71
N ARG J 185 105.46 40.40 1.75
CA ARG J 185 104.21 39.66 1.70
C ARG J 185 103.05 40.47 1.16
N SER J 186 103.30 41.68 0.65
CA SER J 186 102.23 42.44 0.03
C SER J 186 101.84 41.80 -1.31
N THR J 187 100.56 41.91 -1.64
CA THR J 187 100.07 41.40 -2.93
C THR J 187 100.55 42.24 -4.11
N GLU J 188 101.36 43.26 -3.84
CA GLU J 188 101.98 44.10 -4.86
C GLU J 188 103.36 43.63 -5.25
N TYR J 189 103.95 42.70 -4.51
CA TYR J 189 105.28 42.19 -4.82
C TYR J 189 105.28 41.41 -6.12
N GLY J 190 106.36 41.57 -6.89
CA GLY J 190 106.44 41.01 -8.22
C GLY J 190 106.39 39.50 -8.30
N GLU J 191 107.43 38.84 -7.82
CA GLU J 191 107.53 37.39 -7.94
C GLU J 191 108.69 36.88 -7.09
N GLY J 192 108.52 35.69 -6.52
CA GLY J 192 109.57 35.02 -5.78
C GLY J 192 109.45 33.52 -5.86
N TYR J 193 110.14 32.80 -4.98
CA TYR J 193 110.07 31.34 -4.99
C TYR J 193 110.01 30.74 -3.59
N ALA J 194 109.93 31.54 -2.54
CA ALA J 194 109.91 31.00 -1.19
C ALA J 194 108.57 30.33 -0.89
N CYS J 195 108.65 29.22 -0.15
CA CYS J 195 107.45 28.51 0.31
C CYS J 195 107.57 28.27 1.82
N ASP J 196 106.43 28.21 2.49
CA ASP J 196 106.38 28.19 3.95
C ASP J 196 106.09 26.78 4.44
N THR J 197 107.15 25.99 4.57
CA THR J 197 107.05 24.65 5.14
C THR J 197 107.44 24.59 6.61
N ASP J 198 108.20 25.57 7.10
CA ASP J 198 108.67 25.59 8.48
C ASP J 198 107.80 26.44 9.39
N LEU J 199 106.68 26.98 8.89
CA LEU J 199 105.80 27.80 9.71
C LEU J 199 104.93 26.90 10.59
N ARG J 200 105.13 26.98 11.91
CA ARG J 200 104.37 26.19 12.87
C ARG J 200 104.02 27.08 14.05
N GLY J 201 102.72 27.22 14.33
CA GLY J 201 102.28 27.99 15.48
C GLY J 201 101.37 29.14 15.12
N TRP J 202 101.15 30.04 16.08
CA TRP J 202 100.31 31.22 15.87
C TRP J 202 101.20 32.41 15.54
N TYR J 203 100.77 33.20 14.55
CA TYR J 203 101.57 34.32 14.06
C TYR J 203 100.72 35.56 13.95
N ARG J 204 101.38 36.72 14.01
CA ARG J 204 100.75 38.02 13.85
C ARG J 204 101.46 38.73 12.70
N PHE J 205 100.68 39.26 11.77
CA PHE J 205 101.25 39.99 10.64
C PHE J 205 101.33 41.47 10.95
N VAL J 206 102.54 42.00 11.04
CA VAL J 206 102.79 43.38 11.47
C VAL J 206 103.79 44.02 10.52
N GLY J 207 103.47 45.24 10.07
CA GLY J 207 104.38 46.05 9.29
C GLY J 207 103.74 46.50 8.00
N GLN J 208 104.59 46.83 7.03
CA GLN J 208 104.13 47.29 5.72
C GLN J 208 103.36 46.21 4.98
N GLY J 209 103.61 44.93 5.27
CA GLY J 209 102.90 43.87 4.59
C GLY J 209 101.40 43.90 4.86
N GLY J 210 101.01 44.16 6.10
CA GLY J 210 99.62 44.23 6.48
C GLY J 210 99.35 43.48 7.78
N ALA J 211 98.10 43.58 8.21
CA ALA J 211 97.66 42.93 9.44
C ALA J 211 96.69 41.78 9.21
N ARG J 212 96.11 41.67 8.01
CA ARG J 212 95.17 40.61 7.70
C ARG J 212 95.55 39.95 6.38
N MET J 213 95.21 38.67 6.28
CA MET J 213 95.47 37.91 5.05
C MET J 213 94.57 38.43 3.93
N ALA J 214 94.93 38.07 2.70
CA ALA J 214 94.15 38.48 1.54
C ALA J 214 92.76 37.87 1.59
N GLU J 215 91.76 38.66 1.21
CA GLU J 215 90.36 38.24 1.26
C GLU J 215 89.84 37.74 -0.08
N THR J 216 90.48 38.10 -1.18
CA THR J 216 90.15 37.58 -2.50
C THR J 216 91.39 36.93 -3.09
N CYS J 217 91.17 35.97 -3.99
CA CYS J 217 92.30 35.24 -4.57
C CYS J 217 93.07 36.16 -5.52
N VAL J 218 94.18 36.69 -5.02
CA VAL J 218 95.05 37.58 -5.80
C VAL J 218 95.62 36.79 -6.97
N PRO J 219 95.74 37.39 -8.16
CA PRO J 219 96.25 36.64 -9.33
C PRO J 219 97.58 35.97 -9.06
N VAL J 220 97.85 34.94 -9.87
CA VAL J 220 99.04 34.12 -9.66
C VAL J 220 100.31 34.92 -9.91
N LEU J 221 101.44 34.35 -9.48
CA LEU J 221 102.75 34.95 -9.63
C LEU J 221 102.86 36.29 -8.89
N ARG J 222 102.43 36.31 -7.63
CA ARG J 222 102.45 37.51 -6.81
C ARG J 222 103.00 37.19 -5.42
N CYS J 223 103.30 38.26 -4.67
CA CYS J 223 103.70 38.20 -3.27
C CYS J 223 104.75 37.12 -3.00
N ASN J 224 105.83 37.15 -3.80
CA ASN J 224 107.00 36.32 -3.60
C ASN J 224 106.65 34.83 -3.57
N THR J 225 105.70 34.44 -4.41
CA THR J 225 105.28 33.05 -4.50
C THR J 225 104.81 32.75 -5.91
N ALA J 226 105.16 31.57 -6.40
CA ALA J 226 104.67 31.14 -7.71
C ALA J 226 103.15 30.95 -7.68
N ALA J 227 102.62 30.41 -6.58
CA ALA J 227 101.19 30.18 -6.41
C ALA J 227 100.75 30.75 -5.07
N PRO J 228 100.18 31.95 -5.06
CA PRO J 228 99.73 32.55 -3.79
C PRO J 228 98.47 31.88 -3.28
N MET J 229 98.36 31.85 -1.95
CA MET J 229 97.18 31.32 -1.27
C MET J 229 96.35 32.47 -0.72
N TRP J 230 95.23 32.11 -0.10
CA TRP J 230 94.31 33.08 0.44
C TRP J 230 93.36 32.39 1.41
N LEU J 231 93.11 33.04 2.55
CA LEU J 231 92.15 32.55 3.53
C LEU J 231 90.75 32.87 3.02
N ASN J 232 90.00 31.84 2.67
CA ASN J 232 88.72 32.01 2.01
C ASN J 232 87.65 32.42 3.02
N GLY J 233 86.74 33.29 2.60
CA GLY J 233 85.69 33.77 3.48
C GLY J 233 85.96 35.16 4.01
N THR J 234 85.33 35.45 5.14
CA THR J 234 85.42 36.76 5.78
C THR J 234 86.11 36.65 7.13
N HIS J 235 86.89 37.68 7.46
CA HIS J 235 87.55 37.71 8.75
C HIS J 235 86.52 37.80 9.89
N PRO J 236 86.65 36.95 10.90
CA PRO J 236 85.71 37.00 12.03
C PRO J 236 85.80 38.31 12.78
N SER J 237 84.66 38.75 13.30
CA SER J 237 84.59 39.98 14.06
C SER J 237 85.07 39.74 15.49
N SER J 238 85.04 40.79 16.30
CA SER J 238 85.42 40.66 17.70
C SER J 238 84.42 39.77 18.44
N ASP J 239 84.93 39.07 19.46
CA ASP J 239 84.15 38.12 20.25
C ASP J 239 83.52 37.05 19.36
N GLU J 240 84.40 36.29 18.71
CA GLU J 240 83.98 35.19 17.84
C GLU J 240 84.68 33.90 18.23
N GLY J 241 85.79 34.00 18.94
CA GLY J 241 86.53 32.83 19.34
C GLY J 241 87.24 32.16 18.18
N ILE J 242 87.46 30.86 18.33
CA ILE J 242 88.13 30.07 17.29
C ILE J 242 87.19 29.88 16.12
N VAL J 243 87.66 30.24 14.93
CA VAL J 243 86.90 30.05 13.69
C VAL J 243 87.73 29.18 12.76
N SER J 244 87.11 28.12 12.26
CA SER J 244 87.76 27.17 11.37
C SER J 244 87.56 27.62 9.93
N ARG J 245 88.66 27.73 9.19
CA ARG J 245 88.63 28.13 7.79
C ARG J 245 89.51 27.19 6.99
N LYS J 246 89.24 27.11 5.69
CA LYS J 246 90.02 26.30 4.76
C LYS J 246 90.59 27.23 3.71
N ALA J 247 91.83 27.68 3.93
CA ALA J 247 92.48 28.64 3.04
C ALA J 247 92.73 27.99 1.68
N CYS J 248 92.25 28.65 0.63
CA CYS J 248 92.40 28.15 -0.72
C CYS J 248 93.70 28.68 -1.35
N ALA J 249 94.02 28.15 -2.53
CA ALA J 249 95.26 28.49 -3.23
C ALA J 249 94.95 28.78 -4.69
N HIS J 250 95.48 29.88 -5.21
CA HIS J 250 95.28 30.26 -6.60
C HIS J 250 96.49 29.87 -7.44
N TRP J 251 96.28 28.98 -8.41
CA TRP J 251 97.33 28.51 -9.28
C TRP J 251 96.70 27.90 -10.54
N SER J 252 97.44 27.97 -11.64
CA SER J 252 97.15 27.32 -12.92
C SER J 252 95.94 27.92 -13.62
N GLY J 253 95.28 28.92 -13.05
CA GLY J 253 94.09 29.50 -13.64
C GLY J 253 92.80 29.16 -12.91
N HIS J 254 92.86 28.36 -11.84
CA HIS J 254 91.70 28.01 -11.05
C HIS J 254 91.95 28.44 -9.61
N CYS J 255 91.26 29.50 -9.17
CA CYS J 255 91.33 29.88 -7.77
C CYS J 255 90.80 28.74 -6.91
N CYS J 256 91.47 28.50 -5.79
CA CYS J 256 91.15 27.42 -4.87
C CYS J 256 91.27 26.05 -5.54
N LEU J 257 92.50 25.75 -5.98
CA LEU J 257 92.81 24.44 -6.54
C LEU J 257 93.36 23.47 -5.51
N TRP J 258 94.21 23.93 -4.60
CA TRP J 258 94.63 23.16 -3.43
C TRP J 258 94.09 23.83 -2.17
N ASP J 259 93.93 23.03 -1.12
CA ASP J 259 93.30 23.48 0.10
C ASP J 259 94.17 23.18 1.30
N ALA J 260 94.16 24.09 2.28
CA ALA J 260 94.89 23.94 3.52
C ALA J 260 93.99 24.34 4.68
N SER J 261 94.30 23.82 5.87
CA SER J 261 93.49 24.03 7.06
C SER J 261 94.10 25.13 7.91
N VAL J 262 93.29 26.14 8.23
CA VAL J 262 93.73 27.26 9.05
C VAL J 262 92.68 27.53 10.12
N GLN J 263 93.11 28.09 11.24
CA GLN J 263 92.23 28.41 12.37
C GLN J 263 92.48 29.87 12.76
N VAL J 264 91.66 30.77 12.25
CA VAL J 264 91.79 32.20 12.54
C VAL J 264 91.06 32.52 13.82
N LYS J 265 91.63 33.43 14.61
CA LYS J 265 91.04 33.84 15.88
C LYS J 265 91.17 35.36 16.02
N ALA J 266 90.05 36.02 16.23
CA ALA J 266 90.05 37.46 16.45
C ALA J 266 90.62 37.79 17.82
N CYS J 267 91.03 39.05 17.99
CA CYS J 267 91.65 39.50 19.23
C CYS J 267 91.24 40.93 19.51
N ALA J 268 91.32 41.30 20.80
CA ALA J 268 91.07 42.67 21.22
C ALA J 268 92.15 43.58 20.65
N GLY J 269 91.74 44.55 19.84
CA GLY J 269 92.65 45.40 19.11
C GLY J 269 92.63 45.08 17.63
N GLY J 270 93.21 46.00 16.86
CA GLY J 270 93.20 45.89 15.42
C GLY J 270 94.24 44.94 14.85
N TYR J 271 94.17 43.67 15.26
CA TYR J 271 95.11 42.66 14.78
C TYR J 271 94.50 41.28 15.04
N TYR J 272 95.01 40.30 14.29
CA TYR J 272 94.49 38.94 14.30
C TYR J 272 95.63 37.94 14.40
N VAL J 273 95.27 36.67 14.59
CA VAL J 273 96.22 35.56 14.61
C VAL J 273 95.66 34.42 13.78
N TYR J 274 96.54 33.51 13.37
CA TYR J 274 96.16 32.39 12.51
C TYR J 274 96.92 31.13 12.92
N ASN J 275 96.35 29.98 12.59
CA ASN J 275 97.02 28.69 12.76
C ASN J 275 97.57 28.28 11.39
N LEU J 276 98.70 28.88 11.02
CA LEU J 276 99.29 28.70 9.70
C LEU J 276 99.86 27.29 9.59
N THR J 277 99.27 26.48 8.71
CA THR J 277 99.70 25.10 8.53
C THR J 277 100.64 24.98 7.33
N ALA J 278 101.29 23.83 7.24
CA ALA J 278 102.16 23.54 6.10
C ALA J 278 101.32 23.19 4.87
N PRO J 279 101.54 23.85 3.74
CA PRO J 279 100.78 23.51 2.54
C PRO J 279 101.11 22.10 2.07
N PRO J 280 100.26 21.50 1.23
CA PRO J 280 100.55 20.13 0.77
C PRO J 280 101.89 19.99 0.07
N GLU J 281 102.32 21.02 -0.66
CA GLU J 281 103.60 20.99 -1.36
C GLU J 281 104.18 22.41 -1.41
N CYS J 282 105.47 22.49 -1.74
CA CYS J 282 106.18 23.76 -1.77
C CYS J 282 105.67 24.62 -2.94
N HIS J 283 106.29 25.79 -3.10
CA HIS J 283 105.81 26.84 -4.00
C HIS J 283 104.41 27.31 -3.65
N LEU J 284 104.11 27.31 -2.35
CA LEU J 284 102.87 27.84 -1.80
C LEU J 284 103.17 28.65 -0.57
N ALA J 285 102.63 29.87 -0.50
CA ALA J 285 102.88 30.75 0.64
C ALA J 285 101.74 31.74 0.76
N TYR J 286 101.46 32.14 2.00
CA TYR J 286 100.45 33.14 2.26
C TYR J 286 101.00 34.54 2.05
N CYS J 287 100.10 35.49 1.88
CA CYS J 287 100.45 36.90 1.73
C CYS J 287 99.24 37.78 1.99
N THR J 288 99.51 39.02 2.38
CA THR J 288 98.55 39.87 3.06
C THR J 288 98.24 41.11 2.22
N ASP J 289 97.00 41.56 2.28
CA ASP J 289 96.56 42.81 1.67
C ASP J 289 96.83 43.98 2.62
N PRO J 290 96.72 45.23 2.13
CA PRO J 290 96.86 46.38 3.03
C PRO J 290 95.86 46.38 4.16
N SER J 291 94.73 45.70 3.96
CA SER J 291 93.69 45.46 5.00
C SER J 291 93.18 46.81 5.48
N SER J 292 92.99 47.02 6.79
CA SER J 292 92.37 48.25 7.28
C SER J 292 93.25 48.92 8.33
N VAL J 293 94.54 49.11 8.03
CA VAL J 293 95.39 49.91 8.90
C VAL J 293 94.84 51.32 9.02
N GLU J 294 94.12 51.79 8.00
CA GLU J 294 93.39 53.05 8.11
C GLU J 294 92.28 52.96 9.15
N GLY J 295 91.56 51.84 9.18
CA GLY J 295 90.55 51.62 10.19
C GLY J 295 91.17 51.43 11.56
N THR J 296 91.00 52.41 12.44
CA THR J 296 91.69 52.46 13.71
C THR J 296 90.73 52.18 14.86
N CYS J 297 91.30 51.97 16.04
CA CYS J 297 90.54 51.71 17.25
C CYS J 297 90.54 52.86 18.24
N GLU J 298 91.52 53.76 18.17
CA GLU J 298 91.61 54.86 19.13
C GLU J 298 90.44 55.82 18.98
N GLU J 299 89.80 55.85 17.81
CA GLU J 299 88.68 56.75 17.60
C GLU J 299 87.48 56.43 18.48
N CYS J 300 87.41 55.21 19.02
CA CYS J 300 86.38 54.88 20.00
C CYS J 300 86.70 55.52 21.35
N SER J 301 85.68 56.06 21.98
CA SER J 301 85.82 56.72 23.27
C SER J 301 85.95 55.68 24.39
N ILE J 302 86.22 56.16 25.60
CA ILE J 302 86.54 55.29 26.73
C ILE J 302 85.41 54.33 27.09
N ASP J 303 84.16 54.76 27.00
CA ASP J 303 83.03 53.87 27.26
C ASP J 303 82.60 53.10 26.02
N GLU J 304 83.32 53.25 24.92
CA GLU J 304 82.99 52.59 23.66
C GLU J 304 84.01 51.48 23.42
N ASP J 305 83.61 50.24 23.66
CA ASP J 305 84.50 49.11 23.48
C ASP J 305 84.85 48.93 22.01
N CYS J 306 86.03 48.35 21.77
CA CYS J 306 86.57 48.18 20.42
C CYS J 306 86.02 46.89 19.81
N LYS J 307 84.72 46.91 19.54
CA LYS J 307 84.08 45.74 18.96
C LYS J 307 84.19 45.77 17.43
N SER J 308 83.84 44.65 16.81
CA SER J 308 83.91 44.52 15.36
C SER J 308 82.65 43.84 14.85
N ASN J 309 82.32 44.11 13.59
CA ASN J 309 81.19 43.50 12.91
C ASN J 309 81.66 43.09 11.52
N ASN J 310 81.84 41.78 11.31
CA ASN J 310 82.32 41.23 10.04
C ASN J 310 83.67 41.85 9.64
N GLY J 311 84.55 42.03 10.63
CA GLY J 311 85.89 42.50 10.38
C GLY J 311 86.08 44.00 10.43
N ARG J 312 85.01 44.78 10.56
CA ARG J 312 85.09 46.24 10.60
C ARG J 312 84.92 46.71 12.05
N TRP J 313 85.88 47.50 12.52
CA TRP J 313 85.92 47.91 13.91
C TRP J 313 84.99 49.10 14.12
N HIS J 314 84.18 49.05 15.17
CA HIS J 314 83.25 50.12 15.51
C HIS J 314 83.25 50.34 17.00
N CYS J 315 82.57 51.41 17.43
CA CYS J 315 82.53 51.80 18.84
C CYS J 315 81.15 51.49 19.42
N GLN J 316 81.01 50.27 19.91
CA GLN J 316 79.79 49.86 20.59
C GLN J 316 79.96 50.12 22.09
N CYS J 317 78.94 50.73 22.71
CA CYS J 317 79.07 51.27 24.05
C CYS J 317 78.96 50.15 25.09
N LYS J 318 78.84 50.53 26.36
CA LYS J 318 78.59 49.56 27.42
C LYS J 318 77.25 48.89 27.22
N GLN J 319 77.20 47.58 27.47
CA GLN J 319 75.92 46.88 27.47
C GLN J 319 75.07 47.27 28.67
N ASP J 320 75.69 47.49 29.82
CA ASP J 320 74.95 47.88 31.01
C ASP J 320 74.27 49.23 30.82
N PHE J 321 74.77 50.05 29.89
CA PHE J 321 74.09 51.29 29.54
C PHE J 321 72.90 50.96 28.63
N ASN J 322 71.84 50.39 29.21
CA ASN J 322 70.69 49.95 28.42
C ASN J 322 69.42 50.44 29.14
N ILE J 323 68.89 51.57 28.68
CA ILE J 323 67.69 52.18 29.23
C ILE J 323 66.59 52.09 28.19
N THR J 324 65.38 51.72 28.65
CA THR J 324 64.28 51.47 27.72
C THR J 324 63.35 52.66 27.60
N ASP J 325 62.82 53.15 28.72
CA ASP J 325 61.81 54.19 28.69
C ASP J 325 62.44 55.57 28.47
N ILE J 326 61.63 56.61 28.65
CA ILE J 326 62.06 57.98 28.42
C ILE J 326 62.32 58.74 29.70
N SER J 327 61.57 58.49 30.77
CA SER J 327 61.71 59.25 32.00
C SER J 327 63.08 59.09 32.64
N LEU J 328 63.77 57.98 32.36
CA LEU J 328 65.05 57.71 33.00
C LEU J 328 66.23 58.38 32.29
N LEU J 329 65.98 59.13 31.22
CA LEU J 329 67.07 59.74 30.46
C LEU J 329 67.85 60.73 31.31
N GLU J 330 69.17 60.65 31.22
CA GLU J 330 70.05 61.59 31.87
C GLU J 330 69.98 62.94 31.18
N HIS J 331 70.15 64.00 31.97
CA HIS J 331 70.13 65.37 31.45
C HIS J 331 71.05 66.21 32.33
N ARG J 332 72.08 66.80 31.73
CA ARG J 332 73.03 67.62 32.46
C ARG J 332 72.84 69.08 32.06
N LEU J 333 72.10 69.82 32.88
CA LEU J 333 71.87 71.24 32.67
C LEU J 333 72.92 72.02 33.45
N GLU J 334 73.71 72.81 32.74
CA GLU J 334 74.65 73.73 33.36
C GLU J 334 74.14 75.14 33.11
N CYS J 335 73.79 75.85 34.18
CA CYS J 335 73.21 77.18 34.07
C CYS J 335 74.35 78.19 34.24
N GLY J 336 75.17 78.30 33.20
CA GLY J 336 76.31 79.18 33.23
C GLY J 336 75.91 80.64 33.34
N ALA J 337 76.85 81.45 33.81
CA ALA J 337 76.55 82.85 34.09
C ALA J 337 76.12 83.60 32.83
N ASN J 338 76.79 83.34 31.71
CA ASN J 338 76.47 84.03 30.46
C ASN J 338 75.63 83.18 29.51
N ASP J 339 75.91 81.87 29.44
CA ASP J 339 75.20 81.00 28.53
C ASP J 339 74.58 79.84 29.31
N MET J 340 73.66 79.14 28.66
CA MET J 340 73.08 77.93 29.21
C MET J 340 73.32 76.78 28.25
N LYS J 341 73.56 75.60 28.81
CA LYS J 341 73.78 74.42 28.00
C LYS J 341 73.13 73.21 28.64
N VAL J 342 72.74 72.25 27.81
CA VAL J 342 72.14 71.01 28.26
C VAL J 342 72.87 69.87 27.56
N SER J 343 73.23 68.84 28.31
CA SER J 343 74.09 67.77 27.82
C SER J 343 73.42 66.42 28.10
N LEU J 344 73.52 65.53 27.11
CA LEU J 344 72.98 64.18 27.25
C LEU J 344 74.02 63.18 26.77
N GLY J 345 74.16 62.08 27.51
CA GLY J 345 75.09 61.03 27.16
C GLY J 345 74.76 60.39 25.83
N LYS J 346 75.70 60.44 24.89
CA LYS J 346 75.45 59.88 23.56
C LYS J 346 75.26 58.37 23.63
N CYS J 347 75.94 57.71 24.56
CA CYS J 347 75.74 56.28 24.73
C CYS J 347 74.30 55.97 25.13
N GLN J 348 73.71 56.80 25.98
CA GLN J 348 72.35 56.55 26.43
C GLN J 348 71.36 56.68 25.27
N LEU J 349 71.53 57.71 24.44
CA LEU J 349 70.62 57.88 23.31
C LEU J 349 70.83 56.79 22.26
N LYS J 350 72.07 56.35 22.06
CA LYS J 350 72.30 55.20 21.18
C LYS J 350 71.58 53.97 21.73
N SER J 351 71.64 53.75 23.04
CA SER J 351 70.91 52.66 23.65
C SER J 351 69.40 52.82 23.48
N LEU J 352 68.91 54.05 23.48
CA LEU J 352 67.48 54.28 23.37
C LEU J 352 66.95 53.95 21.97
N GLY J 353 67.84 53.70 21.01
CA GLY J 353 67.42 53.24 19.71
C GLY J 353 67.54 54.28 18.61
N PHE J 354 68.22 55.38 18.89
CA PHE J 354 68.36 56.47 17.93
C PHE J 354 69.76 56.46 17.36
N ASP J 355 69.88 56.07 16.08
CA ASP J 355 71.17 56.10 15.41
C ASP J 355 71.69 57.52 15.32
N LYS J 356 70.83 58.47 14.94
CA LYS J 356 71.18 59.88 14.90
C LYS J 356 70.06 60.66 15.54
N VAL J 357 70.41 61.72 16.27
CA VAL J 357 69.45 62.50 17.02
C VAL J 357 69.45 63.94 16.51
N PHE J 358 68.33 64.62 16.73
CA PHE J 358 68.13 65.98 16.22
C PHE J 358 67.81 66.88 17.41
N MET J 359 68.75 67.72 17.79
CA MET J 359 68.54 68.69 18.86
C MET J 359 67.96 69.95 18.24
N TYR J 360 66.83 70.43 18.76
CA TYR J 360 66.21 71.63 18.23
C TYR J 360 65.48 72.37 19.34
N LEU J 361 65.79 73.64 19.48
CA LEU J 361 65.21 74.50 20.50
C LEU J 361 63.88 75.04 19.97
N SER J 362 63.37 76.09 20.63
CA SER J 362 62.21 76.80 20.09
C SER J 362 62.45 77.24 18.67
N ASP J 363 63.71 77.50 18.31
CA ASP J 363 64.10 77.73 16.92
C ASP J 363 65.05 76.62 16.49
N SER J 364 64.85 76.13 15.26
CA SER J 364 65.68 75.05 14.75
C SER J 364 67.10 75.48 14.46
N ARG J 365 67.37 76.79 14.38
CA ARG J 365 68.74 77.25 14.20
C ARG J 365 69.66 76.81 15.32
N CYS J 366 69.11 76.56 16.50
CA CYS J 366 69.90 76.08 17.64
C CYS J 366 70.04 74.56 17.61
N SER J 367 70.51 74.03 16.49
CA SER J 367 70.73 72.59 16.39
C SER J 367 71.92 72.18 17.25
N GLY J 368 71.82 70.99 17.82
CA GLY J 368 72.84 70.54 18.75
C GLY J 368 74.07 70.02 18.04
N PHE J 369 75.17 69.97 18.80
CA PHE J 369 76.44 69.46 18.30
C PHE J 369 77.06 68.55 19.35
N ASN J 370 78.30 68.12 19.13
CA ASN J 370 78.98 67.21 20.03
C ASN J 370 80.07 67.94 20.80
N ASP J 371 80.29 67.50 22.04
CA ASP J 371 81.33 68.03 22.89
C ASP J 371 81.74 66.93 23.87
N ARG J 372 83.02 66.90 24.21
CA ARG J 372 83.54 65.87 25.11
C ARG J 372 84.23 66.54 26.28
N ASP J 373 83.75 66.26 27.49
CA ASP J 373 84.42 66.66 28.72
C ASP J 373 84.86 65.47 29.55
N ASN J 374 84.02 64.44 29.66
CA ASN J 374 84.42 63.15 30.20
C ASN J 374 83.94 61.97 29.38
N ARG J 375 82.98 62.17 28.49
CA ARG J 375 82.50 61.13 27.59
C ARG J 375 81.89 61.80 26.36
N ASP J 376 81.22 61.02 25.52
CA ASP J 376 80.57 61.56 24.33
C ASP J 376 79.26 62.23 24.73
N TRP J 377 79.16 63.53 24.50
CA TRP J 377 77.99 64.32 24.85
C TRP J 377 77.48 65.06 23.62
N VAL J 378 76.16 65.07 23.45
CA VAL J 378 75.50 65.98 22.52
C VAL J 378 74.91 67.12 23.34
N SER J 379 75.20 68.35 22.96
CA SER J 379 74.84 69.48 23.78
C SER J 379 74.32 70.62 22.92
N VAL J 380 73.46 71.43 23.54
CA VAL J 380 72.94 72.65 22.94
C VAL J 380 73.32 73.81 23.85
N VAL J 381 73.69 74.93 23.25
CA VAL J 381 74.08 76.12 23.98
C VAL J 381 73.23 77.29 23.53
N THR J 382 72.65 78.01 24.49
CA THR J 382 71.82 79.15 24.20
C THR J 382 72.22 80.29 25.11
N PRO J 383 72.47 81.49 24.57
CA PRO J 383 72.80 82.63 25.43
C PRO J 383 71.68 82.92 26.41
N ALA J 384 72.06 83.32 27.62
CA ALA J 384 71.10 83.61 28.68
C ALA J 384 70.60 85.05 28.55
N ARG J 385 69.60 85.22 27.69
CA ARG J 385 68.95 86.50 27.48
C ARG J 385 67.50 86.28 27.12
N ASP J 386 66.84 87.36 26.69
CA ASP J 386 65.44 87.30 26.27
C ASP J 386 65.39 87.29 24.74
N GLY J 387 65.15 86.11 24.17
CA GLY J 387 64.97 85.99 22.75
C GLY J 387 66.13 85.53 21.87
N PRO J 388 67.36 85.34 22.39
CA PRO J 388 68.45 84.96 21.46
C PRO J 388 68.15 83.68 20.68
N CYS J 389 67.53 82.70 21.32
CA CYS J 389 67.01 81.53 20.64
C CYS J 389 65.56 81.32 21.07
N GLY J 390 64.84 82.42 21.24
CA GLY J 390 63.45 82.36 21.66
C GLY J 390 63.24 82.02 23.13
N THR J 391 64.28 82.07 23.94
CA THR J 391 64.14 81.77 25.36
C THR J 391 63.25 82.83 26.02
N VAL J 392 62.35 82.38 26.88
CA VAL J 392 61.39 83.28 27.50
C VAL J 392 61.82 83.57 28.93
N LEU J 393 61.79 84.85 29.30
CA LEU J 393 62.16 85.30 30.63
C LEU J 393 60.93 85.82 31.35
N THR J 394 60.69 85.30 32.56
CA THR J 394 59.61 85.77 33.42
C THR J 394 60.23 85.98 34.79
N ARG J 395 60.36 87.24 35.19
CA ARG J 395 61.04 87.64 36.41
C ARG J 395 60.02 87.99 37.48
N ASN J 396 60.05 87.26 38.60
CA ASN J 396 59.24 87.64 39.74
C ASN J 396 60.10 88.46 40.70
N GLU J 397 59.54 88.81 41.86
CA GLU J 397 60.22 89.71 42.78
C GLU J 397 61.54 89.15 43.30
N THR J 398 61.76 87.84 43.19
CA THR J 398 62.92 87.22 43.78
C THR J 398 63.92 86.66 42.77
N HIS J 399 63.43 86.04 41.70
CA HIS J 399 64.29 85.39 40.72
C HIS J 399 63.87 85.75 39.31
N ALA J 400 64.79 85.52 38.38
CA ALA J 400 64.55 85.69 36.96
C ALA J 400 64.90 84.38 36.27
N THR J 401 63.94 83.79 35.58
CA THR J 401 64.10 82.46 35.01
C THR J 401 64.17 82.54 33.48
N TYR J 402 65.03 81.71 32.91
CA TYR J 402 65.16 81.57 31.45
C TYR J 402 64.59 80.20 31.10
N SER J 403 63.52 80.20 30.30
CA SER J 403 62.79 78.99 29.97
C SER J 403 62.85 78.75 28.47
N ASN J 404 63.29 77.55 28.09
CA ASN J 404 63.27 77.12 26.71
C ASN J 404 63.03 75.63 26.68
N THR J 405 62.53 75.13 25.56
CA THR J 405 62.24 73.71 25.42
C THR J 405 63.10 73.10 24.33
N LEU J 406 63.59 71.88 24.59
CA LEU J 406 64.41 71.14 23.66
C LEU J 406 63.57 70.04 23.02
N TYR J 407 63.88 69.73 21.76
CA TYR J 407 63.14 68.73 21.02
C TYR J 407 64.06 67.59 20.65
N LEU J 408 63.66 66.38 21.02
CA LEU J 408 64.39 65.17 20.70
C LEU J 408 63.66 64.37 19.63
N ALA J 409 64.40 63.98 18.60
CA ALA J 409 63.86 63.11 17.56
C ALA J 409 65.01 62.33 16.96
N ASP J 410 64.68 61.20 16.35
CA ASP J 410 65.67 60.35 15.71
C ASP J 410 65.73 60.53 14.20
N GLU J 411 64.73 61.18 13.59
CA GLU J 411 64.79 61.53 12.18
C GLU J 411 64.25 62.95 12.01
N ILE J 412 64.35 63.46 10.78
CA ILE J 412 63.89 64.82 10.50
C ILE J 412 62.39 64.94 10.78
N ILE J 413 61.63 63.91 10.46
CA ILE J 413 60.19 63.90 10.69
C ILE J 413 59.87 62.87 11.77
N ILE J 414 58.92 63.20 12.63
CA ILE J 414 58.50 62.32 13.70
C ILE J 414 57.16 61.71 13.31
N ARG J 415 56.93 60.46 13.73
CA ARG J 415 55.65 59.81 13.50
C ARG J 415 54.99 59.30 14.77
N ASP J 416 55.72 59.23 15.88
CA ASP J 416 55.14 58.81 17.15
C ASP J 416 56.07 59.24 18.28
N LEU J 417 55.51 59.35 19.48
CA LEU J 417 56.26 59.64 20.70
C LEU J 417 57.03 60.95 20.58
N ASN J 418 56.27 62.04 20.48
CA ASN J 418 56.85 63.38 20.50
C ASN J 418 57.58 63.61 21.82
N ILE J 419 58.70 64.32 21.75
CA ILE J 419 59.56 64.54 22.91
C ILE J 419 59.72 66.03 23.12
N LYS J 420 59.45 66.49 24.34
CA LYS J 420 59.61 67.90 24.70
C LYS J 420 60.35 67.98 26.03
N ILE J 421 61.51 68.63 26.01
CA ILE J 421 62.36 68.77 27.19
C ILE J 421 62.11 70.16 27.75
N ASN J 422 61.31 70.22 28.79
CA ASN J 422 60.91 71.49 29.42
C ASN J 422 61.96 71.84 30.46
N PHE J 423 62.97 72.60 30.06
CA PHE J 423 64.06 72.97 30.95
C PHE J 423 64.02 74.46 31.22
N ALA J 424 64.43 74.85 32.43
CA ALA J 424 64.51 76.26 32.79
C ALA J 424 65.31 76.44 34.08
N CYS J 425 66.28 77.34 34.06
CA CYS J 425 67.05 77.67 35.27
C CYS J 425 66.92 79.15 35.54
N SER J 426 66.82 79.49 36.83
CA SER J 426 66.59 80.86 37.27
C SER J 426 67.79 81.36 38.05
N TYR J 427 67.95 82.67 38.07
CA TYR J 427 69.04 83.33 38.79
C TYR J 427 68.48 84.17 39.93
N PRO J 428 69.24 84.34 41.00
CA PRO J 428 68.80 85.23 42.08
C PRO J 428 68.91 86.70 41.67
N LEU J 429 68.14 87.53 42.37
CA LEU J 429 68.19 88.96 42.17
C LEU J 429 69.06 89.69 43.20
N ASP J 430 69.37 89.04 44.32
CA ASP J 430 70.19 89.63 45.37
C ASP J 430 71.45 88.80 45.53
N MET J 431 72.55 89.46 45.90
CA MET J 431 73.81 88.78 46.12
C MET J 431 74.74 89.66 46.95
N LYS J 432 75.75 89.03 47.55
CA LYS J 432 76.68 89.69 48.44
C LYS J 432 78.06 89.72 47.80
N VAL J 433 78.79 90.81 48.01
CA VAL J 433 80.04 91.06 47.32
C VAL J 433 80.95 91.93 48.18
N SER J 434 82.25 91.66 48.09
CA SER J 434 83.23 92.35 48.91
C SER J 434 84.58 92.33 48.19
N LEU J 435 85.47 93.24 48.60
CA LEU J 435 86.83 93.21 48.06
C LEU J 435 87.55 91.97 48.55
N LYS J 436 88.48 91.49 47.72
CA LYS J 436 89.41 90.45 48.13
C LYS J 436 90.75 91.02 48.58
N THR J 437 90.87 92.35 48.64
CA THR J 437 92.11 93.00 49.00
C THR J 437 91.96 93.63 50.39
N ALA J 438 92.95 93.37 51.25
CA ALA J 438 92.94 93.91 52.60
C ALA J 438 93.27 95.40 52.58
N LEU J 439 92.64 96.16 53.47
CA LEU J 439 92.87 97.59 53.61
C LEU J 439 93.44 97.87 54.99
N GLN J 440 94.40 98.80 55.04
CA GLN J 440 95.07 99.15 56.29
C GLN J 440 95.26 100.66 56.33
N PRO J 441 94.56 101.36 57.22
CA PRO J 441 94.75 102.80 57.35
C PRO J 441 95.78 103.16 58.43
N MET J 442 96.40 104.32 58.23
CA MET J 442 97.27 104.93 59.24
C MET J 442 96.78 106.35 59.47
N VAL J 443 96.61 106.72 60.73
CA VAL J 443 96.16 108.05 61.11
C VAL J 443 97.11 108.61 62.15
N SER J 444 97.19 109.93 62.22
CA SER J 444 98.04 110.58 63.23
C SER J 444 97.57 110.19 64.62
N ALA J 445 98.50 109.69 65.42
CA ALA J 445 98.19 109.16 66.75
C ALA J 445 98.95 109.94 67.82
N LEU J 446 98.20 110.45 68.79
CA LEU J 446 98.75 111.10 69.97
C LEU J 446 98.60 110.17 71.14
N ASN J 447 99.69 109.95 71.87
CA ASN J 447 99.72 109.02 72.99
C ASN J 447 99.98 109.80 74.28
N ILE J 448 98.99 109.84 75.15
CA ILE J 448 99.14 110.43 76.48
C ILE J 448 99.25 109.27 77.47
N ARG J 449 100.27 109.31 78.31
CA ARG J 449 100.58 108.23 79.24
C ARG J 449 100.30 108.66 80.67
N VAL J 450 99.53 107.85 81.40
CA VAL J 450 99.23 108.10 82.80
C VAL J 450 99.59 106.85 83.59
N GLY J 451 99.48 106.96 84.91
CA GLY J 451 99.86 105.87 85.79
C GLY J 451 99.06 105.90 87.08
N GLY J 452 99.47 105.03 88.01
CA GLY J 452 98.80 104.95 89.29
C GLY J 452 99.46 103.91 90.16
N THR J 453 98.91 103.77 91.38
CA THR J 453 99.38 102.77 92.34
C THR J 453 98.21 102.36 93.21
N GLY J 454 98.19 101.09 93.62
CA GLY J 454 97.10 100.56 94.42
C GLY J 454 97.57 99.52 95.41
N MET J 455 96.68 99.16 96.32
CA MET J 455 96.97 98.15 97.34
C MET J 455 96.20 96.87 97.01
N PRO K 173 47.62 11.14 -93.16
CA PRO K 173 47.27 11.61 -94.50
C PRO K 173 47.97 12.91 -94.88
N CYS K 174 47.41 14.04 -94.43
CA CYS K 174 47.95 15.33 -94.81
C CYS K 174 48.86 15.93 -93.74
N GLN K 175 49.15 15.20 -92.67
CA GLN K 175 50.15 15.62 -91.70
C GLN K 175 51.39 14.75 -91.70
N ALA K 176 51.33 13.56 -92.28
CA ALA K 176 52.49 12.68 -92.45
C ALA K 176 52.57 12.36 -93.94
N HIS K 177 53.28 13.20 -94.68
CA HIS K 177 53.37 13.06 -96.13
C HIS K 177 54.71 13.59 -96.60
N ARG K 178 55.07 13.22 -97.83
CA ARG K 178 56.30 13.65 -98.47
C ARG K 178 55.96 14.64 -99.58
N THR K 179 56.36 15.90 -99.40
CA THR K 179 56.10 16.91 -100.41
C THR K 179 56.97 16.65 -101.64
N LEU K 180 56.55 17.24 -102.75
CA LEU K 180 57.22 17.05 -104.05
C LEU K 180 57.52 18.43 -104.63
N ASP K 181 58.81 18.71 -104.81
CA ASP K 181 59.27 20.00 -105.36
C ASP K 181 59.86 19.72 -106.74
N GLU K 182 59.06 19.94 -107.78
CA GLU K 182 59.48 19.75 -109.16
C GLU K 182 58.77 20.75 -110.05
N TYR K 183 59.43 21.19 -111.11
CA TYR K 183 58.84 22.08 -112.09
C TYR K 183 58.69 21.44 -113.47
N TRP K 184 59.00 20.16 -113.60
CA TRP K 184 58.95 19.47 -114.88
C TRP K 184 57.73 18.60 -115.05
N ARG K 185 56.88 18.48 -114.03
CA ARG K 185 55.66 17.68 -114.14
C ARG K 185 54.48 18.47 -114.69
N SER K 186 54.67 19.75 -115.01
CA SER K 186 53.59 20.55 -115.56
C SER K 186 53.20 20.05 -116.94
N THR K 187 51.94 20.29 -117.31
CA THR K 187 51.44 19.94 -118.62
C THR K 187 51.98 20.82 -119.73
N GLU K 188 52.88 21.74 -119.39
CA GLU K 188 53.51 22.63 -120.36
C GLU K 188 54.89 22.14 -120.79
N TYR K 189 55.47 21.17 -120.09
CA TYR K 189 56.80 20.67 -120.43
C TYR K 189 56.76 19.90 -121.74
N GLY K 190 57.88 19.93 -122.46
CA GLY K 190 57.93 19.35 -123.80
C GLY K 190 57.80 17.84 -123.86
N GLU K 191 58.81 17.12 -123.37
CA GLU K 191 58.82 15.66 -123.47
C GLU K 191 60.01 15.11 -122.70
N GLY K 192 59.80 13.96 -122.04
CA GLY K 192 60.86 13.27 -121.35
C GLY K 192 60.67 11.77 -121.38
N TYR K 193 61.33 11.05 -120.46
CA TYR K 193 61.19 9.59 -120.42
C TYR K 193 61.09 9.05 -119.00
N ALA K 194 60.96 9.90 -117.98
CA ALA K 194 60.92 9.41 -116.61
C ALA K 194 59.58 8.76 -116.31
N CYS K 195 59.64 7.61 -115.63
CA CYS K 195 58.46 6.91 -115.16
C CYS K 195 58.60 6.65 -113.67
N ASP K 196 57.47 6.63 -112.97
CA ASP K 196 57.46 6.60 -111.51
C ASP K 196 56.97 5.24 -111.02
N THR K 197 57.91 4.31 -110.91
CA THR K 197 57.63 3.01 -110.31
C THR K 197 58.06 2.92 -108.86
N ASP K 198 58.69 3.96 -108.32
CA ASP K 198 59.20 3.94 -106.96
C ASP K 198 58.47 4.90 -106.02
N LEU K 199 57.39 5.54 -106.47
CA LEU K 199 56.58 6.38 -105.58
C LEU K 199 55.75 5.50 -104.68
N ARG K 200 55.95 5.61 -103.38
CA ARG K 200 55.19 4.83 -102.39
C ARG K 200 54.85 5.73 -101.23
N GLY K 201 53.56 5.99 -101.03
CA GLY K 201 53.10 6.82 -99.93
C GLY K 201 52.21 7.96 -100.34
N TRP K 202 52.01 8.91 -99.44
CA TRP K 202 51.18 10.08 -99.69
C TRP K 202 52.08 11.27 -100.01
N TYR K 203 51.67 12.09 -100.96
CA TYR K 203 52.52 13.16 -101.48
C TYR K 203 51.73 14.46 -101.60
N ARG K 204 52.46 15.57 -101.49
CA ARG K 204 51.91 16.92 -101.56
C ARG K 204 52.62 17.68 -102.68
N PHE K 205 51.94 17.88 -103.80
CA PHE K 205 52.53 18.56 -104.94
C PHE K 205 52.69 20.05 -104.64
N VAL K 206 53.91 20.55 -104.73
CA VAL K 206 54.24 21.93 -104.38
C VAL K 206 55.23 22.48 -105.39
N GLY K 207 55.03 23.73 -105.81
CA GLY K 207 55.98 24.43 -106.64
C GLY K 207 55.33 25.02 -107.86
N GLN K 208 56.17 25.39 -108.84
CA GLN K 208 55.68 25.96 -110.08
C GLN K 208 54.81 24.99 -110.88
N GLY K 209 55.02 23.69 -110.72
CA GLY K 209 54.19 22.72 -111.41
C GLY K 209 52.74 22.81 -111.02
N GLY K 210 52.48 23.07 -109.74
CA GLY K 210 51.12 23.22 -109.24
C GLY K 210 50.91 22.46 -107.95
N ALA K 211 49.70 22.59 -107.43
CA ALA K 211 49.30 21.91 -106.20
C ALA K 211 48.29 20.80 -106.42
N ARG K 212 47.59 20.80 -107.55
CA ARG K 212 46.64 19.75 -107.87
C ARG K 212 47.04 19.07 -109.17
N MET K 213 46.36 17.96 -109.45
CA MET K 213 46.67 17.16 -110.63
C MET K 213 45.75 17.56 -111.78
N ALA K 214 46.15 17.21 -113.00
CA ALA K 214 45.40 17.57 -114.19
C ALA K 214 44.01 16.97 -114.15
N GLU K 215 43.02 17.74 -114.63
CA GLU K 215 41.62 17.34 -114.56
C GLU K 215 41.07 16.86 -115.89
N THR K 216 41.75 17.13 -117.00
CA THR K 216 41.40 16.59 -118.30
C THR K 216 42.59 15.82 -118.84
N CYS K 217 42.33 14.84 -119.70
CA CYS K 217 43.42 14.01 -120.22
C CYS K 217 44.29 14.86 -121.14
N VAL K 218 45.46 15.24 -120.63
CA VAL K 218 46.38 16.13 -121.35
C VAL K 218 46.89 15.42 -122.60
N PRO K 219 47.06 16.11 -123.73
CA PRO K 219 47.51 15.44 -124.95
C PRO K 219 48.81 14.68 -124.76
N VAL K 220 49.05 13.76 -125.70
CA VAL K 220 50.17 12.83 -125.59
C VAL K 220 51.49 13.58 -125.62
N LEU K 221 52.54 12.92 -125.08
CA LEU K 221 53.89 13.43 -125.05
C LEU K 221 54.01 14.71 -124.23
N ARG K 222 53.55 14.67 -122.99
CA ARG K 222 53.69 15.77 -122.04
C ARG K 222 54.12 15.22 -120.68
N CYS K 223 54.36 16.13 -119.74
CA CYS K 223 54.68 15.79 -118.36
C CYS K 223 55.99 14.99 -118.27
N ASN K 224 56.93 15.30 -119.16
CA ASN K 224 58.24 14.63 -119.19
C ASN K 224 58.08 13.12 -119.33
N THR K 225 57.09 12.70 -120.12
CA THR K 225 56.79 11.28 -120.25
C THR K 225 56.17 11.04 -121.62
N ALA K 226 56.35 9.83 -122.14
CA ALA K 226 55.75 9.45 -123.42
C ALA K 226 54.23 9.46 -123.33
N ALA K 227 53.67 8.97 -122.24
CA ALA K 227 52.22 8.84 -122.07
C ALA K 227 51.80 9.48 -120.74
N PRO K 228 51.48 10.77 -120.74
CA PRO K 228 51.01 11.42 -119.52
C PRO K 228 49.65 10.89 -119.09
N MET K 229 49.45 10.85 -117.78
CA MET K 229 48.22 10.33 -117.18
C MET K 229 47.35 11.48 -116.69
N TRP K 230 46.23 11.11 -116.08
CA TRP K 230 45.32 12.07 -115.48
C TRP K 230 44.42 11.37 -114.49
N LEU K 231 43.93 12.12 -113.51
CA LEU K 231 42.91 11.64 -112.59
C LEU K 231 41.55 12.09 -113.12
N ASN K 232 40.69 11.13 -113.44
CA ASN K 232 39.40 11.45 -114.04
C ASN K 232 38.41 11.89 -112.98
N GLY K 233 37.46 12.72 -113.39
CA GLY K 233 36.50 13.28 -112.45
C GLY K 233 36.94 14.63 -111.91
N THR K 234 36.44 14.93 -110.71
CA THR K 234 36.68 16.22 -110.07
C THR K 234 37.35 16.01 -108.72
N HIS K 235 38.14 17.01 -108.31
CA HIS K 235 38.77 16.97 -107.01
C HIS K 235 37.72 17.07 -105.90
N PRO K 236 37.86 16.26 -104.84
CA PRO K 236 36.92 16.35 -103.72
C PRO K 236 37.05 17.69 -103.00
N SER K 237 35.93 18.17 -102.47
CA SER K 237 35.92 19.41 -101.70
C SER K 237 36.42 19.12 -100.28
N SER K 238 36.45 20.16 -99.45
CA SER K 238 36.84 19.98 -98.05
C SER K 238 35.78 19.16 -97.32
N ASP K 239 36.23 18.44 -96.28
CA ASP K 239 35.36 17.61 -95.46
C ASP K 239 34.65 16.56 -96.32
N GLU K 240 35.47 15.69 -96.92
CA GLU K 240 34.97 14.62 -97.76
C GLU K 240 35.55 13.28 -97.32
N GLY K 241 36.70 13.31 -96.67
CA GLY K 241 37.37 12.09 -96.26
C GLY K 241 38.12 11.44 -97.41
N ILE K 242 38.32 10.14 -97.28
CA ILE K 242 39.01 9.37 -98.31
C ILE K 242 38.06 9.16 -99.49
N VAL K 243 38.54 9.48 -100.69
CA VAL K 243 37.77 9.30 -101.92
C VAL K 243 38.54 8.38 -102.85
N SER K 244 37.86 7.35 -103.34
CA SER K 244 38.45 6.36 -104.22
C SER K 244 38.26 6.79 -105.66
N ARG K 245 39.37 6.91 -106.39
CA ARG K 245 39.35 7.33 -107.78
C ARG K 245 40.18 6.37 -108.60
N LYS K 246 39.79 6.18 -109.86
CA LYS K 246 40.50 5.33 -110.80
C LYS K 246 41.19 6.23 -111.82
N ALA K 247 42.48 6.48 -111.60
CA ALA K 247 43.26 7.36 -112.47
C ALA K 247 43.45 6.70 -113.83
N CYS K 248 43.23 7.47 -114.90
CA CYS K 248 43.37 6.97 -116.25
C CYS K 248 44.68 7.44 -116.88
N ALA K 249 45.09 6.76 -117.95
CA ALA K 249 46.33 7.05 -118.64
C ALA K 249 46.04 7.29 -120.12
N HIS K 250 46.58 8.39 -120.66
CA HIS K 250 46.37 8.75 -122.06
C HIS K 250 47.56 8.30 -122.90
N TRP K 251 47.29 7.47 -123.90
CA TRP K 251 48.31 6.98 -124.81
C TRP K 251 47.64 6.43 -126.06
N SER K 252 48.39 6.44 -127.17
CA SER K 252 48.02 5.84 -128.45
C SER K 252 46.83 6.52 -129.10
N GLY K 253 46.36 7.65 -128.57
CA GLY K 253 45.20 8.33 -129.11
C GLY K 253 43.91 8.04 -128.39
N HIS K 254 43.90 7.09 -127.46
CA HIS K 254 42.72 6.76 -126.65
C HIS K 254 43.00 7.17 -125.22
N CYS K 255 42.35 8.23 -124.76
CA CYS K 255 42.45 8.62 -123.36
C CYS K 255 41.89 7.51 -122.48
N CYS K 256 42.56 7.25 -121.36
CA CYS K 256 42.17 6.22 -120.40
C CYS K 256 42.19 4.83 -121.04
N LEU K 257 43.39 4.41 -121.44
CA LEU K 257 43.60 3.05 -121.94
C LEU K 257 44.16 2.12 -120.87
N TRP K 258 45.03 2.62 -119.99
CA TRP K 258 45.48 1.90 -118.81
C TRP K 258 44.98 2.62 -117.57
N ASP K 259 44.74 1.85 -116.52
CA ASP K 259 44.13 2.37 -115.29
C ASP K 259 45.02 2.07 -114.10
N ALA K 260 45.05 3.02 -113.15
CA ALA K 260 45.77 2.87 -111.89
C ALA K 260 44.84 3.28 -110.75
N SER K 261 45.16 2.81 -109.54
CA SER K 261 44.34 3.05 -108.37
C SER K 261 44.97 4.15 -107.52
N VAL K 262 44.18 5.18 -107.21
CA VAL K 262 44.63 6.31 -106.41
C VAL K 262 43.56 6.62 -105.37
N GLN K 263 43.99 7.16 -104.23
CA GLN K 263 43.10 7.53 -103.13
C GLN K 263 43.41 8.97 -102.74
N VAL K 264 42.59 9.90 -103.20
CA VAL K 264 42.78 11.31 -102.94
C VAL K 264 42.00 11.70 -101.68
N LYS K 265 42.59 12.60 -100.88
CA LYS K 265 41.94 13.09 -99.67
C LYS K 265 42.16 14.60 -99.56
N ALA K 266 41.13 15.30 -99.12
CA ALA K 266 41.21 16.75 -98.96
C ALA K 266 41.30 17.14 -97.49
N CYS K 267 42.10 18.18 -97.21
CA CYS K 267 42.29 18.68 -95.86
C CYS K 267 42.19 20.20 -95.85
N ALA K 268 42.17 20.76 -94.65
CA ALA K 268 42.14 22.21 -94.47
C ALA K 268 43.41 22.81 -95.05
N GLY K 269 43.26 23.81 -95.90
CA GLY K 269 44.37 24.42 -96.60
C GLY K 269 44.31 24.16 -98.10
N GLY K 270 44.98 25.02 -98.84
CA GLY K 270 44.99 24.93 -100.28
C GLY K 270 45.96 23.89 -100.82
N TYR K 271 45.70 22.62 -100.50
CA TYR K 271 46.59 21.53 -100.88
C TYR K 271 45.84 20.21 -100.72
N TYR K 272 46.34 19.19 -101.42
CA TYR K 272 45.73 17.87 -101.43
C TYR K 272 46.82 16.80 -101.35
N VAL K 273 46.40 15.56 -101.08
CA VAL K 273 47.30 14.42 -101.02
C VAL K 273 46.72 13.29 -101.87
N TYR K 274 47.59 12.37 -102.29
CA TYR K 274 47.21 11.27 -103.16
C TYR K 274 47.96 10.01 -102.75
N ASN K 275 47.33 8.86 -102.99
CA ASN K 275 47.96 7.56 -102.78
C ASN K 275 48.54 7.10 -104.12
N LEU K 276 49.76 7.55 -104.40
CA LEU K 276 50.40 7.32 -105.70
C LEU K 276 50.92 5.89 -105.74
N THR K 277 50.31 5.05 -106.58
CA THR K 277 50.69 3.66 -106.70
C THR K 277 51.63 3.47 -107.88
N ALA K 278 52.07 2.23 -108.08
CA ALA K 278 52.90 1.89 -109.22
C ALA K 278 52.03 1.66 -110.45
N PRO K 279 52.29 2.35 -111.57
CA PRO K 279 51.50 2.11 -112.77
C PRO K 279 51.74 0.71 -113.30
N PRO K 280 50.84 0.19 -114.15
CA PRO K 280 51.04 -1.17 -114.67
C PRO K 280 52.36 -1.37 -115.38
N GLU K 281 52.89 -0.34 -116.04
CA GLU K 281 54.16 -0.42 -116.74
C GLU K 281 54.81 0.95 -116.79
N CYS K 282 56.11 0.97 -117.08
CA CYS K 282 56.89 2.19 -117.14
C CYS K 282 56.45 3.05 -118.32
N HIS K 283 57.10 4.20 -118.48
CA HIS K 283 56.73 5.25 -119.43
C HIS K 283 55.36 5.84 -119.12
N LEU K 284 54.99 5.83 -117.84
CA LEU K 284 53.81 6.52 -117.32
C LEU K 284 54.22 7.33 -116.10
N ALA K 285 53.78 8.58 -116.04
CA ALA K 285 54.11 9.44 -114.92
C ALA K 285 53.02 10.50 -114.75
N TYR K 286 53.00 11.10 -113.57
CA TYR K 286 51.92 11.97 -113.15
C TYR K 286 52.17 13.41 -113.60
N CYS K 287 51.10 14.20 -113.60
CA CYS K 287 51.13 15.58 -114.06
C CYS K 287 50.63 16.52 -112.97
N THR K 288 50.95 17.80 -113.14
CA THR K 288 50.52 18.85 -112.24
C THR K 288 50.13 20.07 -113.06
N ASP K 289 48.84 20.39 -113.07
CA ASP K 289 48.35 21.58 -113.74
C ASP K 289 48.56 22.81 -112.86
N PRO K 290 48.52 24.02 -113.44
CA PRO K 290 48.64 25.23 -112.63
C PRO K 290 47.57 25.33 -111.55
N SER K 291 46.40 24.74 -111.82
CA SER K 291 45.30 24.58 -110.85
C SER K 291 44.90 25.97 -110.36
N SER K 292 44.70 26.16 -109.05
CA SER K 292 44.16 27.42 -108.53
C SER K 292 45.06 28.02 -107.46
N VAL K 293 46.35 28.14 -107.75
CA VAL K 293 47.23 28.90 -106.86
C VAL K 293 46.74 30.33 -106.73
N GLU K 294 46.06 30.84 -107.76
CA GLU K 294 45.36 32.12 -107.62
C GLU K 294 44.24 32.04 -106.60
N GLY K 295 43.46 30.95 -106.64
CA GLY K 295 42.41 30.73 -105.67
C GLY K 295 42.96 30.52 -104.28
N THR K 296 42.77 31.50 -103.41
CA THR K 296 43.38 31.52 -102.09
C THR K 296 42.31 31.33 -101.01
N CYS K 297 42.78 31.13 -99.77
CA CYS K 297 41.91 31.00 -98.62
C CYS K 297 42.04 32.14 -97.62
N GLU K 298 43.12 32.92 -97.69
CA GLU K 298 43.30 34.03 -96.75
C GLU K 298 42.20 35.08 -96.89
N GLU K 299 41.59 35.19 -98.07
CA GLU K 299 40.49 36.12 -98.27
C GLU K 299 39.29 35.78 -97.40
N CYS K 300 39.21 34.55 -96.89
CA CYS K 300 38.18 34.19 -95.92
C CYS K 300 38.49 34.83 -94.57
N SER K 301 37.46 35.40 -93.94
CA SER K 301 37.62 36.07 -92.66
C SER K 301 37.78 35.05 -91.54
N ILE K 302 38.07 35.55 -90.34
CA ILE K 302 38.41 34.71 -89.20
C ILE K 302 37.31 33.73 -88.81
N ASP K 303 36.05 34.13 -88.88
CA ASP K 303 34.94 33.24 -88.57
C ASP K 303 34.45 32.47 -89.79
N GLU K 304 35.20 32.50 -90.88
CA GLU K 304 34.82 31.83 -92.13
C GLU K 304 35.78 30.67 -92.36
N ASP K 305 35.27 29.45 -92.22
CA ASP K 305 36.09 28.26 -92.40
C ASP K 305 36.57 28.14 -93.83
N CYS K 306 37.67 27.39 -94.01
CA CYS K 306 38.26 27.17 -95.33
C CYS K 306 37.55 26.00 -96.02
N LYS K 307 36.24 26.17 -96.19
CA LYS K 307 35.44 25.15 -96.84
C LYS K 307 35.63 25.20 -98.35
N SER K 308 35.18 24.13 -99.01
CA SER K 308 35.30 24.01 -100.46
C SER K 308 34.03 23.36 -101.02
N ASN K 309 33.75 23.63 -102.29
CA ASN K 309 32.62 23.05 -103.00
C ASN K 309 33.12 22.56 -104.35
N ASN K 310 33.27 21.24 -104.50
CA ASN K 310 33.75 20.62 -105.73
C ASN K 310 35.12 21.15 -106.12
N GLY K 311 35.99 21.35 -105.12
CA GLY K 311 37.37 21.73 -105.35
C GLY K 311 37.64 23.23 -105.37
N ARG K 312 36.61 24.06 -105.32
CA ARG K 312 36.78 25.51 -105.31
C ARG K 312 36.55 26.03 -103.90
N TRP K 313 37.47 26.85 -103.40
CA TRP K 313 37.47 27.27 -102.01
C TRP K 313 36.56 28.46 -101.81
N HIS K 314 35.70 28.38 -100.79
CA HIS K 314 34.80 29.46 -100.42
C HIS K 314 34.87 29.69 -98.91
N CYS K 315 34.22 30.75 -98.46
CA CYS K 315 34.25 31.14 -97.04
C CYS K 315 32.89 30.87 -96.41
N GLN K 316 32.74 29.65 -95.92
CA GLN K 316 31.55 29.27 -95.17
C GLN K 316 31.70 29.72 -93.72
N CYS K 317 30.80 30.58 -93.27
CA CYS K 317 30.89 31.11 -91.91
C CYS K 317 30.55 30.02 -90.91
N LYS K 318 30.53 30.36 -89.63
CA LYS K 318 30.19 29.40 -88.59
C LYS K 318 28.80 28.83 -88.82
N GLN K 319 28.71 27.50 -88.75
CA GLN K 319 27.39 26.87 -88.77
C GLN K 319 26.61 27.20 -87.51
N ASP K 320 27.30 27.40 -86.39
CA ASP K 320 26.64 27.83 -85.17
C ASP K 320 26.01 29.21 -85.34
N PHE K 321 26.54 30.02 -86.26
CA PHE K 321 25.91 31.29 -86.61
C PHE K 321 24.69 31.02 -87.47
N ASN K 322 23.59 30.62 -86.84
CA ASN K 322 22.36 30.28 -87.56
C ASN K 322 21.15 30.81 -86.81
N ILE K 323 20.49 31.81 -87.41
CA ILE K 323 19.30 32.45 -86.86
C ILE K 323 18.18 32.29 -87.87
N THR K 324 17.01 31.86 -87.39
CA THR K 324 15.88 31.65 -88.28
C THR K 324 15.01 32.89 -88.39
N ASP K 325 14.55 33.42 -87.26
CA ASP K 325 13.64 34.56 -87.25
C ASP K 325 14.39 35.85 -87.59
N ILE K 326 13.68 36.97 -87.55
CA ILE K 326 14.25 38.27 -87.87
C ILE K 326 14.47 39.12 -86.63
N SER K 327 13.64 38.97 -85.59
CA SER K 327 13.80 39.77 -84.38
C SER K 327 15.15 39.58 -83.72
N LEU K 328 15.74 38.38 -83.82
CA LEU K 328 17.03 38.11 -83.21
C LEU K 328 18.20 38.68 -84.01
N LEU K 329 17.93 39.41 -85.09
CA LEU K 329 18.99 39.98 -85.91
C LEU K 329 19.88 40.91 -85.08
N GLU K 330 21.19 40.75 -85.25
CA GLU K 330 22.15 41.57 -84.54
C GLU K 330 22.22 42.95 -85.18
N HIS K 331 22.31 43.97 -84.33
CA HIS K 331 22.38 45.36 -84.79
C HIS K 331 23.33 46.11 -83.87
N ARG K 332 24.36 46.73 -84.46
CA ARG K 332 25.33 47.51 -83.71
C ARG K 332 25.28 48.96 -84.16
N LEU K 333 24.57 49.79 -83.39
CA LEU K 333 24.45 51.22 -83.69
C LEU K 333 25.38 51.98 -82.77
N GLU K 334 26.26 52.78 -83.35
CA GLU K 334 27.07 53.73 -82.59
C GLU K 334 26.58 55.14 -82.94
N CYS K 335 26.29 55.92 -81.91
CA CYS K 335 25.78 57.28 -82.10
C CYS K 335 26.95 58.24 -81.91
N GLY K 336 27.82 58.31 -82.91
CA GLY K 336 28.99 59.17 -82.84
C GLY K 336 28.61 60.63 -82.77
N ALA K 337 29.56 61.42 -82.26
CA ALA K 337 29.31 62.84 -82.06
C ALA K 337 28.99 63.53 -83.38
N ASN K 338 29.74 63.21 -84.44
CA ASN K 338 29.55 63.83 -85.74
C ASN K 338 28.71 63.00 -86.68
N ASP K 339 28.94 61.68 -86.74
CA ASP K 339 28.24 60.82 -87.68
C ASP K 339 27.56 59.68 -86.93
N MET K 340 26.56 59.12 -87.58
CA MET K 340 25.83 57.97 -87.07
C MET K 340 26.01 56.80 -88.03
N LYS K 341 26.10 55.59 -87.48
CA LYS K 341 26.20 54.40 -88.31
C LYS K 341 25.57 53.22 -87.61
N VAL K 342 25.07 52.27 -88.41
CA VAL K 342 24.54 51.02 -87.93
C VAL K 342 25.29 49.90 -88.63
N SER K 343 25.64 48.86 -87.87
CA SER K 343 26.50 47.80 -88.35
C SER K 343 25.82 46.45 -88.14
N LEU K 344 25.91 45.59 -89.15
CA LEU K 344 25.29 44.29 -89.11
C LEU K 344 26.28 43.23 -89.55
N GLY K 345 26.35 42.13 -88.81
CA GLY K 345 27.20 41.02 -89.16
C GLY K 345 26.82 40.37 -90.48
N LYS K 346 27.79 40.21 -91.37
CA LYS K 346 27.50 39.63 -92.67
C LYS K 346 27.17 38.14 -92.57
N CYS K 347 27.81 37.44 -91.62
CA CYS K 347 27.54 36.02 -91.46
C CYS K 347 26.11 35.77 -91.01
N GLN K 348 25.61 36.59 -90.09
CA GLN K 348 24.25 36.41 -89.59
C GLN K 348 23.22 36.62 -90.69
N LEU K 349 23.39 37.68 -91.49
CA LEU K 349 22.45 37.92 -92.57
C LEU K 349 22.57 36.88 -93.68
N LYS K 350 23.78 36.38 -93.94
CA LYS K 350 23.94 35.32 -94.92
C LYS K 350 23.22 34.05 -94.46
N SER K 351 23.36 33.70 -93.17
CA SER K 351 22.62 32.57 -92.63
C SER K 351 21.11 32.86 -92.61
N LEU K 352 20.74 34.15 -92.57
CA LEU K 352 19.34 34.53 -92.59
C LEU K 352 18.71 34.29 -93.95
N GLY K 353 19.50 33.96 -94.97
CA GLY K 353 18.98 33.65 -96.28
C GLY K 353 19.24 34.74 -97.31
N PHE K 354 20.08 35.70 -96.95
CA PHE K 354 20.37 36.84 -97.82
C PHE K 354 21.77 36.67 -98.39
N ASP K 355 21.84 36.30 -99.67
CA ASP K 355 23.14 36.23 -100.34
C ASP K 355 23.79 37.60 -100.42
N LYS K 356 23.06 38.59 -100.93
CA LYS K 356 23.52 39.97 -100.94
C LYS K 356 22.40 40.86 -100.44
N VAL K 357 22.73 41.75 -99.52
CA VAL K 357 21.75 42.62 -98.88
C VAL K 357 21.80 44.00 -99.51
N PHE K 358 20.67 44.70 -99.44
CA PHE K 358 20.51 46.03 -100.03
C PHE K 358 20.04 46.96 -98.92
N MET K 359 20.91 47.90 -98.56
CA MET K 359 20.68 48.79 -97.42
C MET K 359 20.30 50.16 -97.95
N TYR K 360 19.18 50.68 -97.49
CA TYR K 360 18.68 51.93 -98.04
C TYR K 360 17.98 52.74 -96.95
N LEU K 361 18.40 53.98 -96.81
CA LEU K 361 17.85 54.90 -95.82
C LEU K 361 16.54 55.45 -96.36
N SER K 362 16.05 56.54 -95.76
CA SER K 362 14.93 57.26 -96.36
C SER K 362 15.24 57.65 -97.79
N ASP K 363 16.51 57.86 -98.11
CA ASP K 363 16.97 58.07 -99.47
C ASP K 363 17.83 56.89 -99.89
N SER K 364 17.61 56.39 -101.10
CA SER K 364 18.36 55.26 -101.60
C SER K 364 19.81 55.60 -101.91
N ARG K 365 20.16 56.89 -101.99
CA ARG K 365 21.55 57.26 -102.20
C ARG K 365 22.45 56.81 -101.06
N CYS K 366 21.90 56.59 -99.88
CA CYS K 366 22.68 56.08 -98.75
C CYS K 366 22.73 54.55 -98.78
N SER K 367 23.23 54.00 -99.88
CA SER K 367 23.36 52.56 -100.01
C SER K 367 24.46 52.04 -99.09
N GLY K 368 24.26 50.84 -98.57
CA GLY K 368 25.19 50.29 -97.61
C GLY K 368 26.50 49.87 -98.24
N PHE K 369 27.55 49.86 -97.41
CA PHE K 369 28.88 49.42 -97.83
C PHE K 369 29.44 48.47 -96.79
N ASN K 370 30.66 47.98 -97.00
CA ASN K 370 31.28 47.03 -96.08
C ASN K 370 32.46 47.68 -95.37
N ASP K 371 32.63 47.31 -94.10
CA ASP K 371 33.75 47.77 -93.29
C ASP K 371 34.05 46.69 -92.26
N ARG K 372 35.31 46.56 -91.90
CA ARG K 372 35.75 45.51 -90.97
C ARG K 372 36.50 46.15 -89.82
N ASP K 373 36.05 45.86 -88.59
CA ASP K 373 36.77 46.22 -87.38
C ASP K 373 37.19 45.00 -86.57
N ASN K 374 36.31 44.01 -86.43
CA ASN K 374 36.69 42.72 -85.87
C ASN K 374 36.13 41.53 -86.65
N ARG K 375 35.14 41.74 -87.52
CA ARG K 375 34.63 40.68 -88.39
C ARG K 375 34.07 41.35 -89.64
N ASP K 376 33.47 40.54 -90.52
CA ASP K 376 32.85 41.06 -91.73
C ASP K 376 31.58 41.81 -91.36
N TRP K 377 31.67 43.13 -91.29
CA TRP K 377 30.53 43.99 -91.00
C TRP K 377 30.09 44.70 -92.28
N VAL K 378 28.79 44.86 -92.44
CA VAL K 378 28.23 45.66 -93.51
C VAL K 378 27.39 46.76 -92.87
N SER K 379 27.59 48.00 -93.30
CA SER K 379 27.15 49.13 -92.50
C SER K 379 26.72 50.28 -93.38
N VAL K 380 25.95 51.19 -92.78
CA VAL K 380 25.54 52.45 -93.39
C VAL K 380 25.98 53.57 -92.45
N VAL K 381 26.33 54.72 -93.02
CA VAL K 381 26.71 55.89 -92.25
C VAL K 381 25.89 57.08 -92.74
N THR K 382 25.31 57.81 -91.80
CA THR K 382 24.52 58.99 -92.11
C THR K 382 24.95 60.12 -91.19
N PRO K 383 25.20 61.31 -91.71
CA PRO K 383 25.58 62.44 -90.85
C PRO K 383 24.49 62.77 -89.84
N ALA K 384 24.91 63.18 -88.65
CA ALA K 384 23.98 63.53 -87.58
C ALA K 384 23.50 64.97 -87.76
N ARG K 385 22.53 65.13 -88.65
CA ARG K 385 21.93 66.42 -88.92
C ARG K 385 20.49 66.22 -89.35
N ASP K 386 19.85 67.32 -89.75
CA ASP K 386 18.46 67.29 -90.22
C ASP K 386 18.45 67.45 -91.73
N GLY K 387 18.22 66.34 -92.44
CA GLY K 387 18.13 66.37 -93.88
C GLY K 387 19.27 65.84 -94.74
N PRO K 388 20.49 65.59 -94.19
CA PRO K 388 21.56 65.12 -95.09
C PRO K 388 21.22 63.83 -95.83
N CYS K 389 20.53 62.91 -95.17
CA CYS K 389 20.01 61.72 -95.84
C CYS K 389 18.59 61.45 -95.34
N GLY K 390 17.82 62.52 -95.18
CA GLY K 390 16.45 62.40 -94.72
C GLY K 390 16.28 62.13 -93.24
N THR K 391 17.34 62.27 -92.46
CA THR K 391 17.23 62.04 -91.02
C THR K 391 16.38 63.14 -90.39
N VAL K 392 15.41 62.73 -89.58
CA VAL K 392 14.49 63.69 -88.97
C VAL K 392 14.96 64.02 -87.56
N LEU K 393 14.98 65.31 -87.25
CA LEU K 393 15.37 65.81 -85.95
C LEU K 393 14.12 66.35 -85.24
N THR K 394 13.88 65.84 -84.03
CA THR K 394 12.76 66.29 -83.21
C THR K 394 13.29 66.49 -81.80
N ARG K 395 13.60 67.73 -81.48
CA ARG K 395 14.25 68.09 -80.22
C ARG K 395 13.20 68.51 -79.20
N ASN K 396 13.13 67.79 -78.08
CA ASN K 396 12.29 68.20 -76.98
C ASN K 396 13.15 68.96 -75.98
N GLU K 397 12.54 69.40 -74.87
CA GLU K 397 13.25 70.27 -73.94
C GLU K 397 14.54 69.67 -73.41
N THR K 398 14.62 68.34 -73.31
CA THR K 398 15.79 67.69 -72.72
C THR K 398 16.79 67.20 -73.75
N HIS K 399 16.34 66.55 -74.82
CA HIS K 399 17.22 65.87 -75.74
C HIS K 399 16.88 66.23 -77.18
N ALA K 400 17.81 65.87 -78.08
CA ALA K 400 17.65 66.07 -79.51
C ALA K 400 17.92 64.74 -80.20
N THR K 401 16.90 64.19 -80.83
CA THR K 401 16.98 62.86 -81.42
C THR K 401 17.17 62.96 -82.93
N TYR K 402 17.87 61.98 -83.49
CA TYR K 402 18.05 61.83 -84.93
C TYR K 402 17.46 60.49 -85.34
N SER K 403 16.37 60.53 -86.11
CA SER K 403 15.62 59.34 -86.47
C SER K 403 15.70 59.12 -87.97
N ASN K 404 16.12 57.92 -88.37
CA ASN K 404 16.06 57.50 -89.75
C ASN K 404 15.74 56.02 -89.78
N THR K 405 15.19 55.54 -90.89
CA THR K 405 14.83 54.15 -91.02
C THR K 405 15.69 53.47 -92.07
N LEU K 406 16.05 52.22 -91.80
CA LEU K 406 16.91 51.43 -92.67
C LEU K 406 16.10 50.33 -93.33
N TYR K 407 16.38 50.08 -94.61
CA TYR K 407 15.64 49.10 -95.39
C TYR K 407 16.59 48.01 -95.84
N LEU K 408 16.20 46.76 -95.59
CA LEU K 408 16.99 45.61 -95.97
C LEU K 408 16.19 44.70 -96.90
N ALA K 409 16.86 44.19 -97.93
CA ALA K 409 16.27 43.24 -98.85
C ALA K 409 17.39 42.48 -99.54
N ASP K 410 17.13 41.23 -99.88
CA ASP K 410 18.12 40.40 -100.56
C ASP K 410 18.03 40.47 -102.08
N GLU K 411 17.22 41.37 -102.63
CA GLU K 411 17.30 41.72 -104.04
C GLU K 411 16.74 43.13 -104.22
N ILE K 412 16.63 43.56 -105.47
CA ILE K 412 16.20 44.93 -105.76
C ILE K 412 14.72 45.10 -105.43
N ILE K 413 13.89 44.12 -105.77
CA ILE K 413 12.45 44.22 -105.59
C ILE K 413 12.00 43.22 -104.53
N ILE K 414 11.27 43.71 -103.55
CA ILE K 414 10.79 42.88 -102.44
C ILE K 414 9.45 42.28 -102.83
N ARG K 415 9.24 41.02 -102.44
CA ARG K 415 7.98 40.35 -102.66
C ARG K 415 7.34 39.81 -101.39
N ASP K 416 8.08 39.74 -100.29
CA ASP K 416 7.53 39.27 -99.02
C ASP K 416 8.47 39.69 -97.90
N LEU K 417 7.90 39.85 -96.71
CA LEU K 417 8.65 40.17 -95.50
C LEU K 417 9.44 41.47 -95.66
N ASN K 418 8.69 42.57 -95.80
CA ASN K 418 9.30 43.88 -95.85
C ASN K 418 10.03 44.19 -94.56
N ILE K 419 11.27 44.68 -94.68
CA ILE K 419 12.14 44.94 -93.55
C ILE K 419 12.21 46.44 -93.32
N LYS K 420 11.97 46.86 -92.08
CA LYS K 420 12.10 48.25 -91.68
C LYS K 420 12.82 48.31 -90.34
N ILE K 421 13.97 48.98 -90.32
CA ILE K 421 14.78 49.14 -89.12
C ILE K 421 14.57 50.56 -88.62
N ASN K 422 13.72 50.70 -87.61
CA ASN K 422 13.43 52.00 -87.02
C ASN K 422 14.51 52.30 -85.99
N PHE K 423 15.56 53.00 -86.40
CA PHE K 423 16.67 53.31 -85.52
C PHE K 423 16.72 54.80 -85.25
N ALA K 424 17.10 55.16 -84.02
CA ALA K 424 17.20 56.56 -83.63
C ALA K 424 18.01 56.70 -82.35
N CYS K 425 18.91 57.67 -82.31
CA CYS K 425 19.67 57.97 -81.11
C CYS K 425 19.59 59.47 -80.83
N SER K 426 19.58 59.81 -79.55
CA SER K 426 19.40 61.18 -79.11
C SER K 426 20.62 61.66 -78.33
N TYR K 427 20.84 62.97 -78.35
CA TYR K 427 21.91 63.66 -77.66
C TYR K 427 21.33 64.58 -76.58
N PRO K 428 21.95 64.65 -75.41
CA PRO K 428 21.51 65.60 -74.40
C PRO K 428 21.86 67.03 -74.79
N LEU K 429 21.09 67.96 -74.23
CA LEU K 429 21.30 69.38 -74.48
C LEU K 429 22.24 70.04 -73.49
N ASP K 430 22.46 69.43 -72.33
CA ASP K 430 23.31 70.00 -71.29
C ASP K 430 24.49 69.08 -71.05
N MET K 431 25.64 69.67 -70.70
CA MET K 431 26.86 68.92 -70.46
C MET K 431 27.83 69.76 -69.66
N LYS K 432 28.79 69.08 -69.02
CA LYS K 432 29.76 69.70 -68.13
C LYS K 432 31.13 69.68 -68.77
N VAL K 433 31.91 70.73 -68.54
CA VAL K 433 33.19 70.89 -69.21
C VAL K 433 34.13 71.74 -68.35
N SER K 434 35.42 71.40 -68.38
CA SER K 434 36.41 72.06 -67.54
C SER K 434 37.77 71.95 -68.20
N LEU K 435 38.70 72.81 -67.77
CA LEU K 435 40.08 72.72 -68.23
C LEU K 435 40.73 71.44 -67.73
N LYS K 436 41.74 70.98 -68.48
CA LYS K 436 42.64 69.93 -68.04
C LYS K 436 44.00 70.47 -67.62
N THR K 437 44.19 71.79 -67.67
CA THR K 437 45.43 72.43 -67.27
C THR K 437 45.22 73.19 -65.98
N ALA K 438 46.07 72.93 -64.99
CA ALA K 438 45.95 73.57 -63.69
C ALA K 438 46.35 75.03 -63.78
N LEU K 439 45.77 75.85 -62.90
CA LEU K 439 46.08 77.27 -62.81
C LEU K 439 46.59 77.58 -61.40
N GLN K 440 47.58 78.47 -61.33
CA GLN K 440 48.27 78.75 -60.06
C GLN K 440 48.54 80.25 -59.97
N PRO K 441 47.79 80.97 -59.14
CA PRO K 441 48.05 82.40 -58.95
C PRO K 441 49.04 82.67 -57.82
N MET K 442 49.80 83.74 -58.02
CA MET K 442 50.67 84.31 -56.99
C MET K 442 50.27 85.76 -56.81
N VAL K 443 50.13 86.18 -55.56
CA VAL K 443 49.82 87.55 -55.21
C VAL K 443 50.82 88.03 -54.18
N SER K 444 51.10 89.34 -54.19
CA SER K 444 52.03 89.90 -53.21
C SER K 444 51.54 89.60 -51.80
N ALA K 445 52.44 89.05 -50.98
CA ALA K 445 52.10 88.57 -49.66
C ALA K 445 52.90 89.28 -48.59
N LEU K 446 52.21 89.77 -47.58
CA LEU K 446 52.81 90.39 -46.41
C LEU K 446 52.53 89.51 -45.20
N ASN K 447 53.57 89.24 -44.41
CA ASN K 447 53.47 88.37 -43.25
C ASN K 447 53.71 89.18 -41.99
N ILE K 448 52.66 89.34 -41.17
CA ILE K 448 52.78 89.90 -39.84
C ILE K 448 52.90 88.74 -38.88
N ARG K 449 54.06 88.62 -38.22
CA ARG K 449 54.33 87.53 -37.29
C ARG K 449 54.10 88.02 -35.87
N VAL K 450 53.16 87.39 -35.17
CA VAL K 450 52.85 87.72 -33.79
C VAL K 450 53.03 86.46 -32.96
N GLY K 451 53.02 86.64 -31.64
CA GLY K 451 53.27 85.54 -30.73
C GLY K 451 52.61 85.75 -29.39
N GLY K 452 52.91 84.84 -28.48
CA GLY K 452 52.36 84.90 -27.14
C GLY K 452 52.83 83.73 -26.31
N THR K 453 52.33 83.68 -25.08
CA THR K 453 52.64 82.60 -24.16
C THR K 453 51.44 82.34 -23.27
N GLY K 454 51.17 81.07 -23.01
CA GLY K 454 50.05 80.69 -22.18
C GLY K 454 50.44 79.69 -21.12
N MET K 455 49.56 79.51 -20.15
CA MET K 455 49.76 78.61 -19.03
C MET K 455 48.72 77.50 -19.09
N PHE K 456 49.13 76.27 -18.82
CA PHE K 456 48.17 75.21 -18.59
C PHE K 456 47.59 75.30 -17.18
N THR K 457 46.64 74.43 -16.90
CA THR K 457 45.99 74.35 -15.60
C THR K 457 46.21 72.96 -15.02
N VAL K 458 47.04 72.89 -13.98
CA VAL K 458 47.29 71.66 -13.25
C VAL K 458 46.90 71.91 -11.80
N ARG K 459 46.12 71.00 -11.24
CA ARG K 459 45.51 71.22 -9.93
C ARG K 459 45.95 70.15 -8.94
N MET K 460 45.73 70.44 -7.67
CA MET K 460 46.19 69.62 -6.58
C MET K 460 45.04 69.45 -5.58
N ALA K 461 44.82 68.22 -5.12
CA ALA K 461 43.69 68.00 -4.24
C ALA K 461 43.92 66.77 -3.37
N LEU K 462 43.24 66.77 -2.22
CA LEU K 462 43.22 65.65 -1.29
C LEU K 462 41.93 64.87 -1.45
N PHE K 463 42.04 63.55 -1.49
CA PHE K 463 40.89 62.66 -1.53
C PHE K 463 40.57 62.18 -0.13
N GLN K 464 39.30 62.29 0.27
CA GLN K 464 38.91 62.00 1.63
C GLN K 464 38.82 60.50 1.90
N THR K 465 38.95 59.67 0.89
CA THR K 465 38.75 58.24 1.00
C THR K 465 39.94 57.50 0.40
N PRO K 466 40.13 56.24 0.76
CA PRO K 466 40.97 55.36 -0.06
C PRO K 466 40.31 55.14 -1.41
N SER K 467 41.15 54.71 -2.37
CA SER K 467 40.78 54.53 -3.77
C SER K 467 40.56 55.86 -4.48
N TYR K 468 40.86 56.99 -3.83
CA TYR K 468 40.98 58.29 -4.49
C TYR K 468 39.68 58.71 -5.15
N THR K 469 38.64 58.90 -4.33
CA THR K 469 37.31 59.09 -4.86
C THR K 469 36.75 60.50 -4.64
N GLN K 470 36.88 61.05 -3.44
CA GLN K 470 36.15 62.28 -3.18
C GLN K 470 37.08 63.39 -2.73
N PRO K 471 36.93 64.59 -3.26
CA PRO K 471 37.84 65.68 -2.93
C PRO K 471 37.46 66.39 -1.64
N TYR K 472 38.49 66.88 -0.95
CA TYR K 472 38.34 67.63 0.28
C TYR K 472 38.16 69.11 -0.05
N GLN K 473 37.06 69.70 0.42
CA GLN K 473 36.72 71.07 0.09
C GLN K 473 36.92 72.02 1.26
N GLY K 474 37.21 71.51 2.44
CA GLY K 474 37.48 72.36 3.59
C GLY K 474 38.81 73.06 3.47
N SER K 475 39.10 73.91 4.45
CA SER K 475 40.32 74.69 4.46
C SER K 475 41.45 74.05 5.24
N SER K 476 41.22 73.69 6.49
CA SER K 476 42.26 73.09 7.31
C SER K 476 41.78 71.72 7.78
N VAL K 477 42.66 70.73 7.70
CA VAL K 477 42.30 69.35 8.00
C VAL K 477 43.20 68.90 9.16
N THR K 478 42.63 68.13 10.07
CA THR K 478 43.19 67.96 11.41
C THR K 478 43.11 66.50 11.81
N LEU K 479 44.26 65.81 11.77
CA LEU K 479 44.30 64.36 11.90
C LEU K 479 45.33 63.91 12.92
N SER K 480 45.28 62.61 13.21
CA SER K 480 46.33 61.90 13.92
C SER K 480 47.42 61.49 12.94
N THR K 481 48.66 61.44 13.44
CA THR K 481 49.80 61.05 12.62
C THR K 481 49.69 59.63 12.08
N GLU K 482 49.00 58.74 12.78
CA GLU K 482 48.97 57.33 12.41
C GLU K 482 48.16 57.04 11.15
N ALA K 483 47.11 57.80 10.87
CA ALA K 483 46.25 57.52 9.74
C ALA K 483 46.99 57.78 8.43
N PHE K 484 46.35 57.44 7.32
CA PHE K 484 47.00 57.58 6.03
C PHE K 484 46.37 58.71 5.21
N LEU K 485 47.11 59.13 4.20
CA LEU K 485 46.70 60.21 3.30
C LEU K 485 46.40 59.61 1.94
N TYR K 486 45.56 60.29 1.17
CA TYR K 486 45.18 59.89 -0.18
C TYR K 486 45.07 61.17 -1.00
N VAL K 487 46.12 61.51 -1.73
CA VAL K 487 46.24 62.82 -2.35
C VAL K 487 46.60 62.62 -3.83
N GLY K 488 46.25 63.61 -4.65
CA GLY K 488 46.46 63.48 -6.08
C GLY K 488 46.55 64.80 -6.79
N THR K 489 46.80 64.70 -8.10
CA THR K 489 46.98 65.84 -8.99
C THR K 489 46.08 65.67 -10.19
N MET K 490 45.59 66.79 -10.72
CA MET K 490 44.72 66.79 -11.89
C MET K 490 45.42 67.46 -13.06
N LEU K 491 44.76 67.39 -14.22
CA LEU K 491 45.27 68.06 -15.42
C LEU K 491 44.08 68.51 -16.24
N ASP K 492 43.87 69.82 -16.33
CA ASP K 492 42.72 70.38 -17.02
C ASP K 492 43.12 71.28 -18.18
N GLY K 493 44.40 71.30 -18.56
CA GLY K 493 44.84 72.21 -19.60
C GLY K 493 44.29 71.86 -20.97
N GLY K 494 44.54 70.64 -21.42
CA GLY K 494 44.10 70.19 -22.73
C GLY K 494 45.14 69.33 -23.42
N ASP K 495 44.72 68.76 -24.54
CA ASP K 495 45.54 67.81 -25.31
C ASP K 495 46.05 66.68 -24.41
N LEU K 496 45.15 66.16 -23.59
CA LEU K 496 45.48 65.03 -22.72
C LEU K 496 45.91 63.81 -23.53
N SER K 497 45.50 63.71 -24.78
CA SER K 497 45.85 62.56 -25.60
C SER K 497 47.36 62.45 -25.80
N ARG K 498 48.02 63.58 -26.11
CA ARG K 498 49.43 63.57 -26.43
C ARG K 498 50.32 63.83 -25.22
N PHE K 499 49.78 64.37 -24.15
CA PHE K 499 50.56 64.78 -22.99
C PHE K 499 50.19 63.90 -21.80
N ALA K 500 51.18 63.54 -21.00
CA ALA K 500 50.98 62.72 -19.81
C ALA K 500 51.49 63.47 -18.60
N LEU K 501 50.68 63.55 -17.56
CA LEU K 501 51.11 64.17 -16.31
C LEU K 501 52.20 63.31 -15.67
N LEU K 502 53.38 63.91 -15.54
CA LEU K 502 54.53 63.17 -15.05
C LEU K 502 55.15 63.91 -13.88
N MET K 503 55.38 63.19 -12.79
CA MET K 503 55.82 63.79 -11.53
C MET K 503 57.34 63.73 -11.44
N THR K 504 57.95 64.88 -11.17
CA THR K 504 59.41 64.94 -11.06
C THR K 504 59.85 65.01 -9.60
N ASN K 505 59.30 65.96 -8.84
CA ASN K 505 59.80 66.22 -7.50
C ASN K 505 58.73 66.92 -6.66
N CYS K 506 58.40 66.33 -5.52
CA CYS K 506 57.49 66.94 -4.57
C CYS K 506 58.04 66.77 -3.17
N TYR K 507 57.62 67.64 -2.26
CA TYR K 507 58.18 67.65 -0.93
C TYR K 507 57.18 68.27 0.04
N ALA K 508 57.58 68.29 1.31
CA ALA K 508 56.80 68.89 2.39
C ALA K 508 57.65 69.95 3.07
N THR K 509 57.03 71.09 3.36
CA THR K 509 57.65 72.14 4.13
C THR K 509 56.70 72.57 5.24
N PRO K 510 57.22 73.07 6.35
CA PRO K 510 56.33 73.47 7.45
C PRO K 510 55.60 74.77 7.18
N SER K 511 55.81 75.36 6.00
CA SER K 511 55.23 76.65 5.67
C SER K 511 54.64 76.62 4.27
N SER K 512 53.68 77.51 4.03
CA SER K 512 53.12 77.66 2.70
C SER K 512 54.18 78.08 1.68
N ASN K 513 55.27 78.67 2.17
CA ASN K 513 56.41 78.95 1.32
C ASN K 513 56.97 77.65 0.74
N ALA K 514 57.00 77.57 -0.59
CA ALA K 514 57.52 76.38 -1.25
C ALA K 514 59.03 76.26 -1.16
N THR K 515 59.75 77.37 -1.16
CA THR K 515 61.21 77.37 -1.20
C THR K 515 61.84 77.37 0.19
N ASP K 516 61.16 76.80 1.19
CA ASP K 516 61.76 76.67 2.50
C ASP K 516 62.98 75.74 2.41
N PRO K 517 64.12 76.14 2.96
CA PRO K 517 65.34 75.32 2.83
C PRO K 517 65.17 73.90 3.36
N LEU K 518 64.44 73.72 4.45
CA LEU K 518 64.09 72.39 4.93
C LEU K 518 63.04 71.82 4.00
N LYS K 519 63.32 70.66 3.41
CA LYS K 519 62.41 70.01 2.50
C LYS K 519 62.43 68.51 2.77
N TYR K 520 61.25 67.94 3.03
CA TYR K 520 61.09 66.49 3.10
C TYR K 520 60.48 66.03 1.79
N PHE K 521 61.33 65.54 0.89
CA PHE K 521 60.96 65.15 -0.46
C PHE K 521 60.09 63.91 -0.42
N ILE K 522 58.80 64.06 -0.72
CA ILE K 522 57.91 62.90 -0.76
C ILE K 522 58.25 62.01 -1.95
N ILE K 523 58.48 62.60 -3.11
CA ILE K 523 58.81 61.86 -4.33
C ILE K 523 60.09 62.46 -4.90
N GLN K 524 61.20 61.74 -4.76
CA GLN K 524 62.52 62.22 -5.16
C GLN K 524 62.88 61.69 -6.53
N ASP K 525 63.15 62.62 -7.45
CA ASP K 525 63.64 62.31 -8.79
C ASP K 525 62.75 61.27 -9.48
N ARG K 526 61.49 61.65 -9.64
CA ARG K 526 60.52 60.91 -10.46
C ARG K 526 60.19 59.56 -9.82
N CYS K 527 60.65 59.34 -8.59
CA CYS K 527 60.40 58.08 -7.92
C CYS K 527 60.18 58.28 -6.43
N PRO K 528 59.35 57.45 -5.80
CA PRO K 528 59.18 57.54 -4.34
C PRO K 528 60.38 56.97 -3.62
N HIS K 529 60.58 57.41 -2.37
CA HIS K 529 61.62 56.81 -1.54
C HIS K 529 61.32 55.36 -1.23
N THR K 530 62.28 54.50 -1.49
CA THR K 530 62.31 53.16 -0.91
C THR K 530 62.73 53.18 0.54
N ARG K 531 63.56 54.16 0.94
CA ARG K 531 63.99 54.26 2.32
C ARG K 531 62.82 54.44 3.28
N ASP K 532 61.73 55.04 2.82
CA ASP K 532 60.51 55.12 3.60
C ASP K 532 59.52 54.09 3.06
N SER K 533 59.06 53.20 3.94
CA SER K 533 58.19 52.11 3.49
C SER K 533 56.78 52.59 3.19
N THR K 534 56.29 53.58 3.93
CA THR K 534 54.90 53.99 3.85
C THR K 534 54.60 54.85 2.63
N ILE K 535 55.57 55.09 1.75
CA ILE K 535 55.37 55.89 0.55
C ILE K 535 55.06 54.96 -0.60
N GLN K 536 53.89 55.15 -1.22
CA GLN K 536 53.51 54.35 -2.38
C GLN K 536 52.79 55.22 -3.38
N VAL K 537 52.91 54.88 -4.66
CA VAL K 537 52.21 55.57 -5.74
C VAL K 537 51.29 54.57 -6.43
N VAL K 538 50.38 55.10 -7.24
CA VAL K 538 49.48 54.29 -8.04
C VAL K 538 49.76 54.47 -9.54
N GLU K 539 50.16 55.67 -9.94
CA GLU K 539 50.41 55.99 -11.34
C GLU K 539 51.27 57.24 -11.43
N ASN K 540 52.39 57.14 -12.15
CA ASN K 540 53.25 58.27 -12.45
C ASN K 540 53.57 58.24 -13.94
N GLY K 541 53.21 59.31 -14.65
CA GLY K 541 53.39 59.36 -16.08
C GLY K 541 52.44 58.47 -16.85
N GLU K 542 51.57 57.73 -16.16
CA GLU K 542 50.70 56.78 -16.83
C GLU K 542 49.55 57.48 -17.55
N SER K 543 49.01 58.53 -16.94
CA SER K 543 47.90 59.27 -17.53
C SER K 543 48.07 60.75 -17.16
N SER K 544 47.03 61.53 -17.38
CA SER K 544 47.00 62.92 -16.96
C SER K 544 46.66 63.09 -15.49
N GLN K 545 46.67 62.02 -14.71
CA GLN K 545 46.30 62.06 -13.30
C GLN K 545 47.37 61.36 -12.48
N GLY K 546 47.96 62.10 -11.55
CA GLY K 546 49.03 61.57 -10.71
C GLY K 546 48.61 61.53 -9.26
N ARG K 547 48.50 60.32 -8.72
CA ARG K 547 47.98 60.13 -7.37
C ARG K 547 48.95 59.28 -6.56
N PHE K 548 48.97 59.53 -5.26
CA PHE K 548 49.87 58.81 -4.37
C PHE K 548 49.36 58.95 -2.94
N SER K 549 49.82 58.04 -2.08
CA SER K 549 49.36 57.96 -0.70
C SER K 549 50.56 57.74 0.22
N VAL K 550 50.43 58.18 1.47
CA VAL K 550 51.50 58.07 2.46
C VAL K 550 50.90 58.31 3.84
N GLN K 551 51.48 57.65 4.85
CA GLN K 551 51.10 57.90 6.23
C GLN K 551 51.55 59.28 6.67
N MET K 552 50.77 59.91 7.54
CA MET K 552 51.09 61.25 8.01
C MET K 552 52.32 61.22 8.91
N PHE K 553 53.05 62.34 8.91
CA PHE K 553 54.20 62.57 9.77
C PHE K 553 54.12 64.01 10.30
N ARG K 554 55.12 64.38 11.10
CA ARG K 554 55.21 65.75 11.60
C ARG K 554 56.66 66.20 11.53
N PHE K 555 56.88 67.43 11.08
CA PHE K 555 58.22 68.00 11.11
C PHE K 555 58.66 68.19 12.55
N ALA K 556 59.83 67.63 12.88
CA ALA K 556 60.40 67.84 14.20
C ALA K 556 60.74 69.31 14.39
N GLY K 557 60.49 69.81 15.59
CA GLY K 557 60.72 71.21 15.87
C GLY K 557 59.46 71.94 16.28
N ASN K 558 59.54 73.26 16.41
CA ASN K 558 58.37 74.08 16.75
C ASN K 558 57.55 74.33 15.49
N TYR K 559 57.08 73.24 14.90
CA TYR K 559 56.37 73.27 13.62
C TYR K 559 55.08 72.47 13.76
N ASP K 560 53.94 73.13 13.61
CA ASP K 560 52.65 72.50 13.86
C ASP K 560 51.78 72.42 12.61
N LEU K 561 52.27 72.85 11.46
CA LEU K 561 51.50 72.80 10.23
C LEU K 561 52.34 72.19 9.12
N VAL K 562 51.68 71.46 8.24
CA VAL K 562 52.34 70.69 7.19
C VAL K 562 51.85 71.18 5.84
N TYR K 563 52.78 71.45 4.94
CA TYR K 563 52.48 71.89 3.59
C TYR K 563 53.13 70.95 2.58
N LEU K 564 52.69 71.03 1.33
CA LEU K 564 53.20 70.18 0.28
C LEU K 564 53.35 70.97 -1.01
N HIS K 565 54.51 70.85 -1.64
CA HIS K 565 54.77 71.54 -2.90
C HIS K 565 55.36 70.56 -3.90
N CYS K 566 54.72 70.44 -5.05
CA CYS K 566 55.09 69.50 -6.10
C CYS K 566 55.42 70.26 -7.38
N GLU K 567 56.33 69.69 -8.18
CA GLU K 567 56.64 70.22 -9.50
C GLU K 567 56.44 69.12 -10.53
N VAL K 568 55.83 69.48 -11.65
CA VAL K 568 55.40 68.52 -12.67
C VAL K 568 56.07 68.84 -13.99
N TYR K 569 56.40 67.81 -14.76
CA TYR K 569 56.91 67.95 -16.11
C TYR K 569 56.06 67.08 -17.03
N LEU K 570 55.30 67.71 -17.92
CA LEU K 570 54.53 66.94 -18.87
C LEU K 570 55.44 66.36 -19.94
N CYS K 571 55.05 65.20 -20.46
CA CYS K 571 55.85 64.44 -21.40
C CYS K 571 54.99 64.00 -22.58
N ASP K 572 55.64 63.89 -23.73
CA ASP K 572 54.97 63.34 -24.91
C ASP K 572 54.77 61.84 -24.73
N THR K 573 53.56 61.37 -24.97
CA THR K 573 53.26 59.95 -24.80
C THR K 573 53.91 59.12 -25.88
N MET K 574 54.30 59.74 -26.99
CA MET K 574 54.84 59.02 -28.14
C MET K 574 56.27 59.41 -28.50
N ASN K 575 56.65 60.67 -28.32
CA ASN K 575 57.99 61.09 -28.72
C ASN K 575 59.05 60.51 -27.79
N GLU K 576 58.67 60.14 -26.58
CA GLU K 576 59.56 59.51 -25.61
C GLU K 576 58.75 58.68 -24.65
N LYS K 577 59.43 57.77 -23.94
CA LYS K 577 58.79 56.89 -22.97
C LYS K 577 58.77 57.58 -21.62
N CYS K 578 57.58 57.69 -21.04
CA CYS K 578 57.38 58.45 -19.81
C CYS K 578 57.47 57.61 -18.54
N LYS K 579 57.40 56.30 -18.63
CA LYS K 579 57.32 55.49 -17.41
C LYS K 579 58.63 55.52 -16.64
N PRO K 580 58.64 56.02 -15.40
CA PRO K 580 59.84 55.88 -14.57
C PRO K 580 59.78 54.62 -13.72
N THR K 581 60.88 53.87 -13.68
CA THR K 581 60.97 52.67 -12.86
C THR K 581 62.28 52.73 -12.09
N CYS K 582 62.19 52.77 -10.76
CA CYS K 582 63.36 52.87 -9.90
C CYS K 582 63.48 51.62 -9.05
N SER K 583 64.72 51.30 -8.67
CA SER K 583 65.00 50.17 -7.80
C SER K 583 66.30 50.44 -7.05
N GLY K 584 66.47 49.75 -5.92
CA GLY K 584 67.65 49.92 -5.11
C GLY K 584 68.92 49.43 -5.77
N ALA L 445 6.18 68.83 -167.94
CA ALA L 445 5.51 68.61 -166.67
C ALA L 445 6.30 69.23 -165.52
N LEU L 446 5.59 69.68 -164.49
CA LEU L 446 6.19 70.30 -163.32
C LEU L 446 5.87 69.43 -162.10
N ASN L 447 6.90 69.14 -161.30
CA ASN L 447 6.77 68.28 -160.14
C ASN L 447 7.00 69.11 -158.88
N ILE L 448 6.05 69.02 -157.94
CA ILE L 448 6.15 69.66 -156.64
C ILE L 448 6.28 68.56 -155.59
N ARG L 449 7.39 68.56 -154.86
CA ARG L 449 7.68 67.54 -153.87
C ARG L 449 7.43 68.09 -152.47
N VAL L 450 6.60 67.38 -151.70
CA VAL L 450 6.28 67.74 -150.33
C VAL L 450 6.51 66.53 -149.44
N GLY L 451 6.62 66.77 -148.15
CA GLY L 451 6.89 65.72 -147.20
C GLY L 451 6.15 65.94 -145.90
N GLY L 452 6.42 65.06 -144.93
CA GLY L 452 5.78 65.15 -143.63
C GLY L 452 6.20 63.99 -142.77
N THR L 453 5.59 63.93 -141.59
CA THR L 453 5.86 62.86 -140.63
C THR L 453 4.61 62.63 -139.79
N GLY L 454 4.38 61.37 -139.43
CA GLY L 454 3.23 61.02 -138.61
C GLY L 454 3.60 59.97 -137.59
N MET L 455 2.71 59.80 -136.62
CA MET L 455 2.89 58.86 -135.52
C MET L 455 1.85 57.75 -135.62
N PHE L 456 2.29 56.50 -135.53
CA PHE L 456 1.37 55.40 -135.24
C PHE L 456 0.78 55.57 -133.84
N THR L 457 -0.23 54.74 -133.56
CA THR L 457 -0.88 54.74 -132.25
C THR L 457 -0.82 53.33 -131.68
N VAL L 458 -0.05 53.19 -130.60
CA VAL L 458 0.11 51.92 -129.88
C VAL L 458 -0.21 52.18 -128.41
N ARG L 459 -1.01 51.30 -127.81
CA ARG L 459 -1.66 51.58 -126.55
C ARG L 459 -1.30 50.53 -125.50
N MET L 460 -1.38 50.94 -124.24
CA MET L 460 -1.11 50.09 -123.09
C MET L 460 -2.36 50.01 -122.22
N ALA L 461 -2.58 48.86 -121.58
CA ALA L 461 -3.77 48.69 -120.77
C ALA L 461 -3.58 47.60 -119.73
N LEU L 462 -4.53 47.53 -118.80
CA LEU L 462 -4.56 46.53 -117.74
C LEU L 462 -5.85 45.71 -117.86
N PHE L 463 -5.74 44.40 -117.71
CA PHE L 463 -6.87 43.50 -117.84
C PHE L 463 -7.23 42.95 -116.46
N GLN L 464 -8.49 43.16 -116.05
CA GLN L 464 -8.93 42.79 -114.71
C GLN L 464 -8.82 41.29 -114.43
N THR L 465 -9.01 40.46 -115.44
CA THR L 465 -9.18 39.03 -115.26
C THR L 465 -8.07 38.29 -116.00
N PRO L 466 -7.83 37.03 -115.65
CA PRO L 466 -7.00 36.17 -116.51
C PRO L 466 -7.64 36.02 -117.88
N SER L 467 -6.82 35.53 -118.82
CA SER L 467 -7.18 35.40 -120.23
C SER L 467 -7.35 36.74 -120.92
N TYR L 468 -7.04 37.84 -120.25
CA TYR L 468 -6.85 39.15 -120.88
C TYR L 468 -8.14 39.62 -121.56
N THR L 469 -9.17 39.82 -120.74
CA THR L 469 -10.51 40.02 -121.26
C THR L 469 -11.03 41.46 -121.14
N GLN L 470 -11.02 42.05 -119.95
CA GLN L 470 -11.60 43.37 -119.82
C GLN L 470 -10.55 44.40 -119.41
N PRO L 471 -10.57 45.58 -120.01
CA PRO L 471 -9.59 46.61 -119.67
C PRO L 471 -9.98 47.38 -118.41
N TYR L 472 -8.98 48.06 -117.85
CA TYR L 472 -9.12 48.81 -116.60
C TYR L 472 -9.41 50.26 -116.91
N GLN L 473 -10.40 50.83 -116.23
CA GLN L 473 -10.82 52.20 -116.45
C GLN L 473 -10.44 53.13 -115.30
N GLY L 474 -10.06 52.57 -114.15
CA GLY L 474 -9.65 53.38 -113.02
C GLY L 474 -8.27 53.97 -113.23
N SER L 475 -7.88 54.83 -112.28
CA SER L 475 -6.61 55.54 -112.35
C SER L 475 -5.60 55.10 -111.32
N SER L 476 -6.04 54.44 -110.24
CA SER L 476 -5.14 53.92 -109.22
C SER L 476 -5.70 52.62 -108.71
N VAL L 477 -4.87 51.57 -108.72
CA VAL L 477 -5.32 50.23 -108.38
C VAL L 477 -4.43 49.67 -107.26
N THR L 478 -5.07 49.11 -106.23
CA THR L 478 -4.38 48.61 -105.05
C THR L 478 -4.35 47.09 -105.09
N LEU L 479 -3.15 46.52 -105.02
CA LEU L 479 -2.96 45.07 -105.11
C LEU L 479 -2.10 44.58 -103.96
N SER L 480 -2.27 43.30 -103.64
CA SER L 480 -1.38 42.59 -102.74
C SER L 480 -0.31 41.89 -103.56
N THR L 481 0.86 41.69 -102.93
CA THR L 481 2.04 41.28 -103.65
C THR L 481 1.91 39.89 -104.30
N GLU L 482 1.16 38.98 -103.68
CA GLU L 482 1.04 37.62 -104.17
C GLU L 482 0.09 37.49 -105.35
N ALA L 483 -0.69 38.53 -105.65
CA ALA L 483 -1.58 38.52 -106.80
C ALA L 483 -0.78 38.73 -108.08
N PHE L 484 -1.42 38.45 -109.20
CA PHE L 484 -0.74 38.59 -110.48
C PHE L 484 -1.33 39.76 -111.27
N LEU L 485 -0.53 40.28 -112.20
CA LEU L 485 -0.97 41.33 -113.10
C LEU L 485 -1.32 40.71 -114.43
N TYR L 486 -2.16 41.39 -115.20
CA TYR L 486 -2.54 40.98 -116.54
C TYR L 486 -2.56 42.23 -117.40
N VAL L 487 -1.55 42.39 -118.25
CA VAL L 487 -1.37 43.62 -119.01
C VAL L 487 -1.28 43.29 -120.49
N GLY L 488 -1.55 44.30 -121.31
CA GLY L 488 -1.54 44.10 -122.76
C GLY L 488 -1.18 45.37 -123.49
N THR L 489 -0.72 45.16 -124.73
CA THR L 489 -0.33 46.23 -125.64
C THR L 489 -1.07 46.08 -126.95
N MET L 490 -1.83 47.12 -127.31
CA MET L 490 -2.66 47.09 -128.51
C MET L 490 -2.05 47.98 -129.58
N LEU L 491 -2.47 47.75 -130.83
CA LEU L 491 -2.02 48.56 -131.95
C LEU L 491 -3.22 48.87 -132.83
N ASP L 492 -3.73 50.10 -132.71
CA ASP L 492 -4.75 50.62 -133.63
C ASP L 492 -4.16 51.60 -134.63
N GLY L 493 -2.83 51.61 -134.79
CA GLY L 493 -2.21 52.54 -135.73
C GLY L 493 -2.60 52.27 -137.17
N GLY L 494 -2.56 51.02 -137.60
CA GLY L 494 -2.95 50.64 -138.93
C GLY L 494 -1.94 49.70 -139.57
N ASP L 495 -2.32 49.20 -140.74
CA ASP L 495 -1.52 48.23 -141.51
C ASP L 495 -1.13 47.05 -140.64
N LEU L 496 -2.10 46.53 -139.89
CA LEU L 496 -1.87 45.36 -139.05
C LEU L 496 -1.51 44.13 -139.86
N SER L 497 -1.86 44.10 -141.15
CA SER L 497 -1.55 42.93 -141.97
C SER L 497 -0.05 42.74 -142.14
N ARG L 498 0.66 43.79 -142.53
CA ARG L 498 2.11 43.70 -142.75
C ARG L 498 2.92 43.97 -141.49
N PHE L 499 2.40 44.77 -140.57
CA PHE L 499 3.11 45.14 -139.36
C PHE L 499 2.69 44.24 -138.20
N ALA L 500 3.66 43.76 -137.45
CA ALA L 500 3.42 42.92 -136.28
C ALA L 500 3.92 43.65 -135.05
N LEU L 501 3.05 43.76 -134.03
CA LEU L 501 3.47 44.35 -132.77
C LEU L 501 4.49 43.47 -132.08
N LEU L 502 5.71 43.97 -131.94
CA LEU L 502 6.80 43.18 -131.40
C LEU L 502 7.47 43.96 -130.28
N MET L 503 7.78 43.26 -129.20
CA MET L 503 8.28 43.88 -127.97
C MET L 503 9.80 43.72 -127.89
N THR L 504 10.47 44.76 -127.39
CA THR L 504 11.92 44.70 -127.26
C THR L 504 12.37 44.82 -125.82
N ASN L 505 11.93 45.85 -125.10
CA ASN L 505 12.43 46.09 -123.76
C ASN L 505 11.44 46.93 -122.97
N CYS L 506 10.85 46.33 -121.95
CA CYS L 506 9.97 47.03 -121.03
C CYS L 506 10.55 46.93 -119.62
N TYR L 507 10.16 47.85 -118.76
CA TYR L 507 10.74 47.94 -117.43
C TYR L 507 9.74 48.60 -116.49
N ALA L 508 10.09 48.57 -115.20
CA ALA L 508 9.30 49.19 -114.15
C ALA L 508 10.16 50.22 -113.43
N THR L 509 9.57 51.38 -113.17
CA THR L 509 10.21 52.42 -112.37
C THR L 509 9.22 52.91 -111.32
N PRO L 510 9.71 53.39 -110.18
CA PRO L 510 8.80 53.82 -109.12
C PRO L 510 8.15 55.18 -109.41
N SER L 511 8.43 55.74 -110.59
CA SER L 511 7.94 57.06 -110.95
C SER L 511 7.43 57.03 -112.39
N SER L 512 6.55 57.99 -112.71
CA SER L 512 6.08 58.13 -114.07
C SER L 512 7.22 58.45 -115.02
N ASN L 513 8.31 59.02 -114.50
CA ASN L 513 9.51 59.24 -115.29
C ASN L 513 10.01 57.92 -115.86
N ALA L 514 10.00 57.81 -117.18
CA ALA L 514 10.48 56.63 -117.87
C ALA L 514 11.99 56.46 -117.79
N THR L 515 12.74 57.56 -117.78
CA THR L 515 14.20 57.51 -117.75
C THR L 515 14.77 57.43 -116.34
N ASP L 516 14.00 56.90 -115.39
CA ASP L 516 14.51 56.70 -114.05
C ASP L 516 15.67 55.70 -114.08
N PRO L 517 16.81 56.03 -113.48
CA PRO L 517 17.95 55.10 -113.52
C PRO L 517 17.64 53.74 -112.91
N LEU L 518 16.84 53.69 -111.85
CA LEU L 518 16.37 52.43 -111.30
C LEU L 518 15.39 51.80 -112.29
N LYS L 519 15.81 50.74 -112.97
CA LYS L 519 14.98 50.07 -113.95
C LYS L 519 14.93 48.58 -113.63
N TYR L 520 13.72 48.05 -113.53
CA TYR L 520 13.50 46.61 -113.42
C TYR L 520 12.89 46.15 -114.74
N PHE L 521 13.76 45.72 -115.65
CA PHE L 521 13.33 45.29 -116.99
C PHE L 521 12.41 44.10 -116.86
N ILE L 522 11.13 44.29 -117.19
CA ILE L 522 10.19 43.18 -117.08
C ILE L 522 10.37 42.21 -118.24
N ILE L 523 10.70 42.72 -119.42
CA ILE L 523 11.06 41.91 -120.58
C ILE L 523 12.39 42.45 -121.09
N GLN L 524 13.42 41.63 -121.09
CA GLN L 524 14.77 42.04 -121.43
C GLN L 524 15.17 41.46 -122.79
N ASP L 525 15.54 42.34 -123.71
CA ASP L 525 16.10 41.97 -125.01
C ASP L 525 15.17 40.99 -125.73
N ARG L 526 13.92 41.43 -125.91
CA ARG L 526 12.94 40.75 -126.74
C ARG L 526 12.56 39.40 -126.15
N CYS L 527 12.95 39.14 -124.91
CA CYS L 527 12.62 37.87 -124.26
C CYS L 527 12.29 38.09 -122.80
N PRO L 528 11.41 37.26 -122.23
CA PRO L 528 11.08 37.41 -120.81
C PRO L 528 12.25 36.99 -119.93
N HIS L 529 12.25 37.50 -118.70
CA HIS L 529 13.29 37.12 -117.74
C HIS L 529 13.22 35.63 -117.44
N THR L 530 14.39 35.00 -117.43
CA THR L 530 14.50 33.57 -117.18
C THR L 530 14.69 33.23 -115.72
N ARG L 531 15.63 33.89 -115.04
CA ARG L 531 15.84 33.65 -113.61
C ARG L 531 14.65 34.08 -112.77
N ASP L 532 13.74 34.87 -113.32
CA ASP L 532 12.50 35.22 -112.65
C ASP L 532 11.41 34.30 -113.15
N SER L 533 11.04 33.32 -112.32
CA SER L 533 10.16 32.25 -112.76
C SER L 533 8.73 32.73 -112.99
N THR L 534 8.27 33.72 -112.23
CA THR L 534 6.89 34.15 -112.29
C THR L 534 6.58 35.00 -113.51
N ILE L 535 7.55 35.20 -114.40
CA ILE L 535 7.38 36.01 -115.61
C ILE L 535 7.16 35.06 -116.77
N GLN L 536 6.04 35.25 -117.48
CA GLN L 536 5.76 34.45 -118.67
C GLN L 536 5.15 35.36 -119.73
N VAL L 537 5.29 34.97 -120.99
CA VAL L 537 4.68 35.69 -122.10
C VAL L 537 3.70 34.75 -122.80
N VAL L 538 2.56 35.32 -123.19
CA VAL L 538 1.53 34.59 -123.93
C VAL L 538 1.69 34.80 -125.43
N GLU L 539 2.13 35.98 -125.84
CA GLU L 539 2.32 36.30 -127.25
C GLU L 539 3.26 37.50 -127.37
N ASN L 540 4.24 37.40 -128.25
CA ASN L 540 5.12 38.51 -128.60
C ASN L 540 5.42 38.42 -130.10
N GLY L 541 4.86 39.35 -130.87
CA GLY L 541 5.15 39.44 -132.29
C GLY L 541 4.26 38.64 -133.21
N GLU L 542 3.33 37.84 -132.68
CA GLU L 542 2.48 37.03 -133.55
C GLU L 542 1.43 37.87 -134.25
N SER L 543 0.90 38.89 -133.57
CA SER L 543 -0.16 39.73 -134.12
C SER L 543 0.16 41.18 -133.81
N SER L 544 -0.82 42.05 -134.04
CA SER L 544 -0.71 43.46 -133.69
C SER L 544 -1.04 43.72 -132.23
N GLN L 545 -1.01 42.70 -131.37
CA GLN L 545 -1.34 42.85 -129.97
C GLN L 545 -0.54 41.83 -129.17
N GLY L 546 0.10 42.30 -128.09
CA GLY L 546 0.92 41.44 -127.25
C GLY L 546 0.55 41.60 -125.79
N ARG L 547 0.69 40.50 -125.04
CA ARG L 547 0.28 40.45 -123.64
C ARG L 547 1.29 39.65 -122.83
N PHE L 548 1.31 39.90 -121.53
CA PHE L 548 2.17 39.16 -120.61
C PHE L 548 1.68 39.40 -119.18
N SER L 549 1.99 38.44 -118.30
CA SER L 549 1.54 38.49 -116.92
C SER L 549 2.70 38.17 -115.99
N VAL L 550 2.69 38.80 -114.82
CA VAL L 550 3.78 38.71 -113.84
C VAL L 550 3.19 38.88 -112.45
N GLN L 551 3.73 38.17 -111.47
CA GLN L 551 3.39 38.42 -110.07
C GLN L 551 3.93 39.78 -109.65
N MET L 552 3.15 40.50 -108.85
CA MET L 552 3.52 41.86 -108.49
C MET L 552 4.65 41.85 -107.45
N PHE L 553 5.44 42.91 -107.46
CA PHE L 553 6.56 43.13 -106.55
C PHE L 553 6.46 44.53 -105.95
N ARG L 554 7.53 44.94 -105.26
CA ARG L 554 7.65 46.30 -104.75
C ARG L 554 9.10 46.73 -104.79
N PHE L 555 9.35 47.96 -105.24
CA PHE L 555 10.71 48.48 -105.23
C PHE L 555 11.18 48.70 -103.79
N ALA L 556 12.27 48.02 -103.42
CA ALA L 556 12.84 48.20 -102.09
C ALA L 556 13.32 49.63 -101.91
N GLY L 557 13.10 50.18 -100.71
CA GLY L 557 13.42 51.57 -100.46
C GLY L 557 12.17 52.35 -100.11
N ASN L 558 12.26 53.68 -100.14
CA ASN L 558 11.10 54.52 -99.87
C ASN L 558 10.26 54.70 -101.14
N TYR L 559 9.77 53.56 -101.63
CA TYR L 559 9.08 53.50 -102.91
C TYR L 559 7.79 52.71 -102.74
N ASP L 560 6.66 53.41 -102.80
CA ASP L 560 5.35 52.80 -102.59
C ASP L 560 4.52 52.74 -103.86
N LEU L 561 5.07 53.16 -104.99
CA LEU L 561 4.33 53.16 -106.24
C LEU L 561 5.18 52.49 -107.31
N VAL L 562 4.51 51.77 -108.20
CA VAL L 562 5.17 51.04 -109.28
C VAL L 562 4.52 51.43 -110.60
N TYR L 563 5.34 51.79 -111.57
CA TYR L 563 4.91 52.12 -112.92
C TYR L 563 5.54 51.16 -113.91
N LEU L 564 5.07 51.22 -115.16
CA LEU L 564 5.54 50.30 -116.19
C LEU L 564 5.70 51.06 -117.50
N HIS L 565 6.87 50.93 -118.10
CA HIS L 565 7.19 51.66 -119.32
C HIS L 565 7.82 50.73 -120.33
N CYS L 566 7.17 50.57 -121.48
CA CYS L 566 7.58 49.63 -122.52
C CYS L 566 7.95 50.40 -123.79
N GLU L 567 8.84 49.81 -124.59
CA GLU L 567 9.16 50.35 -125.91
C GLU L 567 8.91 49.28 -126.96
N VAL L 568 8.17 49.64 -128.00
CA VAL L 568 7.71 48.69 -129.01
C VAL L 568 8.49 48.92 -130.31
N TYR L 569 8.84 47.82 -130.98
CA TYR L 569 9.42 47.87 -132.32
C TYR L 569 8.51 47.10 -133.26
N LEU L 570 7.92 47.80 -134.22
CA LEU L 570 7.09 47.13 -135.21
C LEU L 570 7.97 46.52 -136.29
N CYS L 571 7.54 45.37 -136.82
CA CYS L 571 8.33 44.61 -137.78
C CYS L 571 7.42 44.12 -138.91
N ASP L 572 8.04 43.79 -140.03
CA ASP L 572 7.32 43.23 -141.16
C ASP L 572 7.12 41.73 -140.96
N THR L 573 5.91 41.25 -141.25
CA THR L 573 5.61 39.85 -141.01
C THR L 573 6.23 38.94 -142.06
N MET L 574 6.50 39.47 -143.26
CA MET L 574 7.08 38.65 -144.31
C MET L 574 8.48 39.09 -144.73
N ASN L 575 8.85 40.36 -144.55
CA ASN L 575 10.15 40.82 -145.00
C ASN L 575 11.27 40.23 -144.15
N GLU L 576 11.03 40.07 -142.84
CA GLU L 576 11.99 39.42 -141.96
C GLU L 576 11.23 38.55 -140.97
N LYS L 577 11.98 37.75 -140.22
CA LYS L 577 11.44 36.84 -139.23
C LYS L 577 11.47 37.54 -137.87
N CYS L 578 10.30 37.65 -137.24
CA CYS L 578 10.15 38.42 -136.01
C CYS L 578 10.05 37.57 -134.74
N LYS L 579 10.28 36.27 -134.82
CA LYS L 579 10.02 35.41 -133.66
C LYS L 579 11.20 35.43 -132.70
N PRO L 580 11.02 35.93 -131.47
CA PRO L 580 12.07 35.83 -130.46
C PRO L 580 11.97 34.55 -129.66
N THR L 581 12.99 33.70 -129.74
CA THR L 581 13.01 32.43 -129.01
C THR L 581 14.33 32.34 -128.25
N CYS L 582 14.26 32.51 -126.94
CA CYS L 582 15.44 32.52 -126.08
C CYS L 582 15.53 31.25 -125.26
N SER L 583 16.75 30.81 -125.00
CA SER L 583 17.01 29.66 -124.16
C SER L 583 18.25 29.93 -123.32
N GLY L 584 18.29 29.32 -122.14
CA GLY L 584 19.40 29.52 -121.23
C GLY L 584 20.73 29.01 -121.75
N PRO M 173 -68.48 -29.21 33.54
CA PRO M 173 -68.99 -30.05 32.45
C PRO M 173 -69.68 -31.33 32.94
N CYS M 174 -68.90 -32.41 33.08
CA CYS M 174 -69.48 -33.70 33.43
C CYS M 174 -69.43 -33.99 34.92
N GLN M 175 -68.95 -33.05 35.74
CA GLN M 175 -68.99 -33.21 37.18
C GLN M 175 -70.04 -32.34 37.85
N ALA M 176 -70.48 -31.27 37.18
CA ALA M 176 -71.50 -30.36 37.71
C ALA M 176 -72.66 -30.35 36.73
N HIS M 177 -73.59 -31.29 36.93
CA HIS M 177 -74.72 -31.45 36.02
C HIS M 177 -75.94 -31.90 36.82
N ARG M 178 -77.10 -31.80 36.20
CA ARG M 178 -78.36 -32.24 36.78
C ARG M 178 -78.85 -33.47 36.05
N THR M 179 -78.97 -34.59 36.77
CA THR M 179 -79.40 -35.83 36.17
C THR M 179 -80.89 -35.78 35.85
N LEU M 180 -81.33 -36.73 35.02
CA LEU M 180 -82.72 -36.83 34.60
C LEU M 180 -83.16 -38.29 34.74
N ASP M 181 -83.89 -38.58 35.81
CA ASP M 181 -84.42 -39.92 36.08
C ASP M 181 -85.88 -39.93 35.60
N GLU M 182 -86.05 -39.99 34.29
CA GLU M 182 -87.37 -39.99 33.67
C GLU M 182 -87.46 -41.15 32.70
N TYR M 183 -88.46 -42.01 32.90
CA TYR M 183 -88.61 -43.21 32.10
C TYR M 183 -89.56 -43.04 30.92
N TRP M 184 -90.19 -41.87 30.77
CA TRP M 184 -91.09 -41.62 29.65
C TRP M 184 -90.39 -40.97 28.46
N ARG M 185 -89.08 -40.73 28.55
CA ARG M 185 -88.33 -40.18 27.44
C ARG M 185 -87.91 -41.23 26.43
N SER M 186 -88.12 -42.51 26.71
CA SER M 186 -87.70 -43.56 25.81
C SER M 186 -88.49 -43.51 24.50
N THR M 187 -87.89 -44.04 23.44
CA THR M 187 -88.52 -44.09 22.13
C THR M 187 -89.60 -45.14 22.03
N GLU M 188 -90.02 -45.73 23.15
CA GLU M 188 -91.06 -46.74 23.16
C GLU M 188 -92.40 -46.21 23.66
N TYR M 189 -92.42 -45.01 24.24
CA TYR M 189 -93.65 -44.45 24.76
C TYR M 189 -94.61 -44.06 23.64
N GLY M 190 -95.90 -44.09 23.95
CA GLY M 190 -96.93 -43.85 22.95
C GLY M 190 -97.00 -42.44 22.40
N GLU M 191 -97.41 -41.48 23.23
CA GLU M 191 -97.63 -40.12 22.76
C GLU M 191 -97.86 -39.19 23.95
N GLY M 192 -97.36 -37.97 23.85
CA GLY M 192 -97.57 -36.96 24.87
C GLY M 192 -97.61 -35.55 24.33
N TYR M 193 -97.50 -34.55 25.21
CA TYR M 193 -97.56 -33.15 24.77
C TYR M 193 -96.55 -32.26 25.49
N ALA M 194 -95.65 -32.81 26.29
CA ALA M 194 -94.71 -31.98 27.04
C ALA M 194 -93.62 -31.44 26.13
N CYS M 195 -93.20 -30.19 26.41
CA CYS M 195 -92.11 -29.56 25.69
C CYS M 195 -91.16 -28.92 26.68
N ASP M 196 -89.86 -29.01 26.39
CA ASP M 196 -88.80 -28.61 27.32
C ASP M 196 -88.36 -27.18 27.00
N THR M 197 -89.10 -26.22 27.57
CA THR M 197 -88.73 -24.82 27.46
C THR M 197 -87.94 -24.31 28.66
N ASP M 198 -88.18 -24.85 29.85
CA ASP M 198 -87.49 -24.43 31.06
C ASP M 198 -86.21 -25.20 31.32
N LEU M 199 -85.83 -26.13 30.43
CA LEU M 199 -84.63 -26.93 30.62
C LEU M 199 -83.40 -26.11 30.25
N ARG M 200 -82.49 -25.93 31.20
CA ARG M 200 -81.29 -25.12 31.00
C ARG M 200 -80.12 -25.79 31.70
N GLY M 201 -79.07 -26.10 30.96
CA GLY M 201 -77.84 -26.60 31.56
C GLY M 201 -77.34 -27.92 30.99
N TRP M 202 -76.40 -28.53 31.71
CA TRP M 202 -75.85 -29.83 31.34
C TRP M 202 -76.60 -30.92 32.08
N TYR M 203 -76.98 -31.99 31.38
CA TYR M 203 -77.84 -33.01 31.94
C TYR M 203 -77.29 -34.40 31.66
N ARG M 204 -77.54 -35.31 32.60
CA ARG M 204 -77.10 -36.70 32.53
C ARG M 204 -78.35 -37.59 32.51
N PHE M 205 -78.72 -38.06 31.31
CA PHE M 205 -79.85 -38.95 31.18
C PHE M 205 -79.57 -40.28 31.89
N VAL M 206 -80.39 -40.59 32.88
CA VAL M 206 -80.15 -41.74 33.75
C VAL M 206 -81.46 -42.51 33.95
N GLY M 207 -81.39 -43.83 33.80
CA GLY M 207 -82.50 -44.70 34.10
C GLY M 207 -82.84 -45.61 32.95
N GLN M 208 -84.03 -46.20 33.01
CA GLN M 208 -84.50 -47.08 31.95
C GLN M 208 -84.70 -46.36 30.63
N GLY M 209 -84.88 -45.05 30.65
CA GLY M 209 -85.08 -44.31 29.41
C GLY M 209 -83.89 -44.42 28.48
N GLY M 210 -82.68 -44.44 29.02
CA GLY M 210 -81.48 -44.59 28.24
C GLY M 210 -80.40 -43.61 28.68
N ALA M 211 -79.16 -44.00 28.40
CA ALA M 211 -78.00 -43.18 28.73
C ALA M 211 -77.58 -42.24 27.61
N ARG M 212 -78.15 -42.41 26.41
CA ARG M 212 -77.83 -41.55 25.28
C ARG M 212 -79.11 -41.15 24.55
N MET M 213 -79.01 -40.06 23.79
CA MET M 213 -80.12 -39.58 22.99
C MET M 213 -80.23 -40.39 21.70
N ALA M 214 -81.34 -40.21 20.98
CA ALA M 214 -81.57 -40.95 19.76
C ALA M 214 -80.55 -40.56 18.68
N GLU M 215 -80.18 -41.53 17.85
CA GLU M 215 -79.17 -41.33 16.82
C GLU M 215 -79.75 -41.16 15.42
N THR M 216 -80.96 -41.67 15.17
CA THR M 216 -81.64 -41.48 13.91
C THR M 216 -82.92 -40.70 14.15
N CYS M 217 -83.46 -40.09 13.10
CA CYS M 217 -84.69 -39.32 13.25
C CYS M 217 -85.83 -40.27 13.57
N VAL M 218 -86.24 -40.29 14.84
CA VAL M 218 -87.25 -41.25 15.30
C VAL M 218 -88.60 -40.87 14.70
N PRO M 219 -89.48 -41.84 14.43
CA PRO M 219 -90.76 -41.51 13.79
C PRO M 219 -91.59 -40.56 14.65
N VAL M 220 -92.59 -39.97 14.00
CA VAL M 220 -93.44 -38.98 14.65
C VAL M 220 -94.16 -39.60 15.85
N LEU M 221 -94.51 -38.75 16.81
CA LEU M 221 -95.32 -39.12 17.96
C LEU M 221 -94.62 -40.13 18.87
N ARG M 222 -93.42 -39.80 19.34
CA ARG M 222 -92.68 -40.68 20.22
C ARG M 222 -92.04 -39.88 21.36
N CYS M 223 -91.71 -40.60 22.44
CA CYS M 223 -91.16 -40.05 23.68
C CYS M 223 -91.98 -38.86 24.19
N ASN M 224 -93.30 -39.04 24.25
CA ASN M 224 -94.21 -38.12 24.94
C ASN M 224 -94.16 -36.71 24.34
N THR M 225 -94.06 -36.63 23.01
CA THR M 225 -94.05 -35.36 22.31
C THR M 225 -94.65 -35.54 20.93
N ALA M 226 -95.36 -34.51 20.47
CA ALA M 226 -95.94 -34.55 19.13
C ALA M 226 -94.86 -34.63 18.05
N ALA M 227 -93.78 -33.87 18.22
CA ALA M 227 -92.68 -33.84 17.26
C ALA M 227 -91.38 -34.17 17.98
N PRO M 228 -90.99 -35.43 18.02
CA PRO M 228 -89.74 -35.80 18.72
C PRO M 228 -88.51 -35.29 18.00
N MET M 229 -87.48 -35.01 18.79
CA MET M 229 -86.20 -34.53 18.29
C MET M 229 -85.15 -35.61 18.42
N TRP M 230 -83.98 -35.34 17.85
CA TRP M 230 -82.89 -36.31 17.85
C TRP M 230 -81.57 -35.60 17.64
N LEU M 231 -80.49 -36.27 18.03
CA LEU M 231 -79.14 -35.78 17.78
C LEU M 231 -78.59 -36.48 16.54
N ASN M 232 -78.35 -35.72 15.48
CA ASN M 232 -77.90 -36.29 14.22
C ASN M 232 -76.41 -36.59 14.27
N GLY M 233 -75.97 -37.47 13.38
CA GLY M 233 -74.59 -37.89 13.38
C GLY M 233 -74.33 -39.03 14.35
N THR M 234 -73.11 -39.06 14.85
CA THR M 234 -72.67 -40.08 15.79
C THR M 234 -72.18 -39.44 17.08
N HIS M 235 -72.37 -40.15 18.19
CA HIS M 235 -71.90 -39.66 19.48
C HIS M 235 -70.38 -39.63 19.51
N PRO M 236 -69.80 -38.55 20.02
CA PRO M 236 -68.33 -38.50 20.17
C PRO M 236 -67.84 -39.56 21.13
N SER M 237 -66.66 -40.09 20.83
CA SER M 237 -66.05 -41.12 21.66
C SER M 237 -65.36 -40.46 22.86
N SER M 238 -64.74 -41.26 23.72
CA SER M 238 -64.00 -40.73 24.84
C SER M 238 -62.77 -39.97 24.36
N ASP M 239 -62.32 -39.03 25.18
CA ASP M 239 -61.19 -38.15 24.86
C ASP M 239 -61.47 -37.38 23.56
N GLU M 240 -62.56 -36.62 23.62
CA GLU M 240 -62.98 -35.82 22.47
C GLU M 240 -63.28 -34.38 22.88
N GLY M 241 -63.61 -34.17 24.15
CA GLY M 241 -63.93 -32.85 24.63
C GLY M 241 -65.27 -32.36 24.11
N ILE M 242 -65.38 -31.04 24.01
CA ILE M 242 -66.62 -30.40 23.58
C ILE M 242 -66.80 -30.58 22.08
N VAL M 243 -67.96 -31.10 21.68
CA VAL M 243 -68.29 -31.32 20.28
C VAL M 243 -69.59 -30.60 19.97
N SER M 244 -69.60 -29.86 18.87
CA SER M 244 -70.74 -29.07 18.45
C SER M 244 -71.64 -29.90 17.55
N ARG M 245 -72.92 -29.98 17.89
CA ARG M 245 -73.91 -30.70 17.10
C ARG M 245 -75.17 -29.86 16.98
N LYS M 246 -75.91 -30.10 15.91
CA LYS M 246 -77.16 -29.39 15.63
C LYS M 246 -78.30 -30.40 15.70
N ALA M 247 -79.02 -30.39 16.82
CA ALA M 247 -80.13 -31.32 17.03
C ALA M 247 -81.24 -31.03 16.05
N CYS M 248 -81.65 -32.03 15.28
CA CYS M 248 -82.74 -31.88 14.33
C CYS M 248 -84.06 -32.33 14.95
N ALA M 249 -85.16 -31.89 14.35
CA ALA M 249 -86.50 -32.17 14.84
C ALA M 249 -87.33 -32.79 13.72
N HIS M 250 -87.88 -33.97 13.98
CA HIS M 250 -88.74 -34.64 13.02
C HIS M 250 -90.19 -34.24 13.23
N TRP M 251 -90.83 -33.78 12.16
CA TRP M 251 -92.24 -33.41 12.21
C TRP M 251 -92.78 -33.26 10.79
N SER M 252 -94.06 -33.56 10.63
CA SER M 252 -94.84 -33.38 9.41
C SER M 252 -94.34 -34.25 8.25
N GLY M 253 -93.49 -35.23 8.51
CA GLY M 253 -92.99 -36.11 7.47
C GLY M 253 -91.61 -35.77 6.95
N HIS M 254 -91.03 -34.65 7.35
CA HIS M 254 -89.69 -34.24 6.94
C HIS M 254 -88.78 -34.30 8.16
N CYS M 255 -87.86 -35.26 8.17
CA CYS M 255 -86.88 -35.33 9.25
C CYS M 255 -85.99 -34.09 9.20
N CYS M 256 -85.69 -33.56 10.38
CA CYS M 256 -84.85 -32.36 10.54
C CYS M 256 -85.49 -31.15 9.85
N LEU M 257 -86.67 -30.78 10.34
CA LEU M 257 -87.37 -29.59 9.87
C LEU M 257 -87.04 -28.36 10.70
N TRP M 258 -86.89 -28.51 12.02
CA TRP M 258 -86.40 -27.46 12.89
C TRP M 258 -85.06 -27.87 13.48
N ASP M 259 -84.27 -26.89 13.89
CA ASP M 259 -82.91 -27.11 14.35
C ASP M 259 -82.66 -26.40 15.67
N ALA M 260 -81.86 -27.03 16.52
CA ALA M 260 -81.42 -26.47 17.79
C ALA M 260 -79.93 -26.72 17.98
N SER M 261 -79.30 -25.91 18.81
CA SER M 261 -77.86 -25.99 19.04
C SER M 261 -77.57 -26.74 20.33
N VAL M 262 -76.74 -27.77 20.24
CA VAL M 262 -76.36 -28.59 21.39
C VAL M 262 -74.87 -28.81 21.36
N GLN M 263 -74.29 -29.06 22.54
CA GLN M 263 -72.86 -29.34 22.69
C GLN M 263 -72.70 -30.59 23.53
N VAL M 264 -72.38 -31.71 22.88
CA VAL M 264 -72.21 -32.99 23.53
C VAL M 264 -70.75 -33.19 23.91
N LYS M 265 -70.53 -33.72 25.12
CA LYS M 265 -69.19 -34.00 25.62
C LYS M 265 -69.16 -35.39 26.24
N ALA M 266 -68.10 -36.15 25.92
CA ALA M 266 -67.89 -37.44 26.57
C ALA M 266 -67.05 -37.27 27.83
N CYS M 267 -67.34 -38.09 28.82
CA CYS M 267 -66.67 -38.03 30.11
C CYS M 267 -66.27 -39.43 30.54
N ALA M 268 -65.31 -39.50 31.46
CA ALA M 268 -64.79 -40.77 31.93
C ALA M 268 -65.90 -41.58 32.60
N GLY M 269 -66.34 -42.63 31.94
CA GLY M 269 -67.47 -43.43 32.38
C GLY M 269 -68.47 -43.63 31.26
N GLY M 270 -69.35 -44.61 31.47
CA GLY M 270 -70.35 -44.95 30.48
C GLY M 270 -71.54 -44.02 30.46
N TYR M 271 -71.28 -42.73 30.26
CA TYR M 271 -72.33 -41.73 30.27
C TYR M 271 -71.83 -40.48 29.54
N TYR M 272 -72.77 -39.63 29.15
CA TYR M 272 -72.49 -38.43 28.37
C TYR M 272 -73.30 -37.27 28.91
N VAL M 273 -72.90 -36.05 28.52
CA VAL M 273 -73.60 -34.83 28.88
C VAL M 273 -73.85 -34.02 27.62
N TYR M 274 -74.83 -33.11 27.71
CA TYR M 274 -75.28 -32.34 26.55
C TYR M 274 -75.61 -30.92 26.97
N ASN M 275 -75.42 -29.98 26.05
CA ASN M 275 -75.85 -28.60 26.24
C ASN M 275 -77.18 -28.41 25.53
N LEU M 276 -78.24 -28.94 26.12
CA LEU M 276 -79.57 -28.95 25.52
C LEU M 276 -80.16 -27.55 25.62
N THR M 277 -80.38 -26.91 24.47
CA THR M 277 -80.97 -25.59 24.44
C THR M 277 -82.48 -25.69 24.27
N ALA M 278 -83.16 -24.59 24.56
CA ALA M 278 -84.61 -24.54 24.40
C ALA M 278 -84.97 -24.56 22.92
N PRO M 279 -85.91 -25.42 22.50
CA PRO M 279 -86.30 -25.42 21.10
C PRO M 279 -86.97 -24.12 20.72
N PRO M 280 -86.98 -23.77 19.42
CA PRO M 280 -87.57 -22.48 19.03
C PRO M 280 -89.03 -22.34 19.41
N GLU M 281 -89.76 -23.45 19.51
CA GLU M 281 -91.17 -23.44 19.87
C GLU M 281 -91.53 -24.72 20.62
N CYS M 282 -92.68 -24.71 21.28
CA CYS M 282 -93.12 -25.83 22.09
C CYS M 282 -93.48 -27.03 21.20
N HIS M 283 -93.93 -28.11 21.85
CA HIS M 283 -94.20 -29.39 21.20
C HIS M 283 -92.93 -29.99 20.60
N LEU M 284 -91.79 -29.74 21.23
CA LEU M 284 -90.52 -30.35 20.85
C LEU M 284 -89.79 -30.81 22.11
N ALA M 285 -89.32 -32.06 22.09
CA ALA M 285 -88.56 -32.61 23.20
C ALA M 285 -87.70 -33.75 22.71
N TYR M 286 -86.64 -34.04 23.47
CA TYR M 286 -85.69 -35.07 23.08
C TYR M 286 -86.17 -36.44 23.55
N CYS M 287 -85.84 -37.46 22.75
CA CYS M 287 -86.07 -38.86 23.09
C CYS M 287 -84.80 -39.43 23.68
N THR M 288 -84.87 -40.70 24.08
CA THR M 288 -83.71 -41.44 24.58
C THR M 288 -83.78 -42.87 24.06
N ASP M 289 -82.81 -43.24 23.24
CA ASP M 289 -82.71 -44.62 22.78
C ASP M 289 -82.14 -45.50 23.89
N PRO M 290 -82.36 -46.81 23.83
CA PRO M 290 -81.81 -47.70 24.87
C PRO M 290 -80.30 -47.65 24.96
N SER M 291 -79.66 -47.24 23.87
CA SER M 291 -78.20 -46.99 23.79
C SER M 291 -77.48 -48.30 24.10
N SER M 292 -76.43 -48.28 24.92
CA SER M 292 -75.57 -49.44 25.10
C SER M 292 -75.39 -49.82 26.56
N VAL M 293 -76.50 -49.96 27.30
CA VAL M 293 -76.41 -50.41 28.68
C VAL M 293 -75.73 -51.77 28.77
N GLU M 294 -75.89 -52.60 27.74
CA GLU M 294 -75.14 -53.85 27.68
C GLU M 294 -73.65 -53.58 27.47
N GLY M 295 -73.31 -52.65 26.58
CA GLY M 295 -71.93 -52.27 26.37
C GLY M 295 -71.33 -51.61 27.58
N THR M 296 -70.44 -52.30 28.27
CA THR M 296 -69.94 -51.89 29.56
C THR M 296 -68.43 -51.64 29.49
N CYS M 297 -67.89 -51.13 30.60
CA CYS M 297 -66.46 -50.86 30.71
C CYS M 297 -65.79 -51.62 31.85
N GLU M 298 -66.55 -52.21 32.77
CA GLU M 298 -65.96 -52.98 33.86
C GLU M 298 -65.20 -54.19 33.34
N GLU M 299 -65.61 -54.73 32.19
CA GLU M 299 -64.92 -55.88 31.61
C GLU M 299 -63.48 -55.53 31.21
N CYS M 300 -63.15 -54.25 31.11
CA CYS M 300 -61.76 -53.85 30.92
C CYS M 300 -60.98 -54.03 32.21
N SER M 301 -59.74 -54.50 32.08
CA SER M 301 -58.88 -54.73 33.22
C SER M 301 -58.31 -53.40 33.72
N ILE M 302 -57.63 -53.46 34.87
CA ILE M 302 -57.12 -52.26 35.53
C ILE M 302 -56.15 -51.47 34.67
N ASP M 303 -55.29 -52.13 33.90
CA ASP M 303 -54.35 -51.44 33.03
C ASP M 303 -54.98 -51.02 31.71
N GLU M 304 -56.27 -51.29 31.52
CA GLU M 304 -56.97 -50.98 30.28
C GLU M 304 -57.89 -49.79 30.52
N ASP M 305 -57.58 -48.68 29.84
CA ASP M 305 -58.33 -47.44 30.04
C ASP M 305 -59.76 -47.57 29.53
N CYS M 306 -60.63 -46.72 30.07
CA CYS M 306 -62.04 -46.71 29.68
C CYS M 306 -62.22 -45.79 28.47
N LYS M 307 -61.57 -46.17 27.38
CA LYS M 307 -61.63 -45.40 26.15
C LYS M 307 -62.83 -45.81 25.30
N SER M 308 -63.12 -45.00 24.31
CA SER M 308 -64.22 -45.26 23.38
C SER M 308 -63.77 -44.94 21.96
N ASN M 309 -64.41 -45.62 21.00
CA ASN M 309 -64.16 -45.41 19.57
C ASN M 309 -65.51 -45.30 18.88
N ASN M 310 -65.86 -44.08 18.45
CA ASN M 310 -67.14 -43.80 17.80
C ASN M 310 -68.32 -44.21 18.67
N GLY M 311 -68.21 -43.96 19.97
CA GLY M 311 -69.28 -44.23 20.90
C GLY M 311 -69.30 -45.62 21.50
N ARG M 312 -68.36 -46.48 21.13
CA ARG M 312 -68.31 -47.84 21.65
C ARG M 312 -67.09 -47.99 22.55
N TRP M 313 -67.30 -48.53 23.76
CA TRP M 313 -66.28 -48.57 24.79
C TRP M 313 -65.38 -49.79 24.58
N HIS M 314 -64.07 -49.58 24.65
CA HIS M 314 -63.10 -50.66 24.50
C HIS M 314 -62.00 -50.52 25.54
N CYS M 315 -61.20 -51.57 25.68
CA CYS M 315 -60.15 -51.64 26.70
C CYS M 315 -58.79 -51.33 26.06
N GLN M 316 -58.55 -50.03 25.86
CA GLN M 316 -57.26 -49.58 25.35
C GLN M 316 -56.24 -49.56 26.49
N CYS M 317 -55.21 -50.38 26.36
CA CYS M 317 -54.23 -50.57 27.43
C CYS M 317 -53.37 -49.31 27.57
N LYS M 318 -52.38 -49.37 28.45
CA LYS M 318 -51.45 -48.26 28.64
C LYS M 318 -50.72 -47.96 27.34
N GLN M 319 -50.70 -46.68 26.96
CA GLN M 319 -49.84 -46.26 25.85
C GLN M 319 -48.37 -46.36 26.25
N ASP M 320 -48.06 -46.10 27.52
CA ASP M 320 -46.69 -46.24 28.00
C ASP M 320 -46.18 -47.66 27.83
N PHE M 321 -47.09 -48.64 27.85
CA PHE M 321 -46.72 -50.01 27.54
C PHE M 321 -46.52 -50.16 26.03
N ASN M 322 -45.38 -49.69 25.52
CA ASN M 322 -45.13 -49.72 24.08
C ASN M 322 -43.71 -50.24 23.86
N ILE M 323 -43.61 -51.42 23.27
CA ILE M 323 -42.33 -52.02 22.91
C ILE M 323 -42.33 -52.25 21.41
N THR M 324 -41.25 -51.82 20.75
CA THR M 324 -41.18 -51.93 19.30
C THR M 324 -40.57 -53.26 18.87
N ASP M 325 -39.42 -53.62 19.44
CA ASP M 325 -38.69 -54.80 19.02
C ASP M 325 -39.28 -56.06 19.64
N ILE M 326 -38.56 -57.17 19.51
CA ILE M 326 -38.99 -58.46 20.01
C ILE M 326 -38.21 -58.88 21.25
N SER M 327 -36.92 -58.57 21.34
CA SER M 327 -36.10 -59.01 22.46
C SER M 327 -36.61 -58.50 23.80
N LEU M 328 -37.28 -57.35 23.81
CA LEU M 328 -37.72 -56.75 25.06
C LEU M 328 -39.03 -57.33 25.58
N LEU M 329 -39.54 -58.40 24.97
CA LEU M 329 -40.81 -58.97 25.41
C LEU M 329 -40.67 -59.61 26.79
N GLU M 330 -41.67 -59.37 27.62
CA GLU M 330 -41.74 -59.98 28.94
C GLU M 330 -42.10 -61.45 28.84
N HIS M 331 -41.57 -62.23 29.78
CA HIS M 331 -41.81 -63.67 29.83
C HIS M 331 -41.73 -64.11 31.29
N ARG M 332 -42.83 -64.64 31.82
CA ARG M 332 -42.89 -65.06 33.21
C ARG M 332 -43.02 -66.57 33.28
N LEU M 333 -41.88 -67.25 33.38
CA LEU M 333 -41.83 -68.70 33.53
C LEU M 333 -41.92 -69.03 35.02
N GLU M 334 -42.85 -69.90 35.38
CA GLU M 334 -42.91 -70.47 36.71
C GLU M 334 -42.77 -71.98 36.59
N CYS M 335 -41.64 -72.51 37.03
CA CYS M 335 -41.36 -73.94 36.93
C CYS M 335 -42.01 -74.62 38.12
N GLY M 336 -43.32 -74.78 38.05
CA GLY M 336 -44.07 -75.37 39.14
C GLY M 336 -43.67 -76.81 39.41
N ALA M 337 -44.04 -77.28 40.60
CA ALA M 337 -43.54 -78.57 41.09
C ALA M 337 -43.95 -79.71 40.18
N ASN M 338 -45.23 -79.78 39.81
CA ASN M 338 -45.73 -80.89 39.01
C ASN M 338 -45.86 -80.56 37.54
N ASP M 339 -45.91 -79.27 37.20
CA ASP M 339 -46.02 -78.83 35.82
C ASP M 339 -45.50 -77.41 35.71
N MET M 340 -45.09 -77.03 34.50
CA MET M 340 -44.59 -75.68 34.27
C MET M 340 -45.60 -74.90 33.44
N LYS M 341 -45.45 -73.58 33.48
CA LYS M 341 -46.33 -72.66 32.76
C LYS M 341 -45.54 -71.41 32.41
N VAL M 342 -45.90 -70.79 31.30
CA VAL M 342 -45.27 -69.55 30.84
C VAL M 342 -46.35 -68.51 30.66
N SER M 343 -46.12 -67.32 31.22
CA SER M 343 -47.11 -66.26 31.23
C SER M 343 -46.54 -65.01 30.56
N LEU M 344 -47.34 -64.43 29.66
CA LEU M 344 -46.94 -63.23 28.95
C LEU M 344 -48.06 -62.21 29.05
N GLY M 345 -47.68 -60.95 29.25
CA GLY M 345 -48.64 -59.87 29.33
C GLY M 345 -49.39 -59.65 28.04
N LYS M 346 -50.73 -59.73 28.10
CA LYS M 346 -51.54 -59.56 26.91
C LYS M 346 -51.43 -58.14 26.36
N CYS M 347 -51.33 -57.15 27.24
CA CYS M 347 -51.22 -55.77 26.79
C CYS M 347 -49.95 -55.55 25.99
N GLN M 348 -48.84 -56.17 26.42
CA GLN M 348 -47.58 -55.99 25.71
C GLN M 348 -47.66 -56.52 24.28
N LEU M 349 -48.23 -57.72 24.12
CA LEU M 349 -48.36 -58.27 22.77
C LEU M 349 -49.37 -57.50 21.94
N LYS M 350 -50.44 -57.00 22.55
CA LYS M 350 -51.37 -56.15 21.81
C LYS M 350 -50.66 -54.90 21.31
N SER M 351 -49.83 -54.29 22.16
CA SER M 351 -49.03 -53.15 21.72
C SER M 351 -48.04 -53.53 20.64
N LEU M 352 -47.53 -54.77 20.68
CA LEU M 352 -46.61 -55.23 19.65
C LEU M 352 -47.26 -55.36 18.29
N GLY M 353 -48.59 -55.29 18.22
CA GLY M 353 -49.27 -55.35 16.94
C GLY M 353 -50.00 -56.66 16.73
N PHE M 354 -50.16 -57.44 17.79
CA PHE M 354 -50.84 -58.73 17.72
C PHE M 354 -52.25 -58.59 18.29
N ASP M 355 -53.23 -58.46 17.40
CA ASP M 355 -54.62 -58.44 17.84
C ASP M 355 -55.01 -59.78 18.47
N LYS M 356 -54.74 -60.87 17.77
CA LYS M 356 -54.97 -62.21 18.28
C LYS M 356 -53.70 -63.01 18.13
N VAL M 357 -53.32 -63.74 19.18
CA VAL M 357 -52.07 -64.47 19.22
C VAL M 357 -52.35 -65.97 19.17
N PHE M 358 -51.37 -66.71 18.68
CA PHE M 358 -51.47 -68.15 18.49
C PHE M 358 -50.31 -68.79 19.24
N MET M 359 -50.64 -69.63 20.22
CA MET M 359 -49.68 -70.14 21.18
C MET M 359 -49.58 -71.65 20.98
N TYR M 360 -48.42 -72.13 20.58
CA TYR M 360 -48.31 -73.52 20.18
C TYR M 360 -46.96 -74.09 20.57
N LEU M 361 -46.98 -75.18 21.31
CA LEU M 361 -45.78 -75.86 21.76
C LEU M 361 -45.24 -76.72 20.63
N SER M 362 -44.36 -77.66 20.95
CA SER M 362 -43.95 -78.65 19.97
C SER M 362 -45.16 -79.39 19.42
N ASP M 363 -46.25 -79.46 20.20
CA ASP M 363 -47.52 -79.97 19.73
C ASP M 363 -48.55 -78.84 19.73
N SER M 364 -49.36 -78.79 18.67
CA SER M 364 -50.35 -77.73 18.57
C SER M 364 -51.54 -77.95 19.50
N ARG M 365 -51.73 -79.15 20.02
CA ARG M 365 -52.81 -79.39 20.97
C ARG M 365 -52.66 -78.57 22.23
N CYS M 366 -51.43 -78.21 22.61
CA CYS M 366 -51.19 -77.34 23.76
C CYS M 366 -51.41 -75.88 23.41
N SER M 367 -52.57 -75.56 22.87
CA SER M 367 -52.87 -74.20 22.45
C SER M 367 -53.00 -73.29 23.67
N GLY M 368 -52.69 -72.02 23.46
CA GLY M 368 -52.66 -71.08 24.57
C GLY M 368 -54.04 -70.69 25.05
N PHE M 369 -54.09 -70.22 26.29
CA PHE M 369 -55.33 -69.73 26.91
C PHE M 369 -55.02 -68.46 27.68
N ASN M 370 -56.00 -67.95 28.43
CA ASN M 370 -55.83 -66.74 29.21
C ASN M 370 -56.05 -67.02 30.69
N ASP M 371 -55.36 -66.27 31.53
CA ASP M 371 -55.51 -66.36 32.98
C ASP M 371 -55.15 -65.00 33.56
N ARG M 372 -55.78 -64.65 34.67
CA ARG M 372 -55.53 -63.37 35.32
C ARG M 372 -55.18 -63.62 36.78
N ASP M 373 -53.98 -63.17 37.18
CA ASP M 373 -53.56 -63.18 38.57
C ASP M 373 -53.37 -61.78 39.10
N ASN M 374 -52.76 -60.88 38.32
CA ASN M 374 -52.74 -59.46 38.63
C ASN M 374 -53.03 -58.58 37.42
N ARG M 375 -53.07 -59.13 36.22
CA ARG M 375 -53.44 -58.40 35.01
C ARG M 375 -53.85 -59.41 33.94
N ASP M 376 -54.13 -58.92 32.74
CA ASP M 376 -54.44 -59.80 31.62
C ASP M 376 -53.20 -60.56 31.20
N TRP M 377 -53.17 -61.86 31.47
CA TRP M 377 -52.07 -62.72 31.09
C TRP M 377 -52.54 -63.78 30.11
N VAL M 378 -51.71 -64.10 29.14
CA VAL M 378 -51.91 -65.24 28.26
C VAL M 378 -50.86 -66.28 28.59
N SER M 379 -51.28 -67.54 28.75
CA SER M 379 -50.38 -68.54 29.30
C SER M 379 -50.69 -69.90 28.70
N VAL M 380 -49.68 -70.78 28.79
CA VAL M 380 -49.81 -72.19 28.47
C VAL M 380 -49.32 -72.98 29.68
N VAL M 381 -49.72 -74.24 29.77
CA VAL M 381 -49.29 -75.12 30.84
C VAL M 381 -48.90 -76.46 30.23
N THR M 382 -47.79 -77.01 30.68
CA THR M 382 -47.28 -78.28 30.17
C THR M 382 -46.95 -79.18 31.36
N PRO M 383 -47.29 -80.46 31.31
CA PRO M 383 -46.89 -81.38 32.37
C PRO M 383 -45.38 -81.48 32.48
N ALA M 384 -44.88 -81.66 33.70
CA ALA M 384 -43.46 -81.83 33.94
C ALA M 384 -43.09 -83.30 33.77
N ARG M 385 -43.07 -83.73 32.51
CA ARG M 385 -42.75 -85.10 32.17
C ARG M 385 -42.11 -85.13 30.79
N ASP M 386 -41.70 -86.32 30.37
CA ASP M 386 -41.05 -86.51 29.07
C ASP M 386 -42.08 -87.10 28.11
N GLY M 387 -42.51 -86.30 27.14
CA GLY M 387 -43.47 -86.75 26.16
C GLY M 387 -44.90 -86.23 26.20
N PRO M 388 -45.40 -85.67 27.33
CA PRO M 388 -46.83 -85.30 27.35
C PRO M 388 -47.22 -84.30 26.28
N CYS M 389 -46.36 -83.32 26.00
CA CYS M 389 -46.62 -82.37 24.92
C CYS M 389 -45.33 -82.14 24.14
N GLY M 390 -44.57 -83.21 23.94
CA GLY M 390 -43.34 -83.14 23.18
C GLY M 390 -42.15 -82.59 23.94
N THR M 391 -42.27 -82.36 25.24
CA THR M 391 -41.14 -81.87 26.02
C THR M 391 -40.05 -82.93 26.07
N VAL M 392 -38.83 -82.53 25.77
CA VAL M 392 -37.69 -83.45 25.84
C VAL M 392 -37.01 -83.29 27.18
N LEU M 393 -36.69 -84.41 27.81
CA LEU M 393 -36.04 -84.44 29.11
C LEU M 393 -34.58 -84.81 28.93
N THR M 394 -33.69 -84.00 29.48
CA THR M 394 -32.25 -84.25 29.42
C THR M 394 -31.71 -84.09 30.84
N ARG M 395 -31.23 -85.19 31.40
CA ARG M 395 -30.76 -85.23 32.78
C ARG M 395 -29.25 -85.49 32.79
N ASN M 396 -28.50 -84.56 33.36
CA ASN M 396 -27.08 -84.80 33.60
C ASN M 396 -26.91 -85.21 35.07
N GLU M 397 -25.67 -85.39 35.49
CA GLU M 397 -25.41 -85.92 36.82
C GLU M 397 -25.88 -84.98 37.93
N THR M 398 -26.19 -83.73 37.61
CA THR M 398 -26.54 -82.74 38.63
C THR M 398 -28.00 -82.32 38.59
N HIS M 399 -28.53 -81.99 37.41
CA HIS M 399 -29.88 -81.51 37.28
C HIS M 399 -30.61 -82.25 36.16
N ALA M 400 -31.92 -82.08 36.13
CA ALA M 400 -32.77 -82.64 35.09
C ALA M 400 -33.65 -81.53 34.55
N THR M 401 -33.51 -81.24 33.26
CA THR M 401 -34.22 -80.12 32.64
C THR M 401 -35.34 -80.64 31.74
N TYR M 402 -36.41 -79.86 31.65
CA TYR M 402 -37.53 -80.14 30.76
C TYR M 402 -37.52 -79.05 29.69
N SER M 403 -37.26 -79.46 28.45
CA SER M 403 -37.08 -78.53 27.34
C SER M 403 -38.26 -78.64 26.39
N ASN M 404 -38.92 -77.51 26.16
CA ASN M 404 -39.95 -77.39 25.13
C ASN M 404 -39.86 -76.00 24.54
N THR M 405 -40.29 -75.86 23.30
CA THR M 405 -40.23 -74.59 22.61
C THR M 405 -41.62 -74.03 22.39
N LEU M 406 -41.73 -72.71 22.50
CA LEU M 406 -42.99 -71.99 22.31
C LEU M 406 -42.99 -71.30 20.96
N TYR M 407 -44.09 -71.40 20.26
CA TYR M 407 -44.27 -70.74 18.97
C TYR M 407 -45.37 -69.71 19.11
N LEU M 408 -45.10 -68.50 18.63
CA LEU M 408 -46.05 -67.40 18.68
C LEU M 408 -46.21 -66.78 17.30
N ALA M 409 -47.46 -66.46 16.97
CA ALA M 409 -47.77 -65.76 15.73
C ALA M 409 -49.08 -65.03 15.90
N ASP M 410 -49.30 -64.01 15.09
CA ASP M 410 -50.56 -63.28 15.12
C ASP M 410 -51.63 -63.89 14.22
N GLU M 411 -51.26 -64.88 13.40
CA GLU M 411 -52.18 -65.46 12.43
C GLU M 411 -51.90 -66.95 12.34
N ILE M 412 -52.86 -67.69 11.78
CA ILE M 412 -52.68 -69.12 11.57
C ILE M 412 -51.47 -69.37 10.67
N ILE M 413 -51.23 -68.48 9.73
CA ILE M 413 -50.09 -68.58 8.83
C ILE M 413 -49.19 -67.37 9.03
N ILE M 414 -47.88 -67.58 8.96
CA ILE M 414 -46.91 -66.52 9.10
C ILE M 414 -46.32 -66.23 7.74
N ARG M 415 -45.85 -64.99 7.53
CA ARG M 415 -45.17 -64.63 6.29
C ARG M 415 -43.83 -63.96 6.52
N ASP M 416 -43.49 -63.61 7.77
CA ASP M 416 -42.20 -63.02 8.11
C ASP M 416 -42.07 -62.98 9.62
N LEU M 417 -40.82 -62.86 10.08
CA LEU M 417 -40.51 -62.71 11.50
C LEU M 417 -41.04 -63.91 12.31
N ASN M 418 -40.46 -65.08 12.01
CA ASN M 418 -40.81 -66.28 12.76
C ASN M 418 -40.39 -66.12 14.22
N ILE M 419 -41.20 -66.67 15.12
CA ILE M 419 -41.01 -66.52 16.56
C ILE M 419 -40.75 -67.89 17.15
N LYS M 420 -39.65 -68.02 17.91
CA LYS M 420 -39.33 -69.25 18.62
C LYS M 420 -38.84 -68.89 20.01
N ILE M 421 -39.59 -69.34 21.03
CA ILE M 421 -39.24 -69.07 22.43
C ILE M 421 -38.67 -70.37 22.99
N ASN M 422 -37.35 -70.41 23.12
CA ASN M 422 -36.64 -71.59 23.62
C ASN M 422 -36.60 -71.51 25.14
N PHE M 423 -37.47 -72.27 25.80
CA PHE M 423 -37.55 -72.25 27.25
C PHE M 423 -37.27 -73.64 27.80
N ALA M 424 -36.66 -73.68 28.98
CA ALA M 424 -36.42 -74.92 29.69
C ALA M 424 -36.05 -74.65 31.14
N CYS M 425 -36.71 -75.32 32.08
CA CYS M 425 -36.39 -75.19 33.49
C CYS M 425 -35.95 -76.54 34.01
N SER M 426 -34.94 -76.53 34.87
CA SER M 426 -34.34 -77.74 35.41
C SER M 426 -34.64 -77.86 36.89
N TYR M 427 -34.51 -79.08 37.40
CA TYR M 427 -34.70 -79.46 38.79
C TYR M 427 -33.44 -80.12 39.33
N PRO M 428 -33.18 -79.97 40.61
CA PRO M 428 -32.01 -80.63 41.22
C PRO M 428 -32.24 -82.12 41.36
N LEU M 429 -31.14 -82.82 41.66
CA LEU M 429 -31.19 -84.25 41.93
C LEU M 429 -31.08 -84.58 43.41
N ASP M 430 -30.69 -83.62 44.24
CA ASP M 430 -30.49 -83.84 45.67
C ASP M 430 -31.26 -82.77 46.44
N MET M 431 -31.71 -83.12 47.64
CA MET M 431 -32.44 -82.20 48.50
C MET M 431 -32.43 -82.72 49.93
N LYS M 432 -32.71 -81.81 50.86
CA LYS M 432 -32.65 -82.10 52.29
C LYS M 432 -34.05 -82.06 52.88
N VAL M 433 -34.35 -83.02 53.76
CA VAL M 433 -35.68 -83.21 54.31
C VAL M 433 -35.58 -83.60 55.78
N SER M 434 -36.56 -83.15 56.56
CA SER M 434 -36.59 -83.43 57.99
C SER M 434 -38.02 -83.31 58.49
N LEU M 435 -38.28 -83.88 59.66
CA LEU M 435 -39.59 -83.73 60.29
C LEU M 435 -39.78 -82.29 60.76
N LYS M 436 -41.03 -81.87 60.83
CA LYS M 436 -41.40 -80.64 61.52
C LYS M 436 -41.99 -80.90 62.89
N THR M 437 -42.08 -82.16 63.30
CA THR M 437 -42.65 -82.54 64.57
C THR M 437 -41.55 -82.92 65.55
N ALA M 438 -41.57 -82.30 66.73
CA ALA M 438 -40.57 -82.56 67.74
C ALA M 438 -40.73 -83.96 68.32
N LEU M 439 -39.62 -84.59 68.66
CA LEU M 439 -39.60 -85.91 69.26
C LEU M 439 -38.88 -85.85 70.60
N GLN M 440 -39.49 -86.45 71.62
CA GLN M 440 -39.03 -86.32 73.00
C GLN M 440 -39.09 -87.69 73.67
N PRO M 441 -37.96 -88.35 73.86
CA PRO M 441 -37.96 -89.65 74.52
C PRO M 441 -37.72 -89.53 76.02
N MET M 442 -38.11 -90.58 76.73
CA MET M 442 -37.76 -90.75 78.15
C MET M 442 -37.29 -92.18 78.34
N VAL M 443 -36.22 -92.36 79.11
CA VAL M 443 -35.62 -93.66 79.37
C VAL M 443 -35.50 -93.83 80.88
N SER M 444 -35.43 -95.08 81.33
CA SER M 444 -35.22 -95.33 82.75
C SER M 444 -33.90 -94.71 83.20
N ALA M 445 -33.96 -93.94 84.28
CA ALA M 445 -32.82 -93.18 84.76
C ALA M 445 -32.55 -93.52 86.23
N LEU M 446 -31.29 -93.80 86.52
CA LEU M 446 -30.82 -94.05 87.88
C LEU M 446 -29.93 -92.90 88.31
N ASN M 447 -30.15 -92.41 89.53
CA ASN M 447 -29.43 -91.25 90.04
C ASN M 447 -28.58 -91.68 91.23
N ILE M 448 -27.27 -91.54 91.10
CA ILE M 448 -26.34 -91.70 92.21
C ILE M 448 -25.84 -90.32 92.59
N ARG M 449 -26.10 -89.92 93.83
CA ARG M 449 -25.72 -88.61 94.33
C ARG M 449 -24.49 -88.75 95.22
N VAL M 450 -23.42 -88.04 94.87
CA VAL M 450 -22.21 -87.99 95.67
C VAL M 450 -21.93 -86.54 96.00
N GLY M 451 -20.86 -86.31 96.76
CA GLY M 451 -20.50 -84.97 97.16
C GLY M 451 -19.08 -84.92 97.69
N GLY M 452 -18.75 -83.79 98.28
CA GLY M 452 -17.43 -83.58 98.85
C GLY M 452 -17.33 -82.23 99.49
N THR M 453 -16.12 -81.91 99.95
CA THR M 453 -15.81 -80.59 100.49
C THR M 453 -14.39 -80.23 100.12
N GLY M 454 -14.18 -78.97 99.75
CA GLY M 454 -12.88 -78.51 99.33
C GLY M 454 -12.41 -77.33 100.14
N MET M 455 -11.11 -77.06 100.03
CA MET M 455 -10.46 -75.98 100.76
C MET M 455 -9.77 -75.05 99.78
N PHE M 456 -10.02 -73.75 99.92
CA PHE M 456 -9.34 -72.78 99.07
C PHE M 456 -7.97 -72.46 99.64
N THR M 457 -7.08 -72.02 98.76
CA THR M 457 -5.73 -71.63 99.13
C THR M 457 -5.68 -70.11 99.26
N VAL M 458 -5.46 -69.64 100.49
CA VAL M 458 -5.33 -68.22 100.78
C VAL M 458 -4.06 -68.04 101.59
N ARG M 459 -3.27 -67.04 101.22
CA ARG M 459 -1.96 -66.83 101.83
C ARG M 459 -1.86 -65.41 102.37
N MET M 460 -0.76 -65.16 103.06
CA MET M 460 -0.46 -63.86 103.64
C MET M 460 1.03 -63.77 103.92
N ALA M 461 1.66 -62.75 103.35
CA ALA M 461 3.12 -62.68 103.31
C ALA M 461 3.57 -61.27 103.65
N LEU M 462 4.83 -61.17 104.08
CA LEU M 462 5.45 -59.91 104.46
C LEU M 462 6.24 -59.35 103.28
N PHE M 463 6.06 -58.06 103.02
CA PHE M 463 6.76 -57.37 101.95
C PHE M 463 7.86 -56.49 102.55
N GLN M 464 9.10 -56.72 102.11
CA GLN M 464 10.22 -55.98 102.68
C GLN M 464 10.29 -54.54 102.17
N THR M 465 9.29 -54.08 101.45
CA THR M 465 9.29 -52.79 100.80
C THR M 465 8.02 -52.02 101.13
N PRO M 466 8.06 -50.69 101.07
CA PRO M 466 6.82 -49.94 100.93
C PRO M 466 6.24 -50.15 99.54
N SER M 467 4.99 -49.75 99.38
CA SER M 467 4.22 -49.93 98.15
C SER M 467 3.95 -51.40 97.84
N TYR M 468 4.37 -52.32 98.71
CA TYR M 468 3.96 -53.72 98.66
C TYR M 468 4.39 -54.37 97.36
N THR M 469 5.71 -54.41 97.15
CA THR M 469 6.25 -54.86 95.87
C THR M 469 6.83 -56.26 95.94
N GLN M 470 7.69 -56.55 96.91
CA GLN M 470 8.39 -57.82 96.91
C GLN M 470 8.21 -58.53 98.24
N PRO M 471 8.19 -59.86 98.25
CA PRO M 471 7.98 -60.61 99.49
C PRO M 471 9.28 -60.95 100.21
N TYR M 472 9.11 -61.56 101.38
CA TYR M 472 10.23 -61.97 102.22
C TYR M 472 10.27 -63.48 102.30
N GLN M 473 11.47 -64.05 102.19
CA GLN M 473 11.65 -65.49 102.16
C GLN M 473 12.38 -66.03 103.37
N GLY M 474 12.98 -65.16 104.18
CA GLY M 474 13.67 -65.59 105.38
C GLY M 474 12.71 -66.12 106.42
N SER M 475 13.27 -66.89 107.37
CA SER M 475 12.48 -67.54 108.39
C SER M 475 12.20 -66.67 109.61
N SER M 476 12.87 -65.53 109.73
CA SER M 476 12.68 -64.64 110.87
C SER M 476 13.18 -63.25 110.51
N VAL M 477 12.49 -62.23 110.99
CA VAL M 477 12.86 -60.84 110.76
C VAL M 477 13.33 -60.26 112.08
N THR M 478 14.42 -59.49 112.03
CA THR M 478 15.04 -58.91 113.21
C THR M 478 15.10 -57.40 113.02
N LEU M 479 14.04 -56.72 113.44
CA LEU M 479 13.83 -55.31 113.11
C LEU M 479 13.79 -54.46 114.37
N SER M 480 13.89 -53.15 114.17
CA SER M 480 13.69 -52.18 115.23
C SER M 480 12.21 -51.91 115.40
N THR M 481 11.85 -51.33 116.54
CA THR M 481 10.47 -50.96 116.80
C THR M 481 10.04 -49.73 116.02
N GLU M 482 10.98 -48.92 115.55
CA GLU M 482 10.66 -47.66 114.90
C GLU M 482 10.36 -47.80 113.41
N ALA M 483 10.76 -48.91 112.78
CA ALA M 483 10.48 -49.12 111.37
C ALA M 483 9.02 -49.51 111.18
N PHE M 484 8.57 -49.48 109.93
CA PHE M 484 7.19 -49.81 109.64
C PHE M 484 7.07 -51.19 109.01
N LEU M 485 5.89 -51.78 109.18
CA LEU M 485 5.57 -53.10 108.65
C LEU M 485 4.78 -52.94 107.37
N TYR M 486 4.89 -53.92 106.49
CA TYR M 486 4.25 -53.86 105.18
C TYR M 486 3.82 -55.27 104.82
N VAL M 487 2.56 -55.60 105.08
CA VAL M 487 2.07 -56.96 104.98
C VAL M 487 0.81 -56.97 104.11
N GLY M 488 0.57 -58.11 103.48
CA GLY M 488 -0.59 -58.28 102.62
C GLY M 488 -1.00 -59.74 102.57
N THR M 489 -2.14 -59.98 101.92
CA THR M 489 -2.75 -61.30 101.86
C THR M 489 -3.04 -61.66 100.41
N MET M 490 -2.61 -62.85 100.01
CA MET M 490 -2.87 -63.36 98.68
C MET M 490 -4.08 -64.29 98.69
N LEU M 491 -4.50 -64.69 97.49
CA LEU M 491 -5.64 -65.58 97.35
C LEU M 491 -5.45 -66.36 96.05
N ASP M 492 -5.03 -67.61 96.17
CA ASP M 492 -4.76 -68.45 95.02
C ASP M 492 -5.84 -69.50 94.80
N GLY M 493 -7.00 -69.37 95.46
CA GLY M 493 -8.02 -70.39 95.35
C GLY M 493 -8.65 -70.46 93.97
N GLY M 494 -9.42 -69.45 93.61
CA GLY M 494 -10.10 -69.42 92.32
C GLY M 494 -11.38 -68.60 92.39
N ASP M 495 -11.97 -68.43 91.21
CA ASP M 495 -13.15 -67.59 91.02
C ASP M 495 -12.92 -66.20 91.60
N LEU M 496 -11.74 -65.65 91.31
CA LEU M 496 -11.39 -64.31 91.76
C LEU M 496 -12.38 -63.26 91.29
N SER M 497 -13.03 -63.48 90.14
CA SER M 497 -13.97 -62.49 89.64
C SER M 497 -15.17 -62.33 90.56
N ARG M 498 -15.78 -63.45 90.96
CA ARG M 498 -17.02 -63.40 91.74
C ARG M 498 -16.78 -63.22 93.23
N PHE M 499 -15.56 -63.39 93.72
CA PHE M 499 -15.28 -63.37 95.15
C PHE M 499 -14.23 -62.32 95.44
N ALA M 500 -14.38 -61.63 96.57
CA ALA M 500 -13.45 -60.60 97.01
C ALA M 500 -12.88 -61.00 98.35
N LEU M 501 -11.55 -61.00 98.46
CA LEU M 501 -10.92 -61.28 99.74
C LEU M 501 -11.18 -60.14 100.71
N LEU M 502 -11.85 -60.45 101.82
CA LEU M 502 -12.29 -59.42 102.74
C LEU M 502 -11.83 -59.78 104.14
N MET M 503 -11.22 -58.81 104.82
CA MET M 503 -10.62 -59.02 106.13
C MET M 503 -11.65 -58.71 107.22
N THR M 504 -11.65 -59.53 108.27
CA THR M 504 -12.57 -59.31 109.38
C THR M 504 -11.84 -58.97 110.67
N ASN M 505 -10.94 -59.85 111.11
CA ASN M 505 -10.32 -59.71 112.43
C ASN M 505 -8.94 -60.31 112.43
N CYS M 506 -7.92 -59.46 112.49
CA CYS M 506 -6.54 -59.92 112.63
C CYS M 506 -5.98 -59.39 113.94
N TYR M 507 -4.99 -60.10 114.48
CA TYR M 507 -4.46 -59.79 115.79
C TYR M 507 -3.03 -60.30 115.90
N ALA M 508 -2.34 -59.82 116.92
CA ALA M 508 -0.98 -60.23 117.23
C ALA M 508 -0.97 -60.99 118.55
N THR M 509 -0.23 -62.09 118.58
CA THR M 509 -0.01 -62.86 119.79
C THR M 509 1.47 -63.16 119.93
N PRO M 510 1.96 -63.35 121.16
CA PRO M 510 3.39 -63.61 121.34
C PRO M 510 3.80 -65.02 120.90
N SER M 511 2.82 -65.86 120.55
CA SER M 511 3.09 -67.25 120.25
C SER M 511 2.46 -67.62 118.91
N SER M 512 3.04 -68.63 118.27
CA SER M 512 2.46 -69.15 117.04
C SER M 512 1.06 -69.70 117.26
N ASN M 513 0.75 -70.06 118.51
CA ASN M 513 -0.62 -70.40 118.88
C ASN M 513 -1.54 -69.21 118.63
N ALA M 514 -2.54 -69.42 117.78
CA ALA M 514 -3.47 -68.35 117.45
C ALA M 514 -4.47 -68.05 118.56
N THR M 515 -4.85 -69.05 119.35
CA THR M 515 -5.84 -68.89 120.40
C THR M 515 -5.24 -68.45 121.73
N ASP M 516 -4.11 -67.76 121.69
CA ASP M 516 -3.56 -67.20 122.92
C ASP M 516 -4.52 -66.16 123.48
N PRO M 517 -4.83 -66.22 124.78
CA PRO M 517 -5.80 -65.27 125.35
C PRO M 517 -5.42 -63.82 125.16
N LEU M 518 -4.12 -63.50 125.20
CA LEU M 518 -3.64 -62.16 124.90
C LEU M 518 -3.69 -61.96 123.39
N LYS M 519 -4.52 -61.02 122.93
CA LYS M 519 -4.61 -60.69 121.52
C LYS M 519 -4.60 -59.18 121.36
N TYR M 520 -3.77 -58.70 120.43
CA TYR M 520 -3.75 -57.29 120.07
C TYR M 520 -4.38 -57.18 118.68
N PHE M 521 -5.66 -56.83 118.65
CA PHE M 521 -6.44 -56.83 117.42
C PHE M 521 -5.97 -55.71 116.51
N ILE M 522 -5.14 -56.04 115.53
CA ILE M 522 -4.70 -55.04 114.56
C ILE M 522 -5.86 -54.57 113.71
N ILE M 523 -6.74 -55.48 113.32
CA ILE M 523 -7.94 -55.17 112.55
C ILE M 523 -9.13 -55.67 113.36
N GLN M 524 -10.01 -54.74 113.76
CA GLN M 524 -11.12 -55.05 114.64
C GLN M 524 -12.44 -54.80 113.92
N ASP M 525 -13.22 -55.87 113.75
CA ASP M 525 -14.56 -55.79 113.16
C ASP M 525 -14.52 -55.10 111.81
N ARG M 526 -13.75 -55.69 110.89
CA ARG M 526 -13.71 -55.27 109.50
C ARG M 526 -13.15 -53.86 109.35
N CYS M 527 -12.55 -53.33 110.43
CA CYS M 527 -12.04 -51.98 110.41
C CYS M 527 -10.80 -51.85 111.30
N PRO M 528 -9.78 -51.13 110.84
CA PRO M 528 -8.58 -50.96 111.67
C PRO M 528 -8.85 -50.07 112.87
N HIS M 529 -7.98 -50.17 113.88
CA HIS M 529 -8.10 -49.31 115.05
C HIS M 529 -7.92 -47.85 114.68
N THR M 530 -8.91 -47.04 115.03
CA THR M 530 -8.77 -45.60 115.05
C THR M 530 -8.02 -45.11 116.28
N ARG M 531 -8.13 -45.85 117.39
CA ARG M 531 -7.43 -45.51 118.62
C ARG M 531 -5.92 -45.54 118.47
N ASP M 532 -5.39 -46.31 117.53
CA ASP M 532 -3.97 -46.31 117.23
C ASP M 532 -3.75 -45.58 115.91
N SER M 533 -2.91 -44.55 115.94
CA SER M 533 -2.75 -43.68 114.78
C SER M 533 -1.92 -44.32 113.68
N THR M 534 -0.90 -45.10 114.05
CA THR M 534 0.05 -45.63 113.09
C THR M 534 -0.51 -46.78 112.27
N ILE M 535 -1.79 -47.11 112.44
CA ILE M 535 -2.44 -48.20 111.71
C ILE M 535 -3.09 -47.62 110.46
N GLN M 536 -2.81 -48.22 109.31
CA GLN M 536 -3.47 -47.83 108.08
C GLN M 536 -3.54 -49.02 107.13
N VAL M 537 -4.64 -49.10 106.40
CA VAL M 537 -4.83 -50.12 105.37
C VAL M 537 -4.73 -49.44 104.01
N VAL M 538 -4.68 -50.25 102.96
CA VAL M 538 -4.75 -49.76 101.58
C VAL M 538 -5.98 -50.32 100.87
N GLU M 539 -6.35 -51.56 101.15
CA GLU M 539 -7.47 -52.21 100.50
C GLU M 539 -8.04 -53.28 101.41
N ASN M 540 -9.36 -53.26 101.60
CA ASN M 540 -10.08 -54.29 102.34
C ASN M 540 -11.29 -54.70 101.50
N GLY M 541 -11.20 -55.87 100.88
CA GLY M 541 -12.25 -56.33 99.99
C GLY M 541 -12.21 -55.76 98.59
N GLU M 542 -11.24 -54.89 98.30
CA GLU M 542 -11.21 -54.24 96.99
C GLU M 542 -10.84 -55.23 95.89
N SER M 543 -10.11 -56.28 96.24
CA SER M 543 -9.71 -57.29 95.28
C SER M 543 -9.55 -58.62 96.02
N SER M 544 -8.90 -59.58 95.37
CA SER M 544 -8.54 -60.83 96.03
C SER M 544 -7.30 -60.70 96.90
N GLN M 545 -6.80 -59.48 97.09
CA GLN M 545 -5.61 -59.24 97.89
C GLN M 545 -5.88 -58.09 98.86
N GLY M 546 -5.51 -58.28 100.11
CA GLY M 546 -5.73 -57.27 101.15
C GLY M 546 -4.45 -56.97 101.91
N ARG M 547 -4.08 -55.70 101.92
CA ARG M 547 -2.79 -55.28 102.46
C ARG M 547 -2.99 -54.16 103.47
N PHE M 548 -2.05 -54.07 104.42
CA PHE M 548 -2.12 -53.04 105.45
C PHE M 548 -0.74 -52.90 106.10
N SER M 549 -0.52 -51.75 106.73
CA SER M 549 0.77 -51.38 107.29
C SER M 549 0.60 -50.76 108.66
N VAL M 550 1.64 -50.87 109.49
CA VAL M 550 1.62 -50.36 110.86
C VAL M 550 3.04 -50.30 111.38
N GLN M 551 3.30 -49.37 112.32
CA GLN M 551 4.59 -49.30 112.98
C GLN M 551 4.79 -50.52 113.87
N MET M 552 6.05 -50.87 114.12
CA MET M 552 6.35 -51.97 115.01
C MET M 552 6.13 -51.59 116.46
N PHE M 553 5.83 -52.60 117.28
CA PHE M 553 5.58 -52.48 118.71
C PHE M 553 6.26 -53.65 119.41
N ARG M 554 5.86 -53.91 120.65
CA ARG M 554 6.34 -55.09 121.36
C ARG M 554 5.35 -55.43 122.47
N PHE M 555 5.05 -56.71 122.64
CA PHE M 555 4.21 -57.12 123.75
C PHE M 555 4.91 -56.87 125.08
N ALA M 556 4.26 -56.10 125.94
CA ALA M 556 4.79 -55.88 127.28
C ALA M 556 4.81 -57.19 128.05
N GLY M 557 5.88 -57.40 128.81
CA GLY M 557 6.05 -58.65 129.52
C GLY M 557 7.29 -59.39 129.07
N ASN M 558 7.44 -60.64 129.49
CA ASN M 558 8.56 -61.46 129.06
C ASN M 558 8.26 -62.07 127.69
N TYR M 559 8.05 -61.19 126.72
CA TYR M 559 7.64 -61.56 125.38
C TYR M 559 8.56 -60.90 124.37
N ASP M 560 9.41 -61.70 123.73
CA ASP M 560 10.40 -61.19 122.79
C ASP M 560 10.10 -61.58 121.35
N LEU M 561 9.01 -62.28 121.10
CA LEU M 561 8.64 -62.70 119.75
C LEU M 561 7.19 -62.31 119.51
N VAL M 562 6.91 -61.94 118.26
CA VAL M 562 5.58 -61.46 117.88
C VAL M 562 5.08 -62.27 116.70
N TYR M 563 3.86 -62.78 116.82
CA TYR M 563 3.18 -63.52 115.77
C TYR M 563 1.93 -62.77 115.35
N LEU M 564 1.42 -63.13 114.17
CA LEU M 564 0.26 -62.44 113.61
C LEU M 564 -0.70 -63.47 113.03
N HIS M 565 -1.96 -63.41 113.46
CA HIS M 565 -2.99 -64.32 112.97
C HIS M 565 -4.18 -63.51 112.48
N CYS M 566 -4.58 -63.77 111.24
CA CYS M 566 -5.70 -63.09 110.59
C CYS M 566 -6.76 -64.12 110.19
N GLU M 567 -8.01 -63.65 110.07
CA GLU M 567 -9.10 -64.47 109.58
C GLU M 567 -9.84 -63.72 108.48
N VAL M 568 -10.08 -64.40 107.36
CA VAL M 568 -10.64 -63.79 106.17
C VAL M 568 -12.02 -64.36 105.90
N TYR M 569 -12.88 -63.55 105.28
CA TYR M 569 -14.21 -63.97 104.86
C TYR M 569 -14.43 -63.49 103.44
N LEU M 570 -14.52 -64.43 102.49
CA LEU M 570 -14.81 -64.06 101.11
C LEU M 570 -16.24 -63.56 100.98
N CYS M 571 -16.46 -62.71 99.98
CA CYS M 571 -17.77 -62.13 99.75
C CYS M 571 -18.06 -62.09 98.25
N ASP M 572 -19.34 -62.10 97.92
CA ASP M 572 -19.77 -61.94 96.53
C ASP M 572 -19.66 -60.46 96.16
N THR M 573 -19.01 -60.19 95.03
CA THR M 573 -18.86 -58.80 94.60
C THR M 573 -20.17 -58.25 94.06
N MET M 574 -21.18 -59.10 93.89
CA MET M 574 -22.47 -58.66 93.37
C MET M 574 -23.65 -58.95 94.28
N ASN M 575 -23.64 -60.05 95.03
CA ASN M 575 -24.81 -60.42 95.82
C ASN M 575 -24.93 -59.56 97.09
N GLU M 576 -23.81 -59.04 97.58
CA GLU M 576 -23.83 -58.19 98.77
C GLU M 576 -22.71 -57.16 98.67
N LYS M 577 -22.83 -56.13 99.50
CA LYS M 577 -21.88 -55.02 99.53
C LYS M 577 -20.72 -55.39 100.43
N CYS M 578 -19.50 -55.30 99.89
CA CYS M 578 -18.31 -55.73 100.60
C CYS M 578 -17.47 -54.59 101.17
N LYS M 579 -17.97 -53.37 101.16
CA LYS M 579 -17.14 -52.24 101.54
C LYS M 579 -17.36 -51.84 102.99
N PRO M 580 -16.35 -51.97 103.85
CA PRO M 580 -16.49 -51.51 105.24
C PRO M 580 -16.01 -50.09 105.43
N THR M 581 -16.82 -49.25 106.07
CA THR M 581 -16.45 -47.86 106.36
C THR M 581 -16.84 -47.56 107.79
N CYS M 582 -15.84 -47.42 108.66
CA CYS M 582 -16.06 -47.18 110.08
C CYS M 582 -15.65 -45.76 110.45
N SER M 583 -16.36 -45.20 111.42
CA SER M 583 -16.04 -43.88 111.95
C SER M 583 -16.21 -43.89 113.46
N GLY M 584 -15.49 -42.99 114.12
CA GLY M 584 -15.55 -42.89 115.57
C GLY M 584 -16.89 -42.40 116.10
N PRO N 173 -119.70 -43.99 -81.92
CA PRO N 173 -120.07 -44.98 -82.94
C PRO N 173 -120.42 -46.35 -82.36
N CYS N 174 -119.41 -47.20 -82.19
CA CYS N 174 -119.65 -48.54 -81.65
C CYS N 174 -120.04 -48.52 -80.18
N GLN N 175 -119.72 -47.45 -79.45
CA GLN N 175 -120.01 -47.37 -78.02
C GLN N 175 -121.08 -46.35 -77.67
N ALA N 176 -121.36 -45.39 -78.55
CA ALA N 176 -122.35 -44.34 -78.30
C ALA N 176 -123.48 -44.52 -79.31
N HIS N 177 -124.47 -45.32 -78.93
CA HIS N 177 -125.60 -45.61 -79.81
C HIS N 177 -126.81 -45.97 -78.96
N ARG N 178 -127.98 -45.87 -79.58
CA ARG N 178 -129.25 -46.20 -78.93
C ARG N 178 -129.82 -47.46 -79.56
N THR N 179 -130.07 -48.48 -78.75
CA THR N 179 -130.61 -49.72 -79.26
C THR N 179 -132.10 -49.58 -79.56
N LEU N 180 -132.59 -50.47 -80.41
CA LEU N 180 -134.01 -50.50 -80.81
C LEU N 180 -134.50 -51.94 -80.66
N ASP N 181 -135.27 -52.20 -79.60
CA ASP N 181 -135.82 -53.53 -79.34
C ASP N 181 -137.26 -53.52 -79.84
N GLU N 182 -137.42 -53.69 -81.15
CA GLU N 182 -138.73 -53.67 -81.80
C GLU N 182 -138.83 -54.87 -82.73
N TYR N 183 -139.87 -55.68 -82.55
CA TYR N 183 -140.05 -56.89 -83.34
C TYR N 183 -140.92 -56.68 -84.58
N TRP N 184 -141.45 -55.48 -84.78
CA TRP N 184 -142.32 -55.20 -85.91
C TRP N 184 -141.60 -54.57 -87.09
N ARG N 185 -140.28 -54.43 -87.02
CA ARG N 185 -139.49 -53.90 -88.12
C ARG N 185 -139.12 -54.96 -89.16
N SER N 186 -139.45 -56.22 -88.91
CA SER N 186 -139.10 -57.28 -89.84
C SER N 186 -139.92 -57.17 -91.13
N THR N 187 -139.38 -57.76 -92.19
CA THR N 187 -140.03 -57.78 -93.51
C THR N 187 -141.19 -58.75 -93.58
N GLU N 188 -141.55 -59.40 -92.47
CA GLU N 188 -142.64 -60.37 -92.44
C GLU N 188 -143.95 -59.75 -91.97
N TYR N 189 -143.91 -58.58 -91.32
CA TYR N 189 -145.11 -57.96 -90.79
C TYR N 189 -146.05 -57.56 -91.92
N GLY N 190 -147.36 -57.58 -91.62
CA GLY N 190 -148.37 -57.34 -92.62
C GLY N 190 -148.40 -55.94 -93.21
N GLU N 191 -148.77 -54.94 -92.40
CA GLU N 191 -148.92 -53.58 -92.90
C GLU N 191 -149.16 -52.64 -91.72
N GLY N 192 -148.58 -51.44 -91.80
CA GLY N 192 -148.79 -50.43 -90.79
C GLY N 192 -148.79 -49.02 -91.35
N TYR N 193 -148.62 -48.02 -90.49
CA TYR N 193 -148.62 -46.63 -90.94
C TYR N 193 -147.56 -45.77 -90.27
N ALA N 194 -146.71 -46.36 -89.44
CA ALA N 194 -145.72 -45.56 -88.71
C ALA N 194 -144.61 -45.08 -89.64
N CYS N 195 -144.13 -43.86 -89.40
CA CYS N 195 -143.00 -43.31 -90.12
C CYS N 195 -142.01 -42.73 -89.13
N ASP N 196 -140.72 -42.83 -89.45
CA ASP N 196 -139.65 -42.53 -88.51
C ASP N 196 -139.08 -41.14 -88.82
N THR N 197 -139.74 -40.12 -88.28
CA THR N 197 -139.26 -38.76 -88.40
C THR N 197 -138.47 -38.29 -87.17
N ASP N 198 -138.56 -39.00 -86.06
CA ASP N 198 -137.86 -38.64 -84.83
C ASP N 198 -136.59 -39.44 -84.60
N LEU N 199 -136.19 -40.29 -85.54
CA LEU N 199 -134.98 -41.08 -85.39
C LEU N 199 -133.76 -40.22 -85.69
N ARG N 200 -132.96 -39.94 -84.65
CA ARG N 200 -131.78 -39.10 -84.78
C ARG N 200 -130.64 -39.75 -84.01
N GLY N 201 -129.58 -40.12 -84.72
CA GLY N 201 -128.40 -40.69 -84.09
C GLY N 201 -127.98 -42.03 -84.65
N TRP N 202 -127.13 -42.75 -83.91
CA TRP N 202 -126.64 -44.06 -84.31
C TRP N 202 -127.42 -45.12 -83.55
N TYR N 203 -127.85 -46.17 -84.26
CA TYR N 203 -128.74 -47.17 -83.69
C TYR N 203 -128.20 -48.57 -83.93
N ARG N 204 -128.53 -49.47 -83.01
CA ARG N 204 -128.12 -50.86 -83.03
C ARG N 204 -129.38 -51.73 -83.01
N PHE N 205 -129.73 -52.29 -84.16
CA PHE N 205 -130.95 -53.08 -84.26
C PHE N 205 -130.80 -54.41 -83.52
N VAL N 206 -131.64 -54.64 -82.52
CA VAL N 206 -131.57 -55.82 -81.68
C VAL N 206 -132.98 -56.35 -81.46
N GLY N 207 -133.16 -57.66 -81.59
CA GLY N 207 -134.41 -58.32 -81.33
C GLY N 207 -134.73 -59.33 -82.41
N GLN N 208 -135.98 -59.80 -82.40
CA GLN N 208 -136.43 -60.77 -83.40
C GLN N 208 -136.50 -60.16 -84.80
N GLY N 209 -136.56 -58.84 -84.91
CA GLY N 209 -136.60 -58.22 -86.22
C GLY N 209 -135.33 -58.46 -87.03
N GLY N 210 -134.18 -58.31 -86.38
CA GLY N 210 -132.90 -58.52 -87.02
C GLY N 210 -131.87 -57.51 -86.58
N ALA N 211 -130.63 -57.75 -87.03
CA ALA N 211 -129.51 -56.88 -86.70
C ALA N 211 -129.07 -56.00 -87.86
N ARG N 212 -129.51 -56.28 -89.08
CA ARG N 212 -129.14 -55.52 -90.26
C ARG N 212 -130.39 -55.13 -91.04
N MET N 213 -130.27 -54.06 -91.83
CA MET N 213 -131.37 -53.62 -92.65
C MET N 213 -131.46 -54.46 -93.92
N ALA N 214 -132.48 -54.18 -94.73
CA ALA N 214 -132.70 -54.94 -95.95
C ALA N 214 -131.61 -54.64 -96.97
N GLU N 215 -131.24 -55.67 -97.75
CA GLU N 215 -130.25 -55.54 -98.80
C GLU N 215 -130.86 -55.44 -100.19
N THR N 216 -132.11 -55.85 -100.37
CA THR N 216 -132.85 -55.70 -101.61
C THR N 216 -134.16 -54.98 -101.31
N CYS N 217 -134.72 -54.33 -102.34
CA CYS N 217 -135.93 -53.55 -102.15
C CYS N 217 -137.10 -54.48 -101.83
N VAL N 218 -137.51 -54.47 -100.56
CA VAL N 218 -138.61 -55.32 -100.10
C VAL N 218 -139.90 -54.87 -100.77
N PRO N 219 -140.80 -55.78 -101.13
CA PRO N 219 -142.06 -55.38 -101.79
C PRO N 219 -142.85 -54.38 -100.95
N VAL N 220 -143.80 -53.73 -101.63
CA VAL N 220 -144.56 -52.64 -101.03
C VAL N 220 -145.46 -53.17 -99.93
N LEU N 221 -145.86 -52.26 -99.04
CA LEU N 221 -146.79 -52.54 -97.93
C LEU N 221 -146.22 -53.56 -96.95
N ARG N 222 -144.99 -53.34 -96.48
CA ARG N 222 -144.35 -54.20 -95.49
C ARG N 222 -143.68 -53.34 -94.43
N CYS N 223 -143.15 -54.01 -93.41
CA CYS N 223 -142.37 -53.37 -92.34
C CYS N 223 -143.19 -52.34 -91.58
N ASN N 224 -144.49 -52.63 -91.41
CA ASN N 224 -145.41 -51.73 -90.70
C ASN N 224 -145.41 -50.34 -91.35
N THR N 225 -145.32 -50.32 -92.68
CA THR N 225 -145.25 -49.06 -93.42
C THR N 225 -145.82 -49.28 -94.81
N ALA N 226 -146.50 -48.26 -95.33
CA ALA N 226 -147.02 -48.33 -96.69
C ALA N 226 -145.89 -48.40 -97.70
N ALA N 227 -144.83 -47.62 -97.50
CA ALA N 227 -143.67 -47.59 -98.40
C ALA N 227 -142.41 -47.83 -97.59
N PRO N 228 -141.97 -49.08 -97.49
CA PRO N 228 -140.74 -49.37 -96.74
C PRO N 228 -139.50 -48.97 -97.51
N MET N 229 -138.39 -48.87 -96.79
CA MET N 229 -137.10 -48.50 -97.35
C MET N 229 -136.11 -49.65 -97.20
N TRP N 230 -134.95 -49.48 -97.83
CA TRP N 230 -133.91 -50.49 -97.81
C TRP N 230 -132.56 -49.82 -98.05
N LEU N 231 -131.49 -50.51 -97.65
CA LEU N 231 -130.13 -50.07 -97.92
C LEU N 231 -129.63 -50.78 -99.17
N ASN N 232 -129.26 -50.01 -100.19
CA ASN N 232 -128.81 -50.59 -101.45
C ASN N 232 -127.32 -50.89 -101.39
N GLY N 233 -126.90 -51.91 -102.11
CA GLY N 233 -125.53 -52.38 -102.05
C GLY N 233 -125.34 -53.45 -101.00
N THR N 234 -124.09 -53.61 -100.58
CA THR N 234 -123.72 -54.61 -99.60
C THR N 234 -123.20 -53.93 -98.33
N HIS N 235 -123.47 -54.56 -97.19
CA HIS N 235 -123.01 -54.04 -95.92
C HIS N 235 -121.47 -54.10 -95.85
N PRO N 236 -120.84 -53.07 -95.29
CA PRO N 236 -119.38 -53.09 -95.16
C PRO N 236 -118.90 -54.18 -94.22
N SER N 237 -117.75 -54.74 -94.53
CA SER N 237 -117.14 -55.78 -93.70
C SER N 237 -116.39 -55.12 -92.55
N SER N 238 -115.78 -55.93 -91.68
CA SER N 238 -115.04 -55.40 -90.56
C SER N 238 -113.80 -54.65 -91.05
N ASP N 239 -113.35 -53.69 -90.24
CA ASP N 239 -112.20 -52.84 -90.56
C ASP N 239 -112.42 -52.11 -91.89
N GLU N 240 -113.50 -51.33 -91.89
CA GLU N 240 -113.89 -50.58 -93.09
C GLU N 240 -114.07 -49.09 -92.76
N GLY N 241 -114.44 -48.80 -91.51
CA GLY N 241 -114.65 -47.42 -91.12
C GLY N 241 -115.99 -46.88 -91.59
N ILE N 242 -116.05 -45.56 -91.70
CA ILE N 242 -117.28 -44.88 -92.10
C ILE N 242 -117.51 -45.12 -93.59
N VAL N 243 -118.72 -45.57 -93.94
CA VAL N 243 -119.10 -45.83 -95.32
C VAL N 243 -120.37 -45.05 -95.63
N SER N 244 -120.36 -44.37 -96.77
CA SER N 244 -121.47 -43.54 -97.21
C SER N 244 -122.35 -44.34 -98.15
N ARG N 245 -123.64 -44.46 -97.80
CA ARG N 245 -124.61 -45.16 -98.62
C ARG N 245 -125.87 -44.30 -98.71
N LYS N 246 -126.69 -44.60 -99.72
CA LYS N 246 -127.93 -43.87 -99.97
C LYS N 246 -129.08 -44.87 -99.91
N ALA N 247 -129.79 -44.89 -98.78
CA ALA N 247 -130.90 -45.81 -98.58
C ALA N 247 -132.05 -45.43 -99.50
N CYS N 248 -132.48 -46.39 -100.32
CA CYS N 248 -133.54 -46.16 -101.28
C CYS N 248 -134.89 -46.51 -100.66
N ALA N 249 -135.97 -46.03 -101.31
CA ALA N 249 -137.33 -46.23 -100.83
C ALA N 249 -138.16 -46.83 -101.96
N HIS N 250 -138.90 -47.88 -101.67
CA HIS N 250 -139.74 -48.53 -102.67
C HIS N 250 -141.19 -48.12 -102.50
N TRP N 251 -141.79 -47.62 -103.58
CA TRP N 251 -143.18 -47.20 -103.57
C TRP N 251 -143.68 -47.10 -105.01
N SER N 252 -144.97 -47.34 -105.19
CA SER N 252 -145.70 -47.19 -106.45
C SER N 252 -145.26 -48.18 -107.51
N GLY N 253 -144.41 -49.15 -107.17
CA GLY N 253 -143.92 -50.13 -108.12
C GLY N 253 -142.55 -49.85 -108.68
N HIS N 254 -141.92 -48.74 -108.30
CA HIS N 254 -140.58 -48.38 -108.74
C HIS N 254 -139.66 -48.40 -107.52
N CYS N 255 -138.81 -49.43 -107.44
CA CYS N 255 -137.85 -49.50 -106.35
C CYS N 255 -136.88 -48.33 -106.42
N CYS N 256 -136.57 -47.77 -105.26
CA CYS N 256 -135.66 -46.61 -105.13
C CYS N 256 -136.21 -45.41 -105.89
N LEU N 257 -137.39 -44.95 -105.46
CA LEU N 257 -138.00 -43.74 -106.01
C LEU N 257 -137.65 -42.48 -105.21
N TRP N 258 -137.53 -42.60 -103.89
CA TRP N 258 -137.01 -41.53 -103.04
C TRP N 258 -135.71 -42.00 -102.40
N ASP N 259 -134.86 -41.03 -102.05
CA ASP N 259 -133.52 -41.32 -101.57
C ASP N 259 -133.26 -40.62 -100.24
N ALA N 260 -132.54 -41.31 -99.35
CA ALA N 260 -132.12 -40.76 -98.07
C ALA N 260 -130.65 -41.09 -97.85
N SER N 261 -130.01 -40.30 -96.99
CA SER N 261 -128.58 -40.44 -96.73
C SER N 261 -128.36 -41.19 -95.43
N VAL N 262 -127.57 -42.27 -95.50
CA VAL N 262 -127.24 -43.07 -94.32
C VAL N 262 -125.73 -43.30 -94.32
N GLN N 263 -125.18 -43.45 -93.12
CA GLN N 263 -123.74 -43.69 -92.93
C GLN N 263 -123.57 -44.93 -92.06
N VAL N 264 -123.22 -46.05 -92.69
CA VAL N 264 -123.05 -47.33 -92.00
C VAL N 264 -121.58 -47.52 -91.66
N LYS N 265 -121.33 -48.00 -90.43
CA LYS N 265 -119.98 -48.29 -89.97
C LYS N 265 -119.96 -49.67 -89.34
N ALA N 266 -118.96 -50.47 -89.67
CA ALA N 266 -118.79 -51.77 -89.06
C ALA N 266 -118.28 -51.62 -87.63
N CYS N 267 -118.51 -52.67 -86.82
CA CYS N 267 -118.11 -52.67 -85.43
C CYS N 267 -117.48 -54.01 -85.08
N ALA N 268 -116.65 -53.99 -84.04
CA ALA N 268 -116.02 -55.21 -83.56
C ALA N 268 -117.07 -56.11 -82.92
N GLY N 269 -117.44 -57.17 -83.60
CA GLY N 269 -118.50 -58.06 -83.18
C GLY N 269 -119.60 -58.16 -84.21
N GLY N 270 -120.59 -58.99 -83.88
CA GLY N 270 -121.69 -59.25 -84.80
C GLY N 270 -122.82 -58.23 -84.70
N TYR N 271 -122.51 -56.96 -84.96
CA TYR N 271 -123.52 -55.92 -84.95
C TYR N 271 -123.02 -54.75 -85.78
N TYR N 272 -123.96 -53.89 -86.18
CA TYR N 272 -123.69 -52.75 -87.04
C TYR N 272 -124.35 -51.50 -86.46
N VAL N 273 -123.88 -50.33 -86.94
CA VAL N 273 -124.46 -49.04 -86.58
C VAL N 273 -124.73 -48.27 -87.87
N TYR N 274 -125.72 -47.38 -87.80
CA TYR N 274 -126.15 -46.62 -88.96
C TYR N 274 -126.50 -45.20 -88.56
N ASN N 275 -126.32 -44.26 -89.49
CA ASN N 275 -126.71 -42.87 -89.29
C ASN N 275 -128.09 -42.70 -89.92
N LEU N 276 -129.13 -42.98 -89.13
CA LEU N 276 -130.50 -42.99 -89.60
C LEU N 276 -131.01 -41.55 -89.67
N THR N 277 -131.32 -41.08 -90.87
CA THR N 277 -131.82 -39.73 -91.07
C THR N 277 -133.33 -39.76 -91.30
N ALA N 278 -133.93 -38.58 -91.21
CA ALA N 278 -135.37 -38.44 -91.45
C ALA N 278 -135.67 -38.56 -92.94
N PRO N 279 -136.66 -39.35 -93.33
CA PRO N 279 -137.02 -39.42 -94.75
C PRO N 279 -137.58 -38.10 -95.22
N PRO N 280 -137.57 -37.84 -96.54
CA PRO N 280 -138.12 -36.56 -97.03
C PRO N 280 -139.57 -36.33 -96.65
N GLU N 281 -140.37 -37.40 -96.55
CA GLU N 281 -141.76 -37.30 -96.14
C GLU N 281 -142.16 -38.54 -95.36
N CYS N 282 -143.27 -38.44 -94.64
CA CYS N 282 -143.75 -39.52 -93.80
C CYS N 282 -144.21 -40.71 -94.65
N HIS N 283 -144.68 -41.75 -93.97
CA HIS N 283 -145.02 -43.05 -94.58
C HIS N 283 -143.79 -43.74 -95.17
N LEU N 284 -142.63 -43.50 -94.56
CA LEU N 284 -141.39 -44.17 -94.92
C LEU N 284 -140.69 -44.65 -93.65
N ALA N 285 -140.25 -45.90 -93.65
CA ALA N 285 -139.56 -46.45 -92.48
C ALA N 285 -138.63 -47.57 -92.94
N TYR N 286 -137.67 -47.90 -92.07
CA TYR N 286 -136.67 -48.89 -92.40
C TYR N 286 -137.14 -50.29 -92.03
N CYS N 287 -136.42 -51.29 -92.55
CA CYS N 287 -136.70 -52.69 -92.31
C CYS N 287 -135.50 -53.37 -91.68
N THR N 288 -135.73 -54.56 -91.13
CA THR N 288 -134.67 -55.40 -90.57
C THR N 288 -134.92 -56.83 -91.01
N ASP N 289 -134.03 -57.35 -91.85
CA ASP N 289 -134.10 -58.72 -92.29
C ASP N 289 -133.55 -59.65 -91.21
N PRO N 290 -133.86 -60.96 -91.28
CA PRO N 290 -133.29 -61.90 -90.30
C PRO N 290 -131.77 -61.92 -90.33
N SER N 291 -131.19 -61.55 -91.47
CA SER N 291 -129.75 -61.33 -91.65
C SER N 291 -129.02 -62.63 -91.33
N SER N 292 -127.94 -62.61 -90.54
CA SER N 292 -127.13 -63.80 -90.33
C SER N 292 -126.97 -64.10 -88.84
N VAL N 293 -128.10 -64.13 -88.10
CA VAL N 293 -128.05 -64.48 -86.69
C VAL N 293 -127.50 -65.89 -86.50
N GLU N 294 -127.71 -66.77 -87.48
CA GLU N 294 -127.09 -68.09 -87.44
C GLU N 294 -125.58 -67.98 -87.57
N GLY N 295 -125.09 -67.12 -88.45
CA GLY N 295 -123.67 -66.89 -88.58
C GLY N 295 -123.07 -66.22 -87.37
N THR N 296 -122.24 -66.95 -86.63
CA THR N 296 -121.68 -66.50 -85.37
C THR N 296 -120.18 -66.32 -85.49
N CYS N 297 -119.59 -65.71 -84.45
CA CYS N 297 -118.15 -65.49 -84.39
C CYS N 297 -117.46 -66.30 -83.31
N GLU N 298 -118.21 -66.85 -82.35
CA GLU N 298 -117.58 -67.62 -81.28
C GLU N 298 -116.92 -68.89 -81.80
N GLU N 299 -117.34 -69.38 -82.97
CA GLU N 299 -116.70 -70.55 -83.56
C GLU N 299 -115.24 -70.27 -83.93
N CYS N 300 -114.87 -69.01 -84.09
CA CYS N 300 -113.47 -68.66 -84.28
C CYS N 300 -112.69 -68.86 -82.99
N SER N 301 -111.48 -69.40 -83.11
CA SER N 301 -110.65 -69.66 -81.94
C SER N 301 -110.07 -68.35 -81.40
N ILE N 302 -109.46 -68.45 -80.21
CA ILE N 302 -108.95 -67.27 -79.51
C ILE N 302 -107.91 -66.50 -80.29
N ASP N 303 -107.11 -67.17 -81.13
CA ASP N 303 -106.10 -66.50 -81.94
C ASP N 303 -106.65 -65.98 -83.27
N GLU N 304 -107.95 -66.16 -83.51
CA GLU N 304 -108.55 -65.78 -84.79
C GLU N 304 -109.41 -64.53 -84.58
N ASP N 305 -109.02 -63.44 -85.22
CA ASP N 305 -109.78 -62.20 -85.13
C ASP N 305 -111.13 -62.33 -85.82
N CYS N 306 -112.08 -61.51 -85.38
CA CYS N 306 -113.44 -61.54 -85.92
C CYS N 306 -113.51 -60.66 -87.17
N LYS N 307 -112.79 -61.08 -88.20
CA LYS N 307 -112.79 -60.36 -89.47
C LYS N 307 -114.01 -60.74 -90.30
N SER N 308 -114.26 -59.94 -91.33
CA SER N 308 -115.38 -60.15 -92.23
C SER N 308 -114.95 -59.82 -93.66
N ASN N 309 -115.65 -60.42 -94.63
CA ASN N 309 -115.41 -60.17 -96.05
C ASN N 309 -116.76 -60.01 -96.73
N ASN N 310 -117.09 -58.77 -97.11
CA ASN N 310 -118.35 -58.44 -97.76
C ASN N 310 -119.55 -58.91 -96.93
N GLY N 311 -119.47 -58.70 -95.62
CA GLY N 311 -120.57 -59.01 -94.72
C GLY N 311 -120.58 -60.40 -94.13
N ARG N 312 -119.67 -61.27 -94.54
CA ARG N 312 -119.60 -62.63 -94.01
C ARG N 312 -118.39 -62.74 -93.08
N TRP N 313 -118.65 -63.17 -91.85
CA TRP N 313 -117.63 -63.22 -90.81
C TRP N 313 -116.81 -64.50 -90.97
N HIS N 314 -115.48 -64.35 -90.98
CA HIS N 314 -114.57 -65.47 -91.08
C HIS N 314 -113.46 -65.33 -90.04
N CYS N 315 -112.77 -66.44 -89.77
CA CYS N 315 -111.73 -66.47 -88.75
C CYS N 315 -110.37 -66.24 -89.41
N GLN N 316 -110.00 -64.97 -89.51
CA GLN N 316 -108.67 -64.59 -89.98
C GLN N 316 -107.72 -64.56 -88.79
N CYS N 317 -106.66 -65.35 -88.85
CA CYS N 317 -105.75 -65.50 -87.72
C CYS N 317 -104.85 -64.27 -87.61
N LYS N 318 -103.86 -64.34 -86.71
CA LYS N 318 -102.92 -63.25 -86.53
C LYS N 318 -102.17 -62.96 -87.82
N GLN N 319 -102.07 -61.68 -88.18
CA GLN N 319 -101.22 -61.30 -89.30
C GLN N 319 -99.75 -61.49 -88.95
N ASP N 320 -99.40 -61.29 -87.67
CA ASP N 320 -98.03 -61.58 -87.22
C ASP N 320 -97.67 -63.04 -87.45
N PHE N 321 -98.67 -63.93 -87.41
CA PHE N 321 -98.44 -65.32 -87.76
C PHE N 321 -98.30 -65.47 -89.27
N ASN N 322 -97.12 -65.12 -89.80
CA ASN N 322 -96.88 -65.17 -91.24
C ASN N 322 -95.45 -65.61 -91.47
N ILE N 323 -95.27 -66.87 -91.84
CA ILE N 323 -93.96 -67.44 -92.12
C ILE N 323 -93.90 -67.75 -93.61
N THR N 324 -92.81 -67.33 -94.27
CA THR N 324 -92.70 -67.52 -95.70
C THR N 324 -92.25 -68.93 -96.07
N ASP N 325 -91.08 -69.34 -95.57
CA ASP N 325 -90.52 -70.63 -95.92
C ASP N 325 -91.18 -71.75 -95.10
N ILE N 326 -90.85 -72.99 -95.44
CA ILE N 326 -91.40 -74.16 -94.76
C ILE N 326 -90.42 -74.79 -93.79
N SER N 327 -89.15 -74.40 -93.81
CA SER N 327 -88.20 -74.90 -92.83
C SER N 327 -88.55 -74.43 -91.42
N LEU N 328 -89.03 -73.19 -91.28
CA LEU N 328 -89.42 -72.66 -89.98
C LEU N 328 -90.78 -73.17 -89.52
N LEU N 329 -91.41 -74.07 -90.26
CA LEU N 329 -92.70 -74.62 -89.86
C LEU N 329 -92.58 -75.33 -88.52
N GLU N 330 -93.48 -75.00 -87.60
CA GLU N 330 -93.46 -75.55 -86.27
C GLU N 330 -94.02 -76.97 -86.27
N HIS N 331 -93.75 -77.70 -85.18
CA HIS N 331 -94.22 -79.06 -85.02
C HIS N 331 -94.12 -79.40 -83.54
N ARG N 332 -95.25 -79.82 -82.95
CA ARG N 332 -95.29 -80.23 -81.55
C ARG N 332 -95.27 -81.75 -81.49
N LEU N 333 -94.10 -82.31 -81.21
CA LEU N 333 -93.89 -83.75 -81.20
C LEU N 333 -93.64 -84.19 -79.76
N GLU N 334 -94.61 -84.90 -79.18
CA GLU N 334 -94.45 -85.49 -77.86
C GLU N 334 -94.44 -87.01 -78.03
N CYS N 335 -93.51 -87.67 -77.34
CA CYS N 335 -93.33 -89.12 -77.44
C CYS N 335 -93.94 -89.77 -76.21
N GLY N 336 -95.25 -89.97 -76.25
CA GLY N 336 -95.97 -90.55 -75.14
C GLY N 336 -95.64 -92.02 -74.92
N ALA N 337 -96.19 -92.55 -73.82
CA ALA N 337 -95.90 -93.92 -73.45
C ALA N 337 -96.44 -94.92 -74.47
N ASN N 338 -97.71 -94.78 -74.87
CA ASN N 338 -98.37 -95.80 -75.68
C ASN N 338 -98.53 -95.42 -77.15
N ASP N 339 -98.90 -94.18 -77.45
CA ASP N 339 -99.16 -93.78 -78.82
C ASP N 339 -98.41 -92.50 -79.16
N MET N 340 -98.23 -92.30 -80.46
CA MET N 340 -97.47 -91.20 -81.04
C MET N 340 -98.38 -90.22 -81.74
N LYS N 341 -97.96 -88.96 -81.76
CA LYS N 341 -98.65 -87.96 -82.55
C LYS N 341 -97.71 -86.79 -82.81
N VAL N 342 -97.91 -86.13 -83.95
CA VAL N 342 -97.22 -84.90 -84.27
C VAL N 342 -98.28 -83.85 -84.54
N SER N 343 -98.13 -82.68 -83.93
CA SER N 343 -99.15 -81.64 -83.97
C SER N 343 -98.60 -80.43 -84.71
N LEU N 344 -99.42 -79.88 -85.60
CA LEU N 344 -99.05 -78.68 -86.35
C LEU N 344 -100.16 -77.66 -86.24
N GLY N 345 -99.79 -76.44 -85.84
CA GLY N 345 -100.75 -75.36 -85.69
C GLY N 345 -101.42 -75.00 -86.99
N LYS N 346 -102.75 -74.85 -86.96
CA LYS N 346 -103.49 -74.60 -88.19
C LYS N 346 -103.24 -73.19 -88.71
N CYS N 347 -103.01 -72.22 -87.82
CA CYS N 347 -102.78 -70.85 -88.27
C CYS N 347 -101.50 -70.74 -89.09
N GLN N 348 -100.43 -71.39 -88.65
CA GLN N 348 -99.15 -71.29 -89.35
C GLN N 348 -99.23 -71.92 -90.72
N LEU N 349 -99.88 -73.09 -90.84
CA LEU N 349 -100.01 -73.72 -92.14
C LEU N 349 -100.98 -72.96 -93.04
N LYS N 350 -102.01 -72.34 -92.46
CA LYS N 350 -102.91 -71.51 -93.26
C LYS N 350 -102.16 -70.32 -93.84
N SER N 351 -101.34 -69.66 -93.02
CA SER N 351 -100.53 -68.56 -93.54
C SER N 351 -99.46 -69.05 -94.50
N LEU N 352 -99.05 -70.32 -94.36
CA LEU N 352 -98.08 -70.90 -95.27
C LEU N 352 -98.65 -71.12 -96.67
N GLY N 353 -99.96 -71.00 -96.83
CA GLY N 353 -100.58 -71.15 -98.14
C GLY N 353 -101.42 -72.41 -98.26
N PHE N 354 -101.61 -73.12 -97.15
CA PHE N 354 -102.39 -74.34 -97.13
C PHE N 354 -103.76 -74.05 -96.52
N ASP N 355 -104.76 -73.91 -97.39
CA ASP N 355 -106.14 -73.76 -96.91
C ASP N 355 -106.61 -75.03 -96.23
N LYS N 356 -106.43 -76.18 -96.89
CA LYS N 356 -106.73 -77.48 -96.32
C LYS N 356 -105.52 -78.38 -96.48
N VAL N 357 -105.15 -79.07 -95.40
CA VAL N 357 -103.96 -79.90 -95.37
C VAL N 357 -104.37 -81.37 -95.46
N PHE N 358 -103.51 -82.16 -96.09
CA PHE N 358 -103.69 -83.61 -96.22
C PHE N 358 -102.51 -84.28 -95.52
N MET N 359 -102.73 -84.71 -94.28
CA MET N 359 -101.70 -85.36 -93.50
C MET N 359 -101.75 -86.87 -93.74
N TYR N 360 -100.68 -87.41 -94.31
CA TYR N 360 -100.61 -88.82 -94.66
C TYR N 360 -99.38 -89.43 -94.01
N LEU N 361 -99.55 -90.62 -93.42
CA LEU N 361 -98.43 -91.34 -92.84
C LEU N 361 -97.81 -92.22 -93.93
N SER N 362 -96.97 -93.17 -93.52
CA SER N 362 -96.47 -94.16 -94.48
C SER N 362 -97.60 -94.90 -95.16
N ASP N 363 -98.74 -95.02 -94.48
CA ASP N 363 -99.98 -95.52 -95.07
C ASP N 363 -101.02 -94.42 -95.02
N SER N 364 -101.78 -94.27 -96.10
CA SER N 364 -102.75 -93.18 -96.21
C SER N 364 -103.92 -93.31 -95.25
N ARG N 365 -104.10 -94.47 -94.61
CA ARG N 365 -105.20 -94.65 -93.69
C ARG N 365 -105.07 -93.80 -92.42
N CYS N 366 -103.86 -93.34 -92.11
CA CYS N 366 -103.63 -92.51 -90.92
C CYS N 366 -103.80 -91.03 -91.26
N SER N 367 -104.96 -90.65 -91.74
CA SER N 367 -105.22 -89.27 -92.12
C SER N 367 -105.27 -88.38 -90.89
N GLY N 368 -104.83 -87.12 -91.07
CA GLY N 368 -104.82 -86.19 -89.96
C GLY N 368 -106.21 -85.72 -89.58
N PHE N 369 -106.36 -85.38 -88.30
CA PHE N 369 -107.62 -84.87 -87.78
C PHE N 369 -107.38 -83.57 -87.01
N ASN N 370 -108.43 -83.01 -86.42
CA ASN N 370 -108.33 -81.75 -85.70
C ASN N 370 -108.48 -81.99 -84.20
N ASP N 371 -107.58 -81.38 -83.43
CA ASP N 371 -107.63 -81.43 -81.98
C ASP N 371 -107.21 -80.08 -81.44
N ARG N 372 -107.80 -79.68 -80.31
CA ARG N 372 -107.50 -78.40 -79.69
C ARG N 372 -107.12 -78.63 -78.23
N ASP N 373 -105.94 -78.16 -77.85
CA ASP N 373 -105.51 -78.14 -76.46
C ASP N 373 -105.26 -76.73 -75.95
N ASN N 374 -104.60 -75.89 -76.74
CA ASN N 374 -104.48 -74.46 -76.46
C ASN N 374 -104.76 -73.59 -77.67
N ARG N 375 -104.74 -74.15 -78.88
CA ARG N 375 -105.09 -73.43 -80.11
C ARG N 375 -105.51 -74.47 -81.14
N ASP N 376 -105.68 -74.04 -82.39
CA ASP N 376 -106.05 -74.95 -83.46
C ASP N 376 -104.85 -75.79 -83.88
N TRP N 377 -104.98 -77.11 -83.78
CA TRP N 377 -103.93 -78.04 -84.17
C TRP N 377 -104.51 -79.14 -85.04
N VAL N 378 -103.80 -79.48 -86.10
CA VAL N 378 -104.08 -80.68 -86.90
C VAL N 378 -102.99 -81.69 -86.59
N SER N 379 -103.39 -82.93 -86.29
CA SER N 379 -102.45 -83.90 -85.75
C SER N 379 -102.73 -85.27 -86.34
N VAL N 380 -101.68 -86.10 -86.36
CA VAL N 380 -101.75 -87.48 -86.79
C VAL N 380 -101.31 -88.37 -85.63
N VAL N 381 -102.08 -89.39 -85.32
CA VAL N 381 -101.78 -90.30 -84.22
C VAL N 381 -101.51 -91.69 -84.78
N THR N 382 -100.34 -92.23 -84.44
CA THR N 382 -99.96 -93.58 -84.85
C THR N 382 -99.49 -94.36 -83.62
N PRO N 383 -99.81 -95.64 -83.52
CA PRO N 383 -99.37 -96.41 -82.35
C PRO N 383 -97.85 -96.56 -82.30
N ALA N 384 -97.32 -96.64 -81.09
CA ALA N 384 -95.88 -96.82 -80.88
C ALA N 384 -95.56 -98.32 -80.88
N ARG N 385 -95.65 -98.91 -82.07
CA ARG N 385 -95.40 -100.32 -82.27
C ARG N 385 -94.75 -100.52 -83.63
N ASP N 386 -94.42 -101.76 -83.96
CA ASP N 386 -93.78 -102.11 -85.22
C ASP N 386 -94.84 -102.56 -86.20
N GLY N 387 -95.23 -101.68 -87.12
CA GLY N 387 -96.15 -102.03 -88.17
C GLY N 387 -97.58 -101.50 -88.17
N PRO N 388 -98.10 -100.93 -87.05
CA PRO N 388 -99.51 -100.53 -87.07
C PRO N 388 -99.87 -99.54 -88.17
N CYS N 389 -99.00 -98.56 -88.44
CA CYS N 389 -99.20 -97.62 -89.54
C CYS N 389 -97.88 -97.37 -90.25
N GLY N 390 -97.12 -98.44 -90.48
CA GLY N 390 -95.83 -98.33 -91.12
C GLY N 390 -94.72 -97.80 -90.25
N THR N 391 -94.86 -97.87 -88.92
CA THR N 391 -93.81 -97.41 -88.02
C THR N 391 -92.64 -98.38 -88.07
N VAL N 392 -91.47 -97.88 -88.44
CA VAL N 392 -90.27 -98.71 -88.52
C VAL N 392 -89.54 -98.67 -87.19
N LEU N 393 -89.31 -99.84 -86.61
CA LEU N 393 -88.60 -99.99 -85.36
C LEU N 393 -87.23 -100.60 -85.64
N THR N 394 -86.18 -99.89 -85.25
CA THR N 394 -84.81 -100.39 -85.34
C THR N 394 -84.13 -100.09 -84.01
N ARG N 395 -84.17 -101.04 -83.09
CA ARG N 395 -83.61 -100.88 -81.76
C ARG N 395 -82.16 -101.31 -81.75
N ASN N 396 -81.30 -100.48 -81.17
CA ASN N 396 -79.92 -100.83 -80.93
C ASN N 396 -79.77 -101.32 -79.49
N GLU N 397 -78.53 -101.55 -79.08
CA GLU N 397 -78.27 -102.15 -77.78
C GLU N 397 -78.72 -101.25 -76.62
N THR N 398 -78.96 -99.97 -76.87
CA THR N 398 -79.29 -99.03 -75.82
C THR N 398 -80.71 -98.51 -75.88
N HIS N 399 -81.24 -98.24 -77.07
CA HIS N 399 -82.55 -97.63 -77.21
C HIS N 399 -83.37 -98.35 -78.28
N ALA N 400 -84.64 -97.96 -78.36
CA ALA N 400 -85.58 -98.48 -79.35
C ALA N 400 -86.38 -97.31 -79.92
N THR N 401 -86.07 -96.92 -81.16
CA THR N 401 -86.67 -95.76 -81.78
C THR N 401 -87.81 -96.19 -82.70
N TYR N 402 -88.81 -95.32 -82.82
CA TYR N 402 -89.96 -95.54 -83.70
C TYR N 402 -89.95 -94.45 -84.76
N SER N 403 -89.62 -94.84 -85.99
CA SER N 403 -89.50 -93.91 -87.10
C SER N 403 -90.69 -94.10 -88.04
N ASN N 404 -91.52 -93.07 -88.13
CA ASN N 404 -92.61 -93.04 -89.10
C ASN N 404 -92.46 -91.77 -89.91
N THR N 405 -92.93 -91.80 -91.15
CA THR N 405 -92.58 -90.76 -92.10
C THR N 405 -93.85 -90.08 -92.62
N LEU N 406 -93.85 -88.75 -92.57
CA LEU N 406 -95.07 -87.95 -92.71
C LEU N 406 -95.10 -87.22 -94.05
N TYR N 407 -96.30 -87.14 -94.63
CA TYR N 407 -96.60 -86.35 -95.82
C TYR N 407 -97.44 -85.15 -95.43
N LEU N 408 -97.25 -84.05 -96.16
CA LEU N 408 -98.14 -82.89 -96.06
C LEU N 408 -98.34 -82.31 -97.44
N ALA N 409 -99.57 -81.89 -97.73
CA ALA N 409 -99.89 -81.29 -99.02
C ALA N 409 -101.15 -80.45 -98.87
N ASP N 410 -101.32 -79.50 -99.80
CA ASP N 410 -102.50 -78.66 -99.84
C ASP N 410 -103.63 -79.25 -100.68
N GLU N 411 -103.36 -80.33 -101.41
CA GLU N 411 -104.36 -80.96 -102.26
C GLU N 411 -104.05 -82.45 -102.36
N ILE N 412 -104.92 -83.17 -103.06
CA ILE N 412 -104.71 -84.61 -103.25
C ILE N 412 -103.44 -84.86 -104.06
N ILE N 413 -103.25 -84.09 -105.13
CA ILE N 413 -102.10 -84.25 -106.01
C ILE N 413 -101.08 -83.17 -105.68
N ILE N 414 -99.80 -83.54 -105.64
CA ILE N 414 -98.72 -82.60 -105.38
C ILE N 414 -97.99 -82.32 -106.68
N ARG N 415 -97.73 -81.04 -106.95
CA ARG N 415 -97.07 -80.63 -108.18
C ARG N 415 -95.76 -79.89 -107.95
N ASP N 416 -95.55 -79.32 -106.76
CA ASP N 416 -94.30 -78.65 -106.43
C ASP N 416 -94.15 -78.59 -104.91
N LEU N 417 -92.90 -78.48 -104.47
CA LEU N 417 -92.56 -78.36 -103.05
C LEU N 417 -93.14 -79.52 -102.25
N ASN N 418 -92.65 -80.73 -102.54
CA ASN N 418 -93.00 -81.87 -101.73
C ASN N 418 -92.44 -81.70 -100.32
N ILE N 419 -93.29 -81.88 -99.32
CA ILE N 419 -92.94 -81.58 -97.93
C ILE N 419 -92.81 -82.90 -97.18
N LYS N 420 -91.70 -83.06 -96.48
CA LYS N 420 -91.39 -84.30 -95.78
C LYS N 420 -91.10 -83.97 -94.33
N ILE N 421 -91.88 -84.53 -93.42
CA ILE N 421 -91.62 -84.46 -91.98
C ILE N 421 -91.27 -85.87 -91.54
N ASN N 422 -89.98 -86.20 -91.53
CA ASN N 422 -89.53 -87.52 -91.07
C ASN N 422 -89.26 -87.43 -89.57
N PHE N 423 -90.11 -88.08 -88.78
CA PHE N 423 -90.12 -87.94 -87.34
C PHE N 423 -89.85 -89.28 -86.67
N ALA N 424 -89.13 -89.22 -85.53
CA ALA N 424 -88.78 -90.43 -84.80
C ALA N 424 -88.36 -90.10 -83.36
N CYS N 425 -88.86 -90.88 -82.41
CA CYS N 425 -88.44 -90.77 -81.02
C CYS N 425 -88.08 -92.15 -80.51
N SER N 426 -87.12 -92.19 -79.59
CA SER N 426 -86.57 -93.44 -79.08
C SER N 426 -86.89 -93.59 -77.60
N TYR N 427 -87.07 -94.84 -77.18
CA TYR N 427 -87.24 -95.18 -75.77
C TYR N 427 -85.99 -95.84 -75.21
N PRO N 428 -85.69 -95.61 -73.94
CA PRO N 428 -84.64 -96.36 -73.28
C PRO N 428 -85.08 -97.80 -73.02
N LEU N 429 -84.09 -98.63 -72.74
CA LEU N 429 -84.37 -100.01 -72.35
C LEU N 429 -84.19 -100.25 -70.85
N ASP N 430 -83.50 -99.34 -70.17
CA ASP N 430 -83.33 -99.38 -68.73
C ASP N 430 -84.20 -98.31 -68.09
N MET N 431 -84.84 -98.65 -66.98
CA MET N 431 -85.63 -97.70 -66.20
C MET N 431 -85.65 -98.15 -64.75
N LYS N 432 -85.88 -97.18 -63.87
CA LYS N 432 -85.79 -97.40 -62.43
C LYS N 432 -87.18 -97.35 -61.81
N VAL N 433 -87.53 -98.39 -61.06
CA VAL N 433 -88.86 -98.52 -60.46
C VAL N 433 -88.71 -98.89 -59.00
N SER N 434 -89.68 -98.47 -58.20
CA SER N 434 -89.65 -98.69 -56.76
C SER N 434 -91.07 -98.61 -56.22
N LEU N 435 -91.27 -99.16 -55.03
CA LEU N 435 -92.56 -99.01 -54.35
C LEU N 435 -92.76 -97.57 -53.90
N LYS N 436 -94.01 -97.11 -53.98
CA LYS N 436 -94.41 -95.87 -53.36
C LYS N 436 -95.02 -96.07 -51.98
N THR N 437 -95.01 -97.30 -51.49
CA THR N 437 -95.57 -97.62 -50.18
C THR N 437 -94.43 -97.99 -49.22
N ALA N 438 -94.45 -97.39 -48.04
CA ALA N 438 -93.42 -97.63 -47.04
C ALA N 438 -93.63 -98.99 -46.40
N LEU N 439 -92.54 -99.60 -45.94
CA LEU N 439 -92.57 -100.91 -45.30
C LEU N 439 -91.85 -100.84 -43.95
N GLN N 440 -92.51 -101.38 -42.92
CA GLN N 440 -92.00 -101.33 -41.55
C GLN N 440 -92.10 -102.71 -40.92
N PRO N 441 -90.97 -103.38 -40.71
CA PRO N 441 -91.01 -104.69 -40.08
C PRO N 441 -90.96 -104.61 -38.56
N MET N 442 -91.45 -105.67 -37.92
CA MET N 442 -91.31 -105.85 -36.48
C MET N 442 -90.72 -107.23 -36.22
N VAL N 443 -89.72 -107.30 -35.37
CA VAL N 443 -89.10 -108.56 -34.96
C VAL N 443 -88.95 -108.55 -33.45
N SER N 444 -89.05 -109.73 -32.83
CA SER N 444 -88.90 -109.83 -31.38
C SER N 444 -87.51 -109.35 -30.97
N ALA N 445 -87.48 -108.48 -29.97
CA ALA N 445 -86.24 -107.86 -29.51
C ALA N 445 -86.00 -108.15 -28.04
N LEU N 446 -84.81 -108.66 -27.75
CA LEU N 446 -84.36 -108.88 -26.38
C LEU N 446 -83.34 -107.81 -26.04
N ASN N 447 -83.55 -107.12 -24.93
CA ASN N 447 -82.70 -106.00 -24.52
C ASN N 447 -81.85 -106.45 -23.33
N ILE N 448 -80.54 -106.48 -23.53
CA ILE N 448 -79.60 -106.73 -22.44
C ILE N 448 -79.07 -105.38 -21.98
N ARG N 449 -79.47 -104.97 -20.78
CA ARG N 449 -79.08 -103.68 -20.23
C ARG N 449 -77.85 -103.86 -19.35
N VAL N 450 -76.79 -103.12 -19.67
CA VAL N 450 -75.55 -103.15 -18.90
C VAL N 450 -75.21 -101.71 -18.53
N GLY N 451 -74.33 -101.57 -17.55
CA GLY N 451 -73.95 -100.26 -17.06
C GLY N 451 -72.50 -100.23 -16.64
N GLY N 452 -72.11 -99.10 -16.05
CA GLY N 452 -70.74 -98.93 -15.60
C GLY N 452 -70.55 -97.55 -15.00
N THR N 453 -69.30 -97.30 -14.61
CA THR N 453 -68.91 -96.01 -14.03
C THR N 453 -67.47 -95.72 -14.40
N GLY N 454 -67.20 -94.45 -14.74
CA GLY N 454 -65.87 -94.05 -15.15
C GLY N 454 -65.36 -92.88 -14.36
N MET N 455 -64.05 -92.71 -14.42
CA MET N 455 -63.34 -91.69 -13.66
C MET N 455 -62.68 -90.73 -14.64
N PHE N 456 -62.99 -89.44 -14.53
CA PHE N 456 -62.33 -88.45 -15.37
C PHE N 456 -60.95 -88.11 -14.81
N THR N 457 -60.09 -87.63 -15.70
CA THR N 457 -58.72 -87.28 -15.36
C THR N 457 -58.60 -85.76 -15.25
N VAL N 458 -58.25 -85.28 -14.07
CA VAL N 458 -58.04 -83.87 -13.79
C VAL N 458 -56.77 -83.74 -12.97
N ARG N 459 -55.97 -82.73 -13.29
CA ARG N 459 -54.64 -82.57 -12.71
C ARG N 459 -54.40 -81.12 -12.32
N MET N 460 -53.29 -80.90 -11.62
CA MET N 460 -52.71 -79.57 -11.47
C MET N 460 -51.21 -79.67 -11.65
N ALA N 461 -50.56 -78.51 -11.77
CA ALA N 461 -49.12 -78.47 -11.85
C ALA N 461 -48.64 -77.08 -11.47
N LEU N 462 -47.50 -77.04 -10.78
CA LEU N 462 -46.88 -75.79 -10.39
C LEU N 462 -46.11 -75.23 -11.57
N PHE N 463 -46.55 -74.08 -12.07
CA PHE N 463 -45.86 -73.40 -13.16
C PHE N 463 -44.66 -72.65 -12.59
N GLN N 464 -43.48 -72.97 -13.13
CA GLN N 464 -42.22 -72.44 -12.63
C GLN N 464 -42.08 -70.95 -12.87
N THR N 465 -42.95 -70.37 -13.68
CA THR N 465 -42.82 -68.99 -14.15
C THR N 465 -44.11 -68.23 -13.88
N PRO N 466 -44.05 -66.91 -13.86
CA PRO N 466 -45.26 -66.12 -14.07
C PRO N 466 -45.76 -66.32 -15.49
N SER N 467 -47.02 -65.96 -15.71
CA SER N 467 -47.75 -66.19 -16.95
C SER N 467 -48.04 -67.67 -17.19
N TYR N 468 -47.69 -68.54 -16.24
CA TYR N 468 -48.18 -69.92 -16.19
C TYR N 468 -47.74 -70.69 -17.44
N THR N 469 -46.42 -70.86 -17.57
CA THR N 469 -45.87 -71.41 -18.81
C THR N 469 -45.29 -72.80 -18.66
N GLN N 470 -44.43 -73.04 -17.66
CA GLN N 470 -43.70 -74.29 -17.63
C GLN N 470 -43.96 -75.04 -16.33
N PRO N 471 -44.30 -76.32 -16.41
CA PRO N 471 -44.61 -77.08 -15.20
C PRO N 471 -43.35 -77.44 -14.41
N TYR N 472 -43.57 -77.83 -13.16
CA TYR N 472 -42.50 -78.24 -12.26
C TYR N 472 -42.40 -79.76 -12.26
N GLN N 473 -41.19 -80.27 -12.42
CA GLN N 473 -40.95 -81.70 -12.56
C GLN N 473 -40.26 -82.29 -11.36
N GLY N 474 -39.67 -81.47 -10.48
CA GLY N 474 -39.12 -81.96 -9.24
C GLY N 474 -40.20 -82.41 -8.27
N SER N 475 -39.78 -83.23 -7.33
CA SER N 475 -40.70 -83.80 -6.34
C SER N 475 -40.86 -82.96 -5.09
N SER N 476 -40.14 -81.84 -4.99
CA SER N 476 -40.21 -80.98 -3.81
C SER N 476 -39.60 -79.63 -4.17
N VAL N 477 -40.14 -78.57 -3.57
CA VAL N 477 -39.64 -77.21 -3.79
C VAL N 477 -39.21 -76.62 -2.46
N THR N 478 -38.03 -76.02 -2.46
CA THR N 478 -37.53 -75.27 -1.32
C THR N 478 -37.38 -73.81 -1.75
N LEU N 479 -38.23 -72.95 -1.21
CA LEU N 479 -38.37 -71.59 -1.70
C LEU N 479 -38.26 -70.61 -0.54
N SER N 480 -38.36 -69.32 -0.90
CA SER N 480 -38.46 -68.24 0.06
C SER N 480 -39.92 -67.85 0.24
N THR N 481 -40.28 -67.55 1.48
CA THR N 481 -41.65 -67.16 1.81
C THR N 481 -42.08 -65.90 1.07
N GLU N 482 -41.14 -65.01 0.73
CA GLU N 482 -41.49 -63.78 0.03
C GLU N 482 -41.75 -64.00 -1.45
N ALA N 483 -41.34 -65.14 -2.01
CA ALA N 483 -41.58 -65.43 -3.42
C ALA N 483 -43.06 -65.75 -3.63
N PHE N 484 -43.46 -65.79 -4.90
CA PHE N 484 -44.86 -66.01 -5.20
C PHE N 484 -45.08 -67.37 -5.85
N LEU N 485 -46.31 -67.86 -5.73
CA LEU N 485 -46.71 -69.15 -6.25
C LEU N 485 -47.46 -68.95 -7.56
N TYR N 486 -47.38 -69.94 -8.44
CA TYR N 486 -48.02 -69.89 -9.75
C TYR N 486 -48.42 -71.32 -10.12
N VAL N 487 -49.67 -71.66 -9.84
CA VAL N 487 -50.16 -73.02 -10.06
C VAL N 487 -51.48 -72.96 -10.82
N GLY N 488 -51.75 -74.03 -11.56
CA GLY N 488 -52.99 -74.14 -12.32
C GLY N 488 -53.41 -75.59 -12.41
N THR N 489 -54.63 -75.80 -12.89
CA THR N 489 -55.24 -77.12 -12.96
C THR N 489 -55.69 -77.41 -14.38
N MET N 490 -55.31 -78.57 -14.89
CA MET N 490 -55.64 -79.00 -16.24
C MET N 490 -56.87 -79.88 -16.22
N LEU N 491 -57.35 -80.21 -17.42
CA LEU N 491 -58.51 -81.09 -17.57
C LEU N 491 -58.27 -81.98 -18.77
N ASP N 492 -57.84 -83.22 -18.53
CA ASP N 492 -57.51 -84.16 -19.59
C ASP N 492 -58.60 -85.22 -19.78
N GLY N 493 -59.76 -85.05 -19.15
CA GLY N 493 -60.75 -86.11 -19.18
C GLY N 493 -61.37 -86.29 -20.55
N GLY N 494 -62.16 -85.32 -21.00
CA GLY N 494 -62.85 -85.39 -22.26
C GLY N 494 -64.07 -84.48 -22.29
N ASP N 495 -64.62 -84.35 -23.49
CA ASP N 495 -65.74 -83.44 -23.76
C ASP N 495 -65.44 -82.05 -23.22
N LEU N 496 -64.22 -81.57 -23.51
CA LEU N 496 -63.81 -80.26 -23.04
C LEU N 496 -64.70 -79.14 -23.58
N SER N 497 -65.37 -79.37 -24.71
CA SER N 497 -66.27 -78.36 -25.24
C SER N 497 -67.45 -78.11 -24.32
N ARG N 498 -68.13 -79.19 -23.90
CA ARG N 498 -69.34 -79.07 -23.10
C ARG N 498 -69.08 -78.79 -21.63
N PHE N 499 -67.85 -78.99 -21.16
CA PHE N 499 -67.55 -78.90 -19.75
C PHE N 499 -66.49 -77.82 -19.51
N ALA N 500 -66.70 -77.02 -18.48
CA ALA N 500 -65.74 -76.00 -18.07
C ALA N 500 -65.25 -76.35 -16.67
N LEU N 501 -63.93 -76.42 -16.51
CA LEU N 501 -63.36 -76.70 -15.19
C LEU N 501 -63.70 -75.56 -14.24
N LEU N 502 -64.34 -75.91 -13.12
CA LEU N 502 -64.80 -74.91 -12.16
C LEU N 502 -64.35 -75.31 -10.78
N MET N 503 -63.73 -74.37 -10.07
CA MET N 503 -63.14 -74.62 -8.77
C MET N 503 -64.15 -74.27 -7.68
N THR N 504 -64.16 -75.07 -6.61
CA THR N 504 -65.09 -74.81 -5.52
C THR N 504 -64.37 -74.50 -4.22
N ASN N 505 -63.43 -75.36 -3.82
CA ASN N 505 -62.76 -75.19 -2.53
C ASN N 505 -61.41 -75.90 -2.55
N CYS N 506 -60.34 -75.13 -2.50
CA CYS N 506 -58.99 -75.67 -2.34
C CYS N 506 -58.39 -75.10 -1.07
N TYR N 507 -57.46 -75.86 -0.49
CA TYR N 507 -56.88 -75.48 0.79
C TYR N 507 -55.46 -76.01 0.91
N ALA N 508 -54.82 -75.63 2.00
CA ALA N 508 -53.47 -76.08 2.32
C ALA N 508 -53.49 -76.75 3.69
N THR N 509 -52.79 -77.87 3.80
CA THR N 509 -52.58 -78.57 5.06
C THR N 509 -51.10 -78.91 5.18
N PRO N 510 -50.58 -79.02 6.40
CA PRO N 510 -49.16 -79.31 6.56
C PRO N 510 -48.80 -80.75 6.26
N SER N 511 -49.77 -81.54 5.83
CA SER N 511 -49.56 -82.96 5.58
C SER N 511 -50.17 -83.35 4.24
N SER N 512 -49.61 -84.41 3.64
CA SER N 512 -50.18 -84.94 2.41
C SER N 512 -51.59 -85.45 2.60
N ASN N 513 -51.96 -85.75 3.84
CA ASN N 513 -53.34 -86.06 4.18
C ASN N 513 -54.23 -84.88 3.84
N ALA N 514 -55.28 -85.14 3.07
CA ALA N 514 -56.22 -84.09 2.67
C ALA N 514 -57.19 -83.71 3.77
N THR N 515 -57.61 -84.67 4.60
CA THR N 515 -58.62 -84.44 5.62
C THR N 515 -58.02 -83.97 6.94
N ASP N 516 -56.87 -83.32 6.91
CA ASP N 516 -56.32 -82.73 8.12
C ASP N 516 -57.26 -81.65 8.63
N PRO N 517 -57.62 -81.68 9.92
CA PRO N 517 -58.59 -80.70 10.44
C PRO N 517 -58.16 -79.26 10.25
N LEU N 518 -56.86 -78.97 10.37
CA LEU N 518 -56.34 -77.65 10.08
C LEU N 518 -56.34 -77.45 8.58
N LYS N 519 -57.14 -76.50 8.11
CA LYS N 519 -57.24 -76.22 6.68
C LYS N 519 -57.15 -74.72 6.45
N TYR N 520 -56.29 -74.32 5.51
CA TYR N 520 -56.19 -72.93 5.09
C TYR N 520 -56.76 -72.83 3.68
N PHE N 521 -58.00 -72.39 3.59
CA PHE N 521 -58.76 -72.39 2.33
C PHE N 521 -58.21 -71.28 1.43
N ILE N 522 -57.45 -71.66 0.41
CA ILE N 522 -56.93 -70.68 -0.53
C ILE N 522 -58.07 -70.05 -1.33
N ILE N 523 -59.02 -70.86 -1.78
CA ILE N 523 -60.21 -70.38 -2.47
C ILE N 523 -61.41 -70.92 -1.70
N GLN N 524 -62.18 -70.02 -1.10
CA GLN N 524 -63.29 -70.38 -0.23
C GLN N 524 -64.61 -70.19 -0.97
N ASP N 525 -65.31 -71.29 -1.22
CA ASP N 525 -66.63 -71.28 -1.83
C ASP N 525 -66.61 -70.52 -3.16
N ARG N 526 -65.83 -71.05 -4.10
CA ARG N 526 -65.82 -70.60 -5.48
C ARG N 526 -65.28 -69.18 -5.60
N CYS N 527 -64.71 -68.65 -4.52
CA CYS N 527 -64.22 -67.29 -4.51
C CYS N 527 -62.99 -67.17 -3.62
N PRO N 528 -61.96 -66.46 -4.05
CA PRO N 528 -60.76 -66.32 -3.23
C PRO N 528 -61.00 -65.45 -2.02
N HIS N 529 -60.14 -65.62 -1.01
CA HIS N 529 -60.20 -64.78 0.18
C HIS N 529 -59.97 -63.31 -0.18
N THR N 530 -61.00 -62.50 0.01
CA THR N 530 -60.83 -61.05 0.03
C THR N 530 -60.11 -60.59 1.27
N ARG N 531 -60.27 -61.33 2.38
CA ARG N 531 -59.55 -61.03 3.61
C ARG N 531 -58.03 -61.15 3.44
N ASP N 532 -57.57 -61.88 2.43
CA ASP N 532 -56.14 -61.96 2.13
C ASP N 532 -55.90 -61.25 0.79
N SER N 533 -55.02 -60.26 0.81
CA SER N 533 -54.82 -59.44 -0.38
C SER N 533 -53.99 -60.14 -1.44
N THR N 534 -53.01 -60.95 -1.02
CA THR N 534 -52.06 -61.54 -1.95
C THR N 534 -52.64 -62.72 -2.74
N ILE N 535 -53.93 -62.98 -2.64
CA ILE N 535 -54.59 -64.06 -3.36
C ILE N 535 -55.25 -63.47 -4.59
N GLN N 536 -54.96 -64.05 -5.76
CA GLN N 536 -55.61 -63.61 -6.99
C GLN N 536 -55.76 -64.79 -7.93
N VAL N 537 -56.89 -64.85 -8.61
CA VAL N 537 -57.16 -65.85 -9.63
C VAL N 537 -57.05 -65.20 -11.00
N VAL N 538 -56.82 -66.01 -12.02
CA VAL N 538 -56.81 -65.57 -13.40
C VAL N 538 -58.04 -66.06 -14.14
N GLU N 539 -58.54 -67.24 -13.78
CA GLU N 539 -59.68 -67.86 -14.46
C GLU N 539 -60.31 -68.89 -13.54
N ASN N 540 -61.63 -68.78 -13.34
CA ASN N 540 -62.41 -69.78 -12.62
C ASN N 540 -63.75 -69.93 -13.35
N GLY N 541 -64.02 -71.15 -13.82
CA GLY N 541 -65.23 -71.40 -14.58
C GLY N 541 -65.23 -70.85 -15.98
N GLU N 542 -64.09 -70.38 -16.48
CA GLU N 542 -64.05 -69.76 -17.80
C GLU N 542 -63.65 -70.76 -18.88
N SER N 543 -62.79 -71.73 -18.54
CA SER N 543 -62.28 -72.68 -19.50
C SER N 543 -62.09 -74.02 -18.80
N SER N 544 -61.40 -74.93 -19.48
CA SER N 544 -61.06 -76.23 -18.91
C SER N 544 -59.81 -76.17 -18.04
N GLN N 545 -59.24 -74.99 -17.83
CA GLN N 545 -58.04 -74.84 -17.01
C GLN N 545 -58.28 -73.74 -15.99
N GLY N 546 -57.93 -74.01 -14.75
CA GLY N 546 -58.13 -73.06 -13.66
C GLY N 546 -56.83 -72.78 -12.93
N ARG N 547 -56.39 -71.53 -12.97
CA ARG N 547 -55.08 -71.14 -12.46
C ARG N 547 -55.23 -70.00 -11.49
N PHE N 548 -54.25 -69.88 -10.58
CA PHE N 548 -54.28 -68.86 -9.54
C PHE N 548 -52.89 -68.73 -8.94
N SER N 549 -52.67 -67.62 -8.25
CA SER N 549 -51.37 -67.26 -7.69
C SER N 549 -51.53 -66.63 -6.32
N VAL N 550 -50.50 -66.76 -5.49
CA VAL N 550 -50.52 -66.24 -4.12
C VAL N 550 -49.08 -66.21 -3.60
N GLN N 551 -48.80 -65.30 -2.67
CA GLN N 551 -47.50 -65.28 -2.03
C GLN N 551 -47.35 -66.46 -1.09
N MET N 552 -46.11 -66.88 -0.86
CA MET N 552 -45.84 -68.00 0.04
C MET N 552 -46.07 -67.59 1.49
N PHE N 553 -46.53 -68.56 2.29
CA PHE N 553 -46.77 -68.41 3.72
C PHE N 553 -46.17 -69.59 4.45
N ARG N 554 -46.48 -69.72 5.74
CA ARG N 554 -46.07 -70.89 6.50
C ARG N 554 -47.07 -71.14 7.62
N PHE N 555 -47.52 -72.37 7.74
CA PHE N 555 -48.36 -72.75 8.88
C PHE N 555 -47.59 -72.55 10.17
N ALA N 556 -48.17 -71.75 11.07
CA ALA N 556 -47.55 -71.54 12.38
C ALA N 556 -47.51 -72.86 13.15
N GLY N 557 -46.41 -73.09 13.85
CA GLY N 557 -46.27 -74.32 14.61
C GLY N 557 -45.09 -75.14 14.17
N ASN N 558 -44.99 -76.36 14.68
CA ASN N 558 -43.90 -77.28 14.32
C ASN N 558 -44.23 -77.97 12.99
N TYR N 559 -44.36 -77.15 11.95
CA TYR N 559 -44.77 -77.62 10.63
C TYR N 559 -43.82 -77.03 9.59
N ASP N 560 -43.10 -77.91 8.90
CA ASP N 560 -42.07 -77.47 7.96
C ASP N 560 -42.43 -77.77 6.52
N LEU N 561 -43.57 -78.40 6.26
CA LEU N 561 -43.99 -78.71 4.91
C LEU N 561 -45.44 -78.29 4.73
N VAL N 562 -45.78 -77.92 3.50
CA VAL N 562 -47.13 -77.47 3.17
C VAL N 562 -47.60 -78.21 1.93
N TYR N 563 -48.83 -78.72 1.99
CA TYR N 563 -49.47 -79.44 0.90
C TYR N 563 -50.71 -78.68 0.47
N LEU N 564 -51.18 -78.95 -0.75
CA LEU N 564 -52.36 -78.30 -1.28
C LEU N 564 -53.35 -79.34 -1.77
N HIS N 565 -54.60 -79.23 -1.31
CA HIS N 565 -55.65 -80.14 -1.74
C HIS N 565 -56.82 -79.33 -2.29
N CYS N 566 -57.20 -79.62 -3.53
CA CYS N 566 -58.27 -78.93 -4.23
C CYS N 566 -59.39 -79.91 -4.56
N GLU N 567 -60.63 -79.43 -4.54
CA GLU N 567 -61.77 -80.21 -5.00
C GLU N 567 -62.48 -79.45 -6.10
N VAL N 568 -62.71 -80.12 -7.23
CA VAL N 568 -63.22 -79.49 -8.43
C VAL N 568 -64.64 -79.95 -8.68
N TYR N 569 -65.44 -79.10 -9.33
CA TYR N 569 -66.77 -79.45 -9.80
C TYR N 569 -66.90 -78.96 -11.23
N LEU N 570 -66.98 -79.89 -12.18
CA LEU N 570 -67.17 -79.49 -13.57
C LEU N 570 -68.61 -79.03 -13.79
N CYS N 571 -68.78 -78.18 -14.79
CA CYS N 571 -70.08 -77.59 -15.08
C CYS N 571 -70.34 -77.64 -16.58
N ASP N 572 -71.62 -77.74 -16.93
CA ASP N 572 -72.02 -77.57 -18.32
C ASP N 572 -71.85 -76.11 -18.70
N THR N 573 -71.24 -75.87 -19.86
CA THR N 573 -71.00 -74.51 -20.31
C THR N 573 -72.28 -73.85 -20.79
N MET N 574 -73.33 -74.64 -21.03
CA MET N 574 -74.58 -74.10 -21.57
C MET N 574 -75.79 -74.31 -20.67
N ASN N 575 -75.84 -75.40 -19.89
CA ASN N 575 -77.03 -75.66 -19.09
C ASN N 575 -77.14 -74.69 -17.92
N GLU N 576 -76.02 -74.16 -17.45
CA GLU N 576 -76.02 -73.18 -16.38
C GLU N 576 -74.79 -72.29 -16.51
N LYS N 577 -74.84 -71.14 -15.86
CA LYS N 577 -73.76 -70.16 -15.87
C LYS N 577 -72.79 -70.50 -14.75
N CYS N 578 -71.50 -70.61 -15.11
CA CYS N 578 -70.50 -71.12 -14.19
C CYS N 578 -69.66 -70.04 -13.52
N LYS N 579 -69.75 -68.80 -13.96
CA LYS N 579 -68.84 -67.78 -13.43
C LYS N 579 -69.23 -67.37 -12.02
N PRO N 580 -68.34 -67.49 -11.04
CA PRO N 580 -68.61 -66.93 -9.71
C PRO N 580 -68.07 -65.51 -9.58
N THR N 581 -68.90 -64.60 -9.08
CA THR N 581 -68.47 -63.22 -8.85
C THR N 581 -68.83 -62.86 -7.41
N CYS N 582 -67.80 -62.63 -6.59
CA CYS N 582 -67.97 -62.33 -5.18
C CYS N 582 -67.52 -60.92 -4.87
N SER N 583 -68.19 -60.28 -3.91
CA SER N 583 -67.84 -58.95 -3.45
C SER N 583 -68.06 -58.88 -1.95
N GLY N 584 -67.38 -57.92 -1.33
CA GLY N 584 -67.47 -57.74 0.12
C GLY N 584 -68.85 -57.30 0.58
N PRO O 173 -17.89 -15.11 149.31
CA PRO O 173 -18.25 -16.05 148.25
C PRO O 173 -18.43 -17.48 148.74
N CYS O 174 -17.32 -18.20 148.89
CA CYS O 174 -17.38 -19.58 149.34
C CYS O 174 -17.67 -19.70 150.83
N GLN O 175 -17.41 -18.64 151.60
CA GLN O 175 -17.66 -18.66 153.04
C GLN O 175 -18.82 -17.78 153.46
N ALA O 176 -19.12 -16.73 152.70
CA ALA O 176 -20.20 -15.79 153.02
C ALA O 176 -21.32 -16.00 152.00
N HIS O 177 -22.22 -16.93 152.34
CA HIS O 177 -23.33 -17.26 151.46
C HIS O 177 -24.49 -17.75 152.30
N ARG O 178 -25.69 -17.65 151.73
CA ARG O 178 -26.91 -18.10 152.38
C ARG O 178 -27.40 -19.37 151.70
N THR O 179 -27.40 -20.48 152.46
CA THR O 179 -27.85 -21.74 151.91
C THR O 179 -29.36 -21.73 151.70
N LEU O 180 -29.83 -22.61 150.82
CA LEU O 180 -31.23 -22.68 150.44
C LEU O 180 -31.66 -24.14 150.51
N ASP O 181 -32.39 -24.50 151.57
CA ASP O 181 -32.88 -25.85 151.77
C ASP O 181 -34.35 -25.87 151.35
N GLU O 182 -34.59 -25.99 150.05
CA GLU O 182 -35.93 -26.09 149.49
C GLU O 182 -35.97 -27.26 148.52
N TYR O 183 -36.93 -28.16 148.71
CA TYR O 183 -37.00 -29.37 147.91
C TYR O 183 -37.92 -29.23 146.70
N TRP O 184 -38.50 -28.06 146.46
CA TRP O 184 -39.44 -27.88 145.36
C TRP O 184 -38.83 -27.18 144.15
N ARG O 185 -37.53 -26.91 144.16
CA ARG O 185 -36.88 -26.28 143.02
C ARG O 185 -36.46 -27.26 141.95
N SER O 186 -36.64 -28.56 142.16
CA SER O 186 -36.22 -29.55 141.19
C SER O 186 -37.04 -29.43 139.90
N THR O 187 -36.44 -29.87 138.80
CA THR O 187 -37.11 -29.90 137.50
C THR O 187 -38.15 -30.99 137.39
N GLU O 188 -38.49 -31.63 138.51
CA GLU O 188 -39.50 -32.68 138.55
C GLU O 188 -40.84 -32.19 139.11
N TYR O 189 -40.87 -31.06 139.78
CA TYR O 189 -42.08 -30.55 140.40
C TYR O 189 -43.10 -30.13 139.35
N GLY O 190 -44.38 -30.23 139.71
CA GLY O 190 -45.45 -30.00 138.76
C GLY O 190 -45.60 -28.58 138.26
N GLU O 191 -46.00 -27.66 139.13
CA GLU O 191 -46.28 -26.28 138.72
C GLU O 191 -46.53 -25.42 139.95
N GLY O 192 -46.16 -24.15 139.86
CA GLY O 192 -46.43 -23.18 140.90
C GLY O 192 -46.57 -21.77 140.38
N TYR O 193 -46.45 -20.77 141.27
CA TYR O 193 -46.53 -19.38 140.84
C TYR O 193 -45.54 -18.47 141.54
N ALA O 194 -44.62 -19.01 142.33
CA ALA O 194 -43.67 -18.17 143.07
C ALA O 194 -42.58 -17.64 142.15
N CYS O 195 -42.14 -16.41 142.43
CA CYS O 195 -41.04 -15.79 141.72
C CYS O 195 -40.09 -15.15 142.72
N ASP O 196 -38.81 -15.07 142.35
CA ASP O 196 -37.76 -14.63 143.27
C ASP O 196 -37.36 -13.19 142.94
N THR O 197 -38.09 -12.25 143.53
CA THR O 197 -37.74 -10.84 143.41
C THR O 197 -36.96 -10.32 144.62
N ASP O 198 -37.09 -10.96 145.78
CA ASP O 198 -36.31 -10.64 146.96
C ASP O 198 -35.00 -11.43 147.03
N LEU O 199 -34.71 -12.24 146.01
CA LEU O 199 -33.53 -13.07 146.00
C LEU O 199 -32.30 -12.21 145.74
N ARG O 200 -31.52 -11.94 146.78
CA ARG O 200 -30.39 -11.02 146.70
C ARG O 200 -29.21 -11.62 147.45
N GLY O 201 -28.11 -11.88 146.73
CA GLY O 201 -26.89 -12.33 147.36
C GLY O 201 -26.29 -13.58 146.76
N TRP O 202 -25.33 -14.18 147.46
CA TRP O 202 -24.70 -15.43 147.05
C TRP O 202 -25.40 -16.58 147.78
N TYR O 203 -25.78 -17.61 147.04
CA TYR O 203 -26.62 -18.67 147.56
C TYR O 203 -26.03 -20.04 147.26
N ARG O 204 -26.29 -20.98 148.15
CA ARG O 204 -25.80 -22.35 148.06
C ARG O 204 -27.00 -23.29 148.11
N PHE O 205 -27.34 -23.89 146.97
CA PHE O 205 -28.49 -24.79 146.90
C PHE O 205 -28.13 -26.14 147.51
N VAL O 206 -28.88 -26.54 148.54
CA VAL O 206 -28.62 -27.78 149.26
C VAL O 206 -29.96 -28.45 149.57
N GLY O 207 -30.01 -29.77 149.40
CA GLY O 207 -31.17 -30.57 149.70
C GLY O 207 -31.45 -31.56 148.59
N GLN O 208 -32.65 -32.14 148.61
CA GLN O 208 -33.05 -33.07 147.56
C GLN O 208 -33.31 -32.36 146.25
N GLY O 209 -33.44 -31.03 146.25
CA GLY O 209 -33.56 -30.30 145.00
C GLY O 209 -32.31 -30.42 144.14
N GLY O 210 -31.14 -30.25 144.76
CA GLY O 210 -29.88 -30.39 144.07
C GLY O 210 -28.88 -29.34 144.51
N ALA O 211 -27.61 -29.62 144.18
CA ALA O 211 -26.52 -28.72 144.48
C ALA O 211 -26.21 -27.75 143.36
N ARG O 212 -26.53 -28.11 142.11
CA ARG O 212 -26.36 -27.24 140.97
C ARG O 212 -27.70 -27.01 140.29
N MET O 213 -27.79 -25.93 139.53
CA MET O 213 -29.01 -25.66 138.78
C MET O 213 -28.89 -26.19 137.36
N ALA O 214 -30.02 -26.21 136.65
CA ALA O 214 -30.14 -26.97 135.41
C ALA O 214 -29.17 -26.46 134.34
N GLU O 215 -28.65 -27.39 133.56
CA GLU O 215 -27.70 -27.09 132.50
C GLU O 215 -28.33 -27.03 131.11
N THR O 216 -29.60 -27.41 130.98
CA THR O 216 -30.32 -27.35 129.72
C THR O 216 -31.62 -26.58 129.94
N CYS O 217 -32.20 -26.06 128.85
CA CYS O 217 -33.45 -25.33 128.99
C CYS O 217 -34.58 -26.32 129.29
N VAL O 218 -34.92 -26.45 130.56
CA VAL O 218 -35.93 -27.41 131.00
C VAL O 218 -37.29 -26.99 130.46
N PRO O 219 -38.14 -27.92 130.00
CA PRO O 219 -39.42 -27.55 129.40
C PRO O 219 -40.29 -26.70 130.31
N VAL O 220 -41.32 -26.11 129.71
CA VAL O 220 -42.15 -25.14 130.40
C VAL O 220 -42.94 -25.82 131.52
N LEU O 221 -43.43 -24.99 132.45
CA LEU O 221 -44.29 -25.42 133.55
C LEU O 221 -43.61 -26.41 134.48
N ARG O 222 -42.47 -26.02 135.03
CA ARG O 222 -41.74 -26.80 136.03
C ARG O 222 -41.19 -25.88 137.11
N CYS O 223 -40.59 -26.50 138.13
CA CYS O 223 -39.84 -25.79 139.16
C CYS O 223 -40.72 -24.81 139.94
N ASN O 224 -41.99 -25.16 140.10
CA ASN O 224 -42.96 -24.32 140.79
C ASN O 224 -43.04 -22.93 140.15
N THR O 225 -42.90 -22.90 138.83
CA THR O 225 -42.85 -21.64 138.11
C THR O 225 -43.42 -21.84 136.71
N ALA O 226 -44.10 -20.82 136.21
CA ALA O 226 -44.63 -20.86 134.85
C ALA O 226 -43.50 -20.93 133.83
N ALA O 227 -42.42 -20.17 134.06
CA ALA O 227 -41.28 -20.10 133.15
C ALA O 227 -40.00 -20.34 133.93
N PRO O 228 -39.45 -21.55 133.89
CA PRO O 228 -38.21 -21.83 134.62
C PRO O 228 -37.01 -21.23 133.92
N MET O 229 -36.04 -20.81 134.73
CA MET O 229 -34.78 -20.27 134.24
C MET O 229 -33.69 -21.33 134.38
N TRP O 230 -32.55 -21.04 133.75
CA TRP O 230 -31.50 -22.05 133.58
C TRP O 230 -30.22 -21.39 133.10
N LEU O 231 -29.12 -21.69 133.80
CA LEU O 231 -27.81 -21.22 133.42
C LEU O 231 -27.40 -21.89 132.12
N ASN O 232 -26.93 -21.09 131.16
CA ASN O 232 -26.51 -21.63 129.87
C ASN O 232 -25.02 -21.96 129.89
N GLY O 233 -24.65 -22.96 129.10
CA GLY O 233 -23.28 -23.44 129.13
C GLY O 233 -23.06 -24.49 130.18
N THR O 234 -21.86 -24.49 130.74
CA THR O 234 -21.44 -25.46 131.73
C THR O 234 -20.99 -24.77 133.02
N HIS O 235 -21.13 -25.48 134.13
CA HIS O 235 -20.62 -24.99 135.40
C HIS O 235 -19.09 -24.93 135.38
N PRO O 236 -18.50 -23.87 135.93
CA PRO O 236 -17.04 -23.80 136.00
C PRO O 236 -16.47 -24.87 136.90
N SER O 237 -15.28 -25.36 136.55
CA SER O 237 -14.60 -26.36 137.35
C SER O 237 -13.95 -25.68 138.56
N SER O 238 -13.33 -26.47 139.42
CA SER O 238 -12.63 -25.90 140.57
C SER O 238 -11.43 -25.09 140.09
N ASP O 239 -11.06 -24.09 140.89
CA ASP O 239 -9.95 -23.19 140.60
C ASP O 239 -10.21 -22.43 139.29
N GLU O 240 -11.36 -21.77 139.26
CA GLU O 240 -11.77 -21.00 138.08
C GLU O 240 -12.08 -19.56 138.46
N GLY O 241 -12.51 -19.33 139.69
CA GLY O 241 -12.84 -18.00 140.15
C GLY O 241 -14.19 -17.54 139.63
N ILE O 242 -14.33 -16.22 139.55
CA ILE O 242 -15.59 -15.60 139.14
C ILE O 242 -15.79 -15.85 137.65
N VAL O 243 -16.97 -16.35 137.29
CA VAL O 243 -17.34 -16.58 135.90
C VAL O 243 -18.65 -15.86 135.63
N SER O 244 -18.66 -15.08 134.54
CA SER O 244 -19.81 -14.28 134.15
C SER O 244 -20.69 -15.10 133.21
N ARG O 245 -21.95 -15.26 133.59
CA ARG O 245 -22.90 -16.02 132.80
C ARG O 245 -24.21 -15.23 132.72
N LYS O 246 -24.99 -15.53 131.68
CA LYS O 246 -26.29 -14.91 131.47
C LYS O 246 -27.34 -16.02 131.44
N ALA O 247 -28.02 -16.21 132.58
CA ALA O 247 -29.01 -17.26 132.72
C ALA O 247 -30.19 -16.97 131.78
N CYS O 248 -30.58 -17.98 131.01
CA CYS O 248 -31.69 -17.83 130.08
C CYS O 248 -32.97 -18.38 130.69
N ALA O 249 -34.11 -17.93 130.15
CA ALA O 249 -35.43 -18.30 130.66
C ALA O 249 -36.23 -18.95 129.55
N HIS O 250 -36.85 -20.09 129.85
CA HIS O 250 -37.68 -20.81 128.88
C HIS O 250 -39.14 -20.45 129.09
N TRP O 251 -39.77 -19.92 128.04
CA TRP O 251 -41.18 -19.53 128.10
C TRP O 251 -41.72 -19.40 126.68
N SER O 252 -43.02 -19.64 126.53
CA SER O 252 -43.81 -19.40 125.33
C SER O 252 -43.40 -20.30 124.17
N GLY O 253 -42.48 -21.23 124.35
CA GLY O 253 -42.02 -22.10 123.29
C GLY O 253 -40.69 -21.74 122.68
N HIS O 254 -40.00 -20.73 123.22
CA HIS O 254 -38.68 -20.32 122.75
C HIS O 254 -37.73 -20.33 123.94
N CYS O 255 -36.77 -21.26 123.93
CA CYS O 255 -35.77 -21.30 124.99
C CYS O 255 -34.93 -20.02 124.95
N CYS O 256 -34.65 -19.47 126.13
CA CYS O 256 -33.88 -18.23 126.28
C CYS O 256 -34.55 -17.05 125.58
N LEU O 257 -35.73 -16.68 126.11
CA LEU O 257 -36.44 -15.50 125.63
C LEU O 257 -36.16 -14.26 126.46
N TRP O 258 -36.03 -14.41 127.78
CA TRP O 258 -35.56 -13.34 128.65
C TRP O 258 -34.23 -13.74 129.28
N ASP O 259 -33.43 -12.74 129.61
CA ASP O 259 -32.07 -12.95 130.08
C ASP O 259 -31.88 -12.32 131.45
N ALA O 260 -31.11 -12.99 132.30
CA ALA O 260 -30.74 -12.50 133.62
C ALA O 260 -29.24 -12.61 133.80
N SER O 261 -28.69 -11.75 134.65
CA SER O 261 -27.25 -11.67 134.88
C SER O 261 -26.90 -12.45 136.15
N VAL O 262 -25.99 -13.41 136.02
CA VAL O 262 -25.56 -14.23 137.15
C VAL O 262 -24.03 -14.34 137.11
N GLN O 263 -23.44 -14.54 138.28
CA GLN O 263 -21.99 -14.71 138.42
C GLN O 263 -21.75 -15.95 139.27
N VAL O 264 -21.46 -17.07 138.60
CA VAL O 264 -21.24 -18.35 139.27
C VAL O 264 -19.75 -18.49 139.58
N LYS O 265 -19.46 -18.96 140.80
CA LYS O 265 -18.08 -19.19 141.22
C LYS O 265 -17.97 -20.58 141.84
N ALA O 266 -16.87 -21.27 141.54
CA ALA O 266 -16.63 -22.58 142.10
C ALA O 266 -15.96 -22.46 143.48
N CYS O 267 -16.00 -23.56 144.23
CA CYS O 267 -15.45 -23.61 145.57
C CYS O 267 -14.80 -24.95 145.81
N ALA O 268 -13.89 -24.98 146.79
CA ALA O 268 -13.21 -26.20 147.19
C ALA O 268 -14.23 -27.16 147.80
N GLY O 269 -14.52 -28.24 147.10
CA GLY O 269 -15.54 -29.19 147.50
C GLY O 269 -16.68 -29.23 146.49
N GLY O 270 -17.53 -30.24 146.66
CA GLY O 270 -18.62 -30.46 145.73
C GLY O 270 -19.81 -29.55 145.95
N TYR O 271 -19.60 -28.25 145.79
CA TYR O 271 -20.66 -27.26 145.96
C TYR O 271 -20.23 -25.98 145.28
N TYR O 272 -21.22 -25.14 144.96
CA TYR O 272 -21.01 -23.93 144.19
C TYR O 272 -21.88 -22.80 144.76
N VAL O 273 -21.61 -21.58 144.27
CA VAL O 273 -22.38 -20.39 144.63
C VAL O 273 -22.71 -19.61 143.36
N TYR O 274 -23.70 -18.73 143.49
CA TYR O 274 -24.18 -17.94 142.35
C TYR O 274 -24.50 -16.53 142.81
N ASN O 275 -24.39 -15.57 141.89
CA ASN O 275 -24.86 -14.19 142.12
C ASN O 275 -26.25 -14.09 141.53
N LEU O 276 -27.26 -14.48 142.32
CA LEU O 276 -28.64 -14.57 141.86
C LEU O 276 -29.28 -13.20 141.93
N THR O 277 -29.58 -12.63 140.76
CA THR O 277 -30.21 -11.32 140.69
C THR O 277 -31.71 -11.46 140.47
N ALA O 278 -32.41 -10.35 140.59
CA ALA O 278 -33.85 -10.32 140.36
C ALA O 278 -34.15 -10.39 138.87
N PRO O 279 -35.07 -11.25 138.43
CA PRO O 279 -35.41 -11.29 137.01
C PRO O 279 -36.11 -10.01 136.59
N PRO O 280 -36.15 -9.72 135.28
CA PRO O 280 -36.83 -8.49 134.84
C PRO O 280 -38.29 -8.43 135.25
N GLU O 281 -38.98 -9.56 135.33
CA GLU O 281 -40.36 -9.61 135.75
C GLU O 281 -40.64 -10.90 136.51
N CYS O 282 -41.76 -10.93 137.23
CA CYS O 282 -42.14 -12.06 138.06
C CYS O 282 -42.52 -13.25 137.19
N HIS O 283 -42.92 -14.34 137.84
CA HIS O 283 -43.20 -15.64 137.20
C HIS O 283 -41.94 -16.25 136.61
N LEU O 284 -40.79 -15.93 137.19
CA LEU O 284 -39.50 -16.50 136.80
C LEU O 284 -38.75 -16.96 138.04
N ALA O 285 -38.24 -18.18 138.01
CA ALA O 285 -37.46 -18.70 139.12
C ALA O 285 -36.51 -19.77 138.60
N TYR O 286 -35.45 -20.01 139.37
CA TYR O 286 -34.44 -20.98 138.99
C TYR O 286 -34.86 -22.39 139.36
N CYS O 287 -34.12 -23.37 138.85
CA CYS O 287 -34.34 -24.78 139.12
C CYS O 287 -33.10 -25.38 139.78
N THR O 288 -33.21 -26.66 140.11
CA THR O 288 -32.09 -27.43 140.65
C THR O 288 -32.17 -28.83 140.06
N ASP O 289 -31.28 -29.14 139.13
CA ASP O 289 -31.19 -30.49 138.62
C ASP O 289 -30.50 -31.39 139.65
N PRO O 290 -30.69 -32.72 139.54
CA PRO O 290 -30.04 -33.63 140.50
C PRO O 290 -28.53 -33.49 140.52
N SER O 291 -27.96 -33.03 139.40
CA SER O 291 -26.54 -32.68 139.26
C SER O 291 -25.71 -33.93 139.58
N SER O 292 -24.65 -33.83 140.38
CA SER O 292 -23.75 -34.95 140.58
C SER O 292 -23.56 -35.28 142.05
N VAL O 293 -24.67 -35.44 142.78
CA VAL O 293 -24.59 -35.86 144.18
C VAL O 293 -23.93 -37.24 144.27
N GLU O 294 -24.11 -38.07 143.23
CA GLU O 294 -23.39 -39.34 143.17
C GLU O 294 -21.90 -39.10 143.01
N GLY O 295 -21.52 -38.14 142.16
CA GLY O 295 -20.13 -37.79 141.98
C GLY O 295 -19.54 -37.12 143.20
N THR O 296 -18.64 -37.82 143.89
CA THR O 296 -18.10 -37.39 145.16
C THR O 296 -16.62 -37.05 145.03
N CYS O 297 -16.06 -36.48 146.10
CA CYS O 297 -14.65 -36.16 146.17
C CYS O 297 -13.90 -36.91 147.26
N GLU O 298 -14.61 -37.55 148.20
CA GLU O 298 -13.94 -38.29 149.26
C GLU O 298 -13.19 -39.49 148.71
N GLU O 299 -13.59 -40.00 147.55
CA GLU O 299 -12.86 -41.08 146.91
C GLU O 299 -11.47 -40.65 146.48
N CYS O 300 -11.20 -39.35 146.41
CA CYS O 300 -9.84 -38.87 146.21
C CYS O 300 -9.02 -39.02 147.49
N SER O 301 -7.80 -39.53 147.34
CA SER O 301 -6.92 -39.75 148.48
C SER O 301 -6.41 -38.41 149.01
N ILE O 302 -5.73 -38.47 150.16
CA ILE O 302 -5.30 -37.27 150.86
C ILE O 302 -4.37 -36.38 150.04
N ASP O 303 -3.43 -36.96 149.27
CA ASP O 303 -2.57 -36.18 148.40
C ASP O 303 -3.26 -35.81 147.08
N GLU O 304 -4.44 -36.36 146.83
CA GLU O 304 -5.18 -36.11 145.61
C GLU O 304 -6.13 -34.95 145.84
N ASP O 305 -5.85 -33.82 145.19
CA ASP O 305 -6.63 -32.61 145.40
C ASP O 305 -8.04 -32.75 144.84
N CYS O 306 -8.94 -31.92 145.34
CA CYS O 306 -10.33 -31.93 144.91
C CYS O 306 -10.49 -31.05 143.66
N LYS O 307 -9.80 -31.46 142.61
CA LYS O 307 -9.82 -30.73 141.35
C LYS O 307 -11.05 -31.13 140.53
N SER O 308 -11.36 -30.31 139.53
CA SER O 308 -12.51 -30.53 138.66
C SER O 308 -12.17 -30.12 137.24
N ASN O 309 -12.89 -30.71 136.27
CA ASN O 309 -12.74 -30.40 134.86
C ASN O 309 -14.13 -30.26 134.27
N ASN O 310 -14.53 -29.01 133.97
CA ASN O 310 -15.85 -28.71 133.42
C ASN O 310 -16.96 -29.23 134.32
N GLY O 311 -16.77 -29.11 135.64
CA GLY O 311 -17.79 -29.50 136.60
C GLY O 311 -17.73 -30.92 137.09
N ARG O 312 -16.80 -31.74 136.59
CA ARG O 312 -16.66 -33.12 137.01
C ARG O 312 -15.45 -33.24 137.92
N TRP O 313 -15.66 -33.81 139.11
CA TRP O 313 -14.63 -33.84 140.15
C TRP O 313 -13.73 -35.05 139.97
N HIS O 314 -12.42 -34.81 139.95
CA HIS O 314 -11.43 -35.86 139.80
C HIS O 314 -10.33 -35.67 140.84
N CYS O 315 -9.41 -36.63 140.88
CA CYS O 315 -8.33 -36.64 141.86
C CYS O 315 -7.00 -36.35 141.18
N GLN O 316 -6.66 -35.06 141.11
CA GLN O 316 -5.38 -34.62 140.58
C GLN O 316 -4.42 -34.43 141.74
N CYS O 317 -3.29 -35.14 141.69
CA CYS O 317 -2.40 -35.23 142.84
C CYS O 317 -1.55 -33.96 142.95
N LYS O 318 -0.54 -34.00 143.82
CA LYS O 318 0.35 -32.86 143.96
C LYS O 318 1.05 -32.56 142.64
N GLN O 319 0.99 -31.29 142.22
CA GLN O 319 1.80 -30.86 141.08
C GLN O 319 3.28 -30.90 141.43
N ASP O 320 3.62 -30.65 142.69
CA ASP O 320 5.00 -30.77 143.13
C ASP O 320 5.50 -32.20 142.99
N PHE O 321 4.59 -33.17 143.04
CA PHE O 321 4.94 -34.55 142.71
C PHE O 321 5.13 -34.68 141.21
N ASN O 322 6.28 -34.23 140.70
CA ASN O 322 6.52 -34.20 139.26
C ASN O 322 7.96 -34.64 139.02
N ILE O 323 8.12 -35.84 138.46
CA ILE O 323 9.42 -36.39 138.10
C ILE O 323 9.44 -36.62 136.60
N THR O 324 10.43 -36.05 135.92
CA THR O 324 10.49 -36.14 134.47
C THR O 324 11.10 -37.46 134.02
N ASP O 325 12.32 -37.76 134.48
CA ASP O 325 12.98 -39.00 134.12
C ASP O 325 12.35 -40.18 134.86
N ILE O 326 12.92 -41.37 134.65
CA ILE O 326 12.42 -42.58 135.31
C ILE O 326 13.40 -43.18 136.29
N SER O 327 14.66 -42.71 136.30
CA SER O 327 15.61 -43.19 137.29
C SER O 327 15.25 -42.71 138.70
N LEU O 328 14.61 -41.55 138.80
CA LEU O 328 14.22 -41.00 140.10
C LEU O 328 12.95 -41.61 140.66
N LEU O 329 12.40 -42.64 140.01
CA LEU O 329 11.16 -43.24 140.47
C LEU O 329 11.33 -43.88 141.84
N GLU O 330 10.34 -43.67 142.70
CA GLU O 330 10.34 -44.27 144.03
C GLU O 330 10.03 -45.76 143.92
N HIS O 331 10.66 -46.53 144.81
CA HIS O 331 10.44 -47.98 144.86
C HIS O 331 10.57 -48.41 146.31
N ARG O 332 9.47 -48.94 146.87
CA ARG O 332 9.47 -49.46 148.22
C ARG O 332 9.55 -50.98 148.17
N LEU O 333 10.72 -51.52 148.47
CA LEU O 333 10.96 -52.96 148.42
C LEU O 333 10.92 -53.49 149.84
N GLU O 334 9.93 -54.33 150.14
CA GLU O 334 9.79 -54.94 151.45
C GLU O 334 10.06 -56.43 151.32
N CYS O 335 11.11 -56.90 152.00
CA CYS O 335 11.52 -58.30 151.94
C CYS O 335 10.98 -59.01 153.17
N GLY O 336 9.74 -59.48 153.06
CA GLY O 336 9.08 -60.14 154.16
C GLY O 336 9.69 -61.50 154.47
N ALA O 337 9.30 -62.03 155.63
CA ALA O 337 9.81 -63.34 156.05
C ALA O 337 9.37 -64.44 155.11
N ASN O 338 8.12 -64.39 154.64
CA ASN O 338 7.59 -65.47 153.81
C ASN O 338 7.29 -65.06 152.38
N ASP O 339 6.83 -63.83 152.16
CA ASP O 339 6.45 -63.39 150.81
C ASP O 339 7.08 -62.05 150.49
N MET O 340 7.09 -61.73 149.20
CA MET O 340 7.72 -60.53 148.65
C MET O 340 6.67 -59.56 148.16
N LYS O 341 7.04 -58.28 148.17
CA LYS O 341 6.20 -57.25 147.58
C LYS O 341 7.06 -56.04 147.24
N VAL O 342 6.73 -55.38 146.14
CA VAL O 342 7.35 -54.12 145.74
C VAL O 342 6.23 -53.12 145.53
N SER O 343 6.39 -51.93 146.11
CA SER O 343 5.34 -50.93 146.10
C SER O 343 5.86 -49.66 145.43
N LEU O 344 5.03 -49.08 144.57
CA LEU O 344 5.39 -47.86 143.87
C LEU O 344 4.26 -46.86 143.98
N GLY O 345 4.60 -45.61 144.28
CA GLY O 345 3.61 -44.55 144.42
C GLY O 345 2.79 -44.33 143.17
N LYS O 346 1.47 -44.30 143.33
CA LYS O 346 0.58 -44.14 142.17
C LYS O 346 0.62 -42.70 141.65
N CYS O 347 0.75 -41.73 142.55
CA CYS O 347 0.81 -40.34 142.12
C CYS O 347 2.05 -40.07 141.28
N GLN O 348 3.19 -40.65 141.68
CA GLN O 348 4.43 -40.44 140.92
C GLN O 348 4.31 -41.00 139.51
N LEU O 349 3.77 -42.21 139.37
CA LEU O 349 3.64 -42.81 138.05
C LEU O 349 2.60 -42.09 137.20
N LYS O 350 1.51 -41.62 137.81
CA LYS O 350 0.56 -40.80 137.05
C LYS O 350 1.20 -39.50 136.59
N SER O 351 2.10 -38.94 137.40
CA SER O 351 2.89 -37.80 136.96
C SER O 351 3.84 -38.17 135.83
N LEU O 352 4.34 -39.42 135.82
CA LEU O 352 5.28 -39.85 134.82
C LEU O 352 4.69 -39.90 133.42
N GLY O 353 3.38 -39.88 133.29
CA GLY O 353 2.74 -40.03 132.00
C GLY O 353 2.16 -41.41 131.82
N PHE O 354 1.93 -42.09 132.93
CA PHE O 354 1.37 -43.45 132.93
C PHE O 354 -0.04 -43.39 133.48
N ASP O 355 -1.02 -43.20 132.59
CA ASP O 355 -2.41 -43.13 133.03
C ASP O 355 -2.84 -44.43 133.69
N LYS O 356 -2.61 -45.56 133.03
CA LYS O 356 -2.83 -46.88 133.61
C LYS O 356 -1.57 -47.69 133.37
N VAL O 357 -1.22 -48.53 134.34
CA VAL O 357 0.08 -49.18 134.37
C VAL O 357 -0.10 -50.69 134.29
N PHE O 358 0.96 -51.36 133.83
CA PHE O 358 0.97 -52.79 133.55
C PHE O 358 2.11 -53.42 134.34
N MET O 359 1.74 -54.23 135.32
CA MET O 359 2.66 -54.82 136.28
C MET O 359 2.84 -56.29 135.92
N TYR O 360 4.05 -56.70 135.60
CA TYR O 360 4.24 -58.07 135.12
C TYR O 360 5.61 -58.59 135.52
N LEU O 361 5.61 -59.70 136.23
CA LEU O 361 6.82 -60.34 136.72
C LEU O 361 7.44 -61.13 135.57
N SER O 362 8.38 -62.03 135.90
CA SER O 362 8.85 -62.98 134.91
C SER O 362 7.69 -63.76 134.30
N ASP O 363 6.61 -63.95 135.07
CA ASP O 363 5.38 -64.52 134.57
C ASP O 363 4.30 -63.45 134.59
N SER O 364 3.59 -63.30 133.48
CA SER O 364 2.56 -62.28 133.37
C SER O 364 1.35 -62.55 134.26
N ARG O 365 1.21 -63.79 134.77
CA ARG O 365 0.11 -64.08 135.69
C ARG O 365 0.22 -63.29 136.99
N CYS O 366 1.41 -62.81 137.32
CA CYS O 366 1.62 -62.00 138.53
C CYS O 366 1.33 -60.52 138.25
N SER O 367 0.12 -60.24 137.77
CA SER O 367 -0.26 -58.86 137.50
C SER O 367 -0.42 -58.10 138.81
N GLY O 368 -0.10 -56.81 138.76
CA GLY O 368 -0.12 -56.00 139.96
C GLY O 368 -1.52 -55.56 140.34
N PHE O 369 -1.63 -55.03 141.56
CA PHE O 369 -2.89 -54.57 142.10
C PHE O 369 -2.68 -53.29 142.89
N ASN O 370 -3.73 -52.82 143.57
CA ASN O 370 -3.66 -51.61 144.38
C ASN O 370 -3.81 -51.95 145.85
N ASP O 371 -3.09 -51.22 146.69
CA ASP O 371 -3.16 -51.37 148.14
C ASP O 371 -2.80 -50.02 148.75
N ARG O 372 -3.46 -49.68 149.85
CA ARG O 372 -3.27 -48.39 150.49
C ARG O 372 -2.86 -48.60 151.94
N ASP O 373 -1.70 -48.05 152.30
CA ASP O 373 -1.25 -48.02 153.69
C ASP O 373 -1.08 -46.60 154.21
N ASN O 374 -0.47 -45.70 153.42
CA ASN O 374 -0.44 -44.29 153.74
C ASN O 374 -0.76 -43.40 152.55
N ARG O 375 -0.70 -43.91 151.33
CA ARG O 375 -1.09 -43.18 150.13
C ARG O 375 -1.53 -44.20 149.09
N ASP O 376 -1.76 -43.74 147.87
CA ASP O 376 -2.14 -44.64 146.78
C ASP O 376 -0.91 -45.41 146.33
N TRP O 377 -0.93 -46.72 146.52
CA TRP O 377 0.17 -47.59 146.11
C TRP O 377 -0.31 -48.68 145.16
N VAL O 378 0.50 -48.95 144.15
CA VAL O 378 0.35 -50.13 143.30
C VAL O 378 1.48 -51.09 143.64
N SER O 379 1.14 -52.36 143.82
CA SER O 379 2.12 -53.31 144.33
C SER O 379 1.93 -54.67 143.70
N VAL O 380 3.01 -55.45 143.74
CA VAL O 380 3.03 -56.84 143.27
C VAL O 380 3.52 -57.70 144.43
N VAL O 381 2.92 -58.86 144.59
CA VAL O 381 3.29 -59.80 145.65
C VAL O 381 3.69 -61.13 145.02
N THR O 382 4.87 -61.62 145.39
CA THR O 382 5.39 -62.88 144.89
C THR O 382 5.93 -63.69 146.06
N PRO O 383 5.54 -64.96 146.21
CA PRO O 383 6.07 -65.76 147.32
C PRO O 383 7.58 -65.89 147.24
N ALA O 384 8.22 -65.90 148.40
CA ALA O 384 9.68 -66.00 148.48
C ALA O 384 10.10 -67.47 148.44
N ARG O 385 10.13 -67.99 147.21
CA ARG O 385 10.56 -69.35 146.95
C ARG O 385 11.19 -69.40 145.57
N ASP O 386 11.62 -70.59 145.16
CA ASP O 386 12.26 -70.79 143.86
C ASP O 386 11.21 -71.29 142.87
N GLY O 387 10.74 -70.39 142.01
CA GLY O 387 9.83 -70.76 140.95
C GLY O 387 8.33 -70.45 141.07
N PRO O 388 7.82 -69.95 142.21
CA PRO O 388 6.37 -69.70 142.26
C PRO O 388 5.88 -68.74 141.19
N CYS O 389 6.66 -67.71 140.88
CA CYS O 389 6.37 -66.82 139.77
C CYS O 389 7.65 -66.56 138.98
N GLY O 390 8.41 -67.63 138.73
CA GLY O 390 9.68 -67.51 138.05
C GLY O 390 10.79 -66.96 138.90
N THR O 391 10.60 -66.84 140.20
CA THR O 391 11.63 -66.30 141.08
C THR O 391 12.84 -67.22 141.07
N VAL O 392 14.03 -66.62 140.91
CA VAL O 392 15.26 -67.40 140.83
C VAL O 392 15.99 -67.32 142.17
N LEU O 393 16.34 -68.50 142.70
CA LEU O 393 17.06 -68.59 143.96
C LEU O 393 18.52 -68.94 143.66
N THR O 394 19.43 -68.13 144.21
CA THR O 394 20.86 -68.37 144.04
C THR O 394 21.52 -68.11 145.39
N ARG O 395 21.69 -69.17 146.16
CA ARG O 395 22.28 -69.08 147.49
C ARG O 395 23.77 -69.37 147.40
N ASN O 396 24.57 -68.49 147.99
CA ASN O 396 25.99 -68.73 148.18
C ASN O 396 26.20 -69.28 149.59
N GLU O 397 27.47 -69.37 149.99
CA GLU O 397 27.77 -69.92 151.31
C GLU O 397 27.20 -69.08 152.43
N THR O 398 27.03 -67.78 152.22
CA THR O 398 26.60 -66.88 153.28
C THR O 398 25.10 -66.60 153.27
N HIS O 399 24.57 -66.10 152.16
CA HIS O 399 23.18 -65.71 152.05
C HIS O 399 22.44 -66.55 151.02
N ALA O 400 21.15 -66.27 150.88
CA ALA O 400 20.30 -66.88 149.87
C ALA O 400 19.39 -65.79 149.32
N THR O 401 19.50 -65.52 148.03
CA THR O 401 18.79 -64.40 147.41
C THR O 401 17.65 -64.89 146.54
N TYR O 402 16.59 -64.10 146.48
CA TYR O 402 15.43 -64.35 145.64
C TYR O 402 15.35 -63.22 144.63
N SER O 403 15.58 -63.54 143.35
CA SER O 403 15.71 -62.55 142.30
C SER O 403 14.55 -62.69 141.31
N ASN O 404 13.87 -61.58 141.08
CA ASN O 404 12.79 -61.52 140.09
C ASN O 404 12.79 -60.12 139.49
N THR O 405 12.23 -60.00 138.29
CA THR O 405 12.21 -58.72 137.59
C THR O 405 10.78 -58.27 137.34
N LEU O 406 10.57 -56.96 137.43
CA LEU O 406 9.28 -56.34 137.21
C LEU O 406 9.29 -55.58 135.89
N TYR O 407 8.17 -55.64 135.18
CA TYR O 407 8.02 -55.03 133.88
C TYR O 407 6.98 -53.92 133.96
N LEU O 408 7.32 -52.76 133.40
CA LEU O 408 6.46 -51.58 133.46
C LEU O 408 6.02 -51.21 132.06
N ALA O 409 4.75 -50.84 131.94
CA ALA O 409 4.19 -50.42 130.66
C ALA O 409 2.89 -49.67 130.92
N ASP O 410 2.64 -48.64 130.11
CA ASP O 410 1.37 -47.94 130.18
C ASP O 410 0.30 -48.58 129.29
N GLU O 411 0.68 -49.54 128.46
CA GLU O 411 -0.25 -50.19 127.54
C GLU O 411 0.07 -51.67 127.49
N ILE O 412 -0.80 -52.42 126.81
CA ILE O 412 -0.51 -53.84 126.58
C ILE O 412 0.74 -54.00 125.74
N ILE O 413 0.97 -53.10 124.80
CA ILE O 413 2.13 -53.14 123.92
C ILE O 413 3.00 -51.92 124.18
N ILE O 414 4.30 -52.14 124.23
CA ILE O 414 5.29 -51.08 124.40
C ILE O 414 5.86 -50.76 123.02
N ARG O 415 6.13 -49.48 122.77
CA ARG O 415 6.76 -49.06 121.53
C ARG O 415 8.06 -48.31 121.74
N ASP O 416 8.38 -47.90 122.95
CA ASP O 416 9.66 -47.26 123.25
C ASP O 416 9.87 -47.21 124.76
N LEU O 417 11.14 -47.18 125.15
CA LEU O 417 11.53 -47.01 126.55
C LEU O 417 10.94 -48.11 127.44
N ASN O 418 11.35 -49.34 127.16
CA ASN O 418 10.90 -50.47 127.97
C ASN O 418 11.64 -50.47 129.31
N ILE O 419 10.94 -50.88 130.36
CA ILE O 419 11.39 -50.67 131.74
C ILE O 419 11.59 -52.03 132.41
N LYS O 420 12.71 -52.17 133.12
CA LYS O 420 13.01 -53.37 133.90
C LYS O 420 13.39 -52.96 135.31
N ILE O 421 12.64 -53.44 136.29
CA ILE O 421 13.01 -53.30 137.70
C ILE O 421 13.62 -54.63 138.12
N ASN O 422 14.96 -54.67 138.15
CA ASN O 422 15.68 -55.88 138.55
C ASN O 422 15.84 -55.84 140.06
N PHE O 423 14.94 -56.50 140.77
CA PHE O 423 14.87 -56.44 142.23
C PHE O 423 15.21 -57.79 142.85
N ALA O 424 15.84 -57.75 144.02
CA ALA O 424 16.18 -58.97 144.75
C ALA O 424 16.55 -58.66 146.20
N CYS O 425 16.23 -59.56 147.11
CA CYS O 425 16.69 -59.47 148.49
C CYS O 425 17.15 -60.84 148.96
N SER O 426 18.13 -60.84 149.86
CA SER O 426 18.74 -62.06 150.35
C SER O 426 18.58 -62.17 151.86
N TYR O 427 18.62 -63.40 152.36
CA TYR O 427 18.51 -63.83 153.75
C TYR O 427 19.81 -64.42 154.24
N PRO O 428 20.15 -64.24 155.53
CA PRO O 428 21.37 -64.83 156.10
C PRO O 428 21.32 -66.35 156.15
N PRO P 173 9.08 -126.75 81.52
CA PRO P 173 8.42 -126.11 80.37
C PRO P 173 8.83 -124.65 80.20
N CYS P 174 8.18 -123.75 80.95
CA CYS P 174 8.50 -122.34 80.85
C CYS P 174 9.83 -122.00 81.52
N GLN P 175 10.25 -122.78 82.51
CA GLN P 175 11.53 -122.53 83.17
C GLN P 175 12.61 -123.53 82.77
N ALA P 176 12.23 -124.70 82.27
CA ALA P 176 13.18 -125.74 81.87
C ALA P 176 13.12 -125.86 80.35
N HIS P 177 13.91 -125.03 79.68
CA HIS P 177 14.00 -125.06 78.23
C HIS P 177 15.33 -124.46 77.80
N ARG P 178 15.73 -124.78 76.58
CA ARG P 178 16.99 -124.32 76.01
C ARG P 178 16.72 -123.26 74.95
N THR P 179 17.31 -122.09 75.12
CA THR P 179 17.12 -121.03 74.15
C THR P 179 17.91 -121.32 72.87
N LEU P 180 17.44 -120.74 71.76
CA LEU P 180 18.10 -120.86 70.47
C LEU P 180 18.25 -119.45 69.88
N ASP P 181 19.47 -118.91 69.98
CA ASP P 181 19.77 -117.60 69.43
C ASP P 181 20.35 -117.82 68.03
N GLU P 182 19.45 -118.05 67.07
CA GLU P 182 19.84 -118.34 65.69
C GLU P 182 19.04 -117.45 64.77
N TYR P 183 19.74 -116.62 64.00
CA TYR P 183 19.11 -115.65 63.11
C TYR P 183 18.82 -116.20 61.73
N TRP P 184 19.28 -117.40 61.40
CA TRP P 184 19.06 -117.99 60.09
C TRP P 184 17.82 -118.85 60.02
N ARG P 185 17.02 -118.89 61.10
CA ARG P 185 15.76 -119.62 61.11
C ARG P 185 14.63 -118.86 60.43
N SER P 186 14.85 -117.59 60.07
CA SER P 186 13.78 -116.76 59.53
C SER P 186 13.33 -117.27 58.17
N THR P 187 12.10 -116.91 57.81
CA THR P 187 11.50 -117.24 56.52
C THR P 187 11.99 -116.34 55.39
N GLU P 188 13.03 -115.54 55.63
CA GLU P 188 13.57 -114.64 54.63
C GLU P 188 14.87 -115.15 54.00
N TYR P 189 15.55 -116.09 54.66
CA TYR P 189 16.82 -116.59 54.17
C TYR P 189 16.64 -117.31 52.84
N GLY P 190 17.70 -117.28 52.01
CA GLY P 190 17.62 -117.81 50.66
C GLY P 190 17.46 -119.31 50.56
N GLU P 191 18.47 -120.07 50.96
CA GLU P 191 18.44 -121.51 50.79
C GLU P 191 19.59 -122.14 51.58
N GLY P 192 19.33 -123.31 52.15
CA GLY P 192 20.34 -124.05 52.88
C GLY P 192 20.14 -125.55 52.83
N TYR P 193 20.82 -126.29 53.71
CA TYR P 193 20.74 -127.74 53.71
C TYR P 193 20.65 -128.35 55.10
N ALA P 194 20.58 -127.55 56.15
CA ALA P 194 20.62 -128.08 57.51
C ALA P 194 19.30 -128.74 57.88
N CYS P 195 19.39 -129.82 58.66
CA CYS P 195 18.23 -130.48 59.23
C CYS P 195 18.48 -130.73 60.71
N ASP P 196 17.42 -130.66 61.50
CA ASP P 196 17.53 -130.71 62.96
C ASP P 196 17.10 -132.08 63.46
N THR P 197 18.06 -132.99 63.52
CA THR P 197 17.85 -134.31 64.11
C THR P 197 18.31 -134.39 65.55
N ASP P 198 19.21 -133.50 65.97
CA ASP P 198 19.67 -133.43 67.36
C ASP P 198 18.85 -132.46 68.20
N LEU P 199 17.81 -131.87 67.63
CA LEU P 199 16.97 -130.92 68.36
C LEU P 199 16.06 -131.68 69.31
N ARG P 200 16.42 -131.70 70.59
CA ARG P 200 15.72 -132.52 71.58
C ARG P 200 15.37 -131.65 72.79
N GLY P 201 14.09 -131.65 73.16
CA GLY P 201 13.65 -130.95 74.35
C GLY P 201 12.74 -129.77 74.07
N TRP P 202 12.58 -128.90 75.06
CA TRP P 202 11.76 -127.71 74.96
C TRP P 202 12.66 -126.53 74.63
N TYR P 203 12.23 -125.70 73.68
CA TYR P 203 13.05 -124.60 73.20
C TYR P 203 12.27 -123.30 73.15
N ARG P 204 12.99 -122.20 73.35
CA ARG P 204 12.44 -120.84 73.32
C ARG P 204 13.16 -120.08 72.21
N PHE P 205 12.49 -119.92 71.08
CA PHE P 205 13.10 -119.21 69.96
C PHE P 205 13.33 -117.75 70.33
N VAL P 206 14.59 -117.33 70.24
CA VAL P 206 15.01 -116.00 70.66
C VAL P 206 15.96 -115.43 69.61
N GLY P 207 15.75 -114.16 69.25
CA GLY P 207 16.63 -113.46 68.34
C GLY P 207 15.85 -112.77 67.25
N GLN P 208 16.59 -112.28 66.25
CA GLN P 208 15.97 -111.56 65.14
C GLN P 208 15.17 -112.48 64.23
N GLY P 209 15.41 -113.79 64.29
CA GLY P 209 14.63 -114.71 63.48
C GLY P 209 13.16 -114.72 63.85
N GLY P 210 12.87 -114.69 65.15
CA GLY P 210 11.51 -114.67 65.64
C GLY P 210 11.35 -115.43 66.94
N ALA P 211 10.19 -115.25 67.55
CA ALA P 211 9.88 -115.87 68.83
C ALA P 211 8.79 -116.92 68.75
N ARG P 212 8.10 -117.04 67.63
CA ARG P 212 7.02 -118.00 67.47
C ARG P 212 7.21 -118.81 66.19
N MET P 213 6.58 -119.98 66.18
CA MET P 213 6.60 -120.87 65.02
C MET P 213 5.76 -120.27 63.90
N ALA P 214 6.03 -120.72 62.67
CA ALA P 214 5.27 -120.27 61.52
C ALA P 214 3.83 -120.78 61.58
N GLU P 215 2.90 -119.97 61.06
CA GLU P 215 1.49 -120.31 61.07
C GLU P 215 0.94 -120.72 59.71
N THR P 216 1.67 -120.47 58.63
CA THR P 216 1.26 -120.88 57.30
C THR P 216 2.42 -121.62 56.64
N CYS P 217 2.09 -122.48 55.68
CA CYS P 217 3.14 -123.26 55.01
C CYS P 217 3.95 -122.33 54.12
N VAL P 218 5.14 -121.98 54.59
CA VAL P 218 6.04 -121.09 53.85
C VAL P 218 6.47 -121.78 52.56
N PRO P 219 6.61 -121.06 51.45
CA PRO P 219 6.99 -121.70 50.19
C PRO P 219 8.28 -122.49 50.30
N VAL P 220 8.48 -123.37 49.31
CA VAL P 220 9.60 -124.31 49.32
C VAL P 220 10.93 -123.56 49.24
N LEU P 221 11.98 -124.23 49.69
CA LEU P 221 13.36 -123.74 49.60
C LEU P 221 13.59 -122.48 50.42
N ARG P 222 13.20 -122.50 51.69
CA ARG P 222 13.38 -121.38 52.61
C ARG P 222 13.85 -121.88 53.96
N CYS P 223 14.17 -120.94 54.84
CA CYS P 223 14.58 -121.22 56.22
C CYS P 223 15.85 -122.07 56.27
N ASN P 224 16.76 -121.83 55.32
CA ASN P 224 18.04 -122.54 55.25
C ASN P 224 17.83 -124.06 55.13
N THR P 225 16.77 -124.45 54.43
CA THR P 225 16.46 -125.86 54.24
C THR P 225 15.67 -126.01 52.94
N ALA P 226 15.87 -127.14 52.27
CA ALA P 226 15.17 -127.39 51.02
C ALA P 226 13.66 -127.51 51.25
N ALA P 227 13.25 -128.21 52.30
CA ALA P 227 11.84 -128.41 52.61
C ALA P 227 11.56 -127.90 54.02
N PRO P 228 11.05 -126.67 54.14
CA PRO P 228 10.78 -126.10 55.47
C PRO P 228 9.54 -126.71 56.11
N MET P 229 9.44 -126.50 57.42
CA MET P 229 8.35 -127.01 58.23
C MET P 229 7.61 -125.86 58.91
N TRP P 230 6.30 -126.04 59.06
CA TRP P 230 5.44 -125.03 59.66
C TRP P 230 4.52 -125.71 60.67
N LEU P 231 4.06 -124.93 61.65
CA LEU P 231 3.08 -125.40 62.61
C LEU P 231 1.69 -124.98 62.13
N ASN P 232 0.84 -125.96 61.86
CA ASN P 232 -0.49 -125.69 61.33
C ASN P 232 -1.44 -125.32 62.46
N GLY P 233 -2.49 -124.58 62.12
CA GLY P 233 -3.44 -124.10 63.10
C GLY P 233 -2.97 -122.81 63.76
N THR P 234 -3.56 -122.54 64.91
CA THR P 234 -3.28 -121.33 65.67
C THR P 234 -2.54 -121.67 66.96
N HIS P 235 -1.58 -120.82 67.33
CA HIS P 235 -0.88 -120.99 68.58
C HIS P 235 -1.83 -120.78 69.76
N PRO P 236 -1.78 -121.67 70.75
CA PRO P 236 -2.63 -121.50 71.93
C PRO P 236 -2.27 -120.23 72.69
N SER P 237 -3.30 -119.58 73.23
CA SER P 237 -3.11 -118.35 73.99
C SER P 237 -2.62 -118.68 75.40
N SER P 238 -2.36 -117.66 76.20
CA SER P 238 -1.92 -117.89 77.57
C SER P 238 -3.03 -118.54 78.38
N ASP P 239 -2.64 -119.25 79.43
CA ASP P 239 -3.56 -120.02 80.28
C ASP P 239 -4.33 -121.04 79.43
N GLU P 240 -3.56 -121.91 78.79
CA GLU P 240 -4.11 -122.95 77.94
C GLU P 240 -3.54 -124.32 78.30
N GLY P 241 -2.31 -124.34 78.77
CA GLY P 241 -1.65 -125.59 79.13
C GLY P 241 -0.97 -126.24 77.94
N ILE P 242 -0.90 -127.57 77.99
CA ILE P 242 -0.28 -128.36 76.93
C ILE P 242 -1.30 -128.56 75.82
N VAL P 243 -0.91 -128.21 74.60
CA VAL P 243 -1.75 -128.40 73.42
C VAL P 243 -0.97 -129.23 72.41
N SER P 244 -1.63 -130.26 71.88
CA SER P 244 -1.02 -131.18 70.93
C SER P 244 -1.31 -130.70 69.52
N ARG P 245 -0.24 -130.47 68.75
CA ARG P 245 -0.36 -130.05 67.36
C ARG P 245 0.53 -130.94 66.51
N LYS P 246 0.21 -131.00 65.21
CA LYS P 246 0.97 -131.79 64.26
C LYS P 246 1.53 -130.84 63.21
N ALA P 247 2.78 -130.41 63.41
CA ALA P 247 3.45 -129.50 62.49
C ALA P 247 3.66 -130.19 61.16
N CYS P 248 3.30 -129.51 60.07
CA CYS P 248 3.39 -130.09 58.73
C CYS P 248 4.66 -129.62 58.04
N ALA P 249 5.02 -130.34 56.97
CA ALA P 249 6.22 -130.04 56.18
C ALA P 249 5.83 -129.86 54.73
N HIS P 250 6.27 -128.74 54.14
CA HIS P 250 5.95 -128.44 52.74
C HIS P 250 7.10 -128.88 51.84
N TRP P 251 6.76 -129.64 50.81
CA TRP P 251 7.75 -130.09 49.82
C TRP P 251 7.02 -130.55 48.57
N SER P 252 7.70 -130.41 47.43
CA SER P 252 7.28 -130.89 46.11
C SER P 252 6.02 -130.19 45.61
N GLY P 253 5.60 -129.08 46.23
CA GLY P 253 4.39 -128.40 45.84
C GLY P 253 3.16 -128.81 46.62
N HIS P 254 3.30 -129.71 47.59
CA HIS P 254 2.18 -130.20 48.39
C HIS P 254 2.44 -129.82 49.85
N CYS P 255 1.80 -128.75 50.30
CA CYS P 255 1.93 -128.34 51.70
C CYS P 255 1.40 -129.44 52.61
N CYS P 256 2.14 -129.69 53.70
CA CYS P 256 1.82 -130.74 54.67
C CYS P 256 1.83 -132.13 54.00
N LEU P 257 3.01 -132.50 53.50
CA LEU P 257 3.23 -133.81 52.91
C LEU P 257 3.81 -134.81 53.90
N TRP P 258 4.68 -134.37 54.79
CA TRP P 258 5.16 -135.16 55.92
C TRP P 258 4.72 -134.49 57.23
N ASP P 259 4.48 -135.31 58.24
CA ASP P 259 3.89 -134.86 59.49
C ASP P 259 4.85 -135.12 60.65
N ALA P 260 4.90 -134.18 61.59
CA ALA P 260 5.68 -134.31 62.81
C ALA P 260 4.83 -133.88 64.00
N SER P 261 5.16 -134.41 65.17
CA SER P 261 4.40 -134.15 66.38
C SER P 261 5.12 -133.10 67.22
N VAL P 262 4.42 -132.01 67.53
CA VAL P 262 4.95 -130.93 68.35
C VAL P 262 3.93 -130.60 69.44
N GLN P 263 4.42 -130.30 70.63
CA GLN P 263 3.58 -130.03 71.79
C GLN P 263 3.91 -128.63 72.30
N VAL P 264 3.11 -127.65 71.90
CA VAL P 264 3.33 -126.26 72.25
C VAL P 264 2.61 -125.94 73.55
N LYS P 265 3.26 -125.15 74.41
CA LYS P 265 2.69 -124.70 75.66
C LYS P 265 2.87 -123.19 75.78
N ALA P 266 1.83 -122.52 76.26
CA ALA P 266 1.93 -121.09 76.51
C ALA P 266 2.76 -120.83 77.77
N CYS P 267 3.25 -119.59 77.89
CA CYS P 267 4.09 -119.20 79.01
C CYS P 267 3.70 -117.80 79.47
N ALA P 268 3.99 -117.53 80.74
CA ALA P 268 3.72 -116.21 81.32
C ALA P 268 4.65 -115.18 80.69
N GLY P 269 4.10 -114.35 79.82
CA GLY P 269 4.87 -113.39 79.05
C GLY P 269 4.78 -113.67 77.56
N GLY P 270 5.42 -112.79 76.80
CA GLY P 270 5.34 -112.87 75.35
C GLY P 270 6.30 -113.86 74.72
N TYR P 271 6.21 -115.13 75.11
CA TYR P 271 7.04 -116.18 74.54
C TYR P 271 6.36 -117.52 74.76
N TYR P 272 6.68 -118.48 73.90
CA TYR P 272 6.08 -119.80 73.92
C TYR P 272 7.18 -120.85 74.00
N VAL P 273 6.77 -122.11 74.19
CA VAL P 273 7.69 -123.25 74.18
C VAL P 273 7.09 -124.34 73.31
N TYR P 274 7.98 -125.17 72.76
CA TYR P 274 7.59 -126.23 71.83
C TYR P 274 8.34 -127.51 72.15
N ASN P 275 7.65 -128.65 71.99
CA ASN P 275 8.28 -129.96 72.07
C ASN P 275 8.71 -130.33 70.65
N LEU P 276 9.90 -129.89 70.27
CA LEU P 276 10.39 -130.04 68.90
C LEU P 276 11.06 -131.42 68.76
N THR P 277 10.42 -132.29 68.00
CA THR P 277 10.96 -133.62 67.74
C THR P 277 11.62 -133.65 66.36
N ALA P 278 12.62 -134.52 66.23
CA ALA P 278 13.34 -134.65 64.96
C ALA P 278 12.39 -135.10 63.87
N PRO P 279 12.48 -134.53 62.67
CA PRO P 279 11.57 -134.93 61.59
C PRO P 279 11.84 -136.36 61.17
N PRO P 280 10.88 -137.00 60.47
CA PRO P 280 11.10 -138.39 60.05
C PRO P 280 12.35 -138.59 59.21
N GLU P 281 12.71 -137.61 58.39
CA GLU P 281 13.91 -137.68 57.57
C GLU P 281 14.59 -136.32 57.55
N CYS P 282 15.86 -136.31 57.18
CA CYS P 282 16.65 -135.07 57.11
C CYS P 282 16.11 -134.19 55.98
N HIS P 283 16.73 -133.01 55.83
CA HIS P 283 16.28 -131.96 54.92
C HIS P 283 14.92 -131.39 55.32
N LEU P 284 14.64 -131.41 56.62
CA LEU P 284 13.42 -130.82 57.19
C LEU P 284 13.80 -130.04 58.43
N ALA P 285 13.45 -128.76 58.45
CA ALA P 285 13.80 -127.90 59.58
C ALA P 285 12.72 -126.85 59.78
N TYR P 286 12.70 -126.27 60.98
CA TYR P 286 11.67 -125.33 61.36
C TYR P 286 12.04 -123.91 60.94
N CYS P 287 11.04 -123.03 61.02
CA CYS P 287 11.17 -121.62 60.68
C CYS P 287 10.80 -120.75 61.87
N THR P 288 11.13 -119.47 61.75
CA THR P 288 10.74 -118.47 62.74
C THR P 288 10.24 -117.24 62.00
N ASP P 289 8.94 -116.97 62.11
CA ASP P 289 8.38 -115.76 61.56
C ASP P 289 8.63 -114.59 62.51
N PRO P 290 8.58 -113.35 62.00
CA PRO P 290 8.75 -112.18 62.88
C PRO P 290 7.70 -112.12 63.98
N SER P 291 6.56 -112.75 63.74
CA SER P 291 5.48 -112.94 64.72
C SER P 291 5.04 -111.56 65.21
N SER P 292 4.89 -111.34 66.52
CA SER P 292 4.37 -110.08 67.03
C SER P 292 5.33 -109.46 68.04
N VAL P 293 6.62 -109.35 67.66
CA VAL P 293 7.58 -108.68 68.53
C VAL P 293 7.16 -107.24 68.79
N GLU P 294 6.47 -106.61 67.83
CA GLU P 294 5.89 -105.30 68.08
C GLU P 294 4.81 -105.38 69.15
N GLY P 295 3.98 -106.43 69.11
CA GLY P 295 3.01 -106.68 70.15
C GLY P 295 3.68 -106.92 71.48
N THR P 296 3.42 -106.05 72.44
CA THR P 296 4.13 -106.04 73.72
C THR P 296 3.11 -106.07 74.86
N CYS P 297 3.50 -106.68 75.97
CA CYS P 297 2.64 -106.79 77.14
C CYS P 297 2.92 -105.73 78.19
N GLU P 298 4.04 -105.01 78.11
CA GLU P 298 4.33 -103.95 79.07
C GLU P 298 3.31 -102.83 79.01
N GLU P 299 2.63 -102.68 77.87
CA GLU P 299 1.56 -101.68 77.77
C GLU P 299 0.39 -101.99 78.69
N CYS P 300 0.26 -103.24 79.14
CA CYS P 300 -0.69 -103.55 80.19
C CYS P 300 -0.23 -102.97 81.51
N SER P 301 -1.14 -102.29 82.20
CA SER P 301 -0.85 -101.76 83.53
C SER P 301 -0.65 -102.91 84.51
N ILE P 302 -0.14 -102.58 85.69
CA ILE P 302 0.25 -103.58 86.69
C ILE P 302 -0.91 -104.48 87.11
N ASP P 303 -2.13 -103.96 87.17
CA ASP P 303 -3.29 -104.77 87.50
C ASP P 303 -3.88 -105.50 86.31
N GLU P 304 -3.47 -105.15 85.10
CA GLU P 304 -3.95 -105.81 83.89
C GLU P 304 -3.06 -107.01 83.60
N ASP P 305 -3.59 -108.22 83.82
CA ASP P 305 -2.80 -109.43 83.66
C ASP P 305 -2.47 -109.69 82.20
N CYS P 306 -1.39 -110.43 81.99
CA CYS P 306 -0.86 -110.69 80.64
C CYS P 306 -1.57 -111.88 80.02
N LYS P 307 -2.87 -111.72 79.79
CA LYS P 307 -3.66 -112.75 79.13
C LYS P 307 -3.56 -112.62 77.62
N SER P 308 -3.97 -113.68 76.93
CA SER P 308 -3.94 -113.73 75.48
C SER P 308 -5.23 -114.38 74.97
N ASN P 309 -5.60 -114.02 73.73
CA ASN P 309 -6.77 -114.57 73.07
C ASN P 309 -6.35 -115.03 71.68
N ASN P 310 -6.19 -116.35 71.52
CA ASN P 310 -5.75 -116.95 70.27
C ASN P 310 -4.40 -116.37 69.81
N GLY P 311 -3.51 -116.15 70.77
CA GLY P 311 -2.16 -115.67 70.48
C GLY P 311 -1.98 -114.17 70.53
N ARG P 312 -3.05 -113.40 70.68
CA ARG P 312 -2.95 -111.94 70.74
C ARG P 312 -3.08 -111.50 72.19
N TRP P 313 -2.08 -110.75 72.67
CA TRP P 313 -2.00 -110.37 74.07
C TRP P 313 -2.89 -109.17 74.33
N HIS P 314 -3.71 -109.26 75.39
CA HIS P 314 -4.64 -108.20 75.74
C HIS P 314 -4.52 -107.90 77.23
N CYS P 315 -5.02 -106.72 77.62
CA CYS P 315 -4.93 -106.25 79.00
C CYS P 315 -6.28 -106.46 79.68
N GLN P 316 -6.43 -107.63 80.30
CA GLN P 316 -7.62 -107.91 81.10
C GLN P 316 -7.30 -107.67 82.57
N CYS P 317 -8.19 -106.97 83.26
CA CYS P 317 -7.95 -106.58 84.63
C CYS P 317 -8.20 -107.77 85.56
N LYS P 318 -8.23 -107.51 86.87
CA LYS P 318 -8.54 -108.56 87.82
C LYS P 318 -9.92 -109.14 87.53
N GLN P 319 -10.00 -110.46 87.47
CA GLN P 319 -11.31 -111.10 87.40
C GLN P 319 -12.07 -110.92 88.71
N ASP P 320 -11.35 -110.75 89.81
CA ASP P 320 -12.00 -110.39 91.07
C ASP P 320 -12.61 -109.00 91.00
N PHE P 321 -12.07 -108.13 90.15
CA PHE P 321 -12.69 -106.83 89.91
C PHE P 321 -13.95 -107.04 89.08
N ASN P 322 -15.08 -107.31 89.75
CA ASN P 322 -16.32 -107.62 89.06
C ASN P 322 -17.47 -107.13 89.92
N ILE P 323 -18.08 -106.02 89.50
CA ILE P 323 -19.24 -105.45 90.17
C ILE P 323 -20.41 -105.52 89.21
N THR P 324 -21.54 -106.03 89.69
CA THR P 324 -22.71 -106.22 88.83
C THR P 324 -23.57 -104.95 88.78
N ASP P 325 -24.01 -104.47 89.93
CA ASP P 325 -24.85 -103.28 89.99
C ASP P 325 -24.01 -102.03 89.69
N ILE P 326 -24.69 -100.90 89.52
CA ILE P 326 -24.02 -99.63 89.29
C ILE P 326 -23.95 -98.76 90.54
N SER P 327 -24.73 -99.06 91.58
CA SER P 327 -24.68 -98.28 92.80
C SER P 327 -23.38 -98.47 93.55
N LEU P 328 -22.68 -99.60 93.33
CA LEU P 328 -21.43 -99.87 94.01
C LEU P 328 -20.21 -99.33 93.27
N LEU P 329 -20.42 -98.59 92.19
CA LEU P 329 -19.30 -98.05 91.41
C LEU P 329 -18.46 -97.11 92.27
N GLU P 330 -17.15 -97.30 92.20
CA GLU P 330 -16.22 -96.42 92.89
C GLU P 330 -16.22 -95.04 92.24
N HIS P 331 -16.17 -94.00 93.08
CA HIS P 331 -16.14 -92.62 92.59
C HIS P 331 -15.10 -91.87 93.40
N ARG P 332 -14.09 -91.34 92.71
CA ARG P 332 -13.02 -90.60 93.36
C ARG P 332 -13.24 -89.11 93.12
N LEU P 333 -13.63 -88.39 94.17
CA LEU P 333 -14.00 -86.98 94.07
C LEU P 333 -12.99 -86.16 94.85
N GLU P 334 -12.12 -85.46 94.13
CA GLU P 334 -11.12 -84.58 94.71
C GLU P 334 -11.54 -83.14 94.49
N CYS P 335 -11.99 -82.46 95.55
CA CYS P 335 -12.42 -81.07 95.46
C CYS P 335 -11.20 -80.18 95.61
N GLY P 336 -10.55 -79.90 94.48
CA GLY P 336 -9.32 -79.14 94.50
C GLY P 336 -9.54 -77.66 94.73
N ALA P 337 -8.43 -76.93 94.84
CA ALA P 337 -8.51 -75.52 95.18
C ALA P 337 -9.09 -74.69 94.04
N ASN P 338 -8.60 -74.88 92.83
CA ASN P 338 -8.97 -74.02 91.71
C ASN P 338 -9.93 -74.67 90.73
N ASP P 339 -10.02 -76.00 90.71
CA ASP P 339 -10.81 -76.67 89.71
C ASP P 339 -11.40 -77.95 90.31
N MET P 340 -12.16 -78.64 89.48
CA MET P 340 -12.85 -79.86 89.87
C MET P 340 -12.41 -81.02 88.99
N LYS P 341 -12.49 -82.23 89.55
CA LYS P 341 -12.23 -83.43 88.78
C LYS P 341 -12.86 -84.62 89.49
N VAL P 342 -13.56 -85.45 88.71
CA VAL P 342 -14.20 -86.66 89.19
C VAL P 342 -13.57 -87.83 88.47
N SER P 343 -13.16 -88.84 89.22
CA SER P 343 -12.43 -89.98 88.69
C SER P 343 -13.25 -91.25 88.85
N LEU P 344 -13.14 -92.14 87.87
CA LEU P 344 -13.81 -93.44 87.90
C LEU P 344 -12.79 -94.51 87.55
N GLY P 345 -12.85 -95.63 88.24
CA GLY P 345 -11.97 -96.75 87.96
C GLY P 345 -12.28 -97.40 86.63
N LYS P 346 -11.33 -97.35 85.70
CA LYS P 346 -11.60 -97.89 84.36
C LYS P 346 -11.88 -99.38 84.41
N CYS P 347 -11.14 -100.11 85.23
CA CYS P 347 -11.35 -101.55 85.35
C CYS P 347 -12.75 -101.86 85.87
N GLN P 348 -13.20 -101.10 86.87
CA GLN P 348 -14.51 -101.35 87.46
C GLN P 348 -15.61 -101.17 86.42
N LEU P 349 -15.53 -100.09 85.63
CA LEU P 349 -16.55 -99.83 84.63
C LEU P 349 -16.44 -100.79 83.45
N LYS P 350 -15.22 -101.20 83.09
CA LYS P 350 -15.06 -102.20 82.04
C LYS P 350 -15.69 -103.52 82.45
N SER P 351 -15.51 -103.91 83.71
CA SER P 351 -16.18 -105.12 84.21
C SER P 351 -17.68 -104.90 84.31
N LEU P 352 -18.12 -103.65 84.51
CA LEU P 352 -19.54 -103.36 84.47
C LEU P 352 -20.14 -103.61 83.08
N GLY P 353 -19.33 -103.58 82.03
CA GLY P 353 -19.80 -103.93 80.71
C GLY P 353 -19.64 -102.84 79.67
N PHE P 354 -18.95 -101.75 80.01
CA PHE P 354 -18.75 -100.62 79.12
C PHE P 354 -17.35 -100.71 78.53
N ASP P 355 -17.28 -101.08 77.24
CA ASP P 355 -15.98 -101.12 76.57
C ASP P 355 -15.38 -99.72 76.45
N LYS P 356 -16.16 -98.78 75.92
CA LYS P 356 -15.72 -97.41 75.76
C LYS P 356 -16.75 -96.49 76.40
N VAL P 357 -16.30 -95.63 77.30
CA VAL P 357 -17.20 -94.82 78.11
C VAL P 357 -17.28 -93.42 77.53
N PHE P 358 -18.36 -92.73 77.87
CA PHE P 358 -18.68 -91.40 77.35
C PHE P 358 -18.98 -90.52 78.55
N MET P 359 -18.06 -89.62 78.89
CA MET P 359 -18.23 -88.75 80.03
C MET P 359 -18.73 -87.40 79.55
N TYR P 360 -19.95 -87.04 79.93
CA TYR P 360 -20.58 -85.82 79.45
C TYR P 360 -21.04 -84.98 80.64
N LEU P 361 -20.58 -83.75 80.72
CA LEU P 361 -20.96 -82.83 81.78
C LEU P 361 -22.27 -82.16 81.38
N SER P 362 -22.63 -81.08 82.08
CA SER P 362 -23.75 -80.26 81.64
C SER P 362 -23.53 -79.74 80.22
N ASP P 363 -22.26 -79.62 79.81
CA ASP P 363 -21.89 -79.34 78.44
C ASP P 363 -21.09 -80.51 77.90
N SER P 364 -21.47 -80.99 76.72
CA SER P 364 -20.79 -82.13 76.13
C SER P 364 -19.38 -81.82 75.69
N ARG P 365 -18.99 -80.54 75.64
CA ARG P 365 -17.61 -80.20 75.33
C ARG P 365 -16.63 -80.73 76.36
N CYS P 366 -17.09 -80.95 77.59
CA CYS P 366 -16.24 -81.47 78.66
C CYS P 366 -16.19 -83.00 78.64
N SER P 367 -15.62 -83.55 77.58
CA SER P 367 -15.54 -85.00 77.45
C SER P 367 -14.53 -85.57 78.44
N GLY P 368 -14.70 -86.85 78.77
CA GLY P 368 -13.77 -87.51 79.65
C GLY P 368 -12.44 -87.81 78.96
N PHE P 369 -11.42 -88.04 79.78
CA PHE P 369 -10.09 -88.35 79.28
C PHE P 369 -9.47 -89.47 80.09
N ASN P 370 -8.21 -89.79 79.83
CA ASN P 370 -7.49 -90.84 80.54
C ASN P 370 -6.34 -90.26 81.33
N ASP P 371 -6.18 -90.72 82.56
CA ASP P 371 -5.08 -90.29 83.42
C ASP P 371 -4.79 -91.42 84.40
N ARG P 372 -3.52 -91.54 84.78
CA ARG P 372 -3.07 -92.62 85.65
C ARG P 372 -2.24 -92.06 86.79
N ASP P 373 -2.77 -92.15 88.01
CA ASP P 373 -2.02 -91.79 89.20
C ASP P 373 -1.56 -93.01 89.97
N ASN P 374 -2.46 -93.95 90.26
CA ASN P 374 -2.09 -95.25 90.80
C ASN P 374 -2.62 -96.41 89.97
N ARG P 375 -3.55 -96.15 89.05
CA ARG P 375 -4.09 -97.16 88.15
C ARG P 375 -4.68 -96.45 86.94
N ASP P 376 -5.36 -97.19 86.09
CA ASP P 376 -6.06 -96.60 84.96
C ASP P 376 -7.31 -95.88 85.46
N TRP P 377 -7.45 -94.61 85.06
CA TRP P 377 -8.59 -93.79 85.46
C TRP P 377 -9.16 -93.04 84.27
N VAL P 378 -10.47 -92.84 84.28
CA VAL P 378 -11.14 -91.90 83.39
C VAL P 378 -11.67 -90.76 84.24
N SER P 379 -11.46 -89.53 83.79
CA SER P 379 -11.77 -88.37 84.61
C SER P 379 -12.25 -87.23 83.75
N VAL P 380 -12.90 -86.27 84.41
CA VAL P 380 -13.34 -85.02 83.80
C VAL P 380 -12.92 -83.87 84.68
N VAL P 381 -12.31 -82.84 84.07
CA VAL P 381 -11.85 -81.67 84.79
C VAL P 381 -12.73 -80.49 84.40
N THR P 382 -13.25 -79.78 85.39
CA THR P 382 -14.15 -78.66 85.15
C THR P 382 -13.78 -77.54 86.12
N PRO P 383 -13.60 -76.31 85.63
CA PRO P 383 -13.16 -75.23 86.51
C PRO P 383 -14.14 -74.97 87.64
N ALA P 384 -13.59 -74.59 88.80
CA ALA P 384 -14.40 -74.27 89.97
C ALA P 384 -14.85 -72.81 89.88
N ARG P 385 -15.79 -72.58 88.98
CA ARG P 385 -16.41 -71.27 88.80
C ARG P 385 -17.88 -71.47 88.53
N ASP P 386 -18.55 -70.41 88.07
CA ASP P 386 -19.97 -70.48 87.74
C ASP P 386 -20.13 -70.33 86.23
N GLY P 387 -20.47 -71.43 85.56
CA GLY P 387 -20.69 -71.42 84.14
C GLY P 387 -19.58 -71.85 83.18
N PRO P 388 -18.37 -72.20 83.65
CA PRO P 388 -17.36 -72.63 82.66
C PRO P 388 -17.79 -73.83 81.85
N CYS P 389 -18.45 -74.81 82.46
CA CYS P 389 -18.95 -75.97 81.73
C CYS P 389 -20.33 -76.36 82.25
N GLY P 390 -21.18 -75.37 82.45
CA GLY P 390 -22.50 -75.61 82.98
C GLY P 390 -22.57 -75.78 84.48
N THR P 391 -21.53 -75.39 85.20
CA THR P 391 -21.52 -75.51 86.65
C THR P 391 -22.53 -74.54 87.27
N VAL P 392 -23.13 -74.94 88.37
CA VAL P 392 -24.08 -74.10 89.08
C VAL P 392 -23.53 -73.75 90.45
N LEU P 393 -23.46 -72.46 90.74
CA LEU P 393 -23.03 -71.97 92.04
C LEU P 393 -24.24 -71.57 92.85
N THR P 394 -24.31 -72.08 94.08
CA THR P 394 -25.40 -71.77 95.01
C THR P 394 -24.76 -71.57 96.38
N ARG P 395 -24.46 -70.33 96.73
CA ARG P 395 -23.70 -70.01 97.92
C ARG P 395 -24.68 -69.57 99.00
N ASN P 396 -24.74 -70.31 100.11
CA ASN P 396 -25.59 -69.90 101.22
C ASN P 396 -24.75 -69.06 102.19
N GLU P 397 -25.32 -68.75 103.35
CA GLU P 397 -24.64 -67.86 104.29
C GLU P 397 -23.33 -68.45 104.82
N THR P 398 -23.12 -69.75 104.64
CA THR P 398 -21.98 -70.44 105.25
C THR P 398 -20.97 -70.95 104.24
N HIS P 399 -21.41 -71.68 103.22
CA HIS P 399 -20.51 -72.29 102.25
C HIS P 399 -20.90 -71.89 100.83
N ALA P 400 -20.03 -72.26 99.89
CA ALA P 400 -20.25 -72.04 98.47
C ALA P 400 -20.04 -73.34 97.73
N THR P 401 -21.09 -73.82 97.05
CA THR P 401 -21.05 -75.11 96.40
C THR P 401 -21.12 -74.94 94.89
N TYR P 402 -20.50 -75.87 94.18
CA TYR P 402 -20.54 -75.94 92.71
C TYR P 402 -21.17 -77.28 92.35
N SER P 403 -22.28 -77.24 91.64
CA SER P 403 -23.03 -78.43 91.29
C SER P 403 -23.00 -78.64 89.79
N ASN P 404 -22.55 -79.82 89.36
CA ASN P 404 -22.57 -80.20 87.96
C ASN P 404 -22.87 -81.70 87.89
N THR P 405 -23.49 -82.11 86.79
CA THR P 405 -23.91 -83.50 86.64
C THR P 405 -23.04 -84.22 85.62
N LEU P 406 -22.68 -85.46 85.95
CA LEU P 406 -21.90 -86.32 85.08
C LEU P 406 -22.82 -87.31 84.39
N TYR P 407 -22.53 -87.59 83.12
CA TYR P 407 -23.31 -88.51 82.31
C TYR P 407 -22.39 -89.61 81.81
N LEU P 408 -22.82 -90.86 82.01
CA LEU P 408 -22.05 -92.02 81.58
C LEU P 408 -22.80 -92.74 80.48
N ALA P 409 -22.07 -93.22 79.49
CA ALA P 409 -22.66 -94.01 78.42
C ALA P 409 -21.57 -94.88 77.80
N ASP P 410 -21.97 -96.09 77.43
CA ASP P 410 -21.07 -96.99 76.71
C ASP P 410 -21.03 -96.70 75.21
N GLU P 411 -21.87 -95.78 74.73
CA GLU P 411 -21.97 -95.48 73.32
C GLU P 411 -22.63 -94.10 73.16
N ILE P 412 -22.79 -93.69 71.91
CA ILE P 412 -23.27 -92.34 71.63
C ILE P 412 -24.72 -92.17 72.08
N ILE P 413 -25.54 -93.20 71.88
CA ILE P 413 -26.96 -93.12 72.17
C ILE P 413 -27.31 -94.07 73.30
N ILE P 414 -28.18 -93.65 74.18
CA ILE P 414 -28.62 -94.46 75.30
C ILE P 414 -30.01 -95.00 75.02
N ARG P 415 -30.20 -96.31 75.23
CA ARG P 415 -31.48 -96.95 75.05
C ARG P 415 -32.03 -97.58 76.33
N ASP P 416 -31.21 -97.70 77.37
CA ASP P 416 -31.65 -98.21 78.66
C ASP P 416 -30.60 -97.87 79.71
N LEU P 417 -31.04 -97.84 80.97
CA LEU P 417 -30.16 -97.63 82.12
C LEU P 417 -29.39 -96.32 81.99
N ASN P 418 -30.14 -95.22 82.01
CA ASN P 418 -29.53 -93.89 82.04
C ASN P 418 -28.76 -93.71 83.34
N ILE P 419 -27.58 -93.11 83.23
CA ILE P 419 -26.67 -92.96 84.36
C ILE P 419 -26.36 -91.48 84.56
N LYS P 420 -26.66 -90.97 85.75
CA LYS P 420 -26.47 -89.56 86.09
C LYS P 420 -25.80 -89.47 87.45
N ILE P 421 -24.62 -88.87 87.49
CA ILE P 421 -23.85 -88.70 88.71
C ILE P 421 -23.94 -87.23 89.10
N ASN P 422 -24.79 -86.92 90.07
CA ASN P 422 -24.91 -85.56 90.58
C ASN P 422 -23.82 -85.34 91.62
N PHE P 423 -22.72 -84.72 91.21
CA PHE P 423 -21.58 -84.47 92.09
C PHE P 423 -21.47 -82.99 92.38
N ALA P 424 -21.15 -82.67 93.64
CA ALA P 424 -21.02 -81.28 94.07
C ALA P 424 -20.31 -81.19 95.41
N CYS P 425 -19.28 -80.35 95.48
CA CYS P 425 -18.57 -80.09 96.72
C CYS P 425 -18.65 -78.59 97.03
N SER P 426 -18.63 -78.26 98.32
CA SER P 426 -18.72 -76.89 98.77
C SER P 426 -17.43 -76.49 99.47
N TYR P 427 -17.16 -75.19 99.49
CA TYR P 427 -16.00 -74.55 100.08
C TYR P 427 -16.43 -73.65 101.23
N PRO P 428 -15.60 -73.50 102.26
CA PRO P 428 -15.91 -72.57 103.34
C PRO P 428 -15.72 -71.12 102.90
N LEU P 429 -16.24 -70.22 103.73
CA LEU P 429 -16.08 -68.79 103.50
C LEU P 429 -15.21 -68.10 104.54
N ASP P 430 -14.91 -68.78 105.64
CA ASP P 430 -14.11 -68.21 106.73
C ASP P 430 -12.85 -69.05 106.91
N MET P 431 -11.69 -68.40 106.90
CA MET P 431 -10.42 -69.10 106.86
C MET P 431 -9.47 -68.54 107.90
N LYS P 432 -8.46 -69.35 108.23
CA LYS P 432 -7.43 -69.01 109.22
C LYS P 432 -6.09 -68.87 108.52
N VAL P 433 -5.42 -67.73 108.72
CA VAL P 433 -4.13 -67.48 108.11
C VAL P 433 -3.19 -66.84 109.13
N SER P 434 -1.89 -67.00 108.89
CA SER P 434 -0.86 -66.50 109.77
C SER P 434 0.45 -66.39 109.02
N LEU P 435 1.39 -65.64 109.59
CA LEU P 435 2.74 -65.61 109.04
C LEU P 435 3.41 -66.97 109.18
N LYS P 436 4.28 -67.30 108.24
CA LYS P 436 5.21 -68.40 108.40
C LYS P 436 6.63 -67.92 108.66
N THR P 437 6.82 -66.61 108.73
CA THR P 437 8.11 -66.00 109.05
C THR P 437 8.06 -65.44 110.46
N ALA P 438 9.07 -65.78 111.27
CA ALA P 438 9.14 -65.31 112.64
C ALA P 438 9.40 -63.81 112.65
N LEU P 439 9.03 -63.16 113.75
CA LEU P 439 9.13 -61.72 113.87
C LEU P 439 9.56 -61.35 115.29
N GLN P 440 10.51 -60.42 115.38
CA GLN P 440 11.17 -60.11 116.65
C GLN P 440 11.69 -58.68 116.62
N PRO P 441 11.17 -57.81 117.49
CA PRO P 441 11.60 -56.42 117.49
C PRO P 441 12.73 -56.15 118.48
N MET P 442 13.38 -55.00 118.28
CA MET P 442 14.35 -54.46 119.23
C MET P 442 13.91 -53.04 119.56
N VAL P 443 13.95 -52.68 120.83
CA VAL P 443 13.56 -51.35 121.28
C VAL P 443 14.62 -50.84 122.24
N SER P 444 14.75 -49.52 122.35
CA SER P 444 15.60 -48.92 123.35
C SER P 444 15.15 -49.36 124.74
N ALA P 445 16.08 -49.94 125.49
CA ALA P 445 15.76 -50.55 126.78
C ALA P 445 16.62 -49.93 127.87
N LEU P 446 15.97 -49.68 129.01
CA LEU P 446 16.64 -49.14 130.20
C LEU P 446 16.32 -50.01 131.39
N ASN P 447 17.33 -50.28 132.22
CA ASN P 447 17.19 -51.11 133.40
C ASN P 447 17.40 -50.24 134.63
N ILE P 448 16.49 -50.34 135.59
CA ILE P 448 16.68 -49.75 136.91
C ILE P 448 16.92 -50.90 137.88
N ARG P 449 17.98 -50.80 138.68
CA ARG P 449 18.40 -51.86 139.57
C ARG P 449 18.14 -51.46 141.02
N VAL P 450 17.38 -52.29 141.73
CA VAL P 450 17.10 -52.07 143.14
C VAL P 450 17.35 -53.38 143.89
N GLY P 451 17.51 -53.26 145.19
CA GLY P 451 17.79 -54.41 146.03
C GLY P 451 17.13 -54.26 147.38
N GLY P 452 17.44 -55.19 148.27
CA GLY P 452 16.87 -55.15 149.61
C GLY P 452 17.46 -56.25 150.47
N THR P 453 17.01 -56.26 151.72
CA THR P 453 17.45 -57.25 152.71
C THR P 453 16.26 -57.67 153.55
N GLY P 454 16.21 -58.96 153.87
CA GLY P 454 15.12 -59.49 154.67
C GLY P 454 15.59 -60.57 155.61
N MET P 455 14.75 -60.85 156.61
CA MET P 455 15.03 -61.88 157.59
C MET P 455 14.13 -63.08 157.30
N PRO Q 173 -45.81 -143.34 -32.16
CA PRO Q 173 -46.45 -142.66 -33.29
C PRO Q 173 -45.97 -141.21 -33.45
N CYS Q 174 -46.53 -140.31 -32.65
CA CYS Q 174 -46.17 -138.91 -32.73
C CYS Q 174 -44.83 -138.61 -32.07
N GLN Q 175 -44.35 -139.49 -31.20
CA GLN Q 175 -43.07 -139.27 -30.52
C GLN Q 175 -42.02 -140.30 -30.87
N ALA Q 176 -42.42 -141.49 -31.32
CA ALA Q 176 -41.49 -142.55 -31.71
C ALA Q 176 -41.53 -142.67 -33.22
N HIS Q 177 -40.73 -141.85 -33.90
CA HIS Q 177 -40.69 -141.83 -35.35
C HIS Q 177 -39.35 -141.28 -35.81
N ARG Q 178 -39.04 -141.51 -37.07
CA ARG Q 178 -37.79 -141.08 -37.67
C ARG Q 178 -38.07 -140.08 -38.79
N THR Q 179 -37.43 -138.92 -38.72
CA THR Q 179 -37.60 -137.93 -39.76
C THR Q 179 -36.72 -138.26 -40.97
N LEU Q 180 -37.16 -137.80 -42.14
CA LEU Q 180 -36.43 -137.99 -43.39
C LEU Q 180 -36.16 -136.61 -43.99
N ASP Q 181 -34.91 -136.17 -43.90
CA ASP Q 181 -34.50 -134.87 -44.43
C ASP Q 181 -33.96 -135.10 -45.84
N GLU Q 182 -34.88 -135.24 -46.80
CA GLU Q 182 -34.54 -135.52 -48.19
C GLU Q 182 -35.29 -134.55 -49.08
N TYR Q 183 -34.56 -133.90 -49.99
CA TYR Q 183 -35.15 -132.92 -50.89
C TYR Q 183 -35.47 -133.48 -52.27
N TRP Q 184 -35.15 -134.75 -52.53
CA TRP Q 184 -35.40 -135.36 -53.83
C TRP Q 184 -36.67 -136.19 -53.87
N ARG Q 185 -37.47 -136.18 -52.80
CA ARG Q 185 -38.76 -136.88 -52.80
C ARG Q 185 -39.87 -136.07 -53.44
N SER Q 186 -39.61 -134.82 -53.82
CA SER Q 186 -40.66 -133.97 -54.36
C SER Q 186 -41.09 -134.45 -55.74
N THR Q 187 -42.29 -134.03 -56.15
CA THR Q 187 -42.86 -134.35 -57.44
C THR Q 187 -42.30 -133.49 -58.57
N GLU Q 188 -41.30 -132.66 -58.28
CA GLU Q 188 -40.68 -131.81 -59.28
C GLU Q 188 -39.38 -132.39 -59.82
N TYR Q 189 -38.77 -133.35 -59.13
CA TYR Q 189 -37.50 -133.90 -59.53
C TYR Q 189 -37.65 -134.64 -60.87
N GLY Q 190 -36.56 -134.63 -61.65
CA GLY Q 190 -36.60 -135.15 -63.01
C GLY Q 190 -36.85 -136.64 -63.14
N GLU Q 191 -35.89 -137.47 -62.72
CA GLU Q 191 -35.97 -138.91 -62.92
C GLU Q 191 -34.88 -139.59 -62.12
N GLY Q 192 -35.21 -140.74 -61.53
CA GLY Q 192 -34.24 -141.52 -60.79
C GLY Q 192 -34.50 -143.02 -60.83
N TYR Q 193 -33.87 -143.76 -59.92
CA TYR Q 193 -34.01 -145.21 -59.90
C TYR Q 193 -34.14 -145.79 -58.50
N ALA Q 194 -34.20 -144.96 -57.46
CA ALA Q 194 -34.19 -145.47 -56.10
C ALA Q 194 -35.54 -146.05 -55.71
N CYS Q 195 -35.51 -147.10 -54.91
CA CYS Q 195 -36.71 -147.71 -54.35
C CYS Q 195 -36.49 -147.98 -52.87
N ASP Q 196 -37.56 -147.84 -52.08
CA ASP Q 196 -37.48 -147.91 -50.62
C ASP Q 196 -37.88 -149.30 -50.15
N THR Q 197 -36.91 -150.22 -50.18
CA THR Q 197 -37.11 -151.55 -49.63
C THR Q 197 -36.66 -151.68 -48.18
N ASP Q 198 -35.79 -150.78 -47.72
CA ASP Q 198 -35.33 -150.77 -46.33
C ASP Q 198 -36.13 -149.83 -45.45
N LEU Q 199 -37.19 -149.22 -45.99
CA LEU Q 199 -37.97 -148.22 -45.26
C LEU Q 199 -38.91 -148.93 -44.30
N ARG Q 200 -38.59 -148.89 -43.00
CA ARG Q 200 -39.37 -149.59 -41.98
C ARG Q 200 -39.57 -148.67 -40.79
N GLY Q 201 -40.84 -148.38 -40.46
CA GLY Q 201 -41.15 -147.59 -39.29
C GLY Q 201 -42.09 -146.43 -39.56
N TRP Q 202 -42.23 -145.56 -38.58
CA TRP Q 202 -43.06 -144.35 -38.69
C TRP Q 202 -42.15 -143.19 -39.06
N TYR Q 203 -42.51 -142.44 -40.09
CA TYR Q 203 -41.63 -141.44 -40.64
C TYR Q 203 -42.31 -140.07 -40.72
N ARG Q 204 -41.51 -139.03 -40.57
CA ARG Q 204 -41.95 -137.64 -40.61
C ARG Q 204 -41.20 -136.94 -41.74
N PHE Q 205 -41.87 -136.68 -42.85
CA PHE Q 205 -41.23 -136.05 -43.98
C PHE Q 205 -40.93 -134.59 -43.67
N VAL Q 206 -39.65 -134.23 -43.68
CA VAL Q 206 -39.19 -132.90 -43.30
C VAL Q 206 -38.15 -132.42 -44.31
N GLY Q 207 -38.27 -131.17 -44.73
CA GLY Q 207 -37.33 -130.55 -45.64
C GLY Q 207 -38.06 -129.83 -46.75
N GLN Q 208 -37.32 -129.52 -47.82
CA GLN Q 208 -37.93 -128.85 -48.96
C GLN Q 208 -38.86 -129.77 -49.75
N GLY Q 209 -38.74 -131.09 -49.56
CA GLY Q 209 -39.62 -132.00 -50.27
C GLY Q 209 -41.09 -131.82 -49.89
N GLY Q 210 -41.36 -131.68 -48.60
CA GLY Q 210 -42.70 -131.50 -48.10
C GLY Q 210 -42.95 -132.33 -46.85
N ALA Q 211 -44.09 -132.04 -46.23
CA ALA Q 211 -44.50 -132.73 -45.01
C ALA Q 211 -45.51 -133.84 -45.25
N ARG Q 212 -46.22 -133.81 -46.38
CA ARG Q 212 -47.22 -134.81 -46.69
C ARG Q 212 -46.89 -135.46 -48.03
N MET Q 213 -47.59 -136.55 -48.33
CA MET Q 213 -47.42 -137.22 -49.61
C MET Q 213 -48.36 -136.62 -50.65
N ALA Q 214 -48.28 -137.16 -51.87
CA ALA Q 214 -49.16 -136.72 -52.94
C ALA Q 214 -50.58 -137.22 -52.69
N GLU Q 215 -51.56 -136.38 -53.04
CA GLU Q 215 -52.97 -136.73 -52.90
C GLU Q 215 -53.61 -137.15 -54.21
N THR Q 216 -52.94 -136.92 -55.34
CA THR Q 216 -53.38 -137.41 -56.64
C THR Q 216 -52.21 -138.15 -57.29
N CYS Q 217 -52.53 -139.05 -58.21
CA CYS Q 217 -51.50 -139.88 -58.83
C CYS Q 217 -50.62 -139.00 -59.71
N VAL Q 218 -49.40 -138.75 -59.24
CA VAL Q 218 -48.43 -137.92 -59.97
C VAL Q 218 -48.04 -138.63 -61.26
N PRO Q 219 -47.83 -137.91 -62.37
CA PRO Q 219 -47.44 -138.57 -63.62
C PRO Q 219 -46.17 -139.40 -63.47
N VAL Q 220 -45.97 -140.29 -64.45
CA VAL Q 220 -44.89 -141.26 -64.39
C VAL Q 220 -43.54 -140.56 -64.50
N LEU Q 221 -42.50 -141.26 -64.05
CA LEU Q 221 -41.11 -140.81 -64.15
C LEU Q 221 -40.86 -139.55 -63.31
N ARG Q 222 -41.27 -139.58 -62.04
CA ARG Q 222 -41.02 -138.49 -61.11
C ARG Q 222 -40.57 -139.04 -59.76
N CYS Q 223 -40.30 -138.12 -58.83
CA CYS Q 223 -39.91 -138.46 -57.45
C CYS Q 223 -38.66 -139.32 -57.42
N ASN Q 224 -37.71 -139.05 -58.32
CA ASN Q 224 -36.47 -139.81 -58.43
C ASN Q 224 -36.76 -141.30 -58.58
N THR Q 225 -37.79 -141.61 -59.36
CA THR Q 225 -38.24 -142.99 -59.53
C THR Q 225 -38.90 -143.12 -60.90
N ALA Q 226 -38.71 -144.30 -61.51
CA ALA Q 226 -39.39 -144.59 -62.77
C ALA Q 226 -40.90 -144.63 -62.58
N ALA Q 227 -41.37 -145.20 -61.48
CA ALA Q 227 -42.79 -145.31 -61.17
C ALA Q 227 -43.04 -144.69 -59.80
N PRO Q 228 -43.40 -143.41 -59.75
CA PRO Q 228 -43.70 -142.77 -58.47
C PRO Q 228 -45.01 -143.28 -57.89
N MET Q 229 -45.19 -143.04 -56.60
CA MET Q 229 -46.32 -143.56 -55.84
C MET Q 229 -47.03 -142.43 -55.12
N TRP Q 230 -48.29 -142.67 -54.77
CA TRP Q 230 -49.13 -141.66 -54.13
C TRP Q 230 -50.05 -142.33 -53.13
N LEU Q 231 -50.42 -141.56 -52.10
CA LEU Q 231 -51.43 -141.99 -51.14
C LEU Q 231 -52.80 -141.55 -51.65
N ASN Q 232 -53.69 -142.52 -51.89
CA ASN Q 232 -55.00 -142.22 -52.44
C ASN Q 232 -55.96 -141.83 -51.32
N GLY Q 233 -56.92 -140.98 -51.65
CA GLY Q 233 -57.83 -140.45 -50.67
C GLY Q 233 -57.33 -139.15 -50.07
N THR Q 234 -57.89 -138.82 -48.91
CA THR Q 234 -57.56 -137.59 -48.20
C THR Q 234 -56.84 -137.91 -46.89
N HIS Q 235 -55.87 -137.07 -46.56
CA HIS Q 235 -55.15 -137.23 -45.31
C HIS Q 235 -56.09 -137.00 -44.12
N PRO Q 236 -56.00 -137.84 -43.09
CA PRO Q 236 -56.87 -137.66 -41.91
C PRO Q 236 -56.59 -136.35 -41.20
N SER Q 237 -57.65 -135.78 -40.64
CA SER Q 237 -57.55 -134.52 -39.91
C SER Q 237 -57.07 -134.78 -38.49
N SER Q 238 -56.94 -133.72 -37.69
CA SER Q 238 -56.53 -133.88 -36.31
C SER Q 238 -57.60 -134.63 -35.53
N ASP Q 239 -57.16 -135.38 -34.53
CA ASP Q 239 -58.03 -136.21 -33.69
C ASP Q 239 -58.80 -137.21 -34.55
N GLU Q 240 -58.02 -138.01 -35.28
CA GLU Q 240 -58.57 -139.02 -36.16
C GLU Q 240 -58.06 -140.41 -35.76
N GLY Q 241 -56.85 -140.46 -35.22
CA GLY Q 241 -56.26 -141.73 -34.83
C GLY Q 241 -55.64 -142.47 -35.99
N ILE Q 242 -55.56 -143.78 -35.84
CA ILE Q 242 -54.98 -144.64 -36.87
C ILE Q 242 -55.98 -144.81 -38.01
N VAL Q 243 -55.55 -144.53 -39.23
CA VAL Q 243 -56.37 -144.65 -40.41
C VAL Q 243 -55.70 -145.59 -41.39
N SER Q 244 -56.47 -146.55 -41.91
CA SER Q 244 -55.97 -147.55 -42.83
C SER Q 244 -56.25 -147.11 -44.26
N ARG Q 245 -55.19 -146.99 -45.05
CA ARG Q 245 -55.30 -146.63 -46.46
C ARG Q 245 -54.46 -147.58 -47.29
N LYS Q 246 -54.89 -147.80 -48.53
CA LYS Q 246 -54.18 -148.65 -49.48
C LYS Q 246 -53.49 -147.74 -50.49
N ALA Q 247 -52.23 -147.42 -50.22
CA ALA Q 247 -51.46 -146.49 -51.04
C ALA Q 247 -51.23 -147.09 -52.42
N CYS Q 248 -51.51 -146.33 -53.46
CA CYS Q 248 -51.44 -146.81 -54.83
C CYS Q 248 -50.12 -146.39 -55.48
N ALA Q 249 -49.81 -147.04 -56.60
CA ALA Q 249 -48.59 -146.78 -57.36
C ALA Q 249 -48.95 -146.61 -58.83
N HIS Q 250 -48.35 -145.60 -59.46
CA HIS Q 250 -48.64 -145.29 -60.86
C HIS Q 250 -47.51 -145.79 -61.76
N TRP Q 251 -47.88 -146.53 -62.80
CA TRP Q 251 -46.91 -147.04 -63.77
C TRP Q 251 -47.65 -147.50 -65.01
N SER Q 252 -46.97 -147.43 -66.15
CA SER Q 252 -47.40 -147.95 -67.45
C SER Q 252 -48.60 -147.21 -68.02
N GLY Q 253 -49.06 -146.13 -67.40
CA GLY Q 253 -50.21 -145.39 -67.88
C GLY Q 253 -51.50 -145.69 -67.14
N HIS Q 254 -51.46 -146.52 -66.10
CA HIS Q 254 -52.64 -146.86 -65.30
C HIS Q 254 -52.34 -146.49 -63.86
N CYS Q 255 -52.93 -145.40 -63.39
CA CYS Q 255 -52.75 -145.00 -62.00
C CYS Q 255 -53.30 -146.07 -61.07
N CYS Q 256 -52.57 -146.33 -59.99
CA CYS Q 256 -52.92 -147.35 -59.00
C CYS Q 256 -53.01 -148.74 -59.65
N LEU Q 257 -51.86 -149.21 -60.14
CA LEU Q 257 -51.74 -150.54 -60.71
C LEU Q 257 -51.23 -151.56 -59.71
N TRP Q 258 -50.33 -151.17 -58.82
CA TRP Q 258 -49.90 -151.98 -57.69
C TRP Q 258 -50.30 -151.29 -56.39
N ASP Q 259 -50.55 -152.11 -55.36
CA ASP Q 259 -51.09 -151.62 -54.11
C ASP Q 259 -50.16 -151.99 -52.96
N ALA Q 260 -50.01 -151.06 -52.02
CA ALA Q 260 -49.24 -151.26 -50.80
C ALA Q 260 -50.06 -150.78 -49.61
N SER Q 261 -49.72 -151.30 -48.43
CA SER Q 261 -50.46 -151.03 -47.21
C SER Q 261 -49.75 -149.93 -46.42
N VAL Q 262 -50.48 -148.85 -46.11
CA VAL Q 262 -49.95 -147.75 -45.33
C VAL Q 262 -50.95 -147.40 -44.24
N GLN Q 263 -50.46 -146.92 -43.11
CA GLN Q 263 -51.28 -146.55 -41.96
C GLN Q 263 -50.91 -145.13 -41.54
N VAL Q 264 -51.69 -144.16 -41.98
CA VAL Q 264 -51.44 -142.75 -41.70
C VAL Q 264 -52.11 -142.37 -40.38
N LYS Q 265 -51.40 -141.60 -39.57
CA LYS Q 265 -51.91 -141.09 -38.30
C LYS Q 265 -51.61 -139.60 -38.20
N ALA Q 266 -52.60 -138.84 -37.76
CA ALA Q 266 -52.39 -137.41 -37.52
C ALA Q 266 -51.64 -137.20 -36.20
N CYS Q 267 -51.18 -135.98 -35.99
CA CYS Q 267 -50.40 -135.63 -34.82
C CYS Q 267 -50.70 -134.20 -34.39
N ALA Q 268 -50.40 -133.91 -33.13
CA ALA Q 268 -50.57 -132.56 -32.59
C ALA Q 268 -49.55 -131.63 -33.24
N GLY Q 269 -50.04 -130.74 -34.10
CA GLY Q 269 -49.18 -129.87 -34.88
C GLY Q 269 -49.32 -130.14 -36.37
N GLY Q 270 -48.53 -129.38 -37.13
CA GLY Q 270 -48.60 -129.47 -38.58
C GLY Q 270 -47.67 -130.51 -39.19
N TYR Q 271 -47.86 -131.77 -38.82
CA TYR Q 271 -47.08 -132.86 -39.39
C TYR Q 271 -47.86 -134.16 -39.26
N TYR Q 272 -47.42 -135.16 -40.02
CA TYR Q 272 -48.07 -136.46 -40.08
C TYR Q 272 -47.04 -137.56 -39.93
N VAL Q 273 -47.53 -138.76 -39.62
CA VAL Q 273 -46.72 -139.97 -39.57
C VAL Q 273 -47.43 -141.05 -40.38
N TYR Q 274 -46.64 -141.94 -40.96
CA TYR Q 274 -47.15 -142.98 -41.85
C TYR Q 274 -46.42 -144.29 -41.58
N ASN Q 275 -47.16 -145.39 -41.69
CA ASN Q 275 -46.57 -146.74 -41.56
C ASN Q 275 -46.10 -147.15 -42.95
N LEU Q 276 -44.81 -146.99 -43.20
CA LEU Q 276 -44.24 -147.13 -44.53
C LEU Q 276 -43.73 -148.56 -44.72
N THR Q 277 -44.42 -149.32 -45.56
CA THR Q 277 -44.05 -150.70 -45.84
C THR Q 277 -43.24 -150.78 -47.13
N ALA Q 278 -42.62 -151.93 -47.33
CA ALA Q 278 -41.86 -152.17 -48.57
C ALA Q 278 -42.83 -152.42 -49.72
N PRO Q 279 -42.65 -151.76 -50.86
CA PRO Q 279 -43.52 -152.03 -52.01
C PRO Q 279 -43.30 -153.45 -52.51
N PRO Q 280 -44.25 -153.99 -53.27
CA PRO Q 280 -44.10 -155.39 -53.74
C PRO Q 280 -42.84 -155.62 -54.54
N GLU Q 281 -42.39 -154.64 -55.32
CA GLU Q 281 -41.17 -154.74 -56.09
C GLU Q 281 -40.47 -153.38 -56.14
N CYS Q 282 -39.20 -153.38 -56.54
CA CYS Q 282 -38.40 -152.18 -56.57
C CYS Q 282 -38.90 -151.23 -57.67
N HIS Q 283 -38.20 -150.10 -57.81
CA HIS Q 283 -38.60 -149.00 -58.69
C HIS Q 283 -39.93 -148.37 -58.27
N LEU Q 284 -40.20 -148.38 -56.96
CA LEU Q 284 -41.31 -147.65 -56.37
C LEU Q 284 -40.79 -146.91 -55.14
N ALA Q 285 -41.08 -145.61 -55.06
CA ALA Q 285 -40.61 -144.80 -53.95
C ALA Q 285 -41.63 -143.71 -53.65
N TYR Q 286 -41.64 -143.27 -52.40
CA TYR Q 286 -42.62 -142.31 -51.91
C TYR Q 286 -42.33 -140.90 -52.41
N CYS Q 287 -43.37 -140.10 -52.47
CA CYS Q 287 -43.30 -138.71 -52.91
C CYS Q 287 -43.68 -137.78 -51.77
N THR Q 288 -43.25 -136.53 -51.88
CA THR Q 288 -43.60 -135.48 -50.93
C THR Q 288 -44.06 -134.26 -51.70
N ASP Q 289 -45.35 -133.94 -51.60
CA ASP Q 289 -45.89 -132.76 -52.23
C ASP Q 289 -45.59 -131.52 -51.39
N PRO Q 290 -45.65 -130.33 -51.99
CA PRO Q 290 -45.43 -129.10 -51.20
C PRO Q 290 -46.42 -128.96 -50.05
N SER Q 291 -47.59 -129.58 -50.20
CA SER Q 291 -48.61 -129.69 -49.15
C SER Q 291 -49.03 -128.28 -48.73
N SER Q 292 -49.14 -127.97 -47.45
CA SER Q 292 -49.67 -126.69 -47.00
C SER Q 292 -48.71 -126.00 -46.06
N VAL Q 293 -47.45 -125.86 -46.47
CA VAL Q 293 -46.45 -125.18 -45.64
C VAL Q 293 -46.87 -123.75 -45.34
N GLU Q 294 -47.61 -123.12 -46.25
CA GLU Q 294 -48.17 -121.80 -45.95
C GLU Q 294 -49.23 -121.88 -44.85
N GLY Q 295 -50.10 -122.89 -44.91
CA GLY Q 295 -51.10 -123.08 -43.88
C GLY Q 295 -50.49 -123.47 -42.55
N THR Q 296 -50.54 -122.57 -41.59
CA THR Q 296 -49.90 -122.74 -40.29
C THR Q 296 -50.95 -122.74 -39.19
N CYS Q 297 -50.50 -123.06 -37.97
CA CYS Q 297 -51.36 -123.11 -36.80
C CYS Q 297 -51.07 -122.02 -35.78
N GLU Q 298 -49.93 -121.35 -35.87
CA GLU Q 298 -49.61 -120.28 -34.92
C GLU Q 298 -50.59 -119.12 -35.04
N GLU Q 299 -51.20 -118.94 -36.21
CA GLU Q 299 -52.22 -117.90 -36.37
C GLU Q 299 -53.43 -118.14 -35.47
N CYS Q 300 -53.65 -119.38 -35.03
CA CYS Q 300 -54.66 -119.65 -34.03
C CYS Q 300 -54.18 -119.15 -32.66
N SER Q 301 -55.07 -118.46 -31.95
CA SER Q 301 -54.75 -117.95 -30.63
C SER Q 301 -54.58 -119.10 -29.65
N ILE Q 302 -54.01 -118.79 -28.48
CA ILE Q 302 -53.66 -119.81 -27.49
C ILE Q 302 -54.86 -120.61 -26.99
N ASP Q 303 -56.05 -120.01 -26.95
CA ASP Q 303 -57.26 -120.73 -26.54
C ASP Q 303 -57.91 -121.47 -27.70
N GLU Q 304 -57.38 -121.33 -28.91
CA GLU Q 304 -57.94 -122.00 -30.08
C GLU Q 304 -57.14 -123.28 -30.34
N ASP Q 305 -57.82 -124.41 -30.29
CA ASP Q 305 -57.18 -125.70 -30.51
C ASP Q 305 -56.67 -125.81 -31.94
N CYS Q 306 -55.63 -126.64 -32.12
CA CYS Q 306 -55.07 -126.89 -33.45
C CYS Q 306 -55.82 -128.04 -34.11
N LYS Q 307 -57.13 -127.84 -34.25
CA LYS Q 307 -57.98 -128.84 -34.87
C LYS Q 307 -57.88 -128.75 -36.39
N SER Q 308 -58.33 -129.81 -37.06
CA SER Q 308 -58.30 -129.89 -38.51
C SER Q 308 -59.58 -130.52 -39.02
N ASN Q 309 -59.94 -130.18 -40.24
CA ASN Q 309 -61.12 -130.73 -40.91
C ASN Q 309 -60.70 -131.14 -42.32
N ASN Q 310 -60.57 -132.45 -42.54
CA ASN Q 310 -60.14 -133.02 -43.81
C ASN Q 310 -58.79 -132.45 -44.25
N GLY Q 311 -57.86 -132.34 -43.30
CA GLY Q 311 -56.50 -131.93 -43.59
C GLY Q 311 -56.25 -130.44 -43.54
N ARG Q 312 -57.28 -129.62 -43.37
CA ARG Q 312 -57.14 -128.17 -43.29
C ARG Q 312 -57.23 -127.74 -41.83
N TRP Q 313 -56.20 -127.03 -41.37
CA TRP Q 313 -56.08 -126.67 -39.96
C TRP Q 313 -56.89 -125.42 -39.68
N HIS Q 314 -57.75 -125.49 -38.66
CA HIS Q 314 -58.61 -124.38 -38.28
C HIS Q 314 -58.52 -124.14 -36.78
N CYS Q 315 -58.88 -122.93 -36.37
CA CYS Q 315 -58.82 -122.52 -34.97
C CYS Q 315 -60.16 -122.82 -34.30
N GLN Q 316 -60.31 -124.08 -33.89
CA GLN Q 316 -61.49 -124.51 -33.15
C GLN Q 316 -61.30 -124.18 -31.68
N CYS Q 317 -62.13 -123.28 -31.15
CA CYS Q 317 -61.97 -122.80 -29.79
C CYS Q 317 -62.36 -123.89 -28.79
N LYS Q 318 -62.34 -123.54 -27.52
CA LYS Q 318 -62.69 -124.50 -26.47
C LYS Q 318 -64.11 -125.02 -26.67
N GLN Q 319 -64.25 -126.34 -26.62
CA GLN Q 319 -65.59 -126.92 -26.56
C GLN Q 319 -66.29 -126.54 -25.26
N ASP Q 320 -65.52 -126.34 -24.18
CA ASP Q 320 -66.10 -125.88 -22.92
C ASP Q 320 -66.69 -124.49 -23.07
N PHE Q 321 -66.16 -123.67 -23.98
CA PHE Q 321 -66.74 -122.37 -24.26
C PHE Q 321 -68.01 -122.56 -25.08
N ASN Q 322 -69.13 -122.85 -24.41
CA ASN Q 322 -70.36 -123.15 -25.11
C ASN Q 322 -71.52 -122.64 -24.26
N ILE Q 323 -72.16 -121.57 -24.73
CA ILE Q 323 -73.32 -120.98 -24.07
C ILE Q 323 -74.48 -120.99 -25.05
N THR Q 324 -75.66 -121.40 -24.57
CA THR Q 324 -76.82 -121.52 -25.45
C THR Q 324 -77.60 -120.21 -25.53
N ASP Q 325 -77.98 -119.66 -24.38
CA ASP Q 325 -78.76 -118.42 -24.36
C ASP Q 325 -77.86 -117.23 -24.68
N ILE Q 326 -78.47 -116.05 -24.83
CA ILE Q 326 -77.73 -114.83 -25.15
C ILE Q 326 -77.59 -113.90 -23.96
N SER Q 327 -78.38 -114.08 -22.90
CA SER Q 327 -78.27 -113.20 -21.74
C SER Q 327 -77.00 -113.45 -20.94
N LEU Q 328 -76.43 -114.66 -21.04
CA LEU Q 328 -75.23 -115.00 -20.30
C LEU Q 328 -73.95 -114.56 -20.99
N LEU Q 329 -74.04 -113.96 -22.18
CA LEU Q 329 -72.85 -113.61 -22.94
C LEU Q 329 -72.04 -112.53 -22.23
N GLU Q 330 -70.72 -112.71 -22.23
CA GLU Q 330 -69.82 -111.79 -21.56
C GLU Q 330 -69.82 -110.44 -22.27
N HIS Q 331 -69.71 -109.38 -21.46
CA HIS Q 331 -69.66 -108.01 -21.97
C HIS Q 331 -68.63 -107.26 -21.15
N ARG Q 332 -67.63 -106.68 -21.82
CA ARG Q 332 -66.56 -105.96 -21.15
C ARG Q 332 -66.77 -104.46 -21.37
N LEU Q 333 -67.27 -103.79 -20.33
CA LEU Q 333 -67.56 -102.36 -20.39
C LEU Q 333 -66.44 -101.62 -19.66
N GLU Q 334 -65.48 -101.09 -20.42
CA GLU Q 334 -64.38 -100.32 -19.88
C GLU Q 334 -64.67 -98.84 -20.09
N CYS Q 335 -65.10 -98.16 -19.02
CA CYS Q 335 -65.47 -96.75 -19.10
C CYS Q 335 -64.21 -95.92 -18.90
N GLY Q 336 -63.50 -95.67 -19.99
CA GLY Q 336 -62.26 -94.91 -19.94
C GLY Q 336 -62.50 -93.42 -19.76
N ALA Q 337 -61.38 -92.69 -19.64
CA ALA Q 337 -61.47 -91.28 -19.34
C ALA Q 337 -62.00 -90.47 -20.52
N ASN Q 338 -61.46 -90.71 -21.72
CA ASN Q 338 -61.76 -89.85 -22.87
C ASN Q 338 -62.75 -90.48 -23.85
N ASP Q 339 -62.84 -91.80 -23.89
CA ASP Q 339 -63.72 -92.46 -24.84
C ASP Q 339 -64.34 -93.70 -24.21
N MET Q 340 -65.07 -94.44 -25.02
CA MET Q 340 -65.80 -95.62 -24.58
C MET Q 340 -65.50 -96.81 -25.48
N LYS Q 341 -65.61 -98.00 -24.91
CA LYS Q 341 -65.51 -99.23 -25.67
C LYS Q 341 -66.28 -100.34 -24.99
N VAL Q 342 -66.94 -101.18 -25.78
CA VAL Q 342 -67.59 -102.39 -25.33
C VAL Q 342 -66.95 -103.56 -26.04
N SER Q 343 -66.48 -104.53 -25.27
CA SER Q 343 -65.68 -105.63 -25.81
C SER Q 343 -66.37 -106.95 -25.53
N LEU Q 344 -66.42 -107.80 -26.55
CA LEU Q 344 -67.10 -109.09 -26.45
C LEU Q 344 -66.15 -110.20 -26.84
N GLY Q 345 -66.19 -111.30 -26.09
CA GLY Q 345 -65.39 -112.47 -26.39
C GLY Q 345 -65.75 -113.11 -27.70
N LYS Q 346 -64.77 -113.28 -28.58
CA LYS Q 346 -65.05 -113.82 -29.91
C LYS Q 346 -65.40 -115.30 -29.85
N CYS Q 347 -64.76 -116.05 -28.95
CA CYS Q 347 -65.09 -117.46 -28.80
C CYS Q 347 -66.53 -117.64 -28.33
N GLN Q 348 -66.97 -116.80 -27.39
CA GLN Q 348 -68.32 -116.90 -26.86
C GLN Q 348 -69.36 -116.70 -27.96
N LEU Q 349 -69.18 -115.65 -28.77
CA LEU Q 349 -70.13 -115.38 -29.84
C LEU Q 349 -70.04 -116.43 -30.95
N LYS Q 350 -68.84 -116.94 -31.23
CA LYS Q 350 -68.72 -117.99 -32.24
C LYS Q 350 -69.46 -119.24 -31.80
N SER Q 351 -69.35 -119.61 -30.53
CA SER Q 351 -70.12 -120.74 -30.01
C SER Q 351 -71.60 -120.43 -29.99
N LEU Q 352 -71.98 -119.16 -29.79
CA LEU Q 352 -73.39 -118.79 -29.82
C LEU Q 352 -74.03 -119.03 -31.18
N GLY Q 353 -73.24 -119.04 -32.26
CA GLY Q 353 -73.78 -119.34 -33.56
C GLY Q 353 -73.61 -118.21 -34.56
N PHE Q 354 -72.68 -117.29 -34.30
CA PHE Q 354 -72.41 -116.17 -35.19
C PHE Q 354 -71.02 -116.33 -35.77
N ASP Q 355 -70.95 -116.75 -37.04
CA ASP Q 355 -69.66 -116.83 -37.72
C ASP Q 355 -69.04 -115.45 -37.87
N LYS Q 356 -69.81 -114.50 -38.37
CA LYS Q 356 -69.38 -113.11 -38.52
C LYS Q 356 -70.40 -112.20 -37.85
N VAL Q 357 -69.91 -111.29 -37.01
CA VAL Q 357 -70.79 -110.42 -36.23
C VAL Q 357 -70.80 -109.04 -36.85
N PHE Q 358 -71.87 -108.31 -36.58
CA PHE Q 358 -72.09 -106.96 -37.10
C PHE Q 358 -72.38 -106.06 -35.91
N MET Q 359 -71.40 -105.24 -35.53
CA MET Q 359 -71.55 -104.34 -34.41
C MET Q 359 -71.96 -102.97 -34.92
N TYR Q 360 -73.16 -102.52 -34.54
CA TYR Q 360 -73.69 -101.25 -35.02
C TYR Q 360 -74.15 -100.42 -33.83
N LEU Q 361 -73.61 -99.22 -33.72
CA LEU Q 361 -74.00 -98.29 -32.66
C LEU Q 361 -75.29 -97.60 -33.07
N SER Q 362 -75.64 -96.51 -32.37
CA SER Q 362 -76.74 -95.66 -32.82
C SER Q 362 -76.51 -95.19 -34.25
N ASP Q 363 -75.24 -95.06 -34.65
CA ASP Q 363 -74.87 -94.78 -36.03
C ASP Q 363 -74.14 -96.00 -36.59
N SER Q 364 -74.54 -96.41 -37.79
CA SER Q 364 -73.95 -97.60 -38.41
C SER Q 364 -72.48 -97.44 -38.75
N ARG Q 365 -71.97 -96.20 -38.79
CA ARG Q 365 -70.56 -95.99 -39.11
C ARG Q 365 -69.63 -96.52 -38.02
N CYS Q 366 -70.15 -96.76 -36.82
CA CYS Q 366 -69.35 -97.31 -35.72
C CYS Q 366 -69.35 -98.83 -35.75
N SER Q 367 -68.75 -99.39 -36.80
CA SER Q 367 -68.70 -100.84 -36.94
C SER Q 367 -67.68 -101.44 -35.98
N GLY Q 368 -67.91 -102.72 -35.62
CA GLY Q 368 -66.99 -103.39 -34.75
C GLY Q 368 -65.68 -103.73 -35.44
N PHE Q 369 -64.63 -103.87 -34.63
CA PHE Q 369 -63.31 -104.22 -35.14
C PHE Q 369 -62.69 -105.31 -34.27
N ASN Q 370 -61.49 -105.75 -34.62
CA ASN Q 370 -60.82 -106.83 -33.92
C ASN Q 370 -59.64 -106.29 -33.13
N ASP Q 371 -59.53 -106.73 -31.88
CA ASP Q 371 -58.41 -106.34 -31.02
C ASP Q 371 -58.15 -107.46 -30.04
N ARG Q 372 -56.89 -107.65 -29.69
CA ARG Q 372 -56.47 -108.73 -28.80
C ARG Q 372 -55.67 -108.14 -27.65
N ASP Q 373 -56.15 -108.33 -26.43
CA ASP Q 373 -55.40 -107.99 -25.23
C ASP Q 373 -55.00 -109.23 -24.44
N ASN Q 374 -55.95 -110.11 -24.13
CA ASN Q 374 -55.66 -111.41 -23.55
C ASN Q 374 -56.31 -112.56 -24.31
N ARG Q 375 -57.25 -112.29 -25.18
CA ARG Q 375 -57.86 -113.29 -26.04
C ARG Q 375 -58.39 -112.58 -27.29
N ASP Q 376 -59.11 -113.31 -28.13
CA ASP Q 376 -59.72 -112.72 -29.32
C ASP Q 376 -60.96 -111.94 -28.91
N TRP Q 377 -60.96 -110.64 -29.22
CA TRP Q 377 -62.05 -109.75 -28.85
C TRP Q 377 -62.55 -108.98 -30.06
N VAL Q 378 -63.84 -108.68 -30.08
CA VAL Q 378 -64.43 -107.71 -31.00
C VAL Q 378 -64.91 -106.53 -30.17
N SER Q 379 -64.65 -105.31 -30.66
CA SER Q 379 -64.92 -104.14 -29.85
C SER Q 379 -65.36 -102.99 -30.74
N VAL Q 380 -66.01 -102.01 -30.12
CA VAL Q 380 -66.39 -100.75 -30.74
C VAL Q 380 -65.88 -99.62 -29.86
N VAL Q 381 -65.43 -98.53 -30.47
CA VAL Q 381 -64.97 -97.36 -29.74
C VAL Q 381 -65.84 -96.17 -30.12
N THR Q 382 -66.39 -95.50 -29.12
CA THR Q 382 -67.22 -94.32 -29.32
C THR Q 382 -66.72 -93.22 -28.39
N PRO Q 383 -66.49 -92.02 -28.90
CA PRO Q 383 -65.97 -90.95 -28.04
C PRO Q 383 -66.93 -90.62 -26.91
N ALA Q 384 -66.37 -90.23 -25.77
CA ALA Q 384 -67.17 -89.86 -24.60
C ALA Q 384 -67.63 -88.41 -24.76
N ARG Q 385 -68.62 -88.24 -25.63
CA ARG Q 385 -69.20 -86.94 -25.91
C ARG Q 385 -70.66 -87.12 -26.30
N ASP Q 386 -71.35 -86.00 -26.51
CA ASP Q 386 -72.76 -86.02 -26.89
C ASP Q 386 -72.84 -85.81 -28.40
N GLY Q 387 -73.14 -86.88 -29.14
CA GLY Q 387 -73.29 -86.78 -30.56
C GLY Q 387 -72.26 -87.42 -31.50
N PRO Q 388 -71.05 -87.76 -31.04
CA PRO Q 388 -70.06 -88.27 -32.00
C PRO Q 388 -70.51 -89.52 -32.75
N CYS Q 389 -71.21 -90.43 -32.09
CA CYS Q 389 -71.78 -91.61 -32.75
C CYS Q 389 -73.17 -91.86 -32.22
N GLY Q 390 -73.95 -90.79 -32.06
CA GLY Q 390 -75.27 -90.91 -31.50
C GLY Q 390 -75.32 -91.14 -30.01
N THR Q 391 -74.25 -90.81 -29.28
CA THR Q 391 -74.23 -90.96 -27.84
C THR Q 391 -75.05 -89.85 -27.20
N VAL Q 392 -75.89 -90.20 -26.25
CA VAL Q 392 -76.77 -89.23 -25.59
C VAL Q 392 -76.27 -88.96 -24.19
N LEU Q 393 -76.09 -87.68 -23.87
CA LEU Q 393 -75.69 -87.24 -22.53
C LEU Q 393 -76.93 -86.82 -21.77
N THR Q 394 -77.09 -87.37 -20.56
CA THR Q 394 -78.15 -86.97 -19.65
C THR Q 394 -77.49 -86.70 -18.30
N ARG Q 395 -77.28 -85.43 -18.00
CA ARG Q 395 -76.54 -85.00 -16.83
C ARG Q 395 -77.51 -84.51 -15.76
N ASN Q 396 -77.69 -85.31 -14.70
CA ASN Q 396 -78.46 -84.86 -13.56
C ASN Q 396 -77.54 -84.06 -12.64
N GLU Q 397 -78.04 -83.69 -11.47
CA GLU Q 397 -77.23 -82.86 -10.58
C GLU Q 397 -75.95 -83.57 -10.12
N THR Q 398 -75.96 -84.90 -10.07
CA THR Q 398 -74.84 -85.64 -9.50
C THR Q 398 -73.86 -86.16 -10.52
N HIS Q 399 -74.30 -86.95 -11.49
CA HIS Q 399 -73.43 -87.55 -12.49
C HIS Q 399 -73.84 -87.12 -13.89
N ALA Q 400 -73.05 -87.55 -14.86
CA ALA Q 400 -73.35 -87.36 -16.28
C ALA Q 400 -73.18 -88.70 -16.98
N THR Q 401 -74.18 -89.13 -17.72
CA THR Q 401 -74.18 -90.44 -18.35
C THR Q 401 -74.07 -90.31 -19.86
N TYR Q 402 -73.37 -91.26 -20.48
CA TYR Q 402 -73.26 -91.37 -21.93
C TYR Q 402 -73.94 -92.67 -22.33
N SER Q 403 -75.13 -92.55 -22.90
CA SER Q 403 -75.96 -93.70 -23.24
C SER Q 403 -75.99 -93.90 -24.75
N ASN Q 404 -75.48 -95.04 -25.19
CA ASN Q 404 -75.53 -95.44 -26.58
C ASN Q 404 -75.96 -96.90 -26.65
N THR Q 405 -76.59 -97.26 -27.75
CA THR Q 405 -77.11 -98.61 -27.93
C THR Q 405 -76.25 -99.39 -28.93
N LEU Q 406 -75.96 -100.65 -28.58
CA LEU Q 406 -75.19 -101.55 -29.41
C LEU Q 406 -76.11 -102.55 -30.08
N TYR Q 407 -75.80 -102.89 -31.33
CA TYR Q 407 -76.60 -103.81 -32.12
C TYR Q 407 -75.73 -104.98 -32.56
N LEU Q 408 -76.26 -106.19 -32.38
CA LEU Q 408 -75.53 -107.42 -32.70
C LEU Q 408 -76.32 -108.20 -33.72
N ALA Q 409 -75.63 -108.74 -34.72
CA ALA Q 409 -76.25 -109.54 -35.75
C ALA Q 409 -75.20 -110.42 -36.40
N ASP Q 410 -75.61 -111.62 -36.81
CA ASP Q 410 -74.73 -112.52 -37.54
C ASP Q 410 -74.72 -112.26 -39.03
N GLU Q 411 -75.61 -111.41 -39.54
CA GLU Q 411 -75.69 -111.15 -40.96
C GLU Q 411 -76.17 -109.71 -41.18
N ILE Q 412 -76.23 -109.31 -42.44
CA ILE Q 412 -76.61 -107.93 -42.78
C ILE Q 412 -78.06 -107.68 -42.42
N ILE Q 413 -78.93 -108.68 -42.62
CA ILE Q 413 -80.35 -108.54 -42.32
C ILE Q 413 -80.66 -109.43 -41.12
N ILE Q 414 -81.60 -108.97 -40.30
CA ILE Q 414 -82.05 -109.71 -39.12
C ILE Q 414 -83.46 -110.21 -39.37
N ARG Q 415 -83.70 -111.47 -39.01
CA ARG Q 415 -85.01 -112.10 -39.18
C ARG Q 415 -85.60 -112.62 -37.89
N ASP Q 416 -84.81 -112.77 -36.83
CA ASP Q 416 -85.29 -113.25 -35.54
C ASP Q 416 -84.25 -112.92 -34.49
N LEU Q 417 -84.70 -112.83 -33.23
CA LEU Q 417 -83.82 -112.60 -32.08
C LEU Q 417 -83.02 -111.31 -32.25
N ASN Q 418 -83.75 -110.20 -32.29
CA ASN Q 418 -83.10 -108.89 -32.27
C ASN Q 418 -82.31 -108.72 -30.98
N ILE Q 419 -81.05 -108.29 -31.11
CA ILE Q 419 -80.15 -108.17 -29.97
C ILE Q 419 -79.77 -106.70 -29.83
N LYS Q 420 -80.04 -106.14 -28.65
CA LYS Q 420 -79.79 -104.73 -28.37
C LYS Q 420 -79.12 -104.63 -27.00
N ILE Q 421 -77.87 -104.16 -27.01
CA ILE Q 421 -77.08 -104.02 -25.78
C ILE Q 421 -77.05 -102.54 -25.43
N ASN Q 422 -77.91 -102.14 -24.50
CA ASN Q 422 -77.98 -100.75 -24.05
C ASN Q 422 -76.92 -100.54 -22.99
N PHE Q 423 -75.81 -99.94 -23.37
CA PHE Q 423 -74.67 -99.72 -22.47
C PHE Q 423 -74.54 -98.24 -22.15
N ALA Q 424 -74.18 -97.95 -20.90
CA ALA Q 424 -73.97 -96.58 -20.46
C ALA Q 424 -73.19 -96.54 -19.16
N CYS Q 425 -72.23 -95.64 -19.06
CA CYS Q 425 -71.48 -95.41 -17.84
C CYS Q 425 -71.50 -93.92 -17.52
N SER Q 426 -71.49 -93.60 -16.23
CA SER Q 426 -71.59 -92.22 -15.77
C SER Q 426 -70.30 -91.81 -15.08
N TYR Q 427 -69.98 -90.52 -15.19
CA TYR Q 427 -68.80 -89.94 -14.57
C TYR Q 427 -69.20 -89.00 -13.45
N PRO Q 428 -68.42 -88.90 -12.38
CA PRO Q 428 -68.72 -87.93 -11.34
C PRO Q 428 -68.45 -86.52 -11.79
N LEU Q 429 -69.16 -85.58 -11.16
CA LEU Q 429 -68.94 -84.16 -11.40
C LEU Q 429 -68.06 -83.51 -10.35
N ASP Q 430 -67.80 -84.18 -9.24
CA ASP Q 430 -66.98 -83.65 -8.16
C ASP Q 430 -65.77 -84.56 -7.96
N MET Q 431 -64.58 -83.98 -7.97
CA MET Q 431 -63.34 -84.74 -7.89
C MET Q 431 -62.40 -84.08 -6.88
N LYS Q 432 -61.45 -84.87 -6.40
CA LYS Q 432 -60.47 -84.40 -5.43
C LYS Q 432 -59.07 -84.61 -5.99
N VAL Q 433 -58.22 -83.59 -5.84
CA VAL Q 433 -56.87 -83.60 -6.38
C VAL Q 433 -55.92 -82.99 -5.37
N SER Q 434 -54.63 -83.33 -5.52
CA SER Q 434 -53.60 -82.87 -4.62
C SER Q 434 -52.27 -82.86 -5.36
N LEU Q 435 -51.42 -81.90 -5.02
CA LEU Q 435 -50.12 -81.79 -5.67
C LEU Q 435 -49.27 -83.02 -5.40
N LYS Q 436 -48.58 -83.49 -6.43
CA LYS Q 436 -47.57 -84.53 -6.28
C LYS Q 436 -46.19 -83.94 -6.07
N THR Q 437 -46.09 -82.62 -5.96
CA THR Q 437 -44.82 -81.95 -5.70
C THR Q 437 -44.83 -81.42 -4.27
N ALA Q 438 -43.84 -81.83 -3.49
CA ALA Q 438 -43.72 -81.38 -2.11
C ALA Q 438 -43.35 -79.91 -2.10
N LEU Q 439 -43.58 -79.26 -0.96
CA LEU Q 439 -43.41 -77.82 -0.85
C LEU Q 439 -42.90 -77.46 0.55
N GLN Q 440 -41.82 -76.70 0.58
CA GLN Q 440 -41.06 -76.46 1.81
C GLN Q 440 -40.64 -75.00 1.85
N PRO Q 441 -41.24 -74.20 2.70
CA PRO Q 441 -40.89 -72.77 2.77
C PRO Q 441 -39.64 -72.53 3.61
N MET Q 442 -39.26 -71.26 3.67
CA MET Q 442 -38.13 -70.81 4.48
C MET Q 442 -38.30 -69.33 4.72
N VAL Q 443 -38.25 -68.93 5.99
CA VAL Q 443 -38.39 -67.52 6.37
C VAL Q 443 -37.38 -67.23 7.48
N SER Q 444 -37.04 -65.95 7.64
CA SER Q 444 -36.18 -65.53 8.74
C SER Q 444 -36.84 -65.86 10.07
N ALA Q 445 -36.05 -66.38 11.00
CA ALA Q 445 -36.54 -66.80 12.30
C ALA Q 445 -35.76 -66.11 13.41
N LEU Q 446 -36.48 -65.73 14.46
CA LEU Q 446 -35.89 -65.13 15.65
C LEU Q 446 -36.09 -66.08 16.81
N ASN Q 447 -35.00 -66.42 17.49
CA ASN Q 447 -35.03 -67.33 18.63
C ASN Q 447 -34.66 -66.56 19.88
N ILE Q 448 -35.56 -66.56 20.87
CA ILE Q 448 -35.30 -65.96 22.17
C ILE Q 448 -35.12 -67.09 23.17
N ARG Q 449 -34.04 -67.01 23.96
CA ARG Q 449 -33.66 -68.09 24.86
C ARG Q 449 -33.95 -67.68 26.30
N VAL Q 450 -34.81 -68.45 26.96
CA VAL Q 450 -35.16 -68.21 28.36
C VAL Q 450 -35.09 -69.54 29.09
N GLY Q 451 -35.03 -69.46 30.42
CA GLY Q 451 -34.92 -70.64 31.24
C GLY Q 451 -35.71 -70.50 32.52
N GLY Q 452 -35.41 -71.38 33.47
CA GLY Q 452 -36.07 -71.33 34.76
C GLY Q 452 -35.48 -72.36 35.70
N THR Q 453 -35.92 -72.30 36.94
CA THR Q 453 -35.50 -73.24 37.97
C THR Q 453 -36.70 -73.64 38.80
N GLY Q 454 -36.83 -74.94 39.04
CA GLY Q 454 -37.96 -75.45 39.81
C GLY Q 454 -37.51 -76.38 40.91
N MET Q 455 -38.28 -76.38 41.99
CA MET Q 455 -38.09 -77.26 43.12
C MET Q 455 -39.16 -78.34 43.10
N PHE Q 456 -38.77 -79.60 43.19
CA PHE Q 456 -39.74 -80.64 43.49
C PHE Q 456 -40.23 -80.52 44.92
N THR Q 457 -41.27 -81.29 45.22
CA THR Q 457 -41.82 -81.38 46.57
C THR Q 457 -41.68 -82.80 47.06
N VAL Q 458 -40.90 -82.98 48.13
CA VAL Q 458 -40.70 -84.27 48.76
C VAL Q 458 -40.94 -84.08 50.26
N ARG Q 459 -41.65 -85.02 50.86
CA ARG Q 459 -42.17 -84.86 52.21
C ARG Q 459 -41.69 -85.99 53.12
N MET Q 460 -41.90 -85.79 54.41
CA MET Q 460 -41.54 -86.74 55.45
C MET Q 460 -42.61 -86.74 56.52
N ALA Q 461 -42.99 -87.92 57.00
CA ALA Q 461 -44.06 -88.02 57.96
C ALA Q 461 -43.77 -89.09 58.99
N LEU Q 462 -44.29 -88.87 60.19
CA LEU Q 462 -44.27 -89.87 61.26
C LEU Q 462 -45.54 -90.70 61.18
N PHE Q 463 -45.38 -92.02 61.27
CA PHE Q 463 -46.50 -92.94 61.23
C PHE Q 463 -46.81 -93.41 62.64
N GLN Q 464 -48.07 -93.23 63.06
CA GLN Q 464 -48.48 -93.66 64.39
C GLN Q 464 -48.32 -95.16 64.60
N THR Q 465 -48.43 -95.96 63.54
CA THR Q 465 -48.58 -97.40 63.62
C THR Q 465 -47.55 -98.08 62.73
N PRO Q 466 -47.31 -99.36 62.95
CA PRO Q 466 -46.59 -100.16 61.94
C PRO Q 466 -47.39 -100.20 60.64
N SER Q 467 -46.73 -100.74 59.61
CA SER Q 467 -47.21 -100.81 58.23
C SER Q 467 -47.33 -99.44 57.58
N TYR Q 468 -46.95 -98.37 58.29
CA TYR Q 468 -46.81 -97.01 57.76
C TYR Q 468 -48.13 -96.53 57.18
N THR Q 469 -49.15 -96.55 58.03
CA THR Q 469 -50.52 -96.30 57.61
C THR Q 469 -50.96 -94.86 57.81
N GLN Q 470 -50.72 -94.27 58.98
CA GLN Q 470 -51.34 -92.98 59.27
C GLN Q 470 -50.30 -91.92 59.58
N PRO Q 471 -50.46 -90.70 59.05
CA PRO Q 471 -49.51 -89.63 59.33
C PRO Q 471 -49.76 -88.97 60.68
N TYR Q 472 -48.72 -88.31 61.17
CA TYR Q 472 -48.74 -87.63 62.46
C TYR Q 472 -48.95 -86.15 62.25
N GLN Q 473 -49.98 -85.60 62.87
CA GLN Q 473 -50.36 -84.21 62.68
C GLN Q 473 -50.03 -83.33 63.89
N GLY Q 474 -49.47 -83.91 64.94
CA GLY Q 474 -49.15 -83.16 66.14
C GLY Q 474 -47.87 -82.36 66.00
N SER Q 475 -47.52 -81.68 67.10
CA SER Q 475 -46.30 -80.89 67.17
C SER Q 475 -45.21 -81.49 68.04
N SER Q 476 -45.59 -82.15 69.13
CA SER Q 476 -44.63 -82.84 69.98
C SER Q 476 -45.14 -84.25 70.25
N VAL Q 477 -44.30 -85.24 70.00
CA VAL Q 477 -44.65 -86.64 70.19
C VAL Q 477 -43.87 -87.17 71.39
N THR Q 478 -44.55 -87.95 72.23
CA THR Q 478 -43.98 -88.41 73.49
C THR Q 478 -43.91 -89.93 73.47
N LEU Q 479 -42.69 -90.46 73.40
CA LEU Q 479 -42.49 -91.89 73.26
C LEU Q 479 -41.75 -92.44 74.48
N SER Q 480 -41.68 -93.76 74.53
CA SER Q 480 -40.78 -94.49 75.42
C SER Q 480 -39.58 -94.96 74.61
N THR Q 481 -38.47 -95.20 75.30
CA THR Q 481 -37.27 -95.61 74.59
C THR Q 481 -37.40 -96.99 73.96
N GLU Q 482 -38.18 -97.89 74.55
CA GLU Q 482 -38.41 -99.20 73.97
C GLU Q 482 -39.36 -99.16 72.78
N ALA Q 483 -40.07 -98.05 72.57
CA ALA Q 483 -41.00 -97.93 71.46
C ALA Q 483 -40.24 -97.80 70.15
N PHE Q 484 -40.77 -98.42 69.10
CA PHE Q 484 -40.16 -98.31 67.79
C PHE Q 484 -40.65 -97.07 67.07
N LEU Q 485 -39.90 -96.66 66.04
CA LEU Q 485 -40.20 -95.49 65.25
C LEU Q 485 -40.63 -95.93 63.86
N TYR Q 486 -41.70 -95.33 63.36
CA TYR Q 486 -42.26 -95.69 62.06
C TYR Q 486 -42.31 -94.42 61.22
N VAL Q 487 -41.40 -94.31 60.25
CA VAL Q 487 -41.24 -93.09 59.48
C VAL Q 487 -41.20 -93.44 57.99
N GLY Q 488 -41.55 -92.45 57.17
CA GLY Q 488 -41.52 -92.60 55.73
C GLY Q 488 -41.41 -91.24 55.07
N THR Q 489 -41.12 -91.28 53.77
CA THR Q 489 -40.94 -90.08 52.96
C THR Q 489 -41.74 -90.21 51.67
N MET Q 490 -42.55 -89.21 51.39
CA MET Q 490 -43.39 -89.18 50.20
C MET Q 490 -42.75 -88.30 49.14
N LEU Q 491 -43.15 -88.54 47.89
CA LEU Q 491 -42.64 -87.76 46.77
C LEU Q 491 -43.83 -87.22 45.99
N ASP Q 492 -43.94 -85.89 45.92
CA ASP Q 492 -45.07 -85.24 45.27
C ASP Q 492 -44.62 -84.35 44.11
N GLY Q 493 -43.35 -84.43 43.71
CA GLY Q 493 -42.86 -83.54 42.67
C GLY Q 493 -43.48 -83.83 41.31
N GLY Q 494 -43.26 -85.02 40.79
CA GLY Q 494 -43.77 -85.41 39.49
C GLY Q 494 -42.81 -86.34 38.77
N ASP Q 495 -43.31 -86.87 37.65
CA ASP Q 495 -42.61 -87.87 36.85
C ASP Q 495 -42.18 -89.05 37.73
N LEU Q 496 -43.10 -89.50 38.57
CA LEU Q 496 -42.85 -90.68 39.39
C LEU Q 496 -42.55 -91.91 38.56
N SER Q 497 -43.00 -91.95 37.30
CA SER Q 497 -42.71 -93.09 36.44
C SER Q 497 -41.22 -93.19 36.16
N ARG Q 498 -40.59 -92.08 35.77
CA ARG Q 498 -39.18 -92.09 35.40
C ARG Q 498 -38.25 -91.95 36.58
N PHE Q 499 -38.78 -91.71 37.77
CA PHE Q 499 -37.97 -91.41 38.95
C PHE Q 499 -38.32 -92.37 40.07
N ALA Q 500 -37.30 -92.75 40.84
CA ALA Q 500 -37.48 -93.58 42.03
C ALA Q 500 -36.89 -92.85 43.23
N LEU Q 501 -37.70 -92.61 44.25
CA LEU Q 501 -37.20 -92.01 45.47
C LEU Q 501 -36.16 -92.91 46.11
N LEU Q 502 -34.93 -92.40 46.20
CA LEU Q 502 -33.81 -93.20 46.67
C LEU Q 502 -33.09 -92.45 47.77
N MET Q 503 -32.73 -93.17 48.81
CA MET Q 503 -32.18 -92.60 50.04
C MET Q 503 -30.67 -92.80 50.03
N THR Q 504 -29.92 -91.70 50.15
CA THR Q 504 -28.48 -91.80 50.22
C THR Q 504 -27.99 -91.78 51.66
N ASN Q 505 -28.49 -90.87 52.47
CA ASN Q 505 -28.02 -90.72 53.83
C ASN Q 505 -29.08 -90.04 54.68
N CYS Q 506 -29.15 -90.44 55.94
CA CYS Q 506 -29.99 -89.78 56.93
C CYS Q 506 -29.35 -89.96 58.30
N TYR Q 507 -29.72 -89.08 59.23
CA TYR Q 507 -29.08 -89.04 60.54
C TYR Q 507 -30.02 -88.41 61.55
N ALA Q 508 -29.54 -88.36 62.79
CA ALA Q 508 -30.28 -87.77 63.90
C ALA Q 508 -29.40 -86.76 64.62
N THR Q 509 -29.96 -85.59 64.91
CA THR Q 509 -29.29 -84.59 65.72
C THR Q 509 -30.22 -84.16 66.84
N PRO Q 510 -29.68 -83.71 67.96
CA PRO Q 510 -30.55 -83.30 69.08
C PRO Q 510 -31.18 -81.94 68.87
N SER Q 511 -30.95 -81.34 67.69
CA SER Q 511 -31.39 -79.98 67.44
C SER Q 511 -32.14 -79.93 66.11
N SER Q 512 -33.01 -78.92 65.99
CA SER Q 512 -33.68 -78.67 64.72
C SER Q 512 -32.68 -78.34 63.62
N ASN Q 513 -31.56 -77.72 63.99
CA ASN Q 513 -30.46 -77.51 63.07
C ASN Q 513 -29.99 -78.84 62.52
N ALA Q 514 -29.86 -78.93 61.19
CA ALA Q 514 -29.47 -80.18 60.55
C ALA Q 514 -27.96 -80.37 60.49
N THR Q 515 -27.19 -79.29 60.42
CA THR Q 515 -25.73 -79.36 60.33
C THR Q 515 -25.08 -79.50 61.70
N ASP Q 516 -25.81 -79.98 62.70
CA ASP Q 516 -25.23 -80.21 64.01
C ASP Q 516 -24.09 -81.23 63.90
N PRO Q 517 -22.92 -80.93 64.44
CA PRO Q 517 -21.80 -81.89 64.33
C PRO Q 517 -22.11 -83.24 64.94
N LEU Q 518 -22.93 -83.28 65.99
CA LEU Q 518 -23.36 -84.54 66.58
C LEU Q 518 -24.47 -85.13 65.71
N LYS Q 519 -24.14 -86.18 64.96
CA LYS Q 519 -25.12 -86.86 64.14
C LYS Q 519 -25.09 -88.35 64.45
N TYR Q 520 -26.27 -88.94 64.57
CA TYR Q 520 -26.41 -90.40 64.65
C TYR Q 520 -26.94 -90.85 63.30
N PHE Q 521 -26.04 -91.24 62.41
CA PHE Q 521 -26.40 -91.70 61.08
C PHE Q 521 -27.33 -92.89 61.20
N ILE Q 522 -28.48 -92.83 60.51
CA ILE Q 522 -29.42 -93.93 60.54
C ILE Q 522 -29.32 -94.75 59.26
N ILE Q 523 -28.95 -94.11 58.15
CA ILE Q 523 -28.68 -94.78 56.89
C ILE Q 523 -27.36 -94.22 56.37
N GLN Q 524 -26.37 -95.09 56.21
CA GLN Q 524 -25.00 -94.69 55.86
C GLN Q 524 -24.67 -95.19 54.46
N ASP Q 525 -24.41 -94.25 53.55
CA ASP Q 525 -24.00 -94.57 52.18
C ASP Q 525 -24.96 -95.55 51.54
N ARG Q 526 -26.25 -95.20 51.59
CA ARG Q 526 -27.31 -95.95 50.95
C ARG Q 526 -27.49 -97.31 51.61
N CYS Q 527 -26.87 -97.50 52.78
CA CYS Q 527 -26.90 -98.75 53.51
C CYS Q 527 -27.53 -98.56 54.88
N PRO Q 528 -28.52 -99.37 55.25
CA PRO Q 528 -28.93 -99.42 56.65
C PRO Q 528 -27.76 -99.89 57.51
N HIS Q 529 -27.63 -99.28 58.69
CA HIS Q 529 -26.47 -99.55 59.52
C HIS Q 529 -26.47 -100.99 60.03
N THR Q 530 -25.31 -101.62 59.96
CA THR Q 530 -25.14 -103.01 60.37
C THR Q 530 -24.84 -103.15 61.85
N ARG Q 531 -24.05 -102.24 62.43
CA ARG Q 531 -23.66 -102.34 63.83
C ARG Q 531 -24.85 -102.29 64.78
N ASP Q 532 -25.98 -101.74 64.35
CA ASP Q 532 -27.19 -101.73 65.15
C ASP Q 532 -28.23 -102.63 64.50
N SER Q 533 -28.69 -103.63 65.24
CA SER Q 533 -29.60 -104.62 64.66
C SER Q 533 -31.01 -104.09 64.50
N THR Q 534 -31.41 -103.14 65.36
CA THR Q 534 -32.78 -102.66 65.36
C THR Q 534 -33.10 -101.72 64.20
N ILE Q 535 -32.20 -101.60 63.23
CA ILE Q 535 -32.39 -100.76 62.06
C ILE Q 535 -32.83 -101.63 60.90
N GLN Q 536 -33.96 -101.27 60.28
CA GLN Q 536 -34.46 -102.02 59.14
C GLN Q 536 -35.13 -101.07 58.16
N VAL Q 537 -34.92 -101.32 56.88
CA VAL Q 537 -35.56 -100.57 55.81
C VAL Q 537 -36.45 -101.52 55.03
N VAL Q 538 -37.58 -101.02 54.56
CA VAL Q 538 -38.53 -101.81 53.77
C VAL Q 538 -38.35 -101.56 52.28
N GLU Q 539 -38.11 -100.31 51.88
CA GLU Q 539 -37.93 -99.97 50.48
C GLU Q 539 -36.94 -98.82 50.36
N ASN Q 540 -35.98 -98.95 49.44
CA ASN Q 540 -35.02 -97.91 49.14
C ASN Q 540 -34.76 -97.91 47.64
N GLY Q 541 -35.01 -96.76 46.99
CA GLY Q 541 -34.89 -96.67 45.55
C GLY Q 541 -35.88 -97.51 44.78
N GLU Q 542 -36.81 -98.17 45.48
CA GLU Q 542 -37.72 -99.11 44.84
C GLU Q 542 -38.89 -98.39 44.19
N SER Q 543 -39.37 -97.33 44.82
CA SER Q 543 -40.52 -96.58 44.33
C SER Q 543 -40.38 -95.14 44.78
N SER Q 544 -41.46 -94.38 44.65
CA SER Q 544 -41.48 -92.96 45.00
C SER Q 544 -41.63 -92.71 46.49
N GLN Q 545 -41.50 -93.74 47.33
CA GLN Q 545 -41.62 -93.56 48.77
C GLN Q 545 -40.51 -94.33 49.47
N GLY Q 546 -39.93 -93.74 50.50
CA GLY Q 546 -38.87 -94.38 51.26
C GLY Q 546 -39.27 -94.52 52.72
N ARG Q 547 -39.18 -95.74 53.24
CA ARG Q 547 -39.77 -96.06 54.53
C ARG Q 547 -38.84 -96.98 55.32
N PHE Q 548 -38.76 -96.74 56.63
CA PHE Q 548 -37.84 -97.51 57.47
C PHE Q 548 -38.17 -97.27 58.93
N SER Q 549 -37.77 -98.22 59.77
CA SER Q 549 -38.11 -98.24 61.19
C SER Q 549 -36.88 -98.59 62.03
N VAL Q 550 -36.89 -98.15 63.28
CA VAL Q 550 -35.77 -98.34 64.20
C VAL Q 550 -36.25 -98.08 65.62
N GLN Q 551 -35.63 -98.74 66.60
CA GLN Q 551 -35.98 -98.55 68.00
C GLN Q 551 -35.62 -97.13 68.45
N MET Q 552 -36.39 -96.61 69.41
CA MET Q 552 -36.20 -95.25 69.88
C MET Q 552 -34.95 -95.19 70.75
N PHE Q 553 -34.20 -94.08 70.66
CA PHE Q 553 -33.00 -93.89 71.46
C PHE Q 553 -32.99 -92.48 72.03
N ARG Q 554 -31.97 -92.18 72.83
CA ARG Q 554 -31.77 -90.83 73.35
C ARG Q 554 -30.30 -90.47 73.23
N PHE Q 555 -30.02 -89.25 72.80
CA PHE Q 555 -28.64 -88.81 72.70
C PHE Q 555 -28.02 -88.68 74.08
N ALA Q 556 -26.86 -89.31 74.26
CA ALA Q 556 -26.17 -89.22 75.55
C ALA Q 556 -25.72 -87.78 75.79
N GLY Q 557 -25.92 -87.31 77.02
CA GLY Q 557 -25.64 -85.93 77.34
C GLY Q 557 -26.90 -85.22 77.80
N ASN Q 558 -26.83 -83.89 77.93
CA ASN Q 558 -28.00 -83.10 78.30
C ASN Q 558 -28.87 -82.85 77.07
N TYR Q 559 -29.40 -83.93 76.52
CA TYR Q 559 -30.15 -83.91 75.28
C TYR Q 559 -31.46 -84.66 75.47
N ASP Q 560 -32.55 -83.91 75.63
CA ASP Q 560 -33.87 -84.50 75.83
C ASP Q 560 -34.73 -84.45 74.58
N LEU Q 561 -34.17 -84.05 73.44
CA LEU Q 561 -34.90 -84.01 72.19
C LEU Q 561 -34.07 -84.68 71.10
N VAL Q 562 -34.77 -85.32 70.15
CA VAL Q 562 -34.12 -85.99 69.04
C VAL Q 562 -34.80 -85.56 67.75
N TYR Q 563 -34.01 -85.17 66.77
CA TYR Q 563 -34.48 -84.76 65.45
C TYR Q 563 -33.97 -85.74 64.41
N LEU Q 564 -34.64 -85.76 63.26
CA LEU Q 564 -34.25 -86.63 62.16
C LEU Q 564 -34.09 -85.81 60.90
N HIS Q 565 -32.95 -85.95 60.24
CA HIS Q 565 -32.67 -85.20 59.02
C HIS Q 565 -32.11 -86.13 57.96
N CYS Q 566 -32.83 -86.22 56.84
CA CYS Q 566 -32.50 -87.11 55.73
C CYS Q 566 -32.21 -86.30 54.47
N GLU Q 567 -31.52 -86.95 53.53
CA GLU Q 567 -31.29 -86.38 52.21
C GLU Q 567 -31.60 -87.42 51.15
N VAL Q 568 -32.22 -86.98 50.06
CA VAL Q 568 -32.73 -87.88 49.02
C VAL Q 568 -32.08 -87.53 47.69
N TYR Q 569 -31.81 -88.56 46.88
CA TYR Q 569 -31.27 -88.39 45.53
C TYR Q 569 -32.16 -89.17 44.57
N LEU Q 570 -32.80 -88.46 43.65
CA LEU Q 570 -33.65 -89.11 42.67
C LEU Q 570 -32.81 -89.86 41.65
N CYS Q 571 -33.43 -90.79 40.94
CA CYS Q 571 -32.75 -91.60 39.95
C CYS Q 571 -33.70 -91.98 38.82
N ASP Q 572 -33.12 -92.25 37.66
CA ASP Q 572 -33.88 -92.78 36.53
C ASP Q 572 -33.99 -94.29 36.66
N THR Q 573 -35.23 -94.81 36.61
CA THR Q 573 -35.43 -96.23 36.83
C THR Q 573 -34.98 -97.04 35.62
N MET Q 574 -34.83 -96.40 34.46
CA MET Q 574 -34.34 -97.09 33.28
C MET Q 574 -32.86 -96.88 33.03
N ASN Q 575 -32.34 -95.67 33.22
CA ASN Q 575 -30.98 -95.36 32.82
C ASN Q 575 -29.95 -96.01 33.74
N GLU Q 576 -30.27 -96.12 35.03
CA GLU Q 576 -29.33 -96.69 35.99
C GLU Q 576 -30.08 -97.58 36.97
N LYS Q 577 -29.34 -98.46 37.63
CA LYS Q 577 -29.88 -99.42 38.58
C LYS Q 577 -29.97 -98.77 39.95
N CYS Q 578 -31.19 -98.55 40.43
CA CYS Q 578 -31.41 -97.81 41.67
C CYS Q 578 -31.51 -98.68 42.91
N LYS Q 579 -31.50 -100.00 42.77
CA LYS Q 579 -31.63 -100.84 43.94
C LYS Q 579 -30.32 -100.86 44.73
N PRO Q 580 -30.33 -100.47 46.00
CA PRO Q 580 -29.11 -100.58 46.81
C PRO Q 580 -29.01 -101.93 47.50
N THR Q 581 -28.00 -102.71 47.14
CA THR Q 581 -27.76 -104.01 47.75
C THR Q 581 -26.46 -103.91 48.55
N CYS Q 582 -26.58 -103.89 49.88
CA CYS Q 582 -25.46 -103.63 50.75
C CYS Q 582 -25.26 -104.76 51.74
N SER Q 583 -24.01 -105.17 51.90
CA SER Q 583 -23.63 -106.21 52.85
C SER Q 583 -22.34 -105.82 53.54
N GLY Q 584 -22.15 -106.36 54.74
CA GLY Q 584 -20.95 -106.07 55.52
C GLY Q 584 -19.74 -106.85 55.06
N ALA R 445 -88.09 -82.53 -103.88
CA ALA R 445 -88.67 -82.77 -102.56
C ALA R 445 -87.80 -82.19 -101.46
N LEU R 446 -88.43 -81.68 -100.41
CA LEU R 446 -87.75 -81.08 -99.26
C LEU R 446 -88.02 -81.93 -98.04
N ASN R 447 -86.96 -82.27 -97.31
CA ASN R 447 -87.05 -83.16 -96.15
C ASN R 447 -86.65 -82.38 -94.90
N ILE R 448 -87.45 -82.51 -93.85
CA ILE R 448 -87.19 -81.87 -92.56
C ILE R 448 -87.02 -82.96 -91.52
N ARG R 449 -85.90 -82.94 -90.81
CA ARG R 449 -85.57 -83.92 -89.80
C ARG R 449 -86.03 -83.42 -88.45
N VAL R 450 -87.08 -84.05 -87.90
CA VAL R 450 -87.59 -83.72 -86.58
C VAL R 450 -87.69 -85.01 -85.77
N GLY R 451 -87.62 -84.87 -84.45
CA GLY R 451 -87.63 -86.02 -83.58
C GLY R 451 -87.83 -85.65 -82.13
N GLY R 452 -87.58 -86.62 -81.26
CA GLY R 452 -87.74 -86.42 -79.83
C GLY R 452 -87.32 -87.66 -79.07
N THR R 453 -87.78 -87.73 -77.83
CA THR R 453 -87.50 -88.87 -76.95
C THR R 453 -88.65 -89.05 -76.00
N GLY R 454 -88.96 -90.31 -75.68
CA GLY R 454 -90.05 -90.61 -74.78
C GLY R 454 -89.69 -91.72 -73.82
N MET R 455 -90.46 -91.77 -72.72
CA MET R 455 -90.24 -92.74 -71.65
C MET R 455 -91.39 -93.74 -71.65
N PHE R 456 -91.06 -95.02 -71.45
CA PHE R 456 -92.09 -96.02 -71.20
C PHE R 456 -92.52 -95.97 -69.73
N THR R 457 -93.69 -96.54 -69.47
CA THR R 457 -94.26 -96.57 -68.13
C THR R 457 -94.16 -97.98 -67.57
N VAL R 458 -93.30 -98.16 -66.57
CA VAL R 458 -93.15 -99.42 -65.86
C VAL R 458 -93.48 -99.14 -64.39
N ARG R 459 -94.42 -99.90 -63.85
CA ARG R 459 -94.92 -99.66 -62.51
C ARG R 459 -94.50 -100.78 -61.57
N MET R 460 -94.83 -100.60 -60.30
CA MET R 460 -94.53 -101.57 -59.26
C MET R 460 -95.63 -101.51 -58.20
N ALA R 461 -96.00 -102.68 -57.68
CA ALA R 461 -97.10 -102.75 -56.73
C ALA R 461 -96.84 -103.80 -55.68
N LEU R 462 -97.52 -103.66 -54.54
CA LEU R 462 -97.51 -104.65 -53.48
C LEU R 462 -98.81 -105.44 -53.54
N PHE R 463 -98.69 -106.76 -53.50
CA PHE R 463 -99.85 -107.65 -53.49
C PHE R 463 -100.08 -108.12 -52.06
N GLN R 464 -101.20 -107.72 -51.48
CA GLN R 464 -101.48 -108.05 -50.09
C GLN R 464 -101.79 -109.53 -49.89
N THR R 465 -101.98 -110.28 -50.97
CA THR R 465 -102.28 -111.69 -50.93
C THR R 465 -101.33 -112.44 -51.84
N PRO R 466 -101.10 -113.72 -51.58
CA PRO R 466 -100.33 -114.54 -52.52
C PRO R 466 -101.03 -114.64 -53.86
N SER R 467 -100.34 -115.26 -54.82
CA SER R 467 -100.78 -115.47 -56.19
C SER R 467 -100.91 -114.16 -56.97
N TYR R 468 -100.57 -113.02 -56.36
CA TYR R 468 -100.43 -111.74 -57.05
C TYR R 468 -101.74 -111.32 -57.70
N THR R 469 -102.77 -111.22 -56.85
CA THR R 469 -104.14 -110.98 -57.32
C THR R 469 -104.57 -109.52 -57.19
N GLN R 470 -104.41 -108.92 -56.02
CA GLN R 470 -104.91 -107.56 -55.81
C GLN R 470 -103.82 -106.65 -55.29
N PRO R 471 -103.84 -105.37 -55.66
CA PRO R 471 -102.79 -104.44 -55.25
C PRO R 471 -103.04 -103.86 -53.85
N TYR R 472 -102.04 -103.13 -53.38
CA TYR R 472 -102.07 -102.49 -52.06
C TYR R 472 -102.17 -100.99 -52.24
N GLN R 473 -103.23 -100.40 -51.68
CA GLN R 473 -103.52 -98.99 -51.85
C GLN R 473 -103.09 -98.13 -50.67
N GLY R 474 -102.50 -98.75 -49.64
CA GLY R 474 -102.06 -98.02 -48.47
C GLY R 474 -100.76 -97.27 -48.70
N SER R 475 -100.41 -96.43 -47.72
CA SER R 475 -99.18 -95.65 -47.77
C SER R 475 -98.06 -96.25 -46.93
N SER R 476 -98.38 -96.92 -45.83
CA SER R 476 -97.40 -97.61 -45.02
C SER R 476 -97.96 -98.99 -44.66
N VAL R 477 -97.22 -100.03 -45.00
CA VAL R 477 -97.67 -101.40 -44.78
C VAL R 477 -96.92 -101.95 -43.58
N THR R 478 -97.65 -102.61 -42.68
CA THR R 478 -97.14 -102.97 -41.37
C THR R 478 -97.26 -104.48 -41.18
N LEU R 479 -96.14 -105.18 -41.29
CA LEU R 479 -96.13 -106.64 -41.25
C LEU R 479 -95.13 -107.14 -40.21
N SER R 480 -95.10 -108.45 -40.04
CA SER R 480 -94.12 -109.14 -39.20
C SER R 480 -93.04 -109.75 -40.08
N THR R 481 -91.85 -109.90 -39.51
CA THR R 481 -90.71 -110.43 -40.25
C THR R 481 -90.95 -111.83 -40.80
N GLU R 482 -91.70 -112.67 -40.09
CA GLU R 482 -91.99 -114.02 -40.55
C GLU R 482 -92.91 -114.06 -41.76
N ALA R 483 -93.68 -113.00 -42.01
CA ALA R 483 -94.58 -112.96 -43.16
C ALA R 483 -93.79 -112.81 -44.45
N PHE R 484 -94.30 -113.40 -45.52
CA PHE R 484 -93.67 -113.26 -46.82
C PHE R 484 -94.12 -111.97 -47.50
N LEU R 485 -93.36 -111.57 -48.51
CA LEU R 485 -93.62 -110.37 -49.28
C LEU R 485 -93.95 -110.76 -50.71
N TYR R 486 -95.01 -110.18 -51.26
CA TYR R 486 -95.51 -110.50 -52.60
C TYR R 486 -95.58 -109.20 -53.39
N VAL R 487 -94.59 -108.96 -54.24
CA VAL R 487 -94.50 -107.74 -55.02
C VAL R 487 -94.19 -108.08 -56.47
N GLY R 488 -94.31 -107.07 -57.34
CA GLY R 488 -94.04 -107.26 -58.74
C GLY R 488 -94.04 -105.96 -59.50
N THR R 489 -93.76 -106.04 -60.79
CA THR R 489 -93.63 -104.89 -61.67
C THR R 489 -94.55 -105.04 -62.87
N MET R 490 -95.16 -103.92 -63.28
CA MET R 490 -96.06 -103.87 -64.41
C MET R 490 -95.38 -103.20 -65.59
N LEU R 491 -95.97 -103.37 -66.77
CA LEU R 491 -95.48 -102.70 -67.98
C LEU R 491 -96.68 -102.16 -68.74
N ASP R 492 -96.95 -100.87 -68.56
CA ASP R 492 -98.04 -100.19 -69.25
C ASP R 492 -97.56 -99.31 -70.39
N GLY R 493 -96.28 -99.40 -70.75
CA GLY R 493 -95.75 -98.52 -71.79
C GLY R 493 -96.35 -98.82 -73.15
N GLY R 494 -96.08 -100.00 -73.68
CA GLY R 494 -96.59 -100.41 -74.98
C GLY R 494 -95.66 -101.39 -75.67
N ASP R 495 -96.11 -101.83 -76.84
CA ASP R 495 -95.42 -102.83 -77.64
C ASP R 495 -95.12 -104.08 -76.80
N LEU R 496 -96.15 -104.57 -76.12
CA LEU R 496 -95.99 -105.76 -75.29
C LEU R 496 -95.68 -107.00 -76.10
N SER R 497 -96.05 -107.03 -77.38
CA SER R 497 -95.78 -108.21 -78.21
C SER R 497 -94.29 -108.40 -78.44
N ARG R 498 -93.57 -107.32 -78.75
CA ARG R 498 -92.14 -107.42 -79.04
C ARG R 498 -91.25 -107.19 -77.84
N PHE R 499 -91.79 -106.65 -76.75
CA PHE R 499 -91.02 -106.34 -75.56
C PHE R 499 -91.48 -107.21 -74.40
N ALA R 500 -90.53 -107.81 -73.69
CA ALA R 500 -90.80 -108.64 -72.53
C ALA R 500 -90.09 -108.04 -71.33
N LEU R 501 -90.83 -107.86 -70.24
CA LEU R 501 -90.25 -107.28 -69.03
C LEU R 501 -89.25 -108.24 -68.40
N LEU R 502 -87.98 -107.85 -68.41
CA LEU R 502 -86.92 -108.69 -67.88
C LEU R 502 -86.23 -107.95 -66.74
N MET R 503 -86.06 -108.64 -65.62
CA MET R 503 -85.53 -108.03 -64.40
C MET R 503 -84.02 -108.31 -64.33
N THR R 504 -83.22 -107.27 -64.57
CA THR R 504 -81.78 -107.44 -64.51
C THR R 504 -81.27 -107.50 -63.07
N ASN R 505 -81.80 -106.64 -62.21
CA ASN R 505 -81.29 -106.54 -60.85
C ASN R 505 -82.30 -105.79 -59.98
N CYS R 506 -82.35 -106.15 -58.71
CA CYS R 506 -83.15 -105.45 -57.73
C CYS R 506 -82.51 -105.59 -56.36
N TYR R 507 -82.91 -104.73 -55.43
CA TYR R 507 -82.29 -104.69 -54.11
C TYR R 507 -83.27 -104.10 -53.10
N ALA R 508 -82.76 -103.92 -51.89
CA ALA R 508 -83.50 -103.29 -50.80
C ALA R 508 -82.59 -102.30 -50.09
N THR R 509 -83.11 -101.12 -49.81
CA THR R 509 -82.39 -100.12 -49.04
C THR R 509 -83.29 -99.60 -47.93
N PRO R 510 -82.72 -99.20 -46.80
CA PRO R 510 -83.54 -98.72 -45.69
C PRO R 510 -84.08 -97.32 -45.90
N SER R 511 -83.90 -96.76 -47.10
CA SER R 511 -84.32 -95.40 -47.40
C SER R 511 -84.94 -95.35 -48.79
N SER R 512 -85.73 -94.30 -49.02
CA SER R 512 -86.27 -94.07 -50.35
C SER R 512 -85.16 -93.80 -51.36
N ASN R 513 -84.03 -93.27 -50.90
CA ASN R 513 -82.85 -93.10 -51.74
C ASN R 513 -82.43 -94.43 -52.34
N ALA R 514 -82.39 -94.48 -53.68
CA ALA R 514 -81.99 -95.68 -54.39
C ALA R 514 -80.50 -95.94 -54.34
N THR R 515 -79.68 -94.88 -54.34
CA THR R 515 -78.23 -95.00 -54.27
C THR R 515 -77.73 -95.09 -52.83
N ASP R 516 -78.59 -95.49 -51.90
CA ASP R 516 -78.16 -95.76 -50.54
C ASP R 516 -77.09 -96.85 -50.57
N PRO R 517 -75.89 -96.59 -50.04
CA PRO R 517 -74.81 -97.59 -50.16
C PRO R 517 -75.09 -98.90 -49.45
N LEU R 518 -76.20 -99.04 -48.75
CA LEU R 518 -76.62 -100.31 -48.18
C LEU R 518 -77.67 -100.95 -49.08
N LYS R 519 -77.26 -101.95 -49.86
CA LYS R 519 -78.20 -102.76 -50.62
C LYS R 519 -78.34 -104.11 -49.96
N TYR R 520 -79.54 -104.68 -50.05
CA TYR R 520 -79.74 -106.12 -49.91
C TYR R 520 -80.35 -106.59 -51.22
N PHE R 521 -79.50 -107.01 -52.15
CA PHE R 521 -79.93 -107.43 -53.48
C PHE R 521 -80.93 -108.57 -53.32
N ILE R 522 -82.05 -108.48 -54.04
CA ILE R 522 -83.02 -109.57 -54.01
C ILE R 522 -83.00 -110.33 -55.33
N ILE R 523 -82.56 -109.68 -56.40
CA ILE R 523 -82.30 -110.32 -57.69
C ILE R 523 -80.90 -109.90 -58.11
N GLN R 524 -80.03 -110.87 -58.36
CA GLN R 524 -78.64 -110.61 -58.74
C GLN R 524 -78.39 -111.17 -60.13
N ASP R 525 -77.97 -110.31 -61.04
CA ASP R 525 -77.55 -110.70 -62.40
C ASP R 525 -78.64 -111.52 -63.08
N ARG R 526 -79.85 -110.96 -63.10
CA ARG R 526 -81.01 -111.53 -63.77
C ARG R 526 -81.47 -112.81 -63.08
N CYS R 527 -80.89 -113.14 -61.92
CA CYS R 527 -81.16 -114.43 -61.32
C CYS R 527 -81.48 -114.28 -59.84
N PRO R 528 -82.36 -115.11 -59.29
CA PRO R 528 -82.61 -115.08 -57.85
C PRO R 528 -81.37 -115.51 -57.07
N HIS R 529 -81.26 -114.98 -55.86
CA HIS R 529 -80.12 -115.30 -55.00
C HIS R 529 -80.22 -116.72 -54.48
N THR R 530 -79.07 -117.35 -54.27
CA THR R 530 -79.00 -118.78 -53.97
C THR R 530 -78.88 -119.10 -52.49
N ARG R 531 -77.94 -118.47 -51.78
CA ARG R 531 -77.72 -118.83 -50.38
C ARG R 531 -78.92 -118.48 -49.50
N ASP R 532 -79.82 -117.62 -49.97
CA ASP R 532 -81.06 -117.35 -49.27
C ASP R 532 -82.16 -118.21 -49.90
N SER R 533 -82.50 -119.30 -49.22
CA SER R 533 -83.44 -120.26 -49.79
C SER R 533 -84.85 -119.67 -49.92
N THR R 534 -85.15 -118.62 -49.18
CA THR R 534 -86.48 -118.03 -49.19
C THR R 534 -86.70 -117.06 -50.34
N ILE R 535 -85.74 -116.94 -51.26
CA ILE R 535 -85.87 -116.09 -52.44
C ILE R 535 -86.26 -116.97 -53.61
N GLN R 536 -87.40 -116.65 -54.24
CA GLN R 536 -87.89 -117.43 -55.37
C GLN R 536 -88.51 -116.49 -56.39
N VAL R 537 -88.44 -116.89 -57.65
CA VAL R 537 -89.07 -116.17 -58.75
C VAL R 537 -89.94 -117.14 -59.53
N VAL R 538 -91.14 -116.68 -59.89
CA VAL R 538 -92.09 -117.48 -60.66
C VAL R 538 -91.82 -117.36 -62.16
N GLU R 539 -91.37 -116.18 -62.60
CA GLU R 539 -91.07 -115.94 -64.01
C GLU R 539 -90.25 -114.67 -64.12
N ASN R 540 -89.24 -114.68 -64.98
CA ASN R 540 -88.37 -113.54 -65.22
C ASN R 540 -88.15 -113.40 -66.72
N GLY R 541 -88.71 -112.33 -67.30
CA GLY R 541 -88.63 -112.12 -68.73
C GLY R 541 -89.62 -112.91 -69.55
N GLU R 542 -90.46 -113.74 -68.91
CA GLU R 542 -91.38 -114.59 -69.63
C GLU R 542 -92.44 -113.76 -70.36
N SER R 543 -92.93 -112.70 -69.71
CA SER R 543 -93.98 -111.87 -70.28
C SER R 543 -93.64 -110.42 -69.98
N SER R 544 -94.61 -109.54 -70.22
CA SER R 544 -94.46 -108.12 -69.91
C SER R 544 -94.59 -107.82 -68.42
N GLN R 545 -94.61 -108.85 -67.57
CA GLN R 545 -94.78 -108.67 -66.14
C GLN R 545 -93.65 -109.40 -65.43
N GLY R 546 -93.22 -108.87 -64.29
CA GLY R 546 -92.18 -109.48 -63.48
C GLY R 546 -92.66 -109.71 -62.07
N ARG R 547 -92.61 -110.96 -61.63
CA ARG R 547 -93.14 -111.35 -60.33
C ARG R 547 -92.10 -112.14 -59.55
N PHE R 548 -92.07 -111.89 -58.24
CA PHE R 548 -91.14 -112.57 -57.34
C PHE R 548 -91.58 -112.33 -55.91
N SER R 549 -91.17 -113.23 -55.02
CA SER R 549 -91.52 -113.16 -53.61
C SER R 549 -90.29 -113.46 -52.76
N VAL R 550 -90.29 -112.96 -51.53
CA VAL R 550 -89.18 -113.13 -50.61
C VAL R 550 -89.69 -112.96 -49.19
N GLN R 551 -89.09 -113.69 -48.25
CA GLN R 551 -89.44 -113.53 -46.84
C GLN R 551 -89.06 -112.13 -46.36
N MET R 552 -89.89 -111.58 -45.48
CA MET R 552 -89.63 -110.26 -44.94
C MET R 552 -88.43 -110.31 -43.99
N PHE R 553 -87.75 -109.17 -43.84
CA PHE R 553 -86.58 -109.06 -42.99
C PHE R 553 -86.55 -107.66 -42.36
N ARG R 554 -85.45 -107.38 -41.66
CA ARG R 554 -85.20 -106.04 -41.14
C ARG R 554 -83.71 -105.77 -41.27
N PHE R 555 -83.37 -104.57 -41.74
CA PHE R 555 -81.96 -104.20 -41.87
C PHE R 555 -81.33 -104.08 -40.49
N ALA R 556 -80.19 -104.74 -40.30
CA ALA R 556 -79.48 -104.66 -39.04
C ALA R 556 -78.97 -103.23 -38.82
N GLY R 557 -79.06 -102.77 -37.58
CA GLY R 557 -78.70 -101.39 -37.27
C GLY R 557 -79.90 -100.61 -36.78
N ASN R 558 -79.76 -99.29 -36.70
CA ASN R 558 -80.85 -98.43 -36.26
C ASN R 558 -81.79 -98.14 -37.44
N TYR R 559 -82.23 -99.22 -38.07
CA TYR R 559 -82.97 -99.17 -39.32
C TYR R 559 -84.32 -99.85 -39.12
N ASP R 560 -85.40 -99.08 -39.27
CA ASP R 560 -86.75 -99.58 -39.00
C ASP R 560 -87.64 -99.60 -40.22
N LEU R 561 -87.11 -99.24 -41.40
CA LEU R 561 -87.88 -99.27 -42.62
C LEU R 561 -87.07 -99.97 -43.71
N VAL R 562 -87.78 -100.64 -44.61
CA VAL R 562 -87.16 -101.34 -45.73
C VAL R 562 -87.88 -100.93 -47.01
N TYR R 563 -87.11 -100.50 -48.00
CA TYR R 563 -87.65 -100.10 -49.30
C TYR R 563 -87.09 -101.01 -50.39
N LEU R 564 -87.81 -101.08 -51.50
CA LEU R 564 -87.43 -101.95 -52.60
C LEU R 564 -87.31 -101.14 -53.87
N HIS R 565 -86.20 -101.32 -54.58
CA HIS R 565 -85.93 -100.58 -55.81
C HIS R 565 -85.35 -101.53 -56.83
N CYS R 566 -86.10 -101.77 -57.90
CA CYS R 566 -85.71 -102.62 -59.01
C CYS R 566 -85.41 -101.76 -60.24
N GLU R 567 -84.64 -102.33 -61.16
CA GLU R 567 -84.40 -101.71 -62.46
C GLU R 567 -84.57 -102.76 -63.55
N VAL R 568 -85.33 -102.41 -64.58
CA VAL R 568 -85.79 -103.35 -65.60
C VAL R 568 -85.06 -103.08 -66.91
N TYR R 569 -84.74 -104.16 -67.62
CA TYR R 569 -84.24 -104.10 -69.00
C TYR R 569 -85.25 -104.77 -69.91
N LEU R 570 -85.81 -104.00 -70.84
CA LEU R 570 -86.71 -104.59 -71.83
C LEU R 570 -85.91 -105.45 -72.79
N CYS R 571 -86.39 -106.67 -73.01
CA CYS R 571 -85.75 -107.61 -73.91
C CYS R 571 -86.68 -107.91 -75.07
N ASP R 572 -86.11 -107.97 -76.27
CA ASP R 572 -86.90 -108.23 -77.46
C ASP R 572 -87.13 -109.73 -77.60
N THR R 573 -88.37 -110.11 -77.88
CA THR R 573 -88.75 -111.52 -77.75
C THR R 573 -88.12 -112.38 -78.85
N MET R 574 -88.16 -111.94 -80.11
CA MET R 574 -87.63 -112.80 -81.17
C MET R 574 -86.19 -112.49 -81.57
N ASN R 575 -85.74 -111.24 -81.44
CA ASN R 575 -84.38 -110.91 -81.85
C ASN R 575 -83.34 -111.62 -81.00
N GLU R 576 -83.56 -111.67 -79.68
CA GLU R 576 -82.60 -112.30 -78.78
C GLU R 576 -83.34 -113.13 -77.75
N LYS R 577 -82.65 -114.13 -77.20
CA LYS R 577 -83.17 -114.95 -76.13
C LYS R 577 -82.77 -114.34 -74.80
N CYS R 578 -83.72 -113.70 -74.13
CA CYS R 578 -83.47 -113.04 -72.87
C CYS R 578 -83.84 -113.91 -71.66
N LYS R 579 -83.75 -115.22 -71.79
CA LYS R 579 -84.08 -116.12 -70.69
C LYS R 579 -82.94 -116.20 -69.68
N PRO R 580 -83.14 -115.75 -68.44
CA PRO R 580 -82.09 -115.94 -67.43
C PRO R 580 -82.23 -117.28 -66.71
N THR R 581 -81.20 -118.12 -66.81
CA THR R 581 -81.19 -119.42 -66.16
C THR R 581 -79.85 -119.59 -65.45
N CYS R 582 -79.86 -119.52 -64.12
CA CYS R 582 -78.66 -119.58 -63.32
C CYS R 582 -78.61 -120.87 -62.52
N SER R 583 -77.42 -121.45 -62.41
CA SER R 583 -77.18 -122.62 -61.59
C SER R 583 -75.88 -122.42 -60.83
N GLY R 584 -75.84 -122.98 -59.62
CA GLY R 584 -74.67 -122.84 -58.76
C GLY R 584 -73.42 -123.50 -59.32
C1 NAG S . -31.56 -19.94 -83.02
C2 NAG S . -31.33 -21.47 -83.07
C3 NAG S . -30.19 -21.84 -84.01
C4 NAG S . -30.48 -21.21 -85.36
C5 NAG S . -30.41 -19.69 -85.16
C6 NAG S . -30.63 -18.86 -86.41
C7 NAG S . -32.10 -22.32 -80.91
C8 NAG S . -31.66 -22.82 -79.56
N2 NAG S . -31.11 -21.96 -81.75
O3 NAG S . -30.17 -23.24 -84.08
O4 NAG S . -29.60 -21.76 -86.31
O5 NAG S . -31.45 -19.31 -84.27
O6 NAG S . -31.78 -19.31 -87.08
O7 NAG S . -33.29 -22.25 -81.21
C1 NAG S . -28.23 -21.36 -86.16
C2 NAG S . -27.33 -22.58 -86.44
C3 NAG S . -25.87 -22.19 -86.66
C4 NAG S . -25.73 -21.01 -87.60
C5 NAG S . -26.60 -19.87 -87.07
C6 NAG S . -26.54 -18.60 -87.90
C7 NAG S . -27.09 -23.40 -84.10
C8 NAG S . -27.32 -24.61 -83.23
N2 NAG S . -27.44 -23.56 -85.38
O3 NAG S . -25.20 -23.32 -87.14
O4 NAG S . -24.38 -20.65 -87.64
O5 NAG S . -27.94 -20.32 -87.07
O6 NAG S . -27.62 -17.76 -87.54
O7 NAG S . -26.62 -22.38 -83.62
C1 NAG T . -11.31 -7.86 4.42
C2 NAG T . -12.80 -7.49 4.38
C3 NAG T . -13.05 -6.32 3.46
C4 NAG T . -12.13 -5.18 3.84
C5 NAG T . -10.68 -5.68 3.83
C6 NAG T . -9.68 -4.61 4.19
C7 NAG T . -14.40 -9.32 4.78
C8 NAG T . -14.48 -8.82 6.20
N2 NAG T . -13.57 -8.63 3.97
O3 NAG T . -14.40 -5.95 3.57
O4 NAG T . -12.34 -4.15 2.90
O5 NAG T . -10.56 -6.73 4.78
O6 NAG T . -10.16 -3.90 5.30
O7 NAG T . -15.04 -10.28 4.40
C1 NAG T . -12.89 -3.05 3.66
C2 NAG T . -12.52 -1.74 2.97
C3 NAG T . -12.89 -0.62 3.93
C4 NAG T . -14.41 -0.69 4.19
C5 NAG T . -14.80 -2.12 4.61
C6 NAG T . -16.29 -2.31 4.75
C7 NAG T . -10.67 -1.82 1.35
C8 NAG T . -11.74 -1.95 0.29
N2 NAG T . -11.13 -1.72 2.61
O3 NAG T . -12.48 0.57 3.33
O4 NAG T . -14.79 0.19 5.23
O5 NAG T . -14.29 -3.07 3.70
O6 NAG T . -16.94 -1.70 3.66
O7 NAG T . -9.49 -1.79 1.06
C1 BMA T . -14.97 1.58 4.83
C2 BMA T . -15.46 1.71 3.38
C3 BMA T . -15.33 3.22 3.03
C4 BMA T . -15.66 4.18 4.18
C5 BMA T . -16.38 3.53 5.38
C6 BMA T . -17.90 3.57 5.24
O2 BMA T . -16.76 1.21 3.26
O3 BMA T . -16.10 3.45 1.87
O4 BMA T . -14.42 4.71 4.60
O5 BMA T . -15.95 2.19 5.65
O6 BMA T . -18.45 2.88 6.34
C1 MAN T . -15.30 4.28 1.00
C2 MAN T . -16.12 5.50 0.62
C3 MAN T . -15.26 6.41 -0.26
C4 MAN T . -14.72 5.66 -1.47
C5 MAN T . -14.13 4.28 -1.10
C6 MAN T . -12.73 4.39 -0.52
O2 MAN T . -16.52 6.14 1.81
O3 MAN T . -14.23 6.93 0.56
O4 MAN T . -15.80 5.52 -2.38
O5 MAN T . -14.95 3.59 -0.17
O6 MAN T . -12.09 5.52 -1.08
C1 NAG U . 13.79 61.08 6.18
C2 NAG U . 14.17 62.02 5.03
C3 NAG U . 13.52 63.39 5.12
C4 NAG U . 12.04 63.23 5.39
C5 NAG U . 11.91 62.54 6.74
C6 NAG U . 10.49 62.35 7.22
C7 NAG U . 16.40 61.45 4.17
C8 NAG U . 17.86 61.81 4.29
N2 NAG U . 15.60 62.17 4.97
O3 NAG U . 13.76 64.03 3.89
O4 NAG U . 11.45 64.52 5.29
O5 NAG U . 12.45 61.24 6.60
O6 NAG U . 9.76 61.67 6.24
O7 NAG U . 16.01 60.58 3.43
C1 NAG U . 11.82 65.41 6.35
C2 NAG U . 12.21 66.76 5.77
C3 NAG U . 12.37 67.81 6.86
C4 NAG U . 11.14 67.84 7.74
C5 NAG U . 10.92 66.44 8.31
C6 NAG U . 9.72 66.34 9.22
C7 NAG U . 13.67 67.28 3.85
C8 NAG U . 15.03 67.04 3.25
N2 NAG U . 13.44 66.66 5.01
O3 NAG U . 12.61 69.04 6.24
O4 NAG U . 11.37 68.79 8.76
O5 NAG U . 10.73 65.54 7.23
O6 NAG U . 8.55 66.69 8.50
O7 NAG U . 12.85 68.01 3.30
C1 NAG V . 18.54 -2.15 32.78
C2 NAG V . 18.77 -3.66 32.63
C3 NAG V . 19.90 -3.98 31.66
C4 NAG V . 19.58 -3.27 30.36
C5 NAG V . 19.68 -1.76 30.63
C6 NAG V . 19.44 -0.87 29.45
C7 NAG V . 17.98 -4.63 34.72
C8 NAG V . 18.39 -5.22 36.05
N2 NAG V . 18.98 -4.24 33.93
O3 NAG V . 19.92 -5.37 31.52
O4 NAG V . 20.41 -3.80 29.34
O5 NAG V . 18.68 -1.43 31.57
O6 NAG V . 18.56 -1.50 28.55
O7 NAG V . 16.79 -4.52 34.43
C1 NAG V . 21.78 -3.39 29.41
C2 NAG V . 22.65 -4.60 29.04
C3 NAG V . 24.11 -4.20 28.79
C4 NAG V . 24.19 -2.99 27.86
C5 NAG V . 23.33 -1.87 28.45
C6 NAG V . 23.35 -0.59 27.64
C7 NAG V . 22.94 -5.56 31.33
C8 NAG V . 22.75 -6.83 32.13
N2 NAG V . 22.58 -5.65 30.04
O3 NAG V . 24.77 -5.32 28.25
O4 NAG V . 25.55 -2.62 27.77
O5 NAG V . 22.01 -2.34 28.52
O6 NAG V . 22.25 0.20 28.02
O7 NAG V . 23.40 -4.55 31.86
C1 NAG W . 38.71 9.39 120.14
C2 NAG W . 37.21 9.76 120.11
C3 NAG W . 36.99 10.92 119.17
C4 NAG W . 37.86 12.08 119.61
C5 NAG W . 39.32 11.63 119.68
C6 NAG W . 40.25 12.70 120.20
C7 NAG W . 35.45 8.08 120.50
C8 NAG W . 35.24 8.76 121.84
N2 NAG W . 36.41 8.62 119.74
O3 NAG W . 35.63 11.25 119.19
O4 NAG W . 37.66 13.13 118.71
O5 NAG W . 39.43 10.52 120.55
O6 NAG W . 39.60 13.35 121.27
O7 NAG W . 34.78 7.11 120.17
C1 NAG W . 36.99 14.16 119.46
C2 NAG W . 37.36 15.53 118.88
C3 NAG W . 36.86 16.56 119.87
C4 NAG W . 35.34 16.42 119.99
C5 NAG W . 34.94 14.96 120.25
C6 NAG W . 33.46 14.71 120.16
C7 NAG W . 39.30 15.64 117.38
C8 NAG W . 38.30 15.54 116.25
N2 NAG W . 38.77 15.63 118.62
O3 NAG W . 37.28 17.81 119.39
O4 NAG W . 34.85 17.22 121.06
O5 NAG W . 35.60 14.08 119.36
O6 NAG W . 32.98 15.18 118.92
O7 NAG W . 40.49 15.73 117.16
C1 BMA W . 34.66 18.61 120.72
C2 BMA W . 34.14 18.77 119.29
C3 BMA W . 34.23 20.26 118.95
C4 BMA W . 33.92 21.21 120.14
C5 BMA W . 33.25 20.53 121.34
C6 BMA W . 31.72 20.53 121.27
O2 BMA W . 32.84 18.25 119.19
O3 BMA W . 33.42 20.49 117.82
O4 BMA W . 35.15 21.77 120.51
O5 BMA W . 33.71 19.20 121.59
O6 BMA W . 31.25 19.80 122.37
C1 MAN W . 34.18 21.35 116.94
C2 MAN W . 33.31 22.55 116.57
C3 MAN W . 34.13 23.48 115.68
C4 MAN W . 34.69 22.74 114.46
C5 MAN W . 35.32 21.39 114.83
C6 MAN W . 36.72 21.53 115.42
O2 MAN W . 32.92 23.16 117.76
O3 MAN W . 35.13 24.05 116.48
O4 MAN W . 33.63 22.59 113.55
O5 MAN W . 34.54 20.66 115.76
O6 MAN W . 37.45 22.46 114.64
C1 NAG X . 60.98 79.26 122.74
C2 NAG X . 61.40 80.26 121.64
C3 NAG X . 60.72 81.62 121.73
C4 NAG X . 59.24 81.47 122.01
C5 NAG X . 59.12 80.73 123.35
C6 NAG X . 57.70 80.54 123.85
C7 NAG X . 63.69 79.87 120.85
C8 NAG X . 65.13 80.26 121.06
N2 NAG X . 62.83 80.48 121.66
O3 NAG X . 60.94 82.25 120.49
O4 NAG X . 58.67 82.77 121.96
O5 NAG X . 59.64 79.43 123.16
O6 NAG X . 56.89 80.04 122.81
O7 NAG X . 63.36 79.04 120.02
C1 NAG X . 59.03 83.62 123.07
C2 NAG X . 59.52 84.98 122.55
C3 NAG X . 59.62 86.00 123.68
C4 NAG X . 58.34 86.03 124.51
C5 NAG X . 58.05 84.62 125.01
C6 NAG X . 56.81 84.53 125.86
C7 NAG X . 61.05 85.26 120.64
C8 NAG X . 62.46 85.06 120.18
N2 NAG X . 60.79 84.87 121.90
O3 NAG X . 59.92 87.24 123.11
O4 NAG X . 58.55 86.94 125.56
O5 NAG X . 57.89 83.77 123.89
O6 NAG X . 55.72 85.05 125.13
O7 NAG X . 60.19 85.74 119.90
C1 NAG Y . -61.33 -25.07 -111.18
C2 NAG Y . -62.80 -24.84 -111.55
C3 NAG Y . -62.93 -23.63 -112.46
C4 NAG Y . -62.22 -22.43 -111.85
C5 NAG Y . -60.77 -22.83 -111.55
C6 NAG Y . -59.93 -21.72 -110.96
C7 NAG Y . -64.16 -26.90 -111.57
C8 NAG Y . -64.52 -26.59 -110.13
N2 NAG Y . -63.33 -26.02 -112.16
O3 NAG Y . -64.29 -23.38 -112.66
O4 NAG Y . -62.33 -21.37 -112.77
O5 NAG Y . -60.78 -23.90 -110.64
O6 NAG Y . -60.62 -21.15 -109.87
O7 NAG Y . -64.60 -27.89 -112.13
C1 NAG Y . -62.93 -20.26 -112.05
C2 NAG Y . -62.39 -18.95 -112.63
C3 NAG Y . -62.82 -17.85 -111.66
C4 NAG Y . -64.34 -17.83 -111.56
C5 NAG Y . -64.88 -19.25 -111.31
C6 NAG Y . -66.39 -19.34 -111.43
C7 NAG Y . -60.38 -18.86 -114.04
C8 NAG Y . -61.32 -18.65 -115.21
N2 NAG Y . -60.97 -18.99 -112.83
O3 NAG Y . -62.27 -16.66 -112.15
O4 NAG Y . -64.75 -17.00 -110.49
O5 NAG Y . -64.33 -20.20 -112.20
O6 NAG Y . -66.80 -18.80 -112.66
O7 NAG Y . -59.17 -18.89 -114.20
C1 BMA Y . -64.83 -15.60 -110.84
C2 BMA Y . -65.35 -15.40 -112.26
C3 BMA Y . -65.21 -13.89 -112.60
C4 BMA Y . -65.42 -12.95 -111.39
C5 BMA Y . -66.11 -13.59 -110.19
C6 BMA Y . -67.63 -13.50 -110.27
O2 BMA Y . -66.68 -15.86 -112.34
O3 BMA Y . -66.07 -13.63 -113.68
O4 BMA Y . -64.13 -12.49 -111.04
O5 BMA Y . -65.72 -14.93 -109.94
O6 BMA Y . -68.16 -14.35 -109.27
C1 MAN Y . -65.29 -12.94 -114.68
C2 MAN Y . -66.00 -11.64 -115.04
C3 MAN Y . -65.18 -10.88 -116.07
C4 MAN Y . -64.83 -11.75 -117.27
C5 MAN Y . -64.35 -13.17 -116.88
C6 MAN Y . -62.92 -13.18 -116.38
O2 MAN Y . -66.15 -10.91 -113.84
O3 MAN Y . -64.03 -10.38 -115.42
O4 MAN Y . -66.00 -11.81 -118.08
O5 MAN Y . -65.17 -13.71 -115.84
O6 MAN Y . -62.22 -12.12 -116.98
C1 NAG Z . -34.01 42.82 -110.41
C2 NAG Z . -33.53 43.71 -111.57
C3 NAG Z . -34.12 45.12 -111.55
C4 NAG Z . -35.61 45.09 -111.27
C5 NAG Z . -35.82 44.39 -109.92
C6 NAG Z . -37.25 44.30 -109.45
C7 NAG Z . -31.27 43.09 -112.32
C8 NAG Z . -29.81 43.39 -112.14
N2 NAG Z . -32.10 43.83 -111.57
O3 NAG Z . -33.85 45.71 -112.79
O4 NAG Z . -36.09 46.42 -111.37
O5 NAG Z . -35.35 43.06 -110.04
O6 NAG Z . -38.00 43.57 -110.39
O7 NAG Z . -31.68 42.21 -113.08
C1 NAG Z . -35.65 47.25 -110.28
C2 NAG Z . -35.14 48.59 -110.84
C3 NAG Z . -34.85 49.56 -109.71
C4 NAG Z . -36.06 49.69 -108.78
C5 NAG Z . -36.45 48.29 -108.29
C6 NAG Z . -37.65 48.28 -107.38
C7 NAG Z . -33.83 48.78 -112.91
C8 NAG Z . -32.48 48.51 -113.54
N2 NAG Z . -33.95 48.42 -111.62
O3 NAG Z . -34.49 50.79 -110.27
O4 NAG Z . -35.69 50.54 -107.72
O5 NAG Z . -36.73 47.48 -109.41
O6 NAG Z . -38.78 48.73 -108.09
O7 NAG Z . -34.73 49.31 -113.55
C1 NAG AA . -11.58 -10.93 -64.81
C2 NAG AA . -10.59 -11.45 -65.86
C3 NAG AA . -11.06 -12.81 -66.36
C4 NAG AA . -11.22 -13.73 -65.18
C5 NAG AA . -12.18 -13.10 -64.16
C6 NAG AA . -12.37 -13.96 -62.93
C7 NAG AA . -9.39 -9.79 -67.21
C8 NAG AA . -8.24 -9.99 -66.26
N2 NAG AA . -10.49 -10.53 -66.94
O3 NAG AA . -10.10 -13.28 -67.27
O4 NAG AA . -11.68 -14.96 -65.68
O5 NAG AA . -11.67 -11.86 -63.75
O6 NAG AA . -11.12 -14.39 -62.48
O7 NAG AA . -9.32 -9.01 -68.14
C1 NAG AA . -10.63 -15.89 -65.36
C2 NAG AA . -11.23 -17.27 -65.15
C3 NAG AA . -10.13 -18.13 -64.54
C4 NAG AA . -8.97 -18.19 -65.54
C5 NAG AA . -8.57 -16.77 -65.98
C6 NAG AA . -7.55 -16.77 -67.10
C7 NAG AA . -13.66 -17.45 -64.79
C8 NAG AA . -13.75 -17.79 -66.26
N2 NAG AA . -12.42 -17.22 -64.33
O3 NAG AA . -10.72 -19.36 -64.24
O4 NAG AA . -7.84 -18.80 -64.95
O5 NAG AA . -9.70 -16.03 -66.41
O6 NAG AA . -7.93 -17.69 -68.09
O7 NAG AA . -14.65 -17.41 -64.09
C1 BMA AA . -7.88 -20.25 -64.91
C2 BMA AA . -8.58 -20.82 -66.15
C3 BMA AA . -8.83 -22.32 -65.83
C4 BMA AA . -7.71 -22.98 -65.02
C5 BMA AA . -6.39 -22.20 -64.94
C6 BMA AA . -5.42 -22.54 -66.07
O2 BMA AA . -7.79 -20.61 -67.28
O3 BMA AA . -9.12 -22.96 -67.04
O4 BMA AA . -8.24 -23.19 -63.72
O5 BMA AA . -6.56 -20.79 -64.87
O6 BMA AA . -4.31 -21.67 -65.96
C1 MAN AA . -10.25 -23.84 -66.78
C2 MAN AA . -9.87 -25.25 -67.21
C3 MAN AA . -11.02 -26.19 -66.89
C4 MAN AA . -12.31 -25.71 -67.55
C5 MAN AA . -12.56 -24.20 -67.35
C6 MAN AA . -13.14 -23.89 -65.98
O2 MAN AA . -8.69 -25.61 -66.52
O3 MAN AA . -11.13 -26.27 -65.48
O4 MAN AA . -12.20 -26.04 -68.92
O5 MAN AA . -11.37 -23.44 -67.50
O6 MAN AA . -14.16 -24.83 -65.71
C1 NAG BA . -21.86 -73.50 -27.68
C2 NAG BA . -22.90 -74.61 -27.93
C3 NAG BA . -22.29 -76.01 -27.96
C4 NAG BA . -21.04 -76.04 -28.81
C5 NAG BA . -20.06 -75.04 -28.21
C6 NAG BA . -18.72 -74.98 -28.92
C7 NAG BA . -25.12 -74.06 -27.07
C8 NAG BA . -26.01 -74.19 -25.84
N2 NAG BA . -23.91 -74.59 -26.92
O3 NAG BA . -23.28 -76.86 -28.46
O4 NAG BA . -20.61 -77.39 -28.87
O5 NAG BA . -20.64 -73.75 -28.31
O6 NAG BA . -18.93 -75.02 -30.31
O7 NAG BA . -25.50 -73.51 -28.09
C1 NAG BA . -20.10 -77.85 -27.59
C2 NAG BA . -20.72 -79.24 -27.30
C3 NAG BA . -20.00 -79.92 -26.14
C4 NAG BA . -18.50 -79.90 -26.34
C5 NAG BA . -18.06 -78.45 -26.54
C6 NAG BA . -16.57 -78.29 -26.72
C7 NAG BA . -23.10 -79.78 -27.59
C8 NAG BA . -24.48 -79.50 -27.05
N2 NAG BA . -22.10 -79.13 -26.96
O3 NAG BA . -20.50 -81.23 -26.05
O4 NAG BA . -17.91 -80.49 -25.20
O5 NAG BA . -18.70 -77.95 -27.68
O6 NAG BA . -16.16 -79.00 -27.86
O7 NAG BA . -22.92 -80.55 -28.53
C1 NAG CA . -11.63 -5.86 -23.60
C2 NAG CA . -12.01 -4.42 -23.92
C3 NAG CA . -13.51 -4.18 -23.88
C4 NAG CA . -14.16 -5.22 -24.77
C5 NAG CA . -13.91 -6.58 -24.12
C6 NAG CA . -14.54 -7.76 -24.84
C7 NAG CA . -10.07 -3.07 -23.31
C8 NAG CA . -9.50 -2.13 -22.27
N2 NAG CA . -11.30 -3.52 -23.05
O3 NAG CA . -13.72 -2.88 -24.36
O4 NAG CA . -15.52 -4.86 -24.96
O5 NAG CA . -12.52 -6.83 -24.11
O6 NAG CA . -14.38 -7.60 -26.23
O7 NAG CA . -9.44 -3.39 -24.31
C1 NAG CA . -16.33 -4.98 -23.77
C2 NAG CA . -17.31 -3.80 -23.73
C3 NAG CA . -18.39 -4.01 -22.65
C4 NAG CA . -18.99 -5.41 -22.73
C5 NAG CA . -17.85 -6.43 -22.68
C6 NAG CA . -18.30 -7.87 -22.73
C7 NAG CA . -15.91 -2.19 -22.44
C8 NAG CA . -15.33 -0.79 -22.50
N2 NAG CA . -16.64 -2.55 -23.52
O3 NAG CA . -19.37 -3.02 -22.84
O4 NAG CA . -19.86 -5.55 -21.63
O5 NAG CA . -17.03 -6.20 -23.80
O6 NAG CA . -17.19 -8.70 -23.01
O7 NAG CA . -15.71 -2.89 -21.47
C1 NAG DA . 38.27 7.24 50.66
C2 NAG DA . 39.19 6.74 49.55
C3 NAG DA . 38.79 5.33 49.13
C4 NAG DA . 38.70 4.44 50.35
C5 NAG DA . 37.76 5.06 51.37
C6 NAG DA . 37.60 4.24 52.62
C7 NAG DA . 40.09 8.54 48.12
C8 NAG DA . 41.30 8.54 49.02
N2 NAG DA . 39.13 7.65 48.45
O3 NAG DA . 39.74 4.87 48.20
O4 NAG DA . 38.28 3.18 49.91
O5 NAG DA . 38.28 6.33 51.73
O6 NAG DA . 38.87 3.87 53.09
O7 NAG DA . 40.00 9.30 47.18
C1 NAG DA . 39.36 2.28 50.24
C2 NAG DA . 38.82 0.86 50.39
C3 NAG DA . 39.94 0.05 51.02
C4 NAG DA . 41.12 0.06 50.05
C5 NAG DA . 41.48 1.50 49.65
C6 NAG DA . 42.52 1.57 48.57
C7 NAG DA . 36.46 0.30 50.72
C8 NAG DA . 36.50 -0.28 49.33
N2 NAG DA . 37.60 0.83 51.17
O3 NAG DA . 39.41 -1.21 51.30
O4 NAG DA . 42.25 -0.54 50.63
O5 NAG DA . 40.33 2.21 49.23
O6 NAG DA . 42.13 0.74 47.50
O7 NAG DA . 35.43 0.26 51.38
C1 BMA DA . 42.26 -2.00 50.57
C2 BMA DA . 41.58 -2.52 49.30
C3 BMA DA . 41.39 -4.03 49.51
C4 BMA DA . 42.56 -4.72 50.25
C5 BMA DA . 43.83 -3.88 50.39
C6 BMA DA . 44.81 -4.08 49.23
O2 BMA DA . 42.37 -2.19 48.18
O3 BMA DA . 41.11 -4.60 48.26
O4 BMA DA . 42.05 -5.05 51.53
O5 BMA DA . 43.59 -2.49 50.59
O6 BMA DA . 45.87 -3.15 49.40
C1 MAN DA . 39.98 -5.47 48.47
C2 MAN DA . 40.34 -6.85 47.93
C3 MAN DA . 39.19 -7.81 48.25
C4 MAN DA . 37.88 -7.29 47.67
C5 MAN DA . 37.65 -5.79 47.94
C6 MAN DA . 37.12 -5.55 49.34
O2 MAN DA . 41.54 -7.25 48.57
O3 MAN DA . 39.14 -7.96 49.66
O4 MAN DA . 37.92 -7.56 46.28
O5 MAN DA . 38.84 -5.02 47.78
O6 MAN DA . 36.30 -6.63 49.71
C1 NAG EA . 30.41 -56.23 87.03
C2 NAG EA . 29.42 -57.39 86.77
C3 NAG EA . 30.08 -58.75 86.70
C4 NAG EA . 31.33 -58.70 85.85
C5 NAG EA . 32.27 -57.70 86.51
C6 NAG EA . 33.62 -57.55 85.83
C7 NAG EA . 27.22 -56.83 87.73
C8 NAG EA . 26.35 -57.04 88.95
N2 NAG EA . 28.42 -57.43 87.81
O3 NAG EA . 29.14 -59.65 86.18
O4 NAG EA . 31.81 -60.04 85.73
O5 NAG EA . 31.66 -56.43 86.42
O6 NAG EA . 33.43 -57.26 84.48
O7 NAG EA . 26.85 -56.17 86.78
C1 NAG EA . 32.39 -60.53 86.96
C2 NAG EA . 31.83 -61.92 87.26
C3 NAG EA . 32.58 -62.55 88.43
C4 NAG EA . 34.07 -62.54 88.16
C5 NAG EA . 34.50 -61.10 87.89
C6 NAG EA . 35.98 -60.96 87.58
C7 NAG EA . 29.50 -62.65 87.01
C8 NAG EA . 28.09 -62.42 87.51
N2 NAG EA . 30.44 -61.86 87.58
O3 NAG EA . 32.08 -63.85 88.60
O4 NAG EA . 34.71 -63.08 89.30
O5 NAG EA . 33.78 -60.60 86.79
O6 NAG EA . 36.29 -61.73 86.45
O7 NAG EA . 29.75 -63.49 86.17
C1 NAG FA . 38.18 11.79 91.90
C2 NAG FA . 37.75 13.23 91.64
C3 NAG FA . 36.25 13.43 91.74
C4 NAG FA . 35.60 12.43 90.81
C5 NAG FA . 35.92 11.02 91.34
C6 NAG FA . 35.33 9.90 90.53
C7 NAG FA . 39.69 14.61 92.24
C8 NAG FA . 40.28 15.52 93.29
N2 NAG FA . 38.47 14.12 92.53
O3 NAG FA . 35.99 14.75 91.36
O4 NAG FA . 34.22 12.75 90.68
O5 NAG FA . 37.32 10.83 91.32
O6 NAG FA . 35.52 10.15 89.16
O7 NAG FA . 40.29 14.36 91.21
C1 NAG FA . 33.44 12.49 91.87
C2 NAG FA . 32.38 13.60 91.99
C3 NAG FA . 31.37 13.27 93.09
C4 NAG FA . 30.85 11.85 92.96
C5 NAG FA . 32.03 10.89 92.89
C6 NAG FA . 31.63 9.43 92.73
C7 NAG FA . 33.73 15.28 93.26
C8 NAG FA . 34.20 16.71 93.20
N2 NAG FA . 32.97 14.89 92.20
O3 NAG FA . 30.34 14.21 93.02
O4 NAG FA . 30.04 11.60 94.09
O5 NAG FA . 32.81 11.25 91.77
O6 NAG FA . 32.73 8.70 92.23
O7 NAG FA . 34.04 14.55 94.20
C1 NAG GA . 80.75 85.72 61.18
C2 NAG GA . 81.15 84.26 61.43
C3 NAG GA . 80.21 83.55 62.39
C4 NAG GA . 80.12 84.39 63.65
C5 NAG GA . 79.47 85.73 63.26
C6 NAG GA . 79.29 86.68 64.42
C7 NAG GA . 82.43 83.18 59.62
C8 NAG GA . 82.31 82.44 58.31
N2 NAG GA . 81.25 83.55 60.17
O3 NAG GA . 80.76 82.29 62.65
O4 NAG GA . 79.47 83.65 64.68
O5 NAG GA . 80.31 86.39 62.34
O6 NAG GA . 80.49 86.79 65.14
O7 NAG GA . 83.51 83.44 60.12
C1 NAG GA . 78.07 83.39 64.43
C2 NAG GA . 77.75 82.00 65.00
C3 NAG GA . 76.25 81.72 65.01
C4 NAG GA . 75.50 82.88 65.67
C5 NAG GA . 75.88 84.17 64.95
C6 NAG GA . 75.18 85.38 65.49
C7 NAG GA . 78.32 80.60 63.00
C8 NAG GA . 79.19 79.45 62.57
N2 NAG GA . 78.45 80.94 64.30
O3 NAG GA . 76.03 80.51 65.70
O4 NAG GA . 74.12 82.59 65.58
O5 NAG GA . 77.27 84.36 65.07
O6 NAG GA . 75.75 86.55 64.96
O7 NAG GA . 77.57 81.16 62.21
C1 NAG HA . 61.91 76.11 -27.01
C2 NAG HA . 63.17 76.95 -26.77
C3 NAG HA . 62.84 78.25 -26.05
C4 NAG HA . 61.67 78.95 -26.72
C5 NAG HA . 60.50 77.95 -26.81
C6 NAG HA . 59.21 78.54 -27.36
C7 NAG HA . 65.17 75.50 -26.48
C8 NAG HA . 65.41 75.64 -27.97
N2 NAG HA . 64.09 76.15 -26.00
O3 NAG HA . 63.99 79.05 -26.06
O4 NAG HA . 61.35 80.09 -25.96
O5 NAG HA . 60.92 76.89 -27.63
O6 NAG HA . 59.50 79.30 -28.51
O7 NAG HA . 65.90 74.83 -25.78
C1 NAG HA . 61.54 81.21 -26.85
C2 NAG HA . 60.49 82.29 -26.56
C3 NAG HA . 60.62 83.33 -27.67
C4 NAG HA . 62.04 83.90 -27.70
C5 NAG HA . 63.07 82.76 -27.70
C6 NAG HA . 64.50 83.22 -27.58
C7 NAG HA . 58.25 82.10 -25.55
C8 NAG HA . 58.73 83.09 -24.51
N2 NAG HA . 59.15 81.77 -26.50
O3 NAG HA . 59.63 84.29 -27.41
O4 NAG HA . 62.22 84.66 -28.87
O5 NAG HA . 62.80 81.82 -26.66
O6 NAG HA . 64.61 84.13 -26.50
O7 NAG HA . 57.12 81.65 -25.51
C1 BMA HA . 61.74 86.02 -28.79
C2 BMA HA . 61.99 86.61 -27.40
C3 BMA HA . 61.24 87.97 -27.35
C4 BMA HA . 61.23 88.75 -28.69
C5 BMA HA . 62.23 88.24 -29.74
C6 BMA HA . 63.61 88.91 -29.63
O2 BMA HA . 63.37 86.72 -27.18
O3 BMA HA . 61.79 88.70 -26.28
O4 BMA HA . 59.90 88.64 -29.18
O5 BMA HA . 62.39 86.82 -29.75
O6 BMA HA . 64.51 88.16 -30.40
C1 MAN HA . 60.68 89.17 -25.49
C2 MAN HA . 60.81 90.68 -25.32
C3 MAN HA . 59.63 91.19 -24.50
C4 MAN HA . 59.49 90.44 -23.18
C5 MAN HA . 59.61 88.91 -23.36
C6 MAN HA . 58.35 88.29 -23.92
O2 MAN HA . 60.84 91.24 -26.62
O3 MAN HA . 58.48 91.10 -25.31
O4 MAN HA . 60.50 90.93 -22.32
O5 MAN HA . 60.68 88.57 -24.22
O6 MAN HA . 57.24 89.08 -23.55
C1 NAG IA . 12.71 128.90 -38.09
C2 NAG IA . 11.87 129.74 -37.12
C3 NAG IA . 11.85 131.23 -37.48
C4 NAG IA . 13.26 131.73 -37.76
C5 NAG IA . 13.83 130.90 -38.92
C6 NAG IA . 15.22 131.30 -39.37
C7 NAG IA . 9.93 128.70 -36.00
C8 NAG IA . 8.50 128.28 -36.22
N2 NAG IA . 10.52 129.26 -37.08
O3 NAG IA . 11.26 131.90 -36.40
O4 NAG IA . 13.21 133.13 -37.95
O5 NAG IA . 13.90 129.55 -38.49
O6 NAG IA . 16.11 131.22 -38.29
O7 NAG IA . 10.50 128.54 -34.93
C1 NAG IA . 12.57 133.54 -39.18
C2 NAG IA . 11.59 134.69 -38.88
C3 NAG IA . 11.04 135.30 -40.17
C4 NAG IA . 12.19 135.68 -41.09
C5 NAG IA . 13.05 134.44 -41.34
C6 NAG IA . 14.22 134.70 -42.26
C7 NAG IA . 10.21 134.77 -36.83
C8 NAG IA . 9.01 134.17 -36.14
N2 NAG IA . 10.49 134.26 -38.04
O3 NAG IA . 10.26 136.40 -39.82
O4 NAG IA . 11.62 136.18 -42.28
O5 NAG IA . 13.54 133.97 -40.10
O6 NAG IA . 15.02 135.73 -41.73
O7 NAG IA . 10.86 135.67 -36.32
C1 NAG JA . 33.58 65.69 -55.42
C2 NAG JA . 33.95 64.24 -55.08
C3 NAG JA . 33.00 63.61 -54.07
C4 NAG JA . 32.92 64.53 -52.87
C5 NAG JA . 32.31 65.85 -53.33
C6 NAG JA . 32.19 66.89 -52.23
C7 NAG JA . 35.16 63.03 -56.83
C8 NAG JA . 35.01 62.20 -58.09
N2 NAG JA . 34.02 63.45 -56.28
O3 NAG JA . 33.54 62.36 -53.74
O4 NAG JA . 32.24 63.85 -51.82
O5 NAG JA . 33.13 66.44 -54.31
O6 NAG JA . 33.44 67.06 -51.60
O7 NAG JA . 36.27 63.28 -56.36
C1 NAG JA . 30.83 63.68 -52.04
C2 NAG JA . 30.40 62.33 -51.46
C3 NAG JA . 28.89 62.16 -51.52
C4 NAG JA . 28.19 63.35 -50.90
C5 NAG JA . 28.69 64.63 -51.58
C6 NAG JA . 28.08 65.89 -51.01
C7 NAG JA . 30.96 60.84 -53.40
C8 NAG JA . 31.79 59.64 -53.78
N2 NAG JA . 31.07 61.22 -52.11
O3 NAG JA . 28.56 60.96 -50.86
O4 NAG JA . 26.80 63.18 -51.07
O5 NAG JA . 30.09 64.70 -51.42
O6 NAG JA . 28.80 67.00 -51.47
O7 NAG JA . 30.28 61.42 -54.24
C1 NAG KA . 14.99 55.91 -142.99
C2 NAG KA . 16.25 56.76 -142.74
C3 NAG KA . 15.87 58.07 -142.05
C4 NAG KA . 14.75 58.75 -142.83
C5 NAG KA . 13.58 57.78 -142.95
C6 NAG KA . 12.34 58.33 -143.60
C7 NAG KA . 18.34 55.45 -142.38
C8 NAG KA . 18.62 55.61 -143.85
N2 NAG KA . 17.20 56.02 -141.95
O3 NAG KA . 17.02 58.87 -141.96
O4 NAG KA . 14.41 59.93 -142.15
O5 NAG KA . 14.04 56.67 -143.69
O6 NAG KA . 12.65 58.82 -144.88
O7 NAG KA . 19.10 54.84 -141.65
C1 NAG KA . 14.67 61.01 -143.07
C2 NAG KA . 13.67 62.16 -142.85
C3 NAG KA . 13.87 63.14 -144.00
C4 NAG KA . 15.32 63.64 -144.01
C5 NAG KA . 16.29 62.44 -143.95
C6 NAG KA . 17.74 62.85 -143.78
C7 NAG KA . 11.47 62.03 -141.77
C8 NAG KA . 12.05 62.91 -140.68
N2 NAG KA . 12.30 61.72 -142.78
O3 NAG KA . 12.92 64.16 -143.82
O4 NAG KA . 15.57 64.35 -145.21
O5 NAG KA . 15.95 61.56 -142.90
O6 NAG KA . 17.89 63.58 -142.59
O7 NAG KA . 10.31 61.65 -141.71
C1 BMA KA . 15.14 65.74 -145.17
C2 BMA KA . 15.43 66.38 -143.82
C3 BMA KA . 14.75 67.77 -143.81
C4 BMA KA . 14.75 68.49 -145.18
C5 BMA KA . 15.71 67.91 -146.22
C6 BMA KA . 17.11 68.52 -146.16
O2 BMA KA . 16.82 66.43 -143.61
O3 BMA KA . 15.36 68.52 -142.78
O4 BMA KA . 13.41 68.42 -145.64
O5 BMA KA . 15.81 66.48 -146.18
O6 BMA KA . 17.93 67.78 -147.03
C1 MAN KA . 14.29 69.07 -141.98
C2 MAN KA . 14.50 70.57 -141.83
C3 MAN KA . 13.36 71.15 -140.99
C4 MAN KA . 13.18 70.41 -139.67
C5 MAN KA . 13.23 68.89 -139.83
C6 MAN KA . 11.95 68.31 -140.39
O2 MAN KA . 14.54 71.11 -143.12
O3 MAN KA . 12.20 71.13 -141.79
O4 MAN KA . 14.19 70.88 -138.80
O5 MAN KA . 14.30 68.49 -140.69
O6 MAN KA . 10.88 69.12 -140.00
C1 NAG LA . -32.39 110.22 -155.93
C2 NAG LA . -33.23 111.10 -154.99
C3 NAG LA . -33.20 112.58 -155.37
C4 NAG LA . -31.77 113.03 -155.59
C5 NAG LA . -31.21 112.19 -156.74
C6 NAG LA . -29.80 112.54 -157.16
C7 NAG LA . -35.22 110.12 -153.89
C8 NAG LA . -36.66 109.72 -154.12
N2 NAG LA . -34.60 110.65 -154.95
O3 NAG LA . -33.82 113.28 -154.33
O4 NAG LA . -31.77 114.44 -155.77
O5 NAG LA . -31.18 110.84 -156.32
O6 NAG LA . -28.94 112.45 -156.06
O7 NAG LA . -34.68 109.96 -152.80
C1 NAG LA . -32.35 114.89 -157.02
C2 NAG LA . -33.31 116.05 -156.73
C3 NAG LA . -33.78 116.71 -158.02
C4 NAG LA . -32.59 117.07 -158.90
C5 NAG LA . -31.76 115.81 -159.14
C6 NAG LA . -30.55 116.03 -160.01
C7 NAG LA . -34.90 116.25 -154.85
C8 NAG LA . -36.11 115.63 -154.21
N2 NAG LA . -34.44 115.63 -155.95
O3 NAG LA . -34.54 117.84 -157.68
O4 NAG LA . -33.10 117.60 -160.10
O5 NAG LA . -31.33 115.30 -157.89
O6 NAG LA . -29.76 117.06 -159.47
O7 NAG LA . -34.38 117.25 -154.38
C1 NAG MA . 109.07 96.47 89.74
C2 NAG MA . 110.24 97.47 89.75
C3 NAG MA . 109.86 98.72 90.51
C4 NAG MA . 108.58 99.29 89.93
C5 NAG MA . 107.49 98.22 89.99
C6 NAG MA . 106.15 98.67 89.46
C7 NAG MA . 112.51 96.50 89.58
C8 NAG MA . 112.41 96.76 88.09
N2 NAG MA . 111.42 96.87 90.30
O3 NAG MA . 110.93 99.62 90.43
O4 NAG MA . 108.23 100.45 90.66
O5 NAG MA . 107.92 97.09 89.23
O6 NAG MA . 106.33 99.34 88.23
O7 NAG MA . 113.50 96.00 90.07
C1 NAG MA . 108.39 101.55 89.74
C2 NAG MA . 107.33 102.62 90.05
C3 NAG MA . 107.41 103.67 88.94
C4 NAG MA . 108.82 104.25 88.88
C5 NAG MA . 109.87 103.12 88.86
C6 NAG MA . 111.29 103.63 88.98
C7 NAG MA . 105.31 102.00 91.31
C8 NAG MA . 106.01 102.54 92.53
N2 NAG MA . 106.01 102.07 90.15
O3 NAG MA . 106.42 104.62 89.22
O4 NAG MA . 108.97 105.01 87.69
O5 NAG MA . 109.64 102.19 89.89
O6 NAG MA . 111.41 104.46 90.11
O7 NAG MA . 104.18 101.53 91.39
C1 BMA MA . 108.45 106.36 87.77
C2 BMA MA . 108.75 106.99 89.12
C3 BMA MA . 107.97 108.33 89.19
C4 BMA MA . 107.85 109.06 87.84
C5 BMA MA . 108.81 108.58 86.75
C6 BMA MA . 110.16 109.29 86.77
O2 BMA MA . 110.13 107.14 89.27
O3 BMA MA . 108.56 109.10 90.20
O4 BMA MA . 106.50 108.89 87.42
O5 BMA MA . 109.03 107.17 86.75
O6 BMA MA . 111.06 108.54 85.97
C1 MAN MA . 107.49 109.53 91.07
C2 MAN MA . 107.64 111.04 91.30
C3 MAN MA . 106.48 111.50 92.18
C4 MAN MA . 106.37 110.67 93.46
C5 MAN MA . 106.51 109.16 93.21
C6 MAN MA . 105.25 108.54 92.63
O2 MAN MA . 107.62 111.65 90.04
O3 MAN MA . 105.31 111.46 91.40
O4 MAN MA . 107.37 111.14 94.33
O5 MAN MA . 107.56 108.87 92.30
O6 MAN MA . 104.12 109.24 93.12
C1 NAG NA . 57.70 147.43 79.08
C2 NAG NA . 56.82 148.24 80.06
C3 NAG NA . 56.76 149.72 79.73
C4 NAG NA . 58.16 150.27 79.48
C5 NAG NA . 58.75 149.49 78.30
C6 NAG NA . 60.13 149.93 77.86
C7 NAG NA . 54.91 147.11 81.14
C8 NAG NA . 53.50 146.65 80.91
N2 NAG NA . 55.48 147.71 80.08
O3 NAG NA . 56.14 150.36 80.81
O4 NAG NA . 58.06 151.68 79.32
O5 NAG NA . 58.85 148.13 78.68
O6 NAG NA . 61.00 149.88 78.97
O7 NAG NA . 55.48 146.95 82.21
C1 NAG NA . 57.42 152.10 78.11
C2 NAG NA . 56.40 153.19 78.43
C3 NAG NA . 55.84 153.81 77.15
C4 NAG NA . 56.97 154.27 76.25
C5 NAG NA . 57.90 153.08 75.98
C6 NAG NA . 59.07 153.43 75.10
C7 NAG NA . 54.99 153.19 80.45
C8 NAG NA . 53.81 152.51 81.12
N2 NAG NA . 55.31 152.70 79.24
O3 NAG NA . 54.99 154.87 77.51
O4 NAG NA . 56.39 154.77 75.06
O5 NAG NA . 58.39 152.60 77.21
O6 NAG NA . 59.76 154.53 75.63
O7 NAG NA . 55.58 154.10 80.99
C1 NAG OA . 60.03 83.39 42.19
C2 NAG OA . 59.27 82.63 43.28
C3 NAG OA . 60.18 81.61 43.95
C4 NAG OA . 60.74 80.70 42.88
C5 NAG OA . 61.44 81.54 41.81
C6 NAG OA . 62.01 80.71 40.68
C7 NAG OA . 57.41 83.80 44.36
C8 NAG OA . 56.50 83.07 43.40
N2 NAG OA . 58.72 83.53 44.24
O3 NAG OA . 59.44 80.92 44.90
O4 NAG OA . 61.61 79.79 43.50
O5 NAG OA . 60.52 82.46 41.26
O6 NAG OA . 61.04 79.80 40.26
O7 NAG OA . 56.96 84.58 45.19
C1 NAG OA . 60.99 78.49 43.38
C2 NAG OA . 62.07 77.42 43.25
C3 NAG OA . 61.38 76.11 42.91
C4 NAG OA . 60.36 75.76 44.01
C5 NAG OA . 59.47 76.98 44.29
C6 NAG OA . 58.53 76.78 45.45
C7 NAG OA . 64.38 77.72 42.47
C8 NAG OA . 64.79 77.26 43.86
N2 NAG OA . 63.05 77.76 42.27
O3 NAG OA . 62.41 75.16 42.77
O4 NAG OA . 59.53 74.69 43.60
O5 NAG OA . 60.23 78.14 44.51
O6 NAG OA . 59.22 76.17 46.51
O7 NAG OA . 65.21 78.01 41.63
C1 BMA OA . 60.11 73.37 43.72
C2 BMA OA . 60.96 73.25 44.99
C3 BMA OA . 61.75 71.92 44.85
C4 BMA OA . 60.95 70.77 44.19
C5 BMA OA . 59.45 71.02 44.05
C6 BMA OA . 58.63 70.51 45.24
O2 BMA OA . 60.14 73.31 46.12
O3 BMA OA . 62.25 71.59 46.11
O4 BMA OA . 61.55 70.60 42.91
O5 BMA OA . 59.10 72.37 43.77
O6 BMA OA . 57.28 70.80 44.99
C1 MAN OA . 63.66 71.35 45.92
C2 MAN OA . 64.00 69.96 46.48
C3 MAN OA . 65.47 69.67 46.20
C4 MAN OA . 66.37 70.78 46.73
C5 MAN OA . 65.84 72.19 46.39
C6 MAN OA . 66.13 72.58 44.95
O2 MAN OA . 63.16 69.04 45.83
O3 MAN OA . 65.60 69.48 44.82
O4 MAN OA . 66.48 70.60 48.13
O5 MAN OA . 64.44 72.29 46.60
O6 MAN OA . 67.26 71.88 44.49
C1 NAG PA . 95.54 25.45 15.19
C2 NAG PA . 96.93 24.86 15.48
C3 NAG PA . 96.92 23.34 15.65
C4 NAG PA . 95.83 22.93 16.61
C5 NAG PA . 94.49 23.39 16.02
C6 NAG PA . 93.26 23.04 16.83
C7 NAG PA . 98.93 25.99 14.60
C8 NAG PA . 99.75 26.20 13.35
N2 NAG PA . 97.86 25.21 14.45
O3 NAG PA . 98.18 22.97 16.10
O4 NAG PA . 95.95 21.54 16.88
O5 NAG PA . 94.52 24.81 15.94
O6 NAG PA . 93.34 23.65 18.09
O7 NAG PA . 99.25 26.49 15.67
C1 NAG PA . 95.62 20.69 15.76
C2 NAG PA . 96.72 19.62 15.63
C3 NAG PA . 96.31 18.53 14.63
C4 NAG PA . 94.93 18.00 14.97
C5 NAG PA . 93.95 19.17 14.99
C6 NAG PA . 92.52 18.77 15.29
C7 NAG PA . 99.12 20.05 15.92
C8 NAG PA . 100.33 20.72 15.30
N2 NAG PA . 97.98 20.18 15.23
O3 NAG PA . 97.29 17.53 14.67
O4 NAG PA . 94.59 17.04 13.98
O5 NAG PA . 94.37 20.09 15.97
O6 NAG PA . 92.47 18.09 16.52
O7 NAG PA . 99.21 19.41 16.97
C1 NAG QA . 59.96 82.01 0.59
C2 NAG QA . 59.78 83.52 0.57
C3 NAG QA . 61.09 84.25 0.31
C4 NAG QA . 62.09 83.76 1.33
C5 NAG QA . 62.32 82.26 1.08
C6 NAG QA . 63.33 81.62 2.01
C7 NAG QA . 57.52 84.24 -0.07
C8 NAG QA . 56.63 84.60 -1.23
N2 NAG QA . 58.78 83.90 -0.39
O3 NAG QA . 60.84 85.62 0.43
O4 NAG QA . 63.26 84.57 1.28
O5 NAG QA . 61.10 81.59 1.29
O6 NAG QA . 62.95 81.85 3.34
O7 NAG QA . 57.11 84.28 1.08
C1 NAG QA . 64.00 84.47 0.06
C2 NAG QA . 64.51 85.89 -0.27
C3 NAG QA . 65.64 85.89 -1.31
C4 NAG QA . 66.68 84.82 -1.00
C5 NAG QA . 65.96 83.48 -0.89
C6 NAG QA . 66.87 82.30 -0.66
C7 NAG QA . 62.68 86.60 -1.80
C8 NAG QA . 61.63 87.68 -1.99
N2 NAG QA . 63.44 86.75 -0.70
O3 NAG QA . 66.21 87.18 -1.32
O4 NAG QA . 67.61 84.82 -2.05
O5 NAG QA . 65.07 83.56 0.21
O6 NAG QA . 66.11 81.19 -0.27
O7 NAG QA . 62.79 85.68 -2.61
C1 NAG RA . 12.85 63.90 -74.59
C2 NAG RA . 12.10 63.24 -73.43
C3 NAG RA . 12.99 62.21 -72.75
C4 NAG RA . 13.54 61.25 -73.79
C5 NAG RA . 14.23 62.04 -74.91
C6 NAG RA . 14.82 61.17 -75.99
C7 NAG RA . 10.43 64.71 -72.36
C8 NAG RA . 9.40 64.10 -73.28
N2 NAG RA . 11.69 64.25 -72.49
O3 NAG RA . 12.24 61.55 -71.77
O4 NAG RA . 14.42 60.36 -73.14
O5 NAG RA . 13.28 62.91 -75.49
O6 NAG RA . 13.92 60.15 -76.32
O7 NAG RA . 10.11 65.57 -71.55
C1 NAG RA . 13.77 59.08 -73.20
C2 NAG RA . 14.82 57.97 -73.30
C3 NAG RA . 14.08 56.68 -73.59
C4 NAG RA . 13.06 56.41 -72.48
C5 NAG RA . 12.22 57.66 -72.20
C6 NAG RA . 11.32 57.53 -71.00
C7 NAG RA . 17.15 58.11 -74.10
C8 NAG RA . 17.55 57.64 -72.73
N2 NAG RA . 15.82 58.25 -74.30
O3 NAG RA . 15.06 55.68 -73.72
O4 NAG RA . 12.19 55.37 -72.87
O5 NAG RA . 13.04 58.81 -72.04
O6 NAG RA . 12.06 57.05 -69.90
O7 NAG RA . 17.98 58.35 -74.96
C1 BMA RA . 12.71 54.02 -72.66
C2 BMA RA . 13.55 53.94 -71.40
C3 BMA RA . 14.25 52.56 -71.42
C4 BMA RA . 13.40 51.42 -72.03
C5 BMA RA . 11.90 51.75 -72.17
C6 BMA RA . 11.09 51.38 -70.93
O2 BMA RA . 12.73 54.13 -70.27
O3 BMA RA . 14.71 52.30 -70.13
O4 BMA RA . 13.96 51.15 -73.29
O5 BMA RA . 11.63 53.09 -72.54
O6 BMA RA . 9.79 51.91 -71.10
C1 MAN RA . 16.12 51.99 -70.27
C2 MAN RA . 16.37 50.63 -69.62
C3 MAN RA . 17.83 50.26 -69.85
C4 MAN RA . 18.77 51.36 -69.35
C5 MAN RA . 18.32 52.77 -69.78
C6 MAN RA . 18.67 53.08 -71.22
O2 MAN RA . 15.50 49.71 -70.22
O3 MAN RA . 17.98 50.01 -71.23
O4 MAN RA . 18.82 51.24 -67.95
O5 MAN RA . 16.92 52.94 -69.63
O6 MAN RA . 19.79 52.32 -71.60
C1 NAG SA . 46.29 4.38 -100.34
C2 NAG SA . 47.65 3.73 -100.02
C3 NAG SA . 47.56 2.22 -99.84
C4 NAG SA . 46.44 1.88 -98.86
C5 NAG SA . 45.13 2.41 -99.48
C6 NAG SA . 43.89 2.11 -98.66
C7 NAG SA . 49.68 4.80 -100.92
C8 NAG SA . 50.54 4.93 -102.16
N2 NAG SA . 48.60 4.02 -101.06
O3 NAG SA . 48.81 1.80 -99.37
O4 NAG SA . 46.49 0.49 -98.58
O5 NAG SA . 45.23 3.82 -99.57
O6 NAG SA . 44.16 2.33 -97.29
O7 NAG SA . 49.97 5.37 -99.88
C1 NAG SA . 46.11 -0.35 -99.68
C2 NAG SA . 47.14 -1.50 -99.82
C3 NAG SA . 46.66 -2.54 -100.82
C4 NAG SA . 45.25 -3.00 -100.48
C5 NAG SA . 44.33 -1.77 -100.43
C6 NAG SA . 42.90 -2.10 -100.10
C7 NAG SA . 49.57 -1.20 -99.54
C8 NAG SA . 50.80 -0.58 -100.16
N2 NAG SA . 48.42 -0.99 -100.22
O3 NAG SA . 47.58 -3.60 -100.81
O4 NAG SA . 44.84 -3.91 -101.48
O5 NAG SA . 44.83 -0.89 -99.44
O6 NAG SA . 42.84 -2.84 -98.89
O7 NAG SA . 49.62 -1.83 -98.50
C1 NAG TA . 13.19 62.16 -115.83
C2 NAG TA . 13.02 63.68 -115.93
C3 NAG TA . 14.34 64.42 -116.08
C4 NAG TA . 15.36 63.90 -115.09
C5 NAG TA . 15.55 62.39 -115.35
C6 NAG TA . 16.58 61.70 -114.50
C7 NAG TA . 10.81 64.18 -116.90
C8 NAG TA . 10.09 64.50 -118.19
N2 NAG TA . 12.14 63.99 -117.02
O3 NAG TA . 14.08 65.78 -115.88
O4 NAG TA . 16.54 64.69 -115.17
O5 NAG TA . 14.32 61.77 -115.08
O6 NAG TA . 16.16 61.67 -113.16
O7 NAG TA . 10.22 64.11 -115.83
C1 NAG TA . 17.25 64.57 -116.42
C2 NAG TA . 17.77 65.96 -116.81
C3 NAG TA . 18.76 65.89 -117.97
C4 NAG TA . 19.82 64.83 -117.73
C5 NAG TA . 19.12 63.50 -117.44
C6 NAG TA . 20.08 62.36 -117.19
C7 NAG TA . 15.82 66.82 -118.12
C8 NAG TA . 14.82 67.94 -118.16
N2 NAG TA . 16.70 66.89 -117.10
O3 NAG TA . 19.33 67.16 -118.14
O4 NAG TA . 20.63 64.76 -118.88
O5 NAG TA . 18.31 63.66 -116.30
O6 NAG TA . 19.39 61.29 -116.58
O7 NAG TA . 15.79 65.93 -118.95
C1 NAG UA . -3.15 -73.21 121.82
C2 NAG UA . -2.77 -74.66 122.17
C3 NAG UA . -3.71 -75.26 123.19
C4 NAG UA . -3.76 -74.34 124.39
C5 NAG UA . -4.37 -73.01 123.92
C6 NAG UA . -4.52 -71.97 125.01
C7 NAG UA . -1.54 -75.83 120.40
C8 NAG UA . -1.69 -76.67 119.15
N2 NAG UA . -2.70 -75.46 120.97
O3 NAG UA . -3.20 -76.53 123.52
O4 NAG UA . -4.43 -75.00 125.46
O5 NAG UA . -3.54 -72.45 122.94
O6 NAG UA . -3.29 -71.83 125.69
O7 NAG UA . -0.44 -75.52 120.83
C1 NAG UA . -5.85 -75.17 125.26
C2 NAG UA . -6.25 -76.56 125.78
C3 NAG UA . -7.77 -76.71 125.88
C4 NAG UA . -8.39 -75.52 126.60
C5 NAG UA . -7.95 -74.25 125.88
C6 NAG UA . -8.54 -72.98 126.46
C7 NAG UA . -5.95 -77.86 123.67
C8 NAG UA . -5.21 -79.05 123.10
N2 NAG UA . -5.69 -77.62 124.97
O3 NAG UA . -8.02 -77.92 126.56
O4 NAG UA . -9.79 -75.70 126.54
O5 NAG UA . -6.55 -74.17 125.95
O6 NAG UA . -7.88 -71.86 125.92
O7 NAG UA . -6.71 -77.21 122.97
C1 NAG VA . -26.10 -80.04 34.52
C2 NAG VA . -24.83 -79.19 34.51
C3 NAG VA . -25.05 -77.91 35.30
C4 NAG VA . -26.30 -77.20 34.77
C5 NAG VA . -27.47 -78.17 34.84
C6 NAG VA . -28.77 -77.56 34.37
C7 NAG VA . -22.71 -80.41 34.32
C8 NAG VA . -22.76 -80.12 32.84
N2 NAG VA . -23.73 -79.93 35.05
O3 NAG VA . -23.90 -77.11 35.16
O4 NAG VA . -26.50 -76.05 35.54
O5 NAG VA . -27.18 -79.29 34.03
O6 NAG VA . -28.52 -76.76 33.24
O7 NAG VA . -21.78 -81.04 34.80
C1 NAG VA . -26.25 -74.93 34.67
C2 NAG VA . -27.20 -73.80 35.03
C3 NAG VA . -27.03 -72.69 34.01
C4 NAG VA . -25.56 -72.25 33.93
C5 NAG VA . -24.66 -73.49 33.80
C6 NAG VA . -23.18 -73.17 33.88
C7 NAG VA . -29.42 -74.00 36.08
C8 NAG VA . -28.85 -73.17 37.21
N2 NAG VA . -28.56 -74.26 35.07
O3 NAG VA . -27.91 -71.67 34.40
O4 NAG VA . -25.35 -71.43 32.80
O5 NAG VA . -24.96 -74.44 34.82
O6 NAG VA . -22.89 -72.53 35.09
O7 NAG VA . -30.57 -74.40 36.10
C1 BMA VA . -25.77 -70.05 32.96
C2 BMA VA . -25.39 -69.54 34.35
C3 BMA VA . -26.12 -68.19 34.52
C4 BMA VA . -26.21 -67.34 33.24
C5 BMA VA . -25.30 -67.80 32.10
C6 BMA VA . -23.93 -67.13 32.11
O2 BMA VA . -24.00 -69.45 34.46
O3 BMA VA . -25.52 -67.52 35.60
O4 BMA VA . -27.57 -67.39 32.85
O5 BMA VA . -25.15 -69.22 32.00
O6 BMA VA . -23.30 -67.43 30.89
C1 MAN VA . -26.60 -67.05 36.43
C2 MAN VA . -26.43 -65.56 36.68
C3 MAN VA . -27.65 -65.07 37.43
C4 MAN VA . -27.89 -65.88 38.71
C5 MAN VA . -27.72 -67.40 38.50
C6 MAN VA . -28.95 -68.02 37.88
O2 MAN VA . -26.30 -64.94 35.42
O3 MAN VA . -28.75 -65.15 36.55
O4 MAN VA . -26.96 -65.40 39.67
O5 MAN VA . -26.62 -67.71 37.67
O6 MAN VA . -30.07 -67.22 38.16
C1 NAG WA . -73.32 -25.16 26.07
C2 NAG WA . -74.14 -24.29 27.05
C3 NAG WA . -74.14 -22.82 26.68
C4 NAG WA . -72.72 -22.35 26.40
C5 NAG WA . -72.20 -23.18 25.22
C6 NAG WA . -70.82 -22.81 24.72
C7 NAG WA . -76.09 -25.29 28.20
C8 NAG WA . -77.53 -25.71 28.00
N2 NAG WA . -75.50 -24.76 27.12
O3 NAG WA . -74.72 -22.12 27.76
O4 NAG WA . -72.73 -20.94 26.22
O5 NAG WA . -72.13 -24.53 25.66
O6 NAG WA . -69.87 -23.06 25.73
O7 NAG WA . -75.52 -25.44 29.26
C1 NAG WA . -73.42 -20.49 25.03
C2 NAG WA . -74.32 -19.30 25.40
C3 NAG WA . -74.93 -18.70 24.14
C4 NAG WA . -73.84 -18.36 23.13
C5 NAG WA . -73.02 -19.62 22.84
C6 NAG WA . -71.88 -19.40 21.88
C7 NAG WA . -75.57 -19.08 27.50
C8 NAG WA . -76.73 -19.63 28.31
N2 NAG WA . -75.35 -19.68 26.31
O3 NAG WA . -75.66 -17.56 24.51
O4 NAG WA . -74.47 -17.87 21.97
O5 NAG WA . -72.48 -20.11 24.06
O6 NAG WA . -71.00 -18.43 22.40
O7 NAG WA . -74.90 -18.14 27.92
C1 NAG XA . -56.05 -88.64 7.16
C2 NAG XA . -55.74 -90.09 7.55
C3 NAG XA . -56.75 -90.65 8.55
C4 NAG XA . -56.83 -89.69 9.72
C5 NAG XA . -57.37 -88.35 9.19
C6 NAG XA . -57.53 -87.28 10.25
C7 NAG XA . -54.51 -91.14 5.72
C8 NAG XA . -54.63 -92.02 4.50
N2 NAG XA . -55.66 -90.90 6.36
O3 NAG XA . -56.29 -91.91 8.93
O4 NAG XA . -57.58 -90.30 10.76
O5 NAG XA . -56.44 -87.84 8.26
O6 NAG XA . -56.30 -87.02 10.88
O7 NAG XA . -53.43 -90.67 6.06
C1 NAG XA . -58.98 -90.46 10.48
C2 NAG XA . -59.42 -91.81 11.05
C3 NAG XA . -60.95 -91.96 11.11
C4 NAG XA . -61.59 -90.73 11.73
C5 NAG XA . -61.13 -89.51 10.94
C6 NAG XA . -61.74 -88.21 11.43
C7 NAG XA . -59.04 -93.25 9.04
C8 NAG XA . -58.28 -94.46 8.58
N2 NAG XA . -58.83 -92.92 10.34
O3 NAG XA . -61.24 -93.13 11.84
O4 NAG XA . -62.98 -90.90 11.65
O5 NAG XA . -59.72 -89.42 11.07
O6 NAG XA . -61.09 -87.12 10.82
O7 NAG XA . -59.76 -92.62 8.28
C1 NAG YA . -78.88 -96.09 -80.05
C2 NAG YA . -77.62 -95.23 -79.94
C3 NAG YA . -77.95 -93.95 -79.17
C4 NAG YA . -79.11 -93.25 -79.87
C5 NAG YA . -80.30 -94.21 -79.94
C6 NAG YA . -81.51 -93.62 -80.62
C7 NAG YA . -75.42 -96.35 -79.92
C8 NAG YA . -75.32 -95.97 -81.38
N2 NAG YA . -76.55 -95.94 -79.30
O3 NAG YA . -76.79 -93.17 -79.13
O4 NAG YA . -79.41 -92.08 -79.15
O5 NAG YA . -79.91 -95.35 -80.67
O6 NAG YA . -81.13 -93.00 -81.83
O7 NAG YA . -74.53 -96.96 -79.36
C1 NAG YA . -79.10 -90.98 -80.03
C2 NAG YA . -79.98 -89.78 -79.71
C3 NAG YA . -79.75 -88.75 -80.81
C4 NAG YA . -78.27 -88.36 -80.84
C5 NAG YA . -77.39 -89.61 -80.87
C6 NAG YA . -75.91 -89.32 -80.71
C7 NAG YA . -82.18 -89.76 -78.58
C8 NAG YA . -81.52 -88.95 -77.50
N2 NAG YA . -81.38 -90.12 -79.61
O3 NAG YA . -80.62 -87.68 -80.54
O4 NAG YA . -78.00 -87.59 -82.00
O5 NAG YA . -77.78 -90.54 -79.87
O6 NAG YA . -75.71 -88.64 -79.49
O7 NAG YA . -83.36 -90.05 -78.51
C1 BMA YA . -78.30 -86.17 -81.83
C2 BMA YA . -77.89 -85.69 -80.45
C3 BMA YA . -78.45 -84.25 -80.29
C4 BMA YA . -78.48 -83.43 -81.59
C5 BMA YA . -77.61 -83.98 -82.72
C6 BMA YA . -76.17 -83.47 -82.68
O2 BMA YA . -76.50 -85.75 -80.32
O3 BMA YA . -77.72 -83.64 -79.26
O4 BMA YA . -79.85 -83.38 -81.99
O5 BMA YA . -77.61 -85.40 -82.81
O6 BMA YA . -75.43 -84.19 -83.65
C1 MAN YA . -78.70 -83.07 -78.37
C2 MAN YA . -78.35 -81.60 -78.13
C3 MAN YA . -79.44 -80.98 -77.27
C4 MAN YA . -79.65 -81.77 -75.98
C5 MAN YA . -79.70 -83.30 -76.21
C6 MAN YA . -81.03 -83.77 -76.75
O2 MAN YA . -78.26 -80.99 -79.39
O3 MAN YA . -80.61 -80.91 -78.05
O4 MAN YA . -78.61 -81.41 -75.10
O5 MAN YA . -78.69 -83.71 -77.12
O6 MAN YA . -82.05 -82.93 -76.26
C1 NAG ZA . -124.03 -39.52 -89.73
C2 NAG ZA . -124.75 -38.60 -88.72
C3 NAG ZA . -124.66 -37.12 -89.08
C4 NAG ZA . -123.22 -36.76 -89.40
C5 NAG ZA . -122.80 -37.60 -90.60
C6 NAG ZA . -121.40 -37.33 -91.13
C7 NAG ZA . -126.74 -39.45 -87.52
C8 NAG ZA . -128.21 -39.76 -87.69
N2 NAG ZA . -126.14 -38.97 -88.63
O3 NAG ZA . -125.16 -36.39 -88.00
O4 NAG ZA . -123.14 -35.34 -89.56
O5 NAG ZA . -122.82 -38.96 -90.21
O6 NAG ZA . -120.46 -37.45 -90.07
O7 NAG ZA . -126.16 -39.63 -86.47
C1 NAG ZA . -123.76 -34.82 -90.75
C2 NAG ZA . -124.63 -33.61 -90.37
C3 NAG ZA . -125.08 -32.84 -91.60
C4 NAG ZA . -123.90 -32.54 -92.51
C5 NAG ZA . -123.22 -33.85 -92.87
C6 NAG ZA . -122.05 -33.69 -93.80
C7 NAG ZA . -126.20 -33.41 -88.48
C8 NAG ZA . -127.43 -34.02 -87.84
N2 NAG ZA . -125.78 -34.02 -89.60
O3 NAG ZA . -125.73 -31.68 -91.16
O4 NAG ZA . -124.41 -31.88 -93.65
O5 NAG ZA . -122.76 -34.45 -91.67
O6 NAG ZA . -121.16 -32.74 -93.29
O7 NAG ZA . -125.64 -32.44 -87.99
C1 NAG AB . 26.80 -64.00 149.43
C2 NAG AB . 28.04 -63.11 149.49
C3 NAG AB . 27.74 -61.83 150.27
C4 NAG AB . 26.50 -61.16 149.70
C5 NAG AB . 25.35 -62.16 149.73
C6 NAG AB . 24.05 -61.60 149.22
C7 NAG AB . 30.21 -64.29 149.41
C8 NAG AB . 30.20 -64.02 147.93
N2 NAG AB . 29.14 -63.82 150.08
O3 NAG AB . 28.88 -61.01 150.20
O4 NAG AB . 26.24 -60.00 150.46
O5 NAG AB . 25.71 -63.28 148.93
O6 NAG AB . 24.27 -60.92 148.02
O7 NAG AB . 31.12 -64.90 149.95
C1 NAG AB . 26.46 -58.87 149.59
C2 NAG AB . 25.41 -57.79 149.86
C3 NAG AB . 25.57 -56.71 148.79
C4 NAG AB . 27.00 -56.16 148.82
C5 NAG AB . 28.02 -57.31 148.83
C6 NAG AB . 29.44 -56.84 149.03
C7 NAG AB . 23.22 -58.20 150.89
C8 NAG AB . 23.76 -57.47 152.10
N2 NAG AB . 24.08 -58.32 149.86
O3 NAG AB . 24.60 -55.74 149.07
O4 NAG AB . 27.22 -55.37 147.65
O5 NAG AB . 27.71 -58.27 149.82
O6 NAG AB . 29.50 -56.01 150.16
O7 NAG AB . 22.09 -58.66 150.88
C1 BMA AB . 26.75 -54.00 147.77
C2 BMA AB . 27.04 -53.44 149.15
C3 BMA AB . 26.33 -52.06 149.24
C4 BMA AB . 26.30 -51.27 147.92
C5 BMA AB . 27.28 -51.77 146.85
C6 BMA AB . 28.66 -51.13 146.93
O2 BMA AB . 28.43 -53.36 149.35
O3 BMA AB . 26.92 -51.37 150.31
O4 BMA AB . 24.97 -51.34 147.46
O5 BMA AB . 27.41 -53.19 146.81
O6 BMA AB . 29.49 -51.78 146.00
C1 MAN AB . 25.85 -51.03 151.22
C2 MAN AB . 25.93 -49.54 151.52
C3 MAN AB . 24.77 -49.16 152.44
C4 MAN AB . 24.72 -50.04 153.69
C5 MAN AB . 24.92 -51.54 153.37
C6 MAN AB . 23.67 -52.18 152.80
O2 MAN AB . 25.84 -48.88 150.28
O3 MAN AB . 23.59 -49.23 151.69
O4 MAN AB . 25.73 -49.57 154.57
O5 MAN AB . 25.98 -51.73 152.43
O6 MAN AB . 22.54 -51.49 153.27
C1 NAG BB . -22.48 -10.63 141.75
C2 NAG BB . -23.31 -9.81 142.76
C3 NAG BB . -23.37 -8.32 142.41
C4 NAG BB . -21.97 -7.80 142.13
C5 NAG BB . -21.44 -8.58 140.93
C6 NAG BB . -20.06 -8.14 140.45
C7 NAG BB . -25.18 -10.87 143.97
C8 NAG BB . -26.60 -11.32 143.82
N2 NAG BB . -24.64 -10.32 142.86
O3 NAG BB . -23.98 -7.66 143.49
O4 NAG BB . -22.02 -6.39 142.01
O5 NAG BB . -21.33 -9.94 141.31
O6 NAG BB . -19.15 -8.22 141.51
O7 NAG BB . -24.57 -10.98 145.02
C1 NAG BB . -22.72 -5.91 140.85
C2 NAG BB . -23.62 -4.73 141.26
C3 NAG BB . -24.23 -4.06 140.03
C4 NAG BB . -23.15 -3.70 139.03
C5 NAG BB . -22.35 -4.96 138.68
C6 NAG BB . -21.23 -4.72 137.70
C7 NAG BB . -24.87 -4.59 143.38
C8 NAG BB . -26.02 -5.18 144.15
N2 NAG BB . -24.66 -5.15 142.17
O3 NAG BB . -24.94 -2.94 140.47
O4 NAG BB . -23.79 -3.16 137.90
O5 NAG BB . -21.79 -5.50 139.87
O6 NAG BB . -20.33 -3.77 138.23
O7 NAG BB . -24.21 -3.66 143.82
C1 NAG CB . -24.82 -74.09 103.76
C2 NAG CB . -25.54 -74.86 104.87
C3 NAG CB . -24.60 -75.89 105.48
C4 NAG CB . -24.05 -76.76 104.37
C5 NAG CB . -23.36 -75.87 103.33
C6 NAG CB . -22.73 -76.64 102.19
C7 NAG CB . -27.35 -73.64 106.04
C8 NAG CB . -28.31 -74.26 105.06
N2 NAG CB . -26.06 -73.98 105.88
O3 NAG CB . -25.32 -76.61 106.44
O4 NAG CB . -23.18 -77.71 104.93
O5 NAG CB . -24.32 -74.99 102.81
O6 NAG CB . -23.65 -77.58 101.71
O7 NAG CB . -27.75 -72.89 106.91
C1 NAG CB . -23.84 -78.97 104.75
C2 NAG CB . -22.82 -80.08 104.47
C3 NAG CB . -23.59 -81.34 104.14
C4 NAG CB . -24.54 -81.69 105.29
C5 NAG CB . -25.37 -80.46 105.68
C6 NAG CB . -26.27 -80.68 106.88
C7 NAG CB . -20.59 -79.88 103.44
C8 NAG CB . -20.04 -80.44 104.73
N2 NAG CB . -21.92 -79.74 103.40
O3 NAG CB . -22.62 -82.33 103.88
O4 NAG CB . -25.44 -82.71 104.89
O5 NAG CB . -24.52 -79.37 105.92
O6 NAG CB . -25.55 -81.37 107.88
O7 NAG CB . -19.85 -79.59 102.52
C1 BMA CB . -24.90 -84.06 104.95
C2 BMA CB . -24.00 -84.23 106.17
C3 BMA CB . -23.32 -85.61 106.01
C4 BMA CB . -24.22 -86.71 105.38
C5 BMA CB . -25.70 -86.35 105.33
C6 BMA CB . -26.47 -86.78 106.58
O2 BMA CB . -24.75 -84.11 107.36
O3 BMA CB . -22.79 -85.97 107.27
O4 BMA CB . -23.70 -86.90 104.08
O5 BMA CB . -25.98 -84.99 105.05
O6 BMA CB . -27.73 -86.13 106.54
C1 MAN CB . -21.41 -86.31 107.07
C2 MAN CB . -21.16 -87.69 107.69
C3 MAN CB . -19.71 -88.08 107.51
C4 MAN CB . -18.76 -86.99 108.01
C5 MAN CB . -19.16 -85.58 107.54
C6 MAN CB . -18.82 -85.33 106.08
O2 MAN CB . -22.03 -88.58 107.04
O3 MAN CB . -19.50 -88.39 106.15
O4 MAN CB . -18.76 -87.07 109.42
O5 MAN CB . -20.57 -85.37 107.69
O6 MAN CB . -17.69 -86.09 105.75
C1 NAG DB . 6.84 -133.21 74.47
C2 NAG DB . 8.20 -133.87 74.74
C3 NAG DB . 8.13 -135.39 74.88
C4 NAG DB . 6.98 -135.79 75.79
C5 NAG DB . 5.69 -135.25 75.16
C6 NAG DB . 4.40 -135.61 75.88
C7 NAG DB . 10.26 -132.86 73.79
C8 NAG DB . 11.02 -132.68 72.51
N2 NAG DB . 9.11 -133.56 73.67
O3 NAG DB . 9.36 -135.83 75.39
O4 NAG DB . 7.04 -137.20 76.01
O5 NAG DB . 5.77 -133.84 75.17
O6 NAG DB . 4.50 -135.25 77.23
O7 NAG DB . 10.66 -132.40 74.86
C1 NAG DB . 6.70 -137.98 74.84
C2 NAG DB . 7.74 -139.10 74.67
C3 NAG DB . 7.31 -140.12 73.62
C4 NAG DB . 5.90 -140.60 73.89
C5 NAG DB . 4.98 -139.38 73.96
C6 NAG DB . 3.52 -139.72 74.21
C7 NAG DB . 10.19 -138.87 74.92
C8 NAG DB . 11.41 -138.16 74.37
N2 NAG DB . 9.03 -138.56 74.32
O3 NAG DB . 8.23 -141.18 73.64
O4 NAG DB . 5.54 -141.46 72.83
O5 NAG DB . 5.42 -138.54 75.01
O6 NAG DB . 3.40 -140.44 75.41
O7 NAG DB . 10.28 -139.67 75.83
C1 NAG EB . -26.79 -74.52 62.18
C2 NAG EB . -26.92 -72.99 62.32
C3 NAG EB . -25.61 -72.27 62.11
C4 NAG EB . -24.59 -72.90 63.05
C5 NAG EB . -24.39 -74.35 62.60
C6 NAG EB . -23.39 -75.13 63.43
C7 NAG EB . -29.23 -72.44 61.73
C8 NAG EB . -30.13 -71.89 60.65
N2 NAG EB . -27.93 -72.50 61.41
O3 NAG EB . -25.82 -70.92 62.42
O4 NAG EB . -23.43 -72.08 63.09
O5 NAG EB . -25.61 -75.05 62.73
O6 NAG EB . -23.72 -75.02 64.79
O7 NAG EB . -29.70 -72.79 62.81
C1 NAG EB . -22.62 -72.12 61.90
C2 NAG EB . -22.13 -70.69 61.61
C3 NAG EB . -21.04 -70.67 60.54
C4 NAG EB . -19.96 -71.69 60.84
C5 NAG EB . -20.62 -73.05 61.00
C6 NAG EB . -19.64 -74.18 61.27
C7 NAG EB . -24.02 -69.92 60.18
C8 NAG EB . -25.06 -68.84 60.06
N2 NAG EB . -23.22 -69.81 61.25
O3 NAG EB . -20.51 -69.36 60.50
O4 NAG EB . -19.05 -71.67 59.76
O5 NAG EB . -21.53 -72.99 62.08
O6 NAG EB . -20.34 -75.35 61.59
O7 NAG EB . -23.95 -70.82 59.34
C1 NAG FB . -77.74 -89.10 -11.09
C2 NAG FB . -78.41 -89.69 -9.85
C3 NAG FB . -77.56 -90.82 -9.25
C4 NAG FB . -77.17 -91.80 -10.35
C5 NAG FB . -76.46 -91.02 -11.47
C6 NAG FB . -75.92 -91.89 -12.58
C7 NAG FB . -79.83 -88.11 -8.59
C8 NAG FB . -81.00 -88.65 -9.37
N2 NAG FB . -78.63 -88.67 -8.87
O3 NAG FB . -78.30 -91.43 -8.24
O4 NAG FB . -76.35 -92.79 -9.76
O5 NAG FB . -77.38 -90.10 -12.00
O6 NAG FB . -76.89 -92.85 -12.94
O7 NAG FB . -79.98 -87.24 -7.75
C1 NAG FB . -77.05 -94.05 -9.89
C2 NAG FB . -76.04 -95.18 -10.12
C3 NAG FB . -76.83 -96.43 -10.47
C4 NAG FB . -77.79 -96.76 -9.32
C5 NAG FB . -78.59 -95.52 -8.92
C6 NAG FB . -79.43 -95.72 -7.68
C7 NAG FB . -73.74 -94.99 -10.95
C8 NAG FB . -73.31 -95.48 -9.59
N2 NAG FB . -75.07 -94.87 -11.12
O3 NAG FB . -75.87 -97.43 -10.71
O4 NAG FB . -78.70 -97.76 -9.73
O5 NAG FB . -77.75 -94.39 -8.73
O6 NAG FB . -78.65 -96.33 -6.67
O7 NAG FB . -72.91 -94.74 -11.81
C1 BMA FB . -78.17 -99.12 -9.66
C2 BMA FB . -77.31 -99.32 -8.42
C3 BMA FB . -76.65 -100.72 -8.54
C4 BMA FB . -77.52 -101.77 -9.26
C5 BMA FB . -79.01 -101.42 -9.36
C6 BMA FB . -79.82 -101.86 -8.14
O2 BMA FB . -78.10 -99.18 -7.27
O3 BMA FB . -76.26 -101.11 -7.25
O4 BMA FB . -76.96 -101.94 -10.54
O5 BMA FB . -79.26 -100.04 -9.62
O6 BMA FB . -81.07 -101.21 -8.21
C1 MAN FB . -74.89 -101.61 -7.35
C2 MAN FB . -74.84 -102.98 -6.68
C3 MAN FB . -73.42 -103.54 -6.77
C4 MAN FB . -72.39 -102.54 -6.23
C5 MAN FB . -72.63 -101.11 -6.76
C6 MAN FB . -72.18 -100.93 -8.20
O2 MAN FB . -75.76 -103.81 -7.37
O3 MAN FB . -73.18 -103.92 -8.10
O4 MAN FB . -72.46 -102.59 -4.83
O5 MAN FB . -74.00 -100.75 -6.70
O6 MAN FB . -71.09 -101.77 -8.46
C1 NAG GB . -48.21 -149.88 -39.14
C2 NAG GB . -46.89 -150.59 -38.82
C3 NAG GB . -47.03 -152.10 -38.71
C4 NAG GB . -48.19 -152.45 -37.78
C5 NAG GB . -49.45 -151.85 -38.41
C6 NAG GB . -50.74 -152.12 -37.66
C7 NAG GB . -44.85 -149.47 -39.64
C8 NAG GB . -43.96 -149.32 -40.86
N2 NAG GB . -45.91 -150.27 -39.82
O3 NAG GB . -45.82 -152.61 -38.23
O4 NAG GB . -48.18 -153.84 -37.56
O5 NAG GB . -49.30 -150.44 -38.45
O6 NAG GB . -50.68 -151.54 -36.38
O7 NAG GB . -44.59 -148.90 -38.60
C1 NAG GB . -48.61 -154.64 -38.68
C2 NAG GB . -47.61 -155.78 -38.89
C3 NAG GB . -48.14 -156.83 -39.87
C4 NAG GB . -49.56 -157.25 -39.50
C5 NAG GB . -50.43 -155.99 -39.43
C6 NAG GB . -51.88 -156.27 -39.11
C7 NAG GB . -45.15 -155.67 -38.87
C8 NAG GB . -43.96 -155.00 -39.54
N2 NAG GB . -46.34 -155.29 -39.36
O3 NAG GB . -47.26 -157.92 -39.85
O4 NAG GB . -50.01 -158.15 -40.49
O5 NAG GB . -49.90 -155.14 -38.43
O6 NAG GB . -51.97 -156.98 -37.89
O7 NAG GB . -45.01 -156.48 -37.97
C1 NAG HB . -79.17 -90.19 -52.43
C2 NAG HB . -79.28 -88.66 -52.38
C3 NAG HB . -77.93 -87.96 -52.60
C4 NAG HB . -76.94 -88.55 -51.61
C5 NAG HB . -76.77 -90.04 -51.96
C6 NAG HB . -75.79 -90.78 -51.07
C7 NAG HB . -81.54 -88.01 -53.07
C8 NAG HB . -82.38 -87.54 -54.23
N2 NAG HB . -80.25 -88.22 -53.35
O3 NAG HB . -78.13 -86.59 -52.38
O4 NAG HB . -75.74 -87.77 -51.63
O5 NAG HB . -78.02 -90.68 -51.77
O6 NAG HB . -76.19 -90.69 -49.73
O7 NAG HB . -82.03 -88.18 -51.96
C1 NAG HB . -74.97 -87.88 -52.84
C2 NAG HB . -74.40 -86.48 -53.15
C3 NAG HB . -73.33 -86.53 -54.24
C4 NAG HB . -72.30 -87.61 -53.94
C5 NAG HB . -73.04 -88.94 -53.76
C6 NAG HB . -72.12 -90.11 -53.49
C7 NAG HB . -76.27 -85.63 -54.59
C8 NAG HB . -77.26 -84.49 -54.69
N2 NAG HB . -75.45 -85.55 -53.52
O3 NAG HB . -72.74 -85.25 -54.31
O4 NAG HB . -71.41 -87.66 -55.03
O5 NAG HB . -73.92 -88.79 -52.66
O6 NAG HB . -72.88 -91.25 -53.19
O7 NAG HB . -76.25 -86.52 -55.42
C1 NAG IB . 19.81 55.86 22.79
C2 NAG IB . 19.29 56.81 23.88
C3 NAG IB . 20.03 56.54 25.19
C4 NAG IB . 20.04 55.04 25.52
C5 NAG IB . 20.50 54.25 24.30
C6 NAG IB . 20.57 52.76 24.50
C7 NAG IB . 18.44 59.07 23.40
C8 NAG IB . 18.86 60.46 22.99
N2 NAG IB . 19.45 58.19 23.50
O3 NAG IB . 19.43 57.29 26.19
O4 NAG IB . 20.91 54.88 26.61
O5 NAG IB . 19.63 54.54 23.24
O6 NAG IB . 19.30 52.29 24.89
O7 NAG IB . 17.28 58.80 23.64
C1 NAG JB . 67.62 74.17 138.67
C2 NAG JB . 67.16 75.08 139.83
C3 NAG JB . 68.11 74.89 141.01
C4 NAG JB . 68.21 73.41 141.38
C5 NAG JB . 68.56 72.59 140.13
C6 NAG JB . 68.66 71.11 140.38
C7 NAG JB . 66.05 77.26 139.56
C8 NAG JB . 66.25 78.67 139.08
N2 NAG JB . 67.14 76.46 139.43
O3 NAG JB . 67.63 75.66 142.08
O4 NAG JB . 69.22 73.30 142.36
O5 NAG JB . 67.57 72.84 139.14
O6 NAG JB . 67.51 70.66 141.06
O7 NAG JB . 64.99 76.88 140.01
C1 NAG KB . -27.97 37.67 -94.16
C2 NAG KB . -28.44 38.61 -93.04
C3 NAG KB . -27.59 38.36 -91.80
C4 NAG KB . -27.57 36.89 -91.43
C5 NAG KB . -27.20 36.06 -92.66
C6 NAG KB . -27.18 34.57 -92.40
C7 NAG KB . -29.30 40.91 -93.13
C8 NAG KB . -29.02 42.29 -93.65
N2 NAG KB . -28.37 39.99 -93.44
O3 NAG KB . -28.11 39.16 -90.76
O4 NAG KB . -26.63 36.72 -90.39
O5 NAG KB . -28.12 36.35 -93.69
O6 NAG KB . -28.30 34.21 -91.62
O7 NAG KB . -30.30 40.66 -92.47
C1 NAG LB . -14.62 -63.96 -14.04
C2 NAG LB . -13.41 -64.68 -13.46
C3 NAG LB . -13.14 -64.09 -12.09
C4 NAG LB . -12.97 -62.57 -12.17
C5 NAG LB . -14.15 -61.96 -12.94
C6 NAG LB . -14.02 -60.46 -13.18
C7 NAG LB . -12.78 -67.01 -13.96
C8 NAG LB . -13.19 -68.45 -13.76
N2 NAG LB . -13.61 -66.10 -13.40
O3 NAG LB . -11.98 -64.71 -11.57
O4 NAG LB . -12.92 -62.10 -10.85
O5 NAG LB . -14.26 -62.60 -14.19
O6 NAG LB . -12.81 -60.21 -13.86
O7 NAG LB . -11.78 -66.70 -14.57
C1 NAG MB . 37.15 -46.55 100.65
C2 NAG MB . 38.47 -47.13 101.15
C3 NAG MB . 38.87 -46.48 102.47
C4 NAG MB . 38.79 -44.96 102.39
C5 NAG MB . 37.41 -44.57 101.84
C6 NAG MB . 37.17 -43.08 101.74
C7 NAG MB . 39.40 -49.41 101.16
C8 NAG MB . 39.07 -50.87 101.38
N2 NAG MB . 38.37 -48.57 101.31
O3 NAG MB . 40.17 -46.90 102.80
O4 NAG MB . 38.98 -44.45 103.69
O5 NAG MB . 37.28 -45.16 100.55
O6 NAG MB . 38.28 -42.46 101.14
O7 NAG MB . 40.54 -49.06 100.86
C1 NAG NB . 9.62 119.56 -53.75
C2 NAG NB . 9.77 120.45 -54.99
C3 NAG NB . 9.08 119.78 -56.17
C4 NAG NB . 9.62 118.37 -56.36
C5 NAG NB . 9.55 117.59 -55.03
C6 NAG NB . 10.12 116.20 -55.11
C7 NAG NB . 9.81 122.89 -55.26
C8 NAG NB . 9.10 124.18 -54.91
N2 NAG NB . 9.25 121.77 -54.77
O3 NAG NB . 9.27 120.57 -57.30
O4 NAG NB . 8.83 117.75 -57.36
O5 NAG NB . 10.23 118.33 -54.03
O6 NAG NB . 11.35 116.22 -55.80
O7 NAG NB . 10.82 122.89 -55.95
C1 NAG OB . -35.78 100.78 -171.56
C2 NAG OB . -35.65 101.67 -172.81
C3 NAG OB . -36.30 100.96 -173.99
C4 NAG OB . -35.74 99.55 -174.15
C5 NAG OB . -35.80 98.81 -172.81
C6 NAG OB . -35.20 97.41 -172.84
C7 NAG OB . -35.65 104.13 -172.90
C8 NAG OB . -36.45 105.37 -172.60
N2 NAG OB . -36.26 102.97 -172.60
O3 NAG OB . -36.09 101.74 -175.14
O4 NAG OB . -36.51 98.90 -175.13
O5 NAG OB . -35.10 99.57 -171.84
O6 NAG OB . -33.83 97.48 -173.18
O7 NAG OB . -34.53 104.20 -173.38
C1 NAG PB . 54.68 138.27 63.64
C2 NAG PB . 54.73 139.15 62.40
C3 NAG PB . 54.08 138.41 61.23
C4 NAG PB . 54.75 137.05 61.03
C5 NAG PB . 54.77 136.29 62.37
C6 NAG PB . 55.49 134.96 62.30
C7 NAG PB . 54.50 141.58 62.05
C8 NAG PB . 53.68 142.79 62.41
N2 NAG PB . 54.09 140.42 62.61
O3 NAG PB . 54.18 139.20 60.08
O4 NAG PB . 54.00 136.36 60.06
O5 NAG PB . 55.40 137.09 63.35
O6 NAG PB . 56.82 135.15 61.88
O7 NAG PB . 55.45 141.66 61.29
C1 NAG QB . 85.74 29.73 -1.31
C2 NAG QB . 84.93 28.43 -1.20
C3 NAG QB . 84.09 28.32 -2.47
C4 NAG QB . 83.25 29.58 -2.68
C5 NAG QB . 84.14 30.83 -2.58
C6 NAG QB . 83.41 32.15 -2.71
C7 NAG QB . 85.63 26.36 -0.05
C8 NAG QB . 86.67 25.26 -0.06
N2 NAG QB . 85.79 27.29 -1.02
O3 NAG QB . 83.29 27.16 -2.37
O4 NAG QB . 82.65 29.48 -3.94
O5 NAG QB . 84.83 30.80 -1.34
O6 NAG QB . 82.22 32.14 -1.96
O7 NAG QB . 84.72 26.39 0.76
C1 NAG RB . 36.76 8.63 -115.74
C2 NAG RB . 35.91 7.45 -116.23
C3 NAG RB . 35.43 7.71 -117.66
C4 NAG RB . 34.79 9.08 -117.80
C5 NAG RB . 35.74 10.14 -117.21
C6 NAG RB . 35.23 11.56 -117.30
C7 NAG RB . 36.15 5.06 -115.73
C8 NAG RB . 37.12 3.89 -115.74
N2 NAG RB . 36.65 6.22 -116.16
O3 NAG RB . 34.54 6.68 -118.00
O4 NAG RB . 34.56 9.30 -119.17
O5 NAG RB . 35.99 9.81 -115.86
O6 NAG RB . 34.08 11.72 -116.51
O7 NAG RB . 35.00 4.91 -115.36
C1 NAG SB . -77.69 -34.21 10.58
C2 NAG SB . -77.69 -33.24 9.38
C3 NAG SB . -78.39 -33.89 8.19
C4 NAG SB . -77.79 -35.27 7.90
C5 NAG SB . -77.82 -36.10 9.18
C6 NAG SB . -77.26 -37.50 9.03
C7 NAG SB . -77.98 -30.79 9.22
C8 NAG SB . -78.79 -29.62 9.72
N2 NAG SB . -78.33 -31.99 9.72
O3 NAG SB . -78.25 -33.02 7.08
O4 NAG SB . -78.57 -35.86 6.89
O5 NAG SB . -77.07 -35.41 10.17
O6 NAG SB . -75.92 -37.42 8.61
O7 NAG SB . -77.07 -30.64 8.41
C1 NAG TB . -128.53 -48.56 -105.13
C2 NAG TB . -128.38 -47.66 -106.37
C3 NAG TB . -129.12 -48.31 -107.53
C4 NAG TB . -128.65 -49.74 -107.74
C5 NAG TB . -128.72 -50.51 -106.42
C6 NAG TB . -128.23 -51.93 -106.49
C7 NAG TB . -128.23 -45.21 -106.50
C8 NAG TB . -128.94 -43.92 -106.15
N2 NAG TB . -128.88 -46.33 -106.12
O3 NAG TB . -128.90 -47.52 -108.67
O4 NAG TB . -129.48 -50.32 -108.72
O5 NAG TB . -127.97 -49.81 -105.44
O6 NAG TB . -126.88 -51.96 -106.90
O7 NAG TB . -127.16 -45.22 -107.09
C1 NAG UB . -26.33 -19.59 126.26
C2 NAG UB . -26.36 -18.65 125.04
C3 NAG UB . -27.13 -19.31 123.90
C4 NAG UB . -26.64 -20.74 123.64
C5 NAG UB . -26.61 -21.51 124.96
C6 NAG UB . -26.14 -22.94 124.85
C7 NAG UB . -26.53 -16.19 124.92
C8 NAG UB . -27.33 -15.00 125.41
N2 NAG UB . -26.96 -17.38 125.38
O3 NAG UB . -27.01 -18.51 122.77
O4 NAG UB . -27.50 -21.33 122.71
O5 NAG UB . -25.77 -20.81 125.87
O6 NAG UB . -24.85 -22.98 124.27
O7 NAG UB . -25.58 -16.06 124.17
C1 NAG VB . -3.13 -128.50 59.67
C2 NAG VB . -3.99 -129.68 59.18
C3 NAG VB . -4.54 -129.37 57.80
C4 NAG VB . -5.23 -128.01 57.78
C5 NAG VB . -4.29 -126.96 58.35
C6 NAG VB . -4.88 -125.56 58.39
C7 NAG VB . -3.74 -132.12 59.44
C8 NAG VB . -2.76 -133.26 59.34
N2 NAG VB . -3.23 -130.90 59.15
O3 NAG VB . -5.41 -130.41 57.43
O4 NAG VB . -5.58 -127.73 56.44
O5 NAG VB . -3.93 -127.34 59.67
O6 NAG VB . -6.15 -125.61 58.99
O7 NAG VB . -4.91 -132.30 59.75
C1 NAG WB . -57.68 -144.95 -54.12
C2 NAG WB . -58.56 -146.09 -54.66
C3 NAG WB . -59.04 -145.73 -56.06
C4 NAG WB . -59.71 -144.37 -56.07
C5 NAG WB . -58.79 -143.33 -55.40
C6 NAG WB . -59.38 -141.94 -55.31
C7 NAG WB . -58.37 -148.50 -54.20
C8 NAG WB . -57.47 -149.70 -54.31
N2 NAG WB . -57.85 -147.35 -54.66
O3 NAG WB . -59.90 -146.75 -56.50
O4 NAG WB . -59.96 -144.03 -57.42
O5 NAG WB . -58.46 -143.78 -54.10
O6 NAG WB . -60.62 -142.00 -54.64
O7 NAG WB . -59.50 -148.59 -53.74
#